data_8G55
#
_entry.id   8G55
#
_entity_poly.entity_id   1
_entity_poly.type   'polypeptide(L)'
_entity_poly.pdbx_seq_one_letter_code
;SSPGSPGTPGSRSRTPSLPTPPTREPKKVAVVRTPPKSPSSAKSRLQTAPVPMPDLKNVKSKIGSTENLKHQPGGGKVQI
INKKLDLSNVQSKCGSKDNIKHVPGGGSVQIVYKPVDLSKVTSKCGSLGNIHHKPGGGQVEVKSEKLDFKDRVQSKIGSL
DNITHVPGGGNKKIETHKLTFRENAKAKTDHGAEIVYKSPVV
;
_entity_poly.pdbx_strand_id   A,B,C,D,E,F,G,H,I,J
#
# COMPACT_ATOMS: atom_id res chain seq x y z
N GLU A 67 -38.30 0.05 -24.23
CA GLU A 67 -38.49 -0.90 -23.09
C GLU A 67 -37.91 -0.29 -21.82
N ASN A 68 -36.71 0.27 -21.94
CA ASN A 68 -36.03 0.91 -20.80
C ASN A 68 -35.52 2.29 -21.18
N LEU A 69 -36.03 3.32 -20.50
CA LEU A 69 -35.63 4.70 -20.77
C LEU A 69 -34.43 5.09 -19.90
N LYS A 70 -34.63 5.05 -18.58
CA LYS A 70 -33.57 5.40 -17.63
C LYS A 70 -32.83 4.14 -17.17
N HIS A 71 -33.60 3.11 -16.81
CA HIS A 71 -33.04 1.84 -16.36
C HIS A 71 -32.19 2.03 -15.08
N GLN A 72 -32.83 2.57 -14.03
CA GLN A 72 -32.19 2.79 -12.73
C GLN A 72 -31.23 4.02 -12.78
N PRO A 73 -31.76 5.23 -12.95
CA PRO A 73 -30.93 6.48 -12.98
C PRO A 73 -30.44 6.88 -11.59
N GLY A 74 -29.21 7.38 -11.51
CA GLY A 74 -28.63 7.80 -10.25
C GLY A 74 -28.29 9.29 -10.27
N GLY A 75 -29.15 10.09 -9.64
CA GLY A 75 -28.95 11.55 -9.59
C GLY A 75 -28.39 11.97 -8.23
N GLY A 76 -27.15 12.46 -8.23
CA GLY A 76 -26.50 12.91 -7.00
C GLY A 76 -25.51 14.03 -7.29
N LYS A 77 -24.83 14.50 -6.24
CA LYS A 77 -23.85 15.57 -6.37
C LYS A 77 -22.54 15.19 -5.69
N VAL A 78 -22.65 14.65 -4.47
CA VAL A 78 -21.47 14.24 -3.71
C VAL A 78 -21.71 12.84 -3.12
N GLN A 79 -20.79 11.93 -3.41
CA GLN A 79 -20.89 10.56 -2.91
C GLN A 79 -19.53 10.06 -2.41
N ILE A 80 -19.47 9.71 -1.13
CA ILE A 80 -18.24 9.21 -0.52
C ILE A 80 -18.51 7.89 0.18
N ILE A 81 -17.86 6.83 -0.30
CA ILE A 81 -18.03 5.48 0.28
C ILE A 81 -16.67 4.90 0.66
N ASN A 82 -16.62 4.24 1.82
CA ASN A 82 -15.39 3.63 2.30
C ASN A 82 -15.63 2.19 2.71
N LYS A 83 -15.21 1.26 1.84
CA LYS A 83 -15.39 -0.17 2.10
C LYS A 83 -14.25 -0.69 2.97
N LYS A 84 -14.59 -1.16 4.16
CA LYS A 84 -13.59 -1.69 5.10
C LYS A 84 -13.72 -3.21 5.23
N LEU A 85 -12.81 -3.92 4.58
CA LEU A 85 -12.81 -5.38 4.60
C LEU A 85 -11.66 -5.89 5.47
N ASP A 86 -11.99 -6.26 6.71
CA ASP A 86 -10.99 -6.77 7.65
C ASP A 86 -11.08 -8.29 7.76
N LEU A 87 -10.22 -8.98 7.02
CA LEU A 87 -10.18 -10.43 7.02
C LEU A 87 -8.94 -10.94 7.78
N SER A 88 -9.17 -11.50 8.96
CA SER A 88 -8.08 -12.02 9.79
C SER A 88 -8.21 -13.53 9.94
N ASN A 89 -7.28 -14.26 9.32
CA ASN A 89 -7.28 -15.72 9.38
C ASN A 89 -6.12 -16.23 10.24
N VAL A 90 -6.45 -16.84 11.37
CA VAL A 90 -5.45 -17.38 12.29
C VAL A 90 -5.20 -18.87 11.97
N GLN A 91 -4.00 -19.35 12.32
CA GLN A 91 -3.62 -20.74 12.08
C GLN A 91 -3.09 -21.37 13.36
N SER A 92 -2.81 -22.67 13.30
CA SER A 92 -2.33 -23.41 14.47
C SER A 92 -0.81 -23.48 14.45
N LYS A 93 -0.17 -22.64 15.27
CA LYS A 93 1.29 -22.60 15.35
C LYS A 93 1.90 -23.99 15.51
N CYS A 94 1.21 -24.86 16.26
CA CYS A 94 1.68 -26.22 16.49
C CYS A 94 1.50 -27.10 15.25
N GLY A 95 0.52 -26.74 14.40
CA GLY A 95 0.25 -27.50 13.18
C GLY A 95 -0.65 -28.69 13.48
N SER A 96 -1.19 -29.29 12.41
CA SER A 96 -2.08 -30.45 12.56
C SER A 96 -1.33 -31.73 12.22
N LYS A 97 -1.88 -32.86 12.68
CA LYS A 97 -1.27 -34.17 12.43
C LYS A 97 -2.36 -35.22 12.22
N ASP A 98 -2.39 -35.80 11.02
CA ASP A 98 -3.38 -36.81 10.68
C ASP A 98 -2.75 -37.93 9.85
N ASN A 99 -3.16 -39.17 10.14
CA ASN A 99 -2.64 -40.34 9.43
C ASN A 99 -3.77 -41.04 8.67
N ILE A 100 -3.57 -41.22 7.36
CA ILE A 100 -4.57 -41.88 6.52
C ILE A 100 -3.96 -43.11 5.82
N LYS A 101 -4.76 -44.18 5.76
CA LYS A 101 -4.30 -45.42 5.12
C LYS A 101 -5.26 -45.82 3.99
N HIS A 102 -4.69 -46.11 2.82
CA HIS A 102 -5.49 -46.50 1.66
C HIS A 102 -4.82 -47.66 0.92
N VAL A 103 -5.55 -48.76 0.74
CA VAL A 103 -5.00 -49.93 0.04
C VAL A 103 -6.03 -50.46 -0.99
N PRO A 104 -6.02 -49.97 -2.24
CA PRO A 104 -6.95 -50.45 -3.30
C PRO A 104 -7.03 -51.97 -3.37
N GLY A 105 -8.26 -52.49 -3.50
CA GLY A 105 -8.49 -53.93 -3.57
C GLY A 105 -9.91 -54.23 -4.03
N GLY A 106 -10.87 -53.42 -3.56
CA GLY A 106 -12.27 -53.58 -3.91
C GLY A 106 -12.73 -52.47 -4.85
N GLY A 107 -13.86 -51.84 -4.51
CA GLY A 107 -14.40 -50.76 -5.32
C GLY A 107 -14.94 -49.63 -4.44
N SER A 108 -14.02 -48.80 -3.92
CA SER A 108 -14.41 -47.68 -3.06
C SER A 108 -13.68 -46.40 -3.48
N VAL A 109 -14.15 -45.26 -2.98
CA VAL A 109 -13.55 -43.97 -3.31
C VAL A 109 -13.05 -43.28 -2.03
N GLN A 110 -11.86 -42.69 -2.09
CA GLN A 110 -11.28 -42.01 -0.94
C GLN A 110 -10.66 -40.68 -1.36
N ILE A 111 -10.87 -39.65 -0.55
CA ILE A 111 -10.32 -38.32 -0.84
C ILE A 111 -9.90 -37.62 0.45
N VAL A 112 -8.68 -37.05 0.45
CA VAL A 112 -8.17 -36.36 1.63
C VAL A 112 -7.63 -34.97 1.25
N TYR A 113 -8.08 -33.96 2.00
CA TYR A 113 -7.66 -32.58 1.76
C TYR A 113 -6.96 -32.02 2.99
N LYS A 114 -5.99 -31.13 2.77
CA LYS A 114 -5.24 -30.52 3.87
C LYS A 114 -5.85 -29.15 4.24
N PRO A 115 -5.54 -28.60 5.42
CA PRO A 115 -6.10 -27.28 5.84
C PRO A 115 -5.90 -26.19 4.80
N VAL A 116 -7.00 -25.52 4.44
CA VAL A 116 -6.97 -24.44 3.46
C VAL A 116 -7.57 -23.16 4.06
N ASP A 117 -7.14 -22.02 3.54
CA ASP A 117 -7.63 -20.73 4.02
C ASP A 117 -8.41 -20.01 2.93
N LEU A 118 -9.71 -19.80 3.18
CA LEU A 118 -10.58 -19.13 2.22
C LEU A 118 -11.14 -17.85 2.83
N SER A 119 -10.50 -16.71 2.51
CA SER A 119 -10.93 -15.42 3.02
C SER A 119 -12.02 -14.83 2.15
N LYS A 120 -11.72 -14.62 0.87
CA LYS A 120 -12.68 -14.06 -0.07
C LYS A 120 -12.51 -14.70 -1.45
N VAL A 121 -13.61 -14.77 -2.20
CA VAL A 121 -13.59 -15.36 -3.55
C VAL A 121 -14.62 -14.69 -4.43
N THR A 122 -14.23 -14.43 -5.69
CA THR A 122 -15.13 -13.79 -6.65
C THR A 122 -15.37 -14.71 -7.85
N SER A 123 -16.58 -15.27 -7.93
CA SER A 123 -16.93 -16.17 -9.02
C SER A 123 -18.34 -15.85 -9.54
N LYS A 124 -18.41 -15.37 -10.78
CA LYS A 124 -19.68 -15.04 -11.39
C LYS A 124 -20.42 -16.30 -11.84
N CYS A 125 -19.73 -17.14 -12.61
CA CYS A 125 -20.30 -18.39 -13.10
C CYS A 125 -19.23 -19.48 -13.17
N GLY A 126 -19.59 -20.68 -12.71
CA GLY A 126 -18.67 -21.81 -12.71
C GLY A 126 -19.42 -23.12 -12.91
N SER A 127 -18.84 -24.01 -13.72
CA SER A 127 -19.44 -25.31 -14.00
C SER A 127 -18.51 -26.44 -13.55
N LEU A 128 -19.01 -27.27 -12.63
CA LEU A 128 -18.23 -28.39 -12.11
C LEU A 128 -16.89 -27.91 -11.56
N GLY A 129 -16.83 -27.74 -10.23
CA GLY A 129 -15.61 -27.28 -9.57
C GLY A 129 -14.79 -28.46 -9.06
N GLU B 67 19.43 -2.08 40.18
CA GLU B 67 18.16 -1.28 40.26
C GLU B 67 17.09 -1.96 39.41
N ASN B 68 17.47 -2.35 38.19
CA ASN B 68 16.55 -3.01 37.27
C ASN B 68 17.18 -4.26 36.68
N LEU B 69 16.57 -5.42 36.95
CA LEU B 69 17.08 -6.69 36.46
C LEU B 69 16.46 -7.02 35.10
N LYS B 70 15.14 -7.15 35.07
CA LYS B 70 14.43 -7.46 33.82
C LYS B 70 13.94 -6.19 33.15
N HIS B 71 13.32 -5.31 33.95
CA HIS B 71 12.81 -4.03 33.45
C HIS B 71 11.73 -4.25 32.38
N GLN B 72 10.67 -4.97 32.76
CA GLN B 72 9.53 -5.26 31.87
C GLN B 72 9.89 -6.34 30.82
N PRO B 73 10.12 -7.59 31.24
CA PRO B 73 10.45 -8.70 30.29
C PRO B 73 9.22 -9.19 29.54
N GLY B 74 9.41 -9.54 28.26
CA GLY B 74 8.32 -10.02 27.42
C GLY B 74 8.59 -11.44 26.94
N GLY B 75 7.94 -12.41 27.57
CA GLY B 75 8.10 -13.82 27.22
C GLY B 75 6.92 -14.31 26.39
N GLY B 76 7.19 -14.65 25.12
CA GLY B 76 6.15 -15.13 24.23
C GLY B 76 6.74 -16.09 23.18
N LYS B 77 5.88 -16.57 22.29
CA LYS B 77 6.31 -17.49 21.23
C LYS B 77 5.81 -17.01 19.87
N VAL B 78 4.53 -16.64 19.81
CA VAL B 78 3.91 -16.16 18.57
C VAL B 78 3.12 -14.89 18.85
N GLN B 79 3.44 -13.82 18.10
CA GLN B 79 2.76 -12.54 18.26
C GLN B 79 2.42 -11.94 16.89
N ILE B 80 1.13 -11.72 16.65
CA ILE B 80 0.67 -11.14 15.39
C ILE B 80 -0.23 -9.95 15.67
N ILE B 81 0.21 -8.76 15.24
CA ILE B 81 -0.56 -7.53 15.45
C ILE B 81 -0.79 -6.82 14.11
N ASN B 82 -2.00 -6.29 13.92
CA ASN B 82 -2.35 -5.59 12.69
C ASN B 82 -2.97 -4.24 13.01
N LYS B 83 -2.17 -3.17 12.86
CA LYS B 83 -2.64 -1.82 13.14
C LYS B 83 -3.37 -1.25 11.92
N LYS B 84 -4.67 -0.96 12.10
CA LYS B 84 -5.49 -0.42 11.02
C LYS B 84 -5.82 1.05 11.28
N LEU B 85 -5.12 1.94 10.58
CA LEU B 85 -5.34 3.38 10.73
C LEU B 85 -6.08 3.93 9.52
N ASP B 86 -7.39 4.11 9.65
CA ASP B 86 -8.22 4.65 8.56
C ASP B 86 -8.53 6.12 8.80
N LEU B 87 -7.76 6.99 8.14
CA LEU B 87 -7.95 8.43 8.27
C LEU B 87 -8.54 9.00 6.99
N SER B 88 -9.81 9.40 7.05
CA SER B 88 -10.51 9.97 5.90
C SER B 88 -10.88 11.41 6.16
N ASN B 89 -10.22 12.33 5.44
CA ASN B 89 -10.47 13.76 5.59
C ASN B 89 -11.18 14.31 4.35
N VAL B 90 -12.42 14.76 4.55
CA VAL B 90 -13.22 15.32 3.45
C VAL B 90 -13.06 16.84 3.43
N GLN B 91 -13.28 17.43 2.25
CA GLN B 91 -13.16 18.87 2.07
C GLN B 91 -14.41 19.42 1.39
N SER B 92 -14.47 20.75 1.27
CA SER B 92 -15.62 21.42 0.66
C SER B 92 -15.38 21.68 -0.81
N LYS B 93 -15.96 20.84 -1.67
CA LYS B 93 -15.79 20.97 -3.12
C LYS B 93 -16.04 22.41 -3.59
N CYS B 94 -17.00 23.09 -2.95
CA CYS B 94 -17.32 24.47 -3.31
C CYS B 94 -16.25 25.45 -2.82
N GLY B 95 -15.53 25.06 -1.75
CA GLY B 95 -14.48 25.91 -1.19
C GLY B 95 -15.07 26.94 -0.24
N SER B 96 -14.20 27.58 0.55
CA SER B 96 -14.63 28.59 1.51
C SER B 96 -14.35 29.99 0.98
N LYS B 97 -15.03 30.98 1.56
CA LYS B 97 -14.86 32.37 1.14
C LYS B 97 -14.96 33.30 2.36
N ASP B 98 -13.86 33.98 2.67
CA ASP B 98 -13.82 34.90 3.80
C ASP B 98 -13.06 36.17 3.45
N ASN B 99 -13.57 37.32 3.93
CA ASN B 99 -12.94 38.61 3.67
C ASN B 99 -12.47 39.24 4.99
N ILE B 100 -11.19 39.59 5.04
CA ILE B 100 -10.61 40.20 6.24
C ILE B 100 -9.98 41.56 5.90
N LYS B 101 -10.19 42.53 6.79
CA LYS B 101 -9.65 43.88 6.61
C LYS B 101 -8.76 44.26 7.78
N HIS B 102 -7.56 44.76 7.46
CA HIS B 102 -6.60 45.17 8.49
C HIS B 102 -5.91 46.48 8.10
N VAL B 103 -6.01 47.50 8.96
CA VAL B 103 -5.37 48.78 8.67
C VAL B 103 -4.60 49.29 9.91
N PRO B 104 -3.32 48.95 10.06
CA PRO B 104 -2.49 49.42 11.23
C PRO B 104 -2.64 50.93 11.47
N GLY B 105 -2.78 51.28 12.75
CA GLY B 105 -2.93 52.68 13.15
C GLY B 105 -2.74 52.84 14.65
N GLY B 106 -3.27 51.87 15.41
CA GLY B 106 -3.16 51.90 16.87
C GLY B 106 -2.17 50.84 17.37
N GLY B 107 -2.62 50.04 18.34
CA GLY B 107 -1.77 48.98 18.90
C GLY B 107 -2.58 47.71 19.15
N SER B 108 -2.82 46.96 18.08
CA SER B 108 -3.58 45.71 18.17
C SER B 108 -2.88 44.59 17.40
N VAL B 109 -3.30 43.35 17.66
CA VAL B 109 -2.73 42.18 16.98
C VAL B 109 -3.80 41.43 16.20
N GLN B 110 -3.46 41.02 14.98
CA GLN B 110 -4.41 40.29 14.13
C GLN B 110 -3.73 39.10 13.45
N ILE B 111 -4.42 37.97 13.41
CA ILE B 111 -3.87 36.77 12.78
C ILE B 111 -4.98 35.98 12.07
N VAL B 112 -4.72 35.58 10.82
CA VAL B 112 -5.69 34.83 10.02
C VAL B 112 -5.06 33.57 9.43
N TYR B 113 -5.73 32.44 9.62
CA TYR B 113 -5.24 31.15 9.11
C TYR B 113 -6.27 30.56 8.14
N LYS B 114 -5.78 29.83 7.13
CA LYS B 114 -6.66 29.21 6.15
C LYS B 114 -6.93 27.75 6.53
N PRO B 115 -7.96 27.11 5.96
CA PRO B 115 -8.31 25.69 6.30
C PRO B 115 -7.11 24.75 6.17
N VAL B 116 -6.85 23.99 7.24
CA VAL B 116 -5.74 23.03 7.26
C VAL B 116 -6.26 21.64 7.61
N ASP B 117 -5.54 20.62 7.15
CA ASP B 117 -5.92 19.23 7.41
C ASP B 117 -4.89 18.54 8.29
N LEU B 118 -5.31 18.16 9.50
CA LEU B 118 -4.43 17.47 10.44
C LEU B 118 -4.95 16.07 10.75
N SER B 119 -4.39 15.08 10.06
CA SER B 119 -4.80 13.68 10.25
C SER B 119 -4.04 13.06 11.42
N LYS B 120 -2.71 13.03 11.31
CA LYS B 120 -1.87 12.46 12.36
C LYS B 120 -0.58 13.27 12.50
N VAL B 121 -0.03 13.27 13.72
CA VAL B 121 1.20 14.00 14.00
C VAL B 121 2.00 13.31 15.10
N THR B 122 3.32 13.24 14.91
CA THR B 122 4.21 12.60 15.89
C THR B 122 5.22 13.61 16.43
N SER B 123 5.02 14.01 17.69
CA SER B 123 5.91 14.98 18.34
C SER B 123 6.24 14.55 19.76
N LYS B 124 7.50 14.19 20.00
CA LYS B 124 7.94 13.76 21.32
C LYS B 124 8.09 14.96 22.25
N CYS B 125 8.85 15.96 21.79
CA CYS B 125 9.08 17.18 22.58
C CYS B 125 9.17 18.40 21.66
N GLY B 126 8.51 19.48 22.06
CA GLY B 126 8.51 20.72 21.28
C GLY B 126 8.42 21.93 22.19
N SER B 127 9.19 22.97 21.86
CA SER B 127 9.20 24.21 22.64
C SER B 127 8.77 25.40 21.77
N LEU B 128 7.67 26.05 22.18
CA LEU B 128 7.15 27.19 21.45
C LEU B 128 6.89 26.82 19.99
N GLY B 129 5.63 26.52 19.68
CA GLY B 129 5.24 26.15 18.32
C GLY B 129 4.72 27.37 17.55
N GLU C 67 -34.53 0.33 -27.39
CA GLU C 67 -34.71 -0.61 -26.26
C GLU C 67 -34.13 0.01 -24.99
N ASN C 68 -32.94 0.57 -25.11
CA ASN C 68 -32.26 1.21 -23.97
C ASN C 68 -31.75 2.59 -24.36
N LEU C 69 -32.27 3.62 -23.68
CA LEU C 69 -31.86 4.99 -23.95
C LEU C 69 -30.67 5.39 -23.08
N LYS C 70 -30.87 5.35 -21.76
CA LYS C 70 -29.81 5.72 -20.82
C LYS C 70 -29.07 4.46 -20.36
N HIS C 71 -29.83 3.43 -20.00
CA HIS C 71 -29.26 2.16 -19.53
C HIS C 71 -28.41 2.35 -18.26
N GLN C 72 -29.06 2.88 -17.22
CA GLN C 72 -28.40 3.12 -15.92
C GLN C 72 -27.46 4.35 -15.97
N PRO C 73 -28.00 5.56 -16.13
CA PRO C 73 -27.16 6.81 -16.17
C PRO C 73 -26.68 7.22 -14.78
N GLY C 74 -25.44 7.72 -14.71
CA GLY C 74 -24.86 8.15 -13.44
C GLY C 74 -24.53 9.64 -13.47
N GLY C 75 -25.39 10.44 -12.84
CA GLY C 75 -25.19 11.89 -12.78
C GLY C 75 -24.64 12.32 -11.44
N GLY C 76 -23.40 12.82 -11.44
CA GLY C 76 -22.75 13.27 -10.21
C GLY C 76 -21.76 14.39 -10.50
N LYS C 77 -21.08 14.86 -9.45
CA LYS C 77 -20.10 15.93 -9.59
C LYS C 77 -18.79 15.55 -8.90
N VAL C 78 -18.89 15.03 -7.68
CA VAL C 78 -17.72 14.61 -6.92
C VAL C 78 -17.94 13.22 -6.33
N GLN C 79 -17.02 12.29 -6.62
CA GLN C 79 -17.12 10.92 -6.12
C GLN C 79 -15.76 10.44 -5.62
N ILE C 80 -15.71 10.08 -4.34
CA ILE C 80 -14.46 9.60 -3.73
C ILE C 80 -14.73 8.27 -3.02
N ILE C 81 -14.08 7.21 -3.50
CA ILE C 81 -14.26 5.87 -2.92
C ILE C 81 -12.89 5.30 -2.54
N ASN C 82 -12.83 4.64 -1.38
CA ASN C 82 -11.60 4.03 -0.90
C ASN C 82 -11.84 2.57 -0.49
N LYS C 83 -11.42 1.66 -1.36
CA LYS C 83 -11.59 0.22 -1.09
C LYS C 83 -10.45 -0.29 -0.22
N LYS C 84 -10.79 -0.76 0.98
CA LYS C 84 -9.79 -1.29 1.91
C LYS C 84 -9.92 -2.79 2.03
N LEU C 85 -8.99 -3.51 1.39
CA LEU C 85 -8.99 -4.98 1.41
C LEU C 85 -7.85 -5.48 2.28
N ASP C 86 -8.17 -5.85 3.53
CA ASP C 86 -7.17 -6.35 4.46
C ASP C 86 -7.25 -7.87 4.58
N LEU C 87 -6.38 -8.56 3.84
CA LEU C 87 -6.35 -10.02 3.85
C LEU C 87 -5.11 -10.52 4.59
N SER C 88 -5.33 -11.08 5.79
CA SER C 88 -4.24 -11.59 6.61
C SER C 88 -4.37 -13.10 6.76
N ASN C 89 -3.44 -13.84 6.15
CA ASN C 89 -3.44 -15.29 6.21
C ASN C 89 -2.28 -15.80 7.07
N VAL C 90 -2.61 -16.42 8.20
CA VAL C 90 -1.60 -16.94 9.11
C VAL C 90 -1.35 -18.43 8.80
N GLN C 91 -0.15 -18.90 9.15
CA GLN C 91 0.23 -20.30 8.91
C GLN C 91 0.77 -20.92 10.20
N SER C 92 1.05 -22.23 10.13
CA SER C 92 1.54 -22.97 11.30
C SER C 92 3.07 -23.04 11.28
N LYS C 93 3.69 -22.18 12.10
CA LYS C 93 5.16 -22.13 12.18
C LYS C 93 5.77 -23.54 12.34
N CYS C 94 5.07 -24.39 13.09
CA CYS C 94 5.55 -25.76 13.32
C CYS C 94 5.37 -26.64 12.08
N GLY C 95 4.40 -26.28 11.24
CA GLY C 95 4.12 -27.04 10.02
C GLY C 95 3.23 -28.24 10.32
N SER C 96 2.68 -28.84 9.26
CA SER C 96 1.80 -30.01 9.41
C SER C 96 2.55 -31.29 9.08
N LYS C 97 2.01 -32.42 9.54
CA LYS C 97 2.62 -33.72 9.29
C LYS C 97 1.54 -34.77 9.08
N ASP C 98 1.50 -35.35 7.87
CA ASP C 98 0.52 -36.37 7.54
C ASP C 98 1.14 -37.49 6.72
N ASN C 99 0.74 -38.73 7.01
CA ASN C 99 1.26 -39.89 6.29
C ASN C 99 0.14 -40.61 5.54
N ILE C 100 0.33 -40.79 4.24
CA ILE C 100 -0.67 -41.44 3.40
C ILE C 100 -0.06 -42.68 2.70
N LYS C 101 -0.84 -43.76 2.64
CA LYS C 101 -0.39 -45.00 1.99
C LYS C 101 -1.35 -45.38 0.87
N HIS C 102 -0.79 -45.69 -0.29
CA HIS C 102 -1.58 -46.08 -1.46
C HIS C 102 -0.92 -47.24 -2.21
N VAL C 103 -1.65 -48.35 -2.37
CA VAL C 103 -1.08 -49.51 -3.08
C VAL C 103 -2.11 -50.05 -4.11
N PRO C 104 -2.10 -49.57 -5.35
CA PRO C 104 -3.04 -50.05 -6.41
C PRO C 104 -3.12 -51.58 -6.47
N GLY C 105 -4.34 -52.08 -6.60
CA GLY C 105 -4.57 -53.52 -6.67
C GLY C 105 -5.99 -53.82 -7.13
N GLY C 106 -6.95 -53.02 -6.66
CA GLY C 106 -8.36 -53.20 -7.01
C GLY C 106 -8.82 -52.08 -7.95
N GLY C 107 -9.94 -51.45 -7.60
CA GLY C 107 -10.49 -50.37 -8.42
C GLY C 107 -11.03 -49.25 -7.53
N SER C 108 -10.12 -48.41 -7.03
CA SER C 108 -10.50 -47.29 -6.17
C SER C 108 -9.79 -46.02 -6.59
N VAL C 109 -10.26 -44.88 -6.09
CA VAL C 109 -9.65 -43.58 -6.42
C VAL C 109 -9.16 -42.89 -5.14
N GLN C 110 -7.97 -42.30 -5.22
CA GLN C 110 -7.38 -41.61 -4.06
C GLN C 110 -6.77 -40.28 -4.49
N ILE C 111 -6.99 -39.24 -3.67
CA ILE C 111 -6.43 -37.92 -3.97
C ILE C 111 -6.01 -37.21 -2.68
N VAL C 112 -4.80 -36.65 -2.69
CA VAL C 112 -4.28 -35.95 -1.50
C VAL C 112 -3.75 -34.56 -1.88
N TYR C 113 -4.20 -33.55 -1.14
CA TYR C 113 -3.79 -32.16 -1.39
C TYR C 113 -3.08 -31.60 -0.16
N LYS C 114 -2.11 -30.71 -0.38
CA LYS C 114 -1.36 -30.09 0.72
C LYS C 114 -1.98 -28.73 1.09
N PRO C 115 -1.67 -28.18 2.26
CA PRO C 115 -2.24 -26.85 2.69
C PRO C 115 -2.04 -25.77 1.65
N VAL C 116 -3.14 -25.10 1.29
CA VAL C 116 -3.12 -24.03 0.30
C VAL C 116 -3.72 -22.75 0.90
N ASP C 117 -3.29 -21.60 0.38
CA ASP C 117 -3.78 -20.31 0.85
C ASP C 117 -4.57 -19.60 -0.24
N LEU C 118 -5.86 -19.40 0.01
CA LEU C 118 -6.74 -18.72 -0.94
C LEU C 118 -7.30 -17.44 -0.33
N SER C 119 -6.66 -16.31 -0.66
CA SER C 119 -7.10 -15.01 -0.15
C SER C 119 -8.20 -14.42 -1.02
N LYS C 120 -7.89 -14.22 -2.30
CA LYS C 120 -8.85 -13.66 -3.24
C LYS C 120 -8.68 -14.31 -4.62
N VAL C 121 -9.78 -14.37 -5.37
CA VAL C 121 -9.76 -14.98 -6.71
C VAL C 121 -10.80 -14.31 -7.60
N THR C 122 -10.41 -14.05 -8.86
CA THR C 122 -11.31 -13.41 -9.82
C THR C 122 -11.55 -14.33 -11.01
N SER C 123 -12.76 -14.90 -11.09
CA SER C 123 -13.12 -15.80 -12.18
C SER C 123 -14.52 -15.49 -12.70
N LYS C 124 -14.59 -15.01 -13.94
CA LYS C 124 -15.87 -14.67 -14.56
C LYS C 124 -16.60 -15.94 -15.00
N CYS C 125 -15.90 -16.77 -15.76
CA CYS C 125 -16.47 -18.03 -16.25
C CYS C 125 -15.40 -19.12 -16.32
N GLY C 126 -15.77 -20.32 -15.86
CA GLY C 126 -14.84 -21.44 -15.86
C GLY C 126 -15.58 -22.76 -16.06
N SER C 127 -15.00 -23.65 -16.87
CA SER C 127 -15.59 -24.95 -17.15
C SER C 127 -14.66 -26.08 -16.69
N LEU C 128 -15.16 -26.91 -15.77
CA LEU C 128 -14.38 -28.03 -15.24
C LEU C 128 -13.04 -27.54 -14.70
N GLY C 129 -12.98 -27.37 -13.38
CA GLY C 129 -11.76 -26.91 -12.72
C GLY C 129 -10.94 -28.09 -12.20
N GLU D 67 23.17 -1.53 37.02
CA GLU D 67 21.91 -0.75 37.10
C GLU D 67 20.85 -1.42 36.24
N ASN D 68 21.23 -1.82 35.03
CA ASN D 68 20.31 -2.48 34.11
C ASN D 68 20.95 -3.73 33.52
N LEU D 69 20.33 -4.89 33.80
CA LEU D 69 20.84 -6.16 33.31
C LEU D 69 20.23 -6.50 31.94
N LYS D 70 18.91 -6.63 31.91
CA LYS D 70 18.20 -6.95 30.66
C LYS D 70 17.70 -5.67 29.99
N HIS D 71 17.09 -4.79 30.78
CA HIS D 71 16.57 -3.51 30.28
C HIS D 71 15.49 -3.74 29.21
N GLN D 72 14.43 -4.46 29.60
CA GLN D 72 13.29 -4.75 28.70
C GLN D 72 13.66 -5.84 27.66
N PRO D 73 13.89 -7.08 28.08
CA PRO D 73 14.23 -8.19 27.13
C PRO D 73 12.99 -8.69 26.38
N GLY D 74 13.19 -9.03 25.10
CA GLY D 74 12.10 -9.52 24.27
C GLY D 74 12.38 -10.95 23.78
N GLY D 75 11.72 -11.91 24.43
CA GLY D 75 11.89 -13.32 24.07
C GLY D 75 10.71 -13.82 23.25
N GLY D 76 10.98 -14.16 21.98
CA GLY D 76 9.95 -14.65 21.07
C GLY D 76 10.53 -15.60 20.04
N LYS D 77 9.67 -16.10 19.15
CA LYS D 77 10.10 -17.02 18.09
C LYS D 77 9.60 -16.53 16.73
N VAL D 78 8.32 -16.17 16.67
CA VAL D 78 7.71 -15.70 15.43
C VAL D 78 6.92 -14.42 15.70
N GLN D 79 7.23 -13.36 14.94
CA GLN D 79 6.55 -12.08 15.10
C GLN D 79 6.23 -11.48 13.73
N ILE D 80 4.93 -11.26 13.49
CA ILE D 80 4.47 -10.69 12.22
C ILE D 80 3.56 -9.49 12.50
N ILE D 81 4.00 -8.31 12.07
CA ILE D 81 3.23 -7.07 12.27
C ILE D 81 3.01 -6.37 10.94
N ASN D 82 1.80 -5.85 10.74
CA ASN D 82 1.44 -5.15 9.51
C ASN D 82 0.82 -3.79 9.83
N LYS D 83 1.62 -2.73 9.67
CA LYS D 83 1.14 -1.37 9.94
C LYS D 83 0.42 -0.81 8.73
N LYS D 84 -0.87 -0.52 8.90
CA LYS D 84 -1.69 0.02 7.81
C LYS D 84 -2.03 1.47 8.08
N LEU D 85 -1.33 2.37 7.37
CA LEU D 85 -1.55 3.81 7.52
C LEU D 85 -2.28 4.37 6.30
N ASP D 86 -3.60 4.55 6.43
CA ASP D 86 -4.42 5.07 5.34
C ASP D 86 -4.74 6.54 5.58
N LEU D 87 -3.97 7.42 4.92
CA LEU D 87 -4.16 8.85 5.04
C LEU D 87 -4.76 9.43 3.76
N SER D 88 -6.03 9.81 3.82
CA SER D 88 -6.72 10.37 2.66
C SER D 88 -7.09 11.83 2.91
N ASN D 89 -6.43 12.74 2.20
CA ASN D 89 -6.69 14.17 2.34
C ASN D 89 -7.39 14.72 1.12
N VAL D 90 -8.64 15.16 1.30
CA VAL D 90 -9.43 15.71 0.20
C VAL D 90 -9.29 17.24 0.17
N GLN D 91 -9.49 17.82 -1.01
CA GLN D 91 -9.38 19.28 -1.19
C GLN D 91 -10.62 19.82 -1.87
N SER D 92 -10.68 21.15 -2.00
CA SER D 92 -11.84 21.81 -2.61
C SER D 92 -11.59 22.08 -4.09
N LYS D 93 -12.18 21.23 -4.94
CA LYS D 93 -12.02 21.36 -6.39
C LYS D 93 -12.25 22.79 -6.86
N CYS D 94 -13.21 23.48 -6.22
CA CYS D 94 -13.54 24.85 -6.59
C CYS D 94 -12.47 25.83 -6.10
N GLY D 95 -11.76 25.45 -5.04
CA GLY D 95 -10.70 26.30 -4.47
C GLY D 95 -11.30 27.33 -3.52
N SER D 96 -10.42 27.98 -2.73
CA SER D 96 -10.87 28.99 -1.78
C SER D 96 -10.58 30.39 -2.31
N LYS D 97 -11.27 31.38 -1.74
CA LYS D 97 -11.10 32.77 -2.16
C LYS D 97 -11.21 33.70 -0.95
N ASP D 98 -10.11 34.38 -0.64
CA ASP D 98 -10.06 35.31 0.50
C ASP D 98 -9.31 36.58 0.15
N ASN D 99 -9.81 37.72 0.62
CA ASN D 99 -9.18 39.01 0.36
C ASN D 99 -8.73 39.64 1.68
N ILE D 100 -7.44 40.00 1.73
CA ILE D 100 -6.86 40.61 2.93
C ILE D 100 -6.24 41.98 2.59
N LYS D 101 -6.45 42.95 3.48
CA LYS D 101 -5.91 44.30 3.28
C LYS D 101 -5.01 44.69 4.46
N HIS D 102 -3.82 45.19 4.15
CA HIS D 102 -2.86 45.59 5.18
C HIS D 102 -2.17 46.90 4.78
N VAL D 103 -2.28 47.92 5.63
CA VAL D 103 -1.64 49.22 5.34
C VAL D 103 -0.87 49.72 6.58
N PRO D 104 0.41 49.38 6.74
CA PRO D 104 1.24 49.86 7.89
C PRO D 104 1.09 51.36 8.15
N GLY D 105 0.95 51.72 9.42
CA GLY D 105 0.79 53.12 9.82
C GLY D 105 0.97 53.29 11.32
N GLY D 106 0.46 52.32 12.08
CA GLY D 106 0.55 52.35 13.54
C GLY D 106 1.54 51.29 14.03
N GLY D 107 1.10 50.50 15.01
CA GLY D 107 1.95 49.45 15.59
C GLY D 107 1.14 48.18 15.83
N SER D 108 0.90 47.41 14.76
CA SER D 108 0.14 46.16 14.86
C SER D 108 0.84 45.05 14.10
N VAL D 109 0.42 43.80 14.35
CA VAL D 109 1.00 42.64 13.68
C VAL D 109 -0.07 41.89 12.90
N GLN D 110 0.27 41.47 11.67
CA GLN D 110 -0.67 40.73 10.82
C GLN D 110 0.01 39.55 10.16
N ILE D 111 -0.68 38.41 10.11
CA ILE D 111 -0.13 37.21 9.48
C ILE D 111 -1.24 36.43 8.78
N VAL D 112 -0.96 36.01 7.53
CA VAL D 112 -1.94 35.27 6.74
C VAL D 112 -1.31 34.01 6.14
N TYR D 113 -1.97 32.86 6.35
CA TYR D 113 -1.49 31.59 5.82
C TYR D 113 -2.51 30.98 4.86
N LYS D 114 -2.02 30.26 3.85
CA LYS D 114 -2.89 29.62 2.87
C LYS D 114 -3.17 28.16 3.26
N PRO D 115 -4.20 27.53 2.70
CA PRO D 115 -4.54 26.11 3.03
C PRO D 115 -3.35 25.17 2.90
N VAL D 116 -3.09 24.41 3.97
CA VAL D 116 -1.98 23.46 4.00
C VAL D 116 -2.49 22.07 4.35
N ASP D 117 -1.77 21.04 3.91
CA ASP D 117 -2.15 19.66 4.16
C ASP D 117 -1.12 18.97 5.05
N LEU D 118 -1.54 18.58 6.25
CA LEU D 118 -0.65 17.91 7.20
C LEU D 118 -1.18 16.51 7.50
N SER D 119 -0.61 15.51 6.83
CA SER D 119 -1.03 14.12 7.01
C SER D 119 -0.27 13.50 8.18
N LYS D 120 1.06 13.47 8.07
CA LYS D 120 1.90 12.90 9.13
C LYS D 120 3.18 13.71 9.27
N VAL D 121 3.73 13.72 10.49
CA VAL D 121 4.97 14.46 10.76
C VAL D 121 5.77 13.76 11.88
N THR D 122 7.08 13.70 11.69
CA THR D 122 7.97 13.06 12.68
C THR D 122 8.98 14.07 13.21
N SER D 123 8.78 14.48 14.47
CA SER D 123 9.67 15.45 15.11
C SER D 123 10.00 15.02 16.54
N LYS D 124 11.25 14.67 16.78
CA LYS D 124 11.70 14.24 18.10
C LYS D 124 11.85 15.44 19.03
N CYS D 125 12.60 16.44 18.57
CA CYS D 125 12.83 17.66 19.35
C CYS D 125 12.92 18.87 18.43
N GLY D 126 12.26 19.96 18.84
CA GLY D 126 12.27 21.19 18.05
C GLY D 126 12.17 22.42 18.95
N SER D 127 12.94 23.45 18.61
CA SER D 127 12.95 24.70 19.39
C SER D 127 12.51 25.88 18.53
N LEU D 128 11.42 26.53 18.93
CA LEU D 128 10.88 27.67 18.19
C LEU D 128 10.63 27.30 16.73
N GLY D 129 9.36 27.00 16.43
CA GLY D 129 8.98 26.62 15.07
C GLY D 129 8.47 27.84 14.30
N GLU E 67 -30.77 0.63 -30.57
CA GLU E 67 -30.94 -0.31 -29.43
C GLU E 67 -30.36 0.31 -28.16
N ASN E 68 -29.17 0.88 -28.29
CA ASN E 68 -28.49 1.51 -27.15
C ASN E 68 -27.98 2.90 -27.54
N LEU E 69 -28.51 3.93 -26.87
CA LEU E 69 -28.10 5.31 -27.14
C LEU E 69 -26.91 5.70 -26.28
N LYS E 70 -27.10 5.67 -24.95
CA LYS E 70 -26.04 6.03 -24.01
C LYS E 70 -25.30 4.79 -23.54
N HIS E 71 -26.07 3.75 -23.17
CA HIS E 71 -25.49 2.48 -22.72
C HIS E 71 -24.64 2.68 -21.45
N GLN E 72 -25.28 3.22 -20.40
CA GLN E 72 -24.63 3.45 -19.10
C GLN E 72 -23.69 4.68 -19.15
N PRO E 73 -24.22 5.90 -19.33
CA PRO E 73 -23.40 7.13 -19.36
C PRO E 73 -22.92 7.55 -17.98
N GLY E 74 -21.68 8.05 -17.91
CA GLY E 74 -21.10 8.50 -16.64
C GLY E 74 -20.78 9.98 -16.68
N GLY E 75 -21.63 10.78 -16.03
CA GLY E 75 -21.44 12.23 -15.99
C GLY E 75 -20.88 12.66 -14.63
N GLY E 76 -19.65 13.17 -14.64
CA GLY E 76 -18.99 13.62 -13.42
C GLY E 76 -18.01 14.75 -13.71
N LYS E 77 -17.33 15.22 -12.66
CA LYS E 77 -16.35 16.29 -12.80
C LYS E 77 -15.04 15.91 -12.13
N VAL E 78 -15.15 15.40 -10.89
CA VAL E 78 -13.97 14.98 -10.14
C VAL E 78 -14.19 13.59 -9.54
N GLN E 79 -13.26 12.68 -9.83
CA GLN E 79 -13.36 11.30 -9.32
C GLN E 79 -12.00 10.83 -8.83
N ILE E 80 -11.94 10.47 -7.55
CA ILE E 80 -10.70 9.99 -6.94
C ILE E 80 -10.96 8.66 -6.23
N ILE E 81 -10.32 7.59 -6.71
CA ILE E 81 -10.48 6.25 -6.12
C ILE E 81 -9.11 5.68 -5.74
N ASN E 82 -9.06 5.03 -4.58
CA ASN E 82 -7.81 4.42 -4.10
C ASN E 82 -8.05 2.98 -3.69
N LYS E 83 -7.63 2.05 -4.56
CA LYS E 83 -7.80 0.62 -4.29
C LYS E 83 -6.65 0.11 -3.42
N LYS E 84 -6.99 -0.35 -2.22
CA LYS E 84 -5.99 -0.88 -1.28
C LYS E 84 -6.11 -2.39 -1.16
N LEU E 85 -5.19 -3.10 -1.81
CA LEU E 85 -5.18 -4.56 -1.78
C LEU E 85 -4.04 -5.07 -0.91
N ASP E 86 -4.36 -5.43 0.33
CA ASP E 86 -3.35 -5.92 1.27
C ASP E 86 -3.44 -7.45 1.39
N LEU E 87 -2.57 -8.14 0.66
CA LEU E 87 -2.52 -9.60 0.67
C LEU E 87 -1.29 -10.09 1.42
N SER E 88 -1.51 -10.65 2.61
CA SER E 88 -0.41 -11.16 3.42
C SER E 88 -0.54 -12.67 3.59
N ASN E 89 0.39 -13.40 2.97
CA ASN E 89 0.40 -14.87 3.04
C ASN E 89 1.56 -15.36 3.89
N VAL E 90 1.23 -15.98 5.03
CA VAL E 90 2.24 -16.51 5.94
C VAL E 90 2.50 -17.99 5.63
N GLN E 91 3.70 -18.46 5.98
CA GLN E 91 4.08 -19.85 5.74
C GLN E 91 4.62 -20.48 7.03
N SER E 92 4.91 -21.77 6.97
CA SER E 92 5.41 -22.51 8.12
C SER E 92 6.92 -22.57 8.12
N LYS E 93 7.55 -21.73 8.93
CA LYS E 93 9.02 -21.68 9.01
C LYS E 93 9.63 -23.07 9.18
N CYS E 94 8.94 -23.94 9.93
CA CYS E 94 9.42 -25.29 10.17
C CYS E 94 9.23 -26.18 8.92
N GLY E 95 8.26 -25.83 8.08
CA GLY E 95 7.98 -26.58 6.87
C GLY E 95 7.09 -27.79 7.17
N SER E 96 6.55 -28.39 6.10
CA SER E 96 5.68 -29.56 6.26
C SER E 96 6.43 -30.84 5.93
N LYS E 97 5.89 -31.97 6.39
CA LYS E 97 6.50 -33.27 6.15
C LYS E 97 5.42 -34.33 5.94
N ASP E 98 5.39 -34.91 4.73
CA ASP E 98 4.40 -35.93 4.40
C ASP E 98 5.03 -37.05 3.58
N ASN E 99 4.63 -38.28 3.88
CA ASN E 99 5.16 -39.45 3.16
C ASN E 99 4.03 -40.17 2.41
N ILE E 100 4.23 -40.35 1.10
CA ILE E 100 3.23 -41.02 0.26
C ILE E 100 3.83 -42.24 -0.42
N LYS E 101 3.06 -43.33 -0.49
CA LYS E 101 3.50 -44.57 -1.12
C LYS E 101 2.56 -44.96 -2.25
N HIS E 102 3.12 -45.27 -3.42
CA HIS E 102 2.32 -45.66 -4.58
C HIS E 102 2.99 -46.82 -5.32
N VAL E 103 2.27 -47.93 -5.48
CA VAL E 103 2.83 -49.09 -6.19
C VAL E 103 1.79 -49.63 -7.22
N PRO E 104 1.81 -49.15 -8.47
CA PRO E 104 0.86 -49.64 -9.52
C PRO E 104 0.79 -51.16 -9.58
N GLY E 105 -0.43 -51.69 -9.70
CA GLY E 105 -0.66 -53.13 -9.78
C GLY E 105 -2.08 -53.43 -10.24
N GLY E 106 -3.03 -52.63 -9.75
CA GLY E 106 -4.44 -52.80 -10.11
C GLY E 106 -4.91 -51.69 -11.05
N GLY E 107 -6.04 -51.06 -10.71
CA GLY E 107 -6.59 -49.98 -11.52
C GLY E 107 -7.13 -48.86 -10.64
N SER E 108 -6.22 -48.02 -10.13
CA SER E 108 -6.61 -46.89 -9.27
C SER E 108 -5.88 -45.62 -9.71
N VAL E 109 -6.36 -44.49 -9.21
CA VAL E 109 -5.76 -43.19 -9.53
C VAL E 109 -5.26 -42.49 -8.27
N GLN E 110 -4.07 -41.90 -8.34
CA GLN E 110 -3.49 -41.21 -7.19
C GLN E 110 -2.88 -39.88 -7.62
N ILE E 111 -3.10 -38.84 -6.80
CA ILE E 111 -2.55 -37.51 -7.10
C ILE E 111 -2.12 -36.81 -5.81
N VAL E 112 -0.92 -36.24 -5.81
CA VAL E 112 -0.41 -35.53 -4.64
C VAL E 112 0.12 -34.14 -5.03
N TYR E 113 -0.33 -33.13 -4.28
CA TYR E 113 0.09 -31.74 -4.53
C TYR E 113 0.79 -31.18 -3.29
N LYS E 114 1.76 -30.29 -3.53
CA LYS E 114 2.50 -29.67 -2.43
C LYS E 114 1.88 -28.31 -2.06
N PRO E 115 2.19 -27.75 -0.89
CA PRO E 115 1.62 -26.43 -0.46
C PRO E 115 1.81 -25.34 -1.52
N VAL E 116 0.72 -24.68 -1.87
CA VAL E 116 0.74 -23.60 -2.86
C VAL E 116 0.13 -22.34 -2.27
N ASP E 117 0.55 -21.18 -2.79
CA ASP E 117 0.06 -19.89 -2.32
C ASP E 117 -0.73 -19.18 -3.40
N LEU E 118 -2.03 -18.98 -3.15
CA LEU E 118 -2.90 -18.32 -4.11
C LEU E 118 -3.46 -17.03 -3.50
N SER E 119 -2.83 -15.90 -3.83
CA SER E 119 -3.27 -14.61 -3.32
C SER E 119 -4.38 -14.02 -4.19
N LYS E 120 -4.06 -13.82 -5.48
CA LYS E 120 -5.02 -13.26 -6.42
C LYS E 120 -4.85 -13.91 -7.79
N VAL E 121 -5.96 -13.99 -8.54
CA VAL E 121 -5.94 -14.58 -9.88
C VAL E 121 -6.98 -13.92 -10.78
N THR E 122 -6.59 -13.66 -12.03
CA THR E 122 -7.49 -13.04 -13.00
C THR E 122 -7.73 -13.95 -14.18
N SER E 123 -8.94 -14.52 -14.26
CA SER E 123 -9.30 -15.43 -15.34
C SER E 123 -10.70 -15.12 -15.86
N LYS E 124 -10.77 -14.64 -17.11
CA LYS E 124 -12.05 -14.31 -17.72
C LYS E 124 -12.78 -15.58 -18.16
N CYS E 125 -12.08 -16.42 -18.93
CA CYS E 125 -12.66 -17.67 -19.41
C CYS E 125 -11.58 -18.76 -19.48
N GLY E 126 -11.94 -19.96 -19.01
CA GLY E 126 -11.01 -21.09 -19.01
C GLY E 126 -11.75 -22.40 -19.21
N SER E 127 -11.16 -23.30 -20.01
CA SER E 127 -11.76 -24.60 -20.29
C SER E 127 -10.83 -25.71 -19.84
N LEU E 128 -11.32 -26.54 -18.92
CA LEU E 128 -10.53 -27.66 -18.39
C LEU E 128 -9.20 -27.17 -17.84
N GLY E 129 -9.13 -27.00 -16.52
CA GLY E 129 -7.91 -26.53 -15.86
C GLY E 129 -7.09 -27.71 -15.34
N GLU F 67 26.93 -1.00 33.86
CA GLU F 67 25.67 -0.22 33.93
C GLU F 67 24.60 -0.89 33.08
N ASN F 68 24.99 -1.29 31.86
CA ASN F 68 24.07 -1.95 30.95
C ASN F 68 24.70 -3.21 30.37
N LEU F 69 24.09 -4.37 30.64
CA LEU F 69 24.60 -5.64 30.16
C LEU F 69 24.00 -5.98 28.79
N LYS F 70 22.68 -6.11 28.75
CA LYS F 70 21.98 -6.44 27.50
C LYS F 70 21.48 -5.16 26.83
N HIS F 71 20.86 -4.27 27.62
CA HIS F 71 20.34 -3.00 27.12
C HIS F 71 19.26 -3.23 26.04
N GLN F 72 18.20 -3.95 26.42
CA GLN F 72 17.06 -4.25 25.54
C GLN F 72 17.42 -5.34 24.49
N PRO F 73 17.68 -6.58 24.92
CA PRO F 73 18.00 -7.69 23.97
C PRO F 73 16.77 -8.19 23.22
N GLY F 74 16.97 -8.55 21.95
CA GLY F 74 15.88 -9.04 21.10
C GLY F 74 16.16 -10.46 20.63
N GLY F 75 15.50 -11.43 21.28
CA GLY F 75 15.67 -12.83 20.92
C GLY F 75 14.49 -13.34 20.10
N GLY F 76 14.77 -13.68 18.84
CA GLY F 76 13.74 -14.17 17.93
C GLY F 76 14.32 -15.13 16.89
N LYS F 77 13.47 -15.62 16.00
CA LYS F 77 13.90 -16.55 14.96
C LYS F 77 13.41 -16.07 13.59
N VAL F 78 12.13 -15.71 13.53
CA VAL F 78 11.52 -15.24 12.29
C VAL F 78 10.71 -13.96 12.55
N GLN F 79 11.03 -12.90 11.79
CA GLN F 79 10.34 -11.62 11.94
C GLN F 79 10.02 -11.02 10.57
N ILE F 80 8.72 -10.81 10.33
CA ILE F 80 8.28 -10.24 9.06
C ILE F 80 7.36 -9.04 9.33
N ILE F 81 7.80 -7.85 8.90
CA ILE F 81 7.02 -6.63 9.10
C ILE F 81 6.81 -5.93 7.76
N ASN F 82 5.59 -5.40 7.57
CA ASN F 82 5.24 -4.70 6.33
C ASN F 82 4.62 -3.35 6.64
N LYS F 83 5.41 -2.29 6.49
CA LYS F 83 4.94 -0.93 6.75
C LYS F 83 4.21 -0.37 5.53
N LYS F 84 2.92 -0.09 5.71
CA LYS F 84 2.10 0.44 4.62
C LYS F 84 1.76 1.91 4.88
N LEU F 85 2.46 2.80 4.16
CA LEU F 85 2.24 4.24 4.32
C LEU F 85 1.50 4.79 3.09
N ASP F 86 0.19 4.97 3.23
CA ASP F 86 -0.63 5.49 2.12
C ASP F 86 -0.95 6.97 2.35
N LEU F 87 -0.19 7.84 1.70
CA LEU F 87 -0.38 9.27 1.82
C LEU F 87 -0.97 9.84 0.53
N SER F 88 -2.25 10.23 0.59
CA SER F 88 -2.94 10.79 -0.56
C SER F 88 -3.31 12.24 -0.32
N ASN F 89 -2.65 13.15 -1.03
CA ASN F 89 -2.90 14.59 -0.90
C ASN F 89 -3.61 15.12 -2.13
N VAL F 90 -4.86 15.57 -1.94
CA VAL F 90 -5.65 16.12 -3.05
C VAL F 90 -5.50 17.64 -3.08
N GLN F 91 -5.70 18.22 -4.26
CA GLN F 91 -5.59 19.67 -4.45
C GLN F 91 -6.84 20.22 -5.13
N SER F 92 -6.91 21.55 -5.27
CA SER F 92 -8.06 22.20 -5.88
C SER F 92 -7.81 22.46 -7.36
N LYS F 93 -8.40 21.61 -8.21
CA LYS F 93 -8.22 21.75 -9.66
C LYS F 93 -8.47 23.19 -10.13
N CYS F 94 -9.43 23.86 -9.50
CA CYS F 94 -9.75 25.24 -9.86
C CYS F 94 -8.69 26.22 -9.38
N GLY F 95 -7.98 25.84 -8.30
CA GLY F 95 -6.93 26.69 -7.74
C GLY F 95 -7.53 27.73 -6.79
N SER F 96 -6.66 28.37 -6.01
CA SER F 96 -7.09 29.39 -5.06
C SER F 96 -6.82 30.78 -5.59
N LYS F 97 -7.50 31.78 -5.03
CA LYS F 97 -7.33 33.17 -5.45
C LYS F 97 -7.44 34.10 -4.24
N ASP F 98 -6.33 34.79 -3.93
CA ASP F 98 -6.31 35.71 -2.80
C ASP F 98 -5.55 36.99 -3.16
N ASN F 99 -6.06 38.12 -2.69
CA ASN F 99 -5.43 39.42 -2.94
C ASN F 99 -4.97 40.05 -1.64
N ILE F 100 -3.69 40.41 -1.57
CA ILE F 100 -3.11 41.03 -0.38
C ILE F 100 -2.49 42.39 -0.71
N LYS F 101 -2.69 43.36 0.17
CA LYS F 101 -2.16 44.72 -0.03
C LYS F 101 -1.27 45.10 1.15
N HIS F 102 -0.08 45.60 0.83
CA HIS F 102 0.88 46.02 1.86
C HIS F 102 1.56 47.32 1.46
N VAL F 103 1.46 48.34 2.32
CA VAL F 103 2.09 49.64 2.02
C VAL F 103 2.87 50.16 3.26
N PRO F 104 4.15 49.82 3.41
CA PRO F 104 4.98 50.30 4.58
C PRO F 104 4.82 51.80 4.83
N GLY F 105 4.67 52.16 6.10
CA GLY F 105 4.52 53.56 6.49
C GLY F 105 4.69 53.73 8.00
N GLY F 106 4.18 52.76 8.76
CA GLY F 106 4.28 52.79 10.22
C GLY F 106 5.26 51.74 10.72
N GLY F 107 4.82 50.95 11.69
CA GLY F 107 5.67 49.90 12.26
C GLY F 107 4.86 48.63 12.52
N SER F 108 4.63 47.87 11.46
CA SER F 108 3.87 46.62 11.56
C SER F 108 4.57 45.50 10.79
N VAL F 109 4.14 44.26 11.05
CA VAL F 109 4.74 43.09 10.38
C VAL F 109 3.66 42.34 9.59
N GLN F 110 4.01 41.91 8.37
CA GLN F 110 3.07 41.18 7.53
C GLN F 110 3.75 39.99 6.86
N ILE F 111 3.06 38.85 6.83
CA ILE F 111 3.62 37.64 6.19
C ILE F 111 2.51 36.86 5.48
N VAL F 112 2.78 36.45 4.25
CA VAL F 112 1.81 35.69 3.45
C VAL F 112 2.45 34.43 2.86
N TYR F 113 1.78 33.30 3.06
CA TYR F 113 2.26 32.01 2.55
C TYR F 113 1.25 31.41 1.58
N LYS F 114 1.74 30.68 0.58
CA LYS F 114 0.88 30.04 -0.40
C LYS F 114 0.59 28.58 -0.01
N PRO F 115 -0.44 27.94 -0.58
CA PRO F 115 -0.77 26.52 -0.24
C PRO F 115 0.43 25.59 -0.36
N VAL F 116 0.67 24.83 0.71
CA VAL F 116 1.79 23.89 0.74
C VAL F 116 1.28 22.49 1.10
N ASP F 117 2.00 21.47 0.65
CA ASP F 117 1.62 20.07 0.92
C ASP F 117 2.66 19.39 1.80
N LEU F 118 2.23 19.01 3.01
CA LEU F 118 3.11 18.34 3.96
C LEU F 118 2.59 16.94 4.27
N SER F 119 3.16 15.94 3.58
CA SER F 119 2.75 14.55 3.78
C SER F 119 3.50 13.94 4.96
N LYS F 120 4.84 13.91 4.85
CA LYS F 120 5.68 13.34 5.90
C LYS F 120 6.96 14.15 6.05
N VAL F 121 7.50 14.17 7.27
CA VAL F 121 8.74 14.90 7.54
C VAL F 121 9.54 14.22 8.65
N THR F 122 10.86 14.15 8.47
CA THR F 122 11.74 13.52 9.45
C THR F 122 12.75 14.53 10.00
N SER F 123 12.55 14.94 11.25
CA SER F 123 13.43 15.91 11.89
C SER F 123 13.75 15.48 13.32
N LYS F 124 15.02 15.14 13.56
CA LYS F 124 15.46 14.72 14.88
C LYS F 124 15.61 15.92 15.81
N CYS F 125 16.36 16.92 15.35
CA CYS F 125 16.58 18.14 16.13
C CYS F 125 16.68 19.35 15.21
N GLY F 126 16.01 20.43 15.61
CA GLY F 126 16.01 21.66 14.82
C GLY F 126 15.92 22.89 15.72
N SER F 127 16.68 23.94 15.38
CA SER F 127 16.69 25.18 16.15
C SER F 127 16.26 26.35 15.29
N LEU F 128 15.16 27.00 15.69
CA LEU F 128 14.63 28.15 14.95
C LEU F 128 14.37 27.77 13.48
N GLY F 129 13.12 27.46 13.17
CA GLY F 129 12.73 27.08 11.82
C GLY F 129 12.21 28.30 11.05
N GLU G 67 -27.00 0.93 -33.75
CA GLU G 67 -27.17 -0.01 -32.60
C GLU G 67 -26.59 0.61 -31.34
N ASN G 68 -25.40 1.19 -31.47
CA ASN G 68 -24.73 1.82 -30.33
C ASN G 68 -24.23 3.21 -30.72
N LEU G 69 -24.75 4.24 -30.05
CA LEU G 69 -24.34 5.61 -30.32
C LEU G 69 -23.15 6.02 -29.46
N LYS G 70 -23.35 5.99 -28.14
CA LYS G 70 -22.29 6.35 -27.21
C LYS G 70 -21.54 5.11 -26.74
N HIS G 71 -22.30 4.07 -26.37
CA HIS G 71 -21.72 2.81 -25.90
C HIS G 71 -20.87 3.01 -24.63
N GLN G 72 -21.51 3.54 -23.58
CA GLN G 72 -20.87 3.79 -22.29
C GLN G 72 -19.93 5.02 -22.34
N PRO G 73 -20.46 6.23 -22.52
CA PRO G 73 -19.63 7.48 -22.56
C PRO G 73 -19.16 7.89 -21.18
N GLY G 74 -17.93 8.40 -21.10
CA GLY G 74 -17.34 8.84 -19.84
C GLY G 74 -17.02 10.33 -19.87
N GLY G 75 -17.87 11.13 -19.24
CA GLY G 75 -17.69 12.57 -19.19
C GLY G 75 -17.13 13.01 -17.84
N GLY G 76 -15.90 13.52 -17.86
CA GLY G 76 -15.25 13.98 -16.63
C GLY G 76 -14.26 15.11 -16.93
N LYS G 77 -13.59 15.58 -15.87
CA LYS G 77 -12.61 16.66 -16.02
C LYS G 77 -11.29 16.28 -15.34
N VAL G 78 -11.39 15.77 -14.11
CA VAL G 78 -10.21 15.36 -13.35
C VAL G 78 -10.44 13.96 -12.75
N GLN G 79 -9.51 13.05 -13.04
CA GLN G 79 -9.60 11.69 -12.54
C GLN G 79 -8.24 11.20 -12.05
N ILE G 80 -8.17 10.85 -10.76
CA ILE G 80 -6.93 10.38 -10.15
C ILE G 80 -7.18 9.05 -9.43
N ILE G 81 -6.54 7.99 -9.92
CA ILE G 81 -6.70 6.65 -9.33
C ILE G 81 -5.34 6.08 -8.95
N ASN G 82 -5.27 5.42 -7.78
CA ASN G 82 -4.03 4.83 -7.30
C ASN G 82 -4.26 3.38 -6.89
N LYS G 83 -3.84 2.45 -7.76
CA LYS G 83 -4.01 1.03 -7.49
C LYS G 83 -2.86 0.51 -6.62
N LYS G 84 -3.19 0.05 -5.42
CA LYS G 84 -2.19 -0.46 -4.48
C LYS G 84 -2.30 -1.98 -4.35
N LEU G 85 -1.39 -2.69 -5.01
CA LEU G 85 -1.38 -4.16 -4.97
C LEU G 85 -0.23 -4.65 -4.10
N ASP G 86 -0.54 -5.02 -2.86
CA ASP G 86 0.46 -5.51 -1.92
C ASP G 86 0.39 -7.03 -1.80
N LEU G 87 1.26 -7.72 -2.53
CA LEU G 87 1.29 -9.17 -2.52
C LEU G 87 2.53 -9.67 -1.77
N SER G 88 2.31 -10.23 -0.58
CA SER G 88 3.41 -10.73 0.25
C SER G 88 3.29 -12.25 0.40
N ASN G 89 4.22 -12.97 -0.21
CA ASN G 89 4.23 -14.44 -0.14
C ASN G 89 5.40 -14.92 0.72
N VAL G 90 5.07 -15.54 1.84
CA VAL G 90 6.09 -16.06 2.76
C VAL G 90 6.35 -17.54 2.45
N GLN G 91 7.55 -18.01 2.80
CA GLN G 91 7.93 -19.41 2.57
C GLN G 91 8.47 -20.03 3.85
N SER G 92 8.77 -21.33 3.79
CA SER G 92 9.26 -22.06 4.95
C SER G 92 10.78 -22.12 4.94
N LYS G 93 11.42 -21.27 5.76
CA LYS G 93 12.88 -21.21 5.84
C LYS G 93 13.49 -22.61 6.00
N CYS G 94 12.81 -23.47 6.76
CA CYS G 94 13.29 -24.83 6.99
C CYS G 94 13.10 -25.71 5.75
N GLY G 95 12.12 -25.36 4.91
CA GLY G 95 11.85 -26.13 3.69
C GLY G 95 10.96 -27.33 4.01
N SER G 96 10.42 -27.94 2.95
CA SER G 96 9.55 -29.10 3.10
C SER G 96 10.30 -30.39 2.77
N LYS G 97 9.77 -31.51 3.24
CA LYS G 97 10.38 -32.81 2.99
C LYS G 97 9.30 -33.88 2.79
N ASP G 98 9.27 -34.45 1.58
CA ASP G 98 8.28 -35.49 1.25
C ASP G 98 8.92 -36.60 0.44
N ASN G 99 8.52 -37.85 0.74
CA ASN G 99 9.05 -39.02 0.02
C ASN G 99 7.92 -39.72 -0.73
N ILE G 100 8.12 -39.92 -2.03
CA ILE G 100 7.12 -40.58 -2.87
C ILE G 100 7.73 -41.81 -3.56
N LYS G 101 6.95 -42.89 -3.62
CA LYS G 101 7.40 -44.13 -4.25
C LYS G 101 6.45 -44.53 -5.37
N HIS G 102 7.02 -44.84 -6.54
CA HIS G 102 6.21 -45.23 -7.71
C HIS G 102 6.88 -46.39 -8.45
N VAL G 103 6.17 -47.51 -8.60
CA VAL G 103 6.73 -48.67 -9.31
C VAL G 103 5.70 -49.22 -10.34
N PRO G 104 5.71 -48.74 -11.58
CA PRO G 104 4.77 -49.23 -12.65
C PRO G 104 4.70 -50.76 -12.70
N GLY G 105 3.47 -51.28 -12.82
CA GLY G 105 3.25 -52.71 -12.89
C GLY G 105 1.82 -53.03 -13.34
N GLY G 106 0.87 -52.23 -12.86
CA GLY G 106 -0.54 -52.40 -13.22
C GLY G 106 -1.00 -51.29 -14.16
N GLY G 107 -2.13 -50.67 -13.81
CA GLY G 107 -2.69 -49.59 -14.63
C GLY G 107 -3.23 -48.47 -13.75
N SER G 108 -2.33 -47.63 -13.25
CA SER G 108 -2.71 -46.51 -12.39
C SER G 108 -1.99 -45.23 -12.82
N VAL G 109 -2.47 -44.09 -12.32
CA VAL G 109 -1.88 -42.79 -12.65
C VAL G 109 -1.38 -42.10 -11.39
N GLN G 110 -0.18 -41.51 -11.46
CA GLN G 110 0.40 -40.81 -10.32
C GLN G 110 1.01 -39.47 -10.75
N ILE G 111 0.78 -38.44 -9.94
CA ILE G 111 1.33 -37.10 -10.24
C ILE G 111 1.75 -36.40 -8.96
N VAL G 112 2.95 -35.83 -8.96
CA VAL G 112 3.47 -35.12 -7.78
C VAL G 112 3.99 -33.72 -8.17
N TYR G 113 3.54 -32.71 -7.43
CA TYR G 113 3.94 -31.33 -7.67
C TYR G 113 4.65 -30.77 -6.44
N LYS G 114 5.62 -29.87 -6.68
CA LYS G 114 6.36 -29.25 -5.58
C LYS G 114 5.75 -27.88 -5.23
N PRO G 115 6.06 -27.33 -4.05
CA PRO G 115 5.48 -26.01 -3.63
C PRO G 115 5.68 -24.92 -4.68
N VAL G 116 4.57 -24.25 -5.03
CA VAL G 116 4.59 -23.18 -6.02
C VAL G 116 3.97 -21.91 -5.42
N ASP G 117 4.40 -20.76 -5.95
CA ASP G 117 3.90 -19.47 -5.48
C ASP G 117 3.11 -18.76 -6.57
N LEU G 118 1.81 -18.57 -6.32
CA LEU G 118 0.93 -17.90 -7.28
C LEU G 118 0.36 -16.62 -6.67
N SER G 119 1.00 -15.49 -7.00
CA SER G 119 0.56 -14.19 -6.49
C SER G 119 -0.55 -13.61 -7.36
N LYS G 120 -0.24 -13.41 -8.64
CA LYS G 120 -1.20 -12.86 -9.59
C LYS G 120 -1.04 -13.51 -10.96
N VAL G 121 -2.14 -13.59 -11.71
CA VAL G 121 -2.12 -14.19 -13.05
C VAL G 121 -3.16 -13.53 -13.95
N THR G 122 -2.78 -13.27 -15.20
CA THR G 122 -3.68 -12.65 -16.17
C THR G 122 -3.91 -13.58 -17.35
N SER G 123 -5.12 -14.14 -17.42
CA SER G 123 -5.48 -15.05 -18.51
C SER G 123 -6.89 -14.75 -19.02
N LYS G 124 -6.96 -14.27 -20.28
CA LYS G 124 -8.24 -13.95 -20.89
C LYS G 124 -8.97 -15.21 -21.32
N CYS G 125 -8.27 -16.05 -22.09
CA CYS G 125 -8.84 -17.31 -22.57
C CYS G 125 -7.77 -18.39 -22.64
N GLY G 126 -8.11 -19.59 -22.16
CA GLY G 126 -7.19 -20.72 -22.16
C GLY G 126 -7.93 -22.04 -22.37
N SER G 127 -7.32 -22.93 -23.16
CA SER G 127 -7.93 -24.23 -23.44
C SER G 127 -7.00 -25.35 -22.99
N LEU G 128 -7.47 -26.18 -22.05
CA LEU G 128 -6.69 -27.29 -21.53
C LEU G 128 -5.35 -26.79 -20.98
N GLY G 129 -5.29 -26.62 -19.66
CA GLY G 129 -4.08 -26.16 -19.01
C GLY G 129 -3.24 -27.33 -18.50
N GLU H 67 30.68 -0.47 30.70
CA GLU H 67 29.42 0.32 30.77
C GLU H 67 28.35 -0.37 29.92
N ASN H 68 28.75 -0.77 28.71
CA ASN H 68 27.83 -1.43 27.78
C ASN H 68 28.47 -2.69 27.20
N LEU H 69 27.86 -3.84 27.49
CA LEU H 69 28.38 -5.12 27.00
C LEU H 69 27.77 -5.46 25.64
N LYS H 70 26.44 -5.60 25.60
CA LYS H 70 25.75 -5.92 24.35
C LYS H 70 25.25 -4.65 23.67
N HIS H 71 24.63 -3.77 24.46
CA HIS H 71 24.11 -2.50 23.94
C HIS H 71 23.03 -2.72 22.88
N GLN H 72 21.97 -3.45 23.26
CA GLN H 72 20.84 -3.75 22.37
C GLN H 72 21.21 -4.83 21.33
N PRO H 73 21.45 -6.08 21.76
CA PRO H 73 21.78 -7.20 20.82
C PRO H 73 20.55 -7.69 20.07
N GLY H 74 20.76 -8.05 18.79
CA GLY H 74 19.66 -8.55 17.95
C GLY H 74 19.95 -9.98 17.48
N GLY H 75 19.29 -10.94 18.12
CA GLY H 75 19.46 -12.35 17.78
C GLY H 75 18.28 -12.85 16.95
N GLY H 76 18.57 -13.20 15.69
CA GLY H 76 17.53 -13.69 14.79
C GLY H 76 18.12 -14.65 13.75
N LYS H 77 17.27 -15.15 12.86
CA LYS H 77 17.70 -16.08 11.81
C LYS H 77 17.20 -15.60 10.45
N VAL H 78 15.92 -15.25 10.39
CA VAL H 78 15.32 -14.78 9.14
C VAL H 78 14.52 -13.49 9.40
N GLN H 79 14.83 -12.44 8.65
CA GLN H 79 14.14 -11.16 8.79
C GLN H 79 13.82 -10.57 7.42
N ILE H 80 12.52 -10.36 7.17
CA ILE H 80 12.07 -9.79 5.90
C ILE H 80 11.16 -8.59 6.16
N ILE H 81 11.60 -7.41 5.73
CA ILE H 81 10.82 -6.19 5.93
C ILE H 81 10.60 -5.49 4.58
N ASN H 82 9.38 -4.97 4.39
CA ASN H 82 9.03 -4.27 3.15
C ASN H 82 8.40 -2.91 3.46
N LYS H 83 9.21 -1.85 3.31
CA LYS H 83 8.73 -0.49 3.57
C LYS H 83 8.01 0.06 2.34
N LYS H 84 6.71 0.35 2.51
CA LYS H 84 5.90 0.87 1.42
C LYS H 84 5.55 2.34 1.67
N LEU H 85 6.25 3.23 0.96
CA LEU H 85 6.03 4.68 1.11
C LEU H 85 5.29 5.22 -0.12
N ASP H 86 3.98 5.40 0.00
CA ASP H 86 3.17 5.92 -1.09
C ASP H 86 2.84 7.39 -0.87
N LEU H 87 3.61 8.25 -1.52
CA LEU H 87 3.41 9.70 -1.40
C LEU H 87 2.82 10.26 -2.70
N SER H 88 1.54 10.65 -2.63
CA SER H 88 0.85 11.20 -3.79
C SER H 88 0.47 12.65 -3.54
N ASN H 89 1.14 13.57 -4.27
CA ASN H 89 0.88 15.00 -4.13
C ASN H 89 0.18 15.53 -5.37
N VAL H 90 -1.07 15.98 -5.18
CA VAL H 90 -1.86 16.52 -6.29
C VAL H 90 -1.71 18.05 -6.33
N GLN H 91 -1.93 18.62 -7.52
CA GLN H 91 -1.81 20.07 -7.70
C GLN H 91 -3.06 20.62 -8.39
N SER H 92 -3.12 21.94 -8.53
CA SER H 92 -4.27 22.60 -9.14
C SER H 92 -4.01 22.86 -10.63
N LYS H 93 -4.60 22.01 -11.47
CA LYS H 93 -4.44 22.12 -12.92
C LYS H 93 -4.68 23.56 -13.40
N CYS H 94 -5.64 24.24 -12.77
CA CYS H 94 -5.97 25.62 -13.14
C CYS H 94 -4.91 26.60 -12.65
N GLY H 95 -4.20 26.22 -11.58
CA GLY H 95 -3.15 27.08 -11.01
C GLY H 95 -3.75 28.12 -10.07
N SER H 96 -2.88 28.77 -9.28
CA SER H 96 -3.32 29.79 -8.33
C SER H 96 -3.04 31.18 -8.87
N LYS H 97 -3.73 32.18 -8.31
CA LYS H 97 -3.56 33.57 -8.74
C LYS H 97 -3.68 34.49 -7.53
N ASP H 98 -2.57 35.19 -7.23
CA ASP H 98 -2.54 36.11 -6.09
C ASP H 98 -1.79 37.39 -6.45
N ASN H 99 -2.30 38.52 -5.98
CA ASN H 99 -1.67 39.82 -6.24
C ASN H 99 -1.22 40.46 -4.94
N ILE H 100 0.07 40.82 -4.88
CA ILE H 100 0.64 41.44 -3.68
C ILE H 100 1.26 42.80 -4.03
N LYS H 101 1.05 43.78 -3.15
CA LYS H 101 1.58 45.12 -3.34
C LYS H 101 2.48 45.52 -2.16
N HIS H 102 3.68 46.02 -2.48
CA HIS H 102 4.63 46.44 -1.45
C HIS H 102 5.31 47.74 -1.86
N VAL H 103 5.21 48.77 -1.00
CA VAL H 103 5.84 50.07 -1.30
C VAL H 103 6.60 50.58 -0.05
N PRO H 104 7.89 50.25 0.10
CA PRO H 104 8.71 50.74 1.26
C PRO H 104 8.55 52.23 1.51
N GLY H 105 8.41 52.61 2.78
CA GLY H 105 8.24 54.00 3.17
C GLY H 105 8.42 54.17 4.68
N GLY H 106 7.91 53.20 5.43
CA GLY H 106 8.00 53.25 6.89
C GLY H 106 8.99 52.20 7.40
N GLY H 107 8.54 51.40 8.38
CA GLY H 107 9.40 50.35 8.96
C GLY H 107 8.59 49.08 9.21
N SER H 108 8.35 48.31 8.14
CA SER H 108 7.60 47.06 8.25
C SER H 108 8.30 45.94 7.48
N VAL H 109 7.88 44.71 7.75
CA VAL H 109 8.47 43.53 7.08
C VAL H 109 7.40 42.78 6.30
N GLN H 110 7.75 42.35 5.07
CA GLN H 110 6.81 41.62 4.23
C GLN H 110 7.50 40.43 3.56
N ILE H 111 6.82 39.28 3.53
CA ILE H 111 7.37 38.08 2.91
C ILE H 111 6.26 37.29 2.20
N VAL H 112 6.53 36.88 0.96
CA VAL H 112 5.55 36.12 0.17
C VAL H 112 6.20 34.86 -0.41
N TYR H 113 5.53 33.72 -0.21
CA TYR H 113 6.02 32.44 -0.73
C TYR H 113 5.01 31.83 -1.68
N LYS H 114 5.51 31.10 -2.69
CA LYS H 114 4.64 30.46 -3.68
C LYS H 114 4.36 29.00 -3.29
N PRO H 115 3.34 28.35 -3.85
CA PRO H 115 3.00 26.94 -3.51
C PRO H 115 4.20 26.01 -3.62
N VAL H 116 4.44 25.26 -2.55
CA VAL H 116 5.56 24.30 -2.52
C VAL H 116 5.05 22.92 -2.15
N ASP H 117 5.78 21.88 -2.60
CA ASP H 117 5.40 20.50 -2.33
C ASP H 117 6.43 19.82 -1.44
N LEU H 118 6.00 19.44 -0.24
CA LEU H 118 6.89 18.77 0.72
C LEU H 118 6.37 17.37 1.03
N SER H 119 6.94 16.37 0.35
CA SER H 119 6.53 14.98 0.55
C SER H 119 7.28 14.37 1.73
N LYS H 120 8.62 14.34 1.62
CA LYS H 120 9.45 13.78 2.68
C LYS H 120 10.74 14.60 2.83
N VAL H 121 11.27 14.61 4.05
CA VAL H 121 12.52 15.35 4.32
C VAL H 121 13.32 14.67 5.44
N THR H 122 14.64 14.60 5.25
CA THR H 122 15.51 13.97 6.24
C THR H 122 16.51 14.99 6.78
N SER H 123 16.32 15.40 8.03
CA SER H 123 17.20 16.37 8.68
C SER H 123 17.52 15.95 10.10
N LYS H 124 18.78 15.60 10.35
CA LYS H 124 19.22 15.19 11.67
C LYS H 124 19.36 16.40 12.59
N CYS H 125 20.12 17.40 12.13
CA CYS H 125 20.34 18.61 12.91
C CYS H 125 20.43 19.82 11.99
N GLY H 126 19.77 20.91 12.38
CA GLY H 126 19.77 22.14 11.58
C GLY H 126 19.67 23.37 12.49
N SER H 127 20.44 24.41 12.15
CA SER H 127 20.44 25.65 12.92
C SER H 127 20.01 26.82 12.05
N LEU H 128 18.90 27.48 12.44
CA LEU H 128 18.38 28.62 11.69
C LEU H 128 18.12 28.23 10.24
N GLY H 129 16.86 27.93 9.93
CA GLY H 129 16.49 27.55 8.57
C GLY H 129 15.96 28.75 7.79
N GLU I 67 -23.24 1.23 -36.92
CA GLU I 67 -23.40 0.30 -35.78
C GLU I 67 -22.83 0.93 -34.52
N ASN I 68 -21.63 1.50 -34.64
CA ASN I 68 -20.96 2.14 -33.51
C ASN I 68 -20.46 3.53 -33.90
N LEU I 69 -20.99 4.55 -33.23
CA LEU I 69 -20.59 5.93 -33.51
C LEU I 69 -19.40 6.34 -32.64
N LYS I 70 -19.58 6.31 -31.33
CA LYS I 70 -18.52 6.68 -30.39
C LYS I 70 -17.77 5.44 -29.92
N HIS I 71 -18.53 4.40 -29.55
CA HIS I 71 -17.95 3.14 -29.09
C HIS I 71 -17.11 3.34 -27.82
N GLN I 72 -17.75 3.88 -26.77
CA GLN I 72 -17.10 4.13 -25.47
C GLN I 72 -16.15 5.36 -25.53
N PRO I 73 -16.69 6.57 -25.71
CA PRO I 73 -15.87 7.81 -25.76
C PRO I 73 -15.39 8.24 -24.37
N GLY I 74 -14.16 8.74 -24.30
CA GLY I 74 -13.58 9.19 -23.03
C GLY I 74 -13.26 10.68 -23.07
N GLY I 75 -14.12 11.48 -22.44
CA GLY I 75 -13.94 12.92 -22.40
C GLY I 75 -13.38 13.36 -21.05
N GLY I 76 -12.15 13.88 -21.06
CA GLY I 76 -11.49 14.34 -19.84
C GLY I 76 -10.52 15.47 -20.13
N LYS I 77 -9.84 15.95 -19.09
CA LYS I 77 -8.86 17.03 -19.23
C LYS I 77 -7.55 16.65 -18.56
N VAL I 78 -7.65 16.14 -17.33
CA VAL I 78 -6.46 15.74 -16.56
C VAL I 78 -6.68 14.34 -15.97
N GLN I 79 -5.75 13.43 -16.26
CA GLN I 79 -5.84 12.06 -15.75
C GLN I 79 -4.48 11.58 -15.26
N ILE I 80 -4.41 11.23 -13.97
CA ILE I 80 -3.17 10.76 -13.36
C ILE I 80 -3.42 9.44 -12.64
N ILE I 81 -2.77 8.37 -13.13
CA ILE I 81 -2.93 7.04 -12.53
C ILE I 81 -1.56 6.47 -12.16
N ASN I 82 -1.50 5.82 -10.99
CA ASN I 82 -0.25 5.23 -10.51
C ASN I 82 -0.48 3.78 -10.09
N LYS I 83 -0.06 2.85 -10.96
CA LYS I 83 -0.21 1.42 -10.68
C LYS I 83 0.93 0.92 -9.82
N LYS I 84 0.60 0.46 -8.62
CA LYS I 84 1.61 -0.06 -7.68
C LYS I 84 1.50 -1.57 -7.56
N LEU I 85 2.42 -2.28 -8.20
CA LEU I 85 2.42 -3.74 -8.16
C LEU I 85 3.58 -4.24 -7.30
N ASP I 86 3.26 -4.60 -6.05
CA ASP I 86 4.28 -5.09 -5.12
C ASP I 86 4.20 -6.61 -4.99
N LEU I 87 5.06 -7.30 -5.72
CA LEU I 87 5.11 -8.76 -5.70
C LEU I 87 6.35 -9.24 -4.96
N SER I 88 6.13 -9.80 -3.76
CA SER I 88 7.23 -10.30 -2.94
C SER I 88 7.12 -11.81 -2.77
N ASN I 89 8.05 -12.54 -3.40
CA ASN I 89 8.07 -14.00 -3.32
C ASN I 89 9.24 -14.48 -2.47
N VAL I 90 8.91 -15.10 -1.34
CA VAL I 90 9.92 -15.63 -0.42
C VAL I 90 10.19 -17.10 -0.73
N GLN I 91 11.39 -17.56 -0.37
CA GLN I 91 11.78 -18.96 -0.62
C GLN I 91 12.32 -19.58 0.67
N SER I 92 12.62 -20.87 0.61
CA SER I 92 13.12 -21.61 1.78
C SER I 92 14.64 -21.67 1.76
N LYS I 93 15.27 -20.82 2.58
CA LYS I 93 16.73 -20.75 2.66
C LYS I 93 17.35 -22.15 2.83
N CYS I 94 16.66 -23.01 3.58
CA CYS I 94 17.15 -24.37 3.82
C CYS I 94 16.97 -25.26 2.58
N GLY I 95 15.98 -24.91 1.74
CA GLY I 95 15.71 -25.67 0.53
C GLY I 95 14.83 -26.87 0.84
N SER I 96 14.28 -27.49 -0.21
CA SER I 96 13.41 -28.66 -0.06
C SER I 96 14.17 -29.93 -0.39
N LYS I 97 13.64 -31.07 0.08
CA LYS I 97 14.25 -32.36 -0.16
C LYS I 97 13.19 -33.43 -0.36
N ASP I 98 13.15 -34.01 -1.57
CA ASP I 98 12.16 -35.05 -1.89
C ASP I 98 12.81 -36.16 -2.71
N ASN I 99 12.41 -37.41 -2.41
CA ASN I 99 12.94 -38.57 -3.12
C ASN I 99 11.82 -39.29 -3.87
N ILE I 100 12.00 -39.47 -5.17
CA ILE I 100 11.01 -40.15 -6.01
C ILE I 100 11.62 -41.38 -6.70
N LYS I 101 10.85 -42.46 -6.75
CA LYS I 101 11.31 -43.70 -7.39
C LYS I 101 10.35 -44.10 -8.51
N HIS I 102 10.92 -44.41 -9.68
CA HIS I 102 10.11 -44.81 -10.84
C HIS I 102 10.79 -45.96 -11.58
N VAL I 103 10.07 -47.08 -11.74
CA VAL I 103 10.63 -48.25 -12.44
C VAL I 103 9.61 -48.80 -13.46
N PRO I 104 9.62 -48.32 -14.71
CA PRO I 104 8.67 -48.82 -15.76
C PRO I 104 8.61 -50.35 -15.82
N GLY I 105 7.38 -50.86 -15.94
CA GLY I 105 7.16 -52.31 -16.00
C GLY I 105 5.74 -52.62 -16.45
N GLY I 106 4.78 -51.82 -15.98
CA GLY I 106 3.38 -52.00 -16.33
C GLY I 106 2.91 -50.90 -17.27
N GLY I 107 1.77 -50.28 -16.93
CA GLY I 107 1.21 -49.20 -17.75
C GLY I 107 0.67 -48.08 -16.87
N SER I 108 1.57 -47.23 -16.37
CA SER I 108 1.18 -46.11 -15.51
C SER I 108 1.90 -44.83 -15.95
N VAL I 109 1.42 -43.70 -15.45
CA VAL I 109 2.01 -42.40 -15.78
C VAL I 109 2.51 -41.69 -14.52
N GLN I 110 3.69 -41.10 -14.60
CA GLN I 110 4.29 -40.40 -13.45
C GLN I 110 4.89 -39.07 -13.88
N ILE I 111 4.66 -38.02 -13.08
CA ILE I 111 5.20 -36.70 -13.39
C ILE I 111 5.62 -35.98 -12.10
N VAL I 112 6.83 -35.41 -12.10
CA VAL I 112 7.35 -34.70 -10.93
C VAL I 112 7.85 -33.31 -11.32
N TYR I 113 7.41 -32.30 -10.58
CA TYR I 113 7.81 -30.91 -10.83
C TYR I 113 8.52 -30.34 -9.61
N LYS I 114 9.48 -29.45 -9.84
CA LYS I 114 10.22 -28.82 -8.75
C LYS I 114 9.61 -27.45 -8.38
N PRO I 115 9.91 -26.90 -7.21
CA PRO I 115 9.34 -25.58 -6.78
C PRO I 115 9.52 -24.49 -7.85
N VAL I 116 8.42 -23.83 -8.20
CA VAL I 116 8.44 -22.75 -9.19
C VAL I 116 7.82 -21.49 -8.59
N ASP I 117 8.25 -20.33 -9.12
CA ASP I 117 7.74 -19.04 -8.65
C ASP I 117 6.94 -18.34 -9.75
N LEU I 118 5.65 -18.15 -9.49
CA LEU I 118 4.77 -17.49 -10.45
C LEU I 118 4.20 -16.20 -9.85
N SER I 119 4.83 -15.07 -10.18
CA SER I 119 4.38 -13.78 -9.67
C SER I 119 3.28 -13.20 -10.54
N LYS I 120 3.58 -13.00 -11.83
CA LYS I 120 2.62 -12.46 -12.77
C LYS I 120 2.78 -13.10 -14.15
N VAL I 121 1.69 -13.19 -14.89
CA VAL I 121 1.70 -13.79 -16.23
C VAL I 121 0.66 -13.14 -17.13
N THR I 122 1.03 -12.88 -18.38
CA THR I 122 0.13 -12.25 -19.34
C THR I 122 -0.11 -13.19 -20.53
N SER I 123 -1.31 -13.76 -20.60
CA SER I 123 -1.67 -14.67 -21.67
C SER I 123 -3.07 -14.38 -22.20
N LYS I 124 -3.15 -13.90 -23.44
CA LYS I 124 -4.43 -13.57 -24.06
C LYS I 124 -5.15 -14.85 -24.49
N CYS I 125 -4.45 -15.68 -25.25
CA CYS I 125 -5.02 -16.94 -25.73
C CYS I 125 -3.95 -18.02 -25.80
N GLY I 126 -4.29 -19.23 -25.33
CA GLY I 126 -3.36 -20.35 -25.33
C GLY I 126 -4.10 -21.68 -25.52
N SER I 127 -3.50 -22.56 -26.32
CA SER I 127 -4.10 -23.87 -26.59
C SER I 127 -3.16 -24.98 -26.14
N LEU I 128 -3.64 -25.81 -25.21
CA LEU I 128 -2.85 -26.93 -24.68
C LEU I 128 -1.51 -26.42 -24.14
N GLY I 129 -1.45 -26.25 -22.82
CA GLY I 129 -0.23 -25.77 -22.16
C GLY I 129 0.60 -26.94 -21.65
N GLU J 67 34.44 0.06 27.54
CA GLU J 67 33.17 0.84 27.62
C GLU J 67 32.11 0.16 26.75
N ASN J 68 32.50 -0.24 25.55
CA ASN J 68 31.58 -0.91 24.62
C ASN J 68 32.23 -2.17 24.05
N LEU J 69 31.62 -3.32 24.33
CA LEU J 69 32.14 -4.60 23.85
C LEU J 69 31.54 -4.95 22.49
N LYS J 70 30.21 -5.08 22.44
CA LYS J 70 29.52 -5.42 21.20
C LYS J 70 29.02 -4.15 20.51
N HIS J 71 28.40 -3.26 21.29
CA HIS J 71 27.88 -2.00 20.78
C HIS J 71 26.80 -2.23 19.71
N GLN J 72 25.74 -2.95 20.10
CA GLN J 72 24.61 -3.26 19.21
C GLN J 72 24.97 -4.34 18.16
N PRO J 73 25.22 -5.59 18.60
CA PRO J 73 25.56 -6.70 17.67
C PRO J 73 24.33 -7.21 16.91
N GLY J 74 24.54 -7.57 15.64
CA GLY J 74 23.45 -8.07 14.80
C GLY J 74 23.73 -9.49 14.33
N GLY J 75 23.07 -10.46 14.97
CA GLY J 75 23.25 -11.87 14.63
C GLY J 75 22.07 -12.37 13.80
N GLY J 76 22.35 -12.72 12.54
CA GLY J 76 21.32 -13.23 11.64
C GLY J 76 21.91 -14.18 10.61
N LYS J 77 21.06 -14.68 9.71
CA LYS J 77 21.49 -15.61 8.67
C LYS J 77 21.00 -15.14 7.31
N VAL J 78 19.72 -14.78 7.25
CA VAL J 78 19.11 -14.32 5.99
C VAL J 78 18.32 -13.04 6.25
N GLN J 79 18.63 -11.99 5.49
CA GLN J 79 17.94 -10.71 5.63
C GLN J 79 17.62 -10.12 4.27
N ILE J 80 16.32 -9.90 4.01
CA ILE J 80 15.87 -9.35 2.73
C ILE J 80 14.95 -8.15 3.00
N ILE J 81 15.39 -6.96 2.56
CA ILE J 81 14.62 -5.73 2.76
C ILE J 81 14.40 -5.04 1.41
N ASN J 82 13.18 -4.52 1.21
CA ASN J 82 12.83 -3.83 -0.03
C ASN J 82 12.21 -2.47 0.28
N LYS J 83 13.00 -1.41 0.12
CA LYS J 83 12.52 -0.06 0.38
C LYS J 83 11.80 0.50 -0.85
N LYS J 84 10.50 0.78 -0.69
CA LYS J 84 9.70 1.30 -1.78
C LYS J 84 9.35 2.77 -1.53
N LEU J 85 10.05 3.66 -2.24
CA LEU J 85 9.82 5.10 -2.10
C LEU J 85 9.09 5.65 -3.33
N ASP J 86 7.77 5.82 -3.20
CA ASP J 86 6.96 6.33 -4.30
C ASP J 86 6.63 7.81 -4.09
N LEU J 87 7.40 8.68 -4.74
CA LEU J 87 7.20 10.12 -4.62
C LEU J 87 6.61 10.67 -5.91
N SER J 88 5.33 11.06 -5.86
CA SER J 88 4.64 11.61 -7.03
C SER J 88 4.26 13.06 -6.78
N ASN J 89 4.93 13.98 -7.50
CA ASN J 89 4.67 15.41 -7.37
C ASN J 89 3.96 15.94 -8.61
N VAL J 90 2.72 16.38 -8.43
CA VAL J 90 1.92 16.92 -9.54
C VAL J 90 2.08 18.45 -9.58
N GLN J 91 1.87 19.02 -10.77
CA GLN J 91 1.98 20.47 -10.96
C GLN J 91 0.73 21.01 -11.65
N SER J 92 0.66 22.34 -11.78
CA SER J 92 -0.48 22.99 -12.40
C SER J 92 -0.22 23.25 -13.89
N LYS J 93 -0.81 22.40 -14.74
CA LYS J 93 -0.64 22.51 -16.19
C LYS J 93 -0.89 23.94 -16.67
N CYS J 94 -1.86 24.63 -16.05
CA CYS J 94 -2.18 26.00 -16.41
C CYS J 94 -1.13 26.99 -15.92
N GLY J 95 -0.41 26.62 -14.85
CA GLY J 95 0.63 27.47 -14.28
C GLY J 95 0.03 28.51 -13.35
N SER J 96 0.89 29.16 -12.56
CA SER J 96 0.46 30.18 -11.61
C SER J 96 0.73 31.58 -12.16
N LYS J 97 0.04 32.57 -11.60
CA LYS J 97 0.21 33.96 -12.02
C LYS J 97 0.10 34.89 -10.83
N ASP J 98 1.20 35.59 -10.52
CA ASP J 98 1.22 36.51 -9.39
C ASP J 98 1.98 37.79 -9.74
N ASN J 99 1.46 38.93 -9.28
CA ASN J 99 2.09 40.23 -9.55
C ASN J 99 2.54 40.87 -8.24
N ILE J 100 3.83 41.22 -8.18
CA ILE J 100 4.40 41.85 -6.98
C ILE J 100 5.01 43.21 -7.33
N LYS J 101 4.81 44.19 -6.44
CA LYS J 101 5.34 45.53 -6.65
C LYS J 101 6.23 45.93 -5.47
N HIS J 102 7.42 46.44 -5.79
CA HIS J 102 8.38 46.86 -4.76
C HIS J 102 9.06 48.16 -5.16
N VAL J 103 8.95 49.19 -4.31
CA VAL J 103 9.58 50.48 -4.61
C VAL J 103 10.35 51.01 -3.37
N PRO J 104 11.63 50.68 -3.21
CA PRO J 104 12.45 51.17 -2.05
C PRO J 104 12.29 52.67 -1.81
N GLY J 105 12.14 53.03 -0.53
CA GLY J 105 11.98 54.44 -0.15
C GLY J 105 12.15 54.62 1.35
N GLY J 106 11.64 53.65 2.12
CA GLY J 106 11.72 53.69 3.58
C GLY J 106 12.72 52.64 4.09
N GLY J 107 12.28 51.85 5.06
CA GLY J 107 13.12 50.81 5.64
C GLY J 107 12.33 49.53 5.90
N SER J 108 12.09 48.77 4.83
CA SER J 108 11.34 47.51 4.95
C SER J 108 12.04 46.39 4.18
N VAL J 109 11.62 45.15 4.45
CA VAL J 109 12.21 43.98 3.78
C VAL J 109 11.14 43.22 3.00
N GLN J 110 11.50 42.80 1.79
CA GLN J 110 10.56 42.06 0.93
C GLN J 110 11.25 40.86 0.27
N ILE J 111 10.56 39.72 0.24
CA ILE J 111 11.12 38.52 -0.37
C ILE J 111 10.02 37.72 -1.08
N VAL J 112 10.29 37.31 -2.32
CA VAL J 112 9.32 36.54 -3.11
C VAL J 112 9.96 35.28 -3.69
N TYR J 113 9.29 34.14 -3.49
CA TYR J 113 9.78 32.86 -3.99
C TYR J 113 8.77 32.25 -4.96
N LYS J 114 9.28 31.52 -5.96
CA LYS J 114 8.41 30.87 -6.95
C LYS J 114 8.14 29.42 -6.55
N PRO J 115 7.11 28.78 -7.12
CA PRO J 115 6.77 27.36 -6.78
C PRO J 115 7.98 26.42 -6.88
N VAL J 116 8.22 25.67 -5.81
CA VAL J 116 9.34 24.73 -5.77
C VAL J 116 8.83 23.33 -5.41
N ASP J 117 9.56 22.30 -5.85
CA ASP J 117 9.18 20.92 -5.58
C ASP J 117 10.21 20.24 -4.69
N LEU J 118 9.78 19.86 -3.47
CA LEU J 118 10.66 19.20 -2.51
C LEU J 118 10.14 17.80 -2.21
N SER J 119 10.71 16.80 -2.88
CA SER J 119 10.31 15.41 -2.68
C SER J 119 11.07 14.80 -1.50
N LYS J 120 12.39 14.78 -1.60
CA LYS J 120 13.23 14.22 -0.54
C LYS J 120 14.52 15.03 -0.40
N VAL J 121 15.06 15.06 0.82
CA VAL J 121 16.29 15.79 1.10
C VAL J 121 17.09 15.11 2.21
N THR J 122 18.41 15.05 2.03
CA THR J 122 19.29 14.42 3.02
C THR J 122 20.29 15.44 3.56
N SER J 123 20.08 15.85 4.82
CA SER J 123 20.97 16.83 5.45
C SER J 123 21.28 16.41 6.89
N LYS J 124 22.55 16.07 7.14
CA LYS J 124 22.99 15.65 8.46
C LYS J 124 23.13 16.87 9.38
N CYS J 125 23.88 17.87 8.92
CA CYS J 125 24.09 19.09 9.69
C CYS J 125 24.19 20.29 8.76
N GLY J 126 23.52 21.38 9.15
CA GLY J 126 23.53 22.61 8.36
C GLY J 126 23.42 23.84 9.26
N SER J 127 24.19 24.88 8.92
CA SER J 127 24.19 26.12 9.68
C SER J 127 23.75 27.29 8.80
N LEU J 128 22.66 27.94 9.20
CA LEU J 128 22.13 29.08 8.45
C LEU J 128 21.88 28.70 6.99
N GLY J 129 20.62 28.40 6.68
CA GLY J 129 20.24 28.01 5.33
C GLY J 129 19.72 29.21 4.55
N GLU A 67 -33.11 37.35 -19.63
CA GLU A 67 -32.16 36.22 -19.49
C GLU A 67 -32.91 34.90 -19.70
N ASN A 68 -32.52 34.18 -20.76
CA ASN A 68 -33.16 32.90 -21.10
C ASN A 68 -32.10 31.81 -21.23
N LEU A 69 -31.94 31.02 -20.17
CA LEU A 69 -30.96 29.93 -20.17
C LEU A 69 -31.67 28.58 -20.15
N LYS A 70 -31.12 27.62 -20.89
CA LYS A 70 -31.71 26.28 -20.96
C LYS A 70 -30.62 25.20 -20.94
N HIS A 71 -30.91 24.08 -20.29
CA HIS A 71 -29.96 22.97 -20.19
C HIS A 71 -28.64 23.46 -19.57
N GLN A 72 -28.74 24.02 -18.37
CA GLN A 72 -27.56 24.53 -17.65
C GLN A 72 -27.32 23.74 -16.35
N PRO A 73 -26.86 22.48 -16.44
CA PRO A 73 -26.60 21.64 -15.22
C PRO A 73 -25.87 22.42 -14.13
N GLY A 74 -24.82 23.14 -14.53
CA GLY A 74 -24.03 23.92 -13.58
C GLY A 74 -22.85 23.11 -13.04
N GLY A 75 -23.12 22.34 -11.99
CA GLY A 75 -22.09 21.51 -11.37
C GLY A 75 -22.35 21.33 -9.88
N GLY A 76 -21.93 20.19 -9.34
CA GLY A 76 -22.12 19.90 -7.92
C GLY A 76 -22.31 18.40 -7.70
N LYS A 77 -21.38 17.61 -8.22
CA LYS A 77 -21.44 16.15 -8.09
C LYS A 77 -20.18 15.63 -7.40
N VAL A 78 -20.37 15.02 -6.23
CA VAL A 78 -19.25 14.47 -5.45
C VAL A 78 -19.62 13.11 -4.87
N GLN A 79 -18.67 12.18 -4.90
CA GLN A 79 -18.88 10.83 -4.37
C GLN A 79 -17.67 10.35 -3.60
N ILE A 80 -17.86 10.05 -2.32
CA ILE A 80 -16.77 9.56 -1.47
C ILE A 80 -16.87 8.04 -1.32
N ILE A 81 -15.92 7.33 -1.92
CA ILE A 81 -15.90 5.87 -1.85
C ILE A 81 -14.51 5.38 -1.46
N ASN A 82 -14.44 4.53 -0.44
CA ASN A 82 -13.18 3.98 0.05
C ASN A 82 -13.27 2.47 0.18
N LYS A 83 -12.53 1.75 -0.68
CA LYS A 83 -12.52 0.29 -0.66
C LYS A 83 -11.32 -0.22 0.13
N LYS A 84 -11.60 -0.78 1.31
CA LYS A 84 -10.53 -1.31 2.17
C LYS A 84 -10.59 -2.83 2.23
N LEU A 85 -9.42 -3.45 2.18
CA LEU A 85 -9.31 -4.91 2.23
C LEU A 85 -8.53 -5.34 3.46
N ASP A 86 -8.94 -6.47 4.06
CA ASP A 86 -8.27 -7.00 5.26
C ASP A 86 -7.60 -8.35 4.97
N LEU A 87 -6.41 -8.55 5.54
CA LEU A 87 -5.65 -9.79 5.30
C LEU A 87 -5.72 -10.76 6.47
N SER A 88 -6.13 -12.00 6.18
CA SER A 88 -6.22 -13.05 7.20
C SER A 88 -4.90 -13.79 7.32
N ASN A 89 -4.61 -14.28 8.53
CA ASN A 89 -3.37 -15.02 8.78
C ASN A 89 -3.69 -16.39 9.37
N VAL A 90 -3.05 -17.43 8.81
CA VAL A 90 -3.26 -18.79 9.28
C VAL A 90 -1.92 -19.49 9.49
N GLN A 91 -1.69 -19.96 10.72
CA GLN A 91 -0.44 -20.64 11.05
C GLN A 91 -0.74 -21.97 11.75
N SER A 92 -0.04 -23.03 11.33
CA SER A 92 -0.23 -24.35 11.92
C SER A 92 0.88 -24.66 12.92
N LYS A 93 0.55 -24.55 14.21
CA LYS A 93 1.51 -24.82 15.27
C LYS A 93 1.65 -26.32 15.53
N CYS A 94 0.56 -27.07 15.31
CA CYS A 94 0.57 -28.52 15.52
C CYS A 94 0.42 -29.28 14.19
N GLY A 95 -0.19 -28.63 13.20
CA GLY A 95 -0.39 -29.25 11.89
C GLY A 95 -1.42 -30.38 11.97
N SER A 96 -1.17 -31.45 11.21
CA SER A 96 -2.07 -32.60 11.19
C SER A 96 -1.30 -33.89 10.94
N LYS A 97 -1.59 -34.92 11.74
CA LYS A 97 -0.93 -36.22 11.61
C LYS A 97 -1.96 -37.34 11.53
N ASP A 98 -1.99 -38.03 10.38
CA ASP A 98 -2.93 -39.13 10.18
C ASP A 98 -2.27 -40.28 9.44
N ASN A 99 -2.58 -41.51 9.85
CA ASN A 99 -2.02 -42.71 9.23
C ASN A 99 -3.12 -43.54 8.57
N ILE A 100 -2.95 -43.82 7.28
CA ILE A 100 -3.92 -44.62 6.53
C ILE A 100 -3.35 -46.00 6.24
N LYS A 101 -3.99 -47.04 6.81
CA LYS A 101 -3.53 -48.42 6.61
C LYS A 101 -4.72 -49.34 6.37
N HIS A 102 -4.97 -49.64 5.09
CA HIS A 102 -6.08 -50.52 4.71
C HIS A 102 -5.63 -51.47 3.60
N VAL A 103 -6.12 -52.72 3.66
CA VAL A 103 -5.77 -53.73 2.66
C VAL A 103 -7.00 -54.10 1.80
N PRO A 104 -7.21 -53.48 0.63
CA PRO A 104 -8.39 -53.79 -0.24
C PRO A 104 -8.48 -55.27 -0.58
N GLY A 105 -9.67 -55.84 -0.39
CA GLY A 105 -9.91 -57.26 -0.68
C GLY A 105 -11.31 -57.48 -1.21
N GLY A 106 -11.47 -57.34 -2.53
CA GLY A 106 -12.77 -57.52 -3.17
C GLY A 106 -13.12 -56.31 -4.02
N GLY A 107 -14.33 -55.77 -3.81
CA GLY A 107 -14.79 -54.60 -4.55
C GLY A 107 -15.23 -53.49 -3.61
N SER A 108 -14.27 -52.68 -3.16
CA SER A 108 -14.55 -51.58 -2.23
C SER A 108 -13.79 -50.32 -2.64
N VAL A 109 -14.06 -49.22 -1.92
CA VAL A 109 -13.39 -47.95 -2.21
C VAL A 109 -12.81 -47.35 -0.93
N GLN A 110 -11.64 -46.71 -1.05
CA GLN A 110 -10.98 -46.10 0.10
C GLN A 110 -10.64 -44.64 -0.18
N ILE A 111 -11.20 -43.74 0.63
CA ILE A 111 -10.97 -42.31 0.48
C ILE A 111 -10.87 -41.63 1.84
N VAL A 112 -10.00 -40.64 1.94
CA VAL A 112 -9.80 -39.88 3.18
C VAL A 112 -9.90 -38.38 2.90
N TYR A 113 -10.94 -37.74 3.44
CA TYR A 113 -11.15 -36.31 3.24
C TYR A 113 -10.61 -35.52 4.43
N LYS A 114 -9.64 -34.65 4.16
CA LYS A 114 -9.04 -33.82 5.19
C LYS A 114 -9.85 -32.52 5.40
N PRO A 115 -9.64 -31.78 6.49
CA PRO A 115 -10.42 -30.52 6.76
C PRO A 115 -10.08 -29.38 5.79
N VAL A 116 -10.91 -28.33 5.81
CA VAL A 116 -10.70 -27.17 4.95
C VAL A 116 -11.01 -25.89 5.74
N ASP A 117 -10.12 -24.90 5.63
CA ASP A 117 -10.30 -23.64 6.33
C ASP A 117 -10.89 -22.57 5.40
N LEU A 118 -12.11 -22.13 5.71
CA LEU A 118 -12.78 -21.11 4.90
C LEU A 118 -12.90 -19.81 5.68
N SER A 119 -12.14 -18.79 5.26
CA SER A 119 -12.18 -17.49 5.92
C SER A 119 -13.28 -16.63 5.32
N LYS A 120 -13.17 -16.36 4.01
CA LYS A 120 -14.17 -15.54 3.31
C LYS A 120 -14.34 -16.06 1.87
N VAL A 121 -15.59 -16.35 1.51
CA VAL A 121 -15.90 -16.87 0.17
C VAL A 121 -17.29 -16.38 -0.25
N THR A 122 -17.36 -15.83 -1.46
CA THR A 122 -18.63 -15.32 -2.01
C THR A 122 -18.87 -15.90 -3.40
N SER A 123 -20.11 -16.33 -3.65
CA SER A 123 -20.49 -16.91 -4.94
C SER A 123 -21.91 -16.51 -5.31
N LYS A 124 -22.03 -15.65 -6.33
CA LYS A 124 -23.34 -15.19 -6.79
C LYS A 124 -24.16 -16.36 -7.32
N CYS A 125 -23.56 -17.12 -8.24
CA CYS A 125 -24.23 -18.28 -8.83
C CYS A 125 -23.27 -19.46 -8.94
N GLY A 126 -23.82 -20.67 -8.84
CA GLY A 126 -23.01 -21.89 -8.91
C GLY A 126 -22.81 -22.31 -10.36
N SER A 127 -22.92 -23.62 -10.61
CA SER A 127 -22.75 -24.16 -11.95
C SER A 127 -24.09 -24.47 -12.59
N LEU A 128 -24.08 -24.69 -13.90
CA LEU A 128 -25.31 -24.98 -14.64
C LEU A 128 -25.41 -26.48 -14.93
N GLY A 129 -26.23 -27.17 -14.14
CA GLY A 129 -26.41 -28.62 -14.31
C GLY A 129 -26.39 -29.33 -12.96
N GLU B 67 20.43 -38.75 30.23
CA GLU B 67 20.30 -37.53 29.41
C GLU B 67 20.24 -36.30 30.31
N ASN B 68 21.24 -35.43 30.20
CA ASN B 68 21.30 -34.21 31.01
C ASN B 68 21.47 -32.99 30.12
N LEU B 69 20.36 -32.30 29.85
CA LEU B 69 20.38 -31.10 29.01
C LEU B 69 20.09 -29.86 29.85
N LYS B 70 20.78 -28.76 29.54
CA LYS B 70 20.58 -27.51 30.27
C LYS B 70 20.61 -26.32 29.31
N HIS B 71 19.79 -25.31 29.61
CA HIS B 71 19.71 -24.11 28.77
C HIS B 71 19.37 -24.49 27.32
N GLN B 72 18.24 -25.18 27.16
CA GLN B 72 17.79 -25.62 25.83
C GLN B 72 16.45 -24.94 25.45
N PRO B 73 16.46 -23.63 25.14
CA PRO B 73 15.21 -22.90 24.76
C PRO B 73 14.35 -23.69 23.77
N GLY B 74 15.00 -24.22 22.74
CA GLY B 74 14.30 -25.00 21.72
C GLY B 74 13.85 -24.11 20.56
N GLY B 75 12.68 -23.48 20.72
CA GLY B 75 12.14 -22.60 19.69
C GLY B 75 10.62 -22.62 19.71
N GLY B 76 10.02 -21.49 19.32
CA GLY B 76 8.56 -21.37 19.30
C GLY B 76 8.12 -19.95 19.60
N LYS B 77 8.69 -18.99 18.87
CA LYS B 77 8.36 -17.57 19.05
C LYS B 77 7.82 -16.97 17.76
N VAL B 78 6.57 -16.52 17.80
CA VAL B 78 5.94 -15.92 16.63
C VAL B 78 5.13 -14.69 17.04
N GLN B 79 5.19 -13.65 16.21
CA GLN B 79 4.48 -12.40 16.47
C GLN B 79 3.86 -11.85 15.19
N ILE B 80 2.53 -11.71 15.20
CA ILE B 80 1.81 -11.19 14.04
C ILE B 80 1.46 -9.72 14.27
N ILE B 81 2.11 -8.82 13.52
CA ILE B 81 1.88 -7.39 13.65
C ILE B 81 1.66 -6.77 12.26
N ASN B 82 0.56 -6.03 12.12
CA ASN B 82 0.22 -5.38 10.85
C ASN B 82 -0.12 -3.91 11.07
N LYS B 83 0.75 -3.03 10.58
CA LYS B 83 0.55 -1.58 10.72
C LYS B 83 -0.09 -1.01 9.47
N LYS B 84 -1.36 -0.61 9.58
CA LYS B 84 -2.10 -0.05 8.46
C LYS B 84 -2.35 1.44 8.66
N LEU B 85 -2.19 2.20 7.59
CA LEU B 85 -2.40 3.66 7.63
C LEU B 85 -3.54 4.05 6.69
N ASP B 86 -4.33 5.04 7.10
CA ASP B 86 -5.47 5.52 6.31
C ASP B 86 -5.24 6.96 5.85
N LEU B 87 -5.63 7.26 4.60
CA LEU B 87 -5.43 8.61 4.03
C LEU B 87 -6.71 9.43 4.00
N SER B 88 -6.64 10.63 4.58
CA SER B 88 -7.78 11.55 4.61
C SER B 88 -7.78 12.43 3.37
N ASN B 89 -8.99 12.83 2.92
CA ASN B 89 -9.13 13.68 1.75
C ASN B 89 -9.92 14.93 2.11
N VAL B 90 -9.40 16.09 1.68
CA VAL B 90 -10.06 17.37 1.97
C VAL B 90 -10.13 18.21 0.68
N GLN B 91 -11.36 18.57 0.29
CA GLN B 91 -11.58 19.37 -0.91
C GLN B 91 -12.48 20.56 -0.60
N SER B 92 -12.08 21.74 -1.10
CA SER B 92 -12.84 22.96 -0.88
C SER B 92 -13.69 23.29 -2.10
N LYS B 93 -14.99 23.01 -2.01
CA LYS B 93 -15.92 23.29 -3.12
C LYS B 93 -16.33 24.76 -3.13
N CYS B 94 -16.37 25.38 -1.95
CA CYS B 94 -16.76 26.80 -1.84
C CYS B 94 -15.59 27.67 -1.39
N GLY B 95 -14.62 27.05 -0.68
CA GLY B 95 -13.45 27.78 -0.19
C GLY B 95 -13.83 28.75 0.92
N SER B 96 -13.18 29.92 0.92
CA SER B 96 -13.45 30.94 1.92
C SER B 96 -13.25 32.34 1.35
N LYS B 97 -14.21 33.23 1.62
CA LYS B 97 -14.13 34.60 1.13
C LYS B 97 -14.36 35.60 2.27
N ASP B 98 -13.33 36.40 2.56
CA ASP B 98 -13.41 37.38 3.64
C ASP B 98 -12.72 38.68 3.24
N ASN B 99 -13.33 39.80 3.61
CA ASN B 99 -12.76 41.12 3.29
C ASN B 99 -12.41 41.87 4.58
N ILE B 100 -11.16 42.32 4.66
CA ILE B 100 -10.68 43.05 5.84
C ILE B 100 -10.48 44.52 5.46
N LYS B 101 -11.26 45.40 6.10
CA LYS B 101 -11.17 46.84 5.84
C LYS B 101 -11.24 47.64 7.14
N HIS B 102 -10.06 48.02 7.64
CA HIS B 102 -9.97 48.80 8.89
C HIS B 102 -8.93 49.91 8.75
N VAL B 103 -9.23 51.07 9.35
CA VAL B 103 -8.31 52.22 9.28
C VAL B 103 -7.72 52.51 10.68
N PRO B 104 -6.53 51.99 11.02
CA PRO B 104 -5.90 52.25 12.35
C PRO B 104 -5.77 53.73 12.66
N GLY B 105 -6.22 54.13 13.85
CA GLY B 105 -6.15 55.52 14.28
C GLY B 105 -5.88 55.62 15.79
N GLY B 106 -4.59 55.60 16.14
CA GLY B 106 -4.20 55.68 17.55
C GLY B 106 -3.27 54.52 17.91
N GLY B 107 -3.60 53.82 19.00
CA GLY B 107 -2.80 52.69 19.45
C GLY B 107 -3.66 51.44 19.60
N SER B 108 -3.85 50.72 18.50
CA SER B 108 -4.66 49.50 18.51
C SER B 108 -3.98 48.39 17.69
N VAL B 109 -4.59 47.20 17.71
CA VAL B 109 -4.05 46.06 16.98
C VAL B 109 -5.13 45.41 16.12
N GLN B 110 -4.75 44.94 14.94
CA GLN B 110 -5.70 44.30 14.01
C GLN B 110 -5.19 42.93 13.58
N ILE B 111 -5.97 41.89 13.89
CA ILE B 111 -5.59 40.52 13.54
C ILE B 111 -6.84 39.72 13.14
N VAL B 112 -6.66 38.84 12.15
CA VAL B 112 -7.76 37.99 11.66
C VAL B 112 -7.31 36.53 11.65
N TYR B 113 -7.93 35.71 12.50
CA TYR B 113 -7.58 34.29 12.60
C TYR B 113 -8.57 33.45 11.78
N LYS B 114 -8.03 32.74 10.79
CA LYS B 114 -8.84 31.89 9.92
C LYS B 114 -9.01 30.49 10.54
N PRO B 115 -9.95 29.66 10.07
CA PRO B 115 -10.19 28.30 10.66
C PRO B 115 -9.06 27.33 10.36
N VAL B 116 -9.07 26.18 11.06
CA VAL B 116 -8.06 25.15 10.88
C VAL B 116 -8.72 23.78 10.91
N ASP B 117 -8.34 22.92 9.96
CA ASP B 117 -8.90 21.57 9.88
C ASP B 117 -7.95 20.55 10.50
N LEU B 118 -8.40 19.92 11.59
CA LEU B 118 -7.58 18.92 12.28
C LEU B 118 -8.20 17.53 12.13
N SER B 119 -7.55 16.67 11.36
CA SER B 119 -8.03 15.32 11.14
C SER B 119 -7.51 14.39 12.23
N LYS B 120 -6.19 14.27 12.32
CA LYS B 120 -5.55 13.42 13.32
C LYS B 120 -4.25 14.05 13.81
N VAL B 121 -4.13 14.23 15.13
CA VAL B 121 -2.93 14.83 15.72
C VAL B 121 -2.67 14.22 17.09
N THR B 122 -1.43 13.79 17.31
CA THR B 122 -1.03 13.19 18.60
C THR B 122 0.22 13.88 19.14
N SER B 123 0.20 14.17 20.44
CA SER B 123 1.34 14.83 21.09
C SER B 123 1.52 14.29 22.51
N LYS B 124 2.61 13.54 22.70
CA LYS B 124 2.91 12.97 24.02
C LYS B 124 3.15 14.07 25.04
N CYS B 125 4.04 15.00 24.70
CA CYS B 125 4.38 16.12 25.58
C CYS B 125 4.48 17.41 24.79
N GLY B 126 4.14 18.53 25.44
CA GLY B 126 4.20 19.84 24.79
C GLY B 126 5.60 20.44 24.89
N SER B 127 5.67 21.73 25.17
CA SER B 127 6.94 22.43 25.29
C SER B 127 7.31 22.62 26.76
N LEU B 128 8.57 22.99 27.00
CA LEU B 128 9.06 23.20 28.36
C LEU B 128 9.15 24.69 28.66
N GLY B 129 8.15 25.20 29.40
CA GLY B 129 8.12 26.62 29.77
C GLY B 129 6.71 27.18 29.59
N GLU C 67 -29.31 37.85 -22.72
CA GLU C 67 -28.36 36.71 -22.57
C GLU C 67 -29.11 35.40 -22.79
N ASN C 68 -28.73 34.68 -23.85
CA ASN C 68 -29.37 33.40 -24.17
C ASN C 68 -28.32 32.30 -24.32
N LEU C 69 -28.14 31.52 -23.26
CA LEU C 69 -27.17 30.43 -23.27
C LEU C 69 -27.89 29.07 -23.25
N LYS C 70 -27.34 28.11 -24.00
CA LYS C 70 -27.93 26.77 -24.06
C LYS C 70 -26.84 25.70 -24.05
N HIS C 71 -27.14 24.58 -23.39
CA HIS C 71 -26.19 23.47 -23.31
C HIS C 71 -24.87 23.94 -22.69
N GLN C 72 -24.96 24.50 -21.48
CA GLN C 72 -23.78 25.02 -20.77
C GLN C 72 -23.54 24.22 -19.47
N PRO C 73 -23.08 22.97 -19.56
CA PRO C 73 -22.81 22.12 -18.35
C PRO C 73 -22.08 22.90 -17.25
N GLY C 74 -21.02 23.61 -17.66
CA GLY C 74 -20.23 24.39 -16.72
C GLY C 74 -19.05 23.58 -16.18
N GLY C 75 -19.31 22.80 -15.12
CA GLY C 75 -18.29 21.97 -14.51
C GLY C 75 -18.54 21.80 -13.01
N GLY C 76 -18.12 20.65 -12.49
CA GLY C 76 -18.31 20.35 -11.07
C GLY C 76 -18.50 18.86 -10.83
N LYS C 77 -17.57 18.07 -11.37
CA LYS C 77 -17.63 16.61 -11.24
C LYS C 77 -16.38 16.08 -10.55
N VAL C 78 -16.55 15.47 -9.38
CA VAL C 78 -15.44 14.92 -8.62
C VAL C 78 -15.81 13.56 -8.03
N GLN C 79 -14.85 12.63 -8.06
CA GLN C 79 -15.08 11.29 -7.54
C GLN C 79 -13.86 10.79 -6.78
N ILE C 80 -14.05 10.49 -5.49
CA ILE C 80 -12.96 10.00 -4.64
C ILE C 80 -13.06 8.48 -4.49
N ILE C 81 -12.12 7.77 -5.10
CA ILE C 81 -12.10 6.30 -5.03
C ILE C 81 -10.70 5.81 -4.65
N ASN C 82 -10.64 4.96 -3.62
CA ASN C 82 -9.37 4.42 -3.15
C ASN C 82 -9.47 2.90 -3.02
N LYS C 83 -8.74 2.18 -3.88
CA LYS C 83 -8.73 0.72 -3.86
C LYS C 83 -7.53 0.21 -3.07
N LYS C 84 -7.79 -0.35 -1.90
CA LYS C 84 -6.73 -0.88 -1.04
C LYS C 84 -6.79 -2.41 -0.98
N LEU C 85 -5.61 -3.04 -1.04
CA LEU C 85 -5.51 -4.50 -1.00
C LEU C 85 -4.73 -4.93 0.24
N ASP C 86 -5.13 -6.06 0.83
CA ASP C 86 -4.47 -6.58 2.03
C ASP C 86 -3.80 -7.93 1.73
N LEU C 87 -2.60 -8.15 2.30
CA LEU C 87 -1.85 -9.39 2.05
C LEU C 87 -1.91 -10.36 3.23
N SER C 88 -2.33 -11.59 2.93
CA SER C 88 -2.43 -12.64 3.95
C SER C 88 -1.10 -13.39 4.07
N ASN C 89 -0.81 -13.88 5.28
CA ASN C 89 0.42 -14.61 5.54
C ASN C 89 0.10 -16.00 6.11
N VAL C 90 0.74 -17.03 5.56
CA VAL C 90 0.52 -18.40 6.02
C VAL C 90 1.87 -19.10 6.22
N GLN C 91 2.10 -19.57 7.45
CA GLN C 91 3.35 -20.26 7.78
C GLN C 91 3.05 -21.58 8.48
N SER C 92 3.75 -22.63 8.05
CA SER C 92 3.56 -23.96 8.64
C SER C 92 4.67 -24.28 9.64
N LYS C 93 4.34 -24.16 10.92
CA LYS C 93 5.31 -24.44 11.99
C LYS C 93 5.44 -25.94 12.24
N CYS C 94 4.35 -26.69 12.02
CA CYS C 94 4.35 -28.14 12.23
C CYS C 94 4.21 -28.89 10.91
N GLY C 95 3.59 -28.25 9.92
CA GLY C 95 3.39 -28.87 8.60
C GLY C 95 2.35 -29.99 8.68
N SER C 96 2.60 -31.06 7.92
CA SER C 96 1.70 -32.21 7.91
C SER C 96 2.47 -33.50 7.65
N LYS C 97 2.17 -34.53 8.45
CA LYS C 97 2.83 -35.83 8.32
C LYS C 97 1.80 -36.96 8.24
N ASP C 98 1.77 -37.64 7.10
CA ASP C 98 0.82 -38.74 6.89
C ASP C 98 1.48 -39.89 6.14
N ASN C 99 1.16 -41.11 6.56
CA ASN C 99 1.72 -42.31 5.92
C ASN C 99 0.61 -43.14 5.28
N ILE C 100 0.78 -43.42 3.98
CA ILE C 100 -0.20 -44.22 3.24
C ILE C 100 0.38 -45.60 2.95
N LYS C 101 -0.27 -46.64 3.51
CA LYS C 101 0.18 -48.02 3.31
C LYS C 101 -1.01 -48.94 3.08
N HIS C 102 -1.26 -49.24 1.80
CA HIS C 102 -2.36 -50.11 1.41
C HIS C 102 -1.93 -51.06 0.30
N VAL C 103 -2.42 -52.31 0.36
CA VAL C 103 -2.08 -53.32 -0.64
C VAL C 103 -3.32 -53.69 -1.50
N PRO C 104 -3.52 -53.07 -2.66
CA PRO C 104 -4.71 -53.37 -3.53
C PRO C 104 -4.80 -54.85 -3.87
N GLY C 105 -6.00 -55.42 -3.67
CA GLY C 105 -6.23 -56.84 -3.96
C GLY C 105 -7.65 -57.05 -4.49
N GLY C 106 -7.80 -56.91 -5.81
CA GLY C 106 -9.10 -57.08 -6.46
C GLY C 106 -9.46 -55.86 -7.30
N GLY C 107 -10.66 -55.33 -7.08
CA GLY C 107 -11.13 -54.16 -7.82
C GLY C 107 -11.56 -53.04 -6.88
N SER C 108 -10.58 -52.25 -6.43
CA SER C 108 -10.88 -51.15 -5.51
C SER C 108 -10.12 -49.88 -5.91
N VAL C 109 -10.37 -48.78 -5.19
CA VAL C 109 -9.71 -47.51 -5.48
C VAL C 109 -9.12 -46.92 -4.19
N GLN C 110 -7.96 -46.28 -4.32
CA GLN C 110 -7.28 -45.68 -3.17
C GLN C 110 -6.94 -44.22 -3.45
N ILE C 111 -7.50 -43.32 -2.63
CA ILE C 111 -7.26 -41.89 -2.79
C ILE C 111 -7.16 -41.21 -1.41
N VAL C 112 -6.28 -40.21 -1.33
CA VAL C 112 -6.09 -39.46 -0.08
C VAL C 112 -6.17 -37.96 -0.36
N TYR C 113 -7.21 -37.32 0.19
CA TYR C 113 -7.42 -35.89 -0.01
C TYR C 113 -6.88 -35.10 1.17
N LYS C 114 -5.90 -34.23 0.89
CA LYS C 114 -5.29 -33.40 1.93
C LYS C 114 -6.10 -32.11 2.13
N PRO C 115 -5.89 -31.36 3.23
CA PRO C 115 -6.67 -30.10 3.50
C PRO C 115 -6.32 -28.96 2.55
N VAL C 116 -7.15 -27.92 2.57
CA VAL C 116 -6.94 -26.75 1.71
C VAL C 116 -7.25 -25.47 2.50
N ASP C 117 -6.36 -24.49 2.38
CA ASP C 117 -6.53 -23.22 3.09
C ASP C 117 -7.12 -22.16 2.16
N LEU C 118 -8.33 -21.70 2.48
CA LEU C 118 -9.01 -20.69 1.67
C LEU C 118 -9.13 -19.38 2.45
N SER C 119 -8.37 -18.38 2.03
CA SER C 119 -8.40 -17.07 2.69
C SER C 119 -9.50 -16.20 2.09
N LYS C 120 -9.39 -15.93 0.79
CA LYS C 120 -10.39 -15.12 0.09
C LYS C 120 -10.57 -15.63 -1.34
N VAL C 121 -11.83 -15.93 -1.69
CA VAL C 121 -12.14 -16.43 -3.04
C VAL C 121 -13.53 -15.94 -3.46
N THR C 122 -13.60 -15.39 -4.67
CA THR C 122 -14.86 -14.88 -5.21
C THR C 122 -15.13 -15.46 -6.60
N SER C 123 -16.37 -15.88 -6.84
CA SER C 123 -16.75 -16.46 -8.13
C SER C 123 -18.17 -16.06 -8.50
N LYS C 124 -18.28 -15.19 -9.52
CA LYS C 124 -19.60 -14.73 -9.98
C LYS C 124 -20.42 -15.89 -10.50
N CYS C 125 -19.83 -16.66 -11.42
CA CYS C 125 -20.51 -17.81 -12.02
C CYS C 125 -19.55 -18.99 -12.12
N GLY C 126 -20.10 -20.21 -12.02
CA GLY C 126 -19.30 -21.43 -12.10
C GLY C 126 -19.11 -21.85 -13.56
N SER C 127 -19.20 -23.16 -13.80
CA SER C 127 -19.04 -23.70 -15.15
C SER C 127 -20.40 -23.99 -15.78
N LEU C 128 -20.39 -24.22 -17.10
CA LEU C 128 -21.62 -24.51 -17.83
C LEU C 128 -21.73 -26.00 -18.13
N GLY C 129 -22.54 -26.70 -17.33
CA GLY C 129 -22.73 -28.14 -17.51
C GLY C 129 -22.69 -28.86 -16.16
N GLU D 67 24.12 -38.45 26.99
CA GLU D 67 23.98 -37.22 26.16
C GLU D 67 23.92 -36.00 27.08
N ASN D 68 24.92 -35.13 26.96
CA ASN D 68 24.99 -33.92 27.78
C ASN D 68 25.17 -32.68 26.89
N LEU D 69 24.06 -31.99 26.62
CA LEU D 69 24.08 -30.79 25.79
C LEU D 69 23.78 -29.56 26.62
N LYS D 70 24.47 -28.46 26.32
CA LYS D 70 24.29 -27.21 27.06
C LYS D 70 24.31 -26.02 26.10
N HIS D 71 23.49 -25.01 26.39
CA HIS D 71 23.42 -23.81 25.57
C HIS D 71 23.09 -24.18 24.11
N GLN D 72 21.95 -24.87 23.94
CA GLN D 72 21.51 -25.30 22.60
C GLN D 72 20.17 -24.61 22.23
N PRO D 73 20.17 -23.31 21.92
CA PRO D 73 18.93 -22.57 21.54
C PRO D 73 18.08 -23.36 20.55
N GLY D 74 18.72 -23.88 19.51
CA GLY D 74 18.02 -24.66 18.49
C GLY D 74 17.59 -23.77 17.34
N GLY D 75 16.41 -23.14 17.49
CA GLY D 75 15.88 -22.25 16.46
C GLY D 75 14.36 -22.27 16.48
N GLY D 76 13.76 -21.14 16.09
CA GLY D 76 12.30 -21.02 16.06
C GLY D 76 11.87 -19.59 16.36
N LYS D 77 12.44 -18.63 15.64
CA LYS D 77 12.12 -17.22 15.83
C LYS D 77 11.58 -16.61 14.53
N VAL D 78 10.33 -16.16 14.57
CA VAL D 78 9.70 -15.56 13.40
C VAL D 78 8.89 -14.32 13.81
N GLN D 79 8.96 -13.28 12.98
CA GLN D 79 8.23 -12.03 13.25
C GLN D 79 7.63 -11.47 11.97
N ILE D 80 6.30 -11.34 11.97
CA ILE D 80 5.58 -10.80 10.80
C ILE D 80 5.23 -9.34 11.04
N ILE D 81 5.89 -8.45 10.29
CA ILE D 81 5.65 -7.01 10.43
C ILE D 81 5.44 -6.39 9.05
N ASN D 82 4.34 -5.65 8.89
CA ASN D 82 4.01 -5.00 7.63
C ASN D 82 3.67 -3.52 7.86
N LYS D 83 4.54 -2.64 7.37
CA LYS D 83 4.35 -1.20 7.52
C LYS D 83 3.71 -0.62 6.26
N LYS D 84 2.44 -0.23 6.37
CA LYS D 84 1.70 0.34 5.24
C LYS D 84 1.46 1.84 5.45
N LEU D 85 1.61 2.60 4.38
CA LEU D 85 1.41 4.05 4.43
C LEU D 85 0.28 4.45 3.48
N ASP D 86 -0.51 5.45 3.90
CA ASP D 86 -1.64 5.92 3.09
C ASP D 86 -1.40 7.38 2.64
N LEU D 87 -1.79 7.68 1.39
CA LEU D 87 -1.59 9.03 0.82
C LEU D 87 -2.87 9.85 0.79
N SER D 88 -2.80 11.04 1.38
CA SER D 88 -3.95 11.96 1.41
C SER D 88 -3.94 12.86 0.17
N ASN D 89 -5.14 13.24 -0.27
CA ASN D 89 -5.29 14.10 -1.45
C ASN D 89 -6.07 15.36 -1.08
N VAL D 90 -5.56 16.51 -1.50
CA VAL D 90 -6.21 17.80 -1.22
C VAL D 90 -6.28 18.63 -2.50
N GLN D 91 -7.51 19.00 -2.90
CA GLN D 91 -7.72 19.80 -4.10
C GLN D 91 -8.61 20.99 -3.79
N SER D 92 -8.21 22.17 -4.28
CA SER D 92 -8.98 23.40 -4.06
C SER D 92 -9.82 23.73 -5.29
N LYS D 93 -11.12 23.45 -5.20
CA LYS D 93 -12.04 23.73 -6.30
C LYS D 93 -12.46 25.21 -6.33
N CYS D 94 -12.51 25.83 -5.14
CA CYS D 94 -12.89 27.24 -5.02
C CYS D 94 -11.71 28.10 -4.57
N GLY D 95 -10.75 27.50 -3.85
CA GLY D 95 -9.58 28.21 -3.36
C GLY D 95 -9.97 29.18 -2.25
N SER D 96 -9.32 30.35 -2.24
CA SER D 96 -9.59 31.38 -1.23
C SER D 96 -9.38 32.77 -1.80
N LYS D 97 -10.33 33.66 -1.54
CA LYS D 97 -10.26 35.04 -2.03
C LYS D 97 -10.48 36.03 -0.89
N ASP D 98 -9.46 36.82 -0.58
CA ASP D 98 -9.55 37.81 0.50
C ASP D 98 -8.84 39.10 0.10
N ASN D 99 -9.46 40.23 0.47
CA ASN D 99 -8.90 41.54 0.16
C ASN D 99 -8.55 42.29 1.45
N ILE D 100 -7.29 42.73 1.54
CA ILE D 100 -6.81 43.46 2.72
C ILE D 100 -6.61 44.94 2.35
N LYS D 101 -7.39 45.81 2.99
CA LYS D 101 -7.29 47.26 2.73
C LYS D 101 -7.36 48.05 4.03
N HIS D 102 -6.19 48.44 4.54
CA HIS D 102 -6.10 49.20 5.78
C HIS D 102 -5.06 50.31 5.65
N VAL D 103 -5.36 51.47 6.26
CA VAL D 103 -4.44 52.62 6.20
C VAL D 103 -3.85 52.92 7.60
N PRO D 104 -2.66 52.39 7.94
CA PRO D 104 -2.04 52.64 9.28
C PRO D 104 -1.91 54.13 9.59
N GLY D 105 -2.36 54.51 10.79
CA GLY D 105 -2.29 55.91 11.21
C GLY D 105 -2.02 56.00 12.71
N GLY D 106 -0.74 55.98 13.08
CA GLY D 106 -0.34 56.05 14.49
C GLY D 106 0.58 54.90 14.85
N GLY D 107 0.24 54.19 15.93
CA GLY D 107 1.04 53.05 16.39
C GLY D 107 0.18 51.80 16.54
N SER D 108 -0.01 51.09 15.41
CA SER D 108 -0.82 49.88 15.42
C SER D 108 -0.15 48.77 14.61
N VAL D 109 -0.75 47.58 14.63
CA VAL D 109 -0.21 46.43 13.88
C VAL D 109 -1.29 45.80 13.02
N GLN D 110 -0.91 45.32 11.83
CA GLN D 110 -1.85 44.69 10.91
C GLN D 110 -1.34 43.32 10.47
N ILE D 111 -2.12 42.28 10.78
CA ILE D 111 -1.75 40.91 10.42
C ILE D 111 -2.99 40.11 10.02
N VAL D 112 -2.82 39.23 9.03
CA VAL D 112 -3.92 38.38 8.54
C VAL D 112 -3.47 36.92 8.52
N TYR D 113 -4.09 36.10 9.38
CA TYR D 113 -3.74 34.69 9.46
C TYR D 113 -4.73 33.84 8.64
N LYS D 114 -4.19 33.14 7.65
CA LYS D 114 -5.00 32.29 6.77
C LYS D 114 -5.17 30.89 7.39
N PRO D 115 -6.11 30.07 6.91
CA PRO D 115 -6.35 28.70 7.49
C PRO D 115 -5.22 27.72 7.20
N VAL D 116 -5.24 26.59 7.90
CA VAL D 116 -4.23 25.55 7.72
C VAL D 116 -4.88 24.17 7.75
N ASP D 117 -4.51 23.32 6.80
CA ASP D 117 -5.07 21.97 6.71
C ASP D 117 -4.13 20.94 7.32
N LEU D 118 -4.57 20.32 8.41
CA LEU D 118 -3.76 19.31 9.11
C LEU D 118 -4.39 17.93 8.96
N SER D 119 -3.73 17.07 8.18
CA SER D 119 -4.21 15.71 7.95
C SER D 119 -3.71 14.78 9.04
N LYS D 120 -2.37 14.67 9.13
CA LYS D 120 -1.75 13.81 10.14
C LYS D 120 -0.44 14.43 10.63
N VAL D 121 -0.33 14.61 11.95
CA VAL D 121 0.87 15.21 12.54
C VAL D 121 1.12 14.60 13.92
N THR D 122 2.36 14.16 14.14
CA THR D 122 2.75 13.56 15.42
C THR D 122 4.01 14.24 15.98
N SER D 123 3.98 14.53 17.28
CA SER D 123 5.12 15.19 17.93
C SER D 123 5.30 14.65 19.35
N LYS D 124 6.38 13.88 19.55
CA LYS D 124 6.68 13.31 20.86
C LYS D 124 6.92 14.42 21.89
N CYS D 125 7.82 15.34 21.55
CA CYS D 125 8.15 16.45 22.44
C CYS D 125 8.27 17.75 21.64
N GLY D 126 7.93 18.87 22.29
CA GLY D 126 7.99 20.18 21.65
C GLY D 126 9.38 20.78 21.76
N SER D 127 9.44 22.07 22.04
CA SER D 127 10.73 22.78 22.17
C SER D 127 11.09 22.96 23.64
N LEU D 128 12.35 23.32 23.89
CA LEU D 128 12.83 23.52 25.25
C LEU D 128 12.92 25.02 25.56
N GLY D 129 11.93 25.52 26.30
CA GLY D 129 11.88 26.94 26.66
C GLY D 129 10.48 27.51 26.48
N GLU E 67 -25.50 38.35 -25.80
CA GLU E 67 -24.56 37.21 -25.65
C GLU E 67 -25.31 35.90 -25.87
N ASN E 68 -24.94 35.19 -26.93
CA ASN E 68 -25.57 33.91 -27.26
C ASN E 68 -24.54 32.81 -27.42
N LEU E 69 -24.36 32.02 -26.35
CA LEU E 69 -23.38 30.92 -26.36
C LEU E 69 -24.10 29.58 -26.35
N LYS E 70 -23.56 28.61 -27.09
CA LYS E 70 -24.15 27.27 -27.15
C LYS E 70 -23.07 26.21 -27.16
N HIS E 71 -23.37 25.08 -26.50
CA HIS E 71 -22.41 23.96 -26.41
C HIS E 71 -21.09 24.45 -25.80
N GLN E 72 -21.19 25.00 -24.60
CA GLN E 72 -20.00 25.50 -23.88
C GLN E 72 -19.76 24.70 -22.58
N PRO E 73 -19.30 23.45 -22.68
CA PRO E 73 -19.02 22.60 -21.47
C PRO E 73 -18.29 23.37 -20.38
N GLY E 74 -17.23 24.09 -20.78
CA GLY E 74 -16.44 24.87 -19.84
C GLY E 74 -15.27 24.05 -19.31
N GLY E 75 -15.53 23.27 -18.26
CA GLY E 75 -14.49 22.44 -17.65
C GLY E 75 -14.74 22.27 -16.16
N GLY E 76 -14.33 21.11 -15.63
CA GLY E 76 -14.50 20.82 -14.20
C GLY E 76 -14.70 19.32 -13.98
N LYS E 77 -13.78 18.52 -14.52
CA LYS E 77 -13.84 17.07 -14.38
C LYS E 77 -12.58 16.54 -13.70
N VAL E 78 -12.75 15.93 -12.53
CA VAL E 78 -11.64 15.38 -11.77
C VAL E 78 -12.01 14.01 -11.19
N GLN E 79 -11.06 13.07 -11.22
CA GLN E 79 -11.28 11.74 -10.70
C GLN E 79 -10.06 11.24 -9.94
N ILE E 80 -10.25 10.94 -8.66
CA ILE E 80 -9.15 10.45 -7.82
C ILE E 80 -9.26 8.93 -7.67
N ILE E 81 -8.31 8.21 -8.28
CA ILE E 81 -8.30 6.74 -8.22
C ILE E 81 -6.91 6.25 -7.84
N ASN E 82 -6.84 5.40 -6.81
CA ASN E 82 -5.57 4.85 -6.35
C ASN E 82 -5.67 3.33 -6.22
N LYS E 83 -4.94 2.61 -7.08
CA LYS E 83 -4.95 1.16 -7.06
C LYS E 83 -3.74 0.63 -6.28
N LYS E 84 -4.00 0.08 -5.10
CA LYS E 84 -2.94 -0.46 -4.25
C LYS E 84 -3.00 -1.99 -4.20
N LEU E 85 -1.83 -2.61 -4.26
CA LEU E 85 -1.73 -4.08 -4.22
C LEU E 85 -0.93 -4.51 -2.99
N ASP E 86 -1.33 -5.63 -2.39
CA ASP E 86 -0.67 -6.17 -1.20
C ASP E 86 -0.01 -7.52 -1.50
N LEU E 87 1.19 -7.74 -0.94
CA LEU E 87 1.95 -8.98 -1.19
C LEU E 87 1.89 -9.96 -0.03
N SER E 88 1.45 -11.18 -0.32
CA SER E 88 1.36 -12.24 0.70
C SER E 88 2.68 -12.99 0.81
N ASN E 89 2.98 -13.48 2.03
CA ASN E 89 4.21 -14.23 2.28
C ASN E 89 3.89 -15.60 2.85
N VAL E 90 4.52 -16.63 2.29
CA VAL E 90 4.31 -18.00 2.75
C VAL E 90 5.65 -18.71 2.94
N GLN E 91 5.89 -19.17 4.18
CA GLN E 91 7.13 -19.87 4.50
C GLN E 91 6.83 -21.19 5.21
N SER E 92 7.52 -22.25 4.77
CA SER E 92 7.33 -23.58 5.36
C SER E 92 8.45 -23.90 6.35
N LYS E 93 8.13 -23.79 7.65
CA LYS E 93 9.09 -24.07 8.70
C LYS E 93 9.23 -25.57 8.95
N CYS E 94 8.14 -26.30 8.74
CA CYS E 94 8.13 -27.76 8.94
C CYS E 94 7.98 -28.52 7.61
N GLY E 95 7.36 -27.87 6.63
CA GLY E 95 7.15 -28.48 5.32
C GLY E 95 6.12 -29.60 5.39
N SER E 96 6.36 -30.68 4.64
CA SER E 96 5.45 -31.82 4.62
C SER E 96 6.23 -33.12 4.36
N LYS E 97 5.92 -34.14 5.16
CA LYS E 97 6.58 -35.44 5.02
C LYS E 97 5.55 -36.57 4.95
N ASP E 98 5.51 -37.24 3.79
CA ASP E 98 4.56 -38.34 3.60
C ASP E 98 5.22 -39.49 2.84
N ASN E 99 4.89 -40.72 3.25
CA ASN E 99 5.45 -41.92 2.62
C ASN E 99 4.34 -42.74 1.97
N ILE E 100 4.49 -43.03 0.68
CA ILE E 100 3.51 -43.82 -0.06
C ILE E 100 4.09 -45.20 -0.35
N LYS E 101 3.44 -46.24 0.21
CA LYS E 101 3.89 -47.61 0.00
C LYS E 101 2.70 -48.54 -0.23
N HIS E 102 2.44 -48.83 -1.51
CA HIS E 102 1.33 -49.70 -1.89
C HIS E 102 1.75 -50.65 -3.00
N VAL E 103 1.27 -51.90 -2.94
CA VAL E 103 1.60 -52.91 -3.95
C VAL E 103 0.36 -53.28 -4.80
N PRO E 104 0.14 -52.65 -5.96
CA PRO E 104 -1.04 -52.95 -6.83
C PRO E 104 -1.13 -54.43 -7.17
N GLY E 105 -2.33 -55.00 -6.97
CA GLY E 105 -2.57 -56.41 -7.26
C GLY E 105 -3.99 -56.62 -7.78
N GLY E 106 -4.14 -56.48 -9.11
CA GLY E 106 -5.45 -56.65 -9.74
C GLY E 106 -5.80 -55.43 -10.59
N GLY E 107 -7.01 -54.89 -10.37
CA GLY E 107 -7.47 -53.72 -11.11
C GLY E 107 -7.90 -52.60 -10.16
N SER E 108 -6.92 -51.81 -9.70
CA SER E 108 -7.20 -50.70 -8.78
C SER E 108 -6.44 -49.45 -9.19
N VAL E 109 -6.69 -48.35 -8.47
CA VAL E 109 -6.03 -47.07 -8.75
C VAL E 109 -5.43 -46.50 -7.47
N GLN E 110 -4.27 -45.86 -7.60
CA GLN E 110 -3.59 -45.26 -6.45
C GLN E 110 -3.25 -43.79 -6.73
N ILE E 111 -3.80 -42.89 -5.91
CA ILE E 111 -3.56 -41.46 -6.06
C ILE E 111 -3.46 -40.78 -4.69
N VAL E 112 -2.57 -39.79 -4.60
CA VAL E 112 -2.37 -39.05 -3.35
C VAL E 112 -2.46 -37.54 -3.63
N TYR E 113 -3.49 -36.91 -3.09
CA TYR E 113 -3.70 -35.47 -3.29
C TYR E 113 -3.15 -34.68 -2.10
N LYS E 114 -2.17 -33.81 -2.37
CA LYS E 114 -1.56 -32.98 -1.34
C LYS E 114 -2.36 -31.69 -1.13
N PRO E 115 -2.15 -30.94 -0.04
CA PRO E 115 -2.92 -29.69 0.24
C PRO E 115 -2.57 -28.55 -0.71
N VAL E 116 -3.40 -27.50 -0.68
CA VAL E 116 -3.19 -26.34 -1.54
C VAL E 116 -3.49 -25.06 -0.76
N ASP E 117 -2.61 -24.07 -0.87
CA ASP E 117 -2.78 -22.80 -0.16
C ASP E 117 -3.36 -21.75 -1.08
N LEU E 118 -4.57 -21.29 -0.77
CA LEU E 118 -5.25 -20.27 -1.56
C LEU E 118 -5.37 -18.97 -0.78
N SER E 119 -4.61 -17.96 -1.21
CA SER E 119 -4.63 -16.65 -0.54
C SER E 119 -5.73 -15.78 -1.14
N LYS E 120 -5.62 -15.50 -2.44
CA LYS E 120 -6.62 -14.69 -3.14
C LYS E 120 -6.82 -15.20 -4.57
N VAL E 121 -8.07 -15.49 -4.92
CA VAL E 121 -8.38 -15.99 -6.26
C VAL E 121 -9.78 -15.50 -6.68
N THR E 122 -9.85 -14.94 -7.89
CA THR E 122 -11.12 -14.44 -8.42
C THR E 122 -11.39 -15.01 -9.81
N SER E 123 -12.62 -15.43 -10.05
CA SER E 123 -13.00 -16.00 -11.34
C SER E 123 -14.43 -15.59 -11.70
N LYS E 124 -14.56 -14.73 -12.71
CA LYS E 124 -15.86 -14.26 -13.17
C LYS E 124 -16.69 -15.43 -13.70
N CYS E 125 -16.11 -16.20 -14.62
CA CYS E 125 -16.78 -17.35 -15.21
C CYS E 125 -15.83 -18.52 -15.32
N GLY E 126 -16.39 -19.74 -15.22
CA GLY E 126 -15.59 -20.96 -15.31
C GLY E 126 -15.39 -21.38 -16.77
N SER E 127 -15.50 -22.69 -17.01
CA SER E 127 -15.34 -23.22 -18.36
C SER E 127 -16.70 -23.52 -18.99
N LEU E 128 -16.70 -23.74 -20.30
CA LEU E 128 -17.93 -24.03 -21.03
C LEU E 128 -18.04 -25.52 -21.33
N GLY E 129 -18.85 -26.22 -20.53
CA GLY E 129 -19.05 -27.66 -20.70
C GLY E 129 -19.02 -28.38 -19.36
N GLU F 67 27.80 -38.15 23.74
CA GLU F 67 27.67 -36.91 22.92
C GLU F 67 27.60 -35.70 23.83
N ASN F 68 28.61 -34.83 23.73
CA ASN F 68 28.68 -33.62 24.55
C ASN F 68 28.86 -32.38 23.66
N LEU F 69 27.75 -31.69 23.39
CA LEU F 69 27.78 -30.49 22.56
C LEU F 69 27.47 -29.25 23.40
N LYS F 70 28.18 -28.16 23.10
CA LYS F 70 27.98 -26.91 23.84
C LYS F 70 28.01 -25.72 22.89
N HIS F 71 27.19 -24.70 23.18
CA HIS F 71 27.12 -23.50 22.35
C HIS F 71 26.79 -23.87 20.91
N GLN F 72 25.67 -24.56 20.72
CA GLN F 72 25.22 -24.97 19.39
C GLN F 72 23.88 -24.29 19.01
N PRO F 73 23.90 -22.98 18.71
CA PRO F 73 22.65 -22.25 18.33
C PRO F 73 21.80 -23.03 17.33
N GLY F 74 22.45 -23.56 16.29
CA GLY F 74 21.75 -24.33 15.27
C GLY F 74 21.32 -23.42 14.12
N GLY F 75 20.15 -22.80 14.26
CA GLY F 75 19.62 -21.91 13.24
C GLY F 75 18.09 -21.92 13.25
N GLY F 76 17.49 -20.79 12.87
CA GLY F 76 16.03 -20.68 12.82
C GLY F 76 15.60 -19.25 13.13
N LYS F 77 16.19 -18.29 12.41
CA LYS F 77 15.86 -16.88 12.61
C LYS F 77 15.33 -16.27 11.31
N VAL F 78 14.08 -15.80 11.35
CA VAL F 78 13.45 -15.20 10.17
C VAL F 78 12.64 -13.96 10.59
N GLN F 79 12.72 -12.91 9.75
CA GLN F 79 12.00 -11.67 10.03
C GLN F 79 11.39 -11.11 8.74
N ILE F 80 10.07 -10.96 8.75
CA ILE F 80 9.35 -10.44 7.58
C ILE F 80 9.00 -8.96 7.82
N ILE F 81 9.66 -8.07 7.08
CA ILE F 81 9.42 -6.63 7.21
C ILE F 81 9.22 -6.01 5.83
N ASN F 82 8.12 -5.26 5.69
CA ASN F 82 7.80 -4.60 4.42
C ASN F 82 7.47 -3.14 4.65
N LYS F 83 8.34 -2.25 4.16
CA LYS F 83 8.14 -0.81 4.31
C LYS F 83 7.51 -0.23 3.06
N LYS F 84 6.24 0.17 3.17
CA LYS F 84 5.51 0.74 2.03
C LYS F 84 5.27 2.23 2.25
N LEU F 85 5.43 3.01 1.18
CA LEU F 85 5.23 4.45 1.22
C LEU F 85 4.10 4.85 0.28
N ASP F 86 3.31 5.85 0.69
CA ASP F 86 2.18 6.34 -0.10
C ASP F 86 2.42 7.79 -0.55
N LEU F 87 2.04 8.09 -1.80
CA LEU F 87 2.25 9.44 -2.37
C LEU F 87 0.97 10.28 -2.41
N SER F 88 1.04 11.46 -1.81
CA SER F 88 -0.11 12.38 -1.78
C SER F 88 -0.10 13.28 -3.02
N ASN F 89 -1.29 13.67 -3.46
CA ASN F 89 -1.44 14.54 -4.63
C ASN F 89 -2.23 15.79 -4.27
N VAL F 90 -1.71 16.94 -4.68
CA VAL F 90 -2.36 18.22 -4.41
C VAL F 90 -2.43 19.06 -5.67
N GLN F 91 -3.64 19.44 -6.07
CA GLN F 91 -3.86 20.24 -7.28
C GLN F 91 -4.76 21.43 -6.97
N SER F 92 -4.35 22.61 -7.45
CA SER F 92 -5.11 23.83 -7.23
C SER F 92 -5.95 24.18 -8.46
N LYS F 93 -7.25 23.91 -8.37
CA LYS F 93 -8.17 24.19 -9.48
C LYS F 93 -8.57 25.66 -9.50
N CYS F 94 -8.64 26.28 -8.31
CA CYS F 94 -9.02 27.69 -8.19
C CYS F 94 -7.83 28.55 -7.73
N GLY F 95 -6.89 27.93 -7.01
CA GLY F 95 -5.71 28.65 -6.52
C GLY F 95 -6.10 29.62 -5.41
N SER F 96 -5.45 30.79 -5.40
CA SER F 96 -5.72 31.81 -4.38
C SER F 96 -5.50 33.21 -4.95
N LYS F 97 -6.46 34.10 -4.68
CA LYS F 97 -6.38 35.48 -5.17
C LYS F 97 -6.61 36.47 -4.03
N ASP F 98 -5.58 37.25 -3.71
CA ASP F 98 -5.66 38.23 -2.64
C ASP F 98 -4.97 39.53 -3.03
N ASN F 99 -5.57 40.66 -2.65
CA ASN F 99 -5.01 41.97 -2.96
C ASN F 99 -4.66 42.72 -1.67
N ILE F 100 -3.40 43.16 -1.56
CA ILE F 100 -2.93 43.89 -0.39
C ILE F 100 -2.72 45.35 -0.75
N LYS F 101 -3.50 46.23 -0.11
CA LYS F 101 -3.41 47.68 -0.37
C LYS F 101 -3.48 48.46 0.94
N HIS F 102 -2.31 48.85 1.45
CA HIS F 102 -2.22 49.61 2.70
C HIS F 102 -1.18 50.72 2.57
N VAL F 103 -1.48 51.88 3.18
CA VAL F 103 -0.56 53.02 3.12
C VAL F 103 0.02 53.32 4.53
N PRO F 104 1.21 52.79 4.87
CA PRO F 104 1.83 53.02 6.21
C PRO F 104 1.97 54.52 6.53
N GLY F 105 1.51 54.90 7.72
CA GLY F 105 1.57 56.30 8.16
C GLY F 105 1.85 56.38 9.65
N GLY F 106 3.13 56.36 10.03
CA GLY F 106 3.51 56.43 11.44
C GLY F 106 4.44 55.27 11.80
N GLY F 107 4.09 54.56 12.87
CA GLY F 107 4.89 53.42 13.34
C GLY F 107 4.03 52.18 13.47
N SER F 108 3.84 51.46 12.35
CA SER F 108 3.03 50.24 12.35
C SER F 108 3.71 49.14 11.54
N VAL F 109 3.10 47.96 11.55
CA VAL F 109 3.64 46.80 10.81
C VAL F 109 2.55 46.17 9.94
N GLN F 110 2.95 45.71 8.75
CA GLN F 110 2.01 45.07 7.83
C GLN F 110 2.51 43.71 7.38
N ILE F 111 1.74 42.67 7.69
CA ILE F 111 2.10 41.30 7.33
C ILE F 111 0.86 40.50 6.92
N VAL F 112 1.04 39.62 5.92
CA VAL F 112 -0.06 38.78 5.43
C VAL F 112 0.39 37.32 5.41
N TYR F 113 -0.23 36.50 6.26
CA TYR F 113 0.10 35.07 6.34
C TYR F 113 -0.87 34.24 5.52
N LYS F 114 -0.34 33.54 4.51
CA LYS F 114 -1.15 32.70 3.64
C LYS F 114 -1.33 31.29 4.26
N PRO F 115 -2.26 30.47 3.77
CA PRO F 115 -2.51 29.11 4.35
C PRO F 115 -1.37 28.12 4.05
N VAL F 116 -1.40 26.98 4.75
CA VAL F 116 -0.39 25.95 4.57
C VAL F 116 -1.06 24.57 4.60
N ASP F 117 -0.68 23.72 3.64
CA ASP F 117 -1.24 22.37 3.55
C ASP F 117 -0.30 21.35 4.16
N LEU F 118 -0.74 20.71 5.25
CA LEU F 118 0.05 19.71 5.94
C LEU F 118 -0.57 18.33 5.78
N SER F 119 0.09 17.46 5.00
CA SER F 119 -0.40 16.11 4.78
C SER F 119 0.11 15.18 5.87
N LYS F 120 1.44 15.05 5.95
CA LYS F 120 2.06 14.19 6.96
C LYS F 120 3.36 14.82 7.46
N VAL F 121 3.47 14.99 8.78
CA VAL F 121 4.67 15.58 9.38
C VAL F 121 4.92 14.97 10.76
N THR F 122 6.16 14.54 10.98
CA THR F 122 6.55 13.93 12.26
C THR F 122 7.80 14.60 12.82
N SER F 123 7.77 14.89 14.12
CA SER F 123 8.91 15.54 14.78
C SER F 123 9.09 15.00 16.20
N LYS F 124 10.17 14.23 16.40
CA LYS F 124 10.45 13.66 17.71
C LYS F 124 10.69 14.75 18.74
N CYS F 125 11.60 15.68 18.40
CA CYS F 125 11.93 16.79 19.30
C CYS F 125 12.04 18.09 18.51
N GLY F 126 11.71 19.21 19.16
CA GLY F 126 11.77 20.52 18.52
C GLY F 126 13.17 21.11 18.64
N SER F 127 13.23 22.42 18.92
CA SER F 127 14.51 23.11 19.06
C SER F 127 14.87 23.29 20.52
N LEU F 128 16.14 23.64 20.78
CA LEU F 128 16.61 23.85 22.14
C LEU F 128 16.70 25.35 22.46
N GLY F 129 15.71 25.85 23.19
CA GLY F 129 15.67 27.26 23.57
C GLY F 129 14.27 27.83 23.38
N GLU G 67 -21.69 38.86 -28.87
CA GLU G 67 -20.75 37.71 -28.73
C GLU G 67 -21.51 36.41 -28.95
N ASN G 68 -21.15 35.69 -30.01
CA ASN G 68 -21.79 34.42 -30.34
C ASN G 68 -20.74 33.32 -30.51
N LEU G 69 -20.57 32.52 -29.44
CA LEU G 69 -19.59 31.43 -29.46
C LEU G 69 -20.32 30.08 -29.44
N LYS G 70 -19.78 29.11 -30.19
CA LYS G 70 -20.38 27.78 -30.26
C LYS G 70 -19.29 26.71 -30.26
N HIS G 71 -19.59 25.58 -29.61
CA HIS G 71 -18.64 24.47 -29.53
C HIS G 71 -17.32 24.94 -28.92
N GLN G 72 -17.40 25.49 -27.71
CA GLN G 72 -16.22 26.00 -27.00
C GLN G 72 -15.97 25.19 -25.71
N PRO G 73 -15.51 23.94 -25.80
CA PRO G 73 -15.24 23.09 -24.59
C PRO G 73 -14.49 23.85 -23.51
N GLY G 74 -13.44 24.57 -23.91
CA GLY G 74 -12.64 25.35 -22.96
C GLY G 74 -11.46 24.53 -22.44
N GLY G 75 -11.73 23.74 -21.39
CA GLY G 75 -10.69 22.90 -20.79
C GLY G 75 -10.94 22.73 -19.29
N GLY G 76 -10.52 21.57 -18.77
CA GLY G 76 -10.70 21.28 -17.35
C GLY G 76 -10.89 19.79 -17.12
N LYS G 77 -9.97 18.99 -17.67
CA LYS G 77 -10.04 17.53 -17.54
C LYS G 77 -8.77 17.00 -16.87
N VAL G 78 -8.95 16.39 -15.69
CA VAL G 78 -7.83 15.83 -14.93
C VAL G 78 -8.21 14.46 -14.36
N GLN G 79 -7.25 13.53 -14.40
CA GLN G 79 -7.48 12.18 -13.87
C GLN G 79 -6.25 11.69 -13.12
N ILE G 80 -6.44 11.38 -11.83
CA ILE G 80 -5.34 10.88 -10.99
C ILE G 80 -5.46 9.37 -10.85
N ILE G 81 -4.52 8.64 -11.46
CA ILE G 81 -4.51 7.19 -11.41
C ILE G 81 -3.11 6.68 -11.03
N ASN G 82 -3.05 5.84 -10.01
CA ASN G 82 -1.78 5.28 -9.55
C ASN G 82 -1.87 3.76 -9.42
N LYS G 83 -1.16 3.05 -10.29
CA LYS G 83 -1.15 1.58 -10.27
C LYS G 83 0.05 1.06 -9.49
N LYS G 84 -0.21 0.50 -8.32
CA LYS G 84 0.86 -0.04 -7.47
C LYS G 84 0.79 -1.56 -7.42
N LEU G 85 1.97 -2.20 -7.48
CA LEU G 85 2.06 -3.65 -7.45
C LEU G 85 2.87 -4.10 -6.22
N ASP G 86 2.45 -5.22 -5.63
CA ASP G 86 3.13 -5.76 -4.44
C ASP G 86 3.77 -7.11 -4.75
N LEU G 87 4.98 -7.34 -4.20
CA LEU G 87 5.74 -8.58 -4.45
C LEU G 87 5.68 -9.55 -3.28
N SER G 88 5.24 -10.79 -3.57
CA SER G 88 5.15 -11.83 -2.55
C SER G 88 6.47 -12.59 -2.45
N ASN G 89 6.76 -13.08 -1.24
CA ASN G 89 7.99 -13.83 -0.99
C ASN G 89 7.67 -15.21 -0.41
N VAL G 90 8.30 -16.24 -0.97
CA VAL G 90 8.08 -17.61 -0.52
C VAL G 90 9.42 -18.32 -0.33
N GLN G 91 9.67 -18.79 0.90
CA GLN G 91 10.91 -19.49 1.22
C GLN G 91 10.61 -20.81 1.92
N SER G 92 11.29 -21.87 1.49
CA SER G 92 11.10 -23.20 2.07
C SER G 92 12.22 -23.52 3.06
N LYS G 93 11.90 -23.42 4.35
CA LYS G 93 12.88 -23.69 5.40
C LYS G 93 13.00 -25.20 5.65
N CYS G 94 11.92 -25.94 5.44
CA CYS G 94 11.91 -27.39 5.64
C CYS G 94 11.75 -28.15 4.31
N GLY G 95 11.12 -27.49 3.32
CA GLY G 95 10.91 -28.10 2.02
C GLY G 95 9.87 -29.22 2.10
N SER G 96 10.11 -30.29 1.34
CA SER G 96 9.20 -31.43 1.32
C SER G 96 9.97 -32.73 1.06
N LYS G 97 9.66 -33.75 1.85
CA LYS G 97 10.32 -35.06 1.71
C LYS G 97 9.30 -36.18 1.64
N ASP G 98 9.25 -36.86 0.48
CA ASP G 98 8.29 -37.95 0.29
C ASP G 98 8.94 -39.10 -0.47
N ASN G 99 8.61 -40.33 -0.06
CA ASN G 99 9.17 -41.53 -0.69
C ASN G 99 8.06 -42.35 -1.34
N ILE G 100 8.21 -42.63 -2.63
CA ILE G 100 7.21 -43.42 -3.37
C ILE G 100 7.78 -44.81 -3.67
N LYS G 101 7.14 -45.84 -3.11
CA LYS G 101 7.59 -47.22 -3.31
C LYS G 101 6.39 -48.14 -3.55
N HIS G 102 6.13 -48.42 -4.83
CA HIS G 102 5.01 -49.30 -5.20
C HIS G 102 5.44 -50.25 -6.31
N VAL G 103 4.94 -51.49 -6.26
CA VAL G 103 5.28 -52.50 -7.27
C VAL G 103 4.03 -52.86 -8.11
N PRO G 104 3.81 -52.23 -9.28
CA PRO G 104 2.62 -52.53 -10.14
C PRO G 104 2.52 -54.01 -10.49
N GLY G 105 1.32 -54.57 -10.28
CA GLY G 105 1.08 -55.99 -10.57
C GLY G 105 -0.34 -56.19 -11.09
N GLY G 106 -0.50 -56.05 -12.41
CA GLY G 106 -1.80 -56.22 -13.05
C GLY G 106 -2.16 -55.00 -13.88
N GLY G 107 -3.36 -54.45 -13.66
CA GLY G 107 -3.82 -53.27 -14.39
C GLY G 107 -4.25 -52.16 -13.44
N SER G 108 -3.27 -51.37 -12.99
CA SER G 108 -3.55 -50.27 -12.07
C SER G 108 -2.79 -49.01 -12.47
N VAL G 109 -3.02 -47.92 -11.75
CA VAL G 109 -2.36 -46.64 -12.04
C VAL G 109 -1.76 -46.06 -10.75
N GLN G 110 -0.59 -45.43 -10.89
CA GLN G 110 0.09 -44.82 -9.74
C GLN G 110 0.43 -43.37 -10.01
N ILE G 111 -0.11 -42.47 -9.19
CA ILE G 111 0.13 -41.03 -9.35
C ILE G 111 0.24 -40.37 -7.97
N VAL G 112 1.13 -39.37 -7.88
CA VAL G 112 1.34 -38.63 -6.64
C VAL G 112 1.25 -37.12 -6.92
N TYR G 113 0.22 -36.48 -6.36
CA TYR G 113 0.01 -35.04 -6.56
C TYR G 113 0.57 -34.26 -5.37
N LYS G 114 1.55 -33.40 -5.65
CA LYS G 114 2.17 -32.57 -4.62
C LYS G 114 1.37 -31.27 -4.41
N PRO G 115 1.60 -30.53 -3.31
CA PRO G 115 0.82 -29.27 -3.02
C PRO G 115 1.16 -28.13 -3.97
N VAL G 116 0.34 -27.09 -3.95
CA VAL G 116 0.54 -25.91 -4.80
C VAL G 116 0.25 -24.65 -4.01
N ASP G 117 1.15 -23.65 -4.12
CA ASP G 117 0.98 -22.39 -3.41
C ASP G 117 0.40 -21.33 -4.33
N LEU G 118 -0.82 -20.87 -4.01
CA LEU G 118 -1.49 -19.85 -4.80
C LEU G 118 -1.61 -18.55 -4.02
N SER G 119 -0.85 -17.54 -4.44
CA SER G 119 -0.86 -16.23 -3.78
C SER G 119 -1.97 -15.36 -4.37
N LYS G 120 -1.87 -15.08 -5.67
CA LYS G 120 -2.86 -14.26 -6.36
C LYS G 120 -3.05 -14.77 -7.79
N VAL G 121 -4.31 -15.05 -8.14
CA VAL G 121 -4.64 -15.55 -9.48
C VAL G 121 -6.03 -15.06 -9.89
N THR G 122 -6.11 -14.50 -11.10
CA THR G 122 -7.37 -13.99 -11.63
C THR G 122 -7.64 -14.56 -13.02
N SER G 123 -8.89 -14.97 -13.25
CA SER G 123 -9.27 -15.54 -14.54
C SER G 123 -10.70 -15.14 -14.91
N LYS G 124 -10.83 -14.27 -15.92
CA LYS G 124 -12.13 -13.80 -16.37
C LYS G 124 -12.97 -14.96 -16.89
N CYS G 125 -12.39 -15.73 -17.82
CA CYS G 125 -13.07 -16.87 -18.40
C CYS G 125 -12.12 -18.06 -18.53
N GLY G 126 -12.67 -19.26 -18.42
CA GLY G 126 -11.88 -20.48 -18.51
C GLY G 126 -11.69 -20.90 -19.97
N SER G 127 -11.81 -22.21 -20.22
CA SER G 127 -11.65 -22.76 -21.57
C SER G 127 -13.01 -23.04 -22.19
N LEU G 128 -13.02 -23.26 -23.50
CA LEU G 128 -14.26 -23.55 -24.23
C LEU G 128 -14.37 -25.04 -24.53
N GLY G 129 -15.18 -25.73 -23.73
CA GLY G 129 -15.37 -27.17 -23.91
C GLY G 129 -15.34 -27.90 -22.57
N GLU H 67 31.48 -37.86 20.49
CA GLU H 67 31.36 -36.62 19.66
C GLU H 67 31.28 -35.40 20.58
N ASN H 68 32.30 -34.54 20.49
CA ASN H 68 32.35 -33.33 21.31
C ASN H 68 32.54 -32.10 20.43
N LEU H 69 31.43 -31.40 20.15
CA LEU H 69 31.47 -30.19 19.33
C LEU H 69 31.17 -28.96 20.18
N LYS H 70 31.87 -27.86 19.88
CA LYS H 70 31.68 -26.62 20.62
C LYS H 70 31.72 -25.42 19.68
N HIS H 71 30.89 -24.41 19.97
CA HIS H 71 30.83 -23.20 19.15
C HIS H 71 30.50 -23.57 17.69
N GLN H 72 29.37 -24.24 17.50
CA GLN H 72 28.93 -24.67 16.18
C GLN H 72 27.60 -23.98 15.79
N PRO H 73 27.62 -22.68 15.50
CA PRO H 73 26.37 -21.93 15.11
C PRO H 73 25.52 -22.70 14.10
N GLY H 74 26.17 -23.23 13.07
CA GLY H 74 25.47 -24.00 12.04
C GLY H 74 25.05 -23.09 10.88
N GLY H 75 23.88 -22.46 11.04
CA GLY H 75 23.36 -21.57 10.01
C GLY H 75 21.83 -21.58 10.01
N GLY H 76 21.23 -20.46 9.64
CA GLY H 76 19.78 -20.32 9.59
C GLY H 76 19.35 -18.90 9.90
N LYS H 77 19.93 -17.94 9.19
CA LYS H 77 19.61 -16.53 9.38
C LYS H 77 19.09 -15.92 8.08
N VAL H 78 17.83 -15.45 8.12
CA VAL H 78 17.21 -14.84 6.95
C VAL H 78 16.41 -13.60 7.36
N GLN H 79 16.48 -12.55 6.54
CA GLN H 79 15.76 -11.31 6.81
C GLN H 79 15.16 -10.75 5.53
N ILE H 80 13.83 -10.60 5.52
CA ILE H 80 13.13 -10.06 4.36
C ILE H 80 12.78 -8.59 4.60
N ILE H 81 13.44 -7.70 3.86
CA ILE H 81 13.21 -6.26 4.01
C ILE H 81 13.00 -5.62 2.62
N ASN H 82 11.91 -4.88 2.47
CA ASN H 82 11.60 -4.22 1.21
C ASN H 82 11.26 -2.75 1.45
N LYS H 83 12.14 -1.86 0.96
CA LYS H 83 11.94 -0.43 1.12
C LYS H 83 11.31 0.15 -0.14
N LYS H 84 10.04 0.56 -0.03
CA LYS H 84 9.32 1.14 -1.17
C LYS H 84 9.07 2.63 -0.95
N LEU H 85 9.24 3.40 -2.02
CA LEU H 85 9.05 4.85 -1.97
C LEU H 85 7.92 5.26 -2.92
N ASP H 86 7.14 6.25 -2.50
CA ASP H 86 6.01 6.75 -3.31
C ASP H 86 6.25 8.20 -3.75
N LEU H 87 5.87 8.51 -5.00
CA LEU H 87 6.09 9.85 -5.56
C LEU H 87 4.82 10.70 -5.61
N SER H 88 4.88 11.88 -4.99
CA SER H 88 3.73 12.79 -4.97
C SER H 88 3.74 13.69 -6.20
N ASN H 89 2.55 14.09 -6.64
CA ASN H 89 2.41 14.97 -7.81
C ASN H 89 1.62 16.22 -7.45
N VAL H 90 2.15 17.37 -7.85
CA VAL H 90 1.50 18.65 -7.58
C VAL H 90 1.44 19.50 -8.85
N GLN H 91 0.21 19.87 -9.24
CA GLN H 91 0.01 20.68 -10.45
C GLN H 91 -0.88 21.87 -10.13
N SER H 92 -0.48 23.05 -10.61
CA SER H 92 -1.24 24.28 -10.38
C SER H 92 -2.07 24.62 -11.62
N LYS H 93 -3.37 24.36 -11.55
CA LYS H 93 -4.29 24.64 -12.65
C LYS H 93 -4.70 26.12 -12.66
N CYS H 94 -4.75 26.73 -11.48
CA CYS H 94 -5.13 28.14 -11.36
C CYS H 94 -3.95 29.00 -10.89
N GLY H 95 -3.01 28.37 -10.17
CA GLY H 95 -1.83 29.09 -9.67
C GLY H 95 -2.21 30.06 -8.55
N SER H 96 -1.57 31.22 -8.53
CA SER H 96 -1.84 32.24 -7.51
C SER H 96 -1.62 33.64 -8.09
N LYS H 97 -2.58 34.53 -7.82
CA LYS H 97 -2.49 35.91 -8.30
C LYS H 97 -2.73 36.90 -7.16
N ASP H 98 -1.69 37.69 -6.84
CA ASP H 98 -1.78 38.66 -5.75
C ASP H 98 -1.08 39.96 -6.14
N ASN H 99 -1.69 41.08 -5.76
CA ASN H 99 -1.12 42.40 -6.05
C ASN H 99 -0.77 43.14 -4.77
N ILE H 100 0.48 43.57 -4.67
CA ILE H 100 0.95 44.30 -3.48
C ILE H 100 1.16 45.78 -3.84
N LYS H 101 0.38 46.65 -3.20
CA LYS H 101 0.48 48.09 -3.45
C LYS H 101 0.41 48.87 -2.14
N HIS H 102 1.58 49.26 -1.63
CA HIS H 102 1.66 50.02 -0.38
C HIS H 102 2.71 51.13 -0.50
N VAL H 103 2.41 52.28 0.10
CA VAL H 103 3.33 53.42 0.06
C VAL H 103 3.92 53.71 1.47
N PRO H 104 5.09 53.18 1.81
CA PRO H 104 5.72 53.42 3.16
C PRO H 104 5.85 54.90 3.48
N GLY H 105 5.39 55.29 4.68
CA GLY H 105 5.46 56.68 5.11
C GLY H 105 5.71 56.76 6.61
N GLY H 106 7.00 56.74 6.99
CA GLY H 106 7.39 56.80 8.39
C GLY H 106 8.31 55.63 8.76
N GLY H 107 7.97 54.92 9.84
CA GLY H 107 8.75 53.78 10.29
C GLY H 107 7.89 52.53 10.42
N SER H 108 7.70 51.83 9.31
CA SER H 108 6.89 50.61 9.29
C SER H 108 7.57 49.51 8.49
N VAL H 109 6.95 48.32 8.48
CA VAL H 109 7.50 47.18 7.75
C VAL H 109 6.42 46.55 6.87
N GLN H 110 6.81 46.08 5.68
CA GLN H 110 5.86 45.45 4.75
C GLN H 110 6.37 44.09 4.30
N ILE H 111 5.59 43.06 4.60
CA ILE H 111 5.96 41.69 4.24
C ILE H 111 4.72 40.89 3.82
N VAL H 112 4.89 40.01 2.83
CA VAL H 112 3.80 39.18 2.33
C VAL H 112 4.25 37.72 2.30
N TYR H 113 3.62 36.89 3.15
CA TYR H 113 3.96 35.47 3.23
C TYR H 113 2.98 34.64 2.40
N LYS H 114 3.52 33.94 1.40
CA LYS H 114 2.71 33.09 0.51
C LYS H 114 2.53 31.70 1.12
N PRO H 115 1.59 30.87 0.63
CA PRO H 115 1.34 29.51 1.21
C PRO H 115 2.46 28.52 0.92
N VAL H 116 2.44 27.38 1.61
CA VAL H 116 3.46 26.34 1.42
C VAL H 116 2.78 24.97 1.45
N ASP H 117 3.17 24.13 0.49
CA ASP H 117 2.60 22.78 0.39
C ASP H 117 3.54 21.74 1.01
N LEU H 118 3.09 21.12 2.09
CA LEU H 118 3.88 20.10 2.78
C LEU H 118 3.25 18.73 2.62
N SER H 119 3.92 17.87 1.83
CA SER H 119 3.42 16.51 1.60
C SER H 119 3.94 15.56 2.69
N LYS H 120 5.26 15.44 2.80
CA LYS H 120 5.88 14.58 3.80
C LYS H 120 7.18 15.20 4.29
N VAL H 121 7.29 15.37 5.61
CA VAL H 121 8.48 15.96 6.21
C VAL H 121 8.73 15.34 7.60
N THR H 122 9.97 14.90 7.83
CA THR H 122 10.34 14.29 9.10
C THR H 122 11.59 14.97 9.66
N SER H 123 11.57 15.25 10.98
CA SER H 123 12.70 15.89 11.64
C SER H 123 12.88 15.35 13.05
N LYS H 124 13.95 14.58 13.25
CA LYS H 124 14.24 13.99 14.56
C LYS H 124 14.48 15.09 15.59
N CYS H 125 15.39 16.02 15.26
CA CYS H 125 15.71 17.12 16.17
C CYS H 125 15.82 18.43 15.38
N GLY H 126 15.49 19.54 16.04
CA GLY H 126 15.56 20.86 15.40
C GLY H 126 16.96 21.45 15.52
N SER H 127 17.03 22.74 15.81
CA SER H 127 18.31 23.44 15.95
C SER H 127 18.66 23.61 17.43
N LEU H 128 19.93 23.97 17.68
CA LEU H 128 20.40 24.16 19.05
C LEU H 128 20.49 25.65 19.36
N GLY H 129 19.49 26.16 20.10
CA GLY H 129 19.46 27.57 20.47
C GLY H 129 18.06 28.15 20.28
N GLU I 67 -17.88 39.38 -31.95
CA GLU I 67 -16.95 38.23 -31.81
C GLU I 67 -17.71 36.92 -32.03
N ASN I 68 -17.35 36.21 -33.10
CA ASN I 68 -18.00 34.94 -33.42
C ASN I 68 -16.96 33.83 -33.58
N LEU I 69 -16.77 33.04 -32.53
CA LEU I 69 -15.81 31.93 -32.55
C LEU I 69 -16.54 30.60 -32.53
N LYS I 70 -16.01 29.63 -33.29
CA LYS I 70 -16.61 28.30 -33.36
C LYS I 70 -15.52 27.22 -33.36
N HIS I 71 -15.82 26.09 -32.71
CA HIS I 71 -14.87 24.98 -32.63
C HIS I 71 -13.54 25.44 -32.03
N GLN I 72 -13.63 26.00 -30.82
CA GLN I 72 -12.43 26.49 -30.12
C GLN I 72 -12.19 25.69 -28.82
N PRO I 73 -11.72 24.43 -28.92
CA PRO I 73 -11.45 23.58 -27.72
C PRO I 73 -10.70 24.34 -26.63
N GLY I 74 -9.65 25.05 -27.04
CA GLY I 74 -8.84 25.83 -26.09
C GLY I 74 -7.67 25.01 -25.57
N GLY I 75 -7.93 24.23 -24.53
CA GLY I 75 -6.90 23.38 -23.93
C GLY I 75 -7.14 23.20 -22.44
N GLY I 76 -6.72 22.05 -21.91
CA GLY I 76 -6.89 21.75 -20.49
C GLY I 76 -7.09 20.26 -20.27
N LYS I 77 -6.18 19.45 -20.83
CA LYS I 77 -6.25 18.00 -20.69
C LYS I 77 -4.98 17.47 -20.03
N VAL I 78 -5.15 16.85 -18.85
CA VAL I 78 -4.02 16.29 -18.11
C VAL I 78 -4.41 14.92 -17.52
N GLN I 79 -3.46 13.99 -17.57
CA GLN I 79 -3.69 12.64 -17.04
C GLN I 79 -2.46 12.14 -16.30
N ILE I 80 -2.64 11.83 -15.01
CA ILE I 80 -1.55 11.33 -14.18
C ILE I 80 -1.66 9.82 -14.03
N ILE I 81 -0.72 9.09 -14.65
CA ILE I 81 -0.71 7.63 -14.59
C ILE I 81 0.68 7.12 -14.23
N ASN I 82 0.75 6.27 -13.21
CA ASN I 82 2.02 5.70 -12.75
C ASN I 82 1.92 4.18 -12.63
N LYS I 83 2.64 3.47 -13.50
CA LYS I 83 2.63 2.02 -13.48
C LYS I 83 3.84 1.49 -12.72
N LYS I 84 3.58 0.93 -11.54
CA LYS I 84 4.65 0.38 -10.70
C LYS I 84 4.58 -1.14 -10.65
N LEU I 85 5.76 -1.78 -10.72
CA LEU I 85 5.86 -3.24 -10.68
C LEU I 85 6.66 -3.69 -9.47
N ASP I 86 6.24 -4.81 -8.87
CA ASP I 86 6.91 -5.35 -7.68
C ASP I 86 7.56 -6.70 -8.01
N LEU I 87 8.78 -6.93 -7.46
CA LEU I 87 9.52 -8.18 -7.71
C LEU I 87 9.47 -9.16 -6.55
N SER I 88 9.02 -10.38 -6.83
CA SER I 88 8.93 -11.42 -5.81
C SER I 88 10.24 -12.20 -5.71
N ASN I 89 10.54 -12.69 -4.50
CA ASN I 89 11.77 -13.44 -4.27
C ASN I 89 11.44 -14.82 -3.69
N VAL I 90 12.07 -15.84 -4.25
CA VAL I 90 11.85 -17.22 -3.80
C VAL I 90 13.19 -17.93 -3.62
N GLN I 91 13.43 -18.41 -2.40
CA GLN I 91 14.67 -19.10 -2.07
C GLN I 91 14.38 -20.43 -1.38
N SER I 92 15.06 -21.49 -1.82
CA SER I 92 14.87 -22.81 -1.24
C SER I 92 15.99 -23.14 -0.25
N LYS I 93 15.68 -23.04 1.05
CA LYS I 93 16.65 -23.32 2.10
C LYS I 93 16.78 -24.83 2.34
N CYS I 94 15.68 -25.56 2.13
CA CYS I 94 15.68 -27.01 2.33
C CYS I 94 15.51 -27.76 1.00
N GLY I 95 14.88 -27.11 0.02
CA GLY I 95 14.66 -27.72 -1.29
C GLY I 95 13.63 -28.83 -1.22
N SER I 96 13.86 -29.91 -1.97
CA SER I 96 12.94 -31.05 -1.99
C SER I 96 13.70 -32.35 -2.25
N LYS I 97 13.41 -33.37 -1.46
CA LYS I 97 14.06 -34.67 -1.61
C LYS I 97 13.02 -35.79 -1.68
N ASP I 98 12.97 -36.47 -2.83
CA ASP I 98 12.02 -37.57 -3.03
C ASP I 98 12.66 -38.72 -3.79
N ASN I 99 12.33 -39.94 -3.38
CA ASN I 99 12.88 -41.13 -4.02
C ASN I 99 11.76 -41.96 -4.66
N ILE I 100 11.91 -42.24 -5.95
CA ILE I 100 10.91 -43.02 -6.70
C ILE I 100 11.47 -44.41 -6.99
N LYS I 101 10.83 -45.44 -6.44
CA LYS I 101 11.28 -46.81 -6.65
C LYS I 101 10.08 -47.74 -6.88
N HIS I 102 9.80 -48.02 -8.15
CA HIS I 102 8.69 -48.89 -8.52
C HIS I 102 9.11 -49.84 -9.65
N VAL I 103 8.61 -51.08 -9.59
CA VAL I 103 8.94 -52.09 -10.61
C VAL I 103 7.68 -52.45 -11.44
N PRO I 104 7.47 -51.81 -12.60
CA PRO I 104 6.28 -52.10 -13.46
C PRO I 104 6.16 -53.58 -13.81
N GLY I 105 4.97 -54.15 -13.60
CA GLY I 105 4.72 -55.56 -13.90
C GLY I 105 3.30 -55.75 -14.41
N GLY I 106 3.14 -55.62 -15.73
CA GLY I 106 1.82 -55.77 -16.36
C GLY I 106 1.47 -54.55 -17.20
N GLY I 107 0.27 -54.01 -16.96
CA GLY I 107 -0.19 -52.83 -17.70
C GLY I 107 -0.61 -51.72 -16.74
N SER I 108 0.38 -50.93 -16.29
CA SER I 108 0.11 -49.83 -15.36
C SER I 108 0.87 -48.57 -15.77
N VAL I 109 0.63 -47.47 -15.05
CA VAL I 109 1.30 -46.20 -15.33
C VAL I 109 1.90 -45.63 -14.05
N GLN I 110 3.08 -45.00 -14.18
CA GLN I 110 3.76 -44.40 -13.03
C GLN I 110 4.11 -42.94 -13.32
N ILE I 111 3.56 -42.05 -12.49
CA ILE I 111 3.81 -40.61 -12.64
C ILE I 111 3.94 -39.94 -11.26
N VAL I 112 4.82 -38.95 -11.17
CA VAL I 112 5.04 -38.21 -9.93
C VAL I 112 4.95 -36.70 -10.20
N TYR I 113 3.93 -36.06 -9.65
CA TYR I 113 3.73 -34.62 -9.84
C TYR I 113 4.28 -33.84 -8.66
N LYS I 114 5.26 -32.97 -8.94
CA LYS I 114 5.90 -32.16 -7.90
C LYS I 114 5.10 -30.86 -7.68
N PRO I 115 5.33 -30.12 -6.59
CA PRO I 115 4.56 -28.86 -6.30
C PRO I 115 4.90 -27.72 -7.25
N VAL I 116 4.08 -26.67 -7.22
CA VAL I 116 4.29 -25.50 -8.07
C VAL I 116 3.99 -24.23 -7.27
N ASP I 117 4.88 -23.24 -7.39
CA ASP I 117 4.73 -21.98 -6.68
C ASP I 117 4.15 -20.91 -7.60
N LEU I 118 2.93 -20.45 -7.27
CA LEU I 118 2.26 -19.43 -8.05
C LEU I 118 2.16 -18.12 -7.27
N SER I 119 2.92 -17.11 -7.69
CA SER I 119 2.90 -15.81 -7.02
C SER I 119 1.80 -14.94 -7.61
N LYS I 120 1.89 -14.66 -8.91
CA LYS I 120 0.90 -13.83 -9.60
C LYS I 120 0.69 -14.34 -11.02
N VAL I 121 -0.56 -14.62 -11.37
CA VAL I 121 -0.90 -15.12 -12.70
C VAL I 121 -2.29 -14.62 -13.12
N THR I 122 -2.37 -14.05 -14.33
CA THR I 122 -3.64 -13.54 -14.84
C THR I 122 -3.91 -14.10 -16.24
N SER I 123 -5.16 -14.52 -16.47
CA SER I 123 -5.55 -15.08 -17.76
C SER I 123 -6.97 -14.67 -18.12
N LYS I 124 -7.10 -13.81 -19.12
CA LYS I 124 -8.41 -13.33 -19.56
C LYS I 124 -9.25 -14.49 -20.09
N CYS I 125 -8.67 -15.25 -21.02
CA CYS I 125 -9.36 -16.40 -21.60
C CYS I 125 -8.42 -17.58 -21.73
N GLY I 126 -8.98 -18.79 -21.63
CA GLY I 126 -8.18 -20.01 -21.73
C GLY I 126 -8.00 -20.44 -23.18
N SER I 127 -8.12 -21.74 -23.44
CA SER I 127 -7.96 -22.28 -24.79
C SER I 127 -9.33 -22.56 -25.40
N LEU I 128 -9.35 -22.78 -26.72
CA LEU I 128 -10.59 -23.05 -27.45
C LEU I 128 -10.70 -24.55 -27.75
N GLY I 129 -11.51 -25.25 -26.95
CA GLY I 129 -11.71 -26.68 -27.13
C GLY I 129 -11.68 -27.40 -25.78
N GLU J 67 35.15 -37.57 17.24
CA GLU J 67 35.04 -36.32 16.41
C GLU J 67 34.96 -35.12 17.34
N ASN J 68 35.98 -34.26 17.25
CA ASN J 68 36.04 -33.04 18.07
C ASN J 68 36.23 -31.81 17.20
N LEU J 69 35.12 -31.11 16.92
CA LEU J 69 35.17 -29.90 16.10
C LEU J 69 34.86 -28.67 16.95
N LYS J 70 35.57 -27.57 16.66
CA LYS J 70 35.37 -26.33 17.40
C LYS J 70 35.42 -25.13 16.46
N HIS J 71 34.60 -24.12 16.75
CA HIS J 71 34.54 -22.91 15.94
C HIS J 71 34.22 -23.27 14.48
N GLN J 72 33.09 -23.95 14.29
CA GLN J 72 32.65 -24.36 12.95
C GLN J 72 31.32 -23.67 12.57
N PRO J 73 31.34 -22.36 12.27
CA PRO J 73 30.09 -21.61 11.89
C PRO J 73 29.24 -22.38 10.88
N GLY J 74 29.90 -22.91 9.85
CA GLY J 74 29.21 -23.67 8.81
C GLY J 74 28.78 -22.77 7.66
N GLY J 75 27.62 -22.14 7.81
CA GLY J 75 27.09 -21.24 6.79
C GLY J 75 25.57 -21.25 6.78
N GLY J 76 24.98 -20.11 6.41
CA GLY J 76 23.53 -19.99 6.35
C GLY J 76 23.09 -18.56 6.68
N LYS J 77 23.67 -17.59 5.96
CA LYS J 77 23.36 -16.18 6.16
C LYS J 77 22.85 -15.56 4.87
N VAL J 78 21.60 -15.10 4.89
CA VAL J 78 20.97 -14.48 3.72
C VAL J 78 20.16 -13.24 4.13
N GLN J 79 20.25 -12.19 3.31
CA GLN J 79 19.53 -10.95 3.59
C GLN J 79 18.93 -10.38 2.31
N ILE J 80 17.61 -10.23 2.30
CA ILE J 80 16.90 -9.69 1.14
C ILE J 80 16.56 -8.22 1.38
N ILE J 81 17.23 -7.33 0.65
CA ILE J 81 17.00 -5.89 0.79
C ILE J 81 16.80 -5.25 -0.59
N ASN J 82 15.70 -4.51 -0.74
CA ASN J 82 15.39 -3.83 -2.00
C ASN J 82 15.06 -2.36 -1.76
N LYS J 83 15.94 -1.49 -2.23
CA LYS J 83 15.74 -0.04 -2.08
C LYS J 83 15.12 0.55 -3.34
N LYS J 84 13.86 0.95 -3.23
CA LYS J 84 13.14 1.53 -4.37
C LYS J 84 12.90 3.02 -4.14
N LEU J 85 13.07 3.81 -5.21
CA LEU J 85 12.88 5.26 -5.16
C LEU J 85 11.76 5.67 -6.12
N ASP J 86 10.97 6.66 -5.70
CA ASP J 86 9.85 7.16 -6.50
C ASP J 86 10.09 8.61 -6.94
N LEU J 87 9.72 8.93 -8.19
CA LEU J 87 9.94 10.28 -8.75
C LEU J 87 8.66 11.11 -8.79
N SER J 88 8.73 12.30 -8.17
CA SER J 88 7.59 13.21 -8.15
C SER J 88 7.60 14.13 -9.37
N ASN J 89 6.40 14.52 -9.82
CA ASN J 89 6.27 15.39 -10.98
C ASN J 89 5.49 16.64 -10.62
N VAL J 90 6.01 17.80 -11.03
CA VAL J 90 5.36 19.08 -10.74
C VAL J 90 5.30 19.93 -12.01
N GLN J 91 4.09 20.31 -12.41
CA GLN J 91 3.89 21.13 -13.61
C GLN J 91 2.99 22.32 -13.29
N SER J 92 3.40 23.49 -13.77
CA SER J 92 2.64 24.72 -13.54
C SER J 92 1.82 25.07 -14.78
N LYS J 93 0.52 24.81 -14.71
CA LYS J 93 -0.39 25.09 -15.82
C LYS J 93 -0.79 26.58 -15.82
N CYS J 94 -0.85 27.18 -14.63
CA CYS J 94 -1.24 28.60 -14.51
C CYS J 94 -0.06 29.45 -14.03
N GLY J 95 0.88 28.83 -13.32
CA GLY J 95 2.05 29.53 -12.81
C GLY J 95 1.67 30.50 -11.69
N SER J 96 2.33 31.67 -11.67
CA SER J 96 2.05 32.67 -10.66
C SER J 96 2.27 34.08 -11.21
N LYS J 97 1.32 34.97 -10.95
CA LYS J 97 1.41 36.35 -11.43
C LYS J 97 1.18 37.33 -10.28
N ASP J 98 2.21 38.12 -9.95
CA ASP J 98 2.11 39.09 -8.87
C ASP J 98 2.82 40.40 -9.24
N ASN J 99 2.21 41.52 -8.86
CA ASN J 99 2.78 42.84 -9.15
C ASN J 99 3.13 43.57 -7.87
N ILE J 100 4.38 44.00 -7.76
CA ILE J 100 4.84 44.72 -6.57
C ILE J 100 5.06 46.19 -6.93
N LYS J 101 4.28 47.07 -6.27
CA LYS J 101 4.39 48.51 -6.53
C LYS J 101 4.32 49.29 -5.22
N HIS J 102 5.48 49.67 -4.70
CA HIS J 102 5.56 50.42 -3.45
C HIS J 102 6.61 51.53 -3.56
N VAL J 103 6.32 52.68 -2.95
CA VAL J 103 7.24 53.83 -2.99
C VAL J 103 7.82 54.11 -1.58
N PRO J 104 9.00 53.57 -1.24
CA PRO J 104 9.61 53.81 0.12
C PRO J 104 9.74 55.29 0.44
N GLY J 105 9.28 55.67 1.64
CA GLY J 105 9.35 57.06 2.08
C GLY J 105 9.60 57.14 3.58
N GLY J 106 10.88 57.11 3.96
CA GLY J 106 11.27 57.17 5.37
C GLY J 106 12.19 56.00 5.73
N GLY J 107 11.84 55.29 6.80
CA GLY J 107 12.63 54.14 7.26
C GLY J 107 11.76 52.89 7.39
N SER J 108 11.57 52.20 6.26
CA SER J 108 10.76 50.98 6.24
C SER J 108 11.44 49.88 5.43
N VAL J 109 10.83 48.69 5.43
CA VAL J 109 11.37 47.54 4.69
C VAL J 109 10.28 46.92 3.80
N GLN J 110 10.69 46.46 2.62
CA GLN J 110 9.74 45.84 1.68
C GLN J 110 10.25 44.47 1.24
N ILE J 111 9.46 43.43 1.52
CA ILE J 111 9.82 42.07 1.15
C ILE J 111 8.58 41.27 0.73
N VAL J 112 8.76 40.40 -0.26
CA VAL J 112 7.67 39.57 -0.77
C VAL J 112 8.11 38.11 -0.80
N TYR J 113 7.48 37.28 0.05
CA TYR J 113 7.82 35.86 0.12
C TYR J 113 6.84 35.03 -0.72
N LYS J 114 7.38 34.34 -1.72
CA LYS J 114 6.57 33.50 -2.61
C LYS J 114 6.39 32.09 -2.00
N PRO J 115 5.45 31.28 -2.49
CA PRO J 115 5.19 29.91 -1.93
C PRO J 115 6.33 28.93 -2.22
N VAL J 116 6.29 27.79 -1.53
CA VAL J 116 7.31 26.75 -1.71
C VAL J 116 6.64 25.37 -1.70
N ASP J 117 7.01 24.53 -2.66
CA ASP J 117 6.45 23.18 -2.77
C ASP J 117 7.39 22.14 -2.15
N LEU J 118 6.93 21.52 -1.06
CA LEU J 118 7.72 20.50 -0.38
C LEU J 118 7.09 19.12 -0.55
N SER J 119 7.75 18.26 -1.33
CA SER J 119 7.26 16.90 -1.57
C SER J 119 7.76 15.96 -0.47
N LYS J 120 9.09 15.83 -0.37
CA LYS J 120 9.70 14.97 0.63
C LYS J 120 11.00 15.59 1.13
N VAL J 121 11.10 15.74 2.45
CA VAL J 121 12.30 16.33 3.07
C VAL J 121 12.53 15.71 4.44
N THR J 122 13.78 15.27 4.68
CA THR J 122 14.15 14.65 5.95
C THR J 122 15.39 15.32 6.52
N SER J 123 15.37 15.60 7.83
CA SER J 123 16.50 16.24 8.49
C SER J 123 16.67 15.69 9.91
N LYS J 124 17.74 14.92 10.11
CA LYS J 124 18.03 14.34 11.43
C LYS J 124 18.27 15.43 12.46
N CYS J 125 19.17 16.35 12.14
CA CYS J 125 19.50 17.46 13.04
C CYS J 125 19.62 18.76 12.26
N GLY J 126 19.28 19.87 12.91
CA GLY J 126 19.36 21.19 12.29
C GLY J 126 20.76 21.77 12.41
N SER J 127 20.82 23.07 12.71
CA SER J 127 22.11 23.77 12.85
C SER J 127 22.46 23.93 14.32
N LEU J 128 23.72 24.29 14.59
CA LEU J 128 24.19 24.48 15.96
C LEU J 128 24.28 25.96 16.28
N GLY J 129 23.28 26.47 17.01
CA GLY J 129 23.25 27.88 17.39
C GLY J 129 21.84 28.46 17.20
N GLU A 67 -43.25 8.94 -31.65
CA GLU A 67 -43.40 9.13 -30.18
C GLU A 67 -42.28 10.05 -29.67
N ASN A 68 -42.55 10.72 -28.55
CA ASN A 68 -41.57 11.64 -27.95
C ASN A 68 -40.75 10.92 -26.89
N LEU A 69 -39.44 10.79 -27.16
CA LEU A 69 -38.53 10.12 -26.23
C LEU A 69 -37.40 11.07 -25.82
N LYS A 70 -37.47 11.57 -24.59
CA LYS A 70 -36.46 12.49 -24.08
C LYS A 70 -35.33 11.72 -23.39
N HIS A 71 -35.67 10.99 -22.32
CA HIS A 71 -34.68 10.21 -21.58
C HIS A 71 -33.51 11.09 -21.14
N GLN A 72 -33.84 12.15 -20.37
CA GLN A 72 -32.83 13.09 -19.87
C GLN A 72 -32.89 13.20 -18.33
N PRO A 73 -32.82 12.09 -17.58
CA PRO A 73 -32.87 12.13 -16.09
C PRO A 73 -31.96 13.22 -15.51
N GLY A 74 -32.50 13.94 -14.51
CA GLY A 74 -31.74 15.02 -13.87
C GLY A 74 -31.52 14.72 -12.39
N GLY A 75 -30.32 15.05 -11.89
CA GLY A 75 -29.97 14.81 -10.49
C GLY A 75 -28.64 14.09 -10.36
N GLY A 76 -28.58 13.14 -9.43
CA GLY A 76 -27.36 12.37 -9.20
C GLY A 76 -26.35 13.19 -8.41
N LYS A 77 -25.92 14.30 -8.99
CA LYS A 77 -24.94 15.18 -8.35
C LYS A 77 -23.69 14.40 -7.96
N VAL A 78 -22.72 15.11 -7.37
CA VAL A 78 -21.46 14.48 -6.95
C VAL A 78 -21.70 13.22 -6.13
N GLN A 79 -20.76 12.27 -6.22
CA GLN A 79 -20.86 11.02 -5.49
C GLN A 79 -19.51 10.61 -4.90
N ILE A 80 -19.48 10.44 -3.57
CA ILE A 80 -18.25 10.05 -2.88
C ILE A 80 -18.51 8.86 -1.97
N ILE A 81 -17.94 7.70 -2.33
CA ILE A 81 -18.11 6.48 -1.54
C ILE A 81 -16.75 5.83 -1.24
N ASN A 82 -16.69 5.10 -0.12
CA ASN A 82 -15.45 4.43 0.29
C ASN A 82 -15.67 2.92 0.37
N LYS A 83 -14.75 2.18 -0.25
CA LYS A 83 -14.82 0.72 -0.26
C LYS A 83 -13.67 0.12 0.54
N LYS A 84 -13.99 -0.44 1.71
CA LYS A 84 -12.98 -1.03 2.58
C LYS A 84 -13.21 -2.54 2.73
N LEU A 85 -12.45 -3.32 1.97
CA LEU A 85 -12.57 -4.78 2.01
C LEU A 85 -11.37 -5.39 2.74
N ASP A 86 -11.61 -5.81 3.98
CA ASP A 86 -10.55 -6.42 4.80
C ASP A 86 -10.85 -7.89 5.06
N LEU A 87 -9.95 -8.77 4.59
CA LEU A 87 -10.11 -10.20 4.77
C LEU A 87 -9.03 -10.73 5.71
N SER A 88 -9.43 -11.11 6.92
CA SER A 88 -8.49 -11.62 7.92
C SER A 88 -8.64 -13.14 8.07
N ASN A 89 -7.52 -13.85 7.94
CA ASN A 89 -7.52 -15.31 8.07
C ASN A 89 -6.34 -15.76 8.93
N VAL A 90 -6.66 -16.33 10.09
CA VAL A 90 -5.63 -16.81 11.03
C VAL A 90 -5.35 -18.29 10.79
N GLN A 91 -4.13 -18.71 11.13
CA GLN A 91 -3.71 -20.10 10.95
C GLN A 91 -3.37 -20.72 12.31
N SER A 92 -3.11 -22.03 12.30
CA SER A 92 -2.79 -22.75 13.54
C SER A 92 -1.29 -22.86 13.72
N LYS A 93 -0.83 -22.86 14.97
CA LYS A 93 0.59 -22.97 15.28
C LYS A 93 1.10 -24.38 15.05
N CYS A 94 0.27 -25.37 15.40
CA CYS A 94 0.63 -26.77 15.23
C CYS A 94 0.35 -27.28 13.81
N GLY A 95 -0.38 -26.48 13.02
CA GLY A 95 -0.70 -26.85 11.64
C GLY A 95 -1.70 -27.99 11.60
N SER A 96 -1.43 -28.97 10.72
CA SER A 96 -2.32 -30.12 10.58
C SER A 96 -1.54 -31.38 10.26
N LYS A 97 -1.84 -32.46 10.98
CA LYS A 97 -1.16 -33.74 10.77
C LYS A 97 -2.18 -34.88 10.72
N ASP A 98 -2.20 -35.59 9.59
CA ASP A 98 -3.14 -36.70 9.40
C ASP A 98 -2.45 -37.89 8.74
N ASN A 99 -2.95 -39.09 9.04
CA ASN A 99 -2.41 -40.32 8.49
C ASN A 99 -3.50 -41.39 8.45
N ILE A 100 -3.63 -42.07 7.30
CA ILE A 100 -4.64 -43.12 7.15
C ILE A 100 -4.03 -44.40 6.58
N LYS A 101 -4.51 -45.54 7.08
CA LYS A 101 -4.02 -46.84 6.64
C LYS A 101 -5.08 -47.55 5.80
N HIS A 102 -4.76 -47.78 4.53
CA HIS A 102 -5.70 -48.45 3.62
C HIS A 102 -5.01 -49.60 2.89
N VAL A 103 -5.72 -50.73 2.75
CA VAL A 103 -5.14 -51.88 2.05
C VAL A 103 -6.22 -52.56 1.16
N PRO A 104 -6.36 -52.16 -0.11
CA PRO A 104 -7.36 -52.79 -1.02
C PRO A 104 -6.82 -54.03 -1.72
N GLY A 105 -7.64 -55.09 -1.71
CA GLY A 105 -7.27 -56.35 -2.34
C GLY A 105 -8.15 -56.63 -3.56
N GLY A 106 -9.44 -56.35 -3.42
CA GLY A 106 -10.40 -56.56 -4.51
C GLY A 106 -10.60 -55.29 -5.32
N GLY A 107 -11.59 -54.50 -4.95
CA GLY A 107 -11.88 -53.25 -5.64
C GLY A 107 -12.80 -52.35 -4.81
N SER A 108 -12.20 -51.36 -4.15
CA SER A 108 -12.95 -50.42 -3.32
C SER A 108 -12.58 -48.98 -3.66
N VAL A 109 -13.43 -48.04 -3.21
CA VAL A 109 -13.20 -46.61 -3.46
C VAL A 109 -13.20 -45.85 -2.14
N GLN A 110 -12.03 -45.33 -1.76
CA GLN A 110 -11.90 -44.58 -0.50
C GLN A 110 -11.11 -43.29 -0.72
N ILE A 111 -11.62 -42.19 -0.16
CA ILE A 111 -10.96 -40.89 -0.30
C ILE A 111 -11.08 -40.08 0.98
N VAL A 112 -10.04 -39.31 1.30
CA VAL A 112 -10.02 -38.48 2.51
C VAL A 112 -9.62 -37.05 2.15
N TYR A 113 -10.40 -36.08 2.63
CA TYR A 113 -10.12 -34.67 2.37
C TYR A 113 -9.48 -34.03 3.60
N LYS A 114 -8.51 -33.15 3.36
CA LYS A 114 -7.81 -32.47 4.46
C LYS A 114 -8.47 -31.12 4.76
N PRO A 115 -8.19 -30.52 5.93
CA PRO A 115 -8.81 -29.20 6.31
C PRO A 115 -8.58 -28.10 5.28
N VAL A 116 -9.63 -27.31 5.04
CA VAL A 116 -9.55 -26.21 4.07
C VAL A 116 -10.11 -24.93 4.70
N ASP A 117 -9.64 -23.78 4.19
CA ASP A 117 -10.09 -22.47 4.69
C ASP A 117 -10.78 -21.68 3.59
N LEU A 118 -12.09 -21.49 3.74
CA LEU A 118 -12.89 -20.75 2.76
C LEU A 118 -13.51 -19.51 3.39
N SER A 119 -13.16 -18.34 2.84
CA SER A 119 -13.70 -17.07 3.35
C SER A 119 -14.99 -16.71 2.62
N LYS A 120 -14.89 -16.57 1.30
CA LYS A 120 -16.06 -16.22 0.48
C LYS A 120 -16.25 -17.25 -0.64
N VAL A 121 -17.45 -17.83 -0.69
CA VAL A 121 -17.77 -18.84 -1.71
C VAL A 121 -19.09 -18.48 -2.39
N THR A 122 -19.05 -18.37 -3.72
CA THR A 122 -20.24 -18.04 -4.50
C THR A 122 -20.48 -19.10 -5.58
N SER A 123 -21.51 -19.92 -5.38
CA SER A 123 -21.85 -20.97 -6.34
C SER A 123 -23.03 -20.54 -7.20
N LYS A 124 -22.78 -20.40 -8.51
CA LYS A 124 -23.83 -20.00 -9.45
C LYS A 124 -24.59 -21.21 -9.95
N CYS A 125 -23.86 -22.23 -10.39
CA CYS A 125 -24.48 -23.46 -10.90
C CYS A 125 -23.94 -24.68 -10.16
N GLY A 126 -24.72 -25.77 -10.19
CA GLY A 126 -24.33 -27.01 -9.52
C GLY A 126 -22.96 -27.48 -9.98
N SER A 127 -22.07 -27.72 -9.01
CA SER A 127 -20.71 -28.18 -9.31
C SER A 127 -20.51 -29.60 -8.82
N LEU A 128 -19.56 -30.30 -9.44
CA LEU A 128 -19.27 -31.69 -9.08
C LEU A 128 -18.00 -31.75 -8.22
N GLY A 129 -18.18 -32.09 -6.95
CA GLY A 129 -17.07 -32.18 -6.02
C GLY A 129 -16.42 -33.57 -6.08
N GLU B 67 27.87 -10.60 44.88
CA GLU B 67 26.43 -10.97 44.77
C GLU B 67 26.22 -11.79 43.50
N ASN B 68 25.17 -12.61 43.51
CA ASN B 68 24.84 -13.45 42.36
C ASN B 68 23.82 -12.76 41.46
N LEU B 69 24.25 -12.43 40.24
CA LEU B 69 23.39 -11.76 39.27
C LEU B 69 23.28 -12.59 38.00
N LYS B 70 22.11 -13.23 37.82
CA LYS B 70 21.87 -14.07 36.64
C LYS B 70 21.27 -13.24 35.52
N HIS B 71 20.08 -12.69 35.75
CA HIS B 71 19.39 -11.87 34.75
C HIS B 71 19.24 -12.65 33.44
N GLN B 72 18.58 -13.81 33.52
CA GLN B 72 18.35 -14.66 32.35
C GLN B 72 16.83 -14.95 32.15
N PRO B 73 15.98 -13.93 32.08
CA PRO B 73 14.51 -14.13 31.89
C PRO B 73 14.20 -15.17 30.80
N GLY B 74 13.25 -16.04 31.08
CA GLY B 74 12.86 -17.09 30.12
C GLY B 74 11.40 -16.92 29.71
N GLY B 75 11.13 -17.15 28.42
CA GLY B 75 9.78 -17.03 27.88
C GLY B 75 9.75 -16.17 26.63
N GLY B 76 8.73 -15.32 26.52
CA GLY B 76 8.57 -14.43 25.37
C GLY B 76 8.05 -15.19 24.16
N LYS B 77 8.82 -16.18 23.71
CA LYS B 77 8.44 -16.99 22.56
C LYS B 77 8.13 -16.11 21.35
N VAL B 78 7.79 -16.74 20.23
CA VAL B 78 7.48 -16.01 18.99
C VAL B 78 6.48 -14.88 19.24
N GLN B 79 6.59 -13.82 18.43
CA GLN B 79 5.70 -12.68 18.55
C GLN B 79 5.27 -12.18 17.17
N ILE B 80 3.95 -12.14 16.96
CA ILE B 80 3.39 -11.68 15.67
C ILE B 80 2.29 -10.64 15.91
N ILE B 81 2.60 -9.39 15.54
CA ILE B 81 1.64 -8.29 15.72
C ILE B 81 1.46 -7.52 14.41
N ASN B 82 0.28 -6.91 14.25
CA ASN B 82 -0.03 -6.14 13.04
C ASN B 82 -0.33 -4.69 13.41
N LYS B 83 0.31 -3.76 12.67
CA LYS B 83 0.12 -2.34 12.91
C LYS B 83 -0.58 -1.69 11.71
N LYS B 84 -1.85 -1.31 11.90
CA LYS B 84 -2.63 -0.69 10.84
C LYS B 84 -3.00 0.75 11.22
N LEU B 85 -2.24 1.71 10.67
CA LEU B 85 -2.49 3.12 10.94
C LEU B 85 -3.10 3.80 9.71
N ASP B 86 -4.41 4.04 9.78
CA ASP B 86 -5.13 4.69 8.69
C ASP B 86 -5.62 6.07 9.10
N LEU B 87 -5.14 7.10 8.39
CA LEU B 87 -5.52 8.47 8.67
C LEU B 87 -6.36 9.04 7.52
N SER B 88 -7.65 9.21 7.75
CA SER B 88 -8.56 9.73 6.73
C SER B 88 -8.92 11.19 7.02
N ASN B 89 -8.73 12.05 6.03
CA ASN B 89 -9.04 13.47 6.16
C ASN B 89 -9.77 13.98 4.92
N VAL B 90 -11.03 14.37 5.10
CA VAL B 90 -11.85 14.86 4.00
C VAL B 90 -11.76 16.39 3.92
N GLN B 91 -11.98 16.92 2.71
CA GLN B 91 -11.93 18.36 2.49
C GLN B 91 -13.29 18.87 2.00
N SER B 92 -13.42 20.19 1.88
CA SER B 92 -14.67 20.81 1.45
C SER B 92 -14.64 21.10 -0.04
N LYS B 93 -15.81 21.00 -0.68
CA LYS B 93 -15.92 21.26 -2.11
C LYS B 93 -15.80 22.74 -2.42
N CYS B 94 -16.40 23.57 -1.56
CA CYS B 94 -16.36 25.03 -1.74
C CYS B 94 -15.07 25.64 -1.18
N GLY B 95 -14.28 24.85 -0.43
CA GLY B 95 -13.02 25.33 0.13
C GLY B 95 -13.27 26.32 1.26
N SER B 96 -12.50 27.42 1.24
CA SER B 96 -12.63 28.45 2.27
C SER B 96 -12.37 29.84 1.67
N LYS B 97 -13.26 30.79 1.98
CA LYS B 97 -13.12 32.15 1.47
C LYS B 97 -13.36 33.16 2.61
N ASP B 98 -12.35 33.98 2.89
CA ASP B 98 -12.44 34.97 3.96
C ASP B 98 -11.84 36.31 3.52
N ASN B 99 -12.36 37.39 4.09
CA ASN B 99 -11.90 38.74 3.78
C ASN B 99 -12.15 39.66 4.96
N ILE B 100 -11.13 40.44 5.35
CA ILE B 100 -11.26 41.36 6.48
C ILE B 100 -10.78 42.76 6.11
N LYS B 101 -11.49 43.77 6.62
CA LYS B 101 -11.14 45.17 6.35
C LYS B 101 -10.56 45.82 7.60
N HIS B 102 -9.30 46.22 7.52
CA HIS B 102 -8.62 46.86 8.65
C HIS B 102 -7.96 48.16 8.21
N VAL B 103 -8.06 49.20 9.04
CA VAL B 103 -7.44 50.49 8.73
C VAL B 103 -6.82 51.12 9.99
N PRO B 104 -5.54 50.86 10.29
CA PRO B 104 -4.87 51.44 11.48
C PRO B 104 -4.26 52.81 11.21
N GLY B 105 -4.52 53.75 12.12
CA GLY B 105 -4.00 55.11 11.99
C GLY B 105 -2.98 55.41 13.07
N GLY B 106 -3.26 54.95 14.30
CA GLY B 106 -2.37 55.16 15.43
C GLY B 106 -1.43 53.98 15.61
N GLY B 107 -1.85 53.02 16.45
CA GLY B 107 -1.04 51.82 16.71
C GLY B 107 -1.87 50.74 17.38
N SER B 108 -2.31 49.76 16.58
CA SER B 108 -3.12 48.66 17.09
C SER B 108 -2.56 47.32 16.62
N VAL B 109 -2.98 46.24 17.27
CA VAL B 109 -2.52 44.89 16.93
C VAL B 109 -3.73 43.99 16.64
N GLN B 110 -3.87 43.58 15.38
CA GLN B 110 -4.98 42.72 14.96
C GLN B 110 -4.49 41.58 14.09
N ILE B 111 -4.97 40.37 14.38
CA ILE B 111 -4.57 39.18 13.61
C ILE B 111 -5.75 38.22 13.44
N VAL B 112 -5.81 37.56 12.28
CA VAL B 112 -6.89 36.61 11.99
C VAL B 112 -6.30 35.29 11.49
N TYR B 113 -6.75 34.19 12.09
CA TYR B 113 -6.27 32.86 11.71
C TYR B 113 -7.31 32.18 10.81
N LYS B 114 -6.83 31.46 9.79
CA LYS B 114 -7.72 30.76 8.87
C LYS B 114 -7.94 29.30 9.31
N PRO B 115 -8.97 28.62 8.80
CA PRO B 115 -9.27 27.20 9.20
C PRO B 115 -8.08 26.26 9.02
N VAL B 116 -7.89 25.37 9.99
CA VAL B 116 -6.80 24.40 9.95
C VAL B 116 -7.33 23.00 10.27
N ASP B 117 -6.61 21.98 9.77
CA ASP B 117 -7.01 20.59 9.99
C ASP B 117 -5.93 19.84 10.76
N LEU B 118 -6.24 19.46 12.00
CA LEU B 118 -5.29 18.74 12.85
C LEU B 118 -5.85 17.37 13.22
N SER B 119 -5.11 16.31 12.85
CA SER B 119 -5.52 14.95 13.16
C SER B 119 -4.94 14.51 14.50
N LYS B 120 -3.62 14.52 14.60
CA LYS B 120 -2.93 14.14 15.83
C LYS B 120 -2.01 15.25 16.31
N VAL B 121 -2.19 15.67 17.56
CA VAL B 121 -1.37 16.74 18.15
C VAL B 121 -0.84 16.29 19.51
N THR B 122 0.49 16.33 19.67
CA THR B 122 1.12 15.94 20.93
C THR B 122 2.01 17.07 21.45
N SER B 123 1.56 17.72 22.52
CA SER B 123 2.32 18.82 23.11
C SER B 123 3.05 18.35 24.37
N LYS B 124 4.38 18.38 24.31
CA LYS B 124 5.22 17.95 25.43
C LYS B 124 5.44 19.11 26.40
N CYS B 125 5.84 20.27 25.86
CA CYS B 125 6.09 21.45 26.68
C CYS B 125 5.29 22.64 26.17
N GLY B 126 5.07 23.62 27.05
CA GLY B 126 4.31 24.81 26.70
C GLY B 126 4.90 25.50 25.47
N SER B 127 4.05 25.74 24.47
CA SER B 127 4.48 26.40 23.24
C SER B 127 3.85 27.78 23.13
N LEU B 128 4.51 28.66 22.37
CA LEU B 128 4.02 30.02 22.16
C LEU B 128 3.35 30.15 20.80
N GLY B 129 2.03 30.31 20.81
CA GLY B 129 1.26 30.45 19.56
C GLY B 129 1.24 31.90 19.10
N GLU C 67 -39.53 9.26 -34.85
CA GLU C 67 -39.67 9.46 -33.38
C GLU C 67 -38.55 10.38 -32.88
N ASN C 68 -38.82 11.06 -31.76
CA ASN C 68 -37.84 11.97 -31.17
C ASN C 68 -37.02 11.25 -30.11
N LEU C 69 -35.71 11.12 -30.38
CA LEU C 69 -34.80 10.45 -29.44
C LEU C 69 -33.68 11.40 -29.05
N LYS C 70 -33.75 11.91 -27.81
CA LYS C 70 -32.73 12.83 -27.30
C LYS C 70 -31.61 12.06 -26.62
N HIS C 71 -31.94 11.34 -25.54
CA HIS C 71 -30.95 10.55 -24.80
C HIS C 71 -29.78 11.45 -24.36
N GLN C 72 -30.11 12.50 -23.60
CA GLN C 72 -29.09 13.43 -23.10
C GLN C 72 -29.15 13.56 -21.56
N PRO C 73 -29.08 12.44 -20.82
CA PRO C 73 -29.13 12.48 -19.32
C PRO C 73 -28.23 13.58 -18.74
N GLY C 74 -28.75 14.30 -17.74
CA GLY C 74 -28.00 15.38 -17.10
C GLY C 74 -27.77 15.08 -15.63
N GLY C 75 -26.57 15.42 -15.14
CA GLY C 75 -26.22 15.18 -13.73
C GLY C 75 -24.89 14.46 -13.60
N GLY C 76 -24.83 13.52 -12.68
CA GLY C 76 -23.60 12.74 -12.45
C GLY C 76 -22.59 13.55 -11.66
N LYS C 77 -22.16 14.68 -12.24
CA LYS C 77 -21.19 15.56 -11.60
C LYS C 77 -19.93 14.77 -11.21
N VAL C 78 -18.96 15.48 -10.62
CA VAL C 78 -17.69 14.86 -10.21
C VAL C 78 -17.94 13.59 -9.39
N GLN C 79 -16.99 12.65 -9.47
CA GLN C 79 -17.09 11.40 -8.74
C GLN C 79 -15.74 11.01 -8.16
N ILE C 80 -15.71 10.83 -6.83
CA ILE C 80 -14.48 10.44 -6.14
C ILE C 80 -14.73 9.25 -5.22
N ILE C 81 -14.16 8.10 -5.59
CA ILE C 81 -14.34 6.87 -4.79
C ILE C 81 -12.98 6.23 -4.48
N ASN C 82 -12.91 5.50 -3.37
CA ASN C 82 -11.68 4.84 -2.96
C ASN C 82 -11.88 3.32 -2.88
N LYS C 83 -10.96 2.58 -3.49
CA LYS C 83 -11.04 1.12 -3.50
C LYS C 83 -9.88 0.52 -2.69
N LYS C 84 -10.20 -0.03 -1.53
CA LYS C 84 -9.19 -0.63 -0.66
C LYS C 84 -9.42 -2.13 -0.51
N LEU C 85 -8.66 -2.92 -1.27
CA LEU C 85 -8.78 -4.38 -1.23
C LEU C 85 -7.58 -4.98 -0.50
N ASP C 86 -7.80 -5.41 0.74
CA ASP C 86 -6.75 -6.01 1.56
C ASP C 86 -7.04 -7.48 1.82
N LEU C 87 -6.15 -8.35 1.35
CA LEU C 87 -6.31 -9.79 1.54
C LEU C 87 -5.22 -10.32 2.47
N SER C 88 -5.62 -10.69 3.69
CA SER C 88 -4.67 -11.20 4.68
C SER C 88 -4.82 -12.71 4.84
N ASN C 89 -3.71 -13.43 4.70
CA ASN C 89 -3.71 -14.89 4.83
C ASN C 89 -2.53 -15.33 5.69
N VAL C 90 -2.84 -15.91 6.86
CA VAL C 90 -1.80 -16.38 7.78
C VAL C 90 -1.52 -17.86 7.54
N GLN C 91 -0.29 -18.28 7.89
CA GLN C 91 0.12 -19.67 7.72
C GLN C 91 0.46 -20.29 9.08
N SER C 92 0.72 -21.59 9.07
CA SER C 92 1.05 -22.32 10.30
C SER C 92 2.56 -22.44 10.48
N LYS C 93 3.00 -22.41 11.74
CA LYS C 93 4.43 -22.52 12.04
C LYS C 93 4.94 -23.94 11.82
N CYS C 94 4.11 -24.93 12.17
CA CYS C 94 4.47 -26.34 12.00
C CYS C 94 4.19 -26.84 10.58
N GLY C 95 3.46 -26.04 9.79
CA GLY C 95 3.14 -26.41 8.41
C GLY C 95 2.14 -27.55 8.37
N SER C 96 2.40 -28.54 7.50
CA SER C 96 1.51 -29.68 7.36
C SER C 96 2.31 -30.95 7.05
N LYS C 97 2.00 -32.03 7.76
CA LYS C 97 2.68 -33.31 7.56
C LYS C 97 1.66 -34.45 7.50
N ASP C 98 1.64 -35.16 6.38
CA ASP C 98 0.70 -36.27 6.19
C ASP C 98 1.39 -37.46 5.53
N ASN C 99 0.89 -38.66 5.85
CA ASN C 99 1.43 -39.89 5.27
C ASN C 99 0.35 -40.97 5.25
N ILE C 100 0.22 -41.65 4.10
CA ILE C 100 -0.79 -42.69 3.96
C ILE C 100 -0.18 -43.98 3.39
N LYS C 101 -0.66 -45.12 3.89
CA LYS C 101 -0.17 -46.42 3.45
C LYS C 101 -1.23 -47.13 2.62
N HIS C 102 -0.92 -47.36 1.34
CA HIS C 102 -1.85 -48.03 0.43
C HIS C 102 -1.16 -49.18 -0.29
N VAL C 103 -1.86 -50.31 -0.43
CA VAL C 103 -1.30 -51.46 -1.13
C VAL C 103 -2.37 -52.14 -2.01
N PRO C 104 -2.51 -51.76 -3.29
CA PRO C 104 -3.51 -52.38 -4.20
C PRO C 104 -2.99 -53.63 -4.90
N GLY C 105 -3.80 -54.68 -4.88
CA GLY C 105 -3.42 -55.95 -5.52
C GLY C 105 -4.31 -56.23 -6.72
N GLY C 106 -5.61 -55.95 -6.59
CA GLY C 106 -6.56 -56.17 -7.67
C GLY C 106 -6.76 -54.90 -8.49
N GLY C 107 -7.76 -54.09 -8.11
CA GLY C 107 -8.06 -52.86 -8.81
C GLY C 107 -8.96 -51.95 -7.98
N SER C 108 -8.37 -50.96 -7.32
CA SER C 108 -9.12 -50.02 -6.49
C SER C 108 -8.75 -48.58 -6.82
N VAL C 109 -9.60 -47.65 -6.39
CA VAL C 109 -9.36 -46.22 -6.64
C VAL C 109 -9.36 -45.45 -5.32
N GLN C 110 -8.19 -44.93 -4.94
CA GLN C 110 -8.06 -44.18 -3.68
C GLN C 110 -7.28 -42.89 -3.91
N ILE C 111 -7.78 -41.79 -3.35
CA ILE C 111 -7.13 -40.49 -3.49
C ILE C 111 -7.25 -39.67 -2.21
N VAL C 112 -6.20 -38.91 -1.89
CA VAL C 112 -6.19 -38.07 -0.69
C VAL C 112 -5.78 -36.64 -1.05
N TYR C 113 -6.58 -35.68 -0.58
CA TYR C 113 -6.30 -34.26 -0.83
C TYR C 113 -5.66 -33.61 0.39
N LYS C 114 -4.67 -32.74 0.15
CA LYS C 114 -3.98 -32.06 1.25
C LYS C 114 -4.64 -30.70 1.55
N PRO C 115 -4.37 -30.10 2.72
CA PRO C 115 -4.98 -28.78 3.10
C PRO C 115 -4.75 -27.69 2.07
N VAL C 116 -5.79 -26.89 1.82
CA VAL C 116 -5.73 -25.79 0.86
C VAL C 116 -6.28 -24.51 1.48
N ASP C 117 -5.83 -23.37 0.98
CA ASP C 117 -6.27 -22.06 1.47
C ASP C 117 -6.97 -21.28 0.37
N LEU C 118 -8.28 -21.08 0.53
CA LEU C 118 -9.08 -20.34 -0.46
C LEU C 118 -9.69 -19.10 0.18
N SER C 119 -9.35 -17.93 -0.38
CA SER C 119 -9.89 -16.66 0.13
C SER C 119 -11.18 -16.31 -0.60
N LYS C 120 -11.09 -16.16 -1.92
CA LYS C 120 -12.26 -15.83 -2.74
C LYS C 120 -12.45 -16.86 -3.85
N VAL C 121 -13.65 -17.44 -3.91
CA VAL C 121 -13.96 -18.45 -4.92
C VAL C 121 -15.29 -18.10 -5.60
N THR C 122 -15.25 -17.99 -6.93
CA THR C 122 -16.44 -17.65 -7.71
C THR C 122 -16.68 -18.71 -8.79
N SER C 123 -17.71 -19.53 -8.58
CA SER C 123 -18.05 -20.58 -9.54
C SER C 123 -19.24 -20.16 -10.40
N LYS C 124 -18.99 -20.02 -11.70
CA LYS C 124 -20.03 -19.62 -12.65
C LYS C 124 -20.80 -20.84 -13.15
N CYS C 125 -20.07 -21.87 -13.59
CA CYS C 125 -20.69 -23.09 -14.09
C CYS C 125 -20.15 -24.30 -13.34
N GLY C 126 -20.92 -25.40 -13.38
CA GLY C 126 -20.53 -26.63 -12.71
C GLY C 126 -19.16 -27.10 -13.17
N SER C 127 -18.27 -27.34 -12.20
CA SER C 127 -16.92 -27.79 -12.51
C SER C 127 -16.71 -29.22 -12.01
N LEU C 128 -15.77 -29.92 -12.64
CA LEU C 128 -15.46 -31.31 -12.27
C LEU C 128 -14.20 -31.38 -11.42
N GLY C 129 -14.37 -31.69 -10.13
CA GLY C 129 -13.25 -31.79 -9.20
C GLY C 129 -12.61 -33.17 -9.26
N GLU D 67 31.60 -10.09 41.70
CA GLU D 67 30.16 -10.47 41.60
C GLU D 67 29.94 -11.29 40.32
N ASN D 68 28.89 -12.11 40.33
CA ASN D 68 28.56 -12.96 39.18
C ASN D 68 27.55 -12.26 38.27
N LEU D 69 27.99 -11.94 37.06
CA LEU D 69 27.12 -11.27 36.08
C LEU D 69 27.01 -12.10 34.81
N LYS D 70 25.86 -12.74 34.63
CA LYS D 70 25.62 -13.59 33.46
C LYS D 70 25.01 -12.76 32.32
N HIS D 71 23.82 -12.21 32.56
CA HIS D 71 23.13 -11.39 31.55
C HIS D 71 22.98 -12.17 30.24
N GLN D 72 22.32 -13.33 30.33
CA GLN D 72 22.10 -14.18 29.15
C GLN D 72 20.59 -14.47 28.95
N PRO D 73 19.73 -13.45 28.88
CA PRO D 73 18.26 -13.66 28.69
C PRO D 73 17.96 -14.70 27.60
N GLY D 74 17.00 -15.57 27.87
CA GLY D 74 16.62 -16.62 26.92
C GLY D 74 15.16 -16.45 26.49
N GLY D 75 14.89 -16.68 25.21
CA GLY D 75 13.53 -16.56 24.67
C GLY D 75 13.52 -15.70 23.42
N GLY D 76 12.49 -14.86 23.30
CA GLY D 76 12.35 -13.97 22.16
C GLY D 76 11.82 -14.73 20.95
N LYS D 77 12.59 -15.73 20.50
CA LYS D 77 12.21 -16.54 19.34
C LYS D 77 11.92 -15.65 18.14
N VAL D 78 11.57 -16.29 17.01
CA VAL D 78 11.27 -15.56 15.77
C VAL D 78 10.27 -14.43 16.02
N GLN D 79 10.36 -13.38 15.20
CA GLN D 79 9.47 -12.23 15.33
C GLN D 79 9.04 -11.74 13.95
N ILE D 80 7.73 -11.70 13.72
CA ILE D 80 7.18 -11.24 12.45
C ILE D 80 6.08 -10.20 12.68
N ILE D 81 6.38 -8.95 12.31
CA ILE D 81 5.42 -7.85 12.49
C ILE D 81 5.24 -7.08 11.17
N ASN D 82 4.05 -6.48 11.01
CA ASN D 82 3.74 -5.71 9.80
C ASN D 82 3.44 -4.25 10.15
N LYS D 83 4.09 -3.34 9.43
CA LYS D 83 3.90 -1.90 9.66
C LYS D 83 3.20 -1.26 8.46
N LYS D 84 1.94 -0.88 8.65
CA LYS D 84 1.15 -0.26 7.58
C LYS D 84 0.78 1.17 7.96
N LEU D 85 1.54 2.13 7.41
CA LEU D 85 1.29 3.55 7.68
C LEU D 85 0.68 4.23 6.46
N ASP D 86 -0.64 4.47 6.53
CA ASP D 86 -1.36 5.11 5.43
C ASP D 86 -1.84 6.50 5.84
N LEU D 87 -1.37 7.52 5.12
CA LEU D 87 -1.76 8.90 5.40
C LEU D 87 -2.57 9.46 4.25
N SER D 88 -3.88 9.63 4.48
CA SER D 88 -4.78 10.15 3.46
C SER D 88 -5.15 11.61 3.75
N ASN D 89 -4.95 12.46 2.75
CA ASN D 89 -5.26 13.89 2.88
C ASN D 89 -5.99 14.38 1.63
N VAL D 90 -7.26 14.78 1.82
CA VAL D 90 -8.07 15.27 0.71
C VAL D 90 -7.98 16.81 0.62
N GLN D 91 -8.20 17.33 -0.58
CA GLN D 91 -8.16 18.77 -0.81
C GLN D 91 -9.51 19.28 -1.30
N SER D 92 -9.64 20.60 -1.41
CA SER D 92 -10.89 21.22 -1.84
C SER D 92 -10.86 21.51 -3.34
N LYS D 93 -12.03 21.41 -3.98
CA LYS D 93 -12.13 21.66 -5.42
C LYS D 93 -12.03 23.15 -5.73
N CYS D 94 -12.61 23.97 -4.87
CA CYS D 94 -12.58 25.42 -5.04
C CYS D 94 -11.28 26.04 -4.48
N GLY D 95 -10.51 25.26 -3.73
CA GLY D 95 -9.25 25.73 -3.17
C GLY D 95 -9.50 26.74 -2.05
N SER D 96 -8.74 27.83 -2.06
CA SER D 96 -8.87 28.87 -1.04
C SER D 96 -8.61 30.25 -1.64
N LYS D 97 -9.50 31.19 -1.33
CA LYS D 97 -9.36 32.57 -1.83
C LYS D 97 -9.60 33.57 -0.70
N ASP D 98 -8.59 34.39 -0.42
CA ASP D 98 -8.69 35.38 0.64
C ASP D 98 -8.08 36.72 0.21
N ASN D 99 -8.61 37.80 0.78
CA ASN D 99 -8.14 39.15 0.47
C ASN D 99 -8.40 40.07 1.65
N ILE D 100 -7.39 40.85 2.04
CA ILE D 100 -7.52 41.78 3.17
C ILE D 100 -7.04 43.17 2.80
N LYS D 101 -7.74 44.19 3.30
CA LYS D 101 -7.40 45.58 3.03
C LYS D 101 -6.83 46.24 4.28
N HIS D 102 -5.56 46.65 4.20
CA HIS D 102 -4.88 47.29 5.34
C HIS D 102 -4.23 48.59 4.90
N VAL D 103 -4.34 49.62 5.73
CA VAL D 103 -3.71 50.91 5.41
C VAL D 103 -3.09 51.55 6.67
N PRO D 104 -1.81 51.28 6.97
CA PRO D 104 -1.14 51.87 8.17
C PRO D 104 -0.54 53.24 7.89
N GLY D 105 -0.80 54.18 8.81
CA GLY D 105 -0.29 55.55 8.68
C GLY D 105 0.74 55.85 9.76
N GLY D 106 0.45 55.38 10.99
CA GLY D 106 1.35 55.59 12.12
C GLY D 106 2.29 54.41 12.31
N GLY D 107 1.87 53.46 13.14
CA GLY D 107 2.68 52.27 13.41
C GLY D 107 1.84 51.18 14.07
N SER D 108 1.40 50.20 13.27
CA SER D 108 0.60 49.09 13.78
C SER D 108 1.16 47.75 13.32
N VAL D 109 0.72 46.68 13.97
CA VAL D 109 1.20 45.33 13.63
C VAL D 109 -0.01 44.43 13.34
N GLN D 110 -0.15 44.02 12.07
CA GLN D 110 -1.26 43.16 11.67
C GLN D 110 -0.76 42.01 10.79
N ILE D 111 -1.24 40.79 11.08
CA ILE D 111 -0.84 39.61 10.32
C ILE D 111 -2.02 38.65 10.15
N VAL D 112 -2.07 37.99 8.98
CA VAL D 112 -3.15 37.04 8.69
C VAL D 112 -2.56 35.72 8.19
N TYR D 113 -3.01 34.62 8.80
CA TYR D 113 -2.54 33.29 8.41
C TYR D 113 -3.57 32.60 7.52
N LYS D 114 -3.09 31.88 6.50
CA LYS D 114 -3.97 31.18 5.57
C LYS D 114 -4.20 29.73 6.02
N PRO D 115 -5.22 29.04 5.50
CA PRO D 115 -5.51 27.62 5.90
C PRO D 115 -4.33 26.68 5.72
N VAL D 116 -4.14 25.80 6.71
CA VAL D 116 -3.04 24.82 6.67
C VAL D 116 -3.57 23.42 6.98
N ASP D 117 -2.86 22.41 6.48
CA ASP D 117 -3.25 21.02 6.71
C ASP D 117 -2.17 20.27 7.48
N LEU D 118 -2.48 19.89 8.71
CA LEU D 118 -1.54 19.18 9.58
C LEU D 118 -2.09 17.80 9.94
N SER D 119 -1.35 16.75 9.57
CA SER D 119 -1.76 15.38 9.88
C SER D 119 -1.19 14.94 11.23
N LYS D 120 0.14 14.96 11.34
CA LYS D 120 0.82 14.56 12.57
C LYS D 120 1.74 15.69 13.04
N VAL D 121 1.56 16.11 14.29
CA VAL D 121 2.37 17.17 14.88
C VAL D 121 2.90 16.74 16.24
N THR D 122 4.23 16.77 16.40
CA THR D 122 4.86 16.39 17.66
C THR D 122 5.75 17.51 18.18
N SER D 123 5.30 18.17 19.25
CA SER D 123 6.05 19.28 19.85
C SER D 123 6.78 18.80 21.10
N LYS D 124 8.12 18.84 21.04
CA LYS D 124 8.94 18.41 22.18
C LYS D 124 9.17 19.56 23.15
N CYS D 125 9.56 20.72 22.60
CA CYS D 125 9.82 21.90 23.42
C CYS D 125 9.01 23.09 22.91
N GLY D 126 8.80 24.07 23.79
CA GLY D 126 8.03 25.26 23.44
C GLY D 126 8.62 25.95 22.21
N SER D 127 7.77 26.19 21.21
CA SER D 127 8.21 26.85 19.98
C SER D 127 7.57 28.23 19.86
N LEU D 128 8.23 29.11 19.09
CA LEU D 128 7.74 30.47 18.89
C LEU D 128 7.08 30.60 17.53
N GLY D 129 5.75 30.76 17.53
CA GLY D 129 4.99 30.89 16.29
C GLY D 129 4.96 32.34 15.82
N GLU E 67 -35.80 9.58 -38.07
CA GLU E 67 -35.95 9.79 -36.59
C GLU E 67 -34.84 10.71 -36.09
N ASN E 68 -35.10 11.39 -34.97
CA ASN E 68 -34.13 12.30 -34.38
C ASN E 68 -33.29 11.59 -33.32
N LEU E 69 -31.99 11.45 -33.59
CA LEU E 69 -31.07 10.79 -32.67
C LEU E 69 -29.95 11.74 -32.27
N LYS E 70 -30.02 12.25 -31.03
CA LYS E 70 -29.01 13.17 -30.52
C LYS E 70 -27.88 12.40 -29.84
N HIS E 71 -28.21 11.69 -28.77
CA HIS E 71 -27.21 10.91 -28.03
C HIS E 71 -26.05 11.80 -27.59
N GLN E 72 -26.37 12.85 -26.83
CA GLN E 72 -25.36 13.79 -26.33
C GLN E 72 -25.42 13.91 -24.79
N PRO E 73 -25.34 12.80 -24.04
CA PRO E 73 -25.38 12.84 -22.54
C PRO E 73 -24.49 13.94 -21.98
N GLY E 74 -25.01 14.66 -20.98
CA GLY E 74 -24.26 15.75 -20.34
C GLY E 74 -24.03 15.44 -18.86
N GLY E 75 -22.83 15.79 -18.38
CA GLY E 75 -22.48 15.56 -16.98
C GLY E 75 -21.15 14.84 -16.85
N GLY E 76 -21.07 13.89 -15.91
CA GLY E 76 -19.85 13.12 -15.69
C GLY E 76 -18.84 13.93 -14.90
N LYS E 77 -18.41 15.06 -15.49
CA LYS E 77 -17.44 15.94 -14.84
C LYS E 77 -16.17 15.16 -14.46
N VAL E 78 -15.20 15.86 -13.87
CA VAL E 78 -13.94 15.25 -13.47
C VAL E 78 -14.18 13.98 -12.64
N GLN E 79 -13.23 13.05 -12.72
CA GLN E 79 -13.34 11.78 -11.99
C GLN E 79 -11.98 11.39 -11.40
N ILE E 80 -11.94 11.22 -10.08
CA ILE E 80 -10.70 10.84 -9.39
C ILE E 80 -10.96 9.64 -8.46
N ILE E 81 -10.39 8.49 -8.83
CA ILE E 81 -10.56 7.26 -8.04
C ILE E 81 -9.20 6.63 -7.74
N ASN E 82 -9.13 5.91 -6.62
CA ASN E 82 -7.90 5.23 -6.20
C ASN E 82 -8.11 3.73 -6.13
N LYS E 83 -7.18 2.98 -6.74
CA LYS E 83 -7.25 1.51 -6.75
C LYS E 83 -6.09 0.93 -5.94
N LYS E 84 -6.42 0.38 -4.77
CA LYS E 84 -5.40 -0.22 -3.90
C LYS E 84 -5.64 -1.72 -3.76
N LEU E 85 -4.87 -2.51 -4.51
CA LEU E 85 -4.98 -3.97 -4.47
C LEU E 85 -3.79 -4.58 -3.75
N ASP E 86 -4.01 -5.00 -2.50
CA ASP E 86 -2.95 -5.60 -1.69
C ASP E 86 -3.25 -7.07 -1.42
N LEU E 87 -2.35 -7.94 -1.89
CA LEU E 87 -2.50 -9.38 -1.70
C LEU E 87 -1.42 -9.90 -0.77
N SER E 88 -1.81 -10.27 0.45
CA SER E 88 -0.86 -10.79 1.44
C SER E 88 -1.02 -12.30 1.60
N ASN E 89 0.10 -13.01 1.46
CA ASN E 89 0.10 -14.46 1.61
C ASN E 89 1.29 -14.91 2.46
N VAL E 90 0.97 -15.48 3.63
CA VAL E 90 2.02 -15.94 4.55
C VAL E 90 2.30 -17.43 4.31
N GLN E 91 3.52 -17.85 4.66
CA GLN E 91 3.94 -19.24 4.48
C GLN E 91 4.29 -19.85 5.84
N SER E 92 4.55 -21.17 5.84
CA SER E 92 4.88 -21.88 7.07
C SER E 92 6.39 -21.99 7.24
N LYS E 93 6.84 -21.98 8.51
CA LYS E 93 8.27 -22.08 8.81
C LYS E 93 8.77 -23.50 8.58
N CYS E 94 7.94 -24.48 8.94
CA CYS E 94 8.30 -25.90 8.77
C CYS E 94 8.03 -26.40 7.35
N GLY E 95 7.29 -25.61 6.56
CA GLY E 95 6.97 -25.99 5.18
C GLY E 95 5.97 -27.12 5.14
N SER E 96 6.23 -28.10 4.27
CA SER E 96 5.34 -29.26 4.14
C SER E 96 6.13 -30.52 3.82
N LYS E 97 5.84 -31.60 4.54
CA LYS E 97 6.51 -32.87 4.34
C LYS E 97 5.50 -34.02 4.29
N ASP E 98 5.47 -34.73 3.17
CA ASP E 98 4.54 -35.84 2.99
C ASP E 98 5.22 -37.04 2.32
N ASN E 99 4.73 -38.23 2.63
CA ASN E 99 5.27 -39.47 2.07
C ASN E 99 4.18 -40.54 2.05
N ILE E 100 4.06 -41.23 0.91
CA ILE E 100 3.05 -42.27 0.76
C ILE E 100 3.65 -43.55 0.19
N LYS E 101 3.19 -44.69 0.70
CA LYS E 101 3.68 -45.99 0.25
C LYS E 101 2.61 -46.72 -0.58
N HIS E 102 2.92 -46.94 -1.86
CA HIS E 102 1.99 -47.61 -2.76
C HIS E 102 2.68 -48.76 -3.49
N VAL E 103 1.98 -49.89 -3.62
CA VAL E 103 2.54 -51.05 -4.32
C VAL E 103 1.47 -51.73 -5.19
N PRO E 104 1.33 -51.35 -6.47
CA PRO E 104 0.32 -51.97 -7.38
C PRO E 104 0.86 -53.22 -8.07
N GLY E 105 0.03 -54.28 -8.06
CA GLY E 105 0.41 -55.54 -8.70
C GLY E 105 -0.47 -55.83 -9.90
N GLY E 106 -1.77 -55.54 -9.76
CA GLY E 106 -2.73 -55.76 -10.84
C GLY E 106 -2.93 -54.49 -11.66
N GLY E 107 -3.93 -53.70 -11.28
CA GLY E 107 -4.23 -52.45 -11.98
C GLY E 107 -5.14 -51.56 -11.15
N SER E 108 -4.54 -50.56 -10.50
CA SER E 108 -5.29 -49.62 -9.66
C SER E 108 -4.93 -48.18 -10.00
N VAL E 109 -5.77 -47.25 -9.56
CA VAL E 109 -5.54 -45.82 -9.82
C VAL E 109 -5.54 -45.05 -8.50
N GLN E 110 -4.36 -44.53 -8.12
CA GLN E 110 -4.23 -43.77 -6.87
C GLN E 110 -3.45 -42.48 -7.10
N ILE E 111 -3.95 -41.39 -6.54
CA ILE E 111 -3.29 -40.08 -6.69
C ILE E 111 -3.42 -39.27 -5.39
N VAL E 112 -2.37 -38.49 -5.09
CA VAL E 112 -2.37 -37.66 -3.88
C VAL E 112 -1.96 -36.23 -4.24
N TYR E 113 -2.75 -35.26 -3.78
CA TYR E 113 -2.48 -33.84 -4.03
C TYR E 113 -1.83 -33.20 -2.81
N LYS E 114 -0.85 -32.33 -3.05
CA LYS E 114 -0.16 -31.64 -1.96
C LYS E 114 -0.81 -30.28 -1.65
N PRO E 115 -0.54 -29.68 -0.49
CA PRO E 115 -1.16 -28.37 -0.11
C PRO E 115 -0.93 -27.27 -1.15
N VAL E 116 -1.98 -26.48 -1.39
CA VAL E 116 -1.90 -25.38 -2.35
C VAL E 116 -2.47 -24.10 -1.73
N ASP E 117 -2.00 -22.95 -2.24
CA ASP E 117 -2.46 -21.65 -1.74
C ASP E 117 -3.15 -20.87 -2.85
N LEU E 118 -4.47 -20.67 -2.69
CA LEU E 118 -5.27 -19.93 -3.68
C LEU E 118 -5.89 -18.69 -3.04
N SER E 119 -5.55 -17.52 -3.59
CA SER E 119 -6.08 -16.26 -3.09
C SER E 119 -7.38 -15.90 -3.81
N LYS E 120 -7.29 -15.76 -5.14
CA LYS E 120 -8.46 -15.43 -5.96
C LYS E 120 -8.65 -16.46 -7.07
N VAL E 121 -9.85 -17.04 -7.12
CA VAL E 121 -10.17 -18.05 -8.13
C VAL E 121 -11.50 -17.70 -8.81
N THR E 122 -11.46 -17.59 -10.14
CA THR E 122 -12.65 -17.27 -10.92
C THR E 122 -12.89 -18.32 -12.00
N SER E 123 -13.92 -19.14 -11.78
CA SER E 123 -14.26 -20.20 -12.74
C SER E 123 -15.44 -19.78 -13.61
N LYS E 124 -15.20 -19.64 -14.90
CA LYS E 124 -16.24 -19.24 -15.85
C LYS E 124 -17.02 -20.46 -16.34
N CYS E 125 -16.28 -21.48 -16.79
CA CYS E 125 -16.90 -22.72 -17.29
C CYS E 125 -16.36 -23.93 -16.54
N GLY E 126 -17.13 -25.02 -16.57
CA GLY E 126 -16.74 -26.25 -15.89
C GLY E 126 -15.36 -26.72 -16.36
N SER E 127 -14.47 -26.95 -15.40
CA SER E 127 -13.12 -27.41 -15.70
C SER E 127 -12.91 -28.85 -15.20
N LEU E 128 -11.97 -29.55 -15.83
CA LEU E 128 -11.66 -30.93 -15.45
C LEU E 128 -10.39 -30.98 -14.61
N GLY E 129 -10.57 -31.31 -13.33
CA GLY E 129 -9.44 -31.40 -12.40
C GLY E 129 -8.80 -32.78 -12.46
N GLU F 67 35.32 -9.60 38.52
CA GLU F 67 33.88 -9.97 38.41
C GLU F 67 33.67 -10.80 37.15
N ASN F 68 32.62 -11.63 37.14
CA ASN F 68 32.30 -12.47 36.00
C ASN F 68 31.29 -11.77 35.09
N LEU F 69 31.72 -11.45 33.87
CA LEU F 69 30.87 -10.78 32.90
C LEU F 69 30.75 -11.62 31.63
N LYS F 70 29.59 -12.26 31.44
CA LYS F 70 29.36 -13.10 30.27
C LYS F 70 28.76 -12.28 29.13
N HIS F 71 27.56 -11.73 29.37
CA HIS F 71 26.88 -10.91 28.35
C HIS F 71 26.72 -11.70 27.04
N GLN F 72 26.08 -12.86 27.13
CA GLN F 72 25.85 -13.71 25.96
C GLN F 72 24.34 -14.01 25.75
N PRO F 73 23.48 -12.98 25.68
CA PRO F 73 22.01 -13.19 25.49
C PRO F 73 21.72 -14.22 24.40
N GLY F 74 20.76 -15.11 24.67
CA GLY F 74 20.37 -16.15 23.73
C GLY F 74 18.92 -15.99 23.29
N GLY F 75 18.65 -16.22 22.00
CA GLY F 75 17.30 -16.11 21.46
C GLY F 75 17.28 -15.25 20.20
N GLY F 76 16.26 -14.40 20.09
CA GLY F 76 16.11 -13.52 18.94
C GLY F 76 15.59 -14.28 17.74
N LYS F 77 16.37 -15.27 17.28
CA LYS F 77 16.00 -16.08 16.13
C LYS F 77 15.69 -15.20 14.92
N VAL F 78 15.35 -15.83 13.80
CA VAL F 78 15.05 -15.11 12.56
C VAL F 78 14.05 -13.98 12.80
N GLN F 79 14.14 -12.93 11.98
CA GLN F 79 13.26 -11.77 12.10
C GLN F 79 12.82 -11.29 10.73
N ILE F 80 11.51 -11.25 10.49
CA ILE F 80 10.96 -10.80 9.21
C ILE F 80 9.87 -9.75 9.44
N ILE F 81 10.17 -8.51 9.08
CA ILE F 81 9.20 -7.41 9.24
C ILE F 81 9.02 -6.64 7.94
N ASN F 82 7.84 -6.04 7.77
CA ASN F 82 7.53 -5.27 6.57
C ASN F 82 7.23 -3.81 6.92
N LYS F 83 7.87 -2.90 6.19
CA LYS F 83 7.67 -1.46 6.41
C LYS F 83 6.98 -0.82 5.21
N LYS F 84 5.71 -0.45 5.40
CA LYS F 84 4.93 0.18 4.33
C LYS F 84 4.56 1.61 4.71
N LEU F 85 5.32 2.57 4.16
CA LEU F 85 5.07 3.98 4.43
C LEU F 85 4.45 4.65 3.21
N ASP F 86 3.14 4.90 3.27
CA ASP F 86 2.42 5.54 2.16
C ASP F 86 1.93 6.92 2.57
N LEU F 87 2.41 7.95 1.86
CA LEU F 87 2.02 9.33 2.13
C LEU F 87 1.20 9.88 0.98
N SER F 88 -0.10 10.06 1.21
CA SER F 88 -1.00 10.58 0.19
C SER F 88 -1.37 12.03 0.47
N ASN F 89 -1.17 12.89 -0.53
CA ASN F 89 -1.49 14.31 -0.40
C ASN F 89 -2.22 14.81 -1.64
N VAL F 90 -3.48 15.20 -1.47
CA VAL F 90 -4.29 15.70 -2.57
C VAL F 90 -4.21 17.22 -2.66
N GLN F 91 -4.42 17.75 -3.87
CA GLN F 91 -4.38 19.18 -4.10
C GLN F 91 -5.73 19.69 -4.59
N SER F 92 -5.86 21.01 -4.70
CA SER F 92 -7.11 21.63 -5.15
C SER F 92 -7.07 21.92 -6.64
N LYS F 93 -8.24 21.81 -7.29
CA LYS F 93 -8.35 22.06 -8.73
C LYS F 93 -8.24 23.55 -9.03
N CYS F 94 -8.84 24.38 -8.17
CA CYS F 94 -8.80 25.83 -8.35
C CYS F 94 -7.51 26.44 -7.79
N GLY F 95 -6.73 25.66 -7.03
CA GLY F 95 -5.47 26.14 -6.46
C GLY F 95 -5.73 27.15 -5.35
N SER F 96 -4.96 28.24 -5.36
CA SER F 96 -5.10 29.28 -4.35
C SER F 96 -4.84 30.65 -4.93
N LYS F 97 -5.73 31.60 -4.63
CA LYS F 97 -5.59 32.97 -5.14
C LYS F 97 -5.84 33.98 -4.00
N ASP F 98 -4.83 34.80 -3.73
CA ASP F 98 -4.92 35.79 -2.66
C ASP F 98 -4.33 37.13 -3.10
N ASN F 99 -4.86 38.21 -2.53
CA ASN F 99 -4.39 39.56 -2.84
C ASN F 99 -4.65 40.49 -1.66
N ILE F 100 -3.63 41.27 -1.28
CA ILE F 100 -3.77 42.20 -0.14
C ILE F 100 -3.30 43.59 -0.52
N LYS F 101 -4.00 44.61 -0.01
CA LYS F 101 -3.66 46.00 -0.28
C LYS F 101 -3.09 46.66 0.97
N HIS F 102 -1.82 47.06 0.89
CA HIS F 102 -1.14 47.70 2.02
C HIS F 102 -0.49 49.01 1.58
N VAL F 103 -0.60 50.05 2.41
CA VAL F 103 0.02 51.34 2.10
C VAL F 103 0.64 51.97 3.37
N PRO F 104 1.92 51.71 3.66
CA PRO F 104 2.59 52.29 4.86
C PRO F 104 3.18 53.68 4.59
N GLY F 105 2.93 54.62 5.50
CA GLY F 105 3.43 55.97 5.37
C GLY F 105 4.46 56.28 6.46
N GLY F 106 4.17 55.81 7.68
CA GLY F 106 5.06 56.04 8.82
C GLY F 106 6.00 54.85 9.01
N GLY F 107 5.58 53.89 9.84
CA GLY F 107 6.38 52.70 10.11
C GLY F 107 5.55 51.62 10.77
N SER F 108 5.12 50.64 9.98
CA SER F 108 4.31 49.52 10.48
C SER F 108 4.89 48.19 10.01
N VAL F 109 4.45 47.11 10.68
CA VAL F 109 4.91 45.76 10.33
C VAL F 109 3.72 44.86 10.04
N GLN F 110 3.58 44.46 8.77
CA GLN F 110 2.47 43.58 8.36
C GLN F 110 2.97 42.44 7.50
N ILE F 111 2.49 41.23 7.78
CA ILE F 111 2.90 40.04 7.02
C ILE F 111 1.72 39.08 6.85
N VAL F 112 1.66 38.42 5.69
CA VAL F 112 0.59 37.47 5.40
C VAL F 112 1.18 36.15 4.91
N TYR F 113 0.73 35.04 5.51
CA TYR F 113 1.20 33.71 5.12
C TYR F 113 0.18 33.02 4.23
N LYS F 114 0.67 32.31 3.21
CA LYS F 114 -0.22 31.61 2.28
C LYS F 114 -0.43 30.15 2.73
N PRO F 115 -1.46 29.46 2.21
CA PRO F 115 -1.76 28.05 2.60
C PRO F 115 -0.56 27.11 2.43
N VAL F 116 -0.38 26.22 3.41
CA VAL F 116 0.72 25.25 3.38
C VAL F 116 0.18 23.85 3.70
N ASP F 117 0.90 22.83 3.20
CA ASP F 117 0.51 21.43 3.43
C ASP F 117 1.60 20.70 4.20
N LEU F 118 1.28 20.32 5.43
CA LEU F 118 2.22 19.61 6.30
C LEU F 118 1.67 18.23 6.67
N SER F 119 2.41 17.18 6.31
CA SER F 119 2.00 15.81 6.61
C SER F 119 2.57 15.37 7.96
N LYS F 120 3.89 15.39 8.06
CA LYS F 120 4.57 15.00 9.30
C LYS F 120 5.50 16.11 9.78
N VAL F 121 5.31 16.54 11.03
CA VAL F 121 6.13 17.61 11.61
C VAL F 121 6.65 17.18 12.98
N THR F 122 7.97 17.22 13.15
CA THR F 122 8.60 16.83 14.41
C THR F 122 9.49 17.96 14.93
N SER F 123 9.03 18.62 15.99
CA SER F 123 9.78 19.72 16.59
C SER F 123 10.52 19.25 17.84
N LYS F 124 11.84 19.28 17.79
CA LYS F 124 12.68 18.86 18.92
C LYS F 124 12.89 20.02 19.89
N CYS F 125 13.30 21.17 19.35
CA CYS F 125 13.56 22.36 20.17
C CYS F 125 12.74 23.54 19.65
N GLY F 126 12.51 24.53 20.53
CA GLY F 126 11.76 25.72 20.17
C GLY F 126 12.35 26.40 18.95
N SER F 127 11.50 26.65 17.95
CA SER F 127 11.94 27.29 16.72
C SER F 127 11.30 28.68 16.58
N LEU F 128 11.96 29.56 15.83
CA LEU F 128 11.47 30.92 15.63
C LEU F 128 10.81 31.04 14.26
N GLY F 129 9.48 31.20 14.26
CA GLY F 129 8.73 31.33 13.02
C GLY F 129 8.69 32.79 12.54
N GLU G 67 -32.08 9.91 -41.27
CA GLU G 67 -32.23 10.13 -39.80
C GLU G 67 -31.12 11.05 -39.30
N ASN G 68 -31.38 11.72 -38.18
CA ASN G 68 -30.40 12.64 -37.59
C ASN G 68 -29.56 11.93 -36.54
N LEU G 69 -28.27 11.79 -36.81
CA LEU G 69 -27.35 11.13 -35.88
C LEU G 69 -26.23 12.09 -35.48
N LYS G 70 -26.30 12.59 -34.25
CA LYS G 70 -25.28 13.52 -33.75
C LYS G 70 -24.15 12.76 -33.06
N HIS G 71 -24.47 12.04 -31.99
CA HIS G 71 -23.48 11.26 -31.26
C HIS G 71 -22.31 12.16 -30.81
N GLN G 72 -22.64 13.21 -30.06
CA GLN G 72 -21.63 14.15 -29.56
C GLN G 72 -21.68 14.28 -28.02
N PRO G 73 -21.61 13.16 -27.27
CA PRO G 73 -21.64 13.21 -25.77
C PRO G 73 -20.75 14.30 -25.21
N GLY G 74 -21.27 15.03 -24.21
CA GLY G 74 -20.52 16.11 -23.58
C GLY G 74 -20.28 15.81 -22.10
N GLY G 75 -19.09 16.16 -21.61
CA GLY G 75 -18.74 15.93 -20.21
C GLY G 75 -17.40 15.20 -20.09
N GLY G 76 -17.32 14.26 -19.16
CA GLY G 76 -16.10 13.49 -18.93
C GLY G 76 -15.08 14.31 -18.15
N LYS G 77 -14.65 15.44 -18.74
CA LYS G 77 -13.68 16.33 -18.09
C LYS G 77 -12.42 15.54 -17.71
N VAL G 78 -11.45 16.25 -17.13
CA VAL G 78 -10.19 15.64 -16.72
C VAL G 78 -10.42 14.36 -15.89
N GLN G 79 -9.47 13.43 -15.98
CA GLN G 79 -9.57 12.17 -15.24
C GLN G 79 -8.22 11.79 -14.66
N ILE G 80 -8.18 11.61 -13.34
CA ILE G 80 -6.94 11.24 -12.64
C ILE G 80 -7.18 10.04 -11.72
N ILE G 81 -6.62 8.88 -12.09
CA ILE G 81 -6.78 7.67 -11.29
C ILE G 81 -5.43 7.03 -10.99
N ASN G 82 -5.36 6.30 -9.87
CA ASN G 82 -4.12 5.64 -9.46
C ASN G 82 -4.32 4.12 -9.38
N LYS G 83 -3.40 3.38 -9.99
CA LYS G 83 -3.47 1.92 -9.99
C LYS G 83 -2.32 1.33 -9.19
N LYS G 84 -2.63 0.78 -8.02
CA LYS G 84 -1.61 0.19 -7.15
C LYS G 84 -1.84 -1.32 -7.00
N LEU G 85 -1.09 -2.11 -7.76
CA LEU G 85 -1.20 -3.56 -7.72
C LEU G 85 0.00 -4.17 -6.99
N ASP G 86 -0.22 -4.58 -5.74
CA ASP G 86 0.85 -5.18 -4.93
C ASP G 86 0.55 -6.66 -4.66
N LEU G 87 1.45 -7.53 -5.14
CA LEU G 87 1.29 -8.97 -4.94
C LEU G 87 2.38 -9.49 -4.01
N SER G 88 1.99 -9.85 -2.79
CA SER G 88 2.94 -10.36 -1.81
C SER G 88 2.79 -11.87 -1.64
N ASN G 89 3.91 -12.59 -1.78
CA ASN G 89 3.91 -14.05 -1.64
C ASN G 89 5.10 -14.49 -0.78
N VAL G 90 4.79 -15.05 0.39
CA VAL G 90 5.83 -15.53 1.31
C VAL G 90 6.12 -17.01 1.08
N GLN G 91 7.34 -17.42 1.41
CA GLN G 91 7.76 -18.81 1.24
C GLN G 91 8.12 -19.42 2.60
N SER G 92 8.37 -20.74 2.60
CA SER G 92 8.70 -21.45 3.83
C SER G 92 10.21 -21.57 4.00
N LYS G 93 10.67 -21.55 5.26
CA LYS G 93 12.09 -21.64 5.56
C LYS G 93 12.60 -23.06 5.34
N CYS G 94 11.77 -24.05 5.70
CA CYS G 94 12.14 -25.46 5.54
C CYS G 94 11.86 -25.96 4.12
N GLY G 95 11.13 -25.17 3.32
CA GLY G 95 10.81 -25.55 1.95
C GLY G 95 9.80 -26.70 1.91
N SER G 96 10.06 -27.68 1.05
CA SER G 96 9.17 -28.83 0.91
C SER G 96 9.96 -30.09 0.59
N LYS G 97 9.66 -31.17 1.32
CA LYS G 97 10.34 -32.45 1.11
C LYS G 97 9.34 -33.59 1.07
N ASP G 98 9.31 -34.30 -0.05
CA ASP G 98 8.37 -35.42 -0.23
C ASP G 98 9.05 -36.61 -0.90
N ASN G 99 8.56 -37.81 -0.58
CA ASN G 99 9.11 -39.04 -1.14
C ASN G 99 8.03 -40.12 -1.17
N ILE G 100 7.89 -40.80 -2.31
CA ILE G 100 6.88 -41.85 -2.45
C ILE G 100 7.49 -43.13 -3.02
N LYS G 101 7.02 -44.27 -2.51
CA LYS G 101 7.51 -45.57 -2.96
C LYS G 101 6.45 -46.30 -3.78
N HIS G 102 6.76 -46.53 -5.06
CA HIS G 102 5.83 -47.19 -5.97
C HIS G 102 6.52 -48.34 -6.69
N VAL G 103 5.82 -49.47 -6.81
CA VAL G 103 6.38 -50.64 -7.51
C VAL G 103 5.30 -51.32 -8.39
N PRO G 104 5.16 -50.94 -9.66
CA PRO G 104 4.15 -51.56 -10.58
C PRO G 104 4.68 -52.81 -11.26
N GLY G 105 3.87 -53.87 -11.24
CA GLY G 105 4.24 -55.13 -11.87
C GLY G 105 3.36 -55.43 -13.08
N GLY G 106 2.06 -55.14 -12.94
CA GLY G 106 1.10 -55.37 -14.02
C GLY G 106 0.89 -54.10 -14.84
N GLY G 107 -0.11 -53.30 -14.46
CA GLY G 107 -0.41 -52.06 -15.16
C GLY G 107 -1.32 -51.16 -14.33
N SER G 108 -0.72 -50.16 -13.68
CA SER G 108 -1.47 -49.22 -12.84
C SER G 108 -1.11 -47.78 -13.19
N VAL G 109 -1.95 -46.85 -12.75
CA VAL G 109 -1.72 -45.42 -13.01
C VAL G 109 -1.72 -44.65 -11.68
N GLN G 110 -0.54 -44.12 -11.31
CA GLN G 110 -0.40 -43.37 -10.07
C GLN G 110 0.37 -42.08 -10.30
N ILE G 111 -0.13 -40.98 -9.73
CA ILE G 111 0.53 -39.68 -9.88
C ILE G 111 0.40 -38.85 -8.60
N VAL G 112 1.45 -38.09 -8.29
CA VAL G 112 1.46 -37.25 -7.09
C VAL G 112 1.86 -35.82 -7.45
N TYR G 113 1.07 -34.84 -6.98
CA TYR G 113 1.34 -33.44 -7.24
C TYR G 113 1.99 -32.79 -6.02
N LYS G 114 2.97 -31.91 -6.26
CA LYS G 114 3.66 -31.23 -5.18
C LYS G 114 3.01 -29.87 -4.88
N PRO G 115 3.28 -29.26 -3.71
CA PRO G 115 2.67 -27.95 -3.33
C PRO G 115 2.90 -26.86 -4.37
N VAL G 116 1.84 -26.06 -4.61
CA VAL G 116 1.91 -24.97 -5.57
C VAL G 116 1.34 -23.68 -4.96
N ASP G 117 1.80 -22.54 -5.47
CA ASP G 117 1.35 -21.24 -4.97
C ASP G 117 0.65 -20.45 -6.07
N LEU G 118 -0.65 -20.26 -5.91
CA LEU G 118 -1.46 -19.52 -6.89
C LEU G 118 -2.08 -18.29 -6.27
N SER G 119 -1.75 -17.12 -6.82
CA SER G 119 -2.28 -15.85 -6.32
C SER G 119 -3.58 -15.50 -7.04
N LYS G 120 -3.49 -15.36 -8.36
CA LYS G 120 -4.65 -15.02 -9.18
C LYS G 120 -4.85 -16.05 -10.28
N VAL G 121 -6.06 -16.64 -10.33
CA VAL G 121 -6.37 -17.65 -11.34
C VAL G 121 -7.70 -17.31 -12.03
N THR G 122 -7.66 -17.19 -13.35
CA THR G 122 -8.86 -16.87 -14.13
C THR G 122 -9.10 -17.93 -15.20
N SER G 123 -10.13 -18.75 -15.00
CA SER G 123 -10.47 -19.81 -15.94
C SER G 123 -11.66 -19.39 -16.81
N LYS G 124 -11.41 -19.26 -18.11
CA LYS G 124 -12.46 -18.86 -19.06
C LYS G 124 -13.23 -20.08 -19.54
N CYS G 125 -12.49 -21.11 -19.98
CA CYS G 125 -13.11 -22.33 -20.48
C CYS G 125 -12.57 -23.55 -19.73
N GLY G 126 -13.34 -24.63 -19.76
CA GLY G 126 -12.95 -25.88 -19.09
C GLY G 126 -11.58 -26.34 -19.56
N SER G 127 -10.68 -26.58 -18.60
CA SER G 127 -9.32 -27.02 -18.89
C SER G 127 -9.11 -28.46 -18.40
N LEU G 128 -8.17 -29.16 -19.02
CA LEU G 128 -7.87 -30.54 -18.65
C LEU G 128 -6.60 -30.60 -17.81
N GLY G 129 -6.77 -30.92 -16.52
CA GLY G 129 -5.64 -31.01 -15.60
C GLY G 129 -5.00 -32.39 -15.66
N GLU H 67 39.04 -9.12 35.34
CA GLU H 67 37.61 -9.49 35.23
C GLU H 67 37.40 -10.32 33.96
N ASN H 68 36.34 -11.14 33.96
CA ASN H 68 36.03 -11.99 32.81
C ASN H 68 35.02 -11.30 31.90
N LEU H 69 35.46 -10.97 30.68
CA LEU H 69 34.60 -10.31 29.71
C LEU H 69 34.49 -11.15 28.44
N LYS H 70 33.33 -11.79 28.25
CA LYS H 70 33.10 -12.63 27.08
C LYS H 70 32.50 -11.81 25.94
N HIS H 71 31.30 -11.25 26.18
CA HIS H 71 30.62 -10.44 25.16
C HIS H 71 30.48 -11.23 23.85
N GLN H 72 29.82 -12.38 23.93
CA GLN H 72 29.60 -13.24 22.76
C GLN H 72 28.09 -13.54 22.56
N PRO H 73 27.23 -12.52 22.49
CA PRO H 73 25.76 -12.73 22.28
C PRO H 73 25.47 -13.77 21.19
N GLY H 74 24.51 -14.65 21.47
CA GLY H 74 24.13 -15.69 20.52
C GLY H 74 22.68 -15.53 20.09
N GLY H 75 22.42 -15.77 18.79
CA GLY H 75 21.07 -15.65 18.25
C GLY H 75 21.05 -14.79 16.99
N GLY H 76 20.03 -13.95 16.88
CA GLY H 76 19.88 -13.06 15.73
C GLY H 76 19.36 -13.83 14.51
N LYS H 77 20.14 -14.81 14.07
CA LYS H 77 19.77 -15.63 12.91
C LYS H 77 19.48 -14.75 11.70
N VAL H 78 19.14 -15.39 10.57
CA VAL H 78 18.84 -14.67 9.33
C VAL H 78 17.83 -13.54 9.58
N GLN H 79 17.92 -12.49 8.76
CA GLN H 79 17.03 -11.33 8.88
C GLN H 79 16.60 -10.84 7.50
N ILE H 80 15.29 -10.81 7.26
CA ILE H 80 14.74 -10.36 5.98
C ILE H 80 13.65 -9.31 6.21
N ILE H 81 13.94 -8.07 5.84
CA ILE H 81 12.99 -6.97 6.01
C ILE H 81 12.80 -6.20 4.70
N ASN H 82 11.62 -5.60 4.53
CA ASN H 82 11.31 -4.84 3.32
C ASN H 82 11.01 -3.38 3.67
N LYS H 83 11.65 -2.47 2.95
CA LYS H 83 11.46 -1.04 3.17
C LYS H 83 10.77 -0.39 1.97
N LYS H 84 9.49 -0.02 2.16
CA LYS H 84 8.71 0.60 1.09
C LYS H 84 8.35 2.04 1.46
N LEU H 85 9.10 3.00 0.91
CA LEU H 85 8.85 4.42 1.17
C LEU H 85 8.24 5.08 -0.05
N ASP H 86 6.92 5.33 0.01
CA ASP H 86 6.20 5.96 -1.09
C ASP H 86 5.71 7.34 -0.69
N LEU H 87 6.19 8.37 -1.40
CA LEU H 87 5.80 9.76 -1.12
C LEU H 87 4.99 10.30 -2.29
N SER H 88 3.68 10.48 -2.06
CA SER H 88 2.78 11.00 -3.09
C SER H 88 2.40 12.45 -2.81
N ASN H 89 2.61 13.31 -3.80
CA ASN H 89 2.29 14.73 -3.67
C ASN H 89 1.56 15.22 -4.92
N VAL H 90 0.30 15.62 -4.74
CA VAL H 90 -0.51 16.11 -5.86
C VAL H 90 -0.42 17.63 -5.94
N GLN H 91 -0.64 18.16 -7.15
CA GLN H 91 -0.59 19.61 -7.39
C GLN H 91 -1.95 20.10 -7.88
N SER H 92 -2.07 21.42 -8.00
CA SER H 92 -3.33 22.04 -8.43
C SER H 92 -3.29 22.33 -9.94
N LYS H 93 -4.45 22.23 -10.58
CA LYS H 93 -4.55 22.47 -12.02
C LYS H 93 -4.45 23.95 -12.33
N CYS H 94 -5.05 24.78 -11.46
CA CYS H 94 -5.01 26.24 -11.65
C CYS H 94 -3.72 26.85 -11.09
N GLY H 95 -2.95 26.07 -10.32
CA GLY H 95 -1.69 26.55 -9.76
C GLY H 95 -1.95 27.56 -8.64
N SER H 96 -1.19 28.66 -8.65
CA SER H 96 -1.33 29.69 -7.63
C SER H 96 -1.06 31.07 -8.23
N LYS H 97 -1.96 32.02 -7.93
CA LYS H 97 -1.82 33.39 -8.43
C LYS H 97 -2.07 34.39 -7.30
N ASP H 98 -1.06 35.21 -7.02
CA ASP H 98 -1.17 36.21 -5.96
C ASP H 98 -0.56 37.55 -6.39
N ASN H 99 -1.10 38.63 -5.84
CA ASN H 99 -0.62 39.97 -6.14
C ASN H 99 -0.90 40.91 -4.96
N ILE H 100 0.12 41.69 -4.58
CA ILE H 100 -0.02 42.61 -3.45
C ILE H 100 0.46 44.01 -3.82
N LYS H 101 -0.25 45.02 -3.31
CA LYS H 101 0.09 46.42 -3.59
C LYS H 101 0.66 47.08 -2.33
N HIS H 102 1.92 47.48 -2.41
CA HIS H 102 2.60 48.12 -1.28
C HIS H 102 3.26 49.43 -1.72
N VAL H 103 3.15 50.47 -0.89
CA VAL H 103 3.76 51.77 -1.21
C VAL H 103 4.38 52.40 0.06
N PRO H 104 5.66 52.14 0.36
CA PRO H 104 6.32 52.72 1.57
C PRO H 104 6.92 54.11 1.29
N GLY H 105 6.65 55.04 2.20
CA GLY H 105 7.16 56.41 2.07
C GLY H 105 8.18 56.71 3.16
N GLY H 106 7.89 56.25 4.39
CA GLY H 106 8.78 56.47 5.52
C GLY H 106 9.72 55.28 5.71
N GLY H 107 9.31 54.33 6.55
CA GLY H 107 10.10 53.14 6.82
C GLY H 107 9.27 52.05 7.48
N SER H 108 8.85 51.07 6.68
CA SER H 108 8.04 49.96 7.19
C SER H 108 8.61 48.62 6.73
N VAL H 109 8.17 47.55 7.39
CA VAL H 109 8.65 46.20 7.05
C VAL H 109 7.45 45.29 6.75
N GLN H 110 7.32 44.89 5.49
CA GLN H 110 6.21 44.02 5.07
C GLN H 110 6.72 42.87 4.20
N ILE H 111 6.24 41.66 4.49
CA ILE H 111 6.63 40.47 3.73
C ILE H 111 5.46 39.51 3.55
N VAL H 112 5.41 38.85 2.40
CA VAL H 112 4.33 37.89 2.11
C VAL H 112 4.93 36.57 1.61
N TYR H 113 4.48 35.47 2.21
CA TYR H 113 4.96 34.14 1.84
C TYR H 113 3.93 33.45 0.94
N LYS H 114 4.43 32.74 -0.08
CA LYS H 114 3.55 32.03 -1.00
C LYS H 114 3.32 30.57 -0.56
N PRO H 115 2.30 29.88 -1.07
CA PRO H 115 2.00 28.47 -0.67
C PRO H 115 3.19 27.54 -0.85
N VAL H 116 3.38 26.65 0.13
CA VAL H 116 4.48 25.68 0.10
C VAL H 116 3.95 24.28 0.41
N ASP H 117 4.66 23.26 -0.07
CA ASP H 117 4.28 21.86 0.14
C ASP H 117 5.36 21.12 0.92
N LEU H 118 5.04 20.75 2.17
CA LEU H 118 5.98 20.03 3.03
C LEU H 118 5.43 18.66 3.41
N SER H 119 6.17 17.61 3.04
CA SER H 119 5.76 16.24 3.35
C SER H 119 6.33 15.80 4.70
N LYS H 120 7.66 15.83 4.80
CA LYS H 120 8.33 15.43 6.04
C LYS H 120 9.26 16.55 6.52
N VAL H 121 9.06 16.98 7.77
CA VAL H 121 9.88 18.05 8.35
C VAL H 121 10.40 17.61 9.72
N THR H 122 11.72 17.66 9.89
CA THR H 122 12.35 17.27 11.15
C THR H 122 13.24 18.40 11.67
N SER H 123 12.78 19.06 12.74
CA SER H 123 13.53 20.17 13.33
C SER H 123 14.25 19.70 14.59
N LYS H 124 15.59 19.73 14.54
CA LYS H 124 16.41 19.32 15.67
C LYS H 124 16.63 20.47 16.64
N CYS H 125 17.04 21.62 16.10
CA CYS H 125 17.28 22.81 16.91
C CYS H 125 16.47 24.00 16.40
N GLY H 126 16.25 24.97 17.28
CA GLY H 126 15.48 26.17 16.92
C GLY H 126 16.08 26.85 15.69
N SER H 127 15.24 27.09 14.69
CA SER H 127 15.67 27.75 13.45
C SER H 127 15.03 29.13 13.32
N LEU H 128 15.70 30.00 12.57
CA LEU H 128 15.20 31.37 12.37
C LEU H 128 14.54 31.48 11.00
N GLY H 129 13.22 31.64 10.99
CA GLY H 129 12.45 31.77 9.75
C GLY H 129 12.44 33.22 9.28
N GLU I 67 -28.38 10.25 -44.48
CA GLU I 67 -28.51 10.46 -43.01
C GLU I 67 -27.40 11.39 -42.51
N ASN I 68 -27.66 12.06 -41.40
CA ASN I 68 -26.68 12.98 -40.81
C ASN I 68 -25.85 12.28 -39.76
N LEU I 69 -24.55 12.14 -40.03
CA LEU I 69 -23.63 11.49 -39.11
C LEU I 69 -22.50 12.45 -38.71
N LYS I 70 -22.57 12.94 -37.48
CA LYS I 70 -21.56 13.87 -36.98
C LYS I 70 -20.42 13.12 -36.30
N HIS I 71 -20.75 12.39 -35.22
CA HIS I 71 -19.75 11.62 -34.48
C HIS I 71 -18.58 12.52 -34.05
N GLN I 72 -18.90 13.57 -33.29
CA GLN I 72 -17.89 14.51 -32.80
C GLN I 72 -17.95 14.64 -31.26
N PRO I 73 -17.86 13.52 -30.50
CA PRO I 73 -17.90 13.57 -29.00
C PRO I 73 -17.01 14.68 -28.45
N GLY I 74 -17.52 15.39 -27.45
CA GLY I 74 -16.78 16.48 -26.81
C GLY I 74 -16.54 16.19 -25.34
N GLY I 75 -15.34 16.54 -24.86
CA GLY I 75 -14.99 16.31 -23.46
C GLY I 75 -13.65 15.59 -23.34
N GLY I 76 -13.57 14.64 -22.39
CA GLY I 76 -12.35 13.88 -22.17
C GLY I 76 -11.32 14.70 -21.39
N LYS I 77 -10.91 15.82 -21.98
CA LYS I 77 -9.92 16.70 -21.35
C LYS I 77 -8.66 15.93 -20.97
N VAL I 78 -7.70 16.64 -20.38
CA VAL I 78 -6.43 16.02 -19.98
C VAL I 78 -6.67 14.76 -19.15
N GLN I 79 -5.72 13.82 -19.23
CA GLN I 79 -5.81 12.56 -18.50
C GLN I 79 -4.45 12.18 -17.92
N ILE I 80 -4.41 12.00 -16.59
CA ILE I 80 -3.17 11.63 -15.90
C ILE I 80 -3.41 10.44 -14.98
N ILE I 81 -2.85 9.28 -15.35
CA ILE I 81 -3.02 8.06 -14.55
C ILE I 81 -1.66 7.43 -14.25
N ASN I 82 -1.59 6.70 -13.12
CA ASN I 82 -0.35 6.04 -12.71
C ASN I 82 -0.55 4.53 -12.63
N LYS I 83 0.37 3.78 -13.25
CA LYS I 83 0.30 2.33 -13.25
C LYS I 83 1.47 1.73 -12.45
N LYS I 84 1.16 1.19 -11.27
CA LYS I 84 2.17 0.59 -10.40
C LYS I 84 1.94 -0.91 -10.25
N LEU I 85 2.70 -1.70 -11.01
CA LEU I 85 2.59 -3.16 -10.96
C LEU I 85 3.79 -3.76 -10.24
N ASP I 86 3.57 -4.17 -8.98
CA ASP I 86 4.63 -4.76 -8.19
C ASP I 86 4.34 -6.24 -7.90
N LEU I 87 5.24 -7.12 -8.38
CA LEU I 87 5.09 -8.55 -8.18
C LEU I 87 6.19 -9.07 -7.26
N SER I 88 5.80 -9.44 -6.04
CA SER I 88 6.74 -9.95 -5.05
C SER I 88 6.59 -11.46 -4.88
N ASN I 89 7.71 -12.17 -5.02
CA ASN I 89 7.72 -13.63 -4.89
C ASN I 89 8.90 -14.07 -4.02
N VAL I 90 8.60 -14.64 -2.85
CA VAL I 90 9.65 -15.10 -1.93
C VAL I 90 9.94 -16.58 -2.17
N GLN I 91 11.16 -16.99 -1.83
CA GLN I 91 11.57 -18.38 -2.00
C GLN I 91 11.93 -18.99 -0.64
N SER I 92 12.19 -20.31 -0.64
CA SER I 92 12.53 -21.02 0.58
C SER I 92 14.05 -21.14 0.75
N LYS I 93 14.50 -21.11 2.01
CA LYS I 93 15.92 -21.21 2.31
C LYS I 93 16.43 -22.63 2.09
N CYS I 94 15.60 -23.62 2.45
CA CYS I 94 15.97 -25.02 2.29
C CYS I 94 15.69 -25.52 0.87
N GLY I 95 14.95 -24.74 0.07
CA GLY I 95 14.63 -25.12 -1.30
C GLY I 95 13.62 -26.26 -1.33
N SER I 96 13.88 -27.25 -2.19
CA SER I 96 12.99 -28.40 -2.32
C SER I 96 13.79 -29.67 -2.65
N LYS I 97 13.50 -30.74 -1.92
CA LYS I 97 14.18 -32.02 -2.12
C LYS I 97 13.16 -33.16 -2.16
N ASP I 98 13.13 -33.88 -3.29
CA ASP I 98 12.20 -34.99 -3.46
C ASP I 98 12.88 -36.19 -4.13
N ASN I 99 12.39 -37.38 -3.81
CA ASN I 99 12.93 -38.62 -4.36
C ASN I 99 11.85 -39.69 -4.39
N ILE I 100 11.72 -40.38 -5.53
CA ILE I 100 10.71 -41.43 -5.67
C ILE I 100 11.32 -42.71 -6.23
N LYS I 101 10.86 -43.85 -5.72
CA LYS I 101 11.35 -45.16 -6.17
C LYS I 101 10.28 -45.88 -6.99
N HIS I 102 10.59 -46.10 -8.27
CA HIS I 102 9.66 -46.77 -9.18
C HIS I 102 10.35 -47.92 -9.90
N VAL I 103 9.65 -49.06 -10.02
CA VAL I 103 10.21 -50.22 -10.72
C VAL I 103 9.13 -50.91 -11.59
N PRO I 104 8.98 -50.53 -12.86
CA PRO I 104 7.97 -51.15 -13.77
C PRO I 104 8.50 -52.41 -14.45
N GLY I 105 7.69 -53.46 -14.44
CA GLY I 105 8.06 -54.74 -15.07
C GLY I 105 7.18 -55.02 -16.27
N GLY I 106 5.88 -54.73 -16.12
CA GLY I 106 4.92 -54.96 -17.20
C GLY I 106 4.71 -53.69 -18.03
N GLY I 107 3.71 -52.90 -17.65
CA GLY I 107 3.41 -51.65 -18.35
C GLY I 107 2.49 -50.76 -17.52
N SER I 108 3.10 -49.76 -16.86
CA SER I 108 2.35 -48.83 -16.03
C SER I 108 2.70 -47.38 -16.38
N VAL I 109 1.87 -46.45 -15.94
CA VAL I 109 2.09 -45.02 -16.20
C VAL I 109 2.10 -44.25 -14.88
N GLN I 110 3.27 -43.72 -14.51
CA GLN I 110 3.41 -42.96 -13.26
C GLN I 110 4.19 -41.67 -13.51
N ILE I 111 3.69 -40.57 -12.95
CA ILE I 111 4.35 -39.27 -13.09
C ILE I 111 4.22 -38.45 -11.81
N VAL I 112 5.26 -37.68 -11.50
CA VAL I 112 5.28 -36.84 -10.30
C VAL I 112 5.67 -35.41 -10.66
N TYR I 113 4.88 -34.44 -10.19
CA TYR I 113 5.15 -33.03 -10.46
C TYR I 113 5.81 -32.38 -9.25
N LYS I 114 6.79 -31.50 -9.49
CA LYS I 114 7.48 -30.82 -8.40
C LYS I 114 6.83 -29.46 -8.10
N PRO I 115 7.10 -28.85 -6.94
CA PRO I 115 6.48 -27.54 -6.55
C PRO I 115 6.70 -26.44 -7.60
N VAL I 116 5.66 -25.65 -7.84
CA VAL I 116 5.72 -24.56 -8.80
C VAL I 116 5.16 -23.27 -8.18
N ASP I 117 5.61 -22.13 -8.70
CA ASP I 117 5.16 -20.83 -8.20
C ASP I 117 4.46 -20.04 -9.30
N LEU I 118 3.14 -19.85 -9.14
CA LEU I 118 2.34 -19.12 -10.13
C LEU I 118 1.72 -17.88 -9.49
N SER I 119 2.05 -16.70 -10.04
CA SER I 119 1.52 -15.45 -9.55
C SER I 119 0.22 -15.09 -10.27
N LYS I 120 0.31 -14.95 -11.59
CA LYS I 120 -0.86 -14.62 -12.41
C LYS I 120 -1.05 -15.66 -13.51
N VAL I 121 -2.26 -16.24 -13.56
CA VAL I 121 -2.58 -17.25 -14.57
C VAL I 121 -3.91 -16.91 -15.24
N THR I 122 -3.88 -16.80 -16.57
CA THR I 122 -5.07 -16.48 -17.35
C THR I 122 -5.32 -17.54 -18.42
N SER I 123 -6.34 -18.37 -18.21
CA SER I 123 -6.68 -19.43 -19.15
C SER I 123 -7.87 -19.01 -20.01
N LYS I 124 -7.63 -18.88 -21.32
CA LYS I 124 -8.68 -18.48 -22.26
C LYS I 124 -9.45 -19.70 -22.75
N CYS I 125 -8.71 -20.72 -23.18
CA CYS I 125 -9.33 -21.95 -23.69
C CYS I 125 -8.79 -23.17 -22.94
N GLY I 126 -9.56 -24.26 -22.97
CA GLY I 126 -9.16 -25.49 -22.29
C GLY I 126 -7.79 -25.95 -22.76
N SER I 127 -6.89 -26.19 -21.80
CA SER I 127 -5.54 -26.64 -22.10
C SER I 127 -5.32 -28.06 -21.60
N LEU I 128 -4.39 -28.78 -22.23
CA LEU I 128 -4.08 -30.15 -21.86
C LEU I 128 -2.81 -30.20 -21.01
N GLY I 129 -2.97 -30.53 -19.72
CA GLY I 129 -1.84 -30.62 -18.80
C GLY I 129 -1.20 -32.00 -18.87
N GLU J 67 42.77 -8.63 32.17
CA GLU J 67 41.33 -9.02 32.05
C GLU J 67 41.12 -9.83 30.78
N ASN J 68 40.07 -10.66 30.79
CA ASN J 68 39.77 -11.51 29.63
C ASN J 68 38.76 -10.82 28.72
N LEU J 69 39.20 -10.50 27.50
CA LEU J 69 38.33 -9.83 26.52
C LEU J 69 38.23 -10.67 25.26
N LYS J 70 37.08 -11.31 25.07
CA LYS J 70 36.84 -12.15 23.90
C LYS J 70 36.25 -11.33 22.75
N HIS J 71 35.05 -10.78 22.98
CA HIS J 71 34.38 -9.97 21.97
C HIS J 71 34.23 -10.76 20.65
N GLN J 72 33.58 -11.92 20.74
CA GLN J 72 33.36 -12.78 19.57
C GLN J 72 31.85 -13.08 19.36
N PRO J 73 30.99 -12.05 19.29
CA PRO J 73 29.52 -12.26 19.08
C PRO J 73 29.24 -13.30 17.99
N GLY J 74 28.27 -14.19 18.27
CA GLY J 74 27.90 -15.23 17.31
C GLY J 74 26.45 -15.07 16.87
N GLY J 75 26.18 -15.31 15.59
CA GLY J 75 24.84 -15.20 15.04
C GLY J 75 24.82 -14.33 13.78
N GLY J 76 23.79 -13.50 13.66
CA GLY J 76 23.65 -12.61 12.52
C GLY J 76 23.13 -13.38 11.29
N LYS J 77 23.92 -14.36 10.86
CA LYS J 77 23.54 -15.19 9.70
C LYS J 77 23.26 -14.30 8.49
N VAL J 78 22.92 -14.94 7.37
CA VAL J 78 22.62 -14.22 6.12
C VAL J 78 21.62 -13.08 6.37
N GLN J 79 21.71 -12.04 5.54
CA GLN J 79 20.81 -10.89 5.66
C GLN J 79 20.40 -10.40 4.28
N ILE J 80 19.08 -10.38 4.04
CA ILE J 80 18.54 -9.92 2.75
C ILE J 80 17.44 -8.88 2.97
N ILE J 81 17.73 -7.62 2.61
CA ILE J 81 16.78 -6.53 2.77
C ILE J 81 16.59 -5.77 1.47
N ASN J 82 15.41 -5.17 1.29
CA ASN J 82 15.10 -4.40 0.09
C ASN J 82 14.80 -2.95 0.43
N LYS J 83 15.44 -2.03 -0.29
CA LYS J 83 15.24 -0.59 -0.07
C LYS J 83 14.55 0.04 -1.27
N LYS J 84 13.28 0.41 -1.09
CA LYS J 84 12.50 1.03 -2.16
C LYS J 84 12.13 2.47 -1.80
N LEU J 85 12.88 3.42 -2.34
CA LEU J 85 12.63 4.85 -2.07
C LEU J 85 12.03 5.51 -3.30
N ASP J 86 10.71 5.75 -3.24
CA ASP J 86 10.00 6.39 -4.35
C ASP J 86 9.50 7.77 -3.94
N LEU J 87 9.99 8.79 -4.66
CA LEU J 87 9.59 10.17 -4.38
C LEU J 87 8.76 10.73 -5.55
N SER J 88 7.47 10.91 -5.33
CA SER J 88 6.57 11.42 -6.35
C SER J 88 6.20 12.87 -6.07
N ASN J 89 6.40 13.73 -7.07
CA ASN J 89 6.08 15.15 -6.94
C ASN J 89 5.35 15.65 -8.20
N VAL J 90 4.10 16.03 -8.02
CA VAL J 90 3.28 16.52 -9.14
C VAL J 90 3.36 18.04 -9.22
N GLN J 91 3.16 18.58 -10.43
CA GLN J 91 3.20 20.02 -10.68
C GLN J 91 1.85 20.52 -11.17
N SER J 92 1.72 21.84 -11.28
CA SER J 92 0.46 22.45 -11.73
C SER J 92 0.51 22.74 -13.23
N LYS J 93 -0.66 22.63 -13.87
CA LYS J 93 -0.76 22.88 -15.31
C LYS J 93 -0.66 24.37 -15.62
N CYS J 94 -1.25 25.20 -14.76
CA CYS J 94 -1.22 26.64 -14.94
C CYS J 94 0.07 27.27 -14.38
N GLY J 95 0.84 26.48 -13.62
CA GLY J 95 2.10 26.97 -13.04
C GLY J 95 1.84 27.97 -11.92
N SER J 96 2.59 29.07 -11.94
CA SER J 96 2.45 30.11 -10.92
C SER J 96 2.72 31.48 -11.52
N LYS J 97 1.83 32.43 -11.23
CA LYS J 97 1.96 33.80 -11.72
C LYS J 97 1.71 34.81 -10.61
N ASP J 98 2.72 35.63 -10.31
CA ASP J 98 2.61 36.63 -9.25
C ASP J 98 3.21 37.96 -9.69
N ASN J 99 2.67 39.05 -9.13
CA ASN J 99 3.15 40.39 -9.44
C ASN J 99 2.87 41.32 -8.26
N ILE J 100 3.88 42.10 -7.87
CA ILE J 100 3.74 43.03 -6.74
C ILE J 100 4.22 44.43 -7.12
N LYS J 101 3.51 45.44 -6.61
CA LYS J 101 3.85 46.83 -6.88
C LYS J 101 4.42 47.50 -5.63
N HIS J 102 5.68 47.91 -5.71
CA HIS J 102 6.36 48.55 -4.58
C HIS J 102 7.02 49.85 -5.02
N VAL J 103 6.90 50.90 -4.19
CA VAL J 103 7.52 52.19 -4.51
C VAL J 103 8.13 52.82 -3.23
N PRO J 104 9.40 52.57 -2.93
CA PRO J 104 10.06 53.15 -1.73
C PRO J 104 10.66 54.54 -2.00
N GLY J 105 10.39 55.47 -1.09
CA GLY J 105 10.89 56.84 -1.22
C GLY J 105 11.92 57.14 -0.13
N GLY J 106 11.62 56.68 1.09
CA GLY J 106 12.51 56.90 2.24
C GLY J 106 13.45 55.71 2.43
N GLY J 107 13.03 54.76 3.26
CA GLY J 107 13.84 53.57 3.53
C GLY J 107 13.00 52.48 4.20
N SER J 108 12.57 51.50 3.40
CA SER J 108 11.77 50.40 3.91
C SER J 108 12.35 49.05 3.45
N VAL J 109 11.91 47.98 4.10
CA VAL J 109 12.38 46.63 3.77
C VAL J 109 11.18 45.72 3.47
N GLN J 110 11.06 45.32 2.20
CA GLN J 110 9.95 44.44 1.79
C GLN J 110 10.46 43.30 0.92
N ILE J 111 9.98 42.09 1.21
CA ILE J 111 10.39 40.91 0.45
C ILE J 111 9.21 39.93 0.27
N VAL J 112 9.16 39.28 -0.89
CA VAL J 112 8.08 38.32 -1.17
C VAL J 112 8.69 37.00 -1.67
N TYR J 113 8.24 35.90 -1.06
CA TYR J 113 8.72 34.57 -1.44
C TYR J 113 7.69 33.87 -2.34
N LYS J 114 8.19 33.16 -3.36
CA LYS J 114 7.32 32.45 -4.29
C LYS J 114 7.09 31.00 -3.84
N PRO J 115 6.07 30.30 -4.36
CA PRO J 115 5.77 28.89 -3.96
C PRO J 115 6.97 27.96 -4.13
N VAL J 116 7.15 27.07 -3.15
CA VAL J 116 8.24 26.10 -3.18
C VAL J 116 7.72 24.70 -2.86
N ASP J 117 8.43 23.68 -3.34
CA ASP J 117 8.05 22.28 -3.13
C ASP J 117 9.13 21.55 -2.34
N LEU J 118 8.80 21.18 -1.10
CA LEU J 118 9.75 20.47 -0.24
C LEU J 118 9.19 19.09 0.14
N SER J 119 9.94 18.03 -0.23
CA SER J 119 9.52 16.67 0.08
C SER J 119 10.09 16.23 1.43
N LYS J 120 11.43 16.25 1.54
CA LYS J 120 12.10 15.87 2.78
C LYS J 120 13.02 16.99 3.26
N VAL J 121 12.82 17.42 4.51
CA VAL J 121 13.63 18.49 5.10
C VAL J 121 14.15 18.05 6.46
N THR J 122 15.47 18.10 6.63
CA THR J 122 16.10 17.71 7.90
C THR J 122 16.99 18.85 8.42
N SER J 123 16.52 19.51 9.48
CA SER J 123 17.27 20.61 10.08
C SER J 123 18.00 20.14 11.34
N LYS J 124 19.33 20.18 11.29
CA LYS J 124 20.15 19.77 12.44
C LYS J 124 20.36 20.92 13.39
N CYS J 125 20.77 22.07 12.85
CA CYS J 125 21.02 23.26 13.67
C CYS J 125 20.21 24.44 13.16
N GLY J 126 19.98 25.43 14.03
CA GLY J 126 19.22 26.62 13.66
C GLY J 126 19.81 27.30 12.44
N SER J 127 18.97 27.53 11.43
CA SER J 127 19.41 28.19 10.20
C SER J 127 18.76 29.56 10.07
N LEU J 128 19.44 30.45 9.32
CA LEU J 128 18.94 31.81 9.11
C LEU J 128 18.28 31.93 7.73
N GLY J 129 16.95 32.09 7.73
CA GLY J 129 16.20 32.22 6.49
C GLY J 129 16.17 33.67 6.02
N GLU A 67 -39.45 -4.30 -23.54
CA GLU A 67 -39.75 -5.64 -22.97
C GLU A 67 -39.11 -5.75 -21.59
N ASN A 68 -37.79 -5.52 -21.52
CA ASN A 68 -37.05 -5.59 -20.27
C ASN A 68 -36.28 -4.30 -20.04
N LEU A 69 -36.56 -3.65 -18.90
CA LEU A 69 -35.90 -2.39 -18.55
C LEU A 69 -36.14 -1.34 -19.64
N LYS A 70 -37.20 -0.55 -19.48
CA LYS A 70 -37.54 0.48 -20.46
C LYS A 70 -37.97 1.77 -19.74
N HIS A 71 -37.59 2.91 -20.31
CA HIS A 71 -37.94 4.20 -19.74
C HIS A 71 -37.44 4.30 -18.30
N GLN A 72 -36.13 4.10 -18.12
CA GLN A 72 -35.50 4.15 -16.80
C GLN A 72 -34.43 5.27 -16.76
N PRO A 73 -34.81 6.53 -17.03
CA PRO A 73 -33.84 7.67 -17.01
C PRO A 73 -33.34 7.98 -15.60
N GLY A 74 -32.01 8.13 -15.46
CA GLY A 74 -31.40 8.43 -14.17
C GLY A 74 -30.50 9.65 -14.27
N GLY A 75 -29.59 9.78 -13.30
CA GLY A 75 -28.64 10.90 -13.28
C GLY A 75 -27.24 10.44 -12.89
N GLY A 76 -26.68 11.09 -11.87
CA GLY A 76 -25.34 10.74 -11.40
C GLY A 76 -24.97 11.56 -10.16
N LYS A 77 -24.63 12.83 -10.37
CA LYS A 77 -24.27 13.72 -9.27
C LYS A 77 -23.14 13.11 -8.44
N VAL A 78 -22.68 13.87 -7.44
CA VAL A 78 -21.59 13.42 -6.56
C VAL A 78 -21.97 12.07 -5.92
N GLN A 79 -20.99 11.16 -5.89
CA GLN A 79 -21.19 9.83 -5.31
C GLN A 79 -20.03 9.47 -4.39
N ILE A 80 -20.35 9.22 -3.11
CA ILE A 80 -19.33 8.86 -2.12
C ILE A 80 -19.48 7.39 -1.75
N ILE A 81 -18.50 6.57 -2.15
CA ILE A 81 -18.53 5.14 -1.86
C ILE A 81 -17.24 4.74 -1.13
N ASN A 82 -17.40 4.16 0.06
CA ASN A 82 -16.26 3.73 0.88
C ASN A 82 -16.38 2.25 1.22
N LYS A 83 -15.60 1.43 0.52
CA LYS A 83 -15.61 -0.02 0.74
C LYS A 83 -14.22 -0.50 1.17
N LYS A 84 -14.08 -0.83 2.45
CA LYS A 84 -12.81 -1.30 2.99
C LYS A 84 -12.98 -2.62 3.73
N LEU A 85 -12.13 -3.60 3.40
CA LEU A 85 -12.18 -4.91 4.04
C LEU A 85 -10.79 -5.29 4.57
N ASP A 86 -10.76 -5.90 5.76
CA ASP A 86 -9.50 -6.31 6.38
C ASP A 86 -9.52 -7.80 6.69
N LEU A 87 -8.62 -8.54 6.04
CA LEU A 87 -8.52 -9.98 6.25
C LEU A 87 -7.86 -10.27 7.60
N SER A 88 -8.21 -11.40 8.21
CA SER A 88 -7.66 -11.77 9.52
C SER A 88 -6.56 -12.82 9.41
N ASN A 89 -5.57 -12.73 10.31
CA ASN A 89 -4.44 -13.65 10.31
C ASN A 89 -4.53 -14.66 11.44
N VAL A 90 -4.56 -15.94 11.07
CA VAL A 90 -4.64 -17.03 12.03
C VAL A 90 -3.25 -17.52 12.40
N GLN A 91 -3.11 -18.06 13.62
CA GLN A 91 -1.83 -18.57 14.10
C GLN A 91 -2.02 -19.90 14.82
N SER A 92 -1.21 -20.88 14.45
CA SER A 92 -1.28 -22.21 15.07
C SER A 92 0.11 -22.69 15.46
N LYS A 93 0.32 -22.92 16.76
CA LYS A 93 1.60 -23.38 17.27
C LYS A 93 1.88 -24.81 16.82
N CYS A 94 0.83 -25.63 16.79
CA CYS A 94 0.94 -27.03 16.37
C CYS A 94 0.57 -27.21 14.90
N GLY A 95 -0.27 -26.30 14.38
CA GLY A 95 -0.70 -26.36 12.99
C GLY A 95 -1.81 -27.40 12.81
N SER A 96 -1.93 -27.91 11.58
CA SER A 96 -2.94 -28.91 11.26
C SER A 96 -2.33 -30.32 11.26
N LYS A 97 -2.88 -31.19 12.10
CA LYS A 97 -2.40 -32.57 12.21
C LYS A 97 -3.53 -33.54 11.91
N ASP A 98 -3.38 -34.30 10.82
CA ASP A 98 -4.39 -35.28 10.42
C ASP A 98 -3.74 -36.52 9.83
N ASN A 99 -4.34 -37.68 10.12
CA ASN A 99 -3.82 -38.95 9.63
C ASN A 99 -4.95 -39.98 9.56
N ILE A 100 -5.14 -40.58 8.38
CA ILE A 100 -6.20 -41.58 8.19
C ILE A 100 -5.62 -42.86 7.56
N LYS A 101 -6.14 -44.00 7.99
CA LYS A 101 -5.69 -45.30 7.47
C LYS A 101 -6.70 -45.85 6.47
N HIS A 102 -6.21 -46.16 5.27
CA HIS A 102 -7.06 -46.70 4.21
C HIS A 102 -6.35 -47.84 3.48
N VAL A 103 -7.07 -48.96 3.27
CA VAL A 103 -6.48 -50.10 2.56
C VAL A 103 -7.51 -50.70 1.58
N PRO A 104 -7.55 -50.25 0.32
CA PRO A 104 -8.50 -50.80 -0.69
C PRO A 104 -8.43 -52.32 -0.80
N GLY A 105 -9.59 -52.96 -0.73
CA GLY A 105 -9.68 -54.42 -0.82
C GLY A 105 -10.91 -54.83 -1.60
N GLY A 106 -10.84 -54.73 -2.93
CA GLY A 106 -11.95 -55.09 -3.80
C GLY A 106 -12.79 -53.86 -4.15
N GLY A 107 -12.20 -52.97 -4.96
CA GLY A 107 -12.89 -51.76 -5.39
C GLY A 107 -13.11 -50.81 -4.21
N SER A 108 -12.43 -49.66 -4.25
CA SER A 108 -12.56 -48.66 -3.18
C SER A 108 -11.89 -47.36 -3.59
N VAL A 109 -12.44 -46.23 -3.14
CA VAL A 109 -11.89 -44.91 -3.47
C VAL A 109 -11.75 -44.07 -2.19
N GLN A 110 -10.61 -43.40 -2.05
CA GLN A 110 -10.35 -42.55 -0.90
C GLN A 110 -10.43 -41.07 -1.28
N ILE A 111 -10.95 -40.25 -0.36
CA ILE A 111 -11.09 -38.82 -0.62
C ILE A 111 -10.41 -38.01 0.49
N VAL A 112 -9.29 -37.37 0.15
CA VAL A 112 -8.55 -36.57 1.12
C VAL A 112 -8.25 -35.19 0.53
N TYR A 113 -8.94 -34.16 1.05
CA TYR A 113 -8.76 -32.79 0.59
C TYR A 113 -8.24 -31.90 1.70
N LYS A 114 -7.37 -30.96 1.34
CA LYS A 114 -6.80 -30.03 2.32
C LYS A 114 -7.67 -28.76 2.42
N PRO A 115 -7.52 -27.94 3.46
CA PRO A 115 -8.36 -26.71 3.63
C PRO A 115 -8.06 -25.64 2.57
N VAL A 116 -8.94 -24.64 2.47
CA VAL A 116 -8.76 -23.55 1.51
C VAL A 116 -9.09 -22.21 2.16
N ASP A 117 -8.20 -21.23 1.94
CA ASP A 117 -8.40 -19.89 2.49
C ASP A 117 -8.96 -18.95 1.43
N LEU A 118 -10.25 -18.63 1.56
CA LEU A 118 -10.91 -17.75 0.60
C LEU A 118 -10.93 -16.31 1.12
N SER A 119 -10.33 -15.40 0.35
CA SER A 119 -10.28 -13.99 0.72
C SER A 119 -11.28 -13.18 -0.10
N LYS A 120 -11.11 -13.22 -1.43
CA LYS A 120 -11.99 -12.49 -2.34
C LYS A 120 -11.98 -13.13 -3.73
N VAL A 121 -13.17 -13.40 -4.26
CA VAL A 121 -13.29 -14.01 -5.60
C VAL A 121 -14.41 -13.33 -6.40
N THR A 122 -14.14 -13.11 -7.69
CA THR A 122 -15.11 -12.47 -8.57
C THR A 122 -15.34 -13.34 -9.82
N SER A 123 -16.54 -13.90 -9.92
CA SER A 123 -16.90 -14.75 -11.06
C SER A 123 -18.29 -14.41 -11.57
N LYS A 124 -18.40 -14.18 -12.88
CA LYS A 124 -19.68 -13.85 -13.50
C LYS A 124 -20.33 -15.10 -14.08
N CYS A 125 -19.58 -15.82 -14.90
CA CYS A 125 -20.09 -17.04 -15.52
C CYS A 125 -19.03 -18.15 -15.48
N GLY A 126 -19.46 -19.35 -15.13
CA GLY A 126 -18.57 -20.50 -15.05
C GLY A 126 -19.08 -21.52 -14.03
N SER A 127 -19.44 -22.71 -14.53
CA SER A 127 -19.94 -23.78 -13.67
C SER A 127 -18.86 -24.83 -13.42
N LEU A 128 -19.00 -25.56 -12.32
CA LEU A 128 -18.04 -26.60 -11.95
C LEU A 128 -18.65 -27.99 -12.16
N GLY A 129 -17.98 -28.81 -12.97
CA GLY A 129 -18.44 -30.16 -13.25
C GLY A 129 -19.47 -30.16 -14.39
N GLU B 67 18.40 1.96 41.46
CA GLU B 67 17.63 3.18 41.80
C GLU B 67 16.35 3.22 40.95
N ASN B 68 16.53 3.15 39.63
CA ASN B 68 15.41 3.18 38.70
C ASN B 68 15.45 1.98 37.76
N LEU B 69 14.38 1.18 37.78
CA LEU B 69 14.30 -0.01 36.94
C LEU B 69 15.47 -0.95 37.24
N LYS B 70 15.25 -1.88 38.15
CA LYS B 70 16.28 -2.84 38.53
C LYS B 70 15.69 -4.24 38.70
N HIS B 71 16.45 -5.26 38.31
CA HIS B 71 16.00 -6.64 38.41
C HIS B 71 14.68 -6.83 37.67
N GLN B 72 14.69 -6.48 36.38
CA GLN B 72 13.49 -6.61 35.53
C GLN B 72 13.76 -7.57 34.36
N PRO B 73 14.12 -8.84 34.63
CA PRO B 73 14.40 -9.84 33.56
C PRO B 73 13.14 -10.23 32.80
N GLY B 74 13.23 -10.23 31.46
CA GLY B 74 12.09 -10.58 30.62
C GLY B 74 12.48 -11.66 29.60
N GLY B 75 11.69 -11.77 28.54
CA GLY B 75 11.95 -12.76 27.50
C GLY B 75 11.73 -12.17 26.11
N GLY B 76 10.90 -12.84 25.31
CA GLY B 76 10.60 -12.39 23.96
C GLY B 76 9.54 -13.27 23.31
N LYS B 77 9.97 -14.45 22.87
CA LYS B 77 9.07 -15.42 22.23
C LYS B 77 8.34 -14.76 21.05
N VAL B 78 7.53 -15.56 20.35
CA VAL B 78 6.77 -15.07 19.20
C VAL B 78 5.91 -13.86 19.59
N GLN B 79 5.92 -12.84 18.72
CA GLN B 79 5.14 -11.62 18.98
C GLN B 79 4.37 -11.21 17.73
N ILE B 80 3.05 -11.16 17.85
CA ILE B 80 2.18 -10.78 16.73
C ILE B 80 1.60 -9.39 16.98
N ILE B 81 2.04 -8.40 16.17
CA ILE B 81 1.56 -7.03 16.30
C ILE B 81 0.98 -6.55 14.97
N ASN B 82 -0.28 -6.14 14.99
CA ASN B 82 -0.96 -5.65 13.79
C ASN B 82 -1.50 -4.24 14.00
N LYS B 83 -0.79 -3.25 13.45
CA LYS B 83 -1.20 -1.85 13.57
C LYS B 83 -1.47 -1.25 12.20
N LYS B 84 -2.75 -1.05 11.89
CA LYS B 84 -3.15 -0.48 10.61
C LYS B 84 -4.06 0.72 10.79
N LEU B 85 -3.74 1.82 10.11
CA LEU B 85 -4.55 3.05 10.20
C LEU B 85 -4.89 3.54 8.79
N ASP B 86 -6.13 4.01 8.63
CA ASP B 86 -6.61 4.50 7.34
C ASP B 86 -7.11 5.94 7.46
N LEU B 87 -6.43 6.86 6.78
CA LEU B 87 -6.81 8.27 6.80
C LEU B 87 -8.06 8.48 5.95
N SER B 88 -8.86 9.49 6.32
CA SER B 88 -10.11 9.79 5.61
C SER B 88 -9.96 10.97 4.66
N ASN B 89 -10.69 10.91 3.54
CA ASN B 89 -10.63 11.96 2.52
C ASN B 89 -11.89 12.83 2.54
N VAL B 90 -11.69 14.13 2.76
CA VAL B 90 -12.79 15.08 2.80
C VAL B 90 -13.00 15.72 1.43
N GLN B 91 -14.25 16.12 1.15
CA GLN B 91 -14.58 16.73 -0.12
C GLN B 91 -15.50 17.93 0.09
N SER B 92 -15.14 19.06 -0.54
CA SER B 92 -15.92 20.28 -0.43
C SER B 92 -16.15 20.90 -1.80
N LYS B 93 -17.43 21.00 -2.20
CA LYS B 93 -17.78 21.57 -3.49
C LYS B 93 -17.49 23.07 -3.53
N CYS B 94 -17.73 23.74 -2.41
CA CYS B 94 -17.48 25.18 -2.30
C CYS B 94 -16.12 25.47 -1.67
N GLY B 95 -15.62 24.53 -0.85
CA GLY B 95 -14.33 24.68 -0.19
C GLY B 95 -14.45 25.58 1.04
N SER B 96 -13.33 26.20 1.41
CA SER B 96 -13.31 27.09 2.57
C SER B 96 -13.39 28.55 2.13
N LYS B 97 -14.41 29.26 2.62
CA LYS B 97 -14.62 30.67 2.28
C LYS B 97 -14.62 31.51 3.54
N ASP B 98 -13.63 32.40 3.66
CA ASP B 98 -13.52 33.28 4.83
C ASP B 98 -13.00 34.65 4.42
N ASN B 99 -13.54 35.69 5.08
CA ASN B 99 -13.14 37.06 4.80
C ASN B 99 -13.38 37.94 6.03
N ILE B 100 -12.32 38.63 6.47
CA ILE B 100 -12.43 39.50 7.65
C ILE B 100 -11.89 40.89 7.34
N LYS B 101 -12.54 41.91 7.90
CA LYS B 101 -12.13 43.30 7.68
C LYS B 101 -11.37 43.83 8.90
N HIS B 102 -10.16 44.34 8.65
CA HIS B 102 -9.32 44.87 9.73
C HIS B 102 -8.65 46.17 9.27
N VAL B 103 -8.69 47.20 10.13
CA VAL B 103 -8.05 48.48 9.79
C VAL B 103 -7.32 49.05 11.03
N PRO B 104 -6.03 48.74 11.23
CA PRO B 104 -5.26 49.26 12.39
C PRO B 104 -5.35 50.78 12.50
N GLY B 105 -5.67 51.26 13.71
CA GLY B 105 -5.79 52.69 13.97
C GLY B 105 -5.26 53.03 15.36
N GLY B 106 -3.94 53.08 15.49
CA GLY B 106 -3.29 53.39 16.76
C GLY B 106 -2.91 52.12 17.51
N GLY B 107 -1.92 51.40 16.98
CA GLY B 107 -1.45 50.16 17.58
C GLY B 107 -2.51 49.07 17.50
N SER B 108 -2.24 48.03 16.72
CA SER B 108 -3.17 46.91 16.56
C SER B 108 -2.49 45.76 15.82
N VAL B 109 -2.88 44.52 16.17
CA VAL B 109 -2.31 43.33 15.54
C VAL B 109 -3.43 42.38 15.10
N GLN B 110 -3.29 41.85 13.88
CA GLN B 110 -4.28 40.92 13.34
C GLN B 110 -3.73 39.50 13.33
N ILE B 111 -4.59 38.52 13.58
CA ILE B 111 -4.18 37.12 13.60
C ILE B 111 -5.06 36.29 12.68
N VAL B 112 -4.48 35.84 11.56
CA VAL B 112 -5.22 35.03 10.58
C VAL B 112 -4.41 33.78 10.24
N TYR B 113 -4.90 32.63 10.72
CA TYR B 113 -4.22 31.34 10.48
C TYR B 113 -5.14 30.41 9.68
N LYS B 114 -4.53 29.63 8.78
CA LYS B 114 -5.28 28.68 7.96
C LYS B 114 -5.35 27.32 8.66
N PRO B 115 -6.24 26.41 8.25
CA PRO B 115 -6.36 25.06 8.91
C PRO B 115 -5.16 24.16 8.67
N VAL B 116 -5.06 23.08 9.44
CA VAL B 116 -3.95 22.14 9.30
C VAL B 116 -4.46 20.70 9.37
N ASP B 117 -3.98 19.87 8.45
CA ASP B 117 -4.38 18.47 8.39
C ASP B 117 -3.31 17.59 9.02
N LEU B 118 -3.59 17.09 10.22
CA LEU B 118 -2.64 16.24 10.94
C LEU B 118 -2.97 14.76 10.71
N SER B 119 -2.00 14.03 10.15
CA SER B 119 -2.17 12.59 9.89
C SER B 119 -1.41 11.77 10.91
N LYS B 120 -0.10 11.97 10.97
CA LYS B 120 0.76 11.24 11.91
C LYS B 120 2.04 12.02 12.20
N VAL B 121 2.34 12.20 13.49
CA VAL B 121 3.55 12.93 13.89
C VAL B 121 4.26 12.20 15.04
N THR B 122 5.59 12.16 14.97
CA THR B 122 6.40 11.50 16.00
C THR B 122 7.47 12.46 16.53
N SER B 123 7.31 12.88 17.79
CA SER B 123 8.26 13.79 18.42
C SER B 123 8.60 13.33 19.83
N LYS B 124 9.89 13.24 20.13
CA LYS B 124 10.34 12.80 21.45
C LYS B 124 10.66 14.02 22.33
N CYS B 125 11.48 14.92 21.80
CA CYS B 125 11.86 16.13 22.53
C CYS B 125 11.83 17.34 21.61
N GLY B 126 11.27 18.44 22.12
CA GLY B 126 11.17 19.69 21.34
C GLY B 126 9.97 20.51 21.79
N SER B 127 10.26 21.69 22.35
CA SER B 127 9.20 22.59 22.82
C SER B 127 8.99 23.73 21.83
N LEU B 128 7.78 24.31 21.88
CA LEU B 128 7.44 25.42 20.98
C LEU B 128 7.37 26.73 21.75
N GLY B 129 8.15 27.72 21.32
CA GLY B 129 8.19 29.02 21.97
C GLY B 129 9.16 29.01 23.16
N GLU C 67 -35.74 -3.92 -26.66
CA GLU C 67 -36.03 -5.26 -26.08
C GLU C 67 -35.39 -5.37 -24.71
N ASN C 68 -34.07 -5.13 -24.66
CA ASN C 68 -33.33 -5.20 -23.40
C ASN C 68 -32.55 -3.91 -23.17
N LEU C 69 -32.83 -3.26 -22.03
CA LEU C 69 -32.17 -2.00 -21.69
C LEU C 69 -32.40 -0.96 -22.78
N LYS C 70 -33.47 -0.17 -22.62
CA LYS C 70 -33.81 0.86 -23.59
C LYS C 70 -34.25 2.14 -22.88
N HIS C 71 -33.87 3.28 -23.45
CA HIS C 71 -34.21 4.59 -22.88
C HIS C 71 -33.71 4.68 -21.43
N GLN C 72 -32.40 4.48 -21.27
CA GLN C 72 -31.76 4.54 -19.95
C GLN C 72 -30.69 5.66 -19.92
N PRO C 73 -31.07 6.92 -20.18
CA PRO C 73 -30.10 8.06 -20.16
C PRO C 73 -29.60 8.38 -18.76
N GLY C 74 -28.28 8.53 -18.63
CA GLY C 74 -27.67 8.83 -17.34
C GLY C 74 -26.75 10.04 -17.44
N GLY C 75 -25.84 10.18 -16.48
CA GLY C 75 -24.91 11.29 -16.46
C GLY C 75 -23.50 10.84 -16.08
N GLY C 76 -22.93 11.48 -15.06
CA GLY C 76 -21.58 11.14 -14.59
C GLY C 76 -21.22 11.96 -13.35
N LYS C 77 -20.88 13.23 -13.57
CA LYS C 77 -20.51 14.12 -12.47
C LYS C 77 -19.38 13.51 -11.64
N VAL C 78 -18.92 14.28 -10.65
CA VAL C 78 -17.83 13.82 -9.77
C VAL C 78 -18.19 12.47 -9.13
N GLN C 79 -17.21 11.57 -9.11
CA GLN C 79 -17.42 10.24 -8.52
C GLN C 79 -16.26 9.87 -7.60
N ILE C 80 -16.57 9.63 -6.33
CA ILE C 80 -15.54 9.27 -5.33
C ILE C 80 -15.69 7.80 -4.96
N ILE C 81 -14.71 6.98 -5.36
CA ILE C 81 -14.74 5.55 -5.07
C ILE C 81 -13.45 5.16 -4.34
N ASN C 82 -13.61 4.58 -3.14
CA ASN C 82 -12.47 4.15 -2.33
C ASN C 82 -12.58 2.67 -2.00
N LYS C 83 -11.80 1.84 -2.70
CA LYS C 83 -11.80 0.40 -2.48
C LYS C 83 -10.42 -0.08 -2.06
N LYS C 84 -10.29 -0.42 -0.77
CA LYS C 84 -9.01 -0.88 -0.24
C LYS C 84 -9.18 -2.21 0.50
N LEU C 85 -8.31 -3.18 0.17
CA LEU C 85 -8.36 -4.50 0.82
C LEU C 85 -6.97 -4.87 1.34
N ASP C 86 -6.95 -5.47 2.53
CA ASP C 86 -5.68 -5.87 3.15
C ASP C 86 -5.69 -7.37 3.46
N LEU C 87 -4.80 -8.11 2.81
CA LEU C 87 -4.69 -9.56 3.02
C LEU C 87 -4.02 -9.84 4.36
N SER C 88 -4.36 -10.97 4.98
CA SER C 88 -3.82 -11.34 6.28
C SER C 88 -2.72 -12.39 6.17
N ASN C 89 -1.73 -12.29 7.07
CA ASN C 89 -0.59 -13.22 7.06
C ASN C 89 -0.68 -14.23 8.20
N VAL C 90 -0.71 -15.51 7.83
CA VAL C 90 -0.79 -16.60 8.79
C VAL C 90 0.61 -17.09 9.16
N GLN C 91 0.74 -17.63 10.38
CA GLN C 91 2.02 -18.13 10.85
C GLN C 91 1.84 -19.45 11.59
N SER C 92 2.65 -20.45 11.21
CA SER C 92 2.58 -21.77 11.82
C SER C 92 3.98 -22.25 12.21
N LYS C 93 4.18 -22.47 13.51
CA LYS C 93 5.47 -22.94 14.01
C LYS C 93 5.74 -24.37 13.56
N CYS C 94 4.69 -25.20 13.54
CA CYS C 94 4.81 -26.60 13.13
C CYS C 94 4.43 -26.77 11.65
N GLY C 95 3.59 -25.87 11.14
CA GLY C 95 3.15 -25.93 9.75
C GLY C 95 2.05 -26.96 9.57
N SER C 96 1.93 -27.48 8.34
CA SER C 96 0.91 -28.48 8.03
C SER C 96 1.52 -29.87 8.03
N LYS C 97 0.97 -30.75 8.88
CA LYS C 97 1.45 -32.13 8.98
C LYS C 97 0.32 -33.11 8.68
N ASP C 98 0.47 -33.87 7.59
CA ASP C 98 -0.54 -34.85 7.20
C ASP C 98 0.11 -36.09 6.61
N ASN C 99 -0.48 -37.25 6.91
CA ASN C 99 0.03 -38.52 6.41
C ASN C 99 -1.10 -39.56 6.35
N ILE C 100 -1.29 -40.15 5.17
CA ILE C 100 -2.35 -41.16 4.99
C ILE C 100 -1.78 -42.42 4.35
N LYS C 101 -2.29 -43.58 4.79
CA LYS C 101 -1.85 -44.86 4.27
C LYS C 101 -2.85 -45.42 3.27
N HIS C 102 -2.37 -45.74 2.07
CA HIS C 102 -3.23 -46.28 1.01
C HIS C 102 -2.52 -47.42 0.29
N VAL C 103 -3.23 -48.53 0.08
CA VAL C 103 -2.64 -49.68 -0.63
C VAL C 103 -3.67 -50.28 -1.61
N PRO C 104 -3.72 -49.83 -2.87
CA PRO C 104 -4.68 -50.38 -3.88
C PRO C 104 -4.61 -51.91 -3.98
N GLY C 105 -5.78 -52.55 -3.91
CA GLY C 105 -5.86 -54.01 -4.00
C GLY C 105 -7.10 -54.42 -4.78
N GLY C 106 -7.02 -54.31 -6.10
CA GLY C 106 -8.14 -54.68 -6.97
C GLY C 106 -8.97 -53.45 -7.33
N GLY C 107 -8.40 -52.57 -8.13
CA GLY C 107 -9.09 -51.34 -8.56
C GLY C 107 -9.31 -50.40 -7.38
N SER C 108 -8.62 -49.25 -7.41
CA SER C 108 -8.75 -48.25 -6.36
C SER C 108 -8.08 -46.94 -6.77
N VAL C 109 -8.64 -45.83 -6.32
CA VAL C 109 -8.08 -44.50 -6.64
C VAL C 109 -7.95 -43.66 -5.38
N GLN C 110 -6.80 -42.98 -5.24
CA GLN C 110 -6.53 -42.13 -4.08
C GLN C 110 -6.62 -40.67 -4.47
N ILE C 111 -7.12 -39.84 -3.55
CA ILE C 111 -7.27 -38.40 -3.82
C ILE C 111 -6.59 -37.59 -2.70
N VAL C 112 -5.47 -36.96 -3.04
CA VAL C 112 -4.73 -36.14 -2.08
C VAL C 112 -4.43 -34.76 -2.67
N TYR C 113 -5.12 -33.75 -2.15
CA TYR C 113 -4.95 -32.37 -2.63
C TYR C 113 -4.42 -31.48 -1.50
N LYS C 114 -3.55 -30.54 -1.87
CA LYS C 114 -2.98 -29.60 -0.90
C LYS C 114 -3.84 -28.34 -0.80
N PRO C 115 -3.70 -27.51 0.24
CA PRO C 115 -4.54 -26.29 0.41
C PRO C 115 -4.24 -25.23 -0.64
N VAL C 116 -5.12 -24.23 -0.74
CA VAL C 116 -4.94 -23.14 -1.70
C VAL C 116 -5.27 -21.80 -1.05
N ASP C 117 -4.39 -20.81 -1.28
CA ASP C 117 -4.59 -19.48 -0.73
C ASP C 117 -5.15 -18.53 -1.79
N LEU C 118 -6.44 -18.21 -1.66
CA LEU C 118 -7.11 -17.33 -2.61
C LEU C 118 -7.13 -15.89 -2.10
N SER C 119 -6.53 -14.98 -2.87
CA SER C 119 -6.47 -13.57 -2.49
C SER C 119 -7.48 -12.77 -3.33
N LYS C 120 -7.32 -12.80 -4.65
CA LYS C 120 -8.20 -12.08 -5.55
C LYS C 120 -8.19 -12.71 -6.94
N VAL C 121 -9.38 -13.00 -7.47
CA VAL C 121 -9.51 -13.60 -8.80
C VAL C 121 -10.62 -12.93 -9.61
N THR C 122 -10.36 -12.71 -10.89
CA THR C 122 -11.34 -12.07 -11.78
C THR C 122 -11.58 -12.94 -13.01
N SER C 123 -12.78 -13.50 -13.12
CA SER C 123 -13.14 -14.35 -14.25
C SER C 123 -14.54 -14.01 -14.75
N LYS C 124 -14.65 -13.78 -16.06
CA LYS C 124 -15.93 -13.45 -16.69
C LYS C 124 -16.58 -14.70 -17.26
N CYS C 125 -15.83 -15.42 -18.09
CA CYS C 125 -16.34 -16.64 -18.71
C CYS C 125 -15.28 -17.75 -18.66
N GLY C 126 -15.72 -18.96 -18.30
CA GLY C 126 -14.81 -20.11 -18.23
C GLY C 126 -15.33 -21.13 -17.22
N SER C 127 -15.67 -22.32 -17.71
CA SER C 127 -16.18 -23.38 -16.85
C SER C 127 -15.09 -24.43 -16.60
N LEU C 128 -15.24 -25.16 -15.50
CA LEU C 128 -14.28 -26.20 -15.13
C LEU C 128 -14.88 -27.58 -15.33
N GLY C 129 -14.21 -28.40 -16.14
CA GLY C 129 -14.68 -29.76 -16.43
C GLY C 129 -15.70 -29.76 -17.56
N GLU D 67 22.09 2.40 38.29
CA GLU D 67 21.30 3.62 38.63
C GLU D 67 20.03 3.67 37.78
N ASN D 68 20.21 3.59 36.46
CA ASN D 68 19.08 3.63 35.52
C ASN D 68 19.14 2.42 34.59
N LEU D 69 18.08 1.62 34.60
CA LEU D 69 18.00 0.43 33.76
C LEU D 69 19.16 -0.51 34.06
N LYS D 70 18.94 -1.44 34.98
CA LYS D 70 19.98 -2.40 35.37
C LYS D 70 19.38 -3.80 35.53
N HIS D 71 20.15 -4.81 35.14
CA HIS D 71 19.70 -6.20 35.24
C HIS D 71 18.37 -6.38 34.49
N GLN D 72 18.39 -6.04 33.20
CA GLN D 72 17.20 -6.16 32.36
C GLN D 72 17.48 -7.13 31.18
N PRO D 73 17.83 -8.39 31.46
CA PRO D 73 18.12 -9.39 30.38
C PRO D 73 16.86 -9.79 29.62
N GLY D 74 16.95 -9.79 28.29
CA GLY D 74 15.82 -10.14 27.43
C GLY D 74 16.20 -11.21 26.43
N GLY D 75 15.42 -11.33 25.36
CA GLY D 75 15.69 -12.32 24.31
C GLY D 75 15.47 -11.72 22.93
N GLY D 76 14.64 -12.40 22.12
CA GLY D 76 14.35 -11.94 20.77
C GLY D 76 13.29 -12.83 20.12
N LYS D 77 13.72 -14.02 19.67
CA LYS D 77 12.81 -14.98 19.03
C LYS D 77 12.10 -14.32 17.85
N VAL D 78 11.30 -15.12 17.15
CA VAL D 78 10.54 -14.63 15.99
C VAL D 78 9.68 -13.42 16.39
N GLN D 79 9.68 -12.40 15.52
CA GLN D 79 8.91 -11.19 15.77
C GLN D 79 8.15 -10.78 14.52
N ILE D 80 6.82 -10.72 14.64
CA ILE D 80 5.95 -10.34 13.51
C ILE D 80 5.37 -8.95 13.76
N ILE D 81 5.82 -7.97 12.95
CA ILE D 81 5.33 -6.59 13.08
C ILE D 81 4.77 -6.12 11.74
N ASN D 82 3.49 -5.70 11.76
CA ASN D 82 2.83 -5.22 10.55
C ASN D 82 2.28 -3.81 10.76
N LYS D 83 2.99 -2.82 10.22
CA LYS D 83 2.58 -1.42 10.34
C LYS D 83 2.31 -0.82 8.96
N LYS D 84 1.03 -0.62 8.65
CA LYS D 84 0.64 -0.05 7.36
C LYS D 84 -0.28 1.15 7.55
N LEU D 85 0.05 2.25 6.87
CA LEU D 85 -0.76 3.48 6.95
C LEU D 85 -1.10 3.97 5.54
N ASP D 86 -2.34 4.44 5.38
CA ASP D 86 -2.81 4.93 4.08
C ASP D 86 -3.31 6.36 4.21
N LEU D 87 -2.63 7.28 3.52
CA LEU D 87 -3.01 8.70 3.55
C LEU D 87 -4.26 8.91 2.69
N SER D 88 -5.05 9.92 3.05
CA SER D 88 -6.30 10.22 2.33
C SER D 88 -6.16 11.40 1.38
N ASN D 89 -6.87 11.34 0.26
CA ASN D 89 -6.82 12.40 -0.75
C ASN D 89 -8.07 13.25 -0.74
N VAL D 90 -7.87 14.55 -0.51
CA VAL D 90 -8.97 15.52 -0.47
C VAL D 90 -9.19 16.14 -1.86
N GLN D 91 -10.43 16.54 -2.12
CA GLN D 91 -10.77 17.15 -3.41
C GLN D 91 -11.68 18.35 -3.21
N SER D 92 -11.31 19.48 -3.83
CA SER D 92 -12.10 20.70 -3.72
C SER D 92 -12.33 21.32 -5.10
N LYS D 93 -13.60 21.42 -5.49
CA LYS D 93 -13.96 21.99 -6.79
C LYS D 93 -13.66 23.49 -6.82
N CYS D 94 -13.91 24.16 -5.70
CA CYS D 94 -13.66 25.60 -5.60
C CYS D 94 -12.30 25.89 -4.96
N GLY D 95 -11.80 24.95 -4.14
CA GLY D 95 -10.52 25.10 -3.48
C GLY D 95 -10.64 26.01 -2.25
N SER D 96 -9.52 26.63 -1.87
CA SER D 96 -9.51 27.52 -0.71
C SER D 96 -9.58 28.98 -1.16
N LYS D 97 -10.61 29.68 -0.66
CA LYS D 97 -10.82 31.08 -1.00
C LYS D 97 -10.83 31.94 0.26
N ASP D 98 -9.83 32.82 0.38
CA ASP D 98 -9.73 33.69 1.54
C ASP D 98 -9.21 35.08 1.14
N ASN D 99 -9.74 36.11 1.79
CA ASN D 99 -9.35 37.49 1.51
C ASN D 99 -9.59 38.36 2.74
N ILE D 100 -8.54 39.06 3.20
CA ILE D 100 -8.65 39.93 4.37
C ILE D 100 -8.11 41.33 4.05
N LYS D 101 -8.76 42.35 4.62
CA LYS D 101 -8.35 43.72 4.40
C LYS D 101 -7.59 44.26 5.62
N HIS D 102 -6.38 44.76 5.38
CA HIS D 102 -5.55 45.30 6.46
C HIS D 102 -4.88 46.59 6.00
N VAL D 103 -4.92 47.63 6.86
CA VAL D 103 -4.29 48.91 6.52
C VAL D 103 -3.56 49.48 7.77
N PRO D 104 -2.28 49.16 7.97
CA PRO D 104 -1.50 49.70 9.14
C PRO D 104 -1.59 51.22 9.25
N GLY D 105 -1.92 51.69 10.46
CA GLY D 105 -2.04 53.12 10.71
C GLY D 105 -1.51 53.46 12.11
N GLY D 106 -0.19 53.51 12.24
CA GLY D 106 0.44 53.83 13.51
C GLY D 106 0.82 52.54 14.26
N GLY D 107 1.82 51.83 13.73
CA GLY D 107 2.28 50.59 14.35
C GLY D 107 1.22 49.50 14.26
N SER D 108 1.51 48.46 13.47
CA SER D 108 0.59 47.34 13.31
C SER D 108 1.25 46.19 12.58
N VAL D 109 0.87 44.96 12.92
CA VAL D 109 1.44 43.76 12.29
C VAL D 109 0.33 42.81 11.86
N GLN D 110 0.46 42.28 10.64
CA GLN D 110 -0.52 41.35 10.09
C GLN D 110 0.03 39.93 10.08
N ILE D 111 -0.83 38.95 10.33
CA ILE D 111 -0.42 37.55 10.36
C ILE D 111 -1.29 36.72 9.42
N VAL D 112 -0.71 36.27 8.31
CA VAL D 112 -1.45 35.45 7.33
C VAL D 112 -0.65 34.20 6.99
N TYR D 113 -1.12 33.05 7.47
CA TYR D 113 -0.45 31.77 7.23
C TYR D 113 -1.36 30.83 6.42
N LYS D 114 -0.74 30.06 5.53
CA LYS D 114 -1.49 29.12 4.70
C LYS D 114 -1.56 27.75 5.41
N PRO D 115 -2.45 26.83 5.00
CA PRO D 115 -2.58 25.49 5.66
C PRO D 115 -1.37 24.59 5.42
N VAL D 116 -1.28 23.52 6.18
CA VAL D 116 -0.16 22.57 6.06
C VAL D 116 -0.68 21.13 6.13
N ASP D 117 -0.19 20.30 5.20
CA ASP D 117 -0.60 18.89 5.15
C ASP D 117 0.48 18.02 5.77
N LEU D 118 0.20 17.52 6.98
CA LEU D 118 1.14 16.67 7.70
C LEU D 118 0.82 15.19 7.47
N SER D 119 1.78 14.46 6.91
CA SER D 119 1.61 13.03 6.65
C SER D 119 2.37 12.20 7.68
N LYS D 120 3.68 12.40 7.74
CA LYS D 120 4.54 11.68 8.68
C LYS D 120 5.82 12.45 8.97
N VAL D 121 6.12 12.64 10.26
CA VAL D 121 7.33 13.36 10.67
C VAL D 121 8.02 12.64 11.82
N THR D 122 9.36 12.60 11.76
CA THR D 122 10.15 11.94 12.79
C THR D 122 11.23 12.90 13.32
N SER D 123 11.07 13.31 14.58
CA SER D 123 12.01 14.23 15.22
C SER D 123 12.34 13.77 16.64
N LYS D 124 13.64 13.67 16.93
CA LYS D 124 14.09 13.25 18.26
C LYS D 124 14.40 14.46 19.13
N CYS D 125 15.22 15.37 18.61
CA CYS D 125 15.60 16.57 19.34
C CYS D 125 15.58 17.79 18.43
N GLY D 126 15.00 18.89 18.93
CA GLY D 126 14.90 20.12 18.15
C GLY D 126 13.71 20.95 18.60
N SER D 127 13.99 22.13 19.15
CA SER D 127 12.93 23.03 19.62
C SER D 127 12.72 24.17 18.64
N LEU D 128 11.51 24.75 18.67
CA LEU D 128 11.17 25.86 17.77
C LEU D 128 11.11 27.17 18.55
N GLY D 129 11.89 28.15 18.12
CA GLY D 129 11.92 29.45 18.78
C GLY D 129 12.88 29.45 19.96
N GLU E 67 -32.03 -3.54 -29.80
CA GLU E 67 -32.32 -4.87 -29.21
C GLU E 67 -31.66 -4.98 -27.84
N ASN E 68 -30.35 -4.75 -27.79
CA ASN E 68 -29.60 -4.82 -26.55
C ASN E 68 -28.84 -3.52 -26.32
N LEU E 69 -29.10 -2.87 -25.18
CA LEU E 69 -28.44 -1.61 -24.84
C LEU E 69 -28.68 -0.57 -25.94
N LYS E 70 -29.74 0.22 -25.76
CA LYS E 70 -30.09 1.26 -26.73
C LYS E 70 -30.52 2.53 -26.02
N HIS E 71 -30.15 3.68 -26.60
CA HIS E 71 -30.49 4.98 -26.02
C HIS E 71 -29.98 5.07 -24.58
N GLN E 72 -28.67 4.88 -24.42
CA GLN E 72 -28.03 4.94 -23.11
C GLN E 72 -26.96 6.06 -23.08
N PRO E 73 -27.34 7.32 -23.34
CA PRO E 73 -26.37 8.46 -23.33
C PRO E 73 -25.86 8.77 -21.93
N GLY E 74 -24.54 8.92 -21.80
CA GLY E 74 -23.92 9.22 -20.51
C GLY E 74 -23.01 10.44 -20.62
N GLY E 75 -22.09 10.57 -19.65
CA GLY E 75 -21.16 11.70 -19.64
C GLY E 75 -19.76 11.24 -19.27
N GLY E 76 -19.18 11.89 -18.25
CA GLY E 76 -17.84 11.54 -17.79
C GLY E 76 -17.47 12.36 -16.55
N LYS E 77 -17.13 13.63 -16.77
CA LYS E 77 -16.76 14.53 -15.68
C LYS E 77 -15.62 13.93 -14.84
N VAL E 78 -15.16 14.69 -13.85
CA VAL E 78 -14.07 14.23 -12.98
C VAL E 78 -14.42 12.88 -12.34
N GLN E 79 -13.45 11.98 -12.31
CA GLN E 79 -13.65 10.64 -11.73
C GLN E 79 -12.48 10.29 -10.81
N ILE E 80 -12.78 10.05 -9.54
CA ILE E 80 -11.76 9.68 -8.55
C ILE E 80 -11.91 8.21 -8.17
N ILE E 81 -10.94 7.39 -8.58
CA ILE E 81 -10.95 5.96 -8.28
C ILE E 81 -9.67 5.57 -7.55
N ASN E 82 -9.82 4.99 -6.35
CA ASN E 82 -8.68 4.56 -5.55
C ASN E 82 -8.78 3.08 -5.21
N LYS E 83 -8.01 2.26 -5.92
CA LYS E 83 -8.02 0.81 -5.70
C LYS E 83 -6.63 0.33 -5.28
N LYS E 84 -6.48 0.01 -3.99
CA LYS E 84 -5.21 -0.47 -3.46
C LYS E 84 -5.37 -1.79 -2.72
N LEU E 85 -4.52 -2.75 -3.05
CA LEU E 85 -4.56 -4.07 -2.41
C LEU E 85 -3.17 -4.45 -1.89
N ASP E 86 -3.13 -5.04 -0.70
CA ASP E 86 -1.87 -5.46 -0.09
C ASP E 86 -1.88 -6.94 0.23
N LEU E 87 -0.98 -7.69 -0.43
CA LEU E 87 -0.87 -9.13 -0.22
C LEU E 87 -0.19 -9.41 1.12
N SER E 88 -0.54 -10.54 1.74
CA SER E 88 0.02 -10.92 3.04
C SER E 88 1.12 -11.96 2.93
N ASN E 89 2.10 -11.87 3.82
CA ASN E 89 3.24 -12.78 3.81
C ASN E 89 3.16 -13.81 4.95
N VAL E 90 3.13 -15.08 4.57
CA VAL E 90 3.05 -16.18 5.55
C VAL E 90 4.45 -16.66 5.92
N GLN E 91 4.58 -17.19 7.14
CA GLN E 91 5.87 -17.70 7.61
C GLN E 91 5.69 -19.02 8.34
N SER E 92 6.50 -20.01 7.96
CA SER E 92 6.43 -21.33 8.58
C SER E 92 7.82 -21.81 8.96
N LYS E 93 8.04 -22.03 10.26
CA LYS E 93 9.33 -22.50 10.76
C LYS E 93 9.60 -23.93 10.31
N CYS E 94 8.55 -24.76 10.29
CA CYS E 94 8.67 -26.16 9.88
C CYS E 94 8.28 -26.33 8.41
N GLY E 95 7.43 -25.43 7.89
CA GLY E 95 6.99 -25.49 6.50
C GLY E 95 5.89 -26.54 6.32
N SER E 96 5.76 -27.05 5.10
CA SER E 96 4.75 -28.05 4.79
C SER E 96 5.35 -29.45 4.80
N LYS E 97 4.81 -30.32 5.65
CA LYS E 97 5.30 -31.69 5.75
C LYS E 97 4.16 -32.68 5.46
N ASP E 98 4.31 -33.44 4.36
CA ASP E 98 3.29 -34.42 3.98
C ASP E 98 3.95 -35.66 3.39
N ASN E 99 3.36 -36.82 3.68
CA ASN E 99 3.87 -38.09 3.19
C ASN E 99 2.74 -39.13 3.13
N ILE E 100 2.54 -39.73 1.95
CA ILE E 100 1.48 -40.73 1.78
C ILE E 100 2.05 -42.00 1.13
N LYS E 101 1.54 -43.15 1.58
CA LYS E 101 1.98 -44.44 1.06
C LYS E 101 0.97 -44.99 0.06
N HIS E 102 1.45 -45.31 -1.13
CA HIS E 102 0.59 -45.85 -2.20
C HIS E 102 1.30 -47.00 -2.92
N VAL E 103 0.59 -48.11 -3.13
CA VAL E 103 1.17 -49.26 -3.83
C VAL E 103 0.14 -49.87 -4.81
N PRO E 104 0.09 -49.42 -6.07
CA PRO E 104 -0.87 -49.97 -7.08
C PRO E 104 -0.80 -51.49 -7.17
N GLY E 105 -1.97 -52.13 -7.10
CA GLY E 105 -2.05 -53.58 -7.19
C GLY E 105 -3.30 -54.00 -7.96
N GLY E 106 -3.23 -53.90 -9.29
CA GLY E 106 -4.34 -54.26 -10.15
C GLY E 106 -5.18 -53.04 -10.50
N GLY E 107 -4.61 -52.15 -11.31
CA GLY E 107 -5.30 -50.93 -11.74
C GLY E 107 -5.52 -49.99 -10.57
N SER E 108 -4.83 -48.83 -10.60
CA SER E 108 -4.95 -47.84 -9.55
C SER E 108 -4.28 -46.53 -9.96
N VAL E 109 -4.83 -45.40 -9.50
CA VAL E 109 -4.28 -44.08 -9.83
C VAL E 109 -4.15 -43.24 -8.56
N GLN E 110 -3.00 -42.57 -8.43
CA GLN E 110 -2.73 -41.71 -7.28
C GLN E 110 -2.82 -40.25 -7.68
N ILE E 111 -3.32 -39.41 -6.75
CA ILE E 111 -3.47 -37.98 -7.02
C ILE E 111 -2.78 -37.18 -5.90
N VAL E 112 -1.66 -36.54 -6.25
CA VAL E 112 -0.92 -35.73 -5.29
C VAL E 112 -0.63 -34.34 -5.88
N TYR E 113 -1.32 -33.33 -5.35
CA TYR E 113 -1.14 -31.96 -5.84
C TYR E 113 -0.61 -31.05 -4.72
N LYS E 114 0.26 -30.12 -5.09
CA LYS E 114 0.83 -29.19 -4.12
C LYS E 114 -0.04 -27.92 -4.02
N PRO E 115 0.11 -27.10 -2.98
CA PRO E 115 -0.73 -25.86 -2.81
C PRO E 115 -0.43 -24.80 -3.86
N VAL E 116 -1.31 -23.80 -3.95
CA VAL E 116 -1.14 -22.72 -4.93
C VAL E 116 -1.46 -21.37 -4.27
N ASP E 117 -0.59 -20.39 -4.51
CA ASP E 117 -0.77 -19.05 -3.95
C ASP E 117 -1.35 -18.11 -5.01
N LEU E 118 -2.64 -17.79 -4.87
CA LEU E 118 -3.31 -16.91 -5.83
C LEU E 118 -3.32 -15.47 -5.32
N SER E 119 -2.73 -14.57 -6.09
CA SER E 119 -2.67 -13.15 -5.72
C SER E 119 -3.68 -12.35 -6.55
N LYS E 120 -3.52 -12.39 -7.87
CA LYS E 120 -4.41 -11.67 -8.78
C LYS E 120 -4.41 -12.30 -10.16
N VAL E 121 -5.60 -12.58 -10.68
CA VAL E 121 -5.73 -13.19 -12.02
C VAL E 121 -6.85 -12.52 -12.82
N THR E 122 -6.60 -12.29 -14.11
CA THR E 122 -7.57 -11.67 -14.99
C THR E 122 -7.82 -12.52 -16.23
N SER E 123 -9.02 -13.09 -16.32
CA SER E 123 -9.38 -13.94 -17.45
C SER E 123 -10.78 -13.60 -17.95
N LYS E 124 -10.89 -13.38 -19.26
CA LYS E 124 -12.17 -13.04 -19.88
C LYS E 124 -12.83 -14.29 -20.45
N CYS E 125 -12.08 -15.02 -21.28
CA CYS E 125 -12.60 -16.25 -21.90
C CYS E 125 -11.54 -17.35 -21.86
N GLY E 126 -11.97 -18.55 -21.50
CA GLY E 126 -11.07 -19.70 -21.41
C GLY E 126 -11.57 -20.72 -20.40
N SER E 127 -11.93 -21.91 -20.90
CA SER E 127 -12.43 -22.99 -20.04
C SER E 127 -11.35 -24.02 -19.79
N LEU E 128 -11.48 -24.76 -18.67
CA LEU E 128 -10.52 -25.80 -18.31
C LEU E 128 -11.12 -27.18 -18.52
N GLY E 129 -10.45 -28.00 -19.33
CA GLY E 129 -10.92 -29.36 -19.61
C GLY E 129 -11.94 -29.35 -20.74
N GLU F 67 25.77 2.84 35.13
CA GLU F 67 24.97 4.06 35.47
C GLU F 67 23.71 4.10 34.61
N ASN F 68 23.91 4.03 33.29
CA ASN F 68 22.78 4.06 32.36
C ASN F 68 22.85 2.85 31.42
N LEU F 69 21.77 2.05 31.43
CA LEU F 69 21.70 0.86 30.59
C LEU F 69 22.87 -0.07 30.89
N LYS F 70 22.64 -1.01 31.80
CA LYS F 70 23.67 -1.96 32.20
C LYS F 70 23.08 -3.36 32.37
N HIS F 71 23.84 -4.37 31.96
CA HIS F 71 23.40 -5.77 32.06
C HIS F 71 22.08 -5.96 31.32
N GLN F 72 22.09 -5.61 30.03
CA GLN F 72 20.90 -5.73 29.18
C GLN F 72 21.18 -6.70 28.00
N PRO F 73 21.55 -7.96 28.28
CA PRO F 73 21.83 -8.96 27.20
C PRO F 73 20.57 -9.36 26.44
N GLY F 74 20.67 -9.35 25.10
CA GLY F 74 19.54 -9.71 24.25
C GLY F 74 19.94 -10.78 23.24
N GLY F 75 19.15 -10.90 22.17
CA GLY F 75 19.42 -11.88 21.13
C GLY F 75 19.21 -11.30 19.74
N GLY F 76 18.39 -11.96 18.93
CA GLY F 76 18.09 -11.51 17.57
C GLY F 76 17.05 -12.40 16.92
N LYS F 77 17.47 -13.59 16.48
CA LYS F 77 16.57 -14.54 15.84
C LYS F 77 15.86 -13.89 14.65
N VAL F 78 15.06 -14.69 13.95
CA VAL F 78 14.31 -14.20 12.79
C VAL F 78 13.45 -12.99 13.17
N GLN F 79 13.46 -11.97 12.31
CA GLN F 79 12.68 -10.76 12.55
C GLN F 79 11.91 -10.35 11.30
N ILE F 80 10.59 -10.29 11.41
CA ILE F 80 9.73 -9.91 10.29
C ILE F 80 9.14 -8.51 10.53
N ILE F 81 9.59 -7.54 9.73
CA ILE F 81 9.11 -6.17 9.86
C ILE F 81 8.54 -5.69 8.52
N ASN F 82 7.27 -5.27 8.53
CA ASN F 82 6.61 -4.79 7.33
C ASN F 82 6.06 -3.38 7.53
N LYS F 83 6.77 -2.40 6.99
CA LYS F 83 6.36 -0.99 7.11
C LYS F 83 6.11 -0.39 5.74
N LYS F 84 4.82 -0.19 5.41
CA LYS F 84 4.43 0.38 4.12
C LYS F 84 3.50 1.58 4.31
N LEU F 85 3.85 2.69 3.63
CA LEU F 85 3.04 3.90 3.71
C LEU F 85 2.70 4.40 2.30
N ASP F 86 1.45 4.86 2.13
CA ASP F 86 0.99 5.36 0.84
C ASP F 86 0.49 6.80 0.96
N LEU F 87 1.17 7.71 0.27
CA LEU F 87 0.80 9.12 0.29
C LEU F 87 -0.45 9.34 -0.57
N SER F 88 -1.25 10.35 -0.21
CA SER F 88 -2.49 10.64 -0.94
C SER F 88 -2.33 11.82 -1.88
N ASN F 89 -3.06 11.77 -3.01
CA ASN F 89 -3.00 12.82 -4.02
C ASN F 89 -4.25 13.68 -4.01
N VAL F 90 -4.05 14.98 -3.78
CA VAL F 90 -5.16 15.94 -3.74
C VAL F 90 -5.37 16.56 -5.12
N GLN F 91 -6.61 16.97 -5.40
CA GLN F 91 -6.95 17.58 -6.68
C GLN F 91 -7.86 18.78 -6.48
N SER F 92 -7.49 19.90 -7.10
CA SER F 92 -8.28 21.13 -6.99
C SER F 92 -8.51 21.75 -8.38
N LYS F 93 -9.77 21.84 -8.77
CA LYS F 93 -10.13 22.41 -10.07
C LYS F 93 -9.83 23.91 -10.11
N CYS F 94 -10.08 24.59 -8.98
CA CYS F 94 -9.84 26.03 -8.88
C CYS F 94 -8.47 26.32 -8.24
N GLY F 95 -7.99 25.37 -7.43
CA GLY F 95 -6.69 25.53 -6.75
C GLY F 95 -6.82 26.43 -5.53
N SER F 96 -5.70 27.06 -5.14
CA SER F 96 -5.69 27.95 -3.98
C SER F 96 -5.78 29.40 -4.43
N LYS F 97 -6.81 30.10 -3.94
CA LYS F 97 -7.01 31.50 -4.28
C LYS F 97 -7.03 32.36 -3.01
N ASP F 98 -6.04 33.25 -2.89
CA ASP F 98 -5.93 34.12 -1.73
C ASP F 98 -5.41 35.50 -2.13
N ASN F 99 -5.94 36.53 -1.48
CA ASN F 99 -5.55 37.91 -1.76
C ASN F 99 -5.79 38.78 -0.53
N ILE F 100 -4.75 39.47 -0.07
CA ILE F 100 -4.86 40.35 1.10
C ILE F 100 -4.31 41.74 0.79
N LYS F 101 -4.98 42.77 1.35
CA LYS F 101 -4.56 44.15 1.14
C LYS F 101 -3.81 44.68 2.36
N HIS F 102 -2.60 45.19 2.12
CA HIS F 102 -1.77 45.72 3.20
C HIS F 102 -1.09 47.02 2.75
N VAL F 103 -1.14 48.04 3.60
CA VAL F 103 -0.51 49.33 3.27
C VAL F 103 0.21 49.91 4.52
N PRO F 104 1.49 49.59 4.72
CA PRO F 104 2.27 50.13 5.90
C PRO F 104 2.18 51.65 6.01
N GLY F 105 1.85 52.12 7.21
CA GLY F 105 1.72 53.55 7.47
C GLY F 105 2.24 53.89 8.86
N GLY F 106 3.57 53.95 9.00
CA GLY F 106 4.19 54.25 10.28
C GLY F 106 4.57 52.98 11.03
N GLY F 107 5.57 52.27 10.50
CA GLY F 107 6.03 51.02 11.12
C GLY F 107 4.98 49.93 11.03
N SER F 108 5.26 48.89 10.24
CA SER F 108 4.33 47.76 10.08
C SER F 108 5.01 46.62 9.35
N VAL F 109 4.62 45.39 9.69
CA VAL F 109 5.20 44.20 9.06
C VAL F 109 4.09 43.24 8.62
N GLN F 110 4.22 42.72 7.40
CA GLN F 110 3.24 41.78 6.85
C GLN F 110 3.80 40.36 6.85
N ILE F 111 2.93 39.38 7.09
CA ILE F 111 3.35 37.98 7.12
C ILE F 111 2.47 37.14 6.18
N VAL F 112 3.06 36.70 5.07
CA VAL F 112 2.33 35.88 4.08
C VAL F 112 3.14 34.63 3.76
N TYR F 113 2.66 33.48 4.23
CA TYR F 113 3.33 32.20 3.99
C TYR F 113 2.43 31.27 3.19
N LYS F 114 3.04 30.49 2.29
CA LYS F 114 2.31 29.54 1.46
C LYS F 114 2.23 28.17 2.16
N PRO F 115 1.34 27.26 1.75
CA PRO F 115 1.21 25.92 2.41
C PRO F 115 2.42 25.02 2.17
N VAL F 116 2.50 23.95 2.94
CA VAL F 116 3.63 23.00 2.82
C VAL F 116 3.11 21.56 2.88
N ASP F 117 3.60 20.72 1.96
CA ASP F 117 3.20 19.33 1.91
C ASP F 117 4.27 18.45 2.53
N LEU F 118 3.98 17.95 3.74
CA LEU F 118 4.93 17.10 4.46
C LEU F 118 4.61 15.62 4.24
N SER F 119 5.57 14.88 3.68
CA SER F 119 5.40 13.46 3.41
C SER F 119 6.16 12.63 4.45
N LYS F 120 7.48 12.84 4.51
CA LYS F 120 8.32 12.10 5.46
C LYS F 120 9.60 12.89 5.75
N VAL F 121 9.89 13.07 7.04
CA VAL F 121 11.10 13.79 7.45
C VAL F 121 11.80 13.07 8.61
N THR F 122 13.14 13.03 8.55
CA THR F 122 13.94 12.38 9.59
C THR F 122 14.99 13.33 10.13
N SER F 123 14.82 13.74 11.38
CA SER F 123 15.77 14.66 12.03
C SER F 123 16.09 14.20 13.44
N LYS F 124 17.39 14.10 13.75
CA LYS F 124 17.84 13.68 15.06
C LYS F 124 18.14 14.89 15.94
N CYS F 125 18.97 15.80 15.42
CA CYS F 125 19.34 17.00 16.16
C CYS F 125 19.32 18.22 15.25
N GLY F 126 18.75 19.31 15.74
CA GLY F 126 18.66 20.56 14.96
C GLY F 126 17.46 21.39 15.40
N SER F 127 17.74 22.57 15.96
CA SER F 127 16.68 23.46 16.43
C SER F 127 16.46 24.61 15.44
N LEU F 128 15.26 25.19 15.47
CA LEU F 128 14.93 26.29 14.57
C LEU F 128 14.85 27.60 15.35
N GLY F 129 15.64 28.59 14.92
CA GLY F 129 15.67 29.89 15.58
C GLY F 129 16.62 29.88 16.77
N GLU G 67 -28.31 -3.13 -32.94
CA GLU G 67 -28.60 -4.47 -32.36
C GLU G 67 -27.95 -4.58 -30.99
N ASN G 68 -26.63 -4.35 -30.95
CA ASN G 68 -25.88 -4.41 -29.69
C ASN G 68 -25.11 -3.12 -29.46
N LEU G 69 -25.38 -2.47 -28.33
CA LEU G 69 -24.72 -1.20 -27.99
C LEU G 69 -24.96 -0.17 -29.08
N LYS G 70 -26.02 0.63 -28.91
CA LYS G 70 -26.37 1.66 -29.89
C LYS G 70 -26.80 2.94 -29.17
N HIS G 71 -26.43 4.08 -29.76
CA HIS G 71 -26.77 5.39 -29.18
C HIS G 71 -26.25 5.48 -27.74
N GLN G 72 -24.94 5.28 -27.58
CA GLN G 72 -24.30 5.34 -26.26
C GLN G 72 -23.23 6.46 -26.24
N PRO G 73 -23.61 7.72 -26.50
CA PRO G 73 -22.64 8.86 -26.49
C PRO G 73 -22.13 9.17 -25.10
N GLY G 74 -20.81 9.33 -24.97
CA GLY G 74 -20.19 9.63 -23.69
C GLY G 74 -19.27 10.85 -23.80
N GLY G 75 -18.36 10.98 -22.84
CA GLY G 75 -17.42 12.10 -22.83
C GLY G 75 -16.02 11.65 -22.45
N GLY G 76 -15.43 12.29 -21.45
CA GLY G 76 -14.09 11.96 -20.99
C GLY G 76 -13.72 12.76 -19.75
N LYS G 77 -13.38 14.04 -19.97
CA LYS G 77 -13.00 14.94 -18.88
C LYS G 77 -11.86 14.34 -18.05
N VAL G 78 -11.39 15.09 -17.07
CA VAL G 78 -10.30 14.65 -16.20
C VAL G 78 -10.65 13.30 -15.55
N GLN G 79 -9.68 12.38 -15.53
CA GLN G 79 -9.88 11.06 -14.94
C GLN G 79 -8.70 10.70 -14.03
N ILE G 80 -9.01 10.47 -12.75
CA ILE G 80 -7.98 10.11 -11.77
C ILE G 80 -8.13 8.63 -11.38
N ILE G 81 -7.16 7.82 -11.80
CA ILE G 81 -7.17 6.38 -11.50
C ILE G 81 -5.88 5.99 -10.78
N ASN G 82 -6.04 5.41 -9.58
CA ASN G 82 -4.89 4.99 -8.78
C ASN G 82 -4.99 3.50 -8.44
N LYS G 83 -4.22 2.68 -9.15
CA LYS G 83 -4.23 1.23 -8.92
C LYS G 83 -2.84 0.76 -8.51
N LYS G 84 -2.69 0.42 -7.22
CA LYS G 84 -1.41 -0.04 -6.69
C LYS G 84 -1.57 -1.36 -5.94
N LEU G 85 -0.72 -2.34 -6.29
CA LEU G 85 -0.75 -3.64 -5.65
C LEU G 85 0.63 -4.02 -5.14
N ASP G 86 0.67 -4.62 -3.93
CA ASP G 86 1.94 -5.03 -3.33
C ASP G 86 1.94 -6.52 -3.01
N LEU G 87 2.83 -7.26 -3.67
CA LEU G 87 2.94 -8.71 -3.46
C LEU G 87 3.63 -8.98 -2.13
N SER G 88 3.29 -10.11 -1.51
CA SER G 88 3.86 -10.49 -0.21
C SER G 88 4.95 -11.53 -0.34
N ASN G 89 5.93 -11.44 0.57
CA ASN G 89 7.07 -12.36 0.56
C ASN G 89 6.99 -13.38 1.69
N VAL G 90 6.95 -14.66 1.31
CA VAL G 90 6.88 -15.75 2.29
C VAL G 90 8.28 -16.23 2.65
N GLN G 91 8.42 -16.76 3.87
CA GLN G 91 9.71 -17.27 4.35
C GLN G 91 9.53 -18.59 5.09
N SER G 92 10.33 -19.58 4.70
CA SER G 92 10.27 -20.91 5.33
C SER G 92 11.67 -21.38 5.69
N LYS G 93 11.88 -21.60 7.00
CA LYS G 93 13.17 -22.06 7.49
C LYS G 93 13.45 -23.50 7.05
N CYS G 94 12.40 -24.32 7.03
CA CYS G 94 12.52 -25.72 6.61
C CYS G 94 12.13 -25.90 5.14
N GLY G 95 11.27 -25.00 4.64
CA GLY G 95 10.83 -25.06 3.25
C GLY G 95 9.72 -26.11 3.08
N SER G 96 9.59 -26.62 1.85
CA SER G 96 8.57 -27.63 1.55
C SER G 96 9.19 -29.02 1.55
N LYS G 97 8.65 -29.89 2.40
CA LYS G 97 9.13 -31.27 2.50
C LYS G 97 8.00 -32.25 2.21
N ASP G 98 8.14 -33.01 1.12
CA ASP G 98 7.12 -33.99 0.74
C ASP G 98 7.77 -35.23 0.15
N ASN G 99 7.19 -36.39 0.45
CA ASN G 99 7.69 -37.67 -0.05
C ASN G 99 6.57 -38.69 -0.10
N ILE G 100 6.36 -39.30 -1.28
CA ILE G 100 5.31 -40.30 -1.45
C ILE G 100 5.87 -41.57 -2.09
N LYS G 101 5.35 -42.72 -1.65
CA LYS G 101 5.81 -44.01 -2.17
C LYS G 101 4.80 -44.57 -3.16
N HIS G 102 5.27 -44.89 -4.36
CA HIS G 102 4.40 -45.43 -5.42
C HIS G 102 5.11 -46.57 -6.15
N VAL G 103 4.40 -47.68 -6.35
CA VAL G 103 4.98 -48.84 -7.06
C VAL G 103 3.94 -49.45 -8.03
N PRO G 104 3.89 -48.99 -9.29
CA PRO G 104 2.92 -49.54 -10.29
C PRO G 104 3.00 -51.07 -10.38
N GLY G 105 1.83 -51.71 -10.31
CA GLY G 105 1.74 -53.17 -10.40
C GLY G 105 0.49 -53.59 -11.16
N GLY G 106 0.57 -53.48 -12.49
CA GLY G 106 -0.56 -53.85 -13.34
C GLY G 106 -1.40 -52.62 -13.69
N GLY G 107 -0.82 -51.73 -14.51
CA GLY G 107 -1.52 -50.52 -14.93
C GLY G 107 -1.73 -49.57 -13.76
N SER G 108 -1.04 -48.42 -13.80
CA SER G 108 -1.17 -47.42 -12.74
C SER G 108 -0.50 -46.12 -13.16
N VAL G 109 -1.05 -44.99 -12.71
CA VAL G 109 -0.50 -43.67 -13.04
C VAL G 109 -0.36 -42.82 -11.77
N GLN G 110 0.79 -42.15 -11.64
CA GLN G 110 1.06 -41.30 -10.50
C GLN G 110 0.97 -39.82 -10.89
N ILE G 111 0.47 -39.00 -9.97
CA ILE G 111 0.33 -37.56 -10.23
C ILE G 111 1.01 -36.75 -9.12
N VAL G 112 2.13 -36.12 -9.47
CA VAL G 112 2.88 -35.30 -8.51
C VAL G 112 3.17 -33.93 -9.11
N TYR G 113 2.48 -32.90 -8.58
CA TYR G 113 2.65 -31.53 -9.06
C TYR G 113 3.19 -30.64 -7.95
N LYS G 114 4.06 -29.69 -8.32
CA LYS G 114 4.64 -28.77 -7.35
C LYS G 114 3.76 -27.50 -7.25
N PRO G 115 3.92 -26.68 -6.21
CA PRO G 115 3.08 -25.45 -6.04
C PRO G 115 3.38 -24.38 -7.09
N VAL G 116 2.49 -23.38 -7.19
CA VAL G 116 2.66 -22.30 -8.16
C VAL G 116 2.33 -20.96 -7.50
N ASP G 117 3.21 -19.97 -7.74
CA ASP G 117 3.02 -18.63 -7.19
C ASP G 117 2.45 -17.70 -8.24
N LEU G 118 1.16 -17.37 -8.10
CA LEU G 118 0.49 -16.48 -9.05
C LEU G 118 0.46 -15.05 -8.54
N SER G 119 1.06 -14.15 -9.32
CA SER G 119 1.11 -12.73 -8.95
C SER G 119 0.11 -11.93 -9.77
N LYS G 120 0.26 -11.97 -11.10
CA LYS G 120 -0.63 -11.25 -12.00
C LYS G 120 -0.62 -11.88 -13.39
N VAL G 121 -1.82 -12.16 -13.91
CA VAL G 121 -1.95 -12.77 -15.24
C VAL G 121 -3.08 -12.10 -16.03
N THR G 122 -2.83 -11.88 -17.33
CA THR G 122 -3.81 -11.25 -18.21
C THR G 122 -4.06 -12.11 -19.44
N SER G 123 -5.26 -12.68 -19.53
CA SER G 123 -5.63 -13.53 -20.66
C SER G 123 -7.03 -13.19 -21.16
N LYS G 124 -7.14 -12.96 -22.46
CA LYS G 124 -8.43 -12.63 -23.07
C LYS G 124 -9.08 -13.89 -23.65
N CYS G 125 -8.35 -14.62 -24.47
CA CYS G 125 -8.85 -15.83 -25.09
C CYS G 125 -7.80 -16.94 -25.05
N GLY G 126 -8.23 -18.15 -24.69
CA GLY G 126 -7.33 -19.29 -24.61
C GLY G 126 -7.83 -20.31 -23.60
N SER G 127 -8.19 -21.51 -24.09
CA SER G 127 -8.68 -22.57 -23.23
C SER G 127 -7.60 -23.62 -22.98
N LEU G 128 -7.74 -24.35 -21.87
CA LEU G 128 -6.77 -25.38 -21.52
C LEU G 128 -7.36 -26.77 -21.71
N GLY G 129 -6.70 -27.59 -22.52
CA GLY G 129 -7.17 -28.94 -22.80
C GLY G 129 -8.20 -28.95 -23.93
N GLU H 67 29.46 3.26 31.98
CA GLU H 67 28.67 4.48 32.30
C GLU H 67 27.41 4.53 31.45
N ASN H 68 27.60 4.46 30.13
CA ASN H 68 26.48 4.48 29.18
C ASN H 68 26.54 3.28 28.25
N LEU H 69 25.47 2.48 28.25
CA LEU H 69 25.41 1.29 27.41
C LEU H 69 26.57 0.35 27.71
N LYS H 70 26.34 -0.59 28.64
CA LYS H 70 27.38 -1.55 29.03
C LYS H 70 26.78 -2.94 29.19
N HIS H 71 27.55 -3.96 28.80
CA HIS H 71 27.10 -5.34 28.90
C HIS H 71 25.78 -5.53 28.14
N GLN H 72 25.80 -5.18 26.86
CA GLN H 72 24.62 -5.30 26.00
C GLN H 72 24.89 -6.28 24.82
N PRO H 73 25.26 -7.53 25.10
CA PRO H 73 25.55 -8.54 24.03
C PRO H 73 24.29 -8.93 23.26
N GLY H 74 24.39 -8.92 21.93
CA GLY H 74 23.27 -9.29 21.07
C GLY H 74 23.68 -10.35 20.06
N GLY H 75 22.89 -10.47 18.99
CA GLY H 75 23.17 -11.47 17.94
C GLY H 75 22.95 -10.87 16.55
N GLY H 76 22.13 -11.55 15.75
CA GLY H 76 21.85 -11.08 14.39
C GLY H 76 20.80 -11.98 13.73
N LYS H 77 21.23 -13.16 13.30
CA LYS H 77 20.33 -14.12 12.65
C LYS H 77 19.62 -13.47 11.45
N VAL H 78 18.82 -14.27 10.75
CA VAL H 78 18.09 -13.77 9.58
C VAL H 78 17.22 -12.57 9.97
N GLN H 79 17.23 -11.54 9.11
CA GLN H 79 16.45 -10.33 9.35
C GLN H 79 15.70 -9.92 8.09
N ILE H 80 14.37 -9.86 8.21
CA ILE H 80 13.51 -9.48 7.07
C ILE H 80 12.92 -8.09 7.31
N ILE H 81 13.38 -7.12 6.52
CA ILE H 81 12.89 -5.74 6.64
C ILE H 81 12.33 -5.27 5.30
N ASN H 82 11.05 -4.85 5.31
CA ASN H 82 10.39 -4.37 4.10
C ASN H 82 9.85 -2.96 4.31
N LYS H 83 10.56 -1.96 3.76
CA LYS H 83 10.15 -0.57 3.88
C LYS H 83 9.89 0.03 2.51
N LYS H 84 8.62 0.24 2.19
CA LYS H 84 8.23 0.81 0.89
C LYS H 84 7.31 2.01 1.07
N LEU H 85 7.64 3.11 0.40
CA LEU H 85 6.83 4.33 0.47
C LEU H 85 6.50 4.82 -0.93
N ASP H 86 5.26 5.29 -1.11
CA ASP H 86 4.80 5.78 -2.41
C ASP H 86 4.30 7.22 -2.29
N LEU H 87 4.98 8.14 -2.97
CA LEU H 87 4.61 9.55 -2.96
C LEU H 87 3.37 9.77 -3.83
N SER H 88 2.57 10.76 -3.47
CA SER H 88 1.34 11.06 -4.20
C SER H 88 1.49 12.25 -5.15
N ASN H 89 0.77 12.19 -6.26
CA ASN H 89 0.84 13.24 -7.28
C ASN H 89 -0.41 14.11 -7.28
N VAL H 90 -0.23 15.41 -7.04
CA VAL H 90 -1.34 16.36 -7.01
C VAL H 90 -1.54 16.98 -8.39
N GLN H 91 -2.78 17.40 -8.67
CA GLN H 91 -3.11 18.01 -9.95
C GLN H 91 -4.04 19.21 -9.75
N SER H 92 -3.66 20.33 -10.37
CA SER H 92 -4.44 21.56 -10.27
C SER H 92 -4.66 22.17 -11.65
N LYS H 93 -5.94 22.27 -12.05
CA LYS H 93 -6.29 22.84 -13.36
C LYS H 93 -5.98 24.34 -13.38
N CYS H 94 -6.24 25.01 -12.26
CA CYS H 94 -5.99 26.45 -12.15
C CYS H 94 -4.63 26.74 -11.50
N GLY H 95 -4.15 25.79 -10.69
CA GLY H 95 -2.87 25.96 -10.01
C GLY H 95 -3.00 26.86 -8.79
N SER H 96 -1.88 27.47 -8.40
CA SER H 96 -1.87 28.37 -7.25
C SER H 96 -1.96 29.83 -7.69
N LYS H 97 -2.99 30.52 -7.20
CA LYS H 97 -3.19 31.93 -7.54
C LYS H 97 -3.21 32.78 -6.28
N ASP H 98 -2.22 33.67 -6.15
CA ASP H 98 -2.12 34.55 -4.99
C ASP H 98 -1.60 35.92 -5.38
N ASN H 99 -2.14 36.96 -4.74
CA ASN H 99 -1.74 38.33 -5.01
C ASN H 99 -1.99 39.22 -3.79
N ILE H 100 -0.95 39.91 -3.32
CA ILE H 100 -1.06 40.78 -2.15
C ILE H 100 -0.52 42.18 -2.47
N LYS H 101 -1.18 43.19 -1.90
CA LYS H 101 -0.76 44.57 -2.12
C LYS H 101 -0.02 45.10 -0.90
N HIS H 102 1.19 45.61 -1.12
CA HIS H 102 2.02 46.14 -0.05
C HIS H 102 2.70 47.44 -0.49
N VAL H 103 2.64 48.47 0.36
CA VAL H 103 3.28 49.76 0.04
C VAL H 103 4.00 50.33 1.28
N PRO H 104 5.28 50.02 1.50
CA PRO H 104 6.04 50.55 2.67
C PRO H 104 5.95 52.07 2.78
N GLY H 105 5.62 52.54 3.98
CA GLY H 105 5.50 53.97 4.24
C GLY H 105 6.01 54.31 5.64
N GLY H 106 7.33 54.36 5.78
CA GLY H 106 7.95 54.67 7.06
C GLY H 106 8.33 53.40 7.81
N GLY H 107 9.33 52.68 7.29
CA GLY H 107 9.79 51.45 7.90
C GLY H 107 8.73 50.35 7.82
N SER H 108 9.03 49.31 7.03
CA SER H 108 8.11 48.20 6.85
C SER H 108 8.78 47.04 6.13
N VAL H 109 8.39 45.81 6.48
CA VAL H 109 8.97 44.61 5.84
C VAL H 109 7.86 43.66 5.39
N GLN H 110 8.00 43.14 4.18
CA GLN H 110 7.02 42.21 3.62
C GLN H 110 7.59 40.78 3.62
N ILE H 111 6.72 39.81 3.86
CA ILE H 111 7.14 38.40 3.89
C ILE H 111 6.26 37.57 2.95
N VAL H 112 6.85 37.13 1.83
CA VAL H 112 6.13 36.31 0.85
C VAL H 112 6.94 35.05 0.52
N TYR H 113 6.45 33.90 1.00
CA TYR H 113 7.12 32.63 0.76
C TYR H 113 6.22 31.69 -0.05
N LYS H 114 6.84 30.91 -0.94
CA LYS H 114 6.10 29.96 -1.78
C LYS H 114 6.03 28.60 -1.07
N PRO H 115 5.14 27.69 -1.49
CA PRO H 115 5.00 26.35 -0.83
C PRO H 115 6.22 25.45 -1.07
N VAL H 116 6.30 24.37 -0.29
CA VAL H 116 7.42 23.42 -0.41
C VAL H 116 6.91 21.99 -0.35
N ASP H 117 7.40 21.16 -1.27
CA ASP H 117 6.99 19.75 -1.33
C ASP H 117 8.07 18.87 -0.70
N LEU H 118 7.78 18.37 0.51
CA LEU H 118 8.72 17.52 1.23
C LEU H 118 8.39 16.04 1.01
N SER H 119 9.37 15.32 0.45
CA SER H 119 9.20 13.88 0.19
C SER H 119 9.95 13.06 1.23
N LYS H 120 11.26 13.26 1.30
CA LYS H 120 12.11 12.53 2.24
C LYS H 120 13.39 13.31 2.54
N VAL H 121 13.69 13.50 3.83
CA VAL H 121 14.89 14.22 4.25
C VAL H 121 15.58 13.50 5.40
N THR H 122 16.91 13.46 5.35
CA THR H 122 17.71 12.80 6.39
C THR H 122 18.77 13.76 6.94
N SER H 123 18.60 14.17 8.19
CA SER H 123 19.53 15.09 8.83
C SER H 123 19.85 14.62 10.25
N LYS H 124 21.15 14.53 10.55
CA LYS H 124 21.59 14.11 11.88
C LYS H 124 21.89 15.32 12.76
N CYS H 125 22.73 16.23 12.25
CA CYS H 125 23.09 17.43 12.98
C CYS H 125 23.07 18.65 12.07
N GLY H 126 22.50 19.75 12.56
CA GLY H 126 22.41 20.98 11.79
C GLY H 126 21.21 21.81 12.22
N SER H 127 21.49 23.00 12.78
CA SER H 127 20.42 23.89 13.25
C SER H 127 20.22 25.03 12.26
N LEU H 128 19.01 25.61 12.29
CA LEU H 128 18.68 26.72 11.39
C LEU H 128 18.60 28.03 12.16
N GLY H 129 19.39 29.02 11.74
CA GLY H 129 19.41 30.32 12.39
C GLY H 129 20.36 30.31 13.59
N GLU I 67 -24.61 -2.72 -36.09
CA GLU I 67 -24.89 -4.07 -35.49
C GLU I 67 -24.23 -4.18 -34.13
N ASN I 68 -22.92 -3.94 -34.10
CA ASN I 68 -22.16 -4.01 -32.84
C ASN I 68 -21.39 -2.71 -32.62
N LEU I 69 -21.66 -2.06 -31.48
CA LEU I 69 -21.00 -0.80 -31.14
C LEU I 69 -21.24 0.25 -32.24
N LYS I 70 -22.30 1.03 -32.06
CA LYS I 70 -22.66 2.07 -33.04
C LYS I 70 -23.08 3.34 -32.32
N HIS I 71 -22.71 4.49 -32.91
CA HIS I 71 -23.05 5.79 -32.33
C HIS I 71 -22.53 5.89 -30.89
N GLN I 72 -21.22 5.69 -30.74
CA GLN I 72 -20.57 5.76 -29.43
C GLN I 72 -19.50 6.87 -29.41
N PRO I 73 -19.89 8.13 -29.67
CA PRO I 73 -18.92 9.27 -29.67
C PRO I 73 -18.40 9.59 -28.27
N GLY I 74 -17.08 9.74 -28.15
CA GLY I 74 -16.45 10.04 -26.86
C GLY I 74 -15.54 11.26 -26.98
N GLY I 75 -14.62 11.40 -26.02
CA GLY I 75 -13.68 12.52 -26.01
C GLY I 75 -12.28 12.06 -25.64
N GLY I 76 -11.70 12.71 -24.64
CA GLY I 76 -10.35 12.37 -24.18
C GLY I 76 -9.97 13.18 -22.95
N LYS I 77 -9.63 14.45 -23.17
CA LYS I 77 -9.25 15.36 -22.08
C LYS I 77 -8.10 14.75 -21.27
N VAL I 78 -7.64 15.51 -20.27
CA VAL I 78 -6.54 15.06 -19.41
C VAL I 78 -6.90 13.72 -18.76
N GLN I 79 -5.92 12.81 -18.74
CA GLN I 79 -6.11 11.48 -18.15
C GLN I 79 -4.94 11.12 -17.25
N ILE I 80 -5.23 10.88 -15.97
CA ILE I 80 -4.21 10.52 -14.99
C ILE I 80 -4.36 9.05 -14.60
N ILE I 81 -3.38 8.24 -15.02
CA ILE I 81 -3.39 6.80 -14.72
C ILE I 81 -2.11 6.40 -14.00
N ASN I 82 -2.25 5.83 -12.81
CA ASN I 82 -1.10 5.41 -12.00
C ASN I 82 -1.21 3.92 -11.66
N LYS I 83 -0.44 3.10 -12.38
CA LYS I 83 -0.44 1.66 -12.14
C LYS I 83 0.95 1.18 -11.74
N LYS I 84 1.11 0.84 -10.46
CA LYS I 84 2.39 0.38 -9.92
C LYS I 84 2.22 -0.94 -9.18
N LEU I 85 3.07 -1.90 -9.52
CA LEU I 85 3.04 -3.23 -8.88
C LEU I 85 4.43 -3.60 -8.38
N ASP I 86 4.48 -4.19 -7.18
CA ASP I 86 5.74 -4.60 -6.57
C ASP I 86 5.74 -6.10 -6.26
N LEU I 87 6.64 -6.84 -6.92
CA LEU I 87 6.75 -8.28 -6.71
C LEU I 87 7.45 -8.55 -5.38
N SER I 88 7.10 -9.68 -4.76
CA SER I 88 7.68 -10.05 -3.47
C SER I 88 8.78 -11.09 -3.60
N ASN I 89 9.76 -11.01 -2.70
CA ASN I 89 10.91 -11.93 -2.71
C ASN I 89 10.82 -12.95 -1.57
N VAL I 90 10.78 -14.23 -1.94
CA VAL I 90 10.70 -15.32 -0.96
C VAL I 90 12.11 -15.80 -0.60
N GLN I 91 12.25 -16.33 0.61
CA GLN I 91 13.54 -16.84 1.08
C GLN I 91 13.37 -18.16 1.82
N SER I 92 14.16 -19.15 1.43
CA SER I 92 14.11 -20.48 2.06
C SER I 92 15.50 -20.95 2.43
N LYS I 93 15.72 -21.18 3.73
CA LYS I 93 17.02 -21.63 4.22
C LYS I 93 17.29 -23.08 3.77
N CYS I 94 16.24 -23.89 3.76
CA CYS I 94 16.36 -25.29 3.34
C CYS I 94 15.95 -25.47 1.87
N GLY I 95 15.11 -24.57 1.37
CA GLY I 95 14.65 -24.63 -0.02
C GLY I 95 13.56 -25.67 -0.19
N SER I 96 13.41 -26.19 -1.41
CA SER I 96 12.40 -27.19 -1.71
C SER I 96 13.01 -28.59 -1.72
N LYS I 97 12.47 -29.46 -0.86
CA LYS I 97 12.95 -30.84 -0.75
C LYS I 97 11.82 -31.83 -1.03
N ASP I 98 11.96 -32.58 -2.13
CA ASP I 98 10.94 -33.56 -2.51
C ASP I 98 11.59 -34.80 -3.10
N ASN I 99 11.01 -35.97 -2.79
CA ASN I 99 11.51 -37.24 -3.30
C ASN I 99 10.39 -38.27 -3.34
N ILE I 100 10.18 -38.87 -4.52
CA ILE I 100 9.12 -39.88 -4.69
C ILE I 100 9.69 -41.15 -5.33
N LYS I 101 9.17 -42.30 -4.89
CA LYS I 101 9.62 -43.59 -5.40
C LYS I 101 8.60 -44.14 -6.40
N HIS I 102 9.08 -44.47 -7.60
CA HIS I 102 8.21 -45.01 -8.65
C HIS I 102 8.91 -46.14 -9.39
N VAL I 103 8.21 -47.26 -9.58
CA VAL I 103 8.78 -48.41 -10.29
C VAL I 103 7.74 -49.02 -11.26
N PRO I 104 7.68 -48.57 -12.52
CA PRO I 104 6.71 -49.13 -13.51
C PRO I 104 6.78 -50.64 -13.61
N GLY I 105 5.61 -51.29 -13.53
CA GLY I 105 5.53 -52.74 -13.61
C GLY I 105 4.28 -53.16 -14.38
N GLY I 106 4.34 -53.06 -15.70
CA GLY I 106 3.21 -53.43 -16.56
C GLY I 106 2.38 -52.20 -16.91
N GLY I 107 2.95 -51.31 -17.72
CA GLY I 107 2.25 -50.10 -18.15
C GLY I 107 2.04 -49.15 -16.98
N SER I 108 2.72 -48.00 -17.02
CA SER I 108 2.61 -46.99 -15.97
C SER I 108 3.28 -45.70 -16.38
N VAL I 109 2.72 -44.57 -15.93
CA VAL I 109 3.27 -43.25 -16.25
C VAL I 109 3.42 -42.40 -14.99
N GLN I 110 4.57 -41.73 -14.87
CA GLN I 110 4.84 -40.88 -13.72
C GLN I 110 4.75 -39.40 -14.11
N ILE I 111 4.26 -38.58 -13.20
CA ILE I 111 4.11 -37.14 -13.45
C ILE I 111 4.80 -36.33 -12.36
N VAL I 112 5.93 -35.70 -12.70
CA VAL I 112 6.67 -34.88 -11.74
C VAL I 112 6.94 -33.50 -12.34
N TYR I 113 6.27 -32.48 -11.81
CA TYR I 113 6.44 -31.11 -12.29
C TYR I 113 6.98 -30.22 -11.18
N LYS I 114 7.84 -29.27 -11.56
CA LYS I 114 8.43 -28.34 -10.60
C LYS I 114 7.56 -27.07 -10.49
N PRO I 115 7.72 -26.25 -9.45
CA PRO I 115 6.88 -25.02 -9.28
C PRO I 115 7.17 -23.96 -10.33
N VAL I 116 6.29 -22.96 -10.43
CA VAL I 116 6.45 -21.88 -11.40
C VAL I 116 6.13 -20.53 -10.75
N ASP I 117 7.00 -19.55 -10.98
CA ASP I 117 6.81 -18.21 -10.42
C ASP I 117 6.23 -17.27 -11.48
N LEU I 118 4.95 -16.95 -11.34
CA LEU I 118 4.27 -16.07 -12.29
C LEU I 118 4.25 -14.63 -11.78
N SER I 119 4.85 -13.73 -12.56
CA SER I 119 4.90 -12.31 -12.19
C SER I 119 3.89 -11.51 -13.01
N LYS I 120 4.04 -11.55 -14.33
CA LYS I 120 3.15 -10.83 -15.24
C LYS I 120 3.14 -11.46 -16.62
N VAL I 121 1.95 -11.75 -17.14
CA VAL I 121 1.81 -12.35 -18.47
C VAL I 121 0.69 -11.68 -19.26
N THR I 122 0.93 -11.46 -20.56
CA THR I 122 -0.05 -10.83 -21.42
C THR I 122 -0.31 -11.69 -22.66
N SER I 123 -1.51 -12.26 -22.74
CA SER I 123 -1.88 -13.11 -23.87
C SER I 123 -3.28 -12.78 -24.37
N LYS I 124 -3.41 -12.55 -25.68
CA LYS I 124 -4.69 -12.22 -26.28
C LYS I 124 -5.36 -13.47 -26.85
N CYS I 125 -4.61 -14.20 -27.68
CA CYS I 125 -5.12 -15.42 -28.29
C CYS I 125 -4.06 -16.52 -28.26
N GLY I 126 -4.50 -17.74 -27.89
CA GLY I 126 -3.59 -18.88 -27.82
C GLY I 126 -4.09 -19.90 -26.80
N SER I 127 -4.45 -21.10 -27.29
CA SER I 127 -4.95 -22.16 -26.43
C SER I 127 -3.86 -23.21 -26.18
N LEU I 128 -3.99 -23.93 -25.08
CA LEU I 128 -3.02 -24.97 -24.72
C LEU I 128 -3.63 -26.35 -24.91
N GLY I 129 -2.97 -27.18 -25.73
CA GLY I 129 -3.43 -28.53 -26.00
C GLY I 129 -4.46 -28.54 -27.12
N GLU J 67 33.15 3.68 28.81
CA GLU J 67 32.36 4.89 29.15
C GLU J 67 31.10 4.94 28.29
N ASN J 68 31.30 4.87 26.97
CA ASN J 68 30.18 4.90 26.03
C ASN J 68 30.25 3.70 25.08
N LEU J 69 29.18 2.90 25.08
CA LEU J 69 29.11 1.70 24.25
C LEU J 69 30.28 0.76 24.56
N LYS J 70 30.04 -0.17 25.48
CA LYS J 70 31.08 -1.13 25.88
C LYS J 70 30.48 -2.52 26.03
N HIS J 71 31.25 -3.54 25.64
CA HIS J 71 30.81 -4.92 25.73
C HIS J 71 29.49 -5.11 24.97
N GLN J 72 29.52 -4.76 23.69
CA GLN J 72 28.33 -4.88 22.83
C GLN J 72 28.62 -5.85 21.65
N PRO J 73 28.99 -7.12 21.93
CA PRO J 73 29.27 -8.11 20.86
C PRO J 73 28.02 -8.51 20.09
N GLY J 74 28.12 -8.51 18.76
CA GLY J 74 27.00 -8.86 17.88
C GLY J 74 27.41 -9.94 16.88
N GLY J 75 26.64 -10.06 15.80
CA GLY J 75 26.91 -11.04 14.77
C GLY J 75 26.71 -10.44 13.38
N GLY J 76 25.89 -11.13 12.56
CA GLY J 76 25.61 -10.66 11.20
C GLY J 76 24.57 -11.55 10.54
N LYS J 77 24.99 -12.74 10.11
CA LYS J 77 24.10 -13.70 9.45
C LYS J 77 23.40 -13.05 8.26
N VAL J 78 22.60 -13.84 7.55
CA VAL J 78 21.86 -13.35 6.38
C VAL J 78 21.00 -12.14 6.77
N GLN J 79 21.01 -11.12 5.91
CA GLN J 79 20.23 -9.90 6.15
C GLN J 79 19.47 -9.49 4.88
N ILE J 80 18.14 -9.43 4.99
CA ILE J 80 17.29 -9.06 3.86
C ILE J 80 16.71 -7.67 4.10
N ILE J 81 17.16 -6.70 3.30
CA ILE J 81 16.67 -5.31 3.42
C ILE J 81 16.12 -4.84 2.08
N ASN J 82 14.84 -4.42 2.09
CA ASN J 82 14.19 -3.94 0.88
C ASN J 82 13.64 -2.53 1.09
N LYS J 83 14.36 -1.55 0.55
CA LYS J 83 13.94 -0.14 0.66
C LYS J 83 13.70 0.46 -0.71
N LYS J 84 12.42 0.67 -1.04
CA LYS J 84 12.04 1.23 -2.34
C LYS J 84 11.11 2.43 -2.15
N LEU J 85 11.44 3.54 -2.82
CA LEU J 85 10.65 4.76 -2.76
C LEU J 85 10.31 5.25 -4.16
N ASP J 86 9.07 5.71 -4.34
CA ASP J 86 8.61 6.21 -5.64
C ASP J 86 8.12 7.64 -5.53
N LEU J 87 8.81 8.56 -6.20
CA LEU J 87 8.43 9.98 -6.19
C LEU J 87 7.20 10.19 -7.07
N SER J 88 6.39 11.19 -6.72
CA SER J 88 5.17 11.49 -7.45
C SER J 88 5.34 12.66 -8.40
N ASN J 89 4.61 12.62 -9.52
CA ASN J 89 4.67 13.67 -10.54
C ASN J 89 3.42 14.53 -10.53
N VAL J 90 3.62 15.83 -10.30
CA VAL J 90 2.50 16.79 -10.26
C VAL J 90 2.30 17.41 -11.64
N GLN J 91 1.06 17.82 -11.93
CA GLN J 91 0.73 18.43 -13.22
C GLN J 91 -0.19 19.63 -13.02
N SER J 92 0.18 20.76 -13.64
CA SER J 92 -0.61 21.98 -13.53
C SER J 92 -0.82 22.60 -14.92
N LYS J 93 -2.08 22.70 -15.32
CA LYS J 93 -2.44 23.27 -16.62
C LYS J 93 -2.14 24.77 -16.65
N CYS J 94 -2.39 25.44 -15.53
CA CYS J 94 -2.15 26.88 -15.43
C CYS J 94 -0.79 27.17 -14.77
N GLY J 95 -0.31 26.23 -13.94
CA GLY J 95 0.97 26.38 -13.27
C GLY J 95 0.84 27.29 -12.05
N SER J 96 1.95 27.91 -11.65
CA SER J 96 1.96 28.80 -10.49
C SER J 96 1.87 30.25 -10.94
N LYS J 97 0.84 30.95 -10.46
CA LYS J 97 0.63 32.36 -10.80
C LYS J 97 0.61 33.21 -9.54
N ASP J 98 1.61 34.09 -9.40
CA ASP J 98 1.70 34.98 -8.24
C ASP J 98 2.22 36.35 -8.63
N ASN J 99 1.68 37.38 -7.99
CA ASN J 99 2.08 38.76 -8.26
C ASN J 99 1.83 39.63 -7.04
N ILE J 100 2.87 40.33 -6.58
CA ILE J 100 2.74 41.21 -5.40
C ILE J 100 3.29 42.60 -5.71
N LYS J 101 2.63 43.62 -5.15
CA LYS J 101 3.05 45.00 -5.36
C LYS J 101 3.79 45.53 -4.13
N HIS J 102 5.00 46.04 -4.36
CA HIS J 102 5.83 46.57 -3.28
C HIS J 102 6.50 47.87 -3.72
N VAL J 103 6.45 48.90 -2.87
CA VAL J 103 7.09 50.18 -3.20
C VAL J 103 7.80 50.76 -1.95
N PRO J 104 9.08 50.45 -1.73
CA PRO J 104 9.84 50.98 -0.55
C PRO J 104 9.75 52.50 -0.43
N GLY J 105 9.41 52.97 0.76
CA GLY J 105 9.28 54.40 1.02
C GLY J 105 9.78 54.74 2.43
N GLY J 106 11.12 54.79 2.57
CA GLY J 106 11.73 55.10 3.85
C GLY J 106 12.10 53.82 4.60
N GLY J 107 13.10 53.11 4.08
CA GLY J 107 13.57 51.86 4.70
C GLY J 107 12.50 50.78 4.60
N SER J 108 12.81 49.74 3.82
CA SER J 108 11.88 48.62 3.64
C SER J 108 12.56 47.46 2.91
N VAL J 109 12.17 46.24 3.25
CA VAL J 109 12.76 45.04 2.64
C VAL J 109 11.64 44.09 2.18
N GLN J 110 11.78 43.56 0.97
CA GLN J 110 10.81 42.63 0.41
C GLN J 110 11.38 41.21 0.40
N ILE J 111 10.50 40.23 0.65
CA ILE J 111 10.93 38.82 0.67
C ILE J 111 10.05 37.99 -0.27
N VAL J 112 10.65 37.55 -1.38
CA VAL J 112 9.93 36.73 -2.36
C VAL J 112 10.73 35.48 -2.69
N TYR J 113 10.24 34.33 -2.22
CA TYR J 113 10.92 33.05 -2.46
C TYR J 113 10.03 32.12 -3.27
N LYS J 114 10.65 31.34 -4.16
CA LYS J 114 9.92 30.39 -5.01
C LYS J 114 9.84 29.02 -4.30
N PRO J 115 8.95 28.12 -4.72
CA PRO J 115 8.82 26.78 -4.06
C PRO J 115 10.03 25.88 -4.29
N VAL J 116 10.11 24.80 -3.52
CA VAL J 116 11.23 23.85 -3.63
C VAL J 116 10.71 22.42 -3.57
N ASP J 117 11.20 21.58 -4.49
CA ASP J 117 10.80 20.17 -4.55
C ASP J 117 11.87 19.29 -3.91
N LEU J 118 11.58 18.80 -2.71
CA LEU J 118 12.52 17.95 -1.99
C LEU J 118 12.20 16.47 -2.21
N SER J 119 13.17 15.73 -2.77
CA SER J 119 13.00 14.31 -3.03
C SER J 119 13.75 13.48 -1.99
N LYS J 120 15.07 13.68 -1.92
CA LYS J 120 15.92 12.95 -0.97
C LYS J 120 17.19 13.73 -0.67
N VAL J 121 17.48 13.92 0.62
CA VAL J 121 18.68 14.64 1.04
C VAL J 121 19.37 13.92 2.20
N THR J 122 20.70 13.88 2.16
CA THR J 122 21.49 13.23 3.20
C THR J 122 22.55 14.18 3.75
N SER J 123 22.37 14.59 5.00
CA SER J 123 23.31 15.51 5.66
C SER J 123 23.63 15.05 7.08
N LYS J 124 24.92 14.96 7.38
CA LYS J 124 25.36 14.52 8.72
C LYS J 124 25.65 15.74 9.59
N CYS J 125 26.48 16.65 9.08
CA CYS J 125 26.85 17.86 9.82
C CYS J 125 26.83 19.07 8.90
N GLY J 126 26.26 20.17 9.39
CA GLY J 126 26.18 21.41 8.62
C GLY J 126 24.97 22.24 9.04
N SER J 127 25.25 23.41 9.62
CA SER J 127 24.19 24.31 10.07
C SER J 127 23.98 25.45 9.09
N LEU J 128 22.77 26.03 9.10
CA LEU J 128 22.44 27.14 8.21
C LEU J 128 22.36 28.45 8.99
N GLY J 129 23.15 29.44 8.56
CA GLY J 129 23.18 30.74 9.21
C GLY J 129 24.12 30.73 10.41
N GLU A 67 -28.08 -1.39 -17.67
CA GLU A 67 -29.20 -1.23 -18.64
C GLU A 67 -29.95 0.06 -18.34
N ASN A 68 -29.64 1.11 -19.09
CA ASN A 68 -30.30 2.41 -18.91
C ASN A 68 -30.54 3.08 -20.25
N LEU A 69 -31.82 3.34 -20.55
CA LEU A 69 -32.19 3.99 -21.81
C LEU A 69 -31.83 5.46 -21.77
N LYS A 70 -32.32 6.17 -20.74
CA LYS A 70 -32.06 7.61 -20.56
C LYS A 70 -32.71 8.43 -21.68
N HIS A 71 -32.16 8.35 -22.89
CA HIS A 71 -32.70 9.09 -24.04
C HIS A 71 -32.76 10.60 -23.76
N GLN A 72 -32.06 11.06 -22.71
CA GLN A 72 -32.05 12.48 -22.35
C GLN A 72 -30.85 12.79 -21.43
N PRO A 73 -30.52 14.07 -21.20
CA PRO A 73 -29.37 14.44 -20.33
C PRO A 73 -29.47 13.82 -18.93
N GLY A 74 -28.58 14.25 -18.03
CA GLY A 74 -28.57 13.74 -16.66
C GLY A 74 -28.20 12.26 -16.63
N GLY A 75 -27.18 11.93 -15.84
CA GLY A 75 -26.71 10.55 -15.72
C GLY A 75 -25.62 10.43 -14.67
N GLY A 76 -26.01 10.46 -13.40
CA GLY A 76 -25.06 10.35 -12.30
C GLY A 76 -24.22 11.61 -12.17
N LYS A 77 -24.67 12.54 -11.31
CA LYS A 77 -23.96 13.79 -11.10
C LYS A 77 -22.74 13.56 -10.21
N VAL A 78 -22.98 13.08 -8.98
CA VAL A 78 -21.91 12.81 -8.03
C VAL A 78 -22.15 11.46 -7.35
N GLN A 79 -21.21 10.53 -7.54
CA GLN A 79 -21.32 9.19 -6.94
C GLN A 79 -20.07 8.84 -6.16
N ILE A 80 -20.25 8.58 -4.86
CA ILE A 80 -19.13 8.23 -3.98
C ILE A 80 -19.41 6.89 -3.30
N ILE A 81 -18.44 5.97 -3.38
CA ILE A 81 -18.58 4.65 -2.76
C ILE A 81 -17.35 4.32 -1.93
N ASN A 82 -17.56 4.13 -0.62
CA ASN A 82 -16.46 3.81 0.29
C ASN A 82 -16.41 2.30 0.55
N LYS A 83 -15.29 1.69 0.16
CA LYS A 83 -15.10 0.25 0.33
C LYS A 83 -14.57 -0.07 1.72
N LYS A 84 -14.98 -1.23 2.25
CA LYS A 84 -14.57 -1.67 3.60
C LYS A 84 -13.31 -2.52 3.62
N LEU A 85 -12.40 -2.16 4.52
CA LEU A 85 -11.13 -2.88 4.68
C LEU A 85 -11.33 -4.10 5.58
N ASP A 86 -10.75 -5.22 5.16
CA ASP A 86 -10.86 -6.48 5.91
C ASP A 86 -9.47 -7.01 6.24
N LEU A 87 -9.24 -7.30 7.53
CA LEU A 87 -7.95 -7.82 7.99
C LEU A 87 -8.13 -9.21 8.60
N SER A 88 -7.13 -10.07 8.37
CA SER A 88 -7.16 -11.43 8.90
C SER A 88 -5.81 -11.80 9.51
N ASN A 89 -5.80 -11.98 10.84
CA ASN A 89 -4.58 -12.32 11.56
C ASN A 89 -4.63 -13.77 12.04
N VAL A 90 -3.60 -14.55 11.67
CA VAL A 90 -3.53 -15.95 12.05
C VAL A 90 -2.10 -16.30 12.49
N GLN A 91 -1.98 -16.95 13.64
CA GLN A 91 -0.68 -17.35 14.18
C GLN A 91 -0.71 -18.80 14.64
N SER A 92 0.31 -19.57 14.23
CA SER A 92 0.40 -20.97 14.60
C SER A 92 1.83 -21.33 15.02
N LYS A 93 2.03 -21.49 16.32
CA LYS A 93 3.36 -21.83 16.85
C LYS A 93 3.70 -23.29 16.56
N CYS A 94 2.69 -24.16 16.63
CA CYS A 94 2.88 -25.59 16.37
C CYS A 94 2.47 -25.95 14.94
N GLY A 95 1.56 -25.16 14.36
CA GLY A 95 1.09 -25.41 13.00
C GLY A 95 0.06 -26.53 12.97
N SER A 96 -0.23 -27.04 11.77
CA SER A 96 -1.21 -28.11 11.60
C SER A 96 -0.64 -29.20 10.70
N LYS A 97 -0.83 -30.46 11.11
CA LYS A 97 -0.34 -31.60 10.34
C LYS A 97 -1.36 -32.75 10.35
N ASP A 98 -1.49 -33.42 9.21
CA ASP A 98 -2.42 -34.53 9.07
C ASP A 98 -1.76 -35.70 8.35
N ASN A 99 -2.29 -36.91 8.58
CA ASN A 99 -1.76 -38.11 7.93
C ASN A 99 -2.87 -38.90 7.28
N ILE A 100 -2.69 -39.19 5.98
CA ILE A 100 -3.69 -39.94 5.22
C ILE A 100 -3.04 -41.20 4.63
N LYS A 101 -3.43 -42.36 5.15
CA LYS A 101 -2.87 -43.64 4.69
C LYS A 101 -3.88 -44.35 3.78
N HIS A 102 -3.45 -44.62 2.55
CA HIS A 102 -4.30 -45.30 1.58
C HIS A 102 -4.08 -46.81 1.65
N VAL A 103 -5.19 -47.56 1.59
CA VAL A 103 -5.13 -49.02 1.65
C VAL A 103 -6.16 -49.59 0.65
N PRO A 104 -5.89 -50.70 -0.06
CA PRO A 104 -6.85 -51.28 -1.06
C PRO A 104 -8.29 -51.32 -0.58
N GLY A 105 -9.18 -51.58 -1.52
CA GLY A 105 -10.62 -51.65 -1.23
C GLY A 105 -11.42 -51.68 -2.53
N GLY A 106 -12.74 -51.69 -2.38
CA GLY A 106 -13.64 -51.73 -3.53
C GLY A 106 -13.62 -50.39 -4.27
N GLY A 107 -14.44 -49.45 -3.80
CA GLY A 107 -14.53 -48.13 -4.42
C GLY A 107 -14.80 -47.06 -3.36
N SER A 108 -13.83 -46.17 -3.17
CA SER A 108 -13.97 -45.09 -2.19
C SER A 108 -13.14 -43.88 -2.59
N VAL A 109 -13.46 -42.72 -2.01
CA VAL A 109 -12.74 -41.48 -2.32
C VAL A 109 -12.21 -40.82 -1.04
N GLN A 110 -11.05 -40.17 -1.15
CA GLN A 110 -10.43 -39.50 0.00
C GLN A 110 -10.24 -38.02 -0.30
N ILE A 111 -10.99 -37.18 0.42
CA ILE A 111 -10.91 -35.73 0.24
C ILE A 111 -10.84 -35.03 1.60
N VAL A 112 -9.87 -34.13 1.77
CA VAL A 112 -9.71 -33.39 3.02
C VAL A 112 -9.62 -31.89 2.76
N TYR A 113 -10.33 -31.11 3.58
CA TYR A 113 -10.34 -29.66 3.44
C TYR A 113 -9.82 -29.00 4.72
N LYS A 114 -8.71 -28.26 4.59
CA LYS A 114 -8.11 -27.57 5.73
C LYS A 114 -8.83 -26.23 5.99
N PRO A 115 -8.55 -25.56 7.10
CA PRO A 115 -9.23 -24.25 7.43
C PRO A 115 -9.08 -23.22 6.32
N VAL A 116 -10.19 -22.56 5.99
CA VAL A 116 -10.20 -21.53 4.94
C VAL A 116 -10.86 -20.25 5.46
N ASP A 117 -10.48 -19.12 4.87
CA ASP A 117 -11.02 -17.82 5.27
C ASP A 117 -11.84 -17.22 4.13
N LEU A 118 -13.16 -17.20 4.30
CA LEU A 118 -14.07 -16.64 3.29
C LEU A 118 -14.65 -15.32 3.78
N SER A 119 -14.21 -14.22 3.16
CA SER A 119 -14.69 -12.89 3.52
C SER A 119 -15.95 -12.55 2.73
N LYS A 120 -15.82 -12.49 1.40
CA LYS A 120 -16.94 -12.18 0.53
C LYS A 120 -16.90 -13.03 -0.73
N VAL A 121 -18.05 -13.65 -1.06
CA VAL A 121 -18.14 -14.50 -2.25
C VAL A 121 -19.22 -13.96 -3.18
N THR A 122 -18.82 -13.56 -4.39
CA THR A 122 -19.75 -13.02 -5.38
C THR A 122 -19.93 -14.00 -6.53
N SER A 123 -21.11 -14.64 -6.57
CA SER A 123 -21.42 -15.61 -7.62
C SER A 123 -22.70 -15.21 -8.36
N LYS A 124 -22.52 -14.69 -9.58
CA LYS A 124 -23.66 -14.27 -10.40
C LYS A 124 -24.28 -15.46 -11.12
N CYS A 125 -23.42 -16.21 -11.84
CA CYS A 125 -23.87 -17.38 -12.58
C CYS A 125 -22.72 -18.37 -12.77
N GLY A 126 -23.03 -19.66 -12.64
CA GLY A 126 -22.02 -20.71 -12.80
C GLY A 126 -22.05 -21.27 -14.21
N SER A 127 -22.58 -22.50 -14.34
CA SER A 127 -22.66 -23.16 -15.64
C SER A 127 -24.11 -23.54 -15.95
N LEU A 128 -24.56 -23.17 -17.15
CA LEU A 128 -25.93 -23.46 -17.58
C LEU A 128 -26.19 -24.97 -17.53
N GLY A 129 -25.30 -25.74 -18.16
CA GLY A 129 -25.43 -27.19 -18.20
C GLY A 129 -26.29 -27.63 -19.37
N GLU B 67 14.64 -0.18 29.03
CA GLU B 67 15.44 -0.37 30.27
C GLU B 67 15.19 -1.78 30.82
N ASN B 68 16.11 -2.68 30.53
CA ASN B 68 16.01 -4.07 30.99
C ASN B 68 17.37 -4.62 31.38
N LEU B 69 17.49 -5.01 32.65
CA LEU B 69 18.75 -5.56 33.16
C LEU B 69 18.97 -6.97 32.64
N LYS B 70 17.98 -7.84 32.86
CA LYS B 70 18.03 -9.24 32.41
C LYS B 70 19.13 -10.02 33.14
N HIS B 71 20.40 -9.73 32.83
CA HIS B 71 21.53 -10.39 33.46
C HIS B 71 21.44 -11.92 33.31
N GLN B 72 20.58 -12.40 32.39
CA GLN B 72 20.42 -13.83 32.16
C GLN B 72 19.75 -14.09 30.79
N PRO B 73 19.74 -15.33 30.29
CA PRO B 73 19.11 -15.65 28.96
C PRO B 73 17.65 -15.20 28.89
N GLY B 74 16.96 -15.61 27.83
CA GLY B 74 15.56 -15.25 27.64
C GLY B 74 15.39 -13.74 27.44
N GLY B 75 14.73 -13.37 26.34
CA GLY B 75 14.52 -11.96 26.03
C GLY B 75 13.63 -11.82 24.79
N GLY B 76 12.34 -12.04 24.95
CA GLY B 76 11.38 -11.93 23.84
C GLY B 76 11.56 -13.08 22.86
N LYS B 77 10.77 -14.14 23.05
CA LYS B 77 10.83 -15.30 22.17
C LYS B 77 10.12 -15.01 20.86
N VAL B 78 8.82 -14.72 20.94
CA VAL B 78 8.02 -14.41 19.75
C VAL B 78 7.15 -13.19 20.03
N GLN B 79 7.35 -12.13 19.25
CA GLN B 79 6.57 -10.89 19.41
C GLN B 79 5.96 -10.47 18.08
N ILE B 80 4.63 -10.39 18.06
CA ILE B 80 3.89 -9.98 16.85
C ILE B 80 3.00 -8.78 17.16
N ILE B 81 3.10 -7.73 16.33
CA ILE B 81 2.31 -6.52 16.52
C ILE B 81 1.64 -6.12 15.21
N ASN B 82 0.30 -6.11 15.21
CA ASN B 82 -0.46 -5.74 14.02
C ASN B 82 -0.89 -4.29 14.09
N LYS B 83 -0.42 -3.49 13.13
CA LYS B 83 -0.75 -2.07 13.09
C LYS B 83 -2.08 -1.83 12.35
N LYS B 84 -2.81 -0.80 12.80
CA LYS B 84 -4.12 -0.46 12.22
C LYS B 84 -4.05 0.53 11.07
N LEU B 85 -4.74 0.20 9.98
CA LEU B 85 -4.81 1.06 8.80
C LEU B 85 -5.87 2.13 8.98
N ASP B 86 -5.52 3.38 8.61
CA ASP B 86 -6.43 4.50 8.73
C ASP B 86 -6.62 5.19 7.37
N LEU B 87 -7.88 5.35 6.97
CA LEU B 87 -8.20 5.98 5.68
C LEU B 87 -9.01 7.26 5.90
N SER B 88 -8.74 8.27 5.07
CA SER B 88 -9.44 9.55 5.15
C SER B 88 -9.88 10.01 3.78
N ASN B 89 -11.20 10.04 3.56
CA ASN B 89 -11.76 10.46 2.28
C ASN B 89 -12.43 11.84 2.41
N VAL B 90 -12.00 12.77 1.55
CA VAL B 90 -12.55 14.13 1.57
C VAL B 90 -12.81 14.60 0.14
N GLN B 91 -14.00 15.15 -0.09
CA GLN B 91 -14.37 15.64 -1.42
C GLN B 91 -15.03 17.03 -1.31
N SER B 92 -14.56 17.96 -2.15
CA SER B 92 -15.09 19.32 -2.15
C SER B 92 -15.33 19.81 -3.57
N LYS B 93 -16.60 19.84 -3.98
CA LYS B 93 -16.95 20.29 -5.33
C LYS B 93 -16.80 21.81 -5.45
N CYS B 94 -17.16 22.52 -4.37
CA CYS B 94 -17.05 23.99 -4.35
C CYS B 94 -15.77 24.45 -3.67
N GLY B 95 -15.23 23.61 -2.77
CA GLY B 95 -14.00 23.94 -2.05
C GLY B 95 -14.29 24.92 -0.90
N SER B 96 -13.22 25.51 -0.36
CA SER B 96 -13.35 26.46 0.74
C SER B 96 -12.52 27.71 0.46
N LYS B 97 -13.12 28.88 0.73
CA LYS B 97 -12.44 30.15 0.50
C LYS B 97 -12.76 31.14 1.63
N ASP B 98 -11.74 31.92 2.03
CA ASP B 98 -11.91 32.91 3.09
C ASP B 98 -11.24 34.22 2.70
N ASN B 99 -11.71 35.32 3.31
CA ASN B 99 -11.16 36.64 3.03
C ASN B 99 -10.79 37.36 4.32
N ILE B 100 -9.53 37.80 4.41
CA ILE B 100 -9.04 38.50 5.60
C ILE B 100 -8.53 39.89 5.20
N LYS B 101 -9.25 40.92 5.61
CA LYS B 101 -8.88 42.30 5.30
C LYS B 101 -8.24 42.97 6.52
N HIS B 102 -7.00 43.43 6.33
CA HIS B 102 -6.27 44.10 7.41
C HIS B 102 -6.50 45.60 7.36
N VAL B 103 -6.72 46.20 8.54
CA VAL B 103 -6.95 47.65 8.63
C VAL B 103 -6.21 48.18 9.88
N PRO B 104 -5.62 49.38 9.86
CA PRO B 104 -4.86 49.93 11.03
C PRO B 104 -5.57 49.73 12.35
N GLY B 105 -4.81 49.97 13.43
CA GLY B 105 -5.33 49.81 14.79
C GLY B 105 -4.20 49.89 15.81
N GLY B 106 -4.55 49.71 17.08
CA GLY B 106 -3.56 49.75 18.15
C GLY B 106 -2.66 48.52 18.11
N GLY B 107 -3.12 47.44 18.73
CA GLY B 107 -2.37 46.19 18.76
C GLY B 107 -3.29 44.98 18.73
N SER B 108 -3.22 44.21 17.65
CA SER B 108 -4.06 43.02 17.50
C SER B 108 -3.37 41.99 16.62
N VAL B 109 -3.85 40.74 16.70
CA VAL B 109 -3.27 39.64 15.91
C VAL B 109 -4.35 38.92 15.11
N GLN B 110 -3.98 38.45 13.91
CA GLN B 110 -4.91 37.75 13.04
C GLN B 110 -4.40 36.34 12.73
N ILE B 111 -5.12 35.33 13.24
CA ILE B 111 -4.73 33.93 13.03
C ILE B 111 -5.96 33.11 12.65
N VAL B 112 -5.85 32.33 11.57
CA VAL B 112 -6.96 31.49 11.11
C VAL B 112 -6.49 30.05 10.91
N TYR B 113 -7.31 29.10 11.37
CA TYR B 113 -6.99 27.67 11.25
C TYR B 113 -8.07 26.96 10.45
N LYS B 114 -7.66 26.39 9.30
CA LYS B 114 -8.60 25.67 8.44
C LYS B 114 -8.79 24.22 8.95
N PRO B 115 -9.75 23.47 8.41
CA PRO B 115 -10.00 22.06 8.87
C PRO B 115 -8.75 21.18 8.80
N VAL B 116 -8.52 20.42 9.87
CA VAL B 116 -7.36 19.53 9.93
C VAL B 116 -7.81 18.12 10.35
N ASP B 117 -7.02 17.12 9.96
CA ASP B 117 -7.32 15.73 10.27
C ASP B 117 -6.26 15.14 11.20
N LEU B 118 -6.63 14.93 12.46
CA LEU B 118 -5.71 14.38 13.46
C LEU B 118 -6.10 12.94 13.80
N SER B 119 -5.28 11.99 13.35
CA SER B 119 -5.53 10.58 13.61
C SER B 119 -4.92 10.16 14.93
N LYS B 120 -3.58 10.28 15.03
CA LYS B 120 -2.87 9.91 16.25
C LYS B 120 -1.74 10.90 16.52
N VAL B 121 -1.67 11.39 17.75
CA VAL B 121 -0.64 12.35 18.15
C VAL B 121 0.18 11.78 19.31
N THR B 122 1.47 11.57 19.07
CA THR B 122 2.37 11.03 20.09
C THR B 122 3.34 12.10 20.58
N SER B 123 3.12 12.56 21.81
CA SER B 123 3.97 13.60 22.40
C SER B 123 4.55 13.12 23.73
N LYS B 124 5.83 12.77 23.71
CA LYS B 124 6.51 12.29 24.92
C LYS B 124 6.97 13.47 25.77
N CYS B 125 7.70 14.39 25.14
CA CYS B 125 8.21 15.57 25.84
C CYS B 125 8.44 16.72 24.87
N GLY B 126 8.10 17.94 25.29
CA GLY B 126 8.28 19.12 24.45
C GLY B 126 9.58 19.83 24.78
N SER B 127 9.46 20.98 25.46
CA SER B 127 10.63 21.76 25.83
C SER B 127 10.67 21.98 27.34
N LEU B 128 11.82 21.69 27.96
CA LEU B 128 11.98 21.85 29.40
C LEU B 128 11.70 23.29 29.82
N GLY B 129 12.36 24.24 29.13
CA GLY B 129 12.18 25.65 29.44
C GLY B 129 13.14 26.10 30.53
N GLU C 67 -24.28 -0.88 -20.86
CA GLU C 67 -25.41 -0.73 -21.84
C GLU C 67 -26.17 0.56 -21.53
N ASN C 68 -25.85 1.61 -22.28
CA ASN C 68 -26.51 2.90 -22.09
C ASN C 68 -26.76 3.59 -23.44
N LEU C 69 -28.03 3.85 -23.73
CA LEU C 69 -28.42 4.50 -24.99
C LEU C 69 -28.05 5.98 -24.95
N LYS C 70 -28.53 6.68 -23.92
CA LYS C 70 -28.28 8.11 -23.74
C LYS C 70 -28.92 8.94 -24.85
N HIS C 71 -28.37 8.85 -26.06
CA HIS C 71 -28.91 9.60 -27.21
C HIS C 71 -28.97 11.11 -26.92
N GLN C 72 -28.27 11.56 -25.88
CA GLN C 72 -28.26 12.98 -25.51
C GLN C 72 -27.05 13.30 -24.60
N PRO C 73 -26.73 14.57 -24.37
CA PRO C 73 -25.57 14.95 -23.49
C PRO C 73 -25.67 14.32 -22.10
N GLY C 74 -24.78 14.75 -21.19
CA GLY C 74 -24.78 14.23 -19.83
C GLY C 74 -24.41 12.76 -19.81
N GLY C 75 -23.38 12.42 -19.02
CA GLY C 75 -22.92 11.03 -18.90
C GLY C 75 -21.82 10.91 -17.85
N GLY C 76 -22.22 10.95 -16.58
CA GLY C 76 -21.26 10.83 -15.48
C GLY C 76 -20.42 12.10 -15.36
N LYS C 77 -20.86 13.02 -14.49
CA LYS C 77 -20.15 14.27 -14.27
C LYS C 77 -18.93 14.04 -13.38
N VAL C 78 -19.18 13.56 -12.17
CA VAL C 78 -18.10 13.29 -11.22
C VAL C 78 -18.35 11.93 -10.54
N GLN C 79 -17.40 11.01 -10.73
CA GLN C 79 -17.52 9.67 -10.13
C GLN C 79 -16.26 9.32 -9.35
N ILE C 80 -16.43 9.05 -8.05
CA ILE C 80 -15.32 8.70 -7.17
C ILE C 80 -15.59 7.35 -6.49
N ILE C 81 -14.63 6.43 -6.58
CA ILE C 81 -14.77 5.11 -5.96
C ILE C 81 -13.53 4.78 -5.13
N ASN C 82 -13.74 4.59 -3.82
CA ASN C 82 -12.65 4.27 -2.91
C ASN C 82 -12.60 2.76 -2.66
N LYS C 83 -11.48 2.15 -3.05
CA LYS C 83 -11.30 0.70 -2.89
C LYS C 83 -10.75 0.38 -1.50
N LYS C 84 -11.16 -0.78 -0.97
CA LYS C 84 -10.75 -1.23 0.37
C LYS C 84 -9.49 -2.07 0.39
N LEU C 85 -8.57 -1.71 1.29
CA LEU C 85 -7.31 -2.43 1.45
C LEU C 85 -7.51 -3.66 2.35
N ASP C 86 -6.94 -4.78 1.92
CA ASP C 86 -7.04 -6.04 2.68
C ASP C 86 -5.66 -6.57 3.02
N LEU C 87 -5.43 -6.86 4.29
CA LEU C 87 -4.14 -7.39 4.76
C LEU C 87 -4.30 -8.77 5.36
N SER C 88 -3.32 -9.64 5.13
CA SER C 88 -3.34 -11.00 5.65
C SER C 88 -2.00 -11.37 6.27
N ASN C 89 -1.98 -11.55 7.59
CA ASN C 89 -0.76 -11.90 8.31
C ASN C 89 -0.81 -13.35 8.78
N VAL C 90 0.21 -14.12 8.41
CA VAL C 90 0.28 -15.53 8.79
C VAL C 90 1.72 -15.87 9.23
N GLN C 91 1.84 -16.54 10.37
CA GLN C 91 3.14 -16.93 10.91
C GLN C 91 3.11 -18.39 11.37
N SER C 92 4.13 -19.15 10.95
CA SER C 92 4.22 -20.56 11.32
C SER C 92 5.65 -20.92 11.73
N LYS C 93 5.85 -21.07 13.05
CA LYS C 93 7.18 -21.41 13.57
C LYS C 93 7.52 -22.88 13.27
N CYS C 94 6.51 -23.75 13.35
CA CYS C 94 6.70 -25.18 13.09
C CYS C 94 6.29 -25.54 11.66
N GLY C 95 5.38 -24.75 11.08
CA GLY C 95 4.90 -24.98 9.71
C GLY C 95 3.87 -26.11 9.69
N SER C 96 3.58 -26.61 8.48
CA SER C 96 2.60 -27.69 8.32
C SER C 96 3.17 -28.79 7.41
N LYS C 97 2.97 -30.04 7.82
CA LYS C 97 3.46 -31.18 7.04
C LYS C 97 2.44 -32.32 7.06
N ASP C 98 2.31 -32.99 5.91
CA ASP C 98 1.37 -34.11 5.78
C ASP C 98 2.03 -35.27 5.05
N ASN C 99 1.50 -36.48 5.28
CA ASN C 99 2.04 -37.68 4.64
C ASN C 99 0.92 -38.48 3.97
N ILE C 100 1.09 -38.75 2.68
CA ILE C 100 0.10 -39.51 1.91
C ILE C 100 0.75 -40.76 1.33
N LYS C 101 0.36 -41.93 1.85
CA LYS C 101 0.91 -43.20 1.38
C LYS C 101 -0.09 -43.92 0.48
N HIS C 102 0.33 -44.18 -0.76
CA HIS C 102 -0.52 -44.86 -1.74
C HIS C 102 -0.30 -46.37 -1.67
N VAL C 103 -1.40 -47.11 -1.72
CA VAL C 103 -1.35 -48.58 -1.67
C VAL C 103 -2.38 -49.15 -2.67
N PRO C 104 -2.11 -50.25 -3.38
CA PRO C 104 -3.07 -50.83 -4.39
C PRO C 104 -4.50 -50.87 -3.91
N GLY C 105 -5.42 -51.12 -4.85
CA GLY C 105 -6.84 -51.19 -4.55
C GLY C 105 -7.64 -51.22 -5.84
N GLY C 106 -8.98 -51.24 -5.69
CA GLY C 106 -9.87 -51.26 -6.85
C GLY C 106 -9.86 -49.94 -7.58
N GLY C 107 -10.67 -48.99 -7.11
CA GLY C 107 -10.75 -47.66 -7.72
C GLY C 107 -11.03 -46.60 -6.67
N SER C 108 -10.06 -45.71 -6.47
CA SER C 108 -10.20 -44.63 -5.49
C SER C 108 -9.37 -43.42 -5.89
N VAL C 109 -9.68 -42.26 -5.30
CA VAL C 109 -8.97 -41.02 -5.61
C VAL C 109 -8.43 -40.37 -4.33
N GLN C 110 -7.27 -39.72 -4.44
CA GLN C 110 -6.64 -39.05 -3.30
C GLN C 110 -6.46 -37.56 -3.59
N ILE C 111 -7.20 -36.72 -2.86
CA ILE C 111 -7.12 -35.27 -3.04
C ILE C 111 -7.05 -34.58 -1.68
N VAL C 112 -6.08 -33.68 -1.52
CA VAL C 112 -5.91 -32.94 -0.26
C VAL C 112 -5.83 -31.44 -0.52
N TYR C 113 -6.53 -30.67 0.30
CA TYR C 113 -6.55 -29.21 0.17
C TYR C 113 -6.02 -28.56 1.44
N LYS C 114 -4.91 -27.82 1.32
CA LYS C 114 -4.31 -27.14 2.46
C LYS C 114 -5.02 -25.79 2.72
N PRO C 115 -4.75 -25.11 3.84
CA PRO C 115 -5.42 -23.81 4.15
C PRO C 115 -5.27 -22.77 3.05
N VAL C 116 -6.39 -22.11 2.72
CA VAL C 116 -6.39 -21.08 1.69
C VAL C 116 -7.05 -19.81 2.21
N ASP C 117 -6.68 -18.68 1.62
CA ASP C 117 -7.22 -17.38 2.02
C ASP C 117 -8.03 -16.77 0.89
N LEU C 118 -9.36 -16.74 1.06
CA LEU C 118 -10.26 -16.19 0.05
C LEU C 118 -10.85 -14.86 0.53
N SER C 119 -10.40 -13.77 -0.08
CA SER C 119 -10.88 -12.44 0.29
C SER C 119 -12.13 -12.10 -0.50
N LYS C 120 -12.01 -12.04 -1.83
CA LYS C 120 -13.15 -11.73 -2.70
C LYS C 120 -13.10 -12.57 -3.97
N VAL C 121 -14.24 -13.19 -4.29
CA VAL C 121 -14.35 -14.04 -5.49
C VAL C 121 -15.43 -13.50 -6.42
N THR C 122 -15.02 -13.09 -7.62
CA THR C 122 -15.95 -12.55 -8.61
C THR C 122 -16.14 -13.54 -9.76
N SER C 123 -17.33 -14.17 -9.81
CA SER C 123 -17.63 -15.14 -10.86
C SER C 123 -18.91 -14.74 -11.59
N LYS C 124 -18.74 -14.21 -12.81
CA LYS C 124 -19.88 -13.79 -13.62
C LYS C 124 -20.48 -14.98 -14.35
N CYS C 125 -19.64 -15.73 -15.06
CA CYS C 125 -20.09 -16.89 -15.81
C CYS C 125 -18.94 -17.89 -16.00
N GLY C 126 -19.25 -19.17 -15.88
CA GLY C 126 -18.25 -20.23 -16.04
C GLY C 126 -18.28 -20.79 -17.45
N SER C 127 -18.80 -22.02 -17.59
CA SER C 127 -18.89 -22.68 -18.89
C SER C 127 -20.34 -23.04 -19.19
N LEU C 128 -20.79 -22.68 -20.40
CA LEU C 128 -22.16 -22.98 -20.82
C LEU C 128 -22.42 -24.47 -20.78
N GLY C 129 -21.53 -25.24 -21.41
CA GLY C 129 -21.67 -26.69 -21.45
C GLY C 129 -22.53 -27.14 -22.63
N GLU D 67 18.42 0.19 25.81
CA GLU D 67 19.21 0.00 27.06
C GLU D 67 18.97 -1.41 27.60
N ASN D 68 19.90 -2.32 27.32
CA ASN D 68 19.78 -3.70 27.77
C ASN D 68 21.15 -4.25 28.16
N LEU D 69 21.27 -4.65 29.43
CA LEU D 69 22.52 -5.20 29.94
C LEU D 69 22.74 -6.61 29.41
N LYS D 70 21.74 -7.48 29.64
CA LYS D 70 21.80 -8.88 29.19
C LYS D 70 22.89 -9.65 29.92
N HIS D 71 24.16 -9.36 29.60
CA HIS D 71 25.30 -10.05 30.24
C HIS D 71 25.20 -11.57 30.09
N GLN D 72 24.35 -12.04 29.17
CA GLN D 72 24.18 -13.48 28.93
C GLN D 72 23.51 -13.72 27.57
N PRO D 73 23.51 -14.97 27.06
CA PRO D 73 22.87 -15.29 25.73
C PRO D 73 21.41 -14.83 25.67
N GLY D 74 20.72 -15.23 24.60
CA GLY D 74 19.31 -14.87 24.41
C GLY D 74 19.15 -13.38 24.21
N GLY D 75 18.50 -13.00 23.11
CA GLY D 75 18.28 -11.59 22.80
C GLY D 75 17.41 -11.43 21.56
N GLY D 76 16.10 -11.66 21.72
CA GLY D 76 15.16 -11.55 20.61
C GLY D 76 15.33 -12.69 19.63
N LYS D 77 14.54 -13.76 19.82
CA LYS D 77 14.59 -14.92 18.94
C LYS D 77 13.89 -14.63 17.62
N VAL D 78 12.59 -14.32 17.70
CA VAL D 78 11.79 -14.02 16.52
C VAL D 78 10.91 -12.79 16.79
N GLN D 79 11.12 -11.73 16.01
CA GLN D 79 10.36 -10.50 16.17
C GLN D 79 9.73 -10.07 14.84
N ILE D 80 8.40 -9.98 14.82
CA ILE D 80 7.67 -9.58 13.62
C ILE D 80 6.78 -8.37 13.93
N ILE D 81 6.89 -7.32 13.09
CA ILE D 81 6.09 -6.11 13.28
C ILE D 81 5.43 -5.71 11.97
N ASN D 82 4.09 -5.70 11.97
CA ASN D 82 3.33 -5.33 10.78
C ASN D 82 2.90 -3.87 10.86
N LYS D 83 3.37 -3.08 9.89
CA LYS D 83 3.05 -1.65 9.85
C LYS D 83 1.74 -1.41 9.11
N LYS D 84 1.01 -0.38 9.56
CA LYS D 84 -0.30 -0.03 8.98
C LYS D 84 -0.24 0.96 7.83
N LEU D 85 -0.92 0.63 6.74
CA LEU D 85 -0.99 1.50 5.56
C LEU D 85 -2.05 2.57 5.74
N ASP D 86 -1.71 3.81 5.38
CA ASP D 86 -2.63 4.93 5.50
C ASP D 86 -2.80 5.62 4.15
N LEU D 87 -4.06 5.78 3.73
CA LEU D 87 -4.37 6.42 2.45
C LEU D 87 -5.18 7.70 2.67
N SER D 88 -4.91 8.70 1.84
CA SER D 88 -5.61 9.98 1.93
C SER D 88 -6.06 10.45 0.55
N ASN D 89 -7.37 10.49 0.34
CA ASN D 89 -7.93 10.91 -0.95
C ASN D 89 -8.59 12.28 -0.82
N VAL D 90 -8.17 13.22 -1.67
CA VAL D 90 -8.72 14.58 -1.65
C VAL D 90 -8.97 15.06 -3.09
N GLN D 91 -10.16 15.59 -3.33
CA GLN D 91 -10.53 16.10 -4.64
C GLN D 91 -11.18 17.48 -4.53
N SER D 92 -10.72 18.41 -5.37
CA SER D 92 -11.24 19.77 -5.37
C SER D 92 -11.48 20.27 -6.79
N LYS D 93 -12.75 20.31 -7.21
CA LYS D 93 -13.11 20.76 -8.55
C LYS D 93 -12.94 22.28 -8.67
N CYS D 94 -13.30 22.99 -7.59
CA CYS D 94 -13.19 24.45 -7.57
C CYS D 94 -11.91 24.91 -6.88
N GLY D 95 -11.38 24.08 -5.98
CA GLY D 95 -10.15 24.40 -5.26
C GLY D 95 -10.43 25.37 -4.12
N SER D 96 -9.36 25.96 -3.58
CA SER D 96 -9.49 26.91 -2.48
C SER D 96 -8.66 28.16 -2.75
N LYS D 97 -9.25 29.33 -2.48
CA LYS D 97 -8.57 30.60 -2.70
C LYS D 97 -8.89 31.59 -1.58
N ASP D 98 -7.88 32.37 -1.17
CA ASP D 98 -8.04 33.36 -0.12
C ASP D 98 -7.37 34.67 -0.50
N ASN D 99 -7.84 35.76 0.11
CA ASN D 99 -7.28 37.08 -0.17
C ASN D 99 -6.91 37.79 1.12
N ILE D 100 -5.65 38.23 1.22
CA ILE D 100 -5.16 38.94 2.40
C ILE D 100 -4.65 40.32 2.01
N LYS D 101 -5.38 41.36 2.42
CA LYS D 101 -5.00 42.74 2.11
C LYS D 101 -4.35 43.41 3.32
N HIS D 102 -3.11 43.86 3.15
CA HIS D 102 -2.39 44.52 4.23
C HIS D 102 -2.61 46.03 4.17
N VAL D 103 -2.82 46.63 5.35
CA VAL D 103 -3.06 48.08 5.46
C VAL D 103 -2.32 48.61 6.70
N PRO D 104 -1.73 49.81 6.67
CA PRO D 104 -0.96 50.37 7.84
C PRO D 104 -1.65 50.16 9.17
N GLY D 105 -0.91 50.40 10.25
CA GLY D 105 -1.44 50.24 11.60
C GLY D 105 -0.31 50.31 12.63
N GLY D 106 -0.66 50.13 13.90
CA GLY D 106 0.33 50.16 14.98
C GLY D 106 1.22 48.94 14.94
N GLY D 107 0.76 47.85 15.55
CA GLY D 107 1.52 46.60 15.59
C GLY D 107 0.58 45.40 15.55
N SER D 108 0.66 44.62 14.46
CA SER D 108 -0.18 43.44 14.32
C SER D 108 0.50 42.40 13.44
N VAL D 109 0.02 41.15 13.52
CA VAL D 109 0.60 40.06 12.72
C VAL D 109 -0.48 39.34 11.92
N GLN D 110 -0.11 38.87 10.72
CA GLN D 110 -1.05 38.17 9.85
C GLN D 110 -0.53 36.77 9.54
N ILE D 111 -1.25 35.75 10.05
CA ILE D 111 -0.87 34.36 9.84
C ILE D 111 -2.10 33.54 9.45
N VAL D 112 -1.99 32.76 8.38
CA VAL D 112 -3.10 31.92 7.91
C VAL D 112 -2.64 30.48 7.71
N TYR D 113 -3.45 29.52 8.17
CA TYR D 113 -3.13 28.10 8.05
C TYR D 113 -4.22 27.39 7.24
N LYS D 114 -3.82 26.82 6.10
CA LYS D 114 -4.75 26.10 5.24
C LYS D 114 -4.94 24.66 5.74
N PRO D 115 -5.91 23.90 5.20
CA PRO D 115 -6.16 22.49 5.66
C PRO D 115 -4.91 21.62 5.59
N VAL D 116 -4.68 20.85 6.65
CA VAL D 116 -3.53 19.96 6.73
C VAL D 116 -3.98 18.55 7.13
N ASP D 117 -3.18 17.55 6.74
CA ASP D 117 -3.49 16.15 7.06
C ASP D 117 -2.43 15.57 7.98
N LEU D 118 -2.80 15.36 9.24
CA LEU D 118 -1.89 14.80 10.24
C LEU D 118 -2.27 13.37 10.58
N SER D 119 -1.46 12.41 10.13
CA SER D 119 -1.72 11.00 10.38
C SER D 119 -1.09 10.58 11.71
N LYS D 120 0.23 10.69 11.80
CA LYS D 120 0.95 10.32 13.03
C LYS D 120 2.08 11.31 13.30
N VAL D 121 2.14 11.80 14.54
CA VAL D 121 3.18 12.76 14.94
C VAL D 121 4.00 12.18 16.10
N THR D 122 5.29 11.97 15.86
CA THR D 122 6.19 11.43 16.88
C THR D 122 7.16 12.49 17.37
N SER D 123 6.94 12.97 18.61
CA SER D 123 7.79 14.00 19.20
C SER D 123 8.36 13.51 20.52
N LYS D 124 9.65 13.16 20.51
CA LYS D 124 10.32 12.68 21.71
C LYS D 124 10.79 13.85 22.57
N CYS D 125 11.52 14.78 21.94
CA CYS D 125 12.03 15.95 22.64
C CYS D 125 12.26 17.10 21.67
N GLY D 126 11.92 18.32 22.09
CA GLY D 126 12.10 19.50 21.25
C GLY D 126 13.40 20.22 21.59
N SER D 127 13.29 21.37 22.26
CA SER D 127 14.46 22.15 22.64
C SER D 127 14.50 22.36 24.15
N LEU D 128 15.64 22.07 24.76
CA LEU D 128 15.81 22.23 26.21
C LEU D 128 15.53 23.66 26.63
N GLY D 129 16.20 24.60 25.95
CA GLY D 129 16.02 26.02 26.25
C GLY D 129 16.97 26.48 27.34
N GLU E 67 -20.51 -0.39 -24.07
CA GLU E 67 -21.63 -0.23 -25.03
C GLU E 67 -22.39 1.06 -24.72
N ASN E 68 -22.08 2.11 -25.48
CA ASN E 68 -22.73 3.41 -25.28
C ASN E 68 -22.98 4.09 -26.63
N LEU E 69 -24.25 4.36 -26.92
CA LEU E 69 -24.63 5.00 -28.16
C LEU E 69 -24.26 6.49 -28.13
N LYS E 70 -24.75 7.18 -27.09
CA LYS E 70 -24.50 8.62 -26.91
C LYS E 70 -25.14 9.45 -28.02
N HIS E 71 -24.59 9.37 -29.24
CA HIS E 71 -25.13 10.12 -30.39
C HIS E 71 -25.20 11.63 -30.10
N GLN E 72 -24.48 12.08 -29.05
CA GLN E 72 -24.48 13.50 -28.68
C GLN E 72 -23.27 13.80 -27.78
N PRO E 73 -22.94 15.08 -27.53
CA PRO E 73 -21.78 15.45 -26.66
C PRO E 73 -21.88 14.82 -25.27
N GLY E 74 -20.99 15.25 -24.36
CA GLY E 74 -20.98 14.73 -23.00
C GLY E 74 -20.62 13.25 -22.97
N GLY E 75 -19.58 12.91 -22.20
CA GLY E 75 -19.12 11.53 -22.08
C GLY E 75 -18.03 11.41 -21.03
N GLY E 76 -18.42 11.43 -19.76
CA GLY E 76 -17.46 11.32 -18.66
C GLY E 76 -16.62 12.58 -18.53
N LYS E 77 -17.07 13.50 -17.67
CA LYS E 77 -16.34 14.76 -17.45
C LYS E 77 -15.13 14.52 -16.56
N VAL E 78 -15.38 14.03 -15.34
CA VAL E 78 -14.30 13.77 -14.39
C VAL E 78 -14.54 12.41 -13.72
N GLN E 79 -13.60 11.48 -13.91
CA GLN E 79 -13.72 10.14 -13.32
C GLN E 79 -12.45 9.78 -12.54
N ILE E 80 -12.63 9.52 -11.24
CA ILE E 80 -11.51 9.16 -10.37
C ILE E 80 -11.78 7.81 -9.69
N ILE E 81 -10.82 6.90 -9.77
CA ILE E 81 -10.97 5.57 -9.17
C ILE E 81 -9.73 5.24 -8.33
N ASN E 82 -9.94 5.05 -7.03
CA ASN E 82 -8.84 4.72 -6.12
C ASN E 82 -8.78 3.22 -5.88
N LYS E 83 -7.66 2.60 -6.27
CA LYS E 83 -7.49 1.16 -6.10
C LYS E 83 -6.93 0.83 -4.72
N LYS E 84 -7.34 -0.33 -4.20
CA LYS E 84 -6.93 -0.78 -2.86
C LYS E 84 -5.67 -1.62 -2.84
N LEU E 85 -4.75 -1.27 -1.94
CA LEU E 85 -3.50 -1.99 -1.78
C LEU E 85 -3.70 -3.22 -0.88
N ASP E 86 -3.13 -4.34 -1.31
CA ASP E 86 -3.23 -5.59 -0.56
C ASP E 86 -1.85 -6.14 -0.23
N LEU E 87 -1.61 -6.42 1.06
CA LEU E 87 -0.33 -6.95 1.51
C LEU E 87 -0.50 -8.34 2.12
N SER E 88 0.50 -9.20 1.88
CA SER E 88 0.47 -10.56 2.41
C SER E 88 1.81 -10.93 3.01
N ASN E 89 1.82 -11.12 4.34
CA ASN E 89 3.05 -11.47 5.06
C ASN E 89 3.00 -12.92 5.53
N VAL E 90 4.02 -13.70 5.15
CA VAL E 90 4.10 -15.10 5.54
C VAL E 90 5.52 -15.45 5.97
N GLN E 91 5.65 -16.11 7.12
CA GLN E 91 6.95 -16.50 7.64
C GLN E 91 6.92 -17.96 8.10
N SER E 92 7.94 -18.72 7.68
CA SER E 92 8.03 -20.14 8.05
C SER E 92 9.46 -20.50 8.46
N LYS E 93 9.67 -20.66 9.77
CA LYS E 93 10.99 -21.00 10.30
C LYS E 93 11.33 -22.47 9.99
N CYS E 94 10.32 -23.33 10.07
CA CYS E 94 10.50 -24.76 9.79
C CYS E 94 10.09 -25.12 8.37
N GLY E 95 9.18 -24.33 7.80
CA GLY E 95 8.70 -24.57 6.43
C GLY E 95 7.67 -25.68 6.40
N SER E 96 7.38 -26.19 5.20
CA SER E 96 6.40 -27.26 5.03
C SER E 96 6.96 -28.36 4.13
N LYS E 97 6.76 -29.61 4.53
CA LYS E 97 7.26 -30.76 3.76
C LYS E 97 6.23 -31.89 3.77
N ASP E 98 6.11 -32.56 2.63
CA ASP E 98 5.16 -33.67 2.48
C ASP E 98 5.81 -34.84 1.75
N ASN E 99 5.30 -36.04 1.97
CA ASN E 99 5.83 -37.25 1.33
C ASN E 99 4.71 -38.04 0.67
N ILE E 100 4.87 -38.31 -0.63
CA ILE E 100 3.88 -39.07 -1.39
C ILE E 100 4.54 -40.32 -1.98
N LYS E 101 4.14 -41.49 -1.46
CA LYS E 101 4.69 -42.76 -1.93
C LYS E 101 3.69 -43.47 -2.84
N HIS E 102 4.11 -43.73 -4.08
CA HIS E 102 3.25 -44.41 -5.05
C HIS E 102 3.47 -45.92 -4.99
N VAL E 103 2.37 -46.67 -5.04
CA VAL E 103 2.42 -48.14 -5.00
C VAL E 103 1.38 -48.69 -6.00
N PRO E 104 1.66 -49.79 -6.71
CA PRO E 104 0.71 -50.37 -7.72
C PRO E 104 -0.73 -50.41 -7.24
N GLY E 105 -1.64 -50.66 -8.17
CA GLY E 105 -3.07 -50.73 -7.87
C GLY E 105 -3.89 -50.76 -9.16
N GLY E 106 -5.21 -50.78 -9.00
CA GLY E 106 -6.11 -50.81 -10.15
C GLY E 106 -6.10 -49.47 -10.89
N GLY E 107 -6.91 -48.52 -10.41
CA GLY E 107 -6.99 -47.21 -11.02
C GLY E 107 -7.27 -46.13 -9.96
N SER E 108 -6.29 -45.24 -9.77
CA SER E 108 -6.43 -44.17 -8.79
C SER E 108 -5.60 -42.96 -9.19
N VAL E 109 -5.91 -41.80 -8.59
CA VAL E 109 -5.19 -40.56 -8.90
C VAL E 109 -4.66 -39.91 -7.62
N GLN E 110 -3.49 -39.26 -7.74
CA GLN E 110 -2.87 -38.60 -6.59
C GLN E 110 -2.68 -37.11 -6.88
N ILE E 111 -3.43 -36.27 -6.15
CA ILE E 111 -3.34 -34.82 -6.33
C ILE E 111 -3.27 -34.13 -4.97
N VAL E 112 -2.29 -33.23 -4.82
CA VAL E 112 -2.12 -32.50 -3.55
C VAL E 112 -2.04 -31.00 -3.81
N TYR E 113 -2.74 -30.22 -2.98
CA TYR E 113 -2.76 -28.76 -3.11
C TYR E 113 -2.23 -28.11 -1.83
N LYS E 114 -1.12 -27.37 -1.96
CA LYS E 114 -0.52 -26.70 -0.81
C LYS E 114 -1.23 -25.35 -0.56
N PRO E 115 -0.95 -24.67 0.56
CA PRO E 115 -1.62 -23.38 0.89
C PRO E 115 -1.48 -22.33 -0.21
N VAL E 116 -2.58 -21.67 -0.53
CA VAL E 116 -2.59 -20.64 -1.58
C VAL E 116 -3.25 -19.36 -1.05
N ASP E 117 -2.88 -18.23 -1.65
CA ASP E 117 -3.42 -16.93 -1.24
C ASP E 117 -4.24 -16.32 -2.37
N LEU E 118 -5.56 -16.30 -2.19
CA LEU E 118 -6.46 -15.74 -3.19
C LEU E 118 -7.05 -14.42 -2.71
N SER E 119 -6.60 -13.32 -3.33
CA SER E 119 -7.08 -11.99 -2.96
C SER E 119 -8.34 -11.64 -3.74
N LYS E 120 -8.21 -11.59 -5.07
CA LYS E 120 -9.34 -11.27 -5.93
C LYS E 120 -9.31 -12.11 -7.21
N VAL E 121 -10.44 -12.73 -7.53
CA VAL E 121 -10.56 -13.57 -8.72
C VAL E 121 -11.63 -13.03 -9.65
N THR E 122 -11.23 -12.63 -10.86
CA THR E 122 -12.17 -12.08 -11.85
C THR E 122 -12.36 -13.06 -12.99
N SER E 123 -13.54 -13.69 -13.04
CA SER E 123 -13.85 -14.66 -14.09
C SER E 123 -15.12 -14.25 -14.83
N LYS E 124 -14.96 -13.73 -16.04
CA LYS E 124 -16.10 -13.31 -16.85
C LYS E 124 -16.71 -14.49 -17.58
N CYS E 125 -15.87 -15.24 -18.29
CA CYS E 125 -16.32 -16.41 -19.05
C CYS E 125 -15.17 -17.40 -19.24
N GLY E 126 -15.48 -18.69 -19.12
CA GLY E 126 -14.48 -19.74 -19.28
C GLY E 126 -14.51 -20.30 -20.70
N SER E 127 -15.03 -21.53 -20.83
CA SER E 127 -15.12 -22.18 -22.13
C SER E 127 -16.57 -22.56 -22.45
N LEU E 128 -17.03 -22.18 -23.64
CA LEU E 128 -18.40 -22.48 -24.06
C LEU E 128 -18.66 -23.98 -24.02
N GLY E 129 -17.77 -24.74 -24.66
CA GLY E 129 -17.90 -26.20 -24.69
C GLY E 129 -18.78 -26.63 -25.87
N GLU F 67 22.20 0.55 22.60
CA GLU F 67 23.00 0.36 23.85
C GLU F 67 22.75 -1.05 24.39
N ASN F 68 23.67 -1.96 24.10
CA ASN F 68 23.56 -3.34 24.55
C ASN F 68 24.92 -3.90 24.95
N LEU F 69 25.05 -4.30 26.22
CA LEU F 69 26.29 -4.84 26.73
C LEU F 69 26.51 -6.25 26.20
N LYS F 70 25.52 -7.12 26.42
CA LYS F 70 25.56 -8.53 25.97
C LYS F 70 26.65 -9.31 26.70
N HIS F 71 27.93 -9.02 26.38
CA HIS F 71 29.06 -9.70 27.02
C HIS F 71 28.96 -11.23 26.86
N GLN F 72 28.11 -11.69 25.94
CA GLN F 72 27.93 -13.13 25.71
C GLN F 72 27.27 -13.37 24.34
N PRO F 73 27.26 -14.62 23.84
CA PRO F 73 26.63 -14.92 22.51
C PRO F 73 25.17 -14.48 22.44
N GLY F 74 24.48 -14.87 21.37
CA GLY F 74 23.07 -14.51 21.18
C GLY F 74 22.91 -13.01 20.99
N GLY F 75 22.26 -12.63 19.89
CA GLY F 75 22.04 -11.22 19.57
C GLY F 75 21.17 -11.07 18.33
N GLY F 76 19.87 -11.29 18.49
CA GLY F 76 18.92 -11.18 17.39
C GLY F 76 19.09 -12.32 16.40
N LYS F 77 18.30 -13.38 16.59
CA LYS F 77 18.36 -14.54 15.70
C LYS F 77 17.66 -14.25 14.38
N VAL F 78 16.36 -13.94 14.47
CA VAL F 78 15.56 -13.63 13.29
C VAL F 78 14.68 -12.41 13.56
N GLN F 79 14.90 -11.34 12.78
CA GLN F 79 14.13 -10.11 12.94
C GLN F 79 13.50 -9.67 11.61
N ILE F 80 12.18 -9.58 11.59
CA ILE F 80 11.45 -9.17 10.38
C ILE F 80 10.56 -7.97 10.69
N ILE F 81 10.68 -6.92 9.86
CA ILE F 81 9.88 -5.71 10.05
C ILE F 81 9.21 -5.31 8.73
N ASN F 82 7.89 -5.30 8.74
CA ASN F 82 7.12 -4.93 7.55
C ASN F 82 6.70 -3.46 7.63
N LYS F 83 7.17 -2.67 6.66
CA LYS F 83 6.85 -1.24 6.61
C LYS F 83 5.54 -0.99 5.88
N LYS F 84 4.81 0.03 6.32
CA LYS F 84 3.51 0.39 5.74
C LYS F 84 3.58 1.38 4.60
N LEU F 85 2.88 1.06 3.51
CA LEU F 85 2.81 1.92 2.33
C LEU F 85 1.75 2.99 2.51
N ASP F 86 2.11 4.23 2.16
CA ASP F 86 1.19 5.36 2.28
C ASP F 86 1.01 6.05 0.92
N LEU F 87 -0.25 6.21 0.50
CA LEU F 87 -0.56 6.86 -0.77
C LEU F 87 -1.36 8.14 -0.55
N SER F 88 -1.10 9.14 -1.39
CA SER F 88 -1.79 10.42 -1.29
C SER F 88 -2.23 10.90 -2.68
N ASN F 89 -3.55 10.93 -2.89
CA ASN F 89 -4.10 11.36 -4.17
C ASN F 89 -4.76 12.73 -4.04
N VAL F 90 -4.33 13.67 -4.89
CA VAL F 90 -4.88 15.03 -4.88
C VAL F 90 -5.13 15.50 -6.31
N GLN F 91 -6.32 16.06 -6.54
CA GLN F 91 -6.69 16.55 -7.87
C GLN F 91 -7.33 17.93 -7.75
N SER F 92 -6.86 18.87 -8.60
CA SER F 92 -7.39 20.23 -8.59
C SER F 92 -7.62 20.72 -10.02
N LYS F 93 -8.89 20.77 -10.42
CA LYS F 93 -9.25 21.22 -11.76
C LYS F 93 -9.08 22.74 -11.88
N CYS F 94 -9.43 23.46 -10.81
CA CYS F 94 -9.33 24.92 -10.79
C CYS F 94 -8.04 25.37 -10.09
N GLY F 95 -7.51 24.54 -9.19
CA GLY F 95 -6.28 24.86 -8.48
C GLY F 95 -6.57 25.83 -7.33
N SER F 96 -5.50 26.41 -6.79
CA SER F 96 -5.62 27.37 -5.68
C SER F 96 -4.80 28.61 -5.95
N LYS F 97 -5.39 29.78 -5.69
CA LYS F 97 -4.70 31.05 -5.91
C LYS F 97 -5.02 32.04 -4.78
N ASP F 98 -4.01 32.82 -4.38
CA ASP F 98 -4.17 33.80 -3.32
C ASP F 98 -3.49 35.11 -3.69
N ASN F 99 -3.96 36.21 -3.09
CA ASN F 99 -3.40 37.54 -3.37
C ASN F 99 -3.03 38.24 -2.07
N ILE F 100 -1.77 38.67 -1.97
CA ILE F 100 -1.27 39.38 -0.79
C ILE F 100 -0.76 40.76 -1.18
N LYS F 101 -1.49 41.80 -0.76
CA LYS F 101 -1.11 43.17 -1.07
C LYS F 101 -0.47 43.84 0.14
N HIS F 102 0.78 44.29 -0.03
CA HIS F 102 1.51 44.95 1.05
C HIS F 102 1.28 46.46 1.00
N VAL F 103 1.07 47.06 2.16
CA VAL F 103 0.84 48.51 2.27
C VAL F 103 1.58 49.03 3.51
N PRO F 104 2.19 50.23 3.49
CA PRO F 104 2.95 50.78 4.66
C PRO F 104 2.25 50.57 5.99
N GLY F 105 2.99 50.81 7.07
CA GLY F 105 2.46 50.65 8.43
C GLY F 105 3.59 50.72 9.45
N GLY F 106 3.23 50.54 10.72
CA GLY F 106 4.21 50.58 11.80
C GLY F 106 5.11 49.35 11.76
N GLY F 107 4.64 48.26 12.38
CA GLY F 107 5.40 47.01 12.41
C GLY F 107 4.46 45.81 12.38
N SER F 108 4.54 45.04 11.28
CA SER F 108 3.69 43.85 11.14
C SER F 108 4.38 42.81 10.26
N VAL F 109 3.90 41.56 10.34
CA VAL F 109 4.47 40.47 9.54
C VAL F 109 3.38 39.77 8.73
N GLN F 110 3.77 39.29 7.53
CA GLN F 110 2.82 38.59 6.66
C GLN F 110 3.33 37.19 6.35
N ILE F 111 2.62 36.17 6.87
CA ILE F 111 2.99 34.78 6.64
C ILE F 111 1.77 33.96 6.26
N VAL F 112 1.88 33.18 5.19
CA VAL F 112 0.77 32.34 4.72
C VAL F 112 1.23 30.90 4.51
N TYR F 113 0.41 29.95 4.98
CA TYR F 113 0.72 28.53 4.84
C TYR F 113 -0.36 27.82 4.04
N LYS F 114 0.03 27.26 2.89
CA LYS F 114 -0.89 26.54 2.03
C LYS F 114 -1.09 25.09 2.53
N PRO F 115 -2.05 24.34 2.00
CA PRO F 115 -2.31 22.94 2.45
C PRO F 115 -1.07 22.05 2.37
N VAL F 116 -0.84 21.28 3.44
CA VAL F 116 0.32 20.39 3.51
C VAL F 116 -0.14 18.98 3.92
N ASP F 117 0.66 17.98 3.53
CA ASP F 117 0.34 16.58 3.84
C ASP F 117 1.41 16.00 4.76
N LEU F 118 1.02 15.78 6.03
CA LEU F 118 1.94 15.22 7.03
C LEU F 118 1.54 13.79 7.37
N SER F 119 2.36 12.84 6.91
CA SER F 119 2.10 11.43 7.16
C SER F 119 2.72 10.99 8.50
N LYS F 120 4.05 11.10 8.59
CA LYS F 120 4.76 10.73 9.80
C LYS F 120 5.90 11.72 10.08
N VAL F 121 5.95 12.21 11.32
CA VAL F 121 7.00 13.16 11.73
C VAL F 121 7.81 12.58 12.89
N THR F 122 9.11 12.37 12.64
CA THR F 122 10.01 11.83 13.67
C THR F 122 10.97 12.89 14.16
N SER F 123 10.75 13.36 15.39
CA SER F 123 11.61 14.39 15.99
C SER F 123 12.18 13.90 17.32
N LYS F 124 13.46 13.54 17.31
CA LYS F 124 14.13 13.06 18.51
C LYS F 124 14.60 14.24 19.37
N CYS F 125 15.33 15.16 18.74
CA CYS F 125 15.85 16.34 19.44
C CYS F 125 16.08 17.48 18.47
N GLY F 126 15.74 18.70 18.90
CA GLY F 126 15.92 19.89 18.06
C GLY F 126 17.23 20.60 18.39
N SER F 127 17.11 21.74 19.07
CA SER F 127 18.29 22.52 19.45
C SER F 127 18.32 22.73 20.96
N LEU F 128 19.47 22.44 21.57
CA LEU F 128 19.64 22.59 23.02
C LEU F 128 19.36 24.03 23.44
N GLY F 129 20.02 24.97 22.76
CA GLY F 129 19.85 26.39 23.06
C GLY F 129 20.81 26.84 24.16
N GLU G 67 -16.73 0.11 -27.27
CA GLU G 67 -17.85 0.28 -28.23
C GLU G 67 -18.61 1.57 -27.91
N ASN G 68 -18.30 2.62 -28.67
CA ASN G 68 -18.94 3.91 -28.47
C ASN G 68 -19.20 4.60 -29.82
N LEU G 69 -20.47 4.87 -30.11
CA LEU G 69 -20.85 5.52 -31.36
C LEU G 69 -20.49 7.00 -31.32
N LYS G 70 -20.97 7.69 -30.28
CA LYS G 70 -20.71 9.13 -30.09
C LYS G 70 -21.36 9.97 -31.20
N HIS G 71 -20.81 9.88 -32.42
CA HIS G 71 -21.35 10.64 -33.56
C HIS G 71 -21.42 12.14 -33.27
N GLN G 72 -20.70 12.59 -32.23
CA GLN G 72 -20.69 14.00 -31.86
C GLN G 72 -19.48 14.32 -30.94
N PRO G 73 -19.15 15.58 -30.70
CA PRO G 73 -17.99 15.96 -29.83
C PRO G 73 -18.09 15.33 -28.45
N GLY G 74 -17.20 15.75 -27.54
CA GLY G 74 -17.18 15.23 -26.17
C GLY G 74 -16.82 13.75 -26.15
N GLY G 75 -15.80 13.42 -25.37
CA GLY G 75 -15.34 12.03 -25.26
C GLY G 75 -14.24 11.90 -24.22
N GLY G 76 -14.63 11.93 -22.94
CA GLY G 76 -13.67 11.81 -21.84
C GLY G 76 -12.82 13.07 -21.71
N LYS G 77 -13.26 13.99 -20.85
CA LYS G 77 -12.55 15.24 -20.63
C LYS G 77 -11.33 15.01 -19.74
N VAL G 78 -11.57 14.52 -18.53
CA VAL G 78 -10.50 14.24 -17.58
C VAL G 78 -10.74 12.89 -16.91
N GLN G 79 -9.80 11.96 -17.11
CA GLN G 79 -9.92 10.62 -16.51
C GLN G 79 -8.65 10.26 -15.74
N ILE G 80 -8.83 10.00 -14.44
CA ILE G 80 -7.70 9.63 -13.57
C ILE G 80 -7.98 8.29 -12.89
N ILE G 81 -7.02 7.37 -12.98
CA ILE G 81 -7.16 6.04 -12.36
C ILE G 81 -5.92 5.70 -11.54
N ASN G 82 -6.13 5.52 -10.24
CA ASN G 82 -5.03 5.19 -9.33
C ASN G 82 -4.98 3.68 -9.09
N LYS G 83 -3.86 3.06 -9.48
CA LYS G 83 -3.68 1.62 -9.33
C LYS G 83 -3.12 1.29 -7.95
N LYS G 84 -3.53 0.12 -7.43
CA LYS G 84 -3.11 -0.33 -6.09
C LYS G 84 -1.85 -1.17 -6.08
N LEU G 85 -0.94 -0.82 -5.18
CA LEU G 85 0.32 -1.54 -5.01
C LEU G 85 0.12 -2.77 -4.12
N ASP G 86 0.69 -3.89 -4.55
CA ASP G 86 0.57 -5.14 -3.79
C ASP G 86 1.96 -5.70 -3.47
N LEU G 87 2.19 -5.98 -2.18
CA LEU G 87 3.48 -6.51 -1.73
C LEU G 87 3.30 -7.90 -1.13
N SER G 88 4.30 -8.77 -1.36
CA SER G 88 4.28 -10.13 -0.84
C SER G 88 5.62 -10.49 -0.23
N ASN G 89 5.63 -10.69 1.09
CA ASN G 89 6.85 -11.05 1.80
C ASN G 89 6.81 -12.50 2.27
N VAL G 90 7.83 -13.26 1.89
CA VAL G 90 7.91 -14.68 2.27
C VAL G 90 9.34 -15.03 2.70
N GLN G 91 9.45 -15.69 3.85
CA GLN G 91 10.77 -16.09 4.37
C GLN G 91 10.73 -17.54 4.83
N SER G 92 11.75 -18.31 4.41
CA SER G 92 11.84 -19.73 4.77
C SER G 92 13.26 -20.08 5.18
N LYS G 93 13.47 -20.25 6.48
CA LYS G 93 14.80 -20.59 7.01
C LYS G 93 15.14 -22.05 6.70
N CYS G 94 14.12 -22.92 6.78
CA CYS G 94 14.31 -24.34 6.50
C CYS G 94 13.89 -24.70 5.08
N GLY G 95 12.98 -23.91 4.50
CA GLY G 95 12.50 -24.15 3.14
C GLY G 95 11.47 -25.27 3.12
N SER G 96 11.18 -25.76 1.91
CA SER G 96 10.20 -26.83 1.74
C SER G 96 10.76 -27.92 0.83
N LYS G 97 10.56 -29.19 1.23
CA LYS G 97 11.05 -30.32 0.46
C LYS G 97 10.03 -31.46 0.47
N ASP G 98 9.89 -32.13 -0.68
CA ASP G 98 8.95 -33.24 -0.81
C ASP G 98 9.61 -34.40 -1.56
N ASN G 99 9.08 -35.61 -1.33
CA ASN G 99 9.62 -36.81 -1.98
C ASN G 99 8.49 -37.61 -2.64
N ILE G 100 8.66 -37.87 -3.94
CA ILE G 100 7.66 -38.63 -4.70
C ILE G 100 8.31 -39.88 -5.29
N LYS G 101 7.91 -41.05 -4.77
CA LYS G 101 8.47 -42.31 -5.25
C LYS G 101 7.46 -43.02 -6.16
N HIS G 102 7.88 -43.28 -7.40
CA HIS G 102 7.03 -43.97 -8.37
C HIS G 102 7.24 -45.48 -8.31
N VAL G 103 6.14 -46.22 -8.36
CA VAL G 103 6.19 -47.68 -8.32
C VAL G 103 5.15 -48.25 -9.32
N PRO G 104 5.43 -49.34 -10.04
CA PRO G 104 4.48 -49.91 -11.05
C PRO G 104 3.05 -49.95 -10.57
N GLY G 105 2.12 -50.21 -11.51
CA GLY G 105 0.70 -50.27 -11.20
C GLY G 105 -0.13 -50.29 -12.48
N GLY G 106 -1.46 -50.32 -12.32
CA GLY G 106 -2.36 -50.34 -13.47
C GLY G 106 -2.34 -49.01 -14.20
N GLY G 107 -3.16 -48.06 -13.73
CA GLY G 107 -3.24 -46.73 -14.33
C GLY G 107 -3.51 -45.67 -13.28
N SER G 108 -2.53 -44.79 -13.08
CA SER G 108 -2.65 -43.71 -12.09
C SER G 108 -1.83 -42.49 -12.50
N VAL G 109 -2.15 -41.34 -11.90
CA VAL G 109 -1.43 -40.09 -12.20
C VAL G 109 -0.89 -39.45 -10.92
N GLN G 110 0.28 -38.81 -11.03
CA GLN G 110 0.90 -38.14 -9.89
C GLN G 110 1.09 -36.66 -10.18
N ILE G 111 0.35 -35.82 -9.45
CA ILE G 111 0.44 -34.36 -9.62
C ILE G 111 0.51 -33.68 -8.26
N VAL G 112 1.49 -32.78 -8.10
CA VAL G 112 1.66 -32.05 -6.84
C VAL G 112 1.74 -30.54 -7.09
N TYR G 113 1.04 -29.77 -6.26
CA TYR G 113 1.03 -28.31 -6.39
C TYR G 113 1.55 -27.66 -5.11
N LYS G 114 2.66 -26.93 -5.24
CA LYS G 114 3.27 -26.25 -4.10
C LYS G 114 2.56 -24.91 -3.84
N PRO G 115 2.84 -24.24 -2.71
CA PRO G 115 2.17 -22.94 -2.38
C PRO G 115 2.32 -21.89 -3.48
N VAL G 116 1.21 -21.23 -3.81
CA VAL G 116 1.20 -20.20 -4.84
C VAL G 116 0.55 -18.92 -4.31
N ASP G 117 0.92 -17.78 -4.91
CA ASP G 117 0.38 -16.49 -4.50
C ASP G 117 -0.44 -15.88 -5.63
N LEU G 118 -1.76 -15.85 -5.45
CA LEU G 118 -2.66 -15.29 -6.44
C LEU G 118 -3.25 -13.97 -5.96
N SER G 119 -2.81 -12.87 -6.57
CA SER G 119 -3.28 -11.54 -6.20
C SER G 119 -4.54 -11.19 -6.98
N LYS G 120 -4.41 -11.13 -8.31
CA LYS G 120 -5.55 -10.80 -9.17
C LYS G 120 -5.52 -11.66 -10.44
N VAL G 121 -6.65 -12.27 -10.77
CA VAL G 121 -6.76 -13.11 -11.96
C VAL G 121 -7.85 -12.57 -12.89
N THR G 122 -7.45 -12.15 -14.09
CA THR G 122 -8.38 -11.61 -15.08
C THR G 122 -8.57 -12.59 -16.23
N SER G 123 -9.75 -13.22 -16.27
CA SER G 123 -10.07 -14.18 -17.33
C SER G 123 -11.35 -13.77 -18.06
N LYS G 124 -11.18 -13.24 -19.27
CA LYS G 124 -12.32 -12.81 -20.08
C LYS G 124 -12.93 -14.01 -20.82
N CYS G 125 -12.09 -14.75 -21.53
CA CYS G 125 -12.54 -15.92 -22.28
C CYS G 125 -11.40 -16.91 -22.48
N GLY G 126 -11.71 -18.20 -22.36
CA GLY G 126 -10.71 -19.25 -22.53
C GLY G 126 -10.73 -19.81 -23.94
N SER G 127 -11.27 -21.03 -24.08
CA SER G 127 -11.36 -21.69 -25.38
C SER G 127 -12.81 -22.06 -25.69
N LEU G 128 -13.26 -21.68 -26.89
CA LEU G 128 -14.63 -21.97 -27.31
C LEU G 128 -14.90 -23.47 -27.27
N GLY G 129 -14.01 -24.24 -27.92
CA GLY G 129 -14.15 -25.69 -27.96
C GLY G 129 -15.02 -26.13 -29.13
N GLU H 67 26.00 0.92 19.39
CA GLU H 67 26.79 0.71 20.64
C GLU H 67 26.53 -0.69 21.18
N ASN H 68 27.45 -1.60 20.89
CA ASN H 68 27.34 -2.99 21.34
C ASN H 68 28.69 -3.55 21.74
N LEU H 69 28.81 -3.94 23.01
CA LEU H 69 30.07 -4.50 23.52
C LEU H 69 30.29 -5.91 22.99
N LYS H 70 29.28 -6.78 23.20
CA LYS H 70 29.33 -8.17 22.75
C LYS H 70 30.42 -8.96 23.48
N HIS H 71 31.69 -8.68 23.17
CA HIS H 71 32.83 -9.35 23.80
C HIS H 71 32.72 -10.88 23.65
N GLN H 72 31.87 -11.35 22.72
CA GLN H 72 31.70 -12.78 22.49
C GLN H 72 31.03 -13.02 21.12
N PRO H 73 31.02 -14.27 20.61
CA PRO H 73 30.39 -14.57 19.28
C PRO H 73 28.93 -14.12 19.21
N GLY H 74 28.23 -14.51 18.14
CA GLY H 74 26.84 -14.15 17.96
C GLY H 74 26.68 -12.64 17.76
N GLY H 75 26.03 -12.26 16.66
CA GLY H 75 25.81 -10.85 16.35
C GLY H 75 24.94 -10.69 15.11
N GLY H 76 23.64 -10.91 15.27
CA GLY H 76 22.70 -10.80 14.16
C GLY H 76 22.86 -11.95 13.16
N LYS H 77 22.07 -13.00 13.35
CA LYS H 77 22.12 -14.17 12.47
C LYS H 77 21.42 -13.86 11.15
N VAL H 78 20.13 -13.55 11.24
CA VAL H 78 19.32 -13.24 10.05
C VAL H 78 18.46 -12.01 10.33
N GLN H 79 18.67 -10.95 9.55
CA GLN H 79 17.91 -9.72 9.71
C GLN H 79 17.29 -9.28 8.38
N ILE H 80 15.96 -9.19 8.36
CA ILE H 80 15.23 -8.77 7.15
C ILE H 80 14.35 -7.57 7.46
N ILE H 81 14.46 -6.52 6.63
CA ILE H 81 13.67 -5.30 6.82
C ILE H 81 13.01 -4.90 5.50
N ASN H 82 11.67 -4.89 5.51
CA ASN H 82 10.91 -4.52 4.31
C ASN H 82 10.49 -3.05 4.39
N LYS H 83 10.97 -2.25 3.44
CA LYS H 83 10.65 -0.82 3.38
C LYS H 83 9.35 -0.58 2.64
N LYS H 84 8.63 0.45 3.09
CA LYS H 84 7.33 0.81 2.49
C LYS H 84 7.40 1.81 1.36
N LEU H 85 6.70 1.49 0.27
CA LEU H 85 6.64 2.34 -0.91
C LEU H 85 5.57 3.43 -0.71
N ASP H 86 5.93 4.66 -1.08
CA ASP H 86 5.01 5.79 -0.96
C ASP H 86 4.83 6.47 -2.30
N LEU H 87 3.57 6.64 -2.72
CA LEU H 87 3.26 7.29 -3.99
C LEU H 87 2.46 8.57 -3.78
N SER H 88 2.73 9.58 -4.61
CA SER H 88 2.04 10.86 -4.52
C SER H 88 1.60 11.33 -5.90
N ASN H 89 0.28 11.38 -6.11
CA ASN H 89 -0.27 11.81 -7.40
C ASN H 89 -0.93 13.18 -7.26
N VAL H 90 -0.49 14.12 -8.11
CA VAL H 90 -1.04 15.48 -8.09
C VAL H 90 -1.28 15.96 -9.52
N GLN H 91 -2.48 16.51 -9.76
CA GLN H 91 -2.84 17.01 -11.08
C GLN H 91 -3.48 18.38 -10.97
N SER H 92 -3.01 19.32 -11.81
CA SER H 92 -3.54 20.69 -11.80
C SER H 92 -3.77 21.18 -13.23
N LYS H 93 -5.03 21.23 -13.63
CA LYS H 93 -5.39 21.69 -14.98
C LYS H 93 -5.22 23.20 -15.09
N CYS H 94 -5.57 23.92 -14.01
CA CYS H 94 -5.46 25.38 -14.00
C CYS H 94 -4.18 25.83 -13.30
N GLY H 95 -3.65 24.99 -12.40
CA GLY H 95 -2.42 25.31 -11.68
C GLY H 95 -2.71 26.28 -10.53
N SER H 96 -1.64 26.86 -9.99
CA SER H 96 -1.76 27.82 -8.89
C SER H 96 -0.93 29.06 -9.15
N LYS H 97 -1.52 30.22 -8.88
CA LYS H 97 -0.83 31.50 -9.11
C LYS H 97 -1.15 32.49 -7.97
N ASP H 98 -0.13 33.26 -7.58
CA ASP H 98 -0.30 34.24 -6.51
C ASP H 98 0.38 35.56 -6.89
N ASN H 99 -0.07 36.66 -6.28
CA ASN H 99 0.48 37.97 -6.55
C ASN H 99 0.85 38.68 -5.25
N ILE H 100 2.11 39.11 -5.16
CA ILE H 100 2.61 39.80 -3.96
C ILE H 100 3.12 41.20 -4.36
N LYS H 101 2.40 42.23 -3.94
CA LYS H 101 2.78 43.60 -4.25
C LYS H 101 3.43 44.27 -3.03
N HIS H 102 4.67 44.72 -3.21
CA HIS H 102 5.40 45.38 -2.13
C HIS H 102 5.18 46.89 -2.19
N VAL H 103 4.96 47.49 -1.01
CA VAL H 103 4.74 48.94 -0.90
C VAL H 103 5.50 49.46 0.34
N PRO H 104 6.09 50.65 0.31
CA PRO H 104 6.86 51.20 1.49
C PRO H 104 6.16 51.00 2.81
N GLY H 105 6.89 51.24 3.91
CA GLY H 105 6.37 51.07 5.26
C GLY H 105 7.48 51.13 6.29
N GLY H 106 7.12 50.96 7.55
CA GLY H 106 8.10 50.99 8.64
C GLY H 106 9.00 49.76 8.60
N GLY H 107 8.53 48.67 9.21
CA GLY H 107 9.28 47.42 9.25
C GLY H 107 8.35 46.21 9.21
N SER H 108 8.42 45.44 8.12
CA SER H 108 7.58 44.27 7.96
C SER H 108 8.26 43.22 7.08
N VAL H 109 7.78 41.98 7.15
CA VAL H 109 8.34 40.88 6.36
C VAL H 109 7.26 40.18 5.55
N GLN H 110 7.64 39.71 4.35
CA GLN H 110 6.70 39.00 3.48
C GLN H 110 7.20 37.60 3.17
N ILE H 111 6.48 36.60 3.68
CA ILE H 111 6.87 35.20 3.46
C ILE H 111 5.63 34.38 3.07
N VAL H 112 5.75 33.60 1.99
CA VAL H 112 4.64 32.77 1.52
C VAL H 112 5.10 31.33 1.32
N TYR H 113 4.27 30.38 1.78
CA TYR H 113 4.58 28.95 1.65
C TYR H 113 3.50 28.25 0.84
N LYS H 114 3.90 27.69 -0.30
CA LYS H 114 2.96 26.96 -1.17
C LYS H 114 2.76 25.53 -0.67
N PRO H 115 1.80 24.77 -1.21
CA PRO H 115 1.54 23.36 -0.75
C PRO H 115 2.78 22.49 -0.83
N VAL H 116 3.01 21.72 0.24
CA VAL H 116 4.16 20.82 0.31
C VAL H 116 3.71 19.41 0.70
N ASP H 117 4.49 18.41 0.32
CA ASP H 117 4.18 17.01 0.63
C ASP H 117 5.24 16.42 1.56
N LEU H 118 4.86 16.20 2.82
CA LEU H 118 5.77 15.65 3.82
C LEU H 118 5.37 14.21 4.15
N SER H 119 6.19 13.25 3.70
CA SER H 119 5.93 11.84 3.96
C SER H 119 6.54 11.42 5.28
N LYS H 120 7.87 11.53 5.38
CA LYS H 120 8.58 11.15 6.59
C LYS H 120 9.73 12.13 6.88
N VAL H 121 9.78 12.62 8.11
CA VAL H 121 10.82 13.57 8.52
C VAL H 121 11.63 12.98 9.68
N THR H 122 12.93 12.77 9.44
CA THR H 122 13.82 12.22 10.46
C THR H 122 14.79 13.29 10.95
N SER H 123 14.57 13.75 12.19
CA SER H 123 15.43 14.78 12.79
C SER H 123 16.00 14.30 14.12
N LYS H 124 17.28 13.93 14.11
CA LYS H 124 17.95 13.44 15.31
C LYS H 124 18.42 14.61 16.16
N CYS H 125 19.15 15.54 15.54
CA CYS H 125 19.66 16.71 16.25
C CYS H 125 19.90 17.86 15.27
N GLY H 126 19.57 19.08 15.70
CA GLY H 126 19.75 20.26 14.87
C GLY H 126 21.06 20.97 15.20
N SER H 127 20.95 22.12 15.88
CA SER H 127 22.13 22.89 16.27
C SER H 127 22.16 23.11 17.77
N LEU H 128 23.31 22.80 18.38
CA LEU H 128 23.47 22.96 19.83
C LEU H 128 23.19 24.40 20.25
N GLY H 129 23.86 25.34 19.58
CA GLY H 129 23.69 26.76 19.88
C GLY H 129 24.65 27.20 20.98
N GLU I 67 -12.95 0.62 -30.47
CA GLU I 67 -14.08 0.78 -31.43
C GLU I 67 -14.84 2.07 -31.12
N ASN I 68 -14.52 3.13 -31.87
CA ASN I 68 -15.17 4.43 -31.67
C ASN I 68 -15.42 5.11 -33.01
N LEU I 69 -16.70 5.38 -33.29
CA LEU I 69 -17.08 6.04 -34.54
C LEU I 69 -16.72 7.52 -34.50
N LYS I 70 -17.20 8.21 -33.47
CA LYS I 70 -16.93 9.64 -33.27
C LYS I 70 -17.58 10.49 -34.38
N HIS I 71 -17.04 10.40 -35.60
CA HIS I 71 -17.57 11.15 -36.74
C HIS I 71 -17.64 12.66 -36.45
N GLN I 72 -16.93 13.11 -35.40
CA GLN I 72 -16.91 14.53 -35.03
C GLN I 72 -15.70 14.83 -34.12
N PRO I 73 -15.37 16.10 -33.88
CA PRO I 73 -14.21 16.47 -33.00
C PRO I 73 -14.30 15.84 -31.61
N GLY I 74 -13.41 16.26 -30.72
CA GLY I 74 -13.40 15.73 -29.35
C GLY I 74 -13.04 14.25 -29.33
N GLY I 75 -12.00 13.91 -28.55
CA GLY I 75 -11.55 12.53 -28.45
C GLY I 75 -10.44 12.39 -27.40
N GLY I 76 -10.84 12.42 -26.13
CA GLY I 76 -9.88 12.31 -25.03
C GLY I 76 -9.04 13.56 -24.90
N LYS I 77 -9.47 14.48 -24.03
CA LYS I 77 -8.75 15.74 -23.81
C LYS I 77 -7.53 15.49 -22.93
N VAL I 78 -7.78 15.00 -21.71
CA VAL I 78 -6.69 14.73 -20.77
C VAL I 78 -6.94 13.36 -20.10
N GLN I 79 -6.01 12.44 -20.29
CA GLN I 79 -6.11 11.10 -19.71
C GLN I 79 -4.85 10.74 -18.94
N ILE I 80 -5.03 10.47 -17.63
CA ILE I 80 -3.90 10.10 -16.77
C ILE I 80 -4.17 8.76 -16.09
N ILE I 81 -3.22 7.84 -16.18
CA ILE I 81 -3.37 6.51 -15.58
C ILE I 81 -2.12 6.18 -14.75
N ASN I 82 -2.32 5.98 -13.44
CA ASN I 82 -1.22 5.65 -12.53
C ASN I 82 -1.17 4.14 -12.31
N LYS I 83 -0.06 3.52 -12.70
CA LYS I 83 0.13 2.09 -12.55
C LYS I 83 0.70 1.74 -11.18
N LYS I 84 0.29 0.59 -10.66
CA LYS I 84 0.71 0.13 -9.33
C LYS I 84 1.97 -0.72 -9.33
N LEU I 85 2.88 -0.37 -8.42
CA LEU I 85 4.13 -1.09 -8.25
C LEU I 85 3.92 -2.32 -7.36
N ASP I 86 4.49 -3.45 -7.79
CA ASP I 86 4.38 -4.70 -7.04
C ASP I 86 5.76 -5.25 -6.71
N LEU I 87 6.00 -5.53 -5.43
CA LEU I 87 7.29 -6.07 -4.97
C LEU I 87 7.11 -7.46 -4.37
N SER I 88 8.10 -8.32 -4.61
CA SER I 88 8.07 -9.70 -4.10
C SER I 88 9.43 -10.06 -3.49
N ASN I 89 9.44 -10.26 -2.16
CA ASN I 89 10.66 -10.61 -1.45
C ASN I 89 10.61 -12.06 -0.99
N VAL I 90 11.63 -12.84 -1.37
CA VAL I 90 11.71 -14.25 -1.00
C VAL I 90 13.14 -14.59 -0.57
N GLN I 91 13.26 -15.27 0.58
CA GLN I 91 14.57 -15.67 1.10
C GLN I 91 14.54 -17.12 1.55
N SER I 92 15.55 -17.88 1.12
CA SER I 92 15.65 -19.30 1.48
C SER I 92 17.07 -19.66 1.89
N LYS I 93 17.28 -19.83 3.19
CA LYS I 93 18.61 -20.18 3.72
C LYS I 93 18.94 -21.64 3.40
N CYS I 94 17.93 -22.50 3.49
CA CYS I 94 18.11 -23.94 3.21
C CYS I 94 17.69 -24.28 1.78
N GLY I 95 16.79 -23.48 1.21
CA GLY I 95 16.30 -23.72 -0.15
C GLY I 95 15.27 -24.84 -0.18
N SER I 96 14.97 -25.34 -1.38
CA SER I 96 13.99 -26.41 -1.55
C SER I 96 14.55 -27.50 -2.46
N LYS I 97 14.35 -28.75 -2.06
CA LYS I 97 14.83 -29.89 -2.84
C LYS I 97 13.82 -31.03 -2.84
N ASP I 98 13.68 -31.70 -3.99
CA ASP I 98 12.74 -32.81 -4.12
C ASP I 98 13.38 -33.97 -4.86
N ASN I 99 12.86 -35.17 -4.64
CA ASN I 99 13.39 -36.38 -5.29
C ASN I 99 12.27 -37.17 -5.95
N ILE I 100 12.43 -37.44 -7.25
CA ILE I 100 11.43 -38.18 -8.01
C ILE I 100 12.08 -39.44 -8.61
N LYS I 101 11.69 -40.61 -8.09
CA LYS I 101 12.23 -41.87 -8.58
C LYS I 101 11.23 -42.58 -9.48
N HIS I 102 11.65 -42.84 -10.72
CA HIS I 102 10.79 -43.51 -11.69
C HIS I 102 11.01 -45.02 -11.64
N VAL I 103 9.92 -45.77 -11.69
CA VAL I 103 9.96 -47.24 -11.66
C VAL I 103 8.92 -47.78 -12.66
N PRO I 104 9.20 -48.89 -13.38
CA PRO I 104 8.24 -49.45 -14.39
C PRO I 104 6.81 -49.49 -13.91
N GLY I 105 5.89 -49.75 -14.85
CA GLY I 105 4.46 -49.81 -14.52
C GLY I 105 3.62 -49.83 -15.81
N GLY I 106 2.30 -49.85 -15.65
CA GLY I 106 1.40 -49.87 -16.79
C GLY I 106 1.42 -48.54 -17.52
N GLY I 107 0.60 -47.60 -17.04
CA GLY I 107 0.52 -46.27 -17.64
C GLY I 107 0.26 -45.20 -16.59
N SER I 108 1.23 -44.31 -16.39
CA SER I 108 1.10 -43.25 -15.40
C SER I 108 1.93 -42.02 -15.81
N VAL I 109 1.62 -40.87 -15.20
CA VAL I 109 2.34 -39.64 -15.50
C VAL I 109 2.88 -38.99 -14.22
N GLN I 110 4.04 -38.34 -14.34
CA GLN I 110 4.67 -37.68 -13.19
C GLN I 110 4.86 -36.20 -13.47
N ILE I 111 4.12 -35.36 -12.74
CA ILE I 111 4.21 -33.91 -12.92
C ILE I 111 4.29 -33.23 -11.55
N VAL I 112 5.26 -32.32 -11.41
CA VAL I 112 5.44 -31.59 -10.14
C VAL I 112 5.52 -30.09 -10.38
N TYR I 113 4.81 -29.32 -9.55
CA TYR I 113 4.81 -27.86 -9.67
C TYR I 113 5.34 -27.22 -8.39
N LYS I 114 6.45 -26.48 -8.52
CA LYS I 114 7.06 -25.81 -7.38
C LYS I 114 6.35 -24.47 -7.12
N PRO I 115 6.63 -23.79 -5.99
CA PRO I 115 5.96 -22.49 -5.66
C PRO I 115 6.11 -21.46 -6.77
N VAL I 116 5.00 -20.78 -7.08
CA VAL I 116 4.99 -19.75 -8.11
C VAL I 116 4.34 -18.47 -7.58
N ASP I 117 4.71 -17.33 -8.17
CA ASP I 117 4.17 -16.04 -7.76
C ASP I 117 3.35 -15.42 -8.88
N LEU I 118 2.03 -15.40 -8.71
CA LEU I 118 1.13 -14.84 -9.70
C LEU I 118 0.54 -13.51 -9.20
N SER I 119 0.99 -12.42 -9.82
CA SER I 119 0.52 -11.09 -9.44
C SER I 119 -0.75 -10.73 -10.23
N LYS I 120 -0.63 -10.67 -11.56
CA LYS I 120 -1.76 -10.34 -12.42
C LYS I 120 -1.73 -11.19 -13.68
N VAL I 121 -2.87 -11.80 -14.01
CA VAL I 121 -2.98 -12.64 -15.21
C VAL I 121 -4.06 -12.09 -16.13
N THR I 122 -3.66 -11.68 -17.33
CA THR I 122 -4.60 -11.13 -18.32
C THR I 122 -4.80 -12.11 -19.47
N SER I 123 -5.98 -12.74 -19.51
CA SER I 123 -6.29 -13.70 -20.57
C SER I 123 -7.57 -13.29 -21.30
N LYS I 124 -7.40 -12.76 -22.52
CA LYS I 124 -8.55 -12.34 -23.32
C LYS I 124 -9.17 -13.52 -24.05
N CYS I 125 -8.32 -14.26 -24.78
CA CYS I 125 -8.77 -15.43 -25.52
C CYS I 125 -7.63 -16.42 -25.72
N GLY I 126 -7.94 -17.71 -25.60
CA GLY I 126 -6.94 -18.76 -25.78
C GLY I 126 -6.97 -19.32 -27.20
N SER I 127 -7.51 -20.54 -27.33
CA SER I 127 -7.60 -21.19 -28.63
C SER I 127 -9.05 -21.57 -28.95
N LEU I 128 -9.51 -21.18 -30.13
CA LEU I 128 -10.88 -21.47 -30.55
C LEU I 128 -11.15 -22.97 -30.53
N GLY I 129 -10.26 -23.74 -31.16
CA GLY I 129 -10.40 -25.19 -31.22
C GLY I 129 -11.26 -25.62 -32.39
N GLU J 67 29.79 1.28 16.18
CA GLU J 67 30.58 1.08 17.43
C GLU J 67 30.32 -0.32 17.98
N ASN J 68 31.25 -1.24 17.67
CA ASN J 68 31.12 -2.63 18.13
C ASN J 68 32.47 -3.19 18.53
N LEU J 69 32.60 -3.59 19.80
CA LEU J 69 33.85 -4.15 20.31
C LEU J 69 34.06 -5.56 19.78
N LYS J 70 33.06 -6.42 19.99
CA LYS J 70 33.10 -7.82 19.54
C LYS J 70 34.19 -8.61 20.27
N HIS J 71 35.46 -8.33 19.96
CA HIS J 71 36.59 -9.01 20.58
C HIS J 71 36.49 -10.54 20.43
N GLN J 72 35.64 -11.01 19.51
CA GLN J 72 35.46 -12.44 19.28
C GLN J 72 34.80 -12.68 17.91
N PRO J 73 34.78 -13.91 17.39
CA PRO J 73 34.16 -14.22 16.06
C PRO J 73 32.70 -13.76 16.00
N GLY J 74 32.00 -14.16 14.92
CA GLY J 74 30.60 -13.79 14.73
C GLY J 74 30.45 -12.29 14.53
N GLY J 75 29.80 -11.90 13.44
CA GLY J 75 29.59 -10.49 13.13
C GLY J 75 28.72 -10.33 11.88
N GLY J 76 27.42 -10.55 12.04
CA GLY J 76 26.47 -10.42 10.94
C GLY J 76 26.64 -11.57 9.94
N LYS J 77 25.84 -12.63 10.12
CA LYS J 77 25.90 -13.79 9.24
C LYS J 77 25.20 -13.49 7.92
N VAL J 78 23.90 -13.17 8.01
CA VAL J 78 23.10 -12.86 6.82
C VAL J 78 22.23 -11.64 7.10
N GLN J 79 22.44 -10.57 6.32
CA GLN J 79 21.69 -9.33 6.48
C GLN J 79 21.08 -8.89 5.15
N ILE J 80 19.74 -8.79 5.13
CA ILE J 80 19.02 -8.38 3.92
C ILE J 80 18.14 -7.17 4.23
N ILE J 81 18.26 -6.13 3.41
CA ILE J 81 17.47 -4.90 3.60
C ILE J 81 16.80 -4.50 2.28
N ASN J 82 15.47 -4.48 2.27
CA ASN J 82 14.71 -4.11 1.09
C ASN J 82 14.29 -2.64 1.16
N LYS J 83 14.78 -1.84 0.20
CA LYS J 83 14.46 -0.41 0.15
C LYS J 83 13.17 -0.16 -0.60
N LYS J 84 12.44 0.87 -0.15
CA LYS J 84 11.15 1.23 -0.74
C LYS J 84 11.24 2.22 -1.88
N LEU J 85 10.52 1.91 -2.96
CA LEU J 85 10.47 2.77 -4.13
C LEU J 85 9.39 3.85 -3.95
N ASP J 86 9.75 5.08 -4.30
CA ASP J 86 8.84 6.22 -4.17
C ASP J 86 8.66 6.90 -5.53
N LEU J 87 7.40 7.08 -5.94
CA LEU J 87 7.09 7.72 -7.22
C LEU J 87 6.30 9.00 -7.00
N SER J 88 6.57 10.01 -7.83
CA SER J 88 5.88 11.29 -7.73
C SER J 88 5.44 11.77 -9.11
N ASN J 89 4.12 11.82 -9.34
CA ASN J 89 3.57 12.25 -10.61
C ASN J 89 2.92 13.62 -10.48
N VAL J 90 3.35 14.56 -11.33
CA VAL J 90 2.81 15.92 -11.31
C VAL J 90 2.57 16.41 -12.73
N GLN J 91 1.37 16.95 -12.98
CA GLN J 91 1.02 17.46 -14.31
C GLN J 91 0.38 18.84 -14.19
N SER J 92 0.85 19.77 -15.02
CA SER J 92 0.33 21.14 -15.01
C SER J 92 0.10 21.64 -16.43
N LYS J 93 -1.17 21.69 -16.85
CA LYS J 93 -1.52 22.15 -18.19
C LYS J 93 -1.35 23.66 -18.31
N CYS J 94 -1.70 24.38 -17.23
CA CYS J 94 -1.59 25.84 -17.21
C CYS J 94 -0.30 26.29 -16.51
N GLY J 95 0.22 25.45 -15.61
CA GLY J 95 1.45 25.77 -14.89
C GLY J 95 1.17 26.73 -13.74
N SER J 96 2.24 27.31 -13.19
CA SER J 96 2.11 28.26 -12.08
C SER J 96 2.95 29.51 -12.35
N LYS J 97 2.36 30.68 -12.08
CA LYS J 97 3.04 31.95 -12.30
C LYS J 97 2.74 32.93 -11.17
N ASP J 98 3.75 33.70 -10.77
CA ASP J 98 3.59 34.69 -9.70
C ASP J 98 4.27 36.00 -10.08
N ASN J 99 3.80 37.09 -9.47
CA ASN J 99 4.37 38.41 -9.74
C ASN J 99 4.74 39.11 -8.44
N ILE J 100 6.01 39.54 -8.35
CA ILE J 100 6.50 40.24 -7.15
C ILE J 100 7.02 41.63 -7.55
N LYS J 101 6.29 42.67 -7.12
CA LYS J 101 6.68 44.05 -7.43
C LYS J 101 7.33 44.70 -6.22
N HIS J 102 8.57 45.15 -6.39
CA HIS J 102 9.30 45.82 -5.31
C HIS J 102 9.09 47.33 -5.36
N VAL J 103 8.87 47.92 -4.19
CA VAL J 103 8.65 49.37 -4.08
C VAL J 103 9.40 49.88 -2.83
N PRO J 104 10.01 51.07 -2.85
CA PRO J 104 10.78 51.62 -1.68
C PRO J 104 10.08 51.41 -0.36
N GLY J 105 10.81 51.66 0.74
CA GLY J 105 10.28 51.48 2.09
C GLY J 105 11.39 51.54 3.12
N GLY J 106 11.02 51.37 4.40
CA GLY J 106 12.00 51.40 5.48
C GLY J 106 12.90 50.16 5.43
N GLY J 107 12.42 49.07 6.04
CA GLY J 107 13.17 47.83 6.08
C GLY J 107 12.24 46.62 6.04
N SER J 108 12.31 45.85 4.95
CA SER J 108 11.46 44.68 4.79
C SER J 108 12.15 43.63 3.91
N VAL J 109 11.66 42.39 3.98
CA VAL J 109 12.23 41.29 3.19
C VAL J 109 11.14 40.60 2.37
N GLN J 110 11.52 40.11 1.17
CA GLN J 110 10.58 39.42 0.29
C GLN J 110 11.09 38.02 -0.02
N ILE J 111 10.36 37.01 0.49
CA ILE J 111 10.74 35.61 0.27
C ILE J 111 9.50 34.80 -0.12
N VAL J 112 9.62 34.02 -1.20
CA VAL J 112 8.51 33.19 -1.67
C VAL J 112 8.96 31.75 -1.87
N TYR J 113 8.14 30.80 -1.41
CA TYR J 113 8.44 29.38 -1.55
C TYR J 113 7.36 28.67 -2.36
N LYS J 114 7.76 28.11 -3.50
CA LYS J 114 6.82 27.39 -4.36
C LYS J 114 6.63 25.95 -3.87
N PRO J 115 5.66 25.20 -4.41
CA PRO J 115 5.40 23.79 -3.97
C PRO J 115 6.65 22.91 -4.04
N VAL J 116 6.87 22.14 -2.98
CA VAL J 116 8.01 21.24 -2.90
C VAL J 116 7.56 19.84 -2.50
N ASP J 117 8.34 18.83 -2.89
CA ASP J 117 8.02 17.43 -2.58
C ASP J 117 9.08 16.85 -1.65
N LEU J 118 8.70 16.62 -0.39
CA LEU J 118 9.61 16.07 0.60
C LEU J 118 9.21 14.63 0.94
N SER J 119 10.03 13.67 0.49
CA SER J 119 9.75 12.26 0.74
C SER J 119 10.37 11.82 2.07
N LYS J 120 11.70 11.93 2.17
CA LYS J 120 12.41 11.56 3.38
C LYS J 120 13.55 12.53 3.66
N VAL J 121 13.61 13.02 4.90
CA VAL J 121 14.66 13.97 5.31
C VAL J 121 15.46 13.38 6.47
N THR J 122 16.76 13.18 6.23
CA THR J 122 17.64 12.62 7.25
C THR J 122 18.62 13.68 7.75
N SER J 123 18.39 14.14 8.98
CA SER J 123 19.24 15.17 9.59
C SER J 123 19.82 14.68 10.92
N LYS J 124 21.11 14.31 10.90
CA LYS J 124 21.77 13.83 12.11
C LYS J 124 22.24 15.00 12.97
N CYS J 125 22.98 15.92 12.35
CA CYS J 125 23.49 17.09 13.06
C CYS J 125 23.73 18.24 12.08
N GLY J 126 23.40 19.46 12.51
CA GLY J 126 23.58 20.64 11.68
C GLY J 126 24.89 21.34 12.01
N SER J 127 24.79 22.49 12.70
CA SER J 127 25.97 23.27 13.08
C SER J 127 25.99 23.47 14.59
N LEU J 128 27.14 23.17 15.21
CA LEU J 128 27.30 23.32 16.65
C LEU J 128 27.03 24.76 17.07
N GLY J 129 27.70 25.70 16.40
CA GLY J 129 27.53 27.12 16.70
C GLY J 129 28.49 27.56 17.80
N GLU A 67 -41.73 11.16 -35.48
CA GLU A 67 -41.37 10.29 -34.32
C GLU A 67 -40.19 10.90 -33.57
N ASN A 68 -40.45 11.32 -32.33
CA ASN A 68 -39.42 11.93 -31.50
C ASN A 68 -39.13 11.07 -30.28
N LEU A 69 -37.89 10.58 -30.18
CA LEU A 69 -37.49 9.73 -29.06
C LEU A 69 -36.09 10.10 -28.59
N LYS A 70 -35.80 9.83 -27.31
CA LYS A 70 -34.50 10.15 -26.73
C LYS A 70 -33.65 8.88 -26.60
N HIS A 71 -34.13 7.92 -25.80
CA HIS A 71 -33.41 6.66 -25.59
C HIS A 71 -31.95 6.92 -25.20
N GLN A 72 -31.69 8.10 -24.61
CA GLN A 72 -30.34 8.47 -24.19
C GLN A 72 -30.28 8.65 -22.65
N PRO A 73 -30.56 7.60 -21.86
CA PRO A 73 -30.53 7.69 -20.37
C PRO A 73 -29.11 7.89 -19.84
N GLY A 74 -29.01 8.13 -18.54
CA GLY A 74 -27.71 8.35 -17.89
C GLY A 74 -27.67 9.71 -17.19
N GLY A 75 -26.64 10.50 -17.51
CA GLY A 75 -26.48 11.82 -16.91
C GLY A 75 -26.23 11.71 -15.41
N GLY A 76 -24.95 11.67 -15.03
CA GLY A 76 -24.58 11.57 -13.63
C GLY A 76 -23.22 12.21 -13.37
N LYS A 77 -23.14 13.01 -12.30
CA LYS A 77 -21.90 13.69 -11.93
C LYS A 77 -21.80 13.86 -10.42
N VAL A 78 -20.63 14.29 -9.96
CA VAL A 78 -20.39 14.50 -8.52
C VAL A 78 -20.65 13.20 -7.77
N GLN A 79 -19.58 12.47 -7.48
CA GLN A 79 -19.69 11.19 -6.76
C GLN A 79 -18.56 11.06 -5.73
N ILE A 80 -18.95 10.80 -4.48
CA ILE A 80 -17.98 10.63 -3.39
C ILE A 80 -18.28 9.34 -2.63
N ILE A 81 -17.32 8.40 -2.62
CA ILE A 81 -17.51 7.14 -1.91
C ILE A 81 -16.34 6.85 -0.98
N ASN A 82 -16.65 6.27 0.18
CA ASN A 82 -15.64 5.94 1.19
C ASN A 82 -14.99 4.59 0.89
N LYS A 83 -13.72 4.47 1.24
CA LYS A 83 -12.96 3.23 0.98
C LYS A 83 -13.23 2.15 2.01
N LYS A 84 -13.82 1.05 1.53
CA LYS A 84 -14.12 -0.10 2.40
C LYS A 84 -12.90 -1.01 2.48
N LEU A 85 -12.50 -1.35 3.70
CA LEU A 85 -11.33 -2.20 3.93
C LEU A 85 -11.73 -3.67 4.04
N ASP A 86 -11.16 -4.48 3.15
CA ASP A 86 -11.42 -5.93 3.14
C ASP A 86 -10.10 -6.69 3.27
N LEU A 87 -9.72 -6.99 4.51
CA LEU A 87 -8.47 -7.70 4.79
C LEU A 87 -8.74 -9.11 5.30
N SER A 88 -7.83 -10.02 4.98
CA SER A 88 -7.94 -11.41 5.40
C SER A 88 -6.58 -11.94 5.86
N ASN A 89 -6.43 -12.10 7.18
CA ASN A 89 -5.16 -12.57 7.74
C ASN A 89 -5.37 -13.86 8.53
N VAL A 90 -4.33 -14.69 8.59
CA VAL A 90 -4.38 -15.96 9.31
C VAL A 90 -3.11 -16.14 10.14
N GLN A 91 -3.26 -16.21 11.46
CA GLN A 91 -2.12 -16.39 12.36
C GLN A 91 -2.29 -17.65 13.20
N SER A 92 -1.24 -18.48 13.21
CA SER A 92 -1.27 -19.74 13.97
C SER A 92 0.12 -20.08 14.49
N LYS A 93 0.18 -20.53 15.75
CA LYS A 93 1.45 -20.90 16.38
C LYS A 93 1.76 -22.38 16.13
N CYS A 94 0.71 -23.22 16.16
CA CYS A 94 0.87 -24.65 15.93
C CYS A 94 0.20 -25.09 14.63
N GLY A 95 -0.82 -24.33 14.19
CA GLY A 95 -1.55 -24.64 12.97
C GLY A 95 -2.53 -25.78 13.20
N SER A 96 -3.24 -26.17 12.14
CA SER A 96 -4.21 -27.25 12.22
C SER A 96 -3.54 -28.60 12.01
N LYS A 97 -3.92 -29.58 12.82
CA LYS A 97 -3.35 -30.92 12.73
C LYS A 97 -4.44 -31.97 12.45
N ASP A 98 -4.19 -32.81 11.45
CA ASP A 98 -5.14 -33.86 11.08
C ASP A 98 -4.41 -35.11 10.63
N ASN A 99 -4.94 -36.28 11.02
CA ASN A 99 -4.35 -37.56 10.66
C ASN A 99 -5.39 -38.47 10.03
N ILE A 100 -5.07 -39.00 8.84
CA ILE A 100 -5.98 -39.89 8.12
C ILE A 100 -5.23 -41.14 7.66
N LYS A 101 -5.75 -42.31 8.05
CA LYS A 101 -5.14 -43.59 7.68
C LYS A 101 -6.22 -44.62 7.36
N HIS A 102 -6.32 -44.97 6.09
CA HIS A 102 -7.32 -45.96 5.64
C HIS A 102 -6.72 -46.92 4.62
N VAL A 103 -6.91 -48.22 4.85
CA VAL A 103 -6.40 -49.25 3.95
C VAL A 103 -7.54 -49.90 3.15
N PRO A 104 -7.84 -49.43 1.93
CA PRO A 104 -8.94 -50.00 1.10
C PRO A 104 -8.49 -51.23 0.32
N GLY A 105 -9.29 -52.30 0.42
CA GLY A 105 -8.98 -53.55 -0.28
C GLY A 105 -10.01 -53.83 -1.38
N GLY A 106 -9.65 -53.49 -2.62
CA GLY A 106 -10.54 -53.69 -3.75
C GLY A 106 -10.61 -52.44 -4.62
N GLY A 107 -11.55 -51.56 -4.31
CA GLY A 107 -11.73 -50.32 -5.06
C GLY A 107 -12.54 -49.31 -4.27
N SER A 108 -11.85 -48.34 -3.66
CA SER A 108 -12.51 -47.30 -2.86
C SER A 108 -12.04 -45.91 -3.29
N VAL A 109 -12.75 -44.89 -2.82
CA VAL A 109 -12.43 -43.50 -3.15
C VAL A 109 -12.35 -42.66 -1.88
N GLN A 110 -11.17 -42.08 -1.64
CA GLN A 110 -10.96 -41.25 -0.44
C GLN A 110 -10.21 -39.97 -0.81
N ILE A 111 -10.89 -38.84 -0.66
CA ILE A 111 -10.28 -37.53 -0.98
C ILE A 111 -10.12 -36.71 0.31
N VAL A 112 -9.09 -35.85 0.34
CA VAL A 112 -8.85 -35.01 1.53
C VAL A 112 -8.69 -33.54 1.13
N TYR A 113 -9.36 -32.65 1.87
CA TYR A 113 -9.29 -31.22 1.61
C TYR A 113 -8.81 -30.47 2.85
N LYS A 114 -7.69 -29.75 2.71
CA LYS A 114 -7.12 -28.99 3.82
C LYS A 114 -7.85 -27.64 3.97
N PRO A 115 -7.64 -26.91 5.06
CA PRO A 115 -8.34 -25.59 5.28
C PRO A 115 -8.11 -24.63 4.12
N VAL A 116 -9.22 -24.10 3.58
CA VAL A 116 -9.15 -23.16 2.45
C VAL A 116 -9.80 -21.83 2.85
N ASP A 117 -9.18 -20.72 2.43
CA ASP A 117 -9.70 -19.39 2.75
C ASP A 117 -10.29 -18.73 1.51
N LEU A 118 -11.61 -18.51 1.54
CA LEU A 118 -12.31 -17.87 0.42
C LEU A 118 -12.95 -16.56 0.88
N SER A 119 -12.50 -15.45 0.29
CA SER A 119 -13.03 -14.13 0.64
C SER A 119 -14.26 -13.83 -0.22
N LYS A 120 -14.09 -13.92 -1.54
CA LYS A 120 -15.19 -13.67 -2.47
C LYS A 120 -15.59 -14.97 -3.17
N VAL A 121 -16.79 -14.96 -3.77
CA VAL A 121 -17.31 -16.15 -4.47
C VAL A 121 -18.22 -15.71 -5.62
N THR A 122 -18.22 -16.51 -6.69
CA THR A 122 -19.05 -16.21 -7.88
C THR A 122 -20.02 -17.36 -8.16
N SER A 123 -21.12 -17.01 -8.82
CA SER A 123 -22.17 -17.99 -9.13
C SER A 123 -21.79 -18.83 -10.36
N LYS A 124 -22.72 -19.68 -10.80
CA LYS A 124 -22.49 -20.55 -11.95
C LYS A 124 -22.88 -19.85 -13.25
N CYS A 125 -24.11 -19.32 -13.28
CA CYS A 125 -24.62 -18.63 -14.46
C CYS A 125 -25.36 -17.36 -14.06
N GLY A 126 -25.10 -16.27 -14.79
CA GLY A 126 -25.75 -14.99 -14.51
C GLY A 126 -26.32 -14.39 -15.79
N SER A 127 -27.59 -13.98 -15.73
CA SER A 127 -28.26 -13.39 -16.88
C SER A 127 -28.96 -12.09 -16.49
N LEU A 128 -28.50 -10.97 -17.05
CA LEU A 128 -29.08 -9.67 -16.75
C LEU A 128 -29.08 -9.40 -15.25
N GLY A 129 -29.53 -8.20 -14.87
CA GLY A 129 -29.58 -7.81 -13.46
C GLY A 129 -30.38 -6.52 -13.28
N GLU B 67 32.16 -12.25 43.69
CA GLU B 67 30.96 -11.48 43.25
C GLU B 67 30.48 -12.02 41.90
N ASN B 68 29.28 -12.61 41.92
CA ASN B 68 28.69 -13.16 40.69
C ASN B 68 27.42 -12.41 40.32
N LEU B 69 27.44 -11.77 39.15
CA LEU B 69 26.29 -11.01 38.67
C LEU B 69 26.07 -11.25 37.18
N LYS B 70 24.83 -11.09 36.73
CA LYS B 70 24.49 -11.30 35.33
C LYS B 70 24.31 -9.95 34.62
N HIS B 71 23.34 -9.16 35.06
CA HIS B 71 23.07 -7.84 34.47
C HIS B 71 22.92 -7.95 32.94
N GLN B 72 22.55 -9.14 32.46
CA GLN B 72 22.37 -9.38 31.02
C GLN B 72 20.89 -9.72 30.70
N PRO B 73 19.95 -8.82 30.97
CA PRO B 73 18.50 -9.06 30.70
C PRO B 73 18.21 -9.14 29.20
N GLY B 74 16.97 -9.51 28.86
CA GLY B 74 16.56 -9.63 27.46
C GLY B 74 16.05 -11.03 27.16
N GLY B 75 16.62 -11.64 26.12
CA GLY B 75 16.23 -13.00 25.71
C GLY B 75 14.78 -13.02 25.24
N GLY B 76 14.59 -12.86 23.93
CA GLY B 76 13.24 -12.85 23.35
C GLY B 76 13.27 -13.35 21.91
N LYS B 77 12.33 -14.24 21.57
CA LYS B 77 12.25 -14.80 20.22
C LYS B 77 10.80 -15.12 19.86
N VAL B 78 10.57 -15.44 18.58
CA VAL B 78 9.23 -15.78 18.10
C VAL B 78 8.28 -14.61 18.39
N GLN B 79 8.05 -13.78 17.37
CA GLN B 79 7.16 -12.63 17.51
C GLN B 79 6.30 -12.46 16.26
N ILE B 80 4.98 -12.39 16.46
CA ILE B 80 4.03 -12.23 15.35
C ILE B 80 3.07 -11.08 15.68
N ILE B 81 3.08 -10.04 14.84
CA ILE B 81 2.19 -8.89 15.06
C ILE B 81 1.40 -8.56 13.79
N ASN B 82 0.14 -8.16 13.98
CA ASN B 82 -0.74 -7.82 12.87
C ASN B 82 -0.53 -6.37 12.43
N LYS B 83 -0.70 -6.11 11.13
CA LYS B 83 -0.51 -4.78 10.57
C LYS B 83 -1.70 -3.86 10.80
N LYS B 84 -1.47 -2.80 11.58
CA LYS B 84 -2.50 -1.80 11.86
C LYS B 84 -2.53 -0.76 10.75
N LEU B 85 -3.72 -0.50 10.21
CA LEU B 85 -3.87 0.46 9.12
C LEU B 85 -4.24 1.85 9.66
N ASP B 86 -3.38 2.82 9.34
CA ASP B 86 -3.60 4.20 9.75
C ASP B 86 -3.65 5.12 8.53
N LEU B 87 -4.85 5.32 7.99
CA LEU B 87 -5.03 6.16 6.81
C LEU B 87 -5.76 7.45 7.15
N SER B 88 -5.43 8.51 6.40
CA SER B 88 -6.05 9.81 6.61
C SER B 88 -6.37 10.45 5.25
N ASN B 89 -7.65 10.48 4.92
CA ASN B 89 -8.10 11.05 3.63
C ASN B 89 -9.07 12.21 3.86
N VAL B 90 -9.08 13.15 2.92
CA VAL B 90 -9.97 14.31 3.00
C VAL B 90 -10.62 14.57 1.64
N GLN B 91 -11.95 14.47 1.59
CA GLN B 91 -12.69 14.69 0.35
C GLN B 91 -13.70 15.83 0.52
N SER B 92 -13.67 16.78 -0.41
CA SER B 92 -14.58 17.92 -0.36
C SER B 92 -14.95 18.38 -1.78
N LYS B 93 -16.23 18.69 -1.97
CA LYS B 93 -16.70 19.15 -3.28
C LYS B 93 -16.61 20.68 -3.38
N CYS B 94 -16.90 21.36 -2.27
CA CYS B 94 -16.85 22.82 -2.22
C CYS B 94 -15.72 23.31 -1.31
N GLY B 95 -15.35 22.48 -0.32
CA GLY B 95 -14.29 22.82 0.62
C GLY B 95 -14.80 23.79 1.67
N SER B 96 -13.90 24.20 2.58
CA SER B 96 -14.28 25.13 3.65
C SER B 96 -14.15 26.57 3.16
N LYS B 97 -15.13 27.40 3.53
CA LYS B 97 -15.13 28.82 3.13
C LYS B 97 -15.16 29.73 4.36
N ASP B 98 -14.25 30.70 4.37
CA ASP B 98 -14.16 31.65 5.48
C ASP B 98 -13.78 33.03 4.98
N ASN B 99 -14.39 34.06 5.57
CA ASN B 99 -14.12 35.45 5.18
C ASN B 99 -13.76 36.28 6.41
N ILE B 100 -12.63 36.97 6.34
CA ILE B 100 -12.17 37.81 7.45
C ILE B 100 -11.77 39.20 6.93
N LYS B 101 -12.38 40.23 7.51
CA LYS B 101 -12.10 41.62 7.12
C LYS B 101 -12.08 42.53 8.33
N HIS B 102 -10.89 43.01 8.69
CA HIS B 102 -10.72 43.89 9.84
C HIS B 102 -9.76 45.04 9.53
N VAL B 103 -10.20 46.26 9.83
CA VAL B 103 -9.36 47.45 9.57
C VAL B 103 -8.83 48.02 10.90
N PRO B 104 -7.61 47.65 11.34
CA PRO B 104 -7.04 48.17 12.61
C PRO B 104 -6.37 49.54 12.44
N GLY B 105 -6.72 50.48 13.32
CA GLY B 105 -6.15 51.82 13.27
C GLY B 105 -5.26 52.09 14.48
N GLY B 106 -3.96 51.92 14.29
CA GLY B 106 -2.98 52.15 15.36
C GLY B 106 -1.98 51.01 15.42
N GLY B 107 -2.31 49.97 16.20
CA GLY B 107 -1.43 48.81 16.36
C GLY B 107 -2.20 47.62 16.92
N SER B 108 -2.56 46.69 16.03
CA SER B 108 -3.31 45.49 16.43
C SER B 108 -2.63 44.24 15.90
N VAL B 109 -3.07 43.08 16.40
CA VAL B 109 -2.51 41.79 15.98
C VAL B 109 -3.64 40.84 15.60
N GLN B 110 -3.64 40.38 14.34
CA GLN B 110 -4.66 39.46 13.86
C GLN B 110 -4.03 38.34 13.03
N ILE B 111 -4.12 37.12 13.54
CA ILE B 111 -3.56 35.95 12.85
C ILE B 111 -4.68 35.02 12.39
N VAL B 112 -4.45 34.29 11.28
CA VAL B 112 -5.46 33.37 10.76
C VAL B 112 -4.87 31.99 10.50
N TYR B 113 -5.57 30.95 10.95
CA TYR B 113 -5.12 29.57 10.76
C TYR B 113 -6.17 28.76 10.00
N LYS B 114 -5.77 28.21 8.85
CA LYS B 114 -6.67 27.41 8.03
C LYS B 114 -6.76 25.97 8.57
N PRO B 115 -7.70 25.15 8.11
CA PRO B 115 -7.84 23.74 8.61
C PRO B 115 -6.55 22.94 8.46
N VAL B 116 -6.11 22.35 9.57
CA VAL B 116 -4.87 21.55 9.58
C VAL B 116 -5.18 20.12 10.00
N ASP B 117 -4.53 19.16 9.34
CA ASP B 117 -4.75 17.74 9.65
C ASP B 117 -3.53 17.14 10.34
N LEU B 118 -3.71 16.76 11.61
CA LEU B 118 -2.64 16.16 12.40
C LEU B 118 -3.01 14.74 12.81
N SER B 119 -2.22 13.77 12.34
CA SER B 119 -2.45 12.37 12.66
C SER B 119 -1.76 11.99 13.97
N LYS B 120 -0.45 12.26 14.02
CA LYS B 120 0.34 11.98 15.22
C LYS B 120 0.80 13.27 15.87
N VAL B 121 1.21 13.18 17.13
CA VAL B 121 1.67 14.36 17.89
C VAL B 121 2.72 13.94 18.92
N THR B 122 3.67 14.85 19.18
CA THR B 122 4.75 14.58 20.14
C THR B 122 4.74 15.61 21.27
N SER B 123 5.28 15.20 22.42
CA SER B 123 5.31 16.05 23.60
C SER B 123 6.45 17.07 23.52
N LYS B 124 6.64 17.84 24.60
CA LYS B 124 7.70 18.86 24.65
C LYS B 124 8.99 18.26 25.17
N CYS B 125 8.91 17.59 26.31
CA CYS B 125 10.10 16.96 26.93
C CYS B 125 9.75 15.58 27.45
N GLY B 126 10.65 14.61 27.19
CA GLY B 126 10.46 13.24 27.63
C GLY B 126 11.71 12.71 28.33
N SER B 127 11.52 12.14 29.52
CA SER B 127 12.64 11.59 30.29
C SER B 127 12.31 10.19 30.78
N LEU B 128 13.08 9.20 30.28
CA LEU B 128 12.89 7.81 30.65
C LEU B 128 11.44 7.37 30.39
N GLY B 129 11.16 6.09 30.63
CA GLY B 129 9.82 5.55 30.41
C GLY B 129 9.69 4.16 31.02
N GLU C 67 -37.98 11.58 -38.70
CA GLU C 67 -37.62 10.72 -37.54
C GLU C 67 -36.44 11.34 -36.79
N ASN C 68 -36.70 11.76 -35.55
CA ASN C 68 -35.66 12.37 -34.72
C ASN C 68 -35.37 11.50 -33.50
N LEU C 69 -34.14 11.00 -33.41
CA LEU C 69 -33.73 10.17 -32.29
C LEU C 69 -32.33 10.54 -31.81
N LYS C 70 -32.05 10.27 -30.53
CA LYS C 70 -30.74 10.58 -29.96
C LYS C 70 -29.89 9.32 -29.84
N HIS C 71 -30.37 8.35 -29.03
CA HIS C 71 -29.65 7.10 -28.82
C HIS C 71 -28.19 7.35 -28.42
N GLN C 72 -27.92 8.53 -27.84
CA GLN C 72 -26.57 8.90 -27.42
C GLN C 72 -26.51 9.08 -25.88
N PRO C 73 -26.80 8.03 -25.10
CA PRO C 73 -26.76 8.13 -23.60
C PRO C 73 -25.35 8.32 -23.07
N GLY C 74 -25.24 8.56 -21.77
CA GLY C 74 -23.94 8.78 -21.13
C GLY C 74 -23.89 10.13 -20.42
N GLY C 75 -22.87 10.93 -20.75
CA GLY C 75 -22.70 12.26 -20.15
C GLY C 75 -22.45 12.14 -18.65
N GLY C 76 -21.17 12.10 -18.28
CA GLY C 76 -20.79 11.99 -16.87
C GLY C 76 -19.44 12.65 -16.62
N LYS C 77 -19.36 13.43 -15.54
CA LYS C 77 -18.12 14.13 -15.18
C LYS C 77 -18.02 14.30 -13.67
N VAL C 78 -16.84 14.72 -13.21
CA VAL C 78 -16.60 14.93 -11.77
C VAL C 78 -16.86 13.63 -11.02
N GLN C 79 -15.78 12.90 -10.73
CA GLN C 79 -15.90 11.63 -10.01
C GLN C 79 -14.78 11.50 -8.99
N ILE C 80 -15.16 11.23 -7.73
CA ILE C 80 -14.18 11.07 -6.65
C ILE C 80 -14.49 9.78 -5.88
N ILE C 81 -13.53 8.85 -5.88
CA ILE C 81 -13.72 7.57 -5.17
C ILE C 81 -12.54 7.29 -4.23
N ASN C 82 -12.86 6.71 -3.07
CA ASN C 82 -11.84 6.38 -2.06
C ASN C 82 -11.20 5.03 -2.37
N LYS C 83 -9.91 4.90 -2.01
CA LYS C 83 -9.15 3.67 -2.27
C LYS C 83 -9.43 2.58 -1.24
N LYS C 84 -10.03 1.48 -1.72
CA LYS C 84 -10.32 0.34 -0.86
C LYS C 84 -9.10 -0.57 -0.77
N LEU C 85 -8.71 -0.92 0.45
CA LEU C 85 -7.54 -1.77 0.68
C LEU C 85 -7.93 -3.23 0.79
N ASP C 86 -7.37 -4.05 -0.10
CA ASP C 86 -7.63 -5.49 -0.11
C ASP C 86 -6.32 -6.25 0.02
N LEU C 87 -5.94 -6.55 1.26
CA LEU C 87 -4.69 -7.26 1.54
C LEU C 87 -4.96 -8.68 2.05
N SER C 88 -4.04 -9.59 1.73
CA SER C 88 -4.15 -10.98 2.15
C SER C 88 -2.79 -11.49 2.61
N ASN C 89 -2.64 -11.67 3.93
CA ASN C 89 -1.38 -12.14 4.50
C ASN C 89 -1.58 -13.43 5.28
N VAL C 90 -0.54 -14.25 5.34
CA VAL C 90 -0.59 -15.53 6.06
C VAL C 90 0.69 -15.70 6.89
N GLN C 91 0.53 -15.78 8.21
CA GLN C 91 1.67 -15.95 9.12
C GLN C 91 1.51 -17.22 9.95
N SER C 92 2.55 -18.05 9.96
CA SER C 92 2.52 -19.30 10.72
C SER C 92 3.91 -19.64 11.25
N LYS C 93 3.97 -20.09 12.50
CA LYS C 93 5.24 -20.46 13.12
C LYS C 93 5.55 -21.94 12.87
N CYS C 94 4.51 -22.77 12.91
CA CYS C 94 4.66 -24.22 12.68
C CYS C 94 3.99 -24.65 11.38
N GLY C 95 2.97 -23.89 10.94
CA GLY C 95 2.25 -24.20 9.72
C GLY C 95 1.26 -25.34 9.95
N SER C 96 0.54 -25.73 8.89
CA SER C 96 -0.44 -26.81 8.98
C SER C 96 0.25 -28.16 8.77
N LYS C 97 -0.15 -29.15 9.58
CA LYS C 97 0.43 -30.49 9.49
C LYS C 97 -0.66 -31.53 9.22
N ASP C 98 -0.41 -32.38 8.22
CA ASP C 98 -1.37 -33.42 7.84
C ASP C 98 -0.64 -34.68 7.39
N ASN C 99 -1.16 -35.84 7.79
CA ASN C 99 -0.57 -37.12 7.43
C ASN C 99 -1.62 -38.03 6.79
N ILE C 100 -1.30 -38.56 5.61
CA ILE C 100 -2.21 -39.45 4.90
C ILE C 100 -1.46 -40.71 4.43
N LYS C 101 -1.98 -41.87 4.82
CA LYS C 101 -1.37 -43.15 4.45
C LYS C 101 -2.45 -44.19 4.14
N HIS C 102 -2.56 -44.54 2.86
CA HIS C 102 -3.56 -45.52 2.42
C HIS C 102 -2.96 -46.49 1.40
N VAL C 103 -3.15 -47.78 1.63
CA VAL C 103 -2.64 -48.82 0.72
C VAL C 103 -3.78 -49.46 -0.07
N PRO C 104 -4.09 -48.99 -1.29
CA PRO C 104 -5.19 -49.57 -2.11
C PRO C 104 -4.74 -50.81 -2.90
N GLY C 105 -5.53 -51.88 -2.80
CA GLY C 105 -5.23 -53.13 -3.50
C GLY C 105 -6.26 -53.40 -4.58
N GLY C 106 -5.90 -53.06 -5.83
CA GLY C 106 -6.79 -53.26 -6.97
C GLY C 106 -6.86 -52.02 -7.83
N GLY C 107 -7.80 -51.12 -7.52
CA GLY C 107 -7.98 -49.89 -8.28
C GLY C 107 -8.80 -48.88 -7.47
N SER C 108 -8.10 -47.90 -6.87
CA SER C 108 -8.75 -46.87 -6.07
C SER C 108 -8.30 -45.48 -6.52
N VAL C 109 -9.00 -44.46 -6.03
CA VAL C 109 -8.68 -43.07 -6.37
C VAL C 109 -8.60 -42.23 -5.09
N GLN C 110 -7.42 -41.65 -4.85
CA GLN C 110 -7.20 -40.82 -3.67
C GLN C 110 -6.45 -39.54 -4.03
N ILE C 111 -7.12 -38.40 -3.89
CA ILE C 111 -6.52 -37.10 -4.20
C ILE C 111 -6.35 -36.27 -2.92
N VAL C 112 -5.33 -35.41 -2.89
CA VAL C 112 -5.07 -34.57 -1.71
C VAL C 112 -4.92 -33.10 -2.10
N TYR C 113 -5.59 -32.22 -1.36
CA TYR C 113 -5.53 -30.78 -1.62
C TYR C 113 -5.03 -30.04 -0.38
N LYS C 114 -3.92 -29.31 -0.53
CA LYS C 114 -3.34 -28.56 0.58
C LYS C 114 -4.07 -27.21 0.73
N PRO C 115 -3.87 -26.48 1.82
CA PRO C 115 -4.57 -25.15 2.04
C PRO C 115 -4.34 -24.19 0.88
N VAL C 116 -5.44 -23.67 0.34
CA VAL C 116 -5.37 -22.73 -0.79
C VAL C 116 -6.02 -21.40 -0.38
N ASP C 117 -5.40 -20.29 -0.80
CA ASP C 117 -5.92 -18.96 -0.49
C ASP C 117 -6.52 -18.29 -1.72
N LEU C 118 -7.83 -18.07 -1.69
CA LEU C 118 -8.53 -17.44 -2.82
C LEU C 118 -9.17 -16.13 -2.36
N SER C 119 -8.72 -15.01 -2.94
CA SER C 119 -9.25 -13.70 -2.60
C SER C 119 -10.49 -13.40 -3.46
N LYS C 120 -10.32 -13.50 -4.78
CA LYS C 120 -11.41 -13.24 -5.71
C LYS C 120 -11.82 -14.53 -6.41
N VAL C 121 -13.02 -14.53 -7.00
CA VAL C 121 -13.54 -15.72 -7.70
C VAL C 121 -14.44 -15.28 -8.85
N THR C 122 -14.46 -16.07 -9.92
CA THR C 122 -15.27 -15.78 -11.10
C THR C 122 -16.25 -16.93 -11.40
N SER C 123 -17.36 -16.58 -12.05
CA SER C 123 -18.41 -17.56 -12.36
C SER C 123 -18.03 -18.39 -13.59
N LYS C 124 -18.96 -19.25 -14.02
CA LYS C 124 -18.73 -20.12 -15.18
C LYS C 124 -19.12 -19.42 -16.48
N CYS C 125 -20.36 -18.90 -16.49
CA CYS C 125 -20.86 -18.20 -17.67
C CYS C 125 -21.61 -16.92 -17.27
N GLY C 126 -21.35 -15.84 -18.00
CA GLY C 126 -21.99 -14.55 -17.73
C GLY C 126 -22.56 -13.95 -19.00
N SER C 127 -23.83 -13.54 -18.95
CA SER C 127 -24.50 -12.95 -20.10
C SER C 127 -25.21 -11.66 -19.70
N LEU C 128 -24.74 -10.54 -20.27
CA LEU C 128 -25.32 -9.23 -19.98
C LEU C 128 -25.32 -8.97 -18.47
N GLY C 129 -25.75 -7.76 -18.09
CA GLY C 129 -25.81 -7.37 -16.68
C GLY C 129 -26.61 -6.08 -16.50
N GLU D 67 35.92 -11.82 40.46
CA GLU D 67 34.72 -11.05 40.04
C GLU D 67 34.23 -11.59 38.69
N ASN D 68 33.03 -12.17 38.69
CA ASN D 68 32.44 -12.74 37.48
C ASN D 68 31.17 -11.98 37.10
N LEU D 69 31.20 -11.34 35.93
CA LEU D 69 30.05 -10.58 35.45
C LEU D 69 29.83 -10.82 33.96
N LYS D 70 28.59 -10.67 33.51
CA LYS D 70 28.25 -10.86 32.10
C LYS D 70 28.08 -9.52 31.39
N HIS D 71 27.10 -8.73 31.84
CA HIS D 71 26.84 -7.42 31.24
C HIS D 71 26.68 -7.52 29.72
N GLN D 72 26.31 -8.71 29.23
CA GLN D 72 26.13 -8.94 27.79
C GLN D 72 24.66 -9.29 27.47
N PRO D 73 23.71 -8.38 27.74
CA PRO D 73 22.26 -8.64 27.46
C PRO D 73 21.97 -8.70 25.96
N GLY D 74 20.74 -9.08 25.63
CA GLY D 74 20.33 -9.19 24.23
C GLY D 74 19.82 -10.60 23.92
N GLY D 75 20.39 -11.21 22.88
CA GLY D 75 20.00 -12.56 22.47
C GLY D 75 18.55 -12.59 22.00
N GLY D 76 18.36 -12.42 20.69
CA GLY D 76 17.03 -12.43 20.11
C GLY D 76 17.06 -12.92 18.66
N LYS D 77 16.12 -13.81 18.33
CA LYS D 77 16.03 -14.36 16.98
C LYS D 77 14.58 -14.68 16.62
N VAL D 78 14.36 -15.01 15.33
CA VAL D 78 13.01 -15.34 14.86
C VAL D 78 12.06 -14.18 15.14
N GLN D 79 11.83 -13.35 14.12
CA GLN D 79 10.94 -12.19 14.25
C GLN D 79 10.09 -12.03 13.01
N ILE D 80 8.77 -11.96 13.21
CA ILE D 80 7.82 -11.80 12.10
C ILE D 80 6.87 -10.65 12.43
N ILE D 81 6.87 -9.61 11.59
CA ILE D 81 5.98 -8.46 11.81
C ILE D 81 5.20 -8.12 10.54
N ASN D 82 3.93 -7.73 10.72
CA ASN D 82 3.05 -7.39 9.61
C ASN D 82 3.27 -5.93 9.18
N LYS D 83 3.08 -5.68 7.88
CA LYS D 83 3.29 -4.34 7.31
C LYS D 83 2.10 -3.41 7.53
N LYS D 84 2.32 -2.37 8.33
CA LYS D 84 1.28 -1.37 8.61
C LYS D 84 1.26 -0.33 7.50
N LEU D 85 0.07 -0.07 6.96
CA LEU D 85 -0.09 0.89 5.86
C LEU D 85 -0.45 2.27 6.40
N ASP D 86 0.40 3.25 6.08
CA ASP D 86 0.18 4.63 6.51
C ASP D 86 0.14 5.55 5.28
N LEU D 87 -1.07 5.75 4.75
CA LEU D 87 -1.25 6.59 3.56
C LEU D 87 -1.97 7.89 3.90
N SER D 88 -1.65 8.94 3.15
CA SER D 88 -2.27 10.25 3.35
C SER D 88 -2.58 10.89 2.00
N ASN D 89 -3.87 10.92 1.66
CA ASN D 89 -4.31 11.49 0.38
C ASN D 89 -5.28 12.65 0.61
N VAL D 90 -5.29 13.59 -0.33
CA VAL D 90 -6.19 14.75 -0.25
C VAL D 90 -6.83 15.01 -1.61
N GLN D 91 -8.16 14.90 -1.67
CA GLN D 91 -8.90 15.12 -2.90
C GLN D 91 -9.92 16.26 -2.73
N SER D 92 -9.88 17.21 -3.66
CA SER D 92 -10.80 18.36 -3.62
C SER D 92 -11.16 18.81 -5.03
N LYS D 93 -12.43 19.13 -5.23
CA LYS D 93 -12.92 19.59 -6.53
C LYS D 93 -12.82 21.11 -6.63
N CYS D 94 -13.12 21.79 -5.52
CA CYS D 94 -13.06 23.26 -5.47
C CYS D 94 -11.94 23.74 -4.55
N GLY D 95 -11.57 22.91 -3.58
CA GLY D 95 -10.50 23.26 -2.63
C GLY D 95 -11.02 24.23 -1.57
N SER D 96 -10.13 24.63 -0.67
CA SER D 96 -10.50 25.56 0.40
C SER D 96 -10.37 27.00 -0.08
N LYS D 97 -11.35 27.83 0.28
CA LYS D 97 -11.36 29.24 -0.12
C LYS D 97 -11.38 30.15 1.11
N ASP D 98 -10.47 31.14 1.13
CA ASP D 98 -10.39 32.07 2.24
C ASP D 98 -10.01 33.46 1.74
N ASN D 99 -10.62 34.49 2.33
CA ASN D 99 -10.35 35.87 1.94
C ASN D 99 -10.00 36.70 3.18
N ILE D 100 -8.86 37.40 3.11
CA ILE D 100 -8.40 38.24 4.22
C ILE D 100 -8.01 39.62 3.70
N LYS D 101 -8.62 40.66 4.29
CA LYS D 101 -8.34 42.04 3.88
C LYS D 101 -8.32 42.95 5.11
N HIS D 102 -7.13 43.43 5.45
CA HIS D 102 -6.97 44.31 6.61
C HIS D 102 -6.01 45.46 6.30
N VAL D 103 -6.44 46.69 6.60
CA VAL D 103 -5.61 47.88 6.35
C VAL D 103 -5.08 48.45 7.68
N PRO D 104 -3.87 48.08 8.12
CA PRO D 104 -3.28 48.61 9.39
C PRO D 104 -2.62 49.96 9.21
N GLY D 105 -2.97 50.90 10.10
CA GLY D 105 -2.41 52.25 10.05
C GLY D 105 -1.51 52.51 11.26
N GLY D 106 -0.20 52.36 11.07
CA GLY D 106 0.76 52.57 12.15
C GLY D 106 1.77 51.43 12.21
N GLY D 107 1.43 50.40 12.99
CA GLY D 107 2.30 49.24 13.14
C GLY D 107 1.53 48.05 13.70
N SER D 108 1.18 47.12 12.81
CA SER D 108 0.44 45.92 13.21
C SER D 108 1.11 44.66 12.68
N VAL D 109 0.68 43.51 13.18
CA VAL D 109 1.24 42.22 12.76
C VAL D 109 0.11 41.26 12.38
N GLN D 110 0.12 40.82 11.12
CA GLN D 110 -0.91 39.89 10.63
C GLN D 110 -0.27 38.78 9.80
N ILE D 111 -0.37 37.54 10.32
CA ILE D 111 0.21 36.38 9.62
C ILE D 111 -0.92 35.44 9.16
N VAL D 112 -0.69 34.73 8.05
CA VAL D 112 -1.70 33.81 7.53
C VAL D 112 -1.09 32.42 7.27
N TYR D 113 -1.81 31.37 7.71
CA TYR D 113 -1.35 29.99 7.53
C TYR D 113 -2.41 29.19 6.77
N LYS D 114 -2.01 28.65 5.61
CA LYS D 114 -2.91 27.85 4.80
C LYS D 114 -2.98 26.41 5.33
N PRO D 115 -3.94 25.58 4.87
CA PRO D 115 -4.07 24.17 5.37
C PRO D 115 -2.77 23.38 5.22
N VAL D 116 -2.33 22.78 6.33
CA VAL D 116 -1.10 21.99 6.34
C VAL D 116 -1.42 20.55 6.76
N ASP D 117 -0.76 19.59 6.10
CA ASP D 117 -0.98 18.17 6.41
C ASP D 117 0.25 17.57 7.11
N LEU D 118 0.06 17.18 8.37
CA LEU D 118 1.14 16.59 9.17
C LEU D 118 0.77 15.16 9.58
N SER D 119 1.55 14.20 9.10
CA SER D 119 1.31 12.79 9.42
C SER D 119 2.02 12.42 10.72
N LYS D 120 3.32 12.70 10.78
CA LYS D 120 4.12 12.40 11.97
C LYS D 120 4.58 13.71 12.63
N VAL D 121 4.98 13.62 13.90
CA VAL D 121 5.43 14.79 14.65
C VAL D 121 6.49 14.37 15.66
N THR D 122 7.43 15.28 15.95
CA THR D 122 8.52 15.01 16.90
C THR D 122 8.52 16.05 18.03
N SER D 123 9.04 15.63 19.18
CA SER D 123 9.07 16.48 20.37
C SER D 123 10.22 17.50 20.30
N LYS D 124 10.40 18.27 21.37
CA LYS D 124 11.44 19.29 21.43
C LYS D 124 12.75 18.69 21.95
N CYS D 125 12.66 18.01 23.09
CA CYS D 125 13.84 17.39 23.70
C CYS D 125 13.51 16.00 24.23
N GLY D 126 14.40 15.05 23.97
CA GLY D 126 14.21 13.66 24.41
C GLY D 126 15.47 13.15 25.10
N SER D 127 15.27 12.57 26.29
CA SER D 127 16.38 12.02 27.07
C SER D 127 16.07 10.61 27.55
N LEU D 128 16.83 9.64 27.05
CA LEU D 128 16.63 8.23 27.43
C LEU D 128 15.19 7.81 27.16
N GLY D 129 14.91 6.53 27.40
CA GLY D 129 13.58 5.97 27.19
C GLY D 129 13.46 4.58 27.79
N GLU E 67 -34.23 12.02 -41.93
CA GLU E 67 -33.86 11.15 -40.77
C GLU E 67 -32.69 11.76 -40.02
N ASN E 68 -32.94 12.19 -38.78
CA ASN E 68 -31.90 12.80 -37.94
C ASN E 68 -31.62 11.94 -36.72
N LEU E 69 -30.39 11.43 -36.63
CA LEU E 69 -29.97 10.59 -35.51
C LEU E 69 -28.57 10.96 -35.04
N LYS E 70 -28.29 10.70 -33.76
CA LYS E 70 -26.98 11.01 -33.18
C LYS E 70 -26.14 9.74 -33.06
N HIS E 71 -26.61 8.79 -32.26
CA HIS E 71 -25.89 7.53 -32.05
C HIS E 71 -24.43 7.78 -31.66
N GLN E 72 -24.17 8.96 -31.07
CA GLN E 72 -22.81 9.33 -30.65
C GLN E 72 -22.75 9.51 -29.11
N PRO E 73 -23.03 8.46 -28.33
CA PRO E 73 -22.99 8.55 -26.83
C PRO E 73 -21.57 8.76 -26.31
N GLY E 74 -21.46 9.00 -25.00
CA GLY E 74 -20.16 9.21 -24.37
C GLY E 74 -20.12 10.56 -23.67
N GLY E 75 -19.10 11.36 -23.99
CA GLY E 75 -18.93 12.68 -23.39
C GLY E 75 -18.68 12.58 -21.90
N GLY E 76 -17.40 12.53 -21.53
CA GLY E 76 -17.02 12.43 -20.11
C GLY E 76 -15.66 13.08 -19.86
N LYS E 77 -15.58 13.86 -18.79
CA LYS E 77 -14.34 14.55 -18.43
C LYS E 77 -14.24 14.72 -16.91
N VAL E 78 -13.06 15.16 -16.45
CA VAL E 78 -12.82 15.37 -15.02
C VAL E 78 -13.08 14.07 -14.26
N GLN E 79 -12.01 13.32 -13.98
CA GLN E 79 -12.12 12.06 -13.25
C GLN E 79 -10.99 11.93 -12.23
N ILE E 80 -11.37 11.67 -10.98
CA ILE E 80 -10.39 11.51 -9.90
C ILE E 80 -10.70 10.21 -9.13
N ILE E 81 -9.73 9.28 -9.12
CA ILE E 81 -9.93 8.01 -8.42
C ILE E 81 -8.75 7.72 -7.48
N ASN E 82 -9.06 7.15 -6.32
CA ASN E 82 -8.05 6.82 -5.32
C ASN E 82 -7.40 5.46 -5.62
N LYS E 83 -6.12 5.33 -5.26
CA LYS E 83 -5.36 4.11 -5.53
C LYS E 83 -5.63 3.01 -4.50
N LYS E 84 -6.25 1.92 -4.96
CA LYS E 84 -6.53 0.78 -4.09
C LYS E 84 -5.31 -0.13 -4.02
N LEU E 85 -4.92 -0.48 -2.80
CA LEU E 85 -3.75 -1.33 -2.57
C LEU E 85 -4.14 -2.80 -2.46
N ASP E 86 -3.59 -3.61 -3.35
CA ASP E 86 -3.85 -5.06 -3.36
C ASP E 86 -2.53 -5.82 -3.22
N LEU E 87 -2.15 -6.12 -1.98
CA LEU E 87 -0.90 -6.83 -1.71
C LEU E 87 -1.17 -8.24 -1.20
N SER E 88 -0.26 -9.16 -1.51
CA SER E 88 -0.37 -10.55 -1.09
C SER E 88 0.99 -11.07 -0.64
N ASN E 89 1.15 -11.23 0.68
CA ASN E 89 2.41 -11.70 1.25
C ASN E 89 2.20 -12.99 2.04
N VAL E 90 3.25 -13.82 2.09
CA VAL E 90 3.19 -15.09 2.82
C VAL E 90 4.47 -15.27 3.63
N GLN E 91 4.32 -15.34 4.96
CA GLN E 91 5.46 -15.52 5.87
C GLN E 91 5.30 -16.78 6.70
N SER E 92 6.34 -17.61 6.71
CA SER E 92 6.31 -18.87 7.47
C SER E 92 7.70 -19.21 7.99
N LYS E 93 7.75 -19.66 9.25
CA LYS E 93 9.03 -20.03 9.87
C LYS E 93 9.34 -21.51 9.62
N CYS E 94 8.29 -22.35 9.66
CA CYS E 94 8.45 -23.78 9.43
C CYS E 94 7.77 -24.22 8.14
N GLY E 95 6.75 -23.46 7.70
CA GLY E 95 6.03 -23.77 6.48
C GLY E 95 5.04 -24.91 6.70
N SER E 96 4.32 -25.29 5.65
CA SER E 96 3.34 -26.37 5.73
C SER E 96 4.03 -27.73 5.53
N LYS E 97 3.63 -28.71 6.33
CA LYS E 97 4.21 -30.06 6.25
C LYS E 97 3.12 -31.09 5.98
N ASP E 98 3.36 -31.94 4.97
CA ASP E 98 2.41 -32.98 4.61
C ASP E 98 3.13 -34.25 4.16
N ASN E 99 2.60 -35.40 4.56
CA ASN E 99 3.21 -36.69 4.20
C ASN E 99 2.15 -37.60 3.56
N ILE E 100 2.47 -38.12 2.37
CA ILE E 100 1.56 -39.02 1.65
C ILE E 100 2.31 -40.27 1.20
N LYS E 101 1.78 -41.44 1.59
CA LYS E 101 2.39 -42.71 1.22
C LYS E 101 1.32 -43.75 0.91
N HIS E 102 1.21 -44.11 -0.37
CA HIS E 102 0.20 -45.09 -0.80
C HIS E 102 0.80 -46.05 -1.83
N VAL E 103 0.60 -47.35 -1.60
CA VAL E 103 1.12 -48.39 -2.50
C VAL E 103 -0.03 -49.04 -3.29
N PRO E 104 -0.34 -48.56 -4.51
CA PRO E 104 -1.44 -49.13 -5.34
C PRO E 104 -0.99 -50.37 -6.11
N GLY E 105 -1.79 -51.44 -6.02
CA GLY E 105 -1.48 -52.69 -6.71
C GLY E 105 -2.51 -52.97 -7.81
N GLY E 106 -2.16 -52.63 -9.04
CA GLY E 106 -3.05 -52.83 -10.18
C GLY E 106 -3.11 -51.58 -11.05
N GLY E 107 -4.06 -50.70 -10.73
CA GLY E 107 -4.24 -49.46 -11.49
C GLY E 107 -5.05 -48.45 -10.68
N SER E 108 -4.35 -47.48 -10.09
CA SER E 108 -5.01 -46.44 -9.30
C SER E 108 -4.54 -45.06 -9.73
N VAL E 109 -5.26 -44.03 -9.26
CA VAL E 109 -4.92 -42.64 -9.60
C VAL E 109 -4.84 -41.80 -8.31
N GLN E 110 -3.66 -41.21 -8.07
CA GLN E 110 -3.44 -40.38 -6.89
C GLN E 110 -2.70 -39.11 -7.25
N ILE E 111 -3.38 -37.97 -7.11
CA ILE E 111 -2.77 -36.67 -7.43
C ILE E 111 -2.60 -35.84 -6.15
N VAL E 112 -1.57 -34.98 -6.13
CA VAL E 112 -1.32 -34.14 -4.95
C VAL E 112 -1.15 -32.67 -5.34
N TYR E 113 -1.83 -31.79 -4.59
CA TYR E 113 -1.76 -30.36 -4.86
C TYR E 113 -1.27 -29.60 -3.61
N LYS E 114 -0.16 -28.89 -3.76
CA LYS E 114 0.42 -28.12 -2.66
C LYS E 114 -0.30 -26.78 -2.51
N PRO E 115 -0.09 -26.04 -1.41
CA PRO E 115 -0.78 -24.72 -1.20
C PRO E 115 -0.56 -23.76 -2.35
N VAL E 116 -1.67 -23.24 -2.90
CA VAL E 116 -1.60 -22.29 -4.02
C VAL E 116 -2.25 -20.97 -3.62
N ASP E 117 -1.64 -19.86 -4.05
CA ASP E 117 -2.14 -18.53 -3.73
C ASP E 117 -2.74 -17.86 -4.97
N LEU E 118 -4.06 -17.64 -4.93
CA LEU E 118 -4.76 -17.00 -6.05
C LEU E 118 -5.40 -15.69 -5.60
N SER E 119 -4.95 -14.59 -6.18
CA SER E 119 -5.48 -13.27 -5.84
C SER E 119 -6.70 -12.95 -6.69
N LYS E 120 -6.54 -13.06 -8.01
CA LYS E 120 -7.64 -12.80 -8.95
C LYS E 120 -8.04 -14.10 -9.65
N VAL E 121 -9.25 -14.10 -10.24
CA VAL E 121 -9.76 -15.28 -10.93
C VAL E 121 -10.66 -14.85 -12.08
N THR E 122 -10.69 -15.65 -13.16
CA THR E 122 -11.50 -15.35 -14.35
C THR E 122 -12.48 -16.49 -14.64
N SER E 123 -13.59 -16.14 -15.29
CA SER E 123 -14.64 -17.12 -15.59
C SER E 123 -14.27 -17.96 -16.82
N LYS E 124 -15.20 -18.82 -17.24
CA LYS E 124 -14.97 -19.69 -18.40
C LYS E 124 -15.37 -18.98 -19.69
N CYS E 125 -16.60 -18.46 -19.72
CA CYS E 125 -17.11 -17.76 -20.90
C CYS E 125 -17.86 -16.50 -20.50
N GLY E 126 -17.59 -15.41 -21.23
CA GLY E 126 -18.24 -14.13 -20.95
C GLY E 126 -18.81 -13.53 -22.23
N SER E 127 -20.07 -13.12 -22.17
CA SER E 127 -20.75 -12.52 -23.32
C SER E 127 -21.45 -11.22 -22.92
N LEU E 128 -20.98 -10.11 -23.49
CA LEU E 128 -21.56 -8.79 -23.20
C LEU E 128 -21.56 -8.53 -21.69
N GLY E 129 -22.00 -7.33 -21.32
CA GLY E 129 -22.05 -6.94 -19.90
C GLY E 129 -22.85 -5.65 -19.72
N GLU F 67 39.67 -11.39 37.25
CA GLU F 67 38.48 -10.62 36.81
C GLU F 67 37.98 -11.16 35.47
N ASN F 68 36.79 -11.75 35.48
CA ASN F 68 36.20 -12.30 34.26
C ASN F 68 34.93 -11.55 33.88
N LEU F 69 34.96 -10.91 32.71
CA LEU F 69 33.81 -10.15 32.23
C LEU F 69 33.60 -10.39 30.73
N LYS F 70 32.35 -10.23 30.28
CA LYS F 70 32.01 -10.43 28.87
C LYS F 70 31.84 -9.08 28.16
N HIS F 71 30.86 -8.30 28.61
CA HIS F 71 30.60 -6.98 28.02
C HIS F 71 30.45 -7.09 26.49
N GLN F 72 30.07 -8.28 26.01
CA GLN F 72 29.90 -8.51 24.56
C GLN F 72 28.42 -8.86 24.25
N PRO F 73 27.48 -7.95 24.52
CA PRO F 73 26.03 -8.20 24.23
C PRO F 73 25.74 -8.28 22.74
N GLY F 74 24.51 -8.65 22.40
CA GLY F 74 24.10 -8.75 20.99
C GLY F 74 23.60 -10.17 20.68
N GLY F 75 24.17 -10.78 19.64
CA GLY F 75 23.77 -12.13 19.24
C GLY F 75 22.33 -12.15 18.77
N GLY F 76 22.15 -11.99 17.45
CA GLY F 76 20.80 -12.00 16.87
C GLY F 76 20.83 -12.48 15.42
N LYS F 77 19.90 -13.37 15.08
CA LYS F 77 19.81 -13.93 13.74
C LYS F 77 18.37 -14.25 13.38
N VAL F 78 18.14 -14.57 12.09
CA VAL F 78 16.80 -14.91 11.61
C VAL F 78 15.84 -13.74 11.89
N GLN F 79 15.62 -12.91 10.88
CA GLN F 79 14.73 -11.76 11.01
C GLN F 79 13.88 -11.59 9.76
N ILE F 80 12.56 -11.52 9.96
CA ILE F 80 11.61 -11.36 8.85
C ILE F 80 10.65 -10.21 9.17
N ILE F 81 10.65 -9.17 8.33
CA ILE F 81 9.77 -8.02 8.56
C ILE F 81 8.99 -7.69 7.29
N ASN F 82 7.72 -7.30 7.47
CA ASN F 82 6.84 -6.96 6.36
C ASN F 82 7.05 -5.51 5.92
N LYS F 83 6.88 -5.25 4.62
CA LYS F 83 7.08 -3.91 4.05
C LYS F 83 5.89 -2.97 4.28
N LYS F 84 6.11 -1.94 5.08
CA LYS F 84 5.07 -0.94 5.35
C LYS F 84 5.05 0.10 4.25
N LEU F 85 3.86 0.36 3.71
CA LEU F 85 3.69 1.32 2.62
C LEU F 85 3.34 2.71 3.16
N ASP F 86 4.18 3.69 2.83
CA ASP F 86 3.96 5.07 3.26
C ASP F 86 3.92 5.98 2.03
N LEU F 87 2.72 6.19 1.50
CA LEU F 87 2.53 7.03 0.31
C LEU F 87 1.81 8.32 0.65
N SER F 88 2.14 9.38 -0.09
CA SER F 88 1.52 10.68 0.11
C SER F 88 1.20 11.32 -1.24
N ASN F 89 -0.08 11.35 -1.59
CA ASN F 89 -0.53 11.93 -2.87
C ASN F 89 -1.49 13.08 -2.64
N VAL F 90 -1.51 14.02 -3.58
CA VAL F 90 -2.40 15.18 -3.50
C VAL F 90 -3.05 15.43 -4.86
N GLN F 91 -4.37 15.34 -4.91
CA GLN F 91 -5.12 15.56 -6.15
C GLN F 91 -6.13 16.69 -5.98
N SER F 92 -6.10 17.65 -6.91
CA SER F 92 -7.01 18.79 -6.87
C SER F 92 -7.37 19.25 -8.28
N LYS F 93 -8.65 19.56 -8.48
CA LYS F 93 -9.13 20.02 -9.78
C LYS F 93 -9.03 21.55 -9.88
N CYS F 94 -9.33 22.23 -8.77
CA CYS F 94 -9.27 23.69 -8.72
C CYS F 94 -8.15 24.18 -7.80
N GLY F 95 -7.78 23.35 -6.82
CA GLY F 95 -6.72 23.69 -5.88
C GLY F 95 -7.23 24.66 -4.82
N SER F 96 -6.36 25.07 -3.90
CA SER F 96 -6.72 26.00 -2.84
C SER F 96 -6.60 27.44 -3.32
N LYS F 97 -7.57 28.26 -2.95
CA LYS F 97 -7.58 29.67 -3.35
C LYS F 97 -7.61 30.58 -2.13
N ASP F 98 -6.70 31.56 -2.11
CA ASP F 98 -6.62 32.51 -0.99
C ASP F 98 -6.24 33.90 -1.50
N ASN F 99 -6.85 34.92 -0.90
CA ASN F 99 -6.58 36.31 -1.29
C ASN F 99 -6.23 37.13 -0.06
N ILE F 100 -5.09 37.83 -0.13
CA ILE F 100 -4.64 38.67 0.98
C ILE F 100 -4.25 40.06 0.47
N LYS F 101 -4.86 41.09 1.05
CA LYS F 101 -4.58 42.47 0.65
C LYS F 101 -4.56 43.38 1.87
N HIS F 102 -3.36 43.86 2.23
CA HIS F 102 -3.21 44.75 3.39
C HIS F 102 -2.24 45.90 3.07
N VAL F 103 -2.68 47.12 3.37
CA VAL F 103 -1.85 48.30 3.13
C VAL F 103 -1.32 48.88 4.46
N PRO F 104 -0.11 48.51 4.90
CA PRO F 104 0.47 49.03 6.17
C PRO F 104 1.13 50.40 6.00
N GLY F 105 0.78 51.33 6.88
CA GLY F 105 1.35 52.68 6.83
C GLY F 105 2.23 52.94 8.05
N GLY F 106 3.54 52.79 7.86
CA GLY F 106 4.50 53.00 8.94
C GLY F 106 5.52 51.86 9.01
N GLY F 107 5.18 50.82 9.78
CA GLY F 107 6.06 49.67 9.93
C GLY F 107 5.29 48.48 10.49
N SER F 108 4.93 47.54 9.60
CA SER F 108 4.19 46.35 10.00
C SER F 108 4.87 45.10 9.47
N VAL F 109 4.43 43.93 9.96
CA VAL F 109 5.00 42.66 9.53
C VAL F 109 3.87 41.69 9.16
N GLN F 110 3.88 41.24 7.90
CA GLN F 110 2.85 40.32 7.41
C GLN F 110 3.49 39.20 6.59
N ILE F 111 3.40 37.98 7.09
CA ILE F 111 3.96 36.82 6.40
C ILE F 111 2.84 35.88 5.93
N VAL F 112 3.08 35.16 4.83
CA VAL F 112 2.07 34.23 4.30
C VAL F 112 2.68 32.85 4.04
N TYR F 113 1.96 31.81 4.48
CA TYR F 113 2.42 30.43 4.30
C TYR F 113 1.36 29.63 3.53
N LYS F 114 1.77 29.08 2.39
CA LYS F 114 0.87 28.28 1.56
C LYS F 114 0.79 26.84 2.10
N PRO F 115 -0.16 26.01 1.63
CA PRO F 115 -0.29 24.60 2.12
C PRO F 115 1.00 23.81 1.99
N VAL F 116 1.44 23.22 3.10
CA VAL F 116 2.68 22.42 3.11
C VAL F 116 2.36 20.98 3.52
N ASP F 117 3.02 20.02 2.87
CA ASP F 117 2.80 18.60 3.16
C ASP F 117 4.02 18.01 3.87
N LEU F 118 3.83 17.62 5.13
CA LEU F 118 4.91 17.02 5.93
C LEU F 118 4.54 15.60 6.34
N SER F 119 5.33 14.64 5.86
CA SER F 119 5.09 13.23 6.18
C SER F 119 5.79 12.86 7.49
N LYS F 120 7.10 13.13 7.54
CA LYS F 120 7.89 12.84 8.74
C LYS F 120 8.35 14.14 9.39
N VAL F 121 8.75 14.04 10.65
CA VAL F 121 9.21 15.22 11.41
C VAL F 121 10.27 14.80 12.43
N THR F 122 11.21 15.71 12.71
CA THR F 122 12.29 15.44 13.66
C THR F 122 12.29 16.47 14.80
N SER F 123 12.82 16.06 15.95
CA SER F 123 12.84 16.91 17.14
C SER F 123 13.98 17.92 17.07
N LYS F 124 14.15 18.70 18.15
CA LYS F 124 15.20 19.71 18.21
C LYS F 124 16.51 19.12 18.73
N CYS F 125 16.42 18.45 19.87
CA CYS F 125 17.60 17.82 20.48
C CYS F 125 17.26 16.43 21.01
N GLY F 126 18.16 15.47 20.74
CA GLY F 126 17.97 14.10 21.19
C GLY F 126 19.22 13.57 21.88
N SER F 127 19.03 13.00 23.07
CA SER F 127 20.14 12.45 23.85
C SER F 127 19.82 11.04 24.32
N LEU F 128 20.59 10.06 23.84
CA LEU F 128 20.39 8.66 24.20
C LEU F 128 18.95 8.23 23.94
N GLY F 129 18.68 6.95 24.17
CA GLY F 129 17.34 6.40 23.95
C GLY F 129 17.21 5.01 24.56
N GLU G 67 -30.47 12.45 -45.14
CA GLU G 67 -30.11 11.58 -43.98
C GLU G 67 -28.94 12.19 -43.24
N ASN G 68 -29.18 12.62 -42.00
CA ASN G 68 -28.15 13.23 -41.16
C ASN G 68 -27.87 12.36 -39.94
N LEU G 69 -26.63 11.87 -39.86
CA LEU G 69 -26.22 11.03 -38.74
C LEU G 69 -24.81 11.40 -38.27
N LYS G 70 -24.53 11.14 -36.99
CA LYS G 70 -23.22 11.44 -36.42
C LYS G 70 -22.37 10.18 -36.29
N HIS G 71 -22.85 9.22 -35.49
CA HIS G 71 -22.13 7.95 -35.29
C HIS G 71 -20.67 8.21 -34.89
N GLN G 72 -20.41 9.39 -34.31
CA GLN G 72 -19.05 9.75 -33.88
C GLN G 72 -18.99 9.94 -32.35
N PRO G 73 -19.27 8.89 -31.56
CA PRO G 73 -19.23 8.99 -30.07
C PRO G 73 -17.81 9.19 -29.54
N GLY G 74 -17.70 9.44 -28.23
CA GLY G 74 -16.40 9.65 -27.60
C GLY G 74 -16.35 11.00 -26.90
N GLY G 75 -15.33 11.79 -27.23
CA GLY G 75 -15.17 13.12 -26.64
C GLY G 75 -14.91 13.01 -25.14
N GLY G 76 -13.62 12.96 -24.76
CA GLY G 76 -13.24 12.86 -23.35
C GLY G 76 -11.89 13.52 -23.11
N LYS G 77 -11.80 14.30 -22.04
CA LYS G 77 -10.56 14.98 -21.67
C LYS G 77 -10.46 15.16 -20.16
N VAL G 78 -9.27 15.59 -19.71
CA VAL G 78 -9.03 15.80 -18.27
C VAL G 78 -9.29 14.50 -17.51
N GLN G 79 -8.22 13.76 -17.23
CA GLN G 79 -8.33 12.49 -16.50
C GLN G 79 -7.20 12.36 -15.48
N ILE G 80 -7.58 12.10 -14.23
CA ILE G 80 -6.60 11.94 -13.15
C ILE G 80 -6.91 10.64 -12.38
N ILE G 81 -5.95 9.72 -12.37
CA ILE G 81 -6.14 8.44 -11.67
C ILE G 81 -4.96 8.16 -10.73
N ASN G 82 -5.27 7.59 -9.57
CA ASN G 82 -4.26 7.26 -8.57
C ASN G 82 -3.62 5.90 -8.87
N LYS G 83 -2.33 5.78 -8.52
CA LYS G 83 -1.57 4.54 -8.78
C LYS G 83 -1.83 3.44 -7.76
N LYS G 84 -2.46 2.36 -8.21
CA LYS G 84 -2.75 1.22 -7.34
C LYS G 84 -1.53 0.30 -7.26
N LEU G 85 -1.13 -0.05 -6.05
CA LEU G 85 0.04 -0.90 -5.82
C LEU G 85 -0.36 -2.36 -5.70
N ASP G 86 0.20 -3.18 -6.60
CA ASP G 86 -0.06 -4.62 -6.61
C ASP G 86 1.25 -5.39 -6.48
N LEU G 87 1.63 -5.68 -5.23
CA LEU G 87 2.88 -6.40 -4.96
C LEU G 87 2.60 -7.81 -4.45
N SER G 88 3.52 -8.72 -4.77
CA SER G 88 3.41 -10.11 -4.33
C SER G 88 4.77 -10.63 -3.88
N ASN G 89 4.93 -10.80 -2.57
CA ASN G 89 6.19 -11.27 -2.01
C ASN G 89 5.99 -12.56 -1.21
N VAL G 90 7.03 -13.39 -1.16
CA VAL G 90 6.98 -14.66 -0.43
C VAL G 90 8.26 -14.84 0.38
N GLN G 91 8.11 -14.91 1.71
CA GLN G 91 9.24 -15.09 2.61
C GLN G 91 9.08 -16.35 3.44
N SER G 92 10.12 -17.19 3.45
CA SER G 92 10.09 -18.43 4.22
C SER G 92 11.49 -18.78 4.74
N LYS G 93 11.54 -19.23 6.00
CA LYS G 93 12.81 -19.60 6.62
C LYS G 93 13.13 -21.08 6.37
N CYS G 94 12.08 -21.91 6.41
CA CYS G 94 12.24 -23.35 6.18
C CYS G 94 11.55 -23.79 4.88
N GLY G 95 10.53 -23.02 4.46
CA GLY G 95 9.80 -23.33 3.23
C GLY G 95 8.81 -24.48 3.47
N SER G 96 8.11 -24.86 2.40
CA SER G 96 7.13 -25.94 2.49
C SER G 96 7.80 -27.29 2.28
N LYS G 97 7.41 -28.28 3.09
CA LYS G 97 7.98 -29.62 3.01
C LYS G 97 6.90 -30.66 2.74
N ASP G 98 7.13 -31.51 1.74
CA ASP G 98 6.17 -32.56 1.38
C ASP G 98 6.91 -33.81 0.92
N ASN G 99 6.38 -34.97 1.32
CA ASN G 99 6.97 -36.26 0.96
C ASN G 99 5.92 -37.16 0.32
N ILE G 100 6.24 -37.69 -0.86
CA ILE G 100 5.33 -38.59 -1.58
C ILE G 100 6.07 -39.84 -2.04
N LYS G 101 5.54 -41.00 -1.64
CA LYS G 101 6.15 -42.28 -2.01
C LYS G 101 5.08 -43.32 -2.32
N HIS G 102 4.96 -43.68 -3.59
CA HIS G 102 3.96 -44.66 -4.04
C HIS G 102 4.56 -45.63 -5.05
N VAL G 103 4.36 -46.93 -4.83
CA VAL G 103 4.88 -47.96 -5.73
C VAL G 103 3.72 -48.61 -6.52
N PRO G 104 3.41 -48.13 -7.74
CA PRO G 104 2.31 -48.71 -8.56
C PRO G 104 2.75 -49.95 -9.34
N GLY G 105 1.96 -51.01 -9.24
CA GLY G 105 2.26 -52.26 -9.94
C GLY G 105 1.23 -52.54 -11.03
N GLY G 106 1.58 -52.19 -12.26
CA GLY G 106 0.69 -52.40 -13.40
C GLY G 106 0.62 -51.16 -14.28
N GLY G 107 -0.32 -50.27 -13.96
CA GLY G 107 -0.50 -49.03 -14.71
C GLY G 107 -1.31 -48.02 -13.91
N SER G 108 -0.61 -47.05 -13.31
CA SER G 108 -1.25 -46.01 -12.51
C SER G 108 -0.80 -44.62 -12.95
N VAL G 109 -1.51 -43.59 -12.48
CA VAL G 109 -1.17 -42.21 -12.82
C VAL G 109 -1.09 -41.37 -11.54
N GLN G 110 0.09 -40.79 -11.30
CA GLN G 110 0.30 -39.96 -10.11
C GLN G 110 1.06 -38.68 -10.49
N ILE G 111 0.39 -37.54 -10.34
CA ILE G 111 0.99 -36.24 -10.66
C ILE G 111 1.17 -35.41 -9.38
N VAL G 112 2.19 -34.55 -9.36
CA VAL G 112 2.45 -33.71 -8.18
C VAL G 112 2.61 -32.24 -8.58
N TYR G 113 1.94 -31.35 -7.83
CA TYR G 113 2.00 -29.92 -8.09
C TYR G 113 2.49 -29.18 -6.85
N LYS G 114 3.61 -28.46 -7.01
CA LYS G 114 4.20 -27.70 -5.90
C LYS G 114 3.46 -26.35 -5.74
N PRO G 115 3.68 -25.61 -4.66
CA PRO G 115 2.99 -24.29 -4.44
C PRO G 115 3.21 -23.33 -5.60
N VAL G 116 2.10 -22.80 -6.14
CA VAL G 116 2.16 -21.86 -7.26
C VAL G 116 1.52 -20.53 -6.86
N ASP G 117 2.14 -19.43 -7.28
CA ASP G 117 1.62 -18.09 -6.97
C ASP G 117 1.03 -17.43 -8.21
N LEU G 118 -0.29 -17.21 -8.17
CA LEU G 118 -0.98 -16.57 -9.29
C LEU G 118 -1.62 -15.26 -8.83
N SER G 119 -1.18 -14.15 -9.42
CA SER G 119 -1.70 -12.83 -9.09
C SER G 119 -2.93 -12.53 -9.94
N LYS G 120 -2.77 -12.63 -11.25
CA LYS G 120 -3.87 -12.38 -12.18
C LYS G 120 -4.28 -13.66 -12.89
N VAL G 121 -5.47 -13.66 -13.47
CA VAL G 121 -5.99 -14.85 -14.17
C VAL G 121 -6.89 -14.42 -15.33
N THR G 122 -6.91 -15.22 -16.40
CA THR G 122 -7.73 -14.92 -17.58
C THR G 122 -8.71 -16.06 -17.87
N SER G 123 -9.82 -15.71 -18.52
CA SER G 123 -10.87 -16.68 -18.82
C SER G 123 -10.52 -17.52 -20.05
N LYS G 124 -11.44 -18.39 -20.48
CA LYS G 124 -11.21 -19.25 -21.63
C LYS G 124 -11.62 -18.55 -22.92
N CYS G 125 -12.85 -18.03 -22.95
CA CYS G 125 -13.36 -17.33 -24.12
C CYS G 125 -14.10 -16.06 -23.72
N GLY G 126 -13.84 -14.98 -24.46
CA GLY G 126 -14.48 -13.69 -24.17
C GLY G 126 -15.05 -13.09 -25.45
N SER G 127 -16.33 -12.69 -25.39
CA SER G 127 -17.00 -12.08 -26.55
C SER G 127 -17.69 -10.78 -26.15
N LEU G 128 -17.23 -9.68 -26.72
CA LEU G 128 -17.81 -8.36 -26.43
C LEU G 128 -17.80 -8.10 -24.92
N GLY G 129 -18.24 -6.89 -24.54
CA GLY G 129 -18.29 -6.50 -23.13
C GLY G 129 -19.08 -5.21 -22.95
N GLU H 67 43.42 -10.96 34.03
CA GLU H 67 42.23 -10.20 33.59
C GLU H 67 41.75 -10.73 32.25
N ASN H 68 40.55 -11.32 32.25
CA ASN H 68 39.97 -11.87 31.04
C ASN H 68 38.69 -11.12 30.66
N LEU H 69 38.72 -10.48 29.49
CA LEU H 69 37.57 -9.72 29.00
C LEU H 69 37.36 -9.96 27.51
N LYS H 70 36.11 -9.81 27.05
CA LYS H 70 35.78 -10.00 25.64
C LYS H 70 35.61 -8.66 24.95
N HIS H 71 34.63 -7.87 25.39
CA HIS H 71 34.36 -6.55 24.80
C HIS H 71 34.21 -6.65 23.26
N GLN H 72 33.84 -7.85 22.78
CA GLN H 72 33.67 -8.08 21.34
C GLN H 72 32.19 -8.42 21.03
N PRO H 73 31.25 -7.52 21.29
CA PRO H 73 29.80 -7.77 21.00
C PRO H 73 29.51 -7.85 19.51
N GLY H 74 28.28 -8.22 19.16
CA GLY H 74 27.87 -8.32 17.77
C GLY H 74 27.37 -9.73 17.45
N GLY H 75 27.94 -10.34 16.41
CA GLY H 75 27.55 -11.69 16.01
C GLY H 75 26.11 -11.72 15.52
N GLY H 76 25.92 -11.55 14.21
CA GLY H 76 24.58 -11.56 13.63
C GLY H 76 24.62 -12.05 12.18
N LYS H 77 23.69 -12.94 11.85
CA LYS H 77 23.59 -13.49 10.49
C LYS H 77 22.15 -13.81 10.13
N VAL H 78 21.93 -14.14 8.85
CA VAL H 78 20.58 -14.47 8.36
C VAL H 78 19.63 -13.31 8.65
N GLN H 79 19.41 -12.48 7.63
CA GLN H 79 18.51 -11.32 7.76
C GLN H 79 17.66 -11.16 6.52
N ILE H 80 16.35 -11.09 6.71
CA ILE H 80 15.40 -10.93 5.60
C ILE H 80 14.44 -9.78 5.93
N ILE H 81 14.44 -8.74 5.08
CA ILE H 81 13.56 -7.59 5.31
C ILE H 81 12.78 -7.26 4.04
N ASN H 82 11.51 -6.86 4.22
CA ASN H 82 10.63 -6.53 3.11
C ASN H 82 10.84 -5.07 2.67
N LYS H 83 10.67 -4.81 1.37
CA LYS H 83 10.87 -3.48 0.80
C LYS H 83 9.68 -2.54 1.03
N LYS H 84 9.90 -1.50 1.83
CA LYS H 84 8.86 -0.51 2.10
C LYS H 84 8.84 0.54 1.00
N LEU H 85 7.64 0.80 0.46
CA LEU H 85 7.49 1.77 -0.62
C LEU H 85 7.12 3.14 -0.08
N ASP H 86 7.98 4.12 -0.41
CA ASP H 86 7.75 5.50 0.01
C ASP H 86 7.71 6.42 -1.20
N LEU H 87 6.50 6.62 -1.75
CA LEU H 87 6.32 7.46 -2.93
C LEU H 87 5.59 8.75 -2.59
N SER H 88 5.92 9.81 -3.33
CA SER H 88 5.30 11.12 -3.13
C SER H 88 4.99 11.76 -4.48
N ASN H 89 3.70 11.79 -4.83
CA ASN H 89 3.27 12.36 -6.11
C ASN H 89 2.29 13.52 -5.88
N VAL H 90 2.28 14.45 -6.83
CA VAL H 90 1.38 15.62 -6.73
C VAL H 90 0.75 15.88 -8.10
N GLN H 91 -0.58 15.77 -8.16
CA GLN H 91 -1.32 16.00 -9.40
C GLN H 91 -2.34 17.13 -9.23
N SER H 92 -2.31 18.09 -10.16
CA SER H 92 -3.22 19.23 -10.11
C SER H 92 -3.57 19.69 -11.52
N LYS H 93 -4.86 19.99 -11.72
CA LYS H 93 -5.33 20.46 -13.03
C LYS H 93 -5.24 21.99 -13.12
N CYS H 94 -5.54 22.66 -12.01
CA CYS H 94 -5.49 24.13 -11.97
C CYS H 94 -4.36 24.61 -11.04
N GLY H 95 -3.99 23.78 -10.07
CA GLY H 95 -2.94 24.13 -9.12
C GLY H 95 -3.45 25.10 -8.06
N SER H 96 -2.57 25.50 -7.15
CA SER H 96 -2.95 26.42 -6.08
C SER H 96 -2.81 27.87 -6.56
N LYS H 97 -3.79 28.70 -6.20
CA LYS H 97 -3.80 30.11 -6.60
C LYS H 97 -3.83 31.02 -5.36
N ASP H 98 -2.93 31.99 -5.34
CA ASP H 98 -2.84 32.94 -4.23
C ASP H 98 -2.46 34.33 -4.73
N ASN H 99 -3.08 35.35 -4.14
CA ASN H 99 -2.81 36.74 -4.52
C ASN H 99 -2.46 37.57 -3.29
N ILE H 100 -1.32 38.26 -3.35
CA ILE H 100 -0.87 39.10 -2.24
C ILE H 100 -0.47 40.49 -2.75
N LYS H 101 -1.09 41.52 -2.18
CA LYS H 101 -0.81 42.91 -2.57
C LYS H 101 -0.80 43.81 -1.35
N HIS H 102 0.40 44.29 -1.00
CA HIS H 102 0.55 45.17 0.17
C HIS H 102 1.52 46.32 -0.15
N VAL H 103 1.09 47.55 0.16
CA VAL H 103 1.92 48.73 -0.09
C VAL H 103 2.45 49.31 1.24
N PRO H 104 3.65 48.94 1.68
CA PRO H 104 4.23 49.47 2.96
C PRO H 104 4.89 50.82 2.79
N GLY H 105 4.54 51.76 3.67
CA GLY H 105 5.10 53.10 3.63
C GLY H 105 5.99 53.37 4.84
N GLY H 106 7.30 53.22 4.65
CA GLY H 106 8.25 53.43 5.73
C GLY H 106 9.26 52.30 5.80
N GLY H 107 8.94 51.26 6.57
CA GLY H 107 9.81 50.10 6.73
C GLY H 107 9.03 48.91 7.28
N SER H 108 8.69 47.98 6.39
CA SER H 108 7.94 46.78 6.79
C SER H 108 8.62 45.52 6.25
N VAL H 109 8.19 44.36 6.75
CA VAL H 109 8.75 43.08 6.32
C VAL H 109 7.62 42.12 5.94
N GLN H 110 7.63 41.67 4.69
CA GLN H 110 6.61 40.76 4.18
C GLN H 110 7.25 39.64 3.36
N ILE H 111 7.16 38.40 3.87
CA ILE H 111 7.73 37.24 3.18
C ILE H 111 6.62 36.31 2.71
N VAL H 112 6.85 35.60 1.61
CA VAL H 112 5.84 34.67 1.07
C VAL H 112 6.44 33.28 0.81
N TYR H 113 5.73 32.24 1.26
CA TYR H 113 6.18 30.86 1.07
C TYR H 113 5.14 30.06 0.31
N LYS H 114 5.54 29.51 -0.85
CA LYS H 114 4.63 28.71 -1.67
C LYS H 114 4.56 27.27 -1.13
N PRO H 115 3.62 26.45 -1.60
CA PRO H 115 3.48 25.04 -1.11
C PRO H 115 4.78 24.25 -1.25
N VAL H 116 5.22 23.64 -0.14
CA VAL H 116 6.45 22.86 -0.13
C VAL H 116 6.14 21.41 0.30
N ASP H 117 6.79 20.45 -0.37
CA ASP H 117 6.58 19.04 -0.06
C ASP H 117 7.80 18.44 0.64
N LEU H 118 7.61 18.05 1.90
CA LEU H 118 8.68 17.46 2.69
C LEU H 118 8.31 16.03 3.10
N SER H 119 9.10 15.06 2.63
CA SER H 119 8.87 13.66 2.94
C SER H 119 9.57 13.29 4.25
N LYS H 120 10.88 13.56 4.31
CA LYS H 120 11.67 13.27 5.50
C LYS H 120 12.13 14.58 6.16
N VAL H 121 12.54 14.47 7.43
CA VAL H 121 12.98 15.65 8.18
C VAL H 121 14.03 15.24 9.20
N THR H 122 14.98 16.15 9.47
CA THR H 122 16.07 15.88 10.44
C THR H 122 16.06 16.90 11.57
N SER H 123 16.58 16.49 12.72
CA SER H 123 16.61 17.33 13.91
C SER H 123 17.75 18.35 13.85
N LYS H 124 17.92 19.13 14.93
CA LYS H 124 18.96 20.15 14.98
C LYS H 124 20.27 19.55 15.51
N CYS H 125 20.18 18.87 16.65
CA CYS H 125 21.35 18.25 17.27
C CYS H 125 21.02 16.86 17.79
N GLY H 126 21.91 15.90 17.53
CA GLY H 126 21.73 14.53 17.97
C GLY H 126 22.98 14.00 18.66
N SER H 127 22.79 13.43 19.86
CA SER H 127 23.90 12.88 20.63
C SER H 127 23.58 11.46 21.11
N LEU H 128 24.34 10.50 20.61
CA LEU H 128 24.15 9.09 20.98
C LEU H 128 22.71 8.66 20.71
N GLY H 129 22.44 7.38 20.94
CA GLY H 129 21.09 6.82 20.72
C GLY H 129 20.97 5.43 21.32
N GLU I 67 -26.73 12.88 -48.37
CA GLU I 67 -26.36 12.01 -47.21
C GLU I 67 -25.19 12.63 -46.47
N ASN I 68 -25.44 13.05 -45.22
CA ASN I 68 -24.40 13.66 -44.39
C ASN I 68 -24.11 12.79 -43.17
N LEU I 69 -22.87 12.30 -43.09
CA LEU I 69 -22.47 11.46 -41.97
C LEU I 69 -21.06 11.83 -41.50
N LYS I 70 -20.77 11.56 -40.22
CA LYS I 70 -19.46 11.88 -39.66
C LYS I 70 -18.61 10.61 -39.53
N HIS I 71 -19.10 9.65 -38.72
CA HIS I 71 -18.37 8.39 -38.51
C HIS I 71 -16.91 8.65 -38.12
N GLN I 72 -16.65 9.82 -37.55
CA GLN I 72 -15.29 10.19 -37.12
C GLN I 72 -15.23 10.37 -35.58
N PRO I 73 -15.51 9.33 -34.79
CA PRO I 73 -15.46 9.41 -33.30
C PRO I 73 -14.04 9.61 -32.79
N GLY I 74 -13.94 9.86 -31.47
CA GLY I 74 -12.63 10.08 -30.84
C GLY I 74 -12.58 11.43 -30.15
N GLY I 75 -11.56 12.22 -30.47
CA GLY I 75 -11.39 13.54 -29.87
C GLY I 75 -11.14 13.44 -28.38
N GLY I 76 -9.86 13.40 -28.01
CA GLY I 76 -9.46 13.30 -26.60
C GLY I 76 -8.11 13.94 -26.36
N LYS I 77 -8.03 14.73 -25.29
CA LYS I 77 -6.79 15.42 -24.92
C LYS I 77 -6.67 15.59 -23.42
N VAL I 78 -5.50 16.02 -22.96
CA VAL I 78 -5.25 16.24 -21.53
C VAL I 78 -5.51 14.94 -20.76
N GLN I 79 -4.43 14.20 -20.48
CA GLN I 79 -4.54 12.93 -19.75
C GLN I 79 -3.42 12.80 -18.73
N ILE I 80 -3.79 12.54 -17.48
CA ILE I 80 -2.82 12.38 -16.40
C ILE I 80 -3.12 11.08 -15.64
N ILE I 81 -2.16 10.15 -15.62
CA ILE I 81 -2.35 8.88 -14.92
C ILE I 81 -1.18 8.58 -13.99
N ASN I 82 -1.48 8.02 -12.82
CA ASN I 82 -0.47 7.70 -11.82
C ASN I 82 0.18 6.34 -12.12
N LYS I 83 1.46 6.20 -11.78
CA LYS I 83 2.22 4.97 -12.04
C LYS I 83 1.96 3.88 -11.01
N LYS I 84 1.33 2.79 -11.47
CA LYS I 84 1.04 1.65 -10.59
C LYS I 84 2.26 0.74 -10.53
N LEU I 85 2.65 0.39 -9.30
CA LEU I 85 3.83 -0.46 -9.07
C LEU I 85 3.42 -1.93 -8.96
N ASP I 86 3.98 -2.75 -9.86
CA ASP I 86 3.71 -4.19 -9.86
C ASP I 86 5.03 -4.96 -9.72
N LEU I 87 5.42 -5.25 -8.48
CA LEU I 87 6.66 -5.96 -8.21
C LEU I 87 6.39 -7.37 -7.70
N SER I 88 7.31 -8.29 -8.01
CA SER I 88 7.19 -9.69 -7.59
C SER I 88 8.55 -10.20 -7.14
N ASN I 89 8.71 -10.36 -5.83
CA ASN I 89 9.98 -10.84 -5.26
C ASN I 89 9.77 -12.13 -4.47
N VAL I 90 10.81 -12.95 -4.41
CA VAL I 90 10.75 -14.23 -3.68
C VAL I 90 12.04 -14.41 -2.87
N GLN I 91 11.89 -14.48 -1.54
CA GLN I 91 13.04 -14.65 -0.65
C GLN I 91 12.87 -15.92 0.19
N SER I 92 13.91 -16.76 0.20
CA SER I 92 13.88 -18.00 0.96
C SER I 92 15.27 -18.34 1.49
N LYS I 93 15.33 -18.80 2.75
CA LYS I 93 16.60 -19.16 3.36
C LYS I 93 16.91 -20.64 3.11
N CYS I 94 15.87 -21.48 3.16
CA CYS I 94 16.01 -22.91 2.93
C CYS I 94 15.33 -23.35 1.63
N GLY I 95 14.31 -22.59 1.20
CA GLY I 95 13.58 -22.91 -0.02
C GLY I 95 12.60 -24.04 0.21
N SER I 96 11.88 -24.42 -0.85
CA SER I 96 10.90 -25.51 -0.75
C SER I 96 11.58 -26.86 -0.96
N LYS I 97 11.19 -27.84 -0.15
CA LYS I 97 11.76 -29.19 -0.24
C LYS I 97 10.67 -30.22 -0.50
N ASP I 98 10.91 -31.08 -1.50
CA ASP I 98 9.95 -32.12 -1.86
C ASP I 98 10.68 -33.39 -2.32
N ASN I 99 10.15 -34.54 -1.92
CA ASN I 99 10.74 -35.82 -2.28
C ASN I 99 9.68 -36.73 -2.91
N ILE I 100 10.01 -37.26 -4.10
CA ILE I 100 9.09 -38.15 -4.81
C ILE I 100 9.83 -39.42 -5.27
N LYS I 101 9.30 -40.57 -4.88
CA LYS I 101 9.92 -41.85 -5.24
C LYS I 101 8.83 -42.88 -5.55
N HIS I 102 8.72 -43.24 -6.83
CA HIS I 102 7.72 -44.22 -7.27
C HIS I 102 8.32 -45.19 -8.29
N VAL I 103 8.12 -46.49 -8.05
CA VAL I 103 8.63 -47.52 -8.96
C VAL I 103 7.47 -48.17 -9.75
N PRO I 104 7.16 -47.69 -10.97
CA PRO I 104 6.06 -48.28 -11.79
C PRO I 104 6.50 -49.51 -12.57
N GLY I 105 5.70 -50.58 -12.46
CA GLY I 105 6.00 -51.83 -13.16
C GLY I 105 4.97 -52.11 -14.24
N GLY I 106 5.33 -51.76 -15.49
CA GLY I 106 4.43 -51.98 -16.63
C GLY I 106 4.36 -50.73 -17.50
N GLY I 107 3.41 -49.84 -17.18
CA GLY I 107 3.24 -48.61 -17.93
C GLY I 107 2.43 -47.59 -17.13
N SER I 108 3.14 -46.62 -16.54
CA SER I 108 2.48 -45.58 -15.74
C SER I 108 2.95 -44.19 -16.18
N VAL I 109 2.24 -43.17 -15.70
CA VAL I 109 2.57 -41.78 -16.04
C VAL I 109 2.66 -40.94 -14.77
N GLN I 110 3.84 -40.35 -14.53
CA GLN I 110 4.06 -39.52 -13.35
C GLN I 110 4.81 -38.25 -13.72
N ILE I 111 4.14 -37.11 -13.57
CA ILE I 111 4.75 -35.81 -13.89
C ILE I 111 4.93 -34.98 -12.62
N VAL I 112 5.95 -34.12 -12.60
CA VAL I 112 6.21 -33.28 -11.41
C VAL I 112 6.37 -31.81 -11.81
N TYR I 113 5.70 -30.93 -11.06
CA TYR I 113 5.76 -29.49 -11.32
C TYR I 113 6.26 -28.74 -10.09
N LYS I 114 7.37 -28.03 -10.24
CA LYS I 114 7.96 -27.26 -9.13
C LYS I 114 7.23 -25.92 -8.98
N PRO I 115 7.45 -25.18 -7.89
CA PRO I 115 6.76 -23.86 -7.68
C PRO I 115 6.98 -22.90 -8.85
N VAL I 116 5.88 -22.37 -9.38
CA VAL I 116 5.93 -21.43 -10.50
C VAL I 116 5.29 -20.11 -10.10
N ASP I 117 5.91 -18.99 -10.53
CA ASP I 117 5.39 -17.67 -10.21
C ASP I 117 4.80 -17.00 -11.45
N LEU I 118 3.48 -16.78 -11.42
CA LEU I 118 2.78 -16.14 -12.53
C LEU I 118 2.14 -14.82 -12.08
N SER I 119 2.60 -13.72 -12.67
CA SER I 119 2.07 -12.40 -12.33
C SER I 119 0.84 -12.09 -13.17
N LYS I 120 1.01 -12.19 -14.50
CA LYS I 120 -0.09 -11.94 -15.43
C LYS I 120 -0.50 -13.24 -16.12
N VAL I 121 -1.70 -13.24 -16.72
CA VAL I 121 -2.22 -14.42 -17.41
C VAL I 121 -3.13 -13.98 -18.57
N THR I 122 -3.15 -14.79 -19.64
CA THR I 122 -3.96 -14.48 -20.83
C THR I 122 -4.94 -15.63 -21.11
N SER I 123 -6.06 -15.27 -21.76
CA SER I 123 -7.12 -16.24 -22.06
C SER I 123 -6.76 -17.08 -23.29
N LYS I 124 -7.68 -17.95 -23.70
CA LYS I 124 -7.46 -18.82 -24.86
C LYS I 124 -7.86 -18.13 -26.15
N CYS I 125 -9.09 -17.59 -26.17
CA CYS I 125 -9.60 -16.90 -27.35
C CYS I 125 -10.35 -15.63 -26.95
N GLY I 126 -10.09 -14.55 -27.68
CA GLY I 126 -10.73 -13.26 -27.40
C GLY I 126 -11.30 -12.66 -28.68
N SER I 127 -12.57 -12.25 -28.62
CA SER I 127 -13.24 -11.65 -29.78
C SER I 127 -13.94 -10.35 -29.38
N LEU I 128 -13.47 -9.24 -29.94
CA LEU I 128 -14.05 -7.93 -29.65
C LEU I 128 -14.05 -7.66 -28.15
N GLY I 129 -14.48 -6.45 -27.76
CA GLY I 129 -14.52 -6.06 -26.36
C GLY I 129 -15.32 -4.78 -26.18
N GLU J 67 47.18 -10.54 30.82
CA GLU J 67 45.99 -9.77 30.39
C GLU J 67 45.51 -10.30 29.03
N ASN J 68 44.31 -10.89 29.03
CA ASN J 68 43.73 -11.45 27.81
C ASN J 68 42.45 -10.70 27.44
N LEU J 69 42.48 -10.06 26.27
CA LEU J 69 41.33 -9.29 25.78
C LEU J 69 41.12 -9.52 24.29
N LYS J 70 39.88 -9.38 23.84
CA LYS J 70 39.54 -9.57 22.42
C LYS J 70 39.38 -8.23 21.72
N HIS J 71 38.39 -7.44 22.16
CA HIS J 71 38.13 -6.13 21.57
C HIS J 71 37.99 -6.22 20.04
N GLN J 72 37.61 -7.42 19.55
CA GLN J 72 37.43 -7.65 18.12
C GLN J 72 35.97 -7.99 17.79
N PRO J 73 35.02 -7.09 18.06
CA PRO J 73 33.57 -7.35 17.78
C PRO J 73 33.29 -7.41 16.28
N GLY J 74 32.05 -7.78 15.93
CA GLY J 74 31.65 -7.90 14.53
C GLY J 74 31.15 -9.30 14.22
N GLY J 75 31.72 -9.91 13.18
CA GLY J 75 31.33 -11.26 12.77
C GLY J 75 29.89 -11.29 12.29
N GLY J 76 29.70 -11.12 10.98
CA GLY J 76 28.36 -11.13 10.40
C GLY J 76 28.40 -11.61 8.95
N LYS J 77 27.46 -12.50 8.60
CA LYS J 77 27.38 -13.06 7.26
C LYS J 77 25.94 -13.38 6.88
N VAL J 78 25.71 -13.71 5.61
CA VAL J 78 24.38 -14.04 5.12
C VAL J 78 23.42 -12.88 5.40
N GLN J 79 23.19 -12.05 4.39
CA GLN J 79 22.30 -10.89 4.52
C GLN J 79 21.44 -10.72 3.26
N ILE J 80 20.14 -10.65 3.46
CA ILE J 80 19.19 -10.50 2.35
C ILE J 80 18.23 -9.35 2.67
N ILE J 81 18.23 -8.31 1.83
CA ILE J 81 17.35 -7.16 2.06
C ILE J 81 16.56 -6.82 0.78
N ASN J 82 15.30 -6.43 0.97
CA ASN J 82 14.43 -6.09 -0.15
C ASN J 82 14.63 -4.63 -0.58
N LYS J 83 14.47 -4.38 -1.88
CA LYS J 83 14.67 -3.03 -2.45
C LYS J 83 13.48 -2.10 -2.23
N LYS J 84 13.69 -1.07 -1.42
CA LYS J 84 12.65 -0.07 -1.14
C LYS J 84 12.63 0.98 -2.25
N LEU J 85 11.44 1.23 -2.78
CA LEU J 85 11.28 2.20 -3.87
C LEU J 85 10.91 3.57 -3.33
N ASP J 86 11.76 4.56 -3.65
CA ASP J 86 11.54 5.93 -3.22
C ASP J 86 11.50 6.85 -4.45
N LEU J 87 10.30 7.05 -4.99
CA LEU J 87 10.11 7.89 -6.17
C LEU J 87 9.39 9.19 -5.83
N SER J 88 9.71 10.25 -6.57
CA SER J 88 9.10 11.55 -6.37
C SER J 88 8.78 12.19 -7.72
N ASN J 89 7.49 12.22 -8.08
CA ASN J 89 7.06 12.80 -9.35
C ASN J 89 6.08 13.95 -9.12
N VAL J 90 6.06 14.90 -10.07
CA VAL J 90 5.17 16.05 -9.98
C VAL J 90 4.54 16.31 -11.35
N GLN J 91 3.20 16.21 -11.40
CA GLN J 91 2.47 16.43 -12.65
C GLN J 91 1.45 17.56 -12.48
N SER J 92 1.49 18.52 -13.41
CA SER J 92 0.57 19.66 -13.36
C SER J 92 0.21 20.13 -14.77
N LYS J 93 -1.07 20.44 -14.97
CA LYS J 93 -1.55 20.90 -16.28
C LYS J 93 -1.44 22.42 -16.37
N CYS J 94 -1.75 23.10 -15.26
CA CYS J 94 -1.69 24.56 -15.21
C CYS J 94 -0.58 25.05 -14.29
N GLY J 95 -0.20 24.22 -13.30
CA GLY J 95 0.85 24.56 -12.36
C GLY J 95 0.33 25.53 -11.30
N SER J 96 1.21 25.94 -10.39
CA SER J 96 0.84 26.86 -9.31
C SER J 96 0.97 28.30 -9.80
N LYS J 97 -0.01 29.13 -9.42
CA LYS J 97 -0.02 30.54 -9.82
C LYS J 97 -0.05 31.45 -8.59
N ASP J 98 0.85 32.43 -8.57
CA ASP J 98 0.93 33.37 -7.47
C ASP J 98 1.32 34.76 -7.96
N ASN J 99 0.70 35.78 -7.38
CA ASN J 99 0.96 37.16 -7.75
C ASN J 99 1.32 38.00 -6.52
N ILE J 100 2.46 38.69 -6.59
CA ILE J 100 2.91 39.53 -5.47
C ILE J 100 3.30 40.92 -5.99
N LYS J 101 2.69 41.95 -5.41
CA LYS J 101 2.96 43.33 -5.80
C LYS J 101 2.98 44.25 -4.57
N HIS J 102 4.17 44.72 -4.21
CA HIS J 102 4.33 45.60 -3.05
C HIS J 102 5.28 46.75 -3.37
N VAL J 103 4.85 47.98 -3.07
CA VAL J 103 5.67 49.17 -3.31
C VAL J 103 6.20 49.74 -1.97
N PRO J 104 7.41 49.38 -1.53
CA PRO J 104 7.98 49.89 -0.25
C PRO J 104 8.65 51.25 -0.42
N GLY J 105 8.30 52.19 0.46
CA GLY J 105 8.85 53.54 0.42
C GLY J 105 9.74 53.80 1.64
N GLY J 106 11.05 53.64 1.45
CA GLY J 106 12.01 53.87 2.52
C GLY J 106 13.02 52.73 2.59
N GLY J 107 12.69 51.69 3.37
CA GLY J 107 13.57 50.53 3.52
C GLY J 107 12.80 49.34 4.07
N SER J 108 12.44 48.41 3.18
CA SER J 108 11.70 47.21 3.58
C SER J 108 12.38 45.95 3.04
N VAL J 109 11.95 44.80 3.54
CA VAL J 109 12.51 43.51 3.11
C VAL J 109 11.39 42.55 2.73
N GLN J 110 11.40 42.11 1.47
CA GLN J 110 10.38 41.18 0.97
C GLN J 110 11.02 40.07 0.15
N ILE J 111 10.92 38.84 0.65
CA ILE J 111 11.50 37.67 -0.04
C ILE J 111 10.38 36.73 -0.51
N VAL J 112 10.62 36.03 -1.61
CA VAL J 112 9.61 35.10 -2.15
C VAL J 112 10.22 33.71 -2.41
N TYR J 113 9.50 32.68 -1.98
CA TYR J 113 9.96 31.30 -2.15
C TYR J 113 8.91 30.49 -2.93
N LYS J 114 9.32 29.94 -4.07
CA LYS J 114 8.42 29.14 -4.90
C LYS J 114 8.34 27.70 -4.36
N PRO J 115 7.39 26.88 -4.83
CA PRO J 115 7.26 25.47 -4.34
C PRO J 115 8.56 24.68 -4.48
N VAL J 116 9.00 24.08 -3.37
CA VAL J 116 10.23 23.29 -3.36
C VAL J 116 9.91 21.85 -2.94
N ASP J 117 10.57 20.89 -3.60
CA ASP J 117 10.36 19.47 -3.30
C ASP J 117 11.58 18.88 -2.60
N LEU J 118 11.39 18.48 -1.33
CA LEU J 118 12.46 17.89 -0.54
C LEU J 118 12.09 16.46 -0.13
N SER J 119 12.88 15.49 -0.62
CA SER J 119 12.65 14.09 -0.29
C SER J 119 13.35 13.72 1.01
N LYS J 120 14.66 14.00 1.07
CA LYS J 120 15.44 13.70 2.27
C LYS J 120 15.90 15.00 2.92
N VAL J 121 16.30 14.91 4.20
CA VAL J 121 16.76 16.09 4.94
C VAL J 121 17.82 15.67 5.97
N THR J 122 18.76 16.58 6.25
CA THR J 122 19.84 16.31 7.20
C THR J 122 19.84 17.33 8.35
N SER J 123 20.35 16.91 9.49
CA SER J 123 20.38 17.76 10.68
C SER J 123 21.53 18.77 10.63
N LYS J 124 21.69 19.56 11.70
CA LYS J 124 22.73 20.58 11.76
C LYS J 124 24.03 19.97 12.29
N CYS J 125 23.95 19.30 13.43
CA CYS J 125 25.12 18.68 14.05
C CYS J 125 24.78 17.29 14.57
N GLY J 126 25.67 16.33 14.30
CA GLY J 126 25.49 14.95 14.75
C GLY J 126 26.74 14.42 15.44
N SER J 127 26.55 13.85 16.63
CA SER J 127 27.66 13.30 17.41
C SER J 127 27.34 11.90 17.88
N LEU J 128 28.11 10.92 17.39
CA LEU J 128 27.91 9.52 17.76
C LEU J 128 26.48 9.08 17.48
N GLY J 129 26.19 7.80 17.72
CA GLY J 129 24.86 7.25 17.49
C GLY J 129 24.74 5.86 18.10
N GLU A 67 -37.42 31.12 -17.52
CA GLU A 67 -37.71 29.71 -17.18
C GLU A 67 -39.17 29.38 -17.51
N ASN A 68 -39.39 28.80 -18.69
CA ASN A 68 -40.74 28.44 -19.12
C ASN A 68 -40.72 27.17 -19.96
N LEU A 69 -41.91 26.68 -20.32
CA LEU A 69 -42.05 25.48 -21.13
C LEU A 69 -41.39 24.28 -20.44
N LYS A 70 -42.23 23.35 -19.97
CA LYS A 70 -41.76 22.15 -19.28
C LYS A 70 -41.06 22.50 -17.96
N HIS A 71 -39.82 22.99 -18.04
CA HIS A 71 -39.07 23.36 -16.84
C HIS A 71 -39.00 22.18 -15.87
N GLN A 72 -38.47 21.06 -16.35
CA GLN A 72 -38.35 19.84 -15.55
C GLN A 72 -36.88 19.61 -15.11
N PRO A 73 -36.38 20.35 -14.11
CA PRO A 73 -34.97 20.17 -13.63
C PRO A 73 -34.79 18.85 -12.88
N GLY A 74 -33.63 18.22 -13.11
CA GLY A 74 -33.31 16.95 -12.46
C GLY A 74 -31.92 16.97 -11.86
N GLY A 75 -31.84 16.70 -10.56
CA GLY A 75 -30.56 16.69 -9.85
C GLY A 75 -30.43 17.90 -8.93
N GLY A 76 -29.49 18.79 -9.27
CA GLY A 76 -29.26 20.00 -8.49
C GLY A 76 -28.06 19.82 -7.57
N LYS A 77 -28.30 19.85 -6.26
CA LYS A 77 -27.24 19.69 -5.26
C LYS A 77 -27.39 18.36 -4.54
N VAL A 78 -26.42 17.47 -4.73
CA VAL A 78 -26.44 16.16 -4.10
C VAL A 78 -25.02 15.67 -3.81
N GLN A 79 -24.76 15.34 -2.54
CA GLN A 79 -23.45 14.86 -2.11
C GLN A 79 -23.58 13.54 -1.36
N ILE A 80 -22.90 12.51 -1.86
CA ILE A 80 -22.94 11.18 -1.25
C ILE A 80 -21.53 10.63 -1.05
N ILE A 81 -21.29 10.05 0.13
CA ILE A 81 -19.99 9.47 0.45
C ILE A 81 -20.16 8.20 1.29
N ASN A 82 -19.37 7.18 0.96
CA ASN A 82 -19.44 5.89 1.66
C ASN A 82 -18.06 5.45 2.13
N LYS A 83 -18.03 4.78 3.29
CA LYS A 83 -16.76 4.30 3.86
C LYS A 83 -16.77 2.78 3.95
N LYS A 84 -15.76 2.15 3.35
CA LYS A 84 -15.65 0.70 3.37
C LYS A 84 -14.63 0.25 4.41
N LEU A 85 -14.92 -0.87 5.07
CA LEU A 85 -14.05 -1.42 6.10
C LEU A 85 -13.65 -2.85 5.76
N ASP A 86 -12.40 -3.19 6.04
CA ASP A 86 -11.86 -4.52 5.74
C ASP A 86 -11.90 -5.48 6.93
N LEU A 87 -12.29 -6.71 6.64
CA LEU A 87 -12.37 -7.76 7.68
C LEU A 87 -11.22 -8.75 7.55
N SER A 88 -10.28 -8.67 8.49
CA SER A 88 -9.12 -9.57 8.50
C SER A 88 -9.41 -10.79 9.37
N ASN A 89 -8.88 -11.95 8.97
CA ASN A 89 -9.10 -13.19 9.71
C ASN A 89 -7.81 -13.63 10.41
N VAL A 90 -7.97 -14.19 11.62
CA VAL A 90 -6.83 -14.67 12.40
C VAL A 90 -6.62 -16.16 12.17
N GLN A 91 -5.40 -16.63 12.37
CA GLN A 91 -5.06 -18.03 12.17
C GLN A 91 -4.74 -18.70 13.51
N SER A 92 -4.58 -20.02 13.47
CA SER A 92 -4.29 -20.79 14.69
C SER A 92 -2.80 -21.06 14.81
N LYS A 93 -2.39 -21.65 15.94
CA LYS A 93 -0.98 -21.97 16.17
C LYS A 93 -0.64 -23.36 15.65
N CYS A 94 -1.58 -24.30 15.82
CA CYS A 94 -1.38 -25.68 15.35
C CYS A 94 -1.82 -25.86 13.90
N GLY A 95 -2.65 -24.93 13.40
CA GLY A 95 -3.13 -25.00 12.02
C GLY A 95 -3.97 -26.26 11.81
N SER A 96 -3.73 -26.94 10.69
CA SER A 96 -4.46 -28.16 10.36
C SER A 96 -3.54 -29.37 10.47
N LYS A 97 -3.97 -30.37 11.24
CA LYS A 97 -3.18 -31.59 11.43
C LYS A 97 -4.09 -32.81 11.43
N ASP A 98 -3.91 -33.67 10.42
CA ASP A 98 -4.72 -34.89 10.30
C ASP A 98 -3.94 -35.99 9.62
N ASN A 99 -4.20 -37.24 10.05
CA ASN A 99 -3.53 -38.40 9.47
C ASN A 99 -4.55 -39.34 8.83
N ILE A 100 -4.34 -39.65 7.55
CA ILE A 100 -5.24 -40.53 6.82
C ILE A 100 -4.65 -41.94 6.73
N LYS A 101 -5.26 -42.88 7.43
CA LYS A 101 -4.80 -44.28 7.43
C LYS A 101 -5.68 -45.11 6.52
N HIS A 102 -5.10 -45.56 5.41
CA HIS A 102 -5.83 -46.38 4.43
C HIS A 102 -4.96 -47.52 3.93
N VAL A 103 -5.47 -48.75 4.02
CA VAL A 103 -4.70 -49.91 3.54
C VAL A 103 -5.62 -50.91 2.82
N PRO A 104 -5.80 -50.80 1.49
CA PRO A 104 -6.66 -51.75 0.73
C PRO A 104 -5.89 -52.98 0.26
N GLY A 105 -6.63 -53.95 -0.31
CA GLY A 105 -6.03 -55.18 -0.81
C GLY A 105 -6.06 -55.24 -2.33
N GLY A 106 -7.19 -54.81 -2.90
CA GLY A 106 -7.36 -54.81 -4.34
C GLY A 106 -8.60 -54.03 -4.75
N GLY A 107 -8.40 -52.83 -5.30
CA GLY A 107 -9.51 -51.98 -5.72
C GLY A 107 -9.89 -50.99 -4.63
N SER A 108 -9.45 -49.74 -4.79
CA SER A 108 -9.75 -48.69 -3.82
C SER A 108 -9.36 -47.33 -4.37
N VAL A 109 -9.99 -46.28 -3.84
CA VAL A 109 -9.70 -44.91 -4.28
C VAL A 109 -9.83 -43.94 -3.10
N GLN A 110 -8.80 -43.12 -2.90
CA GLN A 110 -8.80 -42.15 -1.80
C GLN A 110 -8.87 -40.72 -2.35
N ILE A 111 -9.43 -39.82 -1.54
CA ILE A 111 -9.57 -38.41 -1.93
C ILE A 111 -9.06 -37.51 -0.81
N VAL A 112 -8.03 -36.71 -1.12
CA VAL A 112 -7.44 -35.79 -0.14
C VAL A 112 -7.36 -34.38 -0.73
N TYR A 113 -8.14 -33.46 -0.18
CA TYR A 113 -8.15 -32.08 -0.64
C TYR A 113 -7.64 -31.15 0.46
N LYS A 114 -6.78 -30.20 0.08
CA LYS A 114 -6.21 -29.25 1.03
C LYS A 114 -7.09 -27.99 1.13
N PRO A 115 -6.95 -27.16 2.17
CA PRO A 115 -7.79 -25.93 2.34
C PRO A 115 -7.48 -24.85 1.31
N VAL A 116 -8.35 -23.84 1.23
CA VAL A 116 -8.18 -22.75 0.28
C VAL A 116 -8.54 -21.42 0.95
N ASP A 117 -7.69 -20.41 0.76
CA ASP A 117 -7.91 -19.09 1.34
C ASP A 117 -8.53 -18.15 0.30
N LEU A 118 -9.78 -17.74 0.55
CA LEU A 118 -10.49 -16.84 -0.36
C LEU A 118 -10.60 -15.45 0.25
N SER A 119 -9.82 -14.51 -0.28
CA SER A 119 -9.83 -13.13 0.22
C SER A 119 -10.89 -12.32 -0.53
N LYS A 120 -10.76 -12.26 -1.86
CA LYS A 120 -11.71 -11.52 -2.69
C LYS A 120 -11.86 -12.21 -4.04
N VAL A 121 -13.12 -12.52 -4.40
CA VAL A 121 -13.41 -13.18 -5.68
C VAL A 121 -14.72 -12.64 -6.25
N THR A 122 -14.62 -12.01 -7.42
CA THR A 122 -15.79 -11.45 -8.09
C THR A 122 -16.14 -12.26 -9.34
N SER A 123 -17.38 -12.75 -9.40
CA SER A 123 -17.84 -13.55 -10.53
C SER A 123 -19.22 -13.08 -10.98
N LYS A 124 -19.28 -12.47 -12.16
CA LYS A 124 -20.54 -11.97 -12.71
C LYS A 124 -21.36 -13.13 -13.28
N CYS A 125 -20.74 -13.92 -14.15
CA CYS A 125 -21.41 -15.06 -14.77
C CYS A 125 -20.46 -16.26 -14.86
N GLY A 126 -20.98 -17.44 -14.50
CA GLY A 126 -20.18 -18.66 -14.54
C GLY A 126 -21.07 -19.88 -14.73
N SER A 127 -20.63 -20.79 -15.62
CA SER A 127 -21.38 -22.01 -15.90
C SER A 127 -20.48 -23.23 -15.81
N LEU A 128 -20.75 -24.07 -14.81
CA LEU A 128 -19.96 -25.28 -14.60
C LEU A 128 -20.77 -26.51 -14.97
N GLY A 129 -20.26 -27.30 -15.92
CA GLY A 129 -20.92 -28.51 -16.37
C GLY A 129 -20.45 -29.72 -15.58
N GLU B 67 18.03 -33.33 34.28
CA GLU B 67 17.47 -32.01 34.68
C GLU B 67 17.55 -31.85 36.19
N ASN B 68 18.60 -31.17 36.66
CA ASN B 68 18.79 -30.94 38.09
C ASN B 68 19.46 -29.60 38.35
N LEU B 69 19.57 -29.24 39.63
CA LEU B 69 20.20 -27.97 40.02
C LEU B 69 19.45 -26.79 39.40
N LYS B 70 18.75 -26.03 40.25
CA LYS B 70 17.98 -24.85 39.83
C LYS B 70 16.83 -25.26 38.90
N HIS B 71 17.14 -25.59 37.64
CA HIS B 71 16.11 -25.98 36.68
C HIS B 71 15.01 -24.92 36.60
N GLN B 72 15.42 -23.69 36.27
CA GLN B 72 14.48 -22.58 36.17
C GLN B 72 14.23 -22.20 34.69
N PRO B 73 13.41 -22.97 33.96
CA PRO B 73 13.11 -22.67 32.52
C PRO B 73 12.24 -21.43 32.36
N GLY B 74 12.53 -20.63 31.35
CA GLY B 74 11.78 -19.41 31.08
C GLY B 74 11.38 -19.31 29.61
N GLY B 75 10.07 -19.19 29.36
CA GLY B 75 9.55 -19.09 28.00
C GLY B 75 8.83 -20.37 27.59
N GLY B 76 9.41 -21.09 26.62
CA GLY B 76 8.84 -22.34 26.14
C GLY B 76 8.08 -22.11 24.83
N LYS B 77 6.76 -22.32 24.87
CA LYS B 77 5.91 -22.14 23.69
C LYS B 77 5.00 -20.92 23.89
N VAL B 78 5.21 -19.89 23.05
CA VAL B 78 4.41 -18.67 23.14
C VAL B 78 4.26 -18.05 21.75
N GLN B 79 3.00 -17.83 21.33
CA GLN B 79 2.70 -17.24 20.03
C GLN B 79 1.78 -16.04 20.20
N ILE B 80 2.24 -14.88 19.73
CA ILE B 80 1.45 -13.65 19.82
C ILE B 80 1.37 -12.94 18.46
N ILE B 81 0.17 -12.47 18.12
CA ILE B 81 -0.04 -11.76 16.86
C ILE B 81 -1.04 -10.64 17.03
N ASN B 82 -0.74 -9.48 16.43
CA ASN B 82 -1.63 -8.31 16.53
C ASN B 82 -1.96 -7.75 15.16
N LYS B 83 -3.17 -7.22 15.02
CA LYS B 83 -3.62 -6.64 13.75
C LYS B 83 -3.91 -5.15 13.91
N LYS B 84 -3.26 -4.33 13.09
CA LYS B 84 -3.45 -2.88 13.13
C LYS B 84 -4.39 -2.43 12.03
N LEU B 85 -5.23 -1.44 12.34
CA LEU B 85 -6.19 -0.91 11.37
C LEU B 85 -5.99 0.60 11.20
N ASP B 86 -6.14 1.06 9.97
CA ASP B 86 -5.94 2.48 9.63
C ASP B 86 -7.23 3.29 9.59
N LEU B 87 -7.18 4.49 10.17
CA LEU B 87 -8.33 5.38 10.20
C LEU B 87 -8.19 6.53 9.20
N SER B 88 -8.97 6.46 8.12
CA SER B 88 -8.94 7.51 7.09
C SER B 88 -10.00 8.56 7.39
N ASN B 89 -9.68 9.82 7.06
CA ASN B 89 -10.60 10.93 7.29
C ASN B 89 -11.17 11.46 5.98
N VAL B 90 -12.44 11.85 6.01
CA VAL B 90 -13.12 12.37 4.83
C VAL B 90 -13.05 13.90 4.82
N GLN B 91 -13.14 14.49 3.63
CA GLN B 91 -13.09 15.95 3.49
C GLN B 91 -14.44 16.49 3.06
N SER B 92 -14.57 17.83 3.05
CA SER B 92 -15.82 18.48 2.67
C SER B 92 -15.76 18.94 1.21
N LYS B 93 -16.89 19.44 0.71
CA LYS B 93 -16.97 19.91 -0.67
C LYS B 93 -16.59 21.38 -0.77
N CYS B 94 -17.01 22.17 0.22
CA CYS B 94 -16.71 23.60 0.26
C CYS B 94 -15.36 23.88 0.94
N GLY B 95 -14.87 22.91 1.72
CA GLY B 95 -13.59 23.08 2.42
C GLY B 95 -13.66 24.24 3.41
N SER B 96 -12.62 25.06 3.43
CA SER B 96 -12.55 26.21 4.33
C SER B 96 -12.69 27.51 3.55
N LYS B 97 -13.65 28.35 3.97
CA LYS B 97 -13.88 29.63 3.30
C LYS B 97 -14.16 30.72 4.33
N ASP B 98 -13.27 31.70 4.41
CA ASP B 98 -13.43 32.81 5.36
C ASP B 98 -12.79 34.08 4.83
N ASN B 99 -13.42 35.22 5.15
CA ASN B 99 -12.91 36.52 4.71
C ASN B 99 -12.54 37.37 5.92
N ILE B 100 -11.30 37.86 5.95
CA ILE B 100 -10.82 38.69 7.05
C ILE B 100 -10.84 40.16 6.63
N LYS B 101 -11.74 40.93 7.24
CA LYS B 101 -11.86 42.36 6.94
C LYS B 101 -11.19 43.18 8.04
N HIS B 102 -10.08 43.83 7.68
CA HIS B 102 -9.33 44.64 8.65
C HIS B 102 -8.86 45.94 8.00
N VAL B 103 -9.19 47.08 8.62
CA VAL B 103 -8.76 48.37 8.07
C VAL B 103 -8.31 49.32 9.20
N PRO B 104 -7.02 49.33 9.57
CA PRO B 104 -6.50 50.24 10.63
C PRO B 104 -6.11 51.61 10.10
N GLY B 105 -5.78 52.52 11.01
CA GLY B 105 -5.38 53.89 10.63
C GLY B 105 -3.90 54.10 10.91
N GLY B 106 -3.43 53.60 12.06
CA GLY B 106 -2.03 53.74 12.45
C GLY B 106 -1.71 52.86 13.64
N GLY B 107 -0.98 51.76 13.40
CA GLY B 107 -0.61 50.84 14.46
C GLY B 107 -1.61 49.68 14.55
N SER B 108 -1.21 48.52 14.00
CA SER B 108 -2.07 47.35 14.02
C SER B 108 -1.30 46.11 13.56
N VAL B 109 -1.77 44.94 14.00
CA VAL B 109 -1.12 43.67 13.63
C VAL B 109 -2.17 42.58 13.46
N GLN B 110 -2.11 41.87 12.32
CA GLN B 110 -3.06 40.79 12.04
C GLN B 110 -2.35 39.44 12.03
N ILE B 111 -3.10 38.39 12.35
CA ILE B 111 -2.55 37.03 12.39
C ILE B 111 -3.46 36.07 11.62
N VAL B 112 -2.90 35.46 10.57
CA VAL B 112 -3.67 34.52 9.74
C VAL B 112 -2.89 33.21 9.58
N TYR B 113 -3.42 32.14 10.16
CA TYR B 113 -2.79 30.82 10.09
C TYR B 113 -3.68 29.85 9.32
N LYS B 114 -3.06 29.08 8.42
CA LYS B 114 -3.78 28.11 7.61
C LYS B 114 -3.84 26.74 8.32
N PRO B 115 -4.73 25.84 7.92
CA PRO B 115 -4.86 24.48 8.58
C PRO B 115 -3.66 23.58 8.32
N VAL B 116 -3.58 22.49 9.08
CA VAL B 116 -2.47 21.53 8.92
C VAL B 116 -3.01 20.11 9.03
N ASP B 117 -2.56 19.25 8.11
CA ASP B 117 -2.99 17.85 8.09
C ASP B 117 -1.94 16.95 8.75
N LEU B 118 -2.30 16.37 9.89
CA LEU B 118 -1.38 15.48 10.62
C LEU B 118 -1.81 14.03 10.48
N SER B 119 -1.07 13.26 9.68
CA SER B 119 -1.36 11.86 9.47
C SER B 119 -0.68 11.00 10.53
N LYS B 120 0.65 11.11 10.61
CA LYS B 120 1.43 10.35 11.59
C LYS B 120 2.64 11.17 12.02
N VAL B 121 2.79 11.35 13.34
CA VAL B 121 3.90 12.11 13.89
C VAL B 121 4.36 11.47 15.21
N THR B 122 5.61 10.99 15.22
CA THR B 122 6.18 10.36 16.41
C THR B 122 7.24 11.26 17.04
N SER B 123 7.06 11.58 18.31
CA SER B 123 8.01 12.43 19.04
C SER B 123 8.32 11.84 20.41
N LYS B 124 9.56 11.37 20.58
CA LYS B 124 9.99 10.78 21.84
C LYS B 124 10.28 11.87 22.87
N CYS B 125 11.12 12.83 22.48
CA CYS B 125 11.48 13.94 23.36
C CYS B 125 11.53 15.25 22.58
N GLY B 126 10.96 16.30 23.16
CA GLY B 126 10.94 17.62 22.53
C GLY B 126 10.86 18.73 23.57
N SER B 127 11.67 19.77 23.37
CA SER B 127 11.69 20.91 24.29
C SER B 127 11.56 22.22 23.53
N LEU B 128 10.42 22.90 23.74
CA LEU B 128 10.16 24.18 23.06
C LEU B 128 10.26 25.33 24.06
N GLY B 129 11.16 26.27 23.78
CA GLY B 129 11.35 27.43 24.65
C GLY B 129 10.48 28.60 24.20
N GLU C 67 -33.67 31.53 -20.78
CA GLU C 67 -33.96 30.10 -20.44
C GLU C 67 -35.41 29.80 -20.75
N ASN C 68 -35.64 29.20 -21.92
CA ASN C 68 -36.99 28.84 -22.36
C ASN C 68 -36.98 27.57 -23.20
N LEU C 69 -38.18 27.09 -23.55
CA LEU C 69 -38.32 25.87 -24.36
C LEU C 69 -37.65 24.68 -23.67
N LYS C 70 -38.49 23.75 -23.19
CA LYS C 70 -38.02 22.54 -22.50
C LYS C 70 -37.32 22.89 -21.18
N HIS C 71 -36.08 23.40 -21.26
CA HIS C 71 -35.32 23.77 -20.07
C HIS C 71 -35.24 22.59 -19.09
N GLN C 72 -34.72 21.46 -19.58
CA GLN C 72 -34.59 20.25 -18.77
C GLN C 72 -33.13 20.02 -18.34
N PRO C 73 -32.62 20.75 -17.35
CA PRO C 73 -31.21 20.58 -16.87
C PRO C 73 -31.01 19.27 -16.13
N GLY C 74 -29.86 18.63 -16.36
CA GLY C 74 -29.56 17.36 -15.70
C GLY C 74 -28.15 17.39 -15.10
N GLY C 75 -28.07 17.12 -13.80
CA GLY C 75 -26.78 17.10 -13.10
C GLY C 75 -26.65 18.32 -12.18
N GLY C 76 -25.71 19.21 -12.53
CA GLY C 76 -25.48 20.42 -11.75
C GLY C 76 -24.26 20.24 -10.84
N LYS C 77 -24.50 20.27 -9.53
CA LYS C 77 -23.44 20.11 -8.55
C LYS C 77 -23.59 18.79 -7.81
N VAL C 78 -22.61 17.89 -8.01
CA VAL C 78 -22.63 16.58 -7.37
C VAL C 78 -21.21 16.09 -7.08
N GLN C 79 -20.96 15.77 -5.81
CA GLN C 79 -19.63 15.29 -5.39
C GLN C 79 -19.77 13.97 -4.64
N ILE C 80 -19.09 12.94 -5.15
CA ILE C 80 -19.13 11.61 -4.53
C ILE C 80 -17.72 11.06 -4.32
N ILE C 81 -17.48 10.48 -3.15
CA ILE C 81 -16.17 9.90 -2.84
C ILE C 81 -16.34 8.64 -1.99
N ASN C 82 -15.56 7.61 -2.33
CA ASN C 82 -15.63 6.33 -1.61
C ASN C 82 -14.24 5.89 -1.15
N LYS C 83 -14.20 5.22 0.00
CA LYS C 83 -12.94 4.74 0.58
C LYS C 83 -12.96 3.22 0.67
N LYS C 84 -11.95 2.58 0.07
CA LYS C 84 -11.82 1.13 0.08
C LYS C 84 -10.80 0.68 1.12
N LEU C 85 -11.10 -0.43 1.79
CA LEU C 85 -10.21 -0.98 2.82
C LEU C 85 -9.82 -2.41 2.47
N ASP C 86 -8.56 -2.76 2.76
CA ASP C 86 -8.02 -4.08 2.45
C ASP C 86 -8.05 -5.05 3.64
N LEU C 87 -8.46 -6.29 3.36
CA LEU C 87 -8.53 -7.32 4.40
C LEU C 87 -7.38 -8.31 4.27
N SER C 88 -6.44 -8.23 5.21
CA SER C 88 -5.28 -9.13 5.22
C SER C 88 -5.58 -10.35 6.10
N ASN C 89 -5.05 -11.51 5.69
CA ASN C 89 -5.27 -12.75 6.43
C ASN C 89 -3.98 -13.19 7.13
N VAL C 90 -4.13 -13.74 8.34
CA VAL C 90 -2.99 -14.21 9.12
C VAL C 90 -2.78 -15.71 8.89
N GLN C 91 -1.55 -16.17 9.08
CA GLN C 91 -1.22 -17.59 8.88
C GLN C 91 -0.90 -18.25 10.23
N SER C 92 -0.74 -19.58 10.20
CA SER C 92 -0.45 -20.35 11.41
C SER C 92 1.05 -20.62 11.53
N LYS C 93 1.46 -21.21 12.65
CA LYS C 93 2.88 -21.52 12.88
C LYS C 93 3.21 -22.91 12.35
N CYS C 94 2.28 -23.85 12.53
CA CYS C 94 2.47 -25.23 12.08
C CYS C 94 2.02 -25.42 10.62
N GLY C 95 1.20 -24.49 10.12
CA GLY C 95 0.70 -24.56 8.75
C GLY C 95 -0.14 -25.82 8.55
N SER C 96 0.09 -26.49 7.42
CA SER C 96 -0.64 -27.72 7.10
C SER C 96 0.29 -28.94 7.21
N LYS C 97 -0.15 -29.93 7.98
CA LYS C 97 0.64 -31.15 8.18
C LYS C 97 -0.26 -32.37 8.18
N ASP C 98 -0.09 -33.24 7.17
CA ASP C 98 -0.91 -34.45 7.07
C ASP C 98 -0.14 -35.57 6.37
N ASN C 99 -0.39 -36.80 6.81
CA ASN C 99 0.27 -37.97 6.24
C ASN C 99 -0.75 -38.90 5.60
N ILE C 100 -0.54 -39.22 4.32
CA ILE C 100 -1.46 -40.10 3.59
C ILE C 100 -0.86 -41.51 3.50
N LYS C 101 -1.48 -42.45 4.21
CA LYS C 101 -1.01 -43.84 4.22
C LYS C 101 -1.90 -44.69 3.31
N HIS C 102 -1.32 -45.13 2.19
CA HIS C 102 -2.06 -45.95 1.22
C HIS C 102 -1.19 -47.09 0.72
N VAL C 103 -1.69 -48.33 0.82
CA VAL C 103 -0.93 -49.49 0.34
C VAL C 103 -1.86 -50.49 -0.38
N PRO C 104 -2.04 -50.39 -1.70
CA PRO C 104 -2.91 -51.33 -2.47
C PRO C 104 -2.15 -52.58 -2.92
N GLY C 105 -2.89 -53.53 -3.49
CA GLY C 105 -2.29 -54.78 -3.98
C GLY C 105 -2.33 -54.82 -5.51
N GLY C 106 -3.46 -54.41 -6.08
CA GLY C 106 -3.63 -54.40 -7.52
C GLY C 106 -4.89 -53.62 -7.92
N GLY C 107 -4.68 -52.43 -8.48
CA GLY C 107 -5.79 -51.58 -8.91
C GLY C 107 -6.17 -50.58 -7.81
N SER C 108 -5.73 -49.33 -7.97
CA SER C 108 -6.02 -48.29 -7.00
C SER C 108 -5.62 -46.91 -7.56
N VAL C 109 -6.25 -45.86 -7.04
CA VAL C 109 -5.97 -44.50 -7.48
C VAL C 109 -6.09 -43.53 -6.29
N GLN C 110 -5.06 -42.71 -6.11
CA GLN C 110 -5.05 -41.73 -5.01
C GLN C 110 -5.12 -40.31 -5.55
N ILE C 111 -5.68 -39.40 -4.75
CA ILE C 111 -5.82 -38.00 -5.14
C ILE C 111 -5.30 -37.09 -4.03
N VAL C 112 -4.27 -36.30 -4.35
CA VAL C 112 -3.68 -35.37 -3.37
C VAL C 112 -3.59 -33.97 -3.97
N TYR C 113 -4.37 -33.04 -3.41
CA TYR C 113 -4.39 -31.66 -3.88
C TYR C 113 -3.87 -30.73 -2.78
N LYS C 114 -3.01 -29.78 -3.17
CA LYS C 114 -2.44 -28.83 -2.22
C LYS C 114 -3.31 -27.57 -2.12
N PRO C 115 -3.15 -26.74 -1.08
CA PRO C 115 -4.00 -25.51 -0.91
C PRO C 115 -3.70 -24.43 -1.95
N VAL C 116 -4.57 -23.43 -2.02
CA VAL C 116 -4.40 -22.33 -2.97
C VAL C 116 -4.76 -21.00 -2.31
N ASP C 117 -3.91 -20.00 -2.51
CA ASP C 117 -4.13 -18.67 -1.93
C ASP C 117 -4.75 -17.74 -2.96
N LEU C 118 -6.00 -17.32 -2.72
CA LEU C 118 -6.70 -16.42 -3.62
C LEU C 118 -6.81 -15.03 -3.01
N SER C 119 -6.03 -14.10 -3.55
CA SER C 119 -6.04 -12.71 -3.06
C SER C 119 -7.10 -11.90 -3.80
N LYS C 120 -6.98 -11.85 -5.13
CA LYS C 120 -7.94 -11.11 -5.96
C LYS C 120 -8.10 -11.80 -7.30
N VAL C 121 -9.35 -12.11 -7.65
CA VAL C 121 -9.65 -12.77 -8.93
C VAL C 121 -10.96 -12.23 -9.50
N THR C 122 -10.87 -11.61 -10.67
CA THR C 122 -12.05 -11.05 -11.34
C THR C 122 -12.40 -11.86 -12.58
N SER C 123 -13.64 -12.35 -12.63
CA SER C 123 -14.11 -13.14 -13.77
C SER C 123 -15.49 -12.68 -14.21
N LYS C 124 -15.55 -12.07 -15.40
CA LYS C 124 -16.82 -11.58 -15.94
C LYS C 124 -17.64 -12.74 -16.50
N CYS C 125 -17.02 -13.53 -17.38
CA CYS C 125 -17.69 -14.67 -17.98
C CYS C 125 -16.74 -15.86 -18.07
N GLY C 126 -17.26 -17.04 -17.71
CA GLY C 126 -16.47 -18.27 -17.74
C GLY C 126 -17.36 -19.49 -17.94
N SER C 127 -16.92 -20.39 -18.83
CA SER C 127 -17.68 -21.62 -19.11
C SER C 127 -16.77 -22.84 -19.01
N LEU C 128 -17.04 -23.68 -18.00
CA LEU C 128 -16.25 -24.89 -17.79
C LEU C 128 -17.07 -26.13 -18.16
N GLY C 129 -16.55 -26.91 -19.11
CA GLY C 129 -17.23 -28.13 -19.56
C GLY C 129 -16.76 -29.33 -18.77
N GLU D 67 21.79 -32.88 31.05
CA GLU D 67 21.23 -31.55 31.44
C GLU D 67 21.30 -31.40 32.95
N ASN D 68 22.35 -30.71 33.43
CA ASN D 68 22.53 -30.49 34.86
C ASN D 68 23.20 -29.14 35.12
N LEU D 69 23.31 -28.78 36.40
CA LEU D 69 23.92 -27.51 36.81
C LEU D 69 23.18 -26.33 36.18
N LYS D 70 22.47 -25.58 37.03
CA LYS D 70 21.71 -24.41 36.60
C LYS D 70 20.55 -24.81 35.66
N HIS D 71 20.87 -25.13 34.41
CA HIS D 71 19.85 -25.54 33.44
C HIS D 71 18.74 -24.47 33.36
N GLN D 72 19.15 -23.24 33.03
CA GLN D 72 18.22 -22.13 32.93
C GLN D 72 17.97 -21.75 31.45
N PRO D 73 17.16 -22.52 30.72
CA PRO D 73 16.86 -22.22 29.28
C PRO D 73 15.98 -20.98 29.12
N GLY D 74 16.29 -20.18 28.09
CA GLY D 74 15.52 -18.96 27.83
C GLY D 74 15.14 -18.87 26.36
N GLY D 75 13.82 -18.75 26.11
CA GLY D 75 13.32 -18.65 24.75
C GLY D 75 12.60 -19.93 24.34
N GLY D 76 13.19 -20.64 23.37
CA GLY D 76 12.61 -21.89 22.88
C GLY D 76 11.86 -21.66 21.57
N LYS D 77 10.54 -21.87 21.60
CA LYS D 77 9.70 -21.69 20.42
C LYS D 77 8.79 -20.48 20.60
N VAL D 78 9.01 -19.45 19.77
CA VAL D 78 8.20 -18.23 19.85
C VAL D 78 8.05 -17.60 18.46
N GLN D 79 6.80 -17.38 18.05
CA GLN D 79 6.51 -16.80 16.75
C GLN D 79 5.59 -15.59 16.91
N ILE D 80 6.03 -14.43 16.43
CA ILE D 80 5.24 -13.20 16.53
C ILE D 80 5.17 -12.49 15.17
N ILE D 81 3.97 -12.03 14.83
CA ILE D 81 3.78 -11.31 13.56
C ILE D 81 2.75 -10.19 13.73
N ASN D 82 3.06 -9.04 13.14
CA ASN D 82 2.17 -7.87 13.24
C ASN D 82 1.86 -7.31 11.86
N LYS D 83 0.64 -6.78 11.71
CA LYS D 83 0.19 -6.20 10.44
C LYS D 83 -0.11 -4.71 10.61
N LYS D 84 0.55 -3.89 9.78
CA LYS D 84 0.36 -2.44 9.83
C LYS D 84 -0.58 -1.99 8.73
N LEU D 85 -1.43 -1.00 9.04
CA LEU D 85 -2.38 -0.47 8.07
C LEU D 85 -2.19 1.04 7.90
N ASP D 86 -2.33 1.50 6.66
CA ASP D 86 -2.12 2.92 6.32
C ASP D 86 -3.41 3.74 6.27
N LEU D 87 -3.37 4.93 6.86
CA LEU D 87 -4.53 5.83 6.89
C LEU D 87 -4.38 6.96 5.89
N SER D 88 -5.16 6.90 4.81
CA SER D 88 -5.13 7.94 3.77
C SER D 88 -6.19 9.00 4.07
N ASN D 89 -5.88 10.26 3.75
CA ASN D 89 -6.79 11.37 3.98
C ASN D 89 -7.36 11.88 2.66
N VAL D 90 -8.64 12.28 2.69
CA VAL D 90 -9.31 12.80 1.50
C VAL D 90 -9.24 14.34 1.51
N GLN D 91 -9.33 14.93 0.32
CA GLN D 91 -9.28 16.39 0.18
C GLN D 91 -10.64 16.93 -0.27
N SER D 92 -10.76 18.26 -0.27
CA SER D 92 -12.01 18.91 -0.66
C SER D 92 -11.95 19.36 -2.11
N LYS D 93 -13.07 19.87 -2.62
CA LYS D 93 -13.15 20.33 -4.00
C LYS D 93 -12.77 21.82 -4.10
N CYS D 94 -13.19 22.59 -3.11
CA CYS D 94 -12.90 24.03 -3.07
C CYS D 94 -11.57 24.31 -2.38
N GLY D 95 -11.06 23.35 -1.60
CA GLY D 95 -9.79 23.51 -0.89
C GLY D 95 -9.87 24.67 0.10
N SER D 96 -8.83 25.49 0.13
CA SER D 96 -8.77 26.64 1.03
C SER D 96 -8.91 27.94 0.25
N LYS D 97 -9.87 28.78 0.67
CA LYS D 97 -10.11 30.06 -0.01
C LYS D 97 -10.40 31.15 1.03
N ASP D 98 -9.50 32.14 1.12
CA ASP D 98 -9.66 33.23 2.06
C ASP D 98 -9.03 34.52 1.54
N ASN D 99 -9.65 35.64 1.86
CA ASN D 99 -9.15 36.95 1.42
C ASN D 99 -8.79 37.81 2.63
N ILE D 100 -7.55 38.29 2.66
CA ILE D 100 -7.07 39.12 3.77
C ILE D 100 -7.09 40.59 3.35
N LYS D 101 -8.00 41.37 3.96
CA LYS D 101 -8.12 42.79 3.66
C LYS D 101 -7.46 43.61 4.76
N HIS D 102 -6.34 44.26 4.43
CA HIS D 102 -5.60 45.07 5.38
C HIS D 102 -5.14 46.37 4.74
N VAL D 103 -5.47 47.52 5.36
CA VAL D 103 -5.05 48.81 4.82
C VAL D 103 -4.60 49.76 5.95
N PRO D 104 -3.31 49.78 6.32
CA PRO D 104 -2.81 50.68 7.40
C PRO D 104 -2.41 52.06 6.86
N GLY D 105 -2.09 52.96 7.78
CA GLY D 105 -1.68 54.32 7.41
C GLY D 105 -0.20 54.55 7.69
N GLY D 106 0.26 54.04 8.84
CA GLY D 106 1.65 54.18 9.23
C GLY D 106 1.98 53.30 10.43
N GLY D 107 2.70 52.21 10.19
CA GLY D 107 3.07 51.28 11.25
C GLY D 107 2.09 50.12 11.33
N SER D 108 2.48 48.97 10.78
CA SER D 108 1.63 47.79 10.80
C SER D 108 2.40 46.56 10.34
N VAL D 109 1.93 45.37 10.76
CA VAL D 109 2.59 44.12 10.41
C VAL D 109 1.54 43.02 10.23
N GLN D 110 1.60 42.32 9.08
CA GLN D 110 0.65 41.23 8.80
C GLN D 110 1.36 39.89 8.80
N ILE D 111 0.62 38.83 9.12
CA ILE D 111 1.17 37.47 9.16
C ILE D 111 0.27 36.51 8.38
N VAL D 112 0.83 35.91 7.32
CA VAL D 112 0.07 34.97 6.49
C VAL D 112 0.86 33.66 6.34
N TYR D 113 0.31 32.59 6.92
CA TYR D 113 0.96 31.27 6.84
C TYR D 113 0.08 30.30 6.05
N LYS D 114 0.71 29.53 5.17
CA LYS D 114 -0.02 28.55 4.35
C LYS D 114 -0.08 27.19 5.06
N PRO D 115 -0.97 26.28 4.66
CA PRO D 115 -1.09 24.94 5.31
C PRO D 115 0.11 24.03 5.05
N VAL D 116 0.20 22.93 5.81
CA VAL D 116 1.30 21.98 5.66
C VAL D 116 0.76 20.55 5.77
N ASP D 117 1.22 19.69 4.85
CA ASP D 117 0.79 18.29 4.83
C ASP D 117 1.84 17.41 5.48
N LEU D 118 1.48 16.81 6.63
CA LEU D 118 2.39 15.93 7.36
C LEU D 118 1.96 14.47 7.22
N SER D 119 2.72 13.71 6.42
CA SER D 119 2.42 12.30 6.20
C SER D 119 3.10 11.45 7.27
N LYS D 120 4.43 11.57 7.34
CA LYS D 120 5.20 10.81 8.32
C LYS D 120 6.43 11.61 8.77
N VAL D 121 6.55 11.80 10.09
CA VAL D 121 7.67 12.55 10.66
C VAL D 121 8.12 11.92 11.96
N THR D 122 9.37 11.45 11.99
CA THR D 122 9.94 10.82 13.18
C THR D 122 11.00 11.71 13.81
N SER D 123 10.81 12.03 15.09
CA SER D 123 11.75 12.89 15.82
C SER D 123 12.06 12.30 17.19
N LYS D 124 13.29 11.83 17.36
CA LYS D 124 13.71 11.23 18.63
C LYS D 124 14.00 12.33 19.66
N CYS D 125 14.84 13.29 19.27
CA CYS D 125 15.20 14.40 20.15
C CYS D 125 15.25 15.71 19.37
N GLY D 126 14.67 16.76 19.96
CA GLY D 126 14.65 18.07 19.32
C GLY D 126 14.56 19.19 20.36
N SER D 127 15.37 20.24 20.18
CA SER D 127 15.39 21.37 21.10
C SER D 127 15.25 22.68 20.33
N LEU D 128 14.12 23.36 20.54
CA LEU D 128 13.86 24.63 19.87
C LEU D 128 13.95 25.78 20.87
N GLY D 129 14.85 26.73 20.59
CA GLY D 129 15.04 27.88 21.46
C GLY D 129 14.16 29.05 21.01
N GLU E 67 -29.92 31.93 -24.04
CA GLU E 67 -30.20 30.50 -23.70
C GLU E 67 -31.67 30.19 -24.00
N ASN E 68 -31.90 29.60 -25.18
CA ASN E 68 -33.25 29.25 -25.60
C ASN E 68 -33.24 27.97 -26.44
N LEU E 69 -34.44 27.48 -26.78
CA LEU E 69 -34.58 26.27 -27.58
C LEU E 69 -33.93 25.07 -26.90
N LYS E 70 -34.75 24.15 -26.42
CA LYS E 70 -34.28 22.94 -25.72
C LYS E 70 -33.58 23.30 -24.41
N HIS E 71 -32.34 23.80 -24.49
CA HIS E 71 -31.58 24.17 -23.31
C HIS E 71 -31.51 22.99 -22.33
N GLN E 72 -30.98 21.87 -22.82
CA GLN E 72 -30.85 20.66 -22.01
C GLN E 72 -29.38 20.43 -21.58
N PRO E 73 -28.87 21.16 -20.59
CA PRO E 73 -27.46 20.99 -20.11
C PRO E 73 -27.26 19.68 -19.37
N GLY E 74 -26.11 19.04 -19.60
CA GLY E 74 -25.79 17.77 -18.95
C GLY E 74 -24.39 17.80 -18.36
N GLY E 75 -24.31 17.53 -17.05
CA GLY E 75 -23.01 17.52 -16.36
C GLY E 75 -22.88 18.73 -15.45
N GLY E 76 -21.94 19.62 -15.80
CA GLY E 76 -21.70 20.83 -15.03
C GLY E 76 -20.48 20.65 -14.12
N LYS E 77 -20.72 20.69 -12.81
CA LYS E 77 -19.65 20.53 -11.82
C LYS E 77 -19.80 19.20 -11.09
N VAL E 78 -18.83 18.31 -11.29
CA VAL E 78 -18.84 17.00 -10.65
C VAL E 78 -17.42 16.52 -10.37
N GLN E 79 -17.15 16.20 -9.09
CA GLN E 79 -15.84 15.72 -8.68
C GLN E 79 -15.97 14.39 -7.93
N ILE E 80 -15.28 13.36 -8.44
CA ILE E 80 -15.33 12.04 -7.81
C ILE E 80 -13.91 11.48 -7.62
N ILE E 81 -13.67 10.90 -6.44
CA ILE E 81 -12.36 10.33 -6.13
C ILE E 81 -12.53 9.07 -5.28
N ASN E 82 -11.75 8.03 -5.62
CA ASN E 82 -11.82 6.76 -4.89
C ASN E 82 -10.44 6.32 -4.44
N LYS E 83 -10.39 5.65 -3.28
CA LYS E 83 -9.13 5.17 -2.71
C LYS E 83 -9.13 3.65 -2.61
N LYS E 84 -8.13 3.02 -3.23
CA LYS E 84 -8.02 1.56 -3.21
C LYS E 84 -6.99 1.12 -2.17
N LEU E 85 -7.29 0.00 -1.50
CA LEU E 85 -6.39 -0.54 -0.48
C LEU E 85 -6.00 -1.98 -0.81
N ASP E 86 -4.74 -2.33 -0.53
CA ASP E 86 -4.19 -3.66 -0.85
C ASP E 86 -4.22 -4.61 0.33
N LEU E 87 -4.64 -5.86 0.07
CA LEU E 87 -4.70 -6.89 1.11
C LEU E 87 -3.55 -7.88 0.98
N SER E 88 -2.61 -7.80 1.92
CA SER E 88 -1.46 -8.71 1.93
C SER E 88 -1.76 -9.92 2.81
N ASN E 89 -1.23 -11.08 2.40
CA ASN E 89 -1.44 -12.31 3.15
C ASN E 89 -0.16 -12.76 3.84
N VAL E 90 -0.31 -13.31 5.05
CA VAL E 90 0.84 -13.78 5.83
C VAL E 90 1.04 -15.27 5.60
N GLN E 91 2.28 -15.74 5.79
CA GLN E 91 2.61 -17.16 5.59
C GLN E 91 2.93 -17.81 6.93
N SER E 92 3.10 -19.14 6.91
CA SER E 92 3.39 -19.90 8.12
C SER E 92 4.89 -20.18 8.23
N LYS E 93 5.30 -20.76 9.36
CA LYS E 93 6.72 -21.08 9.58
C LYS E 93 7.05 -22.47 9.06
N CYS E 94 6.11 -23.40 9.24
CA CYS E 94 6.30 -24.79 8.79
C CYS E 94 5.85 -24.98 7.34
N GLY E 95 5.01 -24.05 6.84
CA GLY E 95 4.52 -24.13 5.47
C GLY E 95 3.68 -25.38 5.27
N SER E 96 3.91 -26.07 4.15
CA SER E 96 3.16 -27.29 3.83
C SER E 96 4.09 -28.51 3.93
N LYS E 97 3.66 -29.49 4.73
CA LYS E 97 4.45 -30.72 4.92
C LYS E 97 3.55 -31.94 4.92
N ASP E 98 3.70 -32.81 3.91
CA ASP E 98 2.89 -34.01 3.82
C ASP E 98 3.66 -35.14 3.13
N ASN E 99 3.41 -36.37 3.57
CA ASN E 99 4.07 -37.54 3.00
C ASN E 99 3.03 -38.47 2.37
N ILE E 100 3.24 -38.80 1.09
CA ILE E 100 2.33 -39.68 0.36
C ILE E 100 2.92 -41.09 0.27
N LYS E 101 2.30 -42.03 0.99
CA LYS E 101 2.77 -43.41 0.98
C LYS E 101 1.88 -44.26 0.09
N HIS E 102 2.45 -44.71 -1.03
CA HIS E 102 1.71 -45.53 -2.00
C HIS E 102 2.58 -46.67 -2.50
N VAL E 103 2.07 -47.91 -2.40
CA VAL E 103 2.83 -49.07 -2.87
C VAL E 103 1.90 -50.09 -3.59
N PRO E 104 1.71 -49.98 -4.91
CA PRO E 104 0.83 -50.92 -5.67
C PRO E 104 1.59 -52.16 -6.13
N GLY E 105 0.85 -53.12 -6.69
CA GLY E 105 1.44 -54.37 -7.18
C GLY E 105 1.40 -54.42 -8.70
N GLY E 106 0.26 -54.00 -9.26
CA GLY E 106 0.09 -54.00 -10.72
C GLY E 106 -1.17 -53.22 -11.10
N GLY E 107 -0.97 -52.03 -11.67
CA GLY E 107 -2.08 -51.18 -12.08
C GLY E 107 -2.44 -50.18 -11.00
N SER E 108 -2.01 -48.94 -11.17
CA SER E 108 -2.29 -47.88 -10.20
C SER E 108 -1.90 -46.52 -10.76
N VAL E 109 -2.52 -45.46 -10.23
CA VAL E 109 -2.24 -44.10 -10.68
C VAL E 109 -2.35 -43.13 -9.51
N GLN E 110 -1.32 -42.31 -9.31
CA GLN E 110 -1.31 -41.33 -8.22
C GLN E 110 -1.38 -39.90 -8.77
N ILE E 111 -1.93 -38.99 -7.96
CA ILE E 111 -2.07 -37.59 -8.36
C ILE E 111 -1.55 -36.68 -7.25
N VAL E 112 -0.52 -35.89 -7.58
CA VAL E 112 0.07 -34.97 -6.60
C VAL E 112 0.16 -33.56 -7.20
N TYR E 113 -0.62 -32.63 -6.64
CA TYR E 113 -0.64 -31.25 -7.11
C TYR E 113 -0.10 -30.32 -6.03
N LYS E 114 0.75 -29.37 -6.42
CA LYS E 114 1.34 -28.42 -5.49
C LYS E 114 0.45 -27.16 -5.38
N PRO E 115 0.61 -26.33 -4.34
CA PRO E 115 -0.22 -25.10 -4.17
C PRO E 115 0.08 -24.03 -5.21
N VAL E 116 -0.80 -23.02 -5.29
CA VAL E 116 -0.63 -21.92 -6.24
C VAL E 116 -0.98 -20.59 -5.57
N ASP E 117 -0.13 -19.59 -5.78
CA ASP E 117 -0.36 -18.26 -5.20
C ASP E 117 -0.98 -17.32 -6.23
N LEU E 118 -2.22 -16.91 -5.98
CA LEU E 118 -2.93 -16.01 -6.89
C LEU E 118 -3.04 -14.62 -6.28
N SER E 119 -2.26 -13.67 -6.82
CA SER E 119 -2.26 -12.30 -6.34
C SER E 119 -3.32 -11.49 -7.07
N LYS E 120 -3.21 -11.44 -8.40
CA LYS E 120 -4.16 -10.70 -9.23
C LYS E 120 -4.34 -11.40 -10.59
N VAL E 121 -5.59 -11.71 -10.92
CA VAL E 121 -5.90 -12.38 -12.19
C VAL E 121 -7.21 -11.83 -12.76
N THR E 122 -7.12 -11.21 -13.94
CA THR E 122 -8.30 -10.65 -14.60
C THR E 122 -8.66 -11.46 -15.83
N SER E 123 -9.90 -11.94 -15.87
CA SER E 123 -10.37 -12.75 -17.00
C SER E 123 -11.76 -12.28 -17.45
N LYS E 124 -11.83 -11.67 -18.63
CA LYS E 124 -13.09 -11.19 -19.18
C LYS E 124 -13.92 -12.34 -19.73
N CYS E 125 -13.30 -13.14 -20.60
CA CYS E 125 -13.97 -14.28 -21.21
C CYS E 125 -13.03 -15.47 -21.29
N GLY E 126 -13.55 -16.65 -20.93
CA GLY E 126 -12.76 -17.89 -20.96
C GLY E 126 -13.66 -19.10 -21.15
N SER E 127 -13.23 -20.01 -22.04
CA SER E 127 -13.98 -21.23 -22.32
C SER E 127 -13.08 -22.45 -22.22
N LEU E 128 -13.34 -23.29 -21.21
CA LEU E 128 -12.55 -24.50 -21.00
C LEU E 128 -13.37 -25.74 -21.36
N GLY E 129 -12.85 -26.53 -22.31
CA GLY E 129 -13.53 -27.74 -22.75
C GLY E 129 -13.07 -28.95 -21.96
N GLU F 67 25.57 -32.42 27.82
CA GLU F 67 25.00 -31.09 28.21
C GLU F 67 25.05 -30.94 29.73
N ASN F 68 26.10 -30.25 30.21
CA ASN F 68 26.28 -30.03 31.64
C ASN F 68 26.94 -28.68 31.90
N LEU F 69 27.04 -28.32 33.18
CA LEU F 69 27.65 -27.05 33.59
C LEU F 69 26.91 -25.87 32.96
N LYS F 70 26.19 -25.12 33.82
CA LYS F 70 25.43 -23.95 33.38
C LYS F 70 24.28 -24.35 32.44
N HIS F 71 24.61 -24.68 31.18
CA HIS F 71 23.59 -25.09 30.21
C HIS F 71 22.48 -24.02 30.12
N GLN F 72 22.89 -22.78 29.81
CA GLN F 72 21.95 -21.67 29.69
C GLN F 72 21.71 -21.30 28.21
N PRO F 73 20.91 -22.07 27.48
CA PRO F 73 20.61 -21.77 26.04
C PRO F 73 19.74 -20.53 25.88
N GLY F 74 20.04 -19.73 24.85
CA GLY F 74 19.28 -18.51 24.59
C GLY F 74 18.89 -18.42 23.12
N GLY F 75 17.59 -18.29 22.87
CA GLY F 75 17.08 -18.19 21.49
C GLY F 75 16.38 -19.47 21.08
N GLY F 76 16.97 -20.18 20.11
CA GLY F 76 16.39 -21.43 19.61
C GLY F 76 15.65 -21.20 18.31
N LYS F 77 14.33 -21.42 18.33
CA LYS F 77 13.49 -21.23 17.14
C LYS F 77 12.58 -20.03 17.33
N VAL F 78 12.80 -19.00 16.50
CA VAL F 78 11.99 -17.78 16.57
C VAL F 78 11.84 -17.15 15.18
N GLN F 79 10.59 -16.95 14.77
CA GLN F 79 10.31 -16.35 13.46
C GLN F 79 9.38 -15.14 13.63
N ILE F 80 9.83 -13.99 13.15
CA ILE F 80 9.05 -12.75 13.24
C ILE F 80 8.97 -12.05 11.89
N ILE F 81 7.78 -11.58 11.54
CA ILE F 81 7.58 -10.87 10.27
C ILE F 81 6.56 -9.75 10.44
N ASN F 82 6.86 -8.59 9.86
CA ASN F 82 5.97 -7.43 9.96
C ASN F 82 5.66 -6.86 8.57
N LYS F 83 4.44 -6.34 8.43
CA LYS F 83 4.00 -5.76 7.15
C LYS F 83 3.70 -4.27 7.32
N LYS F 84 4.35 -3.44 6.50
CA LYS F 84 4.17 -1.99 6.54
C LYS F 84 3.22 -1.54 5.43
N LEU F 85 2.38 -0.56 5.73
CA LEU F 85 1.43 -0.03 4.76
C LEU F 85 1.63 1.48 4.59
N ASP F 86 1.48 1.95 3.35
CA ASP F 86 1.70 3.37 3.02
C ASP F 86 0.41 4.18 2.96
N LEU F 87 0.44 5.38 3.57
CA LEU F 87 -0.72 6.27 3.59
C LEU F 87 -0.57 7.41 2.58
N SER F 88 -1.35 7.35 1.51
CA SER F 88 -1.32 8.38 0.48
C SER F 88 -2.38 9.44 0.77
N ASN F 89 -2.07 10.70 0.45
CA ASN F 89 -3.00 11.80 0.68
C ASN F 89 -3.55 12.33 -0.64
N VAL F 90 -4.82 12.71 -0.62
CA VAL F 90 -5.50 13.24 -1.81
C VAL F 90 -5.43 14.77 -1.81
N GLN F 91 -5.52 15.37 -3.00
CA GLN F 91 -5.46 16.83 -3.13
C GLN F 91 -6.82 17.37 -3.58
N SER F 92 -6.94 18.70 -3.58
CA SER F 92 -8.20 19.35 -3.97
C SER F 92 -8.13 19.80 -5.42
N LYS F 93 -9.25 20.31 -5.94
CA LYS F 93 -9.33 20.77 -7.32
C LYS F 93 -8.95 22.26 -7.41
N CYS F 94 -9.38 23.03 -6.41
CA CYS F 94 -9.09 24.47 -6.38
C CYS F 94 -7.75 24.76 -5.69
N GLY F 95 -7.26 23.79 -4.90
CA GLY F 95 -6.00 23.96 -4.19
C GLY F 95 -6.08 25.11 -3.20
N SER F 96 -5.04 25.94 -3.17
CA SER F 96 -5.00 27.08 -2.26
C SER F 96 -5.14 28.39 -3.04
N LYS F 97 -6.09 29.22 -2.64
CA LYS F 97 -6.32 30.50 -3.30
C LYS F 97 -6.61 31.59 -2.27
N ASP F 98 -5.72 32.58 -2.18
CA ASP F 98 -5.90 33.67 -1.23
C ASP F 98 -5.26 34.96 -1.74
N ASN F 99 -5.89 36.08 -1.43
CA ASN F 99 -5.39 37.39 -1.86
C ASN F 99 -5.04 38.25 -0.64
N ILE F 100 -3.79 38.73 -0.61
CA ILE F 100 -3.33 39.57 0.50
C ILE F 100 -3.35 41.04 0.09
N LYS F 101 -4.26 41.81 0.69
CA LYS F 101 -4.37 43.23 0.39
C LYS F 101 -3.73 44.06 1.50
N HIS F 102 -2.60 44.69 1.17
CA HIS F 102 -1.87 45.52 2.12
C HIS F 102 -1.40 46.82 1.48
N VAL F 103 -1.74 47.95 2.11
CA VAL F 103 -1.32 49.25 1.56
C VAL F 103 -0.88 50.20 2.70
N PRO F 104 0.41 50.22 3.08
CA PRO F 104 0.91 51.12 4.16
C PRO F 104 1.30 52.50 3.63
N GLY F 105 1.62 53.41 4.55
CA GLY F 105 2.01 54.77 4.18
C GLY F 105 3.50 54.99 4.48
N GLY F 106 3.96 54.49 5.63
CA GLY F 106 5.35 54.64 6.02
C GLY F 106 5.67 53.74 7.23
N GLY F 107 6.40 52.66 6.97
CA GLY F 107 6.77 51.73 8.03
C GLY F 107 5.77 50.57 8.12
N SER F 108 6.17 49.42 7.57
CA SER F 108 5.32 48.24 7.58
C SER F 108 6.10 47.01 7.13
N VAL F 109 5.63 45.83 7.55
CA VAL F 109 6.30 44.57 7.18
C VAL F 109 5.25 43.47 7.00
N GLN F 110 5.32 42.77 5.87
CA GLN F 110 4.38 41.69 5.57
C GLN F 110 5.09 40.33 5.57
N ILE F 111 4.34 39.28 5.88
CA ILE F 111 4.90 37.92 5.92
C ILE F 111 4.00 36.96 5.14
N VAL F 112 4.56 36.35 4.09
CA VAL F 112 3.81 35.42 3.24
C VAL F 112 4.60 34.11 3.10
N TYR F 113 4.06 33.04 3.67
CA TYR F 113 4.71 31.72 3.60
C TYR F 113 3.83 30.75 2.81
N LYS F 114 4.47 29.98 1.92
CA LYS F 114 3.75 29.01 1.10
C LYS F 114 3.69 27.64 1.80
N PRO F 115 2.81 26.72 1.40
CA PRO F 115 2.69 25.38 2.06
C PRO F 115 3.89 24.48 1.79
N VAL F 116 3.97 23.39 2.55
CA VAL F 116 5.07 22.44 2.41
C VAL F 116 4.54 21.01 2.51
N ASP F 117 5.00 20.15 1.59
CA ASP F 117 4.58 18.75 1.57
C ASP F 117 5.63 17.86 2.23
N LEU F 118 5.26 17.26 3.37
CA LEU F 118 6.18 16.39 4.10
C LEU F 118 5.74 14.93 3.96
N SER F 119 6.51 14.17 3.16
CA SER F 119 6.21 12.75 2.94
C SER F 119 6.88 11.91 4.01
N LYS F 120 8.22 12.02 4.09
CA LYS F 120 8.99 11.27 5.08
C LYS F 120 10.21 12.08 5.53
N VAL F 121 10.33 12.26 6.85
CA VAL F 121 11.44 13.02 7.42
C VAL F 121 11.89 12.38 8.73
N THR F 122 13.14 11.91 8.76
CA THR F 122 13.70 11.28 9.96
C THR F 122 14.76 12.18 10.58
N SER F 123 14.56 12.49 11.87
CA SER F 123 15.50 13.34 12.60
C SER F 123 15.80 12.76 13.97
N LYS F 124 17.04 12.28 14.15
CA LYS F 124 17.46 11.70 15.43
C LYS F 124 17.73 12.79 16.45
N CYS F 125 18.57 13.76 16.06
CA CYS F 125 18.92 14.87 16.95
C CYS F 125 18.97 16.17 16.18
N GLY F 126 18.39 17.22 16.77
CA GLY F 126 18.38 18.55 16.13
C GLY F 126 18.27 19.64 17.17
N SER F 127 19.09 20.70 16.99
CA SER F 127 19.09 21.83 17.91
C SER F 127 18.96 23.14 17.14
N LEU F 128 17.82 23.82 17.34
CA LEU F 128 17.56 25.10 16.67
C LEU F 128 17.64 26.25 17.67
N GLY F 129 18.55 27.18 17.41
CA GLY F 129 18.73 28.34 18.28
C GLY F 129 17.86 29.51 17.83
N GLU G 67 -26.17 32.33 -27.31
CA GLU G 67 -26.46 30.91 -26.95
C GLU G 67 -27.92 30.60 -27.26
N ASN G 68 -28.16 30.00 -28.42
CA ASN G 68 -29.51 29.64 -28.85
C ASN G 68 -29.51 28.37 -29.68
N LEU G 69 -30.70 27.89 -30.02
CA LEU G 69 -30.86 26.66 -30.81
C LEU G 69 -30.20 25.48 -30.12
N LYS G 70 -31.02 24.55 -29.64
CA LYS G 70 -30.55 23.35 -28.95
C LYS G 70 -29.83 23.70 -27.64
N HIS G 71 -28.59 24.21 -27.73
CA HIS G 71 -27.83 24.58 -26.55
C HIS G 71 -27.76 23.40 -25.57
N GLN G 72 -27.23 22.27 -26.06
CA GLN G 72 -27.11 21.07 -25.24
C GLN G 72 -25.64 20.83 -24.82
N PRO G 73 -25.12 21.57 -23.84
CA PRO G 73 -23.70 21.40 -23.37
C PRO G 73 -23.51 20.09 -22.62
N GLY G 74 -22.36 19.45 -22.85
CA GLY G 74 -22.04 18.18 -22.20
C GLY G 74 -20.63 18.20 -21.61
N GLY G 75 -20.54 17.94 -20.31
CA GLY G 75 -19.26 17.92 -19.62
C GLY G 75 -19.11 19.14 -18.71
N GLY G 76 -18.17 20.03 -19.08
CA GLY G 76 -17.92 21.24 -18.30
C GLY G 76 -16.71 21.07 -17.40
N LYS G 77 -16.93 21.11 -16.09
CA LYS G 77 -15.86 20.95 -15.11
C LYS G 77 -16.00 19.62 -14.36
N VAL G 78 -15.03 18.73 -14.58
CA VAL G 78 -15.05 17.42 -13.93
C VAL G 78 -13.63 16.93 -13.65
N GLN G 79 -13.36 16.61 -12.38
CA GLN G 79 -12.04 16.14 -11.97
C GLN G 79 -12.17 14.82 -11.22
N ILE G 80 -11.49 13.79 -11.72
CA ILE G 80 -11.53 12.46 -11.11
C ILE G 80 -10.11 11.91 -10.90
N ILE G 81 -9.86 11.33 -9.73
CA ILE G 81 -8.56 10.75 -9.43
C ILE G 81 -8.72 9.49 -8.57
N ASN G 82 -7.96 8.45 -8.91
CA ASN G 82 -8.01 7.19 -8.18
C ASN G 82 -6.63 6.73 -7.73
N LYS G 83 -6.58 6.08 -6.57
CA LYS G 83 -5.32 5.60 -6.01
C LYS G 83 -5.33 4.07 -5.91
N LYS G 84 -4.32 3.43 -6.52
CA LYS G 84 -4.21 1.98 -6.50
C LYS G 84 -3.18 1.54 -5.46
N LEU G 85 -3.47 0.42 -4.79
CA LEU G 85 -2.57 -0.11 -3.77
C LEU G 85 -2.19 -1.56 -4.11
N ASP G 86 -0.92 -1.90 -3.84
CA ASP G 86 -0.38 -3.23 -4.15
C ASP G 86 -0.40 -4.19 -2.96
N LEU G 87 -0.82 -5.42 -3.23
CA LEU G 87 -0.89 -6.45 -2.18
C LEU G 87 0.25 -7.46 -2.31
N SER G 88 1.20 -7.38 -1.38
CA SER G 88 2.35 -8.28 -1.36
C SER G 88 2.06 -9.48 -0.48
N ASN G 89 2.58 -10.65 -0.89
CA ASN G 89 2.37 -11.88 -0.14
C ASN G 89 3.66 -12.33 0.55
N VAL G 90 3.52 -12.87 1.76
CA VAL G 90 4.66 -13.35 2.53
C VAL G 90 4.87 -14.84 2.30
N GLN G 91 6.10 -15.31 2.50
CA GLN G 91 6.43 -16.72 2.30
C GLN G 91 6.77 -17.38 3.64
N SER G 92 6.92 -18.71 3.61
CA SER G 92 7.22 -19.46 4.83
C SER G 92 8.72 -19.74 4.93
N LYS G 93 9.13 -20.33 6.05
CA LYS G 93 10.55 -20.65 6.27
C LYS G 93 10.88 -22.04 5.76
N CYS G 94 9.94 -22.97 5.95
CA CYS G 94 10.12 -24.36 5.50
C CYS G 94 9.66 -24.55 4.05
N GLY G 95 8.84 -23.62 3.55
CA GLY G 95 8.32 -23.70 2.19
C GLY G 95 7.48 -24.95 2.00
N SER G 96 7.71 -25.64 0.87
CA SER G 96 6.97 -26.87 0.56
C SER G 96 7.89 -28.08 0.66
N LYS G 97 7.47 -29.07 1.45
CA LYS G 97 8.25 -30.28 1.64
C LYS G 97 7.35 -31.51 1.66
N ASP G 98 7.50 -32.38 0.64
CA ASP G 98 6.68 -33.59 0.55
C ASP G 98 7.45 -34.72 -0.14
N ASN G 99 7.20 -35.95 0.32
CA ASN G 99 7.85 -37.12 -0.26
C ASN G 99 6.81 -38.05 -0.88
N ILE G 100 7.02 -38.38 -2.16
CA ILE G 100 6.10 -39.26 -2.88
C ILE G 100 6.68 -40.66 -2.97
N LYS G 101 6.07 -41.61 -2.25
CA LYS G 101 6.54 -42.99 -2.24
C LYS G 101 5.64 -43.84 -3.15
N HIS G 102 6.21 -44.30 -4.27
CA HIS G 102 5.46 -45.12 -5.22
C HIS G 102 6.33 -46.26 -5.74
N VAL G 103 5.83 -47.50 -5.62
CA VAL G 103 6.58 -48.66 -6.11
C VAL G 103 5.64 -49.68 -6.81
N PRO G 104 5.44 -49.57 -8.12
CA PRO G 104 4.57 -50.51 -8.88
C PRO G 104 5.32 -51.76 -9.34
N GLY G 105 4.58 -52.72 -9.89
CA GLY G 105 5.16 -53.96 -10.38
C GLY G 105 5.11 -54.03 -11.91
N GLY G 106 3.98 -53.60 -12.46
CA GLY G 106 3.79 -53.61 -13.91
C GLY G 106 2.54 -52.83 -14.30
N GLY G 107 2.74 -51.63 -14.86
CA GLY G 107 1.62 -50.79 -15.28
C GLY G 107 1.26 -49.79 -14.19
N SER G 108 1.71 -48.54 -14.37
CA SER G 108 1.43 -47.48 -13.40
C SER G 108 1.82 -46.11 -13.97
N VAL G 109 1.19 -45.06 -13.44
CA VAL G 109 1.48 -43.70 -13.89
C VAL G 109 1.37 -42.73 -12.72
N GLN G 110 2.41 -41.90 -12.53
CA GLN G 110 2.43 -40.93 -11.44
C GLN G 110 2.35 -39.50 -12.00
N ILE G 111 1.81 -38.58 -11.19
CA ILE G 111 1.66 -37.19 -11.59
C ILE G 111 2.19 -36.27 -10.48
N VAL G 112 3.22 -35.48 -10.82
CA VAL G 112 3.82 -34.56 -9.84
C VAL G 112 3.92 -33.16 -10.45
N TYR G 113 3.13 -32.23 -9.89
CA TYR G 113 3.12 -30.84 -10.36
C TYR G 113 3.65 -29.91 -9.27
N LYS G 114 4.51 -28.97 -9.69
CA LYS G 114 5.09 -28.01 -8.75
C LYS G 114 4.22 -26.75 -8.65
N PRO G 115 4.38 -25.92 -7.61
CA PRO G 115 3.55 -24.69 -7.43
C PRO G 115 3.84 -23.62 -8.48
N VAL G 116 2.97 -22.60 -8.55
CA VAL G 116 3.14 -21.52 -9.50
C VAL G 116 2.79 -20.18 -8.84
N ASP G 117 3.64 -19.18 -9.06
CA ASP G 117 3.42 -17.86 -8.48
C ASP G 117 2.80 -16.91 -9.52
N LEU G 118 1.55 -16.50 -9.26
CA LEU G 118 0.83 -15.60 -10.16
C LEU G 118 0.73 -14.21 -9.56
N SER G 119 1.52 -13.27 -10.10
CA SER G 119 1.51 -11.89 -9.62
C SER G 119 0.44 -11.08 -10.35
N LYS G 120 0.55 -11.03 -11.68
CA LYS G 120 -0.40 -10.30 -12.51
C LYS G 120 -0.58 -11.00 -13.85
N VAL G 121 -1.84 -11.30 -14.20
CA VAL G 121 -2.15 -11.97 -15.46
C VAL G 121 -3.46 -11.43 -16.03
N THR G 122 -3.38 -10.82 -17.20
CA THR G 122 -4.56 -10.25 -17.86
C THR G 122 -4.92 -11.07 -19.10
N SER G 123 -6.17 -11.55 -19.13
CA SER G 123 -6.64 -12.35 -20.25
C SER G 123 -8.03 -11.89 -20.69
N LYS G 124 -8.10 -11.28 -21.88
CA LYS G 124 -9.37 -10.80 -22.41
C LYS G 124 -10.20 -11.95 -22.96
N CYS G 125 -9.59 -12.75 -23.84
CA CYS G 125 -10.27 -13.89 -24.44
C CYS G 125 -9.33 -15.09 -24.52
N GLY G 126 -9.85 -16.27 -24.16
CA GLY G 126 -9.05 -17.50 -24.19
C GLY G 126 -9.95 -18.71 -24.37
N SER G 127 -9.53 -19.62 -25.25
CA SER G 127 -10.28 -20.84 -25.53
C SER G 127 -9.38 -22.06 -25.43
N LEU G 128 -9.64 -22.90 -24.42
CA LEU G 128 -8.86 -24.12 -24.20
C LEU G 128 -9.68 -25.35 -24.56
N GLY G 129 -9.17 -26.14 -25.52
CA GLY G 129 -9.85 -27.35 -25.95
C GLY G 129 -9.37 -28.56 -25.16
N GLU H 67 29.33 -31.96 24.59
CA GLU H 67 28.76 -30.64 24.98
C GLU H 67 28.81 -30.48 26.49
N ASN H 68 29.85 -29.80 26.98
CA ASN H 68 30.02 -29.58 28.41
C ASN H 68 30.68 -28.23 28.68
N LEU H 69 30.78 -27.87 29.97
CA LEU H 69 31.38 -26.60 30.37
C LEU H 69 30.65 -25.42 29.75
N LYS H 70 29.93 -24.67 30.60
CA LYS H 70 29.16 -23.50 30.16
C LYS H 70 28.01 -23.91 29.22
N HIS H 71 28.35 -24.23 27.96
CA HIS H 71 27.34 -24.63 26.98
C HIS H 71 26.23 -23.57 26.89
N GLN H 72 26.64 -22.33 26.57
CA GLN H 72 25.70 -21.22 26.46
C GLN H 72 25.46 -20.84 24.98
N PRO H 73 24.66 -21.62 24.24
CA PRO H 73 24.38 -21.31 22.80
C PRO H 73 23.49 -20.08 22.64
N GLY H 74 23.80 -19.27 21.62
CA GLY H 74 23.03 -18.06 21.35
C GLY H 74 22.66 -17.96 19.88
N GLY H 75 21.36 -17.84 19.61
CA GLY H 75 20.86 -17.73 18.24
C GLY H 75 20.15 -19.03 17.82
N GLY H 76 20.75 -19.73 16.86
CA GLY H 76 20.17 -20.97 16.36
C GLY H 76 19.44 -20.75 15.05
N LYS H 77 18.12 -20.97 15.07
CA LYS H 77 17.29 -20.78 13.88
C LYS H 77 16.38 -19.58 14.06
N VAL H 78 16.60 -18.54 13.23
CA VAL H 78 15.79 -17.33 13.30
C VAL H 78 15.65 -16.70 11.91
N GLN H 79 14.40 -16.49 11.49
CA GLN H 79 14.11 -15.90 10.19
C GLN H 79 13.18 -14.70 10.35
N ILE H 80 13.64 -13.53 9.87
CA ILE H 80 12.84 -12.30 9.96
C ILE H 80 12.78 -11.60 8.61
N ILE H 81 11.58 -11.13 8.25
CA ILE H 81 11.40 -10.42 6.99
C ILE H 81 10.36 -9.30 7.15
N ASN H 82 10.66 -8.14 6.57
CA ASN H 82 9.78 -6.98 6.67
C ASN H 82 9.47 -6.41 5.28
N LYS H 83 8.25 -5.89 5.14
CA LYS H 83 7.81 -5.31 3.86
C LYS H 83 7.51 -3.82 4.03
N LYS H 84 8.17 -3.00 3.21
CA LYS H 84 7.97 -1.55 3.26
C LYS H 84 7.05 -1.10 2.14
N LEU H 85 6.19 -0.12 2.44
CA LEU H 85 5.24 0.42 1.47
C LEU H 85 5.45 1.93 1.30
N ASP H 86 5.31 2.40 0.05
CA ASP H 86 5.51 3.82 -0.28
C ASP H 86 4.23 4.63 -0.34
N LEU H 87 4.26 5.82 0.26
CA LEU H 87 3.09 6.71 0.28
C LEU H 87 3.24 7.85 -0.71
N SER H 88 2.46 7.79 -1.78
CA SER H 88 2.49 8.83 -2.82
C SER H 88 1.42 9.89 -2.53
N ASN H 89 1.74 11.15 -2.84
CA ASN H 89 0.82 12.25 -2.61
C ASN H 89 0.26 12.77 -3.93
N VAL H 90 -1.02 13.16 -3.92
CA VAL H 90 -1.68 13.68 -5.12
C VAL H 90 -1.62 15.21 -5.10
N GLN H 91 -1.70 15.82 -6.30
CA GLN H 91 -1.65 17.27 -6.42
C GLN H 91 -3.01 17.81 -6.89
N SER H 92 -3.13 19.14 -6.89
CA SER H 92 -4.38 19.79 -7.29
C SER H 92 -4.31 20.25 -8.74
N LYS H 93 -5.43 20.75 -9.25
CA LYS H 93 -5.49 21.22 -10.64
C LYS H 93 -5.13 22.70 -10.72
N CYS H 94 -5.56 23.47 -9.72
CA CYS H 94 -5.28 24.91 -9.68
C CYS H 94 -3.95 25.20 -8.99
N GLY H 95 -3.45 24.23 -8.21
CA GLY H 95 -2.19 24.40 -7.49
C GLY H 95 -2.29 25.55 -6.48
N SER H 96 -1.24 26.39 -6.45
CA SER H 96 -1.20 27.53 -5.54
C SER H 96 -1.33 28.83 -6.32
N LYS H 97 -2.30 29.66 -5.92
CA LYS H 97 -2.53 30.95 -6.58
C LYS H 97 -2.83 32.03 -5.55
N ASP H 98 -1.94 33.02 -5.46
CA ASP H 98 -2.11 34.12 -4.51
C ASP H 98 -1.49 35.40 -5.03
N ASN H 99 -2.11 36.53 -4.71
CA ASN H 99 -1.62 37.84 -5.12
C ASN H 99 -1.27 38.69 -3.91
N ILE H 100 -0.03 39.18 -3.87
CA ILE H 100 0.43 40.01 -2.76
C ILE H 100 0.42 41.48 -3.17
N LYS H 101 -0.51 42.25 -2.57
CA LYS H 101 -0.63 43.67 -2.87
C LYS H 101 0.02 44.50 -1.76
N HIS H 102 1.14 45.14 -2.09
CA HIS H 102 1.87 45.95 -1.12
C HIS H 102 2.34 47.25 -1.75
N VAL H 103 1.99 48.39 -1.14
CA VAL H 103 2.42 49.70 -1.68
C VAL H 103 2.85 50.65 -0.53
N PRO H 104 4.13 50.67 -0.14
CA PRO H 104 4.63 51.57 0.94
C PRO H 104 5.01 52.95 0.41
N GLY H 105 5.33 53.86 1.34
CA GLY H 105 5.72 55.22 0.97
C GLY H 105 7.20 55.44 1.26
N GLY H 106 7.66 54.95 2.42
CA GLY H 106 9.05 55.09 2.82
C GLY H 106 9.36 54.20 4.03
N GLY H 107 10.10 53.11 3.78
CA GLY H 107 10.46 52.18 4.84
C GLY H 107 9.48 51.02 4.92
N SER H 108 9.87 49.88 4.38
CA SER H 108 9.02 48.69 4.37
C SER H 108 9.82 47.46 3.93
N VAL H 109 9.34 46.28 4.34
CA VAL H 109 10.01 45.02 3.98
C VAL H 109 8.97 43.92 3.79
N GLN H 110 9.05 43.23 2.65
CA GLN H 110 8.11 42.14 2.35
C GLN H 110 8.82 40.79 2.36
N ILE H 111 8.07 39.73 2.66
CA ILE H 111 8.63 38.37 2.71
C ILE H 111 7.75 37.41 1.91
N VAL H 112 8.31 36.82 0.86
CA VAL H 112 7.57 35.87 0.02
C VAL H 112 8.35 34.57 -0.13
N TYR H 113 7.82 33.49 0.44
CA TYR H 113 8.46 32.18 0.38
C TYR H 113 7.60 31.21 -0.43
N LYS H 114 8.24 30.43 -1.32
CA LYS H 114 7.53 29.47 -2.14
C LYS H 114 7.47 28.09 -1.44
N PRO H 115 6.58 27.18 -1.85
CA PRO H 115 6.46 25.84 -1.21
C PRO H 115 7.67 24.94 -1.46
N VAL H 116 7.74 23.84 -0.70
CA VAL H 116 8.86 22.89 -0.84
C VAL H 116 8.33 21.47 -0.74
N ASP H 117 8.79 20.61 -1.66
CA ASP H 117 8.38 19.21 -1.68
C ASP H 117 9.41 18.32 -1.02
N LEU H 118 9.05 17.72 0.11
CA LEU H 118 9.95 16.84 0.86
C LEU H 118 9.53 15.38 0.71
N SER H 119 10.30 14.64 -0.08
CA SER H 119 10.01 13.22 -0.30
C SER H 119 10.69 12.36 0.77
N LYS H 120 12.01 12.49 0.85
CA LYS H 120 12.78 11.73 1.83
C LYS H 120 14.00 12.54 2.30
N VAL H 121 14.11 12.72 3.61
CA VAL H 121 15.21 13.48 4.19
C VAL H 121 15.66 12.84 5.51
N THR H 122 16.91 12.38 5.54
CA THR H 122 17.46 11.74 6.73
C THR H 122 18.52 12.64 7.37
N SER H 123 18.31 12.95 8.66
CA SER H 123 19.25 13.81 9.39
C SER H 123 19.55 13.21 10.76
N LYS H 124 20.78 12.75 10.94
CA LYS H 124 21.20 12.16 12.22
C LYS H 124 21.46 13.26 13.24
N CYS H 125 22.31 14.21 12.87
CA CYS H 125 22.65 15.33 13.76
C CYS H 125 22.71 16.64 12.99
N GLY H 126 22.12 17.68 13.57
CA GLY H 126 22.10 19.00 12.94
C GLY H 126 22.00 20.11 13.99
N SER H 127 22.80 21.16 13.81
CA SER H 127 22.81 22.29 14.73
C SER H 127 22.67 23.60 13.97
N LEU H 128 21.53 24.28 14.16
CA LEU H 128 21.27 25.55 13.49
C LEU H 128 21.35 26.70 14.50
N GLY H 129 22.25 27.65 14.23
CA GLY H 129 22.42 28.80 15.11
C GLY H 129 21.55 29.97 14.66
N GLU I 67 -22.42 32.72 -30.57
CA GLU I 67 -22.71 31.31 -30.22
C GLU I 67 -24.17 31.00 -30.51
N ASN I 68 -24.42 30.40 -31.68
CA ASN I 68 -25.78 30.04 -32.09
C ASN I 68 -25.78 28.76 -32.93
N LEU I 69 -26.98 28.28 -33.25
CA LEU I 69 -27.13 27.07 -34.05
C LEU I 69 -26.47 25.87 -33.36
N LYS I 70 -27.30 24.95 -32.86
CA LYS I 70 -26.83 23.75 -32.18
C LYS I 70 -26.10 24.11 -30.86
N HIS I 71 -24.87 24.61 -30.97
CA HIS I 71 -24.09 24.99 -29.78
C HIS I 71 -24.02 23.81 -28.81
N GLN I 72 -23.49 22.68 -29.29
CA GLN I 72 -23.36 21.47 -28.48
C GLN I 72 -21.89 21.24 -28.06
N PRO I 73 -21.38 21.98 -27.08
CA PRO I 73 -19.96 21.81 -26.62
C PRO I 73 -19.76 20.50 -25.87
N GLY I 74 -18.61 19.86 -26.11
CA GLY I 74 -18.29 18.58 -25.45
C GLY I 74 -16.88 18.60 -24.87
N GLY I 75 -16.78 18.35 -23.57
CA GLY I 75 -15.49 18.34 -22.88
C GLY I 75 -15.34 19.56 -21.98
N GLY I 76 -14.40 20.43 -22.35
CA GLY I 76 -14.15 21.65 -21.58
C GLY I 76 -12.92 21.47 -20.69
N LYS I 77 -13.16 21.52 -19.37
CA LYS I 77 -12.07 21.37 -18.40
C LYS I 77 -12.21 20.03 -17.66
N VAL I 78 -11.25 19.14 -17.87
CA VAL I 78 -11.26 17.83 -17.22
C VAL I 78 -9.83 17.36 -16.95
N GLN I 79 -9.56 17.03 -15.68
CA GLN I 79 -8.24 16.55 -15.26
C GLN I 79 -8.37 15.24 -14.52
N ILE I 80 -7.69 14.20 -15.01
CA ILE I 80 -7.73 12.87 -14.39
C ILE I 80 -6.31 12.32 -14.21
N ILE I 81 -6.06 11.75 -13.03
CA ILE I 81 -4.75 11.16 -12.73
C ILE I 81 -4.92 9.92 -11.87
N ASN I 82 -4.16 8.87 -12.20
CA ASN I 82 -4.22 7.60 -11.47
C ASN I 82 -2.83 7.16 -11.03
N LYS I 83 -2.77 6.50 -9.87
CA LYS I 83 -1.51 6.02 -9.31
C LYS I 83 -1.52 4.50 -9.21
N LYS I 84 -0.52 3.86 -9.82
CA LYS I 84 -0.41 2.40 -9.81
C LYS I 84 0.63 1.96 -8.77
N LEU I 85 0.34 0.85 -8.09
CA LEU I 85 1.25 0.31 -7.07
C LEU I 85 1.63 -1.13 -7.42
N ASP I 86 2.90 -1.47 -7.15
CA ASP I 86 3.44 -2.81 -7.47
C ASP I 86 3.43 -3.77 -6.28
N LEU I 87 2.98 -5.01 -6.53
CA LEU I 87 2.93 -6.03 -5.48
C LEU I 87 4.07 -7.03 -5.61
N SER I 88 5.02 -6.95 -4.68
CA SER I 88 6.17 -7.86 -4.67
C SER I 88 5.88 -9.06 -3.79
N ASN I 89 6.40 -10.23 -4.19
CA ASN I 89 6.18 -11.46 -3.43
C ASN I 89 7.48 -11.90 -2.75
N VAL I 90 7.33 -12.44 -1.54
CA VAL I 90 8.49 -12.91 -0.77
C VAL I 90 8.68 -14.41 -1.01
N GLN I 91 9.93 -14.88 -0.81
CA GLN I 91 10.25 -16.29 -1.01
C GLN I 91 10.59 -16.96 0.33
N SER I 92 10.74 -18.28 0.30
CA SER I 92 11.05 -19.04 1.52
C SER I 92 12.54 -19.32 1.61
N LYS I 93 12.97 -19.90 2.75
CA LYS I 93 14.38 -20.21 2.97
C LYS I 93 14.71 -21.62 2.44
N CYS I 94 13.77 -22.55 2.64
CA CYS I 94 13.95 -23.92 2.19
C CYS I 94 13.48 -24.12 0.75
N GLY I 95 12.65 -23.19 0.25
CA GLY I 95 12.14 -23.27 -1.11
C GLY I 95 11.29 -24.53 -1.29
N SER I 96 11.51 -25.22 -2.43
CA SER I 96 10.77 -26.44 -2.73
C SER I 96 11.69 -27.66 -2.62
N LYS I 97 11.27 -28.65 -1.83
CA LYS I 97 12.05 -29.87 -1.64
C LYS I 97 11.14 -31.09 -1.62
N ASP I 98 11.29 -31.96 -2.63
CA ASP I 98 10.48 -33.17 -2.71
C ASP I 98 11.23 -34.29 -3.41
N ASN I 99 10.98 -35.52 -2.95
CA ASN I 99 11.63 -36.70 -3.52
C ASN I 99 10.59 -37.63 -4.15
N ILE I 100 10.78 -37.96 -5.42
CA ILE I 100 9.86 -38.84 -6.14
C ILE I 100 10.46 -40.25 -6.22
N LYS I 101 9.84 -41.19 -5.50
CA LYS I 101 10.30 -42.58 -5.49
C LYS I 101 9.40 -43.43 -6.39
N HIS I 102 9.96 -43.88 -7.52
CA HIS I 102 9.22 -44.69 -8.47
C HIS I 102 10.08 -45.86 -8.98
N VAL I 103 9.58 -47.08 -8.86
CA VAL I 103 10.31 -48.26 -9.34
C VAL I 103 9.38 -49.27 -10.03
N PRO I 104 9.18 -49.16 -11.36
CA PRO I 104 8.29 -50.10 -12.10
C PRO I 104 9.04 -51.35 -12.57
N GLY I 105 8.29 -52.32 -13.11
CA GLY I 105 8.87 -53.57 -13.60
C GLY I 105 8.82 -53.63 -15.12
N GLY I 106 7.68 -53.20 -15.67
CA GLY I 106 7.48 -53.21 -17.13
C GLY I 106 6.23 -52.43 -17.51
N GLY I 107 6.43 -51.25 -18.07
CA GLY I 107 5.31 -50.39 -18.49
C GLY I 107 4.96 -49.39 -17.40
N SER I 108 5.41 -48.14 -17.58
CA SER I 108 5.14 -47.08 -16.61
C SER I 108 5.53 -45.72 -17.19
N VAL I 109 4.90 -44.67 -16.65
CA VAL I 109 5.19 -43.30 -17.11
C VAL I 109 5.08 -42.33 -15.94
N GLN I 110 6.12 -41.50 -15.77
CA GLN I 110 6.16 -40.52 -14.68
C GLN I 110 6.08 -39.10 -15.23
N ILE I 111 5.53 -38.19 -14.43
CA ILE I 111 5.39 -36.79 -14.83
C ILE I 111 5.93 -35.86 -13.73
N VAL I 112 6.95 -35.08 -14.07
CA VAL I 112 7.56 -34.16 -13.10
C VAL I 112 7.65 -32.76 -13.70
N TYR I 113 6.87 -31.83 -13.15
CA TYR I 113 6.85 -30.44 -13.62
C TYR I 113 7.40 -29.50 -12.54
N LYS I 114 8.25 -28.56 -12.95
CA LYS I 114 8.85 -27.61 -12.02
C LYS I 114 7.97 -26.35 -11.92
N PRO I 115 8.14 -25.51 -10.88
CA PRO I 115 7.31 -24.28 -10.71
C PRO I 115 7.61 -23.21 -11.75
N VAL I 116 6.73 -22.21 -11.83
CA VAL I 116 6.90 -21.11 -12.79
C VAL I 116 6.55 -19.78 -12.13
N ASP I 117 7.40 -18.77 -12.35
CA ASP I 117 7.18 -17.45 -11.77
C ASP I 117 6.56 -16.51 -12.80
N LEU I 118 5.32 -16.09 -12.55
CA LEU I 118 4.60 -15.20 -13.44
C LEU I 118 4.50 -13.80 -12.84
N SER I 119 5.28 -12.87 -13.39
CA SER I 119 5.28 -11.49 -12.92
C SER I 119 4.20 -10.68 -13.65
N LYS I 120 4.32 -10.64 -14.97
CA LYS I 120 3.36 -9.90 -15.80
C LYS I 120 3.18 -10.60 -17.14
N VAL I 121 1.91 -10.91 -17.48
CA VAL I 121 1.60 -11.58 -18.74
C VAL I 121 0.28 -11.04 -19.30
N THR I 122 0.35 -10.42 -20.48
CA THR I 122 -0.82 -9.86 -21.13
C THR I 122 -1.20 -10.68 -22.36
N SER I 123 -2.44 -11.16 -22.39
CA SER I 123 -2.93 -11.96 -23.51
C SER I 123 -4.32 -11.50 -23.94
N LYS I 124 -4.39 -10.90 -25.13
CA LYS I 124 -5.66 -10.40 -25.66
C LYS I 124 -6.50 -11.56 -26.20
N CYS I 125 -5.88 -12.36 -27.08
CA CYS I 125 -6.57 -13.51 -27.67
C CYS I 125 -5.63 -14.70 -27.76
N GLY I 126 -6.15 -15.88 -27.39
CA GLY I 126 -5.36 -17.10 -27.42
C GLY I 126 -6.26 -18.33 -27.60
N SER I 127 -5.84 -19.24 -28.48
CA SER I 127 -6.60 -20.46 -28.74
C SER I 127 -5.70 -21.68 -28.64
N LEU I 128 -5.95 -22.52 -27.63
CA LEU I 128 -5.17 -23.73 -27.42
C LEU I 128 -5.99 -24.97 -27.77
N GLY I 129 -5.49 -25.76 -28.73
CA GLY I 129 -6.18 -26.97 -29.16
C GLY I 129 -5.70 -28.18 -28.36
N GLU J 67 33.11 -31.49 21.36
CA GLU J 67 32.53 -30.18 21.75
C GLU J 67 32.58 -30.02 23.27
N ASN J 68 33.61 -29.33 23.76
CA ASN J 68 33.78 -29.12 25.20
C ASN J 68 34.43 -27.76 25.47
N LEU J 69 34.51 -27.41 26.74
CA LEU J 69 35.11 -26.14 27.17
C LEU J 69 34.38 -24.96 26.53
N LYS J 70 33.66 -24.21 27.38
CA LYS J 70 32.89 -23.04 26.94
C LYS J 70 31.76 -23.45 26.00
N HIS J 71 32.09 -23.77 24.74
CA HIS J 71 31.08 -24.17 23.76
C HIS J 71 29.98 -23.12 23.66
N GLN J 72 30.38 -21.88 23.36
CA GLN J 72 29.44 -20.77 23.23
C GLN J 72 29.21 -20.39 21.75
N PRO J 73 28.42 -21.16 21.01
CA PRO J 73 28.14 -20.86 19.56
C PRO J 73 27.25 -19.63 19.41
N GLY J 74 27.56 -18.82 18.39
CA GLY J 74 26.80 -17.60 18.11
C GLY J 74 26.42 -17.51 16.64
N GLY J 75 25.13 -17.38 16.37
CA GLY J 75 24.63 -17.28 15.00
C GLY J 75 23.93 -18.57 14.57
N GLY J 76 24.53 -19.27 13.61
CA GLY J 76 23.97 -20.52 13.11
C GLY J 76 23.23 -20.29 11.79
N LYS J 77 21.93 -20.50 11.81
CA LYS J 77 21.10 -20.32 10.61
C LYS J 77 20.18 -19.12 10.79
N VAL J 78 20.40 -18.09 9.97
CA VAL J 78 19.59 -16.88 10.04
C VAL J 78 19.46 -16.24 8.64
N GLN J 79 18.20 -16.03 8.22
CA GLN J 79 17.93 -15.44 6.92
C GLN J 79 16.99 -14.24 7.07
N ILE J 80 17.46 -13.08 6.60
CA ILE J 80 16.66 -11.85 6.69
C ILE J 80 16.60 -11.15 5.33
N ILE J 81 15.41 -10.67 4.97
CA ILE J 81 15.21 -9.97 3.70
C ILE J 81 14.18 -8.85 3.87
N ASN J 82 14.48 -7.68 3.29
CA ASN J 82 13.59 -6.52 3.39
C ASN J 82 13.28 -5.95 2.00
N LYS J 83 12.07 -5.43 1.85
CA LYS J 83 11.63 -4.86 0.57
C LYS J 83 11.33 -3.37 0.74
N LYS J 84 11.99 -2.54 -0.08
CA LYS J 84 11.79 -1.10 -0.02
C LYS J 84 10.86 -0.64 -1.15
N LEU J 85 10.01 0.34 -0.85
CA LEU J 85 9.06 0.87 -1.84
C LEU J 85 9.27 2.38 -2.00
N ASP J 86 9.14 2.85 -3.24
CA ASP J 86 9.35 4.28 -3.57
C ASP J 86 8.06 5.09 -3.63
N LEU J 87 8.08 6.27 -3.02
CA LEU J 87 6.91 7.16 -3.00
C LEU J 87 7.06 8.31 -4.00
N SER J 88 6.29 8.25 -5.08
CA SER J 88 6.32 9.29 -6.11
C SER J 88 5.25 10.34 -5.83
N ASN J 89 5.57 11.59 -6.14
CA ASN J 89 4.63 12.70 -5.91
C ASN J 89 4.09 13.23 -7.23
N VAL J 90 2.81 13.61 -7.23
CA VAL J 90 2.15 14.14 -8.42
C VAL J 90 2.21 15.67 -8.41
N GLN J 91 2.13 16.26 -9.59
CA GLN J 91 2.18 17.73 -9.73
C GLN J 91 0.83 18.26 -10.19
N SER J 92 0.70 19.59 -10.19
CA SER J 92 -0.55 20.25 -10.59
C SER J 92 -0.47 20.70 -12.05
N LYS J 93 -1.60 21.20 -12.57
CA LYS J 93 -1.66 21.67 -13.95
C LYS J 93 -1.29 23.16 -14.03
N CYS J 94 -1.73 23.92 -13.04
CA CYS J 94 -1.45 25.36 -12.99
C CYS J 94 -0.12 25.66 -12.28
N GLY J 95 0.37 24.69 -11.49
CA GLY J 95 1.63 24.85 -10.77
C GLY J 95 1.53 26.00 -9.77
N SER J 96 2.57 26.84 -9.73
CA SER J 96 2.60 27.98 -8.82
C SER J 96 2.47 29.29 -9.60
N LYS J 97 1.51 30.12 -9.20
CA LYS J 97 1.27 31.40 -9.86
C LYS J 97 0.96 32.48 -8.84
N ASP J 98 1.86 33.47 -8.73
CA ASP J 98 1.67 34.56 -7.78
C ASP J 98 2.30 35.85 -8.29
N ASN J 99 1.67 36.98 -7.97
CA ASN J 99 2.16 38.29 -8.39
C ASN J 99 2.50 39.14 -7.17
N ILE J 100 3.74 39.63 -7.12
CA ILE J 100 4.19 40.46 -6.00
C ILE J 100 4.18 41.94 -6.41
N LYS J 101 3.26 42.69 -5.82
CA LYS J 101 3.14 44.12 -6.12
C LYS J 101 3.78 44.95 -5.00
N HIS J 102 4.90 45.60 -5.33
CA HIS J 102 5.62 46.41 -4.35
C HIS J 102 6.10 47.71 -4.99
N VAL J 103 5.75 48.85 -4.38
CA VAL J 103 6.16 50.15 -4.90
C VAL J 103 6.59 51.11 -3.75
N PRO J 104 7.87 51.12 -3.36
CA PRO J 104 8.35 52.02 -2.27
C PRO J 104 8.74 53.40 -2.80
N GLY J 105 9.05 54.31 -1.87
CA GLY J 105 9.45 55.68 -2.23
C GLY J 105 10.92 55.90 -1.93
N GLY J 106 11.37 55.40 -0.78
CA GLY J 106 12.76 55.55 -0.36
C GLY J 106 13.07 54.66 0.84
N GLY J 107 13.81 53.57 0.60
CA GLY J 107 14.17 52.64 1.66
C GLY J 107 13.18 51.48 1.73
N SER J 108 13.59 50.34 1.18
CA SER J 108 12.74 49.14 1.18
C SER J 108 13.53 47.92 0.74
N VAL J 109 13.07 46.74 1.14
CA VAL J 109 13.74 45.48 0.78
C VAL J 109 12.70 44.37 0.58
N GLN J 110 12.78 43.68 -0.55
CA GLN J 110 11.85 42.59 -0.86
C GLN J 110 12.56 41.24 -0.86
N ILE J 111 11.82 40.18 -0.56
CA ILE J 111 12.38 38.84 -0.51
C ILE J 111 11.49 37.87 -1.31
N VAL J 112 12.07 37.28 -2.35
CA VAL J 112 11.33 36.33 -3.20
C VAL J 112 12.12 35.04 -3.36
N TYR J 113 11.58 33.95 -2.78
CA TYR J 113 12.23 32.63 -2.85
C TYR J 113 11.37 31.67 -3.67
N LYS J 114 12.02 30.90 -4.54
CA LYS J 114 11.32 29.93 -5.38
C LYS J 114 11.25 28.56 -4.68
N PRO J 115 10.37 27.64 -5.10
CA PRO J 115 10.24 26.30 -4.45
C PRO J 115 11.45 25.40 -4.69
N VAL J 116 11.54 24.31 -3.94
CA VAL J 116 12.65 23.36 -4.07
C VAL J 116 12.12 21.92 -3.98
N ASP J 117 12.58 21.08 -4.90
CA ASP J 117 12.17 19.67 -4.92
C ASP J 117 13.22 18.79 -4.26
N LEU J 118 12.84 18.19 -3.13
CA LEU J 118 13.75 17.31 -2.39
C LEU J 118 13.33 15.85 -2.54
N SER J 119 14.11 15.10 -3.32
CA SER J 119 13.81 13.68 -3.55
C SER J 119 14.49 12.83 -2.48
N LYS J 120 15.81 12.96 -2.38
CA LYS J 120 16.58 12.20 -1.40
C LYS J 120 17.79 13.02 -0.93
N VAL J 121 17.90 13.19 0.39
CA VAL J 121 19.00 13.95 0.97
C VAL J 121 19.44 13.31 2.29
N THR J 122 20.69 12.85 2.32
CA THR J 122 21.24 12.21 3.52
C THR J 122 22.29 13.11 4.16
N SER J 123 22.08 13.42 5.44
CA SER J 123 23.01 14.28 6.19
C SER J 123 23.30 13.68 7.56
N LYS J 124 24.53 13.22 7.74
CA LYS J 124 24.94 12.63 9.03
C LYS J 124 25.21 13.72 10.05
N CYS J 125 26.05 14.69 9.69
CA CYS J 125 26.38 15.79 10.58
C CYS J 125 26.44 17.11 9.80
N GLY J 126 25.85 18.15 10.40
CA GLY J 126 25.83 19.47 9.76
C GLY J 126 25.72 20.58 10.80
N SER J 127 26.52 21.63 10.64
CA SER J 127 26.52 22.75 11.56
C SER J 127 26.38 24.07 10.80
N LEU J 128 25.25 24.74 10.99
CA LEU J 128 24.99 26.02 10.32
C LEU J 128 25.05 27.16 11.33
N GLY J 129 25.96 28.12 11.06
CA GLY J 129 26.12 29.27 11.94
C GLY J 129 25.25 30.44 11.49
N GLU A 67 -22.76 36.39 -5.58
CA GLU A 67 -22.56 35.36 -6.65
C GLU A 67 -23.90 34.74 -7.02
N ASN A 68 -24.07 34.42 -8.31
CA ASN A 68 -25.30 33.82 -8.79
C ASN A 68 -25.03 32.87 -9.95
N LEU A 69 -25.65 31.69 -9.90
CA LEU A 69 -25.48 30.69 -10.94
C LEU A 69 -26.80 29.94 -11.19
N LYS A 70 -26.98 29.48 -12.43
CA LYS A 70 -28.20 28.74 -12.80
C LYS A 70 -27.98 27.93 -14.08
N HIS A 71 -28.98 27.14 -14.45
CA HIS A 71 -28.91 26.31 -15.65
C HIS A 71 -27.66 25.42 -15.62
N GLN A 72 -27.56 24.62 -14.54
CA GLN A 72 -26.43 23.71 -14.36
C GLN A 72 -26.91 22.24 -14.36
N PRO A 73 -27.60 21.79 -15.42
CA PRO A 73 -28.11 20.38 -15.50
C PRO A 73 -26.96 19.37 -15.53
N GLY A 74 -27.25 18.14 -15.08
CA GLY A 74 -26.25 17.08 -15.05
C GLY A 74 -26.57 16.04 -13.98
N GLY A 75 -25.71 15.03 -13.87
CA GLY A 75 -25.90 13.96 -12.88
C GLY A 75 -24.57 13.59 -12.23
N GLY A 76 -24.60 13.38 -10.92
CA GLY A 76 -23.40 13.01 -10.17
C GLY A 76 -22.51 14.23 -9.93
N LYS A 77 -22.95 15.11 -9.02
CA LYS A 77 -22.20 16.32 -8.70
C LYS A 77 -21.86 16.35 -7.21
N VAL A 78 -20.56 16.43 -6.91
CA VAL A 78 -20.10 16.45 -5.52
C VAL A 78 -20.62 15.22 -4.77
N GLN A 79 -19.85 14.13 -4.86
CA GLN A 79 -20.22 12.87 -4.20
C GLN A 79 -19.01 12.20 -3.57
N ILE A 80 -19.16 11.80 -2.31
CA ILE A 80 -18.07 11.13 -1.59
C ILE A 80 -18.51 9.71 -1.19
N ILE A 81 -17.91 8.71 -1.82
CA ILE A 81 -18.25 7.31 -1.54
C ILE A 81 -16.98 6.50 -1.28
N ASN A 82 -17.05 5.62 -0.28
CA ASN A 82 -15.90 4.77 0.08
C ASN A 82 -16.30 3.29 0.02
N LYS A 83 -15.74 2.57 -0.94
CA LYS A 83 -16.03 1.15 -1.11
C LYS A 83 -14.79 0.31 -0.87
N LYS A 84 -14.82 -0.50 0.19
CA LYS A 84 -13.69 -1.37 0.54
C LYS A 84 -14.16 -2.81 0.72
N LEU A 85 -13.62 -3.71 -0.11
CA LEU A 85 -13.98 -5.12 -0.04
C LEU A 85 -12.72 -5.98 0.04
N ASP A 86 -12.42 -6.45 1.25
CA ASP A 86 -11.23 -7.29 1.48
C ASP A 86 -11.62 -8.63 2.10
N LEU A 87 -11.00 -9.70 1.61
CA LEU A 87 -11.27 -11.04 2.12
C LEU A 87 -10.09 -11.53 2.95
N SER A 88 -10.32 -11.75 4.25
CA SER A 88 -9.27 -12.20 5.15
C SER A 88 -9.68 -13.49 5.86
N ASN A 89 -8.68 -14.36 6.10
CA ASN A 89 -8.91 -15.64 6.76
C ASN A 89 -7.77 -15.96 7.71
N VAL A 90 -8.10 -16.31 8.96
CA VAL A 90 -7.09 -16.65 9.96
C VAL A 90 -6.86 -18.16 9.99
N GLN A 91 -5.66 -18.57 10.41
CA GLN A 91 -5.32 -19.99 10.48
C GLN A 91 -4.97 -20.38 11.92
N SER A 92 -4.75 -21.67 12.13
CA SER A 92 -4.45 -22.20 13.47
C SER A 92 -2.94 -22.31 13.66
N LYS A 93 -2.53 -22.69 14.88
CA LYS A 93 -1.10 -22.82 15.20
C LYS A 93 -0.59 -24.19 14.76
N CYS A 94 -1.42 -25.22 14.94
CA CYS A 94 -1.06 -26.58 14.56
C CYS A 94 -1.56 -26.92 13.14
N GLY A 95 -2.58 -26.19 12.68
CA GLY A 95 -3.14 -26.42 11.35
C GLY A 95 -4.03 -27.66 11.34
N SER A 96 -3.90 -28.46 10.28
CA SER A 96 -4.70 -29.69 10.15
C SER A 96 -3.79 -30.91 10.04
N LYS A 97 -4.00 -31.87 10.95
CA LYS A 97 -3.20 -33.09 10.95
C LYS A 97 -4.03 -34.27 11.47
N ASP A 98 -4.17 -35.29 10.63
CA ASP A 98 -4.94 -36.48 11.00
C ASP A 98 -4.27 -37.75 10.48
N ASN A 99 -4.64 -38.89 11.09
CA ASN A 99 -4.08 -40.18 10.69
C ASN A 99 -5.15 -41.03 10.00
N ILE A 100 -4.83 -41.50 8.79
CA ILE A 100 -5.76 -42.32 8.01
C ILE A 100 -5.17 -43.71 7.79
N LYS A 101 -5.83 -44.72 8.37
CA LYS A 101 -5.37 -46.11 8.24
C LYS A 101 -6.28 -46.87 7.28
N HIS A 102 -5.72 -47.23 6.12
CA HIS A 102 -6.49 -47.96 5.11
C HIS A 102 -5.70 -49.18 4.62
N VAL A 103 -6.18 -50.37 4.99
CA VAL A 103 -5.52 -51.61 4.58
C VAL A 103 -6.60 -52.65 4.18
N PRO A 104 -6.98 -52.74 2.89
CA PRO A 104 -8.01 -53.72 2.44
C PRO A 104 -7.39 -55.07 2.08
N GLY A 105 -8.05 -56.14 2.53
CA GLY A 105 -7.58 -57.50 2.27
C GLY A 105 -7.75 -57.84 0.78
N GLY A 106 -8.88 -57.44 0.21
CA GLY A 106 -9.17 -57.70 -1.19
C GLY A 106 -8.75 -56.52 -2.06
N GLY A 107 -9.37 -55.36 -1.82
CA GLY A 107 -9.05 -54.16 -2.58
C GLY A 107 -10.22 -53.18 -2.58
N SER A 108 -9.91 -51.89 -2.40
CA SER A 108 -10.94 -50.85 -2.38
C SER A 108 -10.30 -49.47 -2.55
N VAL A 109 -10.97 -48.60 -3.31
CA VAL A 109 -10.45 -47.26 -3.56
C VAL A 109 -10.77 -46.31 -2.41
N GLN A 110 -9.86 -45.37 -2.14
CA GLN A 110 -10.03 -44.41 -1.07
C GLN A 110 -9.64 -43.00 -1.54
N ILE A 111 -10.24 -41.98 -0.91
CA ILE A 111 -9.96 -40.59 -1.27
C ILE A 111 -9.79 -39.76 0.01
N VAL A 112 -8.82 -38.84 -0.02
CA VAL A 112 -8.56 -37.97 1.13
C VAL A 112 -8.52 -36.51 0.68
N TYR A 113 -9.50 -35.73 1.14
CA TYR A 113 -9.58 -34.32 0.78
C TYR A 113 -8.98 -33.46 1.89
N LYS A 114 -8.21 -32.44 1.49
CA LYS A 114 -7.57 -31.54 2.45
C LYS A 114 -8.26 -30.16 2.45
N PRO A 115 -8.02 -29.31 3.46
CA PRO A 115 -8.69 -27.96 3.53
C PRO A 115 -8.41 -27.10 2.31
N VAL A 116 -9.48 -26.61 1.68
CA VAL A 116 -9.33 -25.75 0.49
C VAL A 116 -9.80 -24.33 0.79
N ASP A 117 -9.08 -23.35 0.24
CA ASP A 117 -9.42 -21.94 0.45
C ASP A 117 -10.25 -21.41 -0.71
N LEU A 118 -11.56 -21.33 -0.50
CA LEU A 118 -12.48 -20.85 -1.54
C LEU A 118 -12.93 -19.42 -1.20
N SER A 119 -12.36 -18.44 -1.93
CA SER A 119 -12.72 -17.04 -1.73
C SER A 119 -14.00 -16.71 -2.48
N LYS A 120 -14.04 -17.09 -3.76
CA LYS A 120 -15.20 -16.84 -4.60
C LYS A 120 -15.12 -17.66 -5.89
N VAL A 121 -16.29 -18.02 -6.44
CA VAL A 121 -16.35 -18.81 -7.66
C VAL A 121 -17.61 -18.46 -8.45
N THR A 122 -17.46 -18.32 -9.77
CA THR A 122 -18.58 -17.99 -10.65
C THR A 122 -19.18 -19.25 -11.25
N SER A 123 -20.49 -19.22 -11.50
CA SER A 123 -21.19 -20.38 -12.07
C SER A 123 -21.58 -20.09 -13.53
N LYS A 124 -22.33 -21.02 -14.13
CA LYS A 124 -22.74 -20.89 -15.54
C LYS A 124 -23.42 -19.56 -15.82
N CYS A 125 -24.20 -19.05 -14.86
CA CYS A 125 -24.90 -17.78 -15.03
C CYS A 125 -25.33 -17.20 -13.69
N GLY A 126 -25.82 -15.96 -13.73
CA GLY A 126 -26.27 -15.27 -12.52
C GLY A 126 -27.47 -14.38 -12.82
N SER A 127 -27.32 -13.52 -13.83
CA SER A 127 -28.39 -12.61 -14.22
C SER A 127 -28.84 -12.90 -15.65
N LEU A 128 -30.09 -13.37 -15.80
CA LEU A 128 -30.63 -13.68 -17.11
C LEU A 128 -31.33 -12.47 -17.71
N GLY A 129 -30.79 -11.95 -18.81
CA GLY A 129 -31.36 -10.79 -19.48
C GLY A 129 -30.48 -9.56 -19.27
N GLU B 67 9.15 -37.92 17.50
CA GLU B 67 10.09 -36.76 17.55
C GLU B 67 10.22 -36.28 18.99
N ASN B 68 11.42 -35.85 19.36
CA ASN B 68 11.67 -35.35 20.72
C ASN B 68 12.73 -34.25 20.71
N LEU B 69 12.45 -33.18 21.45
CA LEU B 69 13.38 -32.05 21.53
C LEU B 69 13.36 -31.45 22.94
N LYS B 70 14.50 -30.89 23.34
CA LYS B 70 14.63 -30.28 24.67
C LYS B 70 15.81 -29.32 24.72
N HIS B 71 15.95 -28.61 25.85
CA HIS B 71 17.05 -27.66 26.03
C HIS B 71 17.04 -26.62 24.89
N GLN B 72 15.90 -25.94 24.75
CA GLN B 72 15.75 -24.92 23.70
C GLN B 72 15.51 -23.53 24.33
N PRO B 73 16.40 -23.06 25.22
CA PRO B 73 16.24 -21.72 25.87
C PRO B 73 16.28 -20.58 24.86
N GLY B 74 15.65 -19.45 25.22
CA GLY B 74 15.61 -18.28 24.35
C GLY B 74 14.39 -17.42 24.63
N GLY B 75 14.27 -16.33 23.89
CA GLY B 75 13.13 -15.41 24.05
C GLY B 75 12.61 -14.94 22.70
N GLY B 76 11.28 -14.88 22.58
CA GLY B 76 10.64 -14.46 21.33
C GLY B 76 10.67 -15.57 20.29
N LYS B 77 9.84 -16.59 20.50
CA LYS B 77 9.76 -17.72 19.59
C LYS B 77 8.34 -17.88 19.05
N VAL B 78 8.21 -17.82 17.72
CA VAL B 78 6.90 -17.95 17.07
C VAL B 78 5.95 -16.87 17.61
N GLN B 79 5.99 -15.69 16.99
CA GLN B 79 5.14 -14.57 17.41
C GLN B 79 4.59 -13.83 16.20
N ILE B 80 3.27 -13.58 16.22
CA ILE B 80 2.61 -12.86 15.13
C ILE B 80 1.99 -11.57 15.67
N ILE B 81 2.55 -10.44 15.27
CA ILE B 81 2.07 -9.13 15.72
C ILE B 81 1.86 -8.21 14.52
N ASN B 82 0.76 -7.45 14.54
CA ASN B 82 0.44 -6.51 13.48
C ASN B 82 0.26 -5.10 14.03
N LYS B 83 1.19 -4.21 13.68
CA LYS B 83 1.13 -2.82 14.16
C LYS B 83 0.94 -1.87 12.98
N LYS B 84 -0.21 -1.19 12.97
CA LYS B 84 -0.53 -0.23 11.91
C LYS B 84 -0.94 1.11 12.51
N LEU B 85 -0.16 2.15 12.19
CA LEU B 85 -0.44 3.50 12.69
C LEU B 85 -0.49 4.50 11.54
N ASP B 86 -1.71 4.87 11.12
CA ASP B 86 -1.89 5.82 10.02
C ASP B 86 -2.72 7.01 10.47
N LEU B 87 -2.30 8.20 10.04
CA LEU B 87 -3.00 9.43 10.39
C LEU B 87 -3.73 9.98 9.16
N SER B 88 -5.07 10.02 9.25
CA SER B 88 -5.89 10.50 8.13
C SER B 88 -6.78 11.65 8.57
N ASN B 89 -7.01 12.59 7.66
CA ASN B 89 -7.86 13.75 7.94
C ASN B 89 -8.69 14.11 6.71
N VAL B 90 -10.00 14.28 6.92
CA VAL B 90 -10.91 14.62 5.82
C VAL B 90 -11.10 16.14 5.76
N GLN B 91 -11.41 16.65 4.57
CA GLN B 91 -11.63 18.09 4.38
C GLN B 91 -13.05 18.35 3.89
N SER B 92 -13.39 19.63 3.79
CA SER B 92 -14.73 20.04 3.36
C SER B 92 -14.76 20.33 1.85
N LYS B 93 -15.95 20.62 1.32
CA LYS B 93 -16.12 20.90 -0.10
C LYS B 93 -15.79 22.36 -0.39
N CYS B 94 -16.20 23.24 0.51
CA CYS B 94 -15.95 24.68 0.36
C CYS B 94 -14.67 25.10 1.08
N GLY B 95 -14.23 24.31 2.07
CA GLY B 95 -13.03 24.60 2.83
C GLY B 95 -13.28 25.71 3.83
N SER B 96 -12.32 26.64 3.95
CA SER B 96 -12.45 27.76 4.89
C SER B 96 -12.38 29.09 4.14
N LYS B 97 -13.41 29.91 4.33
CA LYS B 97 -13.49 31.22 3.68
C LYS B 97 -14.24 32.22 4.56
N ASP B 98 -13.56 33.30 4.93
CA ASP B 98 -14.17 34.34 5.77
C ASP B 98 -13.74 35.74 5.32
N ASN B 99 -14.52 36.74 5.73
CA ASN B 99 -14.23 38.12 5.38
C ASN B 99 -13.78 38.90 6.61
N ILE B 100 -12.60 39.54 6.51
CA ILE B 100 -12.06 40.32 7.63
C ILE B 100 -11.94 41.79 7.23
N LYS B 101 -12.72 42.64 7.91
CA LYS B 101 -12.71 44.08 7.62
C LYS B 101 -11.97 44.82 8.73
N HIS B 102 -10.81 45.37 8.39
CA HIS B 102 -9.99 46.11 9.36
C HIS B 102 -9.57 47.46 8.79
N VAL B 103 -10.15 48.53 9.34
CA VAL B 103 -9.81 49.89 8.89
C VAL B 103 -9.68 50.82 10.12
N PRO B 104 -8.48 50.99 10.68
CA PRO B 104 -8.27 51.88 11.85
C PRO B 104 -8.02 53.33 11.45
N GLY B 105 -8.68 54.26 12.16
CA GLY B 105 -8.53 55.69 11.89
C GLY B 105 -7.14 56.17 12.29
N GLY B 106 -6.66 55.69 13.44
CA GLY B 106 -5.34 56.06 13.94
C GLY B 106 -4.28 55.05 13.52
N GLY B 107 -4.46 53.80 13.96
CA GLY B 107 -3.52 52.74 13.62
C GLY B 107 -3.54 51.63 14.67
N SER B 108 -3.52 50.38 14.20
CA SER B 108 -3.52 49.22 15.09
C SER B 108 -3.11 47.97 14.32
N VAL B 109 -2.34 47.10 14.99
CA VAL B 109 -1.85 45.86 14.37
C VAL B 109 -2.91 44.77 14.42
N GLN B 110 -2.93 43.93 13.38
CA GLN B 110 -3.90 42.83 13.30
C GLN B 110 -3.21 41.55 12.82
N ILE B 111 -3.77 40.41 13.22
CA ILE B 111 -3.21 39.11 12.83
C ILE B 111 -4.34 38.17 12.40
N VAL B 112 -4.09 37.39 11.35
CA VAL B 112 -5.08 36.44 10.83
C VAL B 112 -4.45 35.06 10.69
N TYR B 113 -4.92 34.11 11.52
CA TYR B 113 -4.40 32.74 11.48
C TYR B 113 -5.31 31.86 10.64
N LYS B 114 -4.69 30.99 9.83
CA LYS B 114 -5.45 30.08 8.97
C LYS B 114 -5.36 28.63 9.50
N PRO B 115 -6.21 27.71 9.03
CA PRO B 115 -6.20 26.29 9.52
C PRO B 115 -4.85 25.60 9.32
N VAL B 116 -4.29 25.06 10.41
CA VAL B 116 -3.00 24.36 10.33
C VAL B 116 -3.19 22.87 10.59
N ASP B 117 -2.43 22.06 9.85
CA ASP B 117 -2.51 20.60 10.00
C ASP B 117 -1.39 20.10 10.91
N LEU B 118 -1.75 19.83 12.17
CA LEU B 118 -0.79 19.35 13.16
C LEU B 118 -0.98 17.86 13.40
N SER B 119 -0.08 17.04 12.83
CA SER B 119 -0.14 15.59 12.99
C SER B 119 0.49 15.19 14.33
N LYS B 120 1.69 15.69 14.57
CA LYS B 120 2.41 15.40 15.82
C LYS B 120 3.58 16.36 16.00
N VAL B 121 3.93 16.63 17.27
CA VAL B 121 5.04 17.53 17.58
C VAL B 121 5.70 17.11 18.89
N THR B 122 7.04 17.14 18.90
CA THR B 122 7.80 16.77 20.09
C THR B 122 8.16 18.01 20.90
N SER B 123 8.25 17.85 22.23
CA SER B 123 8.59 18.95 23.12
C SER B 123 10.01 18.79 23.67
N LYS B 124 10.40 19.67 24.59
CA LYS B 124 11.75 19.64 25.17
C LYS B 124 12.11 18.27 25.73
N CYS B 125 11.13 17.58 26.32
CA CYS B 125 11.38 16.24 26.88
C CYS B 125 10.08 15.48 27.07
N GLY B 126 10.21 14.19 27.41
CA GLY B 126 9.04 13.33 27.62
C GLY B 126 9.31 12.33 28.74
N SER B 127 10.43 11.61 28.64
CA SER B 127 10.81 10.62 29.64
C SER B 127 12.12 11.01 30.30
N LEU B 128 12.05 11.32 31.60
CA LEU B 128 13.25 11.72 32.36
C LEU B 128 13.89 10.49 33.00
N GLY B 129 15.11 10.19 32.54
CA GLY B 129 15.85 9.03 33.07
C GLY B 129 15.90 7.91 32.05
N GLU C 67 -19.06 36.81 -8.79
CA GLU C 67 -18.85 35.78 -9.85
C GLU C 67 -20.19 35.16 -10.22
N ASN C 68 -20.36 34.85 -11.51
CA ASN C 68 -21.60 34.24 -12.00
C ASN C 68 -21.32 33.29 -13.15
N LEU C 69 -21.95 32.12 -13.11
CA LEU C 69 -21.78 31.11 -14.15
C LEU C 69 -23.09 30.36 -14.41
N LYS C 70 -23.28 29.90 -15.64
CA LYS C 70 -24.49 29.17 -16.01
C LYS C 70 -24.27 28.36 -17.29
N HIS C 71 -25.28 27.57 -17.66
CA HIS C 71 -25.20 26.74 -18.87
C HIS C 71 -23.96 25.85 -18.82
N GLN C 72 -23.86 25.05 -17.76
CA GLN C 72 -22.72 24.14 -17.58
C GLN C 72 -23.21 22.67 -17.58
N PRO C 73 -23.90 22.22 -18.64
CA PRO C 73 -24.40 20.81 -18.72
C PRO C 73 -23.26 19.80 -18.74
N GLY C 74 -23.54 18.57 -18.30
CA GLY C 74 -22.54 17.51 -18.28
C GLY C 74 -22.86 16.47 -17.21
N GLY C 75 -22.00 15.46 -17.10
CA GLY C 75 -22.19 14.39 -16.11
C GLY C 75 -20.86 14.02 -15.46
N GLY C 76 -20.89 13.81 -14.15
CA GLY C 76 -19.68 13.44 -13.41
C GLY C 76 -18.80 14.65 -13.16
N LYS C 77 -19.24 15.54 -12.25
CA LYS C 77 -18.49 16.75 -11.93
C LYS C 77 -18.15 16.78 -10.44
N VAL C 78 -16.85 16.85 -10.14
CA VAL C 78 -16.39 16.88 -8.75
C VAL C 78 -16.90 15.64 -8.01
N GLN C 79 -16.13 14.55 -8.09
CA GLN C 79 -16.51 13.29 -7.43
C GLN C 79 -15.29 12.63 -6.81
N ILE C 80 -15.43 12.21 -5.55
CA ILE C 80 -14.35 11.54 -4.82
C ILE C 80 -14.80 10.13 -4.43
N ILE C 81 -14.19 9.12 -5.07
CA ILE C 81 -14.53 7.73 -4.79
C ILE C 81 -13.26 6.92 -4.52
N ASN C 82 -13.32 6.03 -3.53
CA ASN C 82 -12.19 5.19 -3.17
C ASN C 82 -12.58 3.71 -3.23
N LYS C 83 -12.02 2.99 -4.19
CA LYS C 83 -12.30 1.57 -4.36
C LYS C 83 -11.06 0.73 -4.12
N LYS C 84 -11.10 -0.09 -3.05
CA LYS C 84 -9.97 -0.95 -2.71
C LYS C 84 -10.43 -2.40 -2.53
N LEU C 85 -9.90 -3.29 -3.37
CA LEU C 85 -10.26 -4.71 -3.31
C LEU C 85 -9.00 -5.57 -3.22
N ASP C 86 -8.70 -6.04 -2.01
CA ASP C 86 -7.51 -6.87 -1.79
C ASP C 86 -7.90 -8.21 -1.16
N LEU C 87 -7.28 -9.28 -1.66
CA LEU C 87 -7.55 -10.62 -1.15
C LEU C 87 -6.36 -11.11 -0.32
N SER C 88 -6.60 -11.33 0.98
CA SER C 88 -5.54 -11.79 1.88
C SER C 88 -5.94 -13.08 2.58
N ASN C 89 -4.95 -13.94 2.82
CA ASN C 89 -5.19 -15.23 3.49
C ASN C 89 -4.03 -15.55 4.43
N VAL C 90 -4.37 -15.90 5.67
CA VAL C 90 -3.35 -16.23 6.68
C VAL C 90 -3.13 -17.74 6.70
N GLN C 91 -1.93 -18.15 7.12
CA GLN C 91 -1.58 -19.58 7.19
C GLN C 91 -1.24 -19.97 8.63
N SER C 92 -1.01 -21.26 8.84
CA SER C 92 -0.71 -21.79 10.18
C SER C 92 0.80 -21.91 10.37
N LYS C 93 1.21 -22.28 11.59
CA LYS C 93 2.64 -22.42 11.91
C LYS C 93 3.15 -23.79 11.47
N CYS C 94 2.32 -24.82 11.64
CA CYS C 94 2.69 -26.18 11.26
C CYS C 94 2.18 -26.52 9.85
N GLY C 95 1.16 -25.78 9.39
CA GLY C 95 0.60 -26.01 8.05
C GLY C 95 -0.29 -27.25 8.05
N SER C 96 -0.16 -28.05 6.99
CA SER C 96 -0.96 -29.27 6.85
C SER C 96 -0.06 -30.49 6.75
N LYS C 97 -0.26 -31.46 7.65
CA LYS C 97 0.54 -32.69 7.66
C LYS C 97 -0.29 -33.86 8.17
N ASP C 98 -0.44 -34.89 7.33
CA ASP C 98 -1.21 -36.08 7.70
C ASP C 98 -0.53 -37.35 7.19
N ASN C 99 -0.91 -38.48 7.78
CA ASN C 99 -0.35 -39.77 7.39
C ASN C 99 -1.41 -40.62 6.69
N ILE C 100 -1.10 -41.08 5.48
CA ILE C 100 -2.03 -41.91 4.71
C ILE C 100 -1.42 -43.30 4.48
N LYS C 101 -2.08 -44.32 5.06
CA LYS C 101 -1.63 -45.70 4.93
C LYS C 101 -2.53 -46.46 3.96
N HIS C 102 -1.98 -46.82 2.80
CA HIS C 102 -2.74 -47.54 1.79
C HIS C 102 -1.96 -48.77 1.30
N VAL C 103 -2.44 -49.95 1.67
CA VAL C 103 -1.78 -51.20 1.25
C VAL C 103 -2.85 -52.24 0.85
N PRO C 104 -3.24 -52.32 -0.42
CA PRO C 104 -4.26 -53.30 -0.89
C PRO C 104 -3.65 -54.65 -1.24
N GLY C 105 -4.31 -55.72 -0.79
CA GLY C 105 -3.84 -57.08 -1.06
C GLY C 105 -4.01 -57.43 -2.54
N GLY C 106 -5.15 -57.02 -3.11
CA GLY C 106 -5.44 -57.27 -4.52
C GLY C 106 -5.01 -56.10 -5.39
N GLY C 107 -5.63 -54.94 -5.14
CA GLY C 107 -5.32 -53.74 -5.90
C GLY C 107 -6.49 -52.76 -5.91
N SER C 108 -6.18 -51.48 -5.72
CA SER C 108 -7.20 -50.43 -5.70
C SER C 108 -6.56 -49.05 -5.87
N VAL C 109 -7.23 -48.18 -6.62
CA VAL C 109 -6.72 -46.83 -6.87
C VAL C 109 -7.04 -45.89 -5.71
N GLN C 110 -6.13 -44.95 -5.47
CA GLN C 110 -6.30 -43.98 -4.38
C GLN C 110 -5.91 -42.58 -4.84
N ILE C 111 -6.51 -41.57 -4.22
CA ILE C 111 -6.23 -40.17 -4.58
C ILE C 111 -6.06 -39.34 -3.30
N VAL C 112 -5.09 -38.43 -3.33
CA VAL C 112 -4.82 -37.56 -2.18
C VAL C 112 -4.79 -36.10 -2.63
N TYR C 113 -5.77 -35.32 -2.17
CA TYR C 113 -5.85 -33.90 -2.52
C TYR C 113 -5.24 -33.05 -1.41
N LYS C 114 -4.49 -32.03 -1.81
CA LYS C 114 -3.84 -31.12 -0.85
C LYS C 114 -4.53 -29.75 -0.84
N PRO C 115 -4.29 -28.90 0.16
CA PRO C 115 -4.95 -27.54 0.24
C PRO C 115 -4.68 -26.68 -0.98
N VAL C 116 -5.74 -26.19 -1.62
CA VAL C 116 -5.61 -25.34 -2.80
C VAL C 116 -6.07 -23.91 -2.49
N ASP C 117 -5.35 -22.93 -3.04
CA ASP C 117 -5.69 -21.52 -2.82
C ASP C 117 -6.52 -20.99 -3.99
N LEU C 118 -7.83 -20.91 -3.78
CA LEU C 118 -8.75 -20.42 -4.81
C LEU C 118 -9.21 -19.00 -4.49
N SER C 119 -8.63 -18.03 -5.20
CA SER C 119 -8.99 -16.62 -5.00
C SER C 119 -10.27 -16.29 -5.75
N LYS C 120 -10.30 -16.66 -7.04
CA LYS C 120 -11.49 -16.42 -7.88
C LYS C 120 -11.40 -17.23 -9.17
N VAL C 121 -12.57 -17.59 -9.71
CA VAL C 121 -12.63 -18.38 -10.94
C VAL C 121 -13.89 -18.03 -11.73
N THR C 122 -13.74 -17.89 -13.04
CA THR C 122 -14.86 -17.56 -13.92
C THR C 122 -15.46 -18.83 -14.53
N SER C 123 -16.77 -18.79 -14.76
CA SER C 123 -17.47 -19.95 -15.34
C SER C 123 -17.86 -19.66 -16.80
N LYS C 124 -18.61 -20.59 -17.41
CA LYS C 124 -19.03 -20.46 -18.81
C LYS C 124 -19.70 -19.12 -19.09
N CYS C 125 -20.49 -18.63 -18.12
CA CYS C 125 -21.18 -17.34 -18.30
C CYS C 125 -21.61 -16.77 -16.96
N GLY C 126 -22.10 -15.53 -16.99
CA GLY C 126 -22.55 -14.85 -15.78
C GLY C 126 -23.76 -13.95 -16.07
N SER C 127 -23.61 -13.10 -17.09
CA SER C 127 -24.68 -12.18 -17.48
C SER C 127 -25.12 -12.46 -18.92
N LEU C 128 -26.37 -12.93 -19.06
CA LEU C 128 -26.93 -13.25 -20.37
C LEU C 128 -27.62 -12.03 -20.96
N GLY C 129 -27.07 -11.52 -22.07
CA GLY C 129 -27.64 -10.35 -22.74
C GLY C 129 -26.76 -9.12 -22.53
N GLU D 67 12.81 -37.51 14.23
CA GLU D 67 13.76 -36.36 14.29
C GLU D 67 13.88 -35.87 15.72
N ASN D 68 15.09 -35.45 16.10
CA ASN D 68 15.33 -34.95 17.46
C ASN D 68 16.39 -33.85 17.45
N LEU D 69 16.12 -32.78 18.19
CA LEU D 69 17.04 -31.65 18.28
C LEU D 69 17.03 -31.05 19.68
N LYS D 70 18.17 -30.48 20.09
CA LYS D 70 18.30 -29.87 21.41
C LYS D 70 19.48 -28.92 21.46
N HIS D 71 19.62 -28.21 22.59
CA HIS D 71 20.72 -27.26 22.77
C HIS D 71 20.72 -26.22 21.64
N GLN D 72 19.58 -25.54 21.48
CA GLN D 72 19.42 -24.52 20.45
C GLN D 72 19.18 -23.12 21.08
N PRO D 73 20.08 -22.66 21.96
CA PRO D 73 19.93 -21.32 22.62
C PRO D 73 19.96 -20.18 21.61
N GLY D 74 19.34 -19.06 21.96
CA GLY D 74 19.30 -17.88 21.10
C GLY D 74 18.08 -17.02 21.37
N GLY D 75 17.95 -15.92 20.63
CA GLY D 75 16.82 -15.01 20.80
C GLY D 75 16.30 -14.54 19.44
N GLY D 76 14.97 -14.49 19.31
CA GLY D 76 14.34 -14.04 18.07
C GLY D 76 14.36 -15.17 17.04
N LYS D 77 13.52 -16.18 17.25
CA LYS D 77 13.45 -17.32 16.32
C LYS D 77 12.03 -17.47 15.78
N VAL D 78 11.90 -17.42 14.46
CA VAL D 78 10.59 -17.54 13.81
C VAL D 78 9.64 -16.46 14.34
N GLN D 79 9.69 -15.28 13.72
CA GLN D 79 8.84 -14.16 14.15
C GLN D 79 8.28 -13.41 12.94
N ILE D 80 6.97 -13.17 12.96
CA ILE D 80 6.30 -12.45 11.86
C ILE D 80 5.68 -11.16 12.41
N ILE D 81 6.26 -10.01 12.00
CA ILE D 81 5.76 -8.71 12.46
C ILE D 81 5.56 -7.78 11.26
N ASN D 82 4.46 -7.03 11.29
CA ASN D 82 4.14 -6.09 10.21
C ASN D 82 3.96 -4.69 10.77
N LYS D 83 4.89 -3.80 10.42
CA LYS D 83 4.84 -2.41 10.90
C LYS D 83 4.65 -1.44 9.73
N LYS D 84 3.50 -0.77 9.71
CA LYS D 84 3.19 0.19 8.65
C LYS D 84 2.77 1.53 9.24
N LEU D 85 3.55 2.58 8.92
CA LEU D 85 3.27 3.92 9.42
C LEU D 85 3.23 4.91 8.27
N ASP D 86 2.01 5.29 7.86
CA ASP D 86 1.83 6.24 6.75
C ASP D 86 1.00 7.44 7.20
N LEU D 87 1.43 8.63 6.78
CA LEU D 87 0.72 9.86 7.12
C LEU D 87 -0.01 10.39 5.89
N SER D 88 -1.34 10.44 5.98
CA SER D 88 -2.16 10.93 4.86
C SER D 88 -3.06 12.08 5.30
N ASN D 89 -3.28 13.02 4.39
CA ASN D 89 -4.13 14.18 4.67
C ASN D 89 -4.96 14.54 3.44
N VAL D 90 -6.27 14.71 3.64
CA VAL D 90 -7.17 15.06 2.55
C VAL D 90 -7.36 16.58 2.49
N GLN D 91 -7.68 17.08 1.29
CA GLN D 91 -7.88 18.51 1.10
C GLN D 91 -9.31 18.79 0.61
N SER D 92 -9.65 20.08 0.51
CA SER D 92 -10.99 20.48 0.09
C SER D 92 -11.02 20.76 -1.41
N LYS D 93 -12.22 21.05 -1.95
CA LYS D 93 -12.37 21.33 -3.37
C LYS D 93 -12.04 22.80 -3.67
N CYS D 94 -12.45 23.68 -2.76
CA CYS D 94 -12.20 25.12 -2.91
C CYS D 94 -10.92 25.54 -2.19
N GLY D 95 -10.49 24.74 -1.21
CA GLY D 95 -9.28 25.04 -0.44
C GLY D 95 -9.54 26.15 0.57
N SER D 96 -8.58 27.08 0.67
CA SER D 96 -8.69 28.19 1.62
C SER D 96 -8.63 29.53 0.87
N LYS D 97 -9.66 30.34 1.05
CA LYS D 97 -9.73 31.66 0.40
C LYS D 97 -10.49 32.65 1.28
N ASP D 98 -9.81 33.74 1.65
CA ASP D 98 -10.42 34.77 2.50
C ASP D 98 -9.98 36.16 2.04
N ASN D 99 -10.76 37.17 2.45
CA ASN D 99 -10.47 38.56 2.10
C ASN D 99 -10.02 39.34 3.33
N ILE D 100 -8.85 39.97 3.24
CA ILE D 100 -8.29 40.75 4.35
C ILE D 100 -8.18 42.22 3.95
N LYS D 101 -8.96 43.07 4.63
CA LYS D 101 -8.95 44.51 4.35
C LYS D 101 -8.20 45.25 5.46
N HIS D 102 -7.04 45.80 5.11
CA HIS D 102 -6.22 46.55 6.08
C HIS D 102 -5.80 47.89 5.51
N VAL D 103 -6.37 48.97 6.06
CA VAL D 103 -6.04 50.32 5.62
C VAL D 103 -5.91 51.25 6.84
N PRO D 104 -4.70 51.43 7.41
CA PRO D 104 -4.50 52.32 8.58
C PRO D 104 -4.25 53.76 8.17
N GLY D 105 -4.90 54.69 8.89
CA GLY D 105 -4.75 56.12 8.62
C GLY D 105 -3.36 56.60 9.01
N GLY D 106 -2.89 56.12 10.16
CA GLY D 106 -1.57 56.49 10.68
C GLY D 106 -0.52 55.48 10.25
N GLY D 107 -0.69 54.23 10.69
CA GLY D 107 0.25 53.16 10.35
C GLY D 107 0.23 52.05 11.40
N SER D 108 0.26 50.80 10.92
CA SER D 108 0.25 49.64 11.82
C SER D 108 0.66 48.39 11.05
N VAL D 109 1.43 47.52 11.72
CA VAL D 109 1.92 46.29 11.10
C VAL D 109 0.85 45.19 11.15
N GLN D 110 0.83 44.35 10.12
CA GLN D 110 -0.13 43.26 10.03
C GLN D 110 0.54 41.97 9.55
N ILE D 111 -0.01 40.83 9.95
CA ILE D 111 0.54 39.53 9.56
C ILE D 111 -0.59 38.59 9.13
N VAL D 112 -0.34 37.82 8.08
CA VAL D 112 -1.33 36.87 7.56
C VAL D 112 -0.69 35.48 7.43
N TYR D 113 -1.16 34.54 8.25
CA TYR D 113 -0.65 33.17 8.22
C TYR D 113 -1.56 32.28 7.37
N LYS D 114 -0.95 31.41 6.57
CA LYS D 114 -1.70 30.50 5.70
C LYS D 114 -1.61 29.06 6.23
N PRO D 115 -2.47 28.14 5.76
CA PRO D 115 -2.45 26.72 6.25
C PRO D 115 -1.10 26.03 6.05
N VAL D 116 -0.55 25.49 7.13
CA VAL D 116 0.74 24.79 7.07
C VAL D 116 0.56 23.30 7.32
N ASP D 117 1.31 22.48 6.58
CA ASP D 117 1.24 21.02 6.73
C ASP D 117 2.35 20.52 7.65
N LEU D 118 1.99 20.25 8.91
CA LEU D 118 2.95 19.76 9.89
C LEU D 118 2.76 18.28 10.14
N SER D 119 3.65 17.47 9.56
CA SER D 119 3.59 16.02 9.72
C SER D 119 4.21 15.61 11.06
N LYS D 120 5.43 16.12 11.31
CA LYS D 120 6.14 15.82 12.55
C LYS D 120 7.32 16.77 12.74
N VAL D 121 7.66 17.04 14.00
CA VAL D 121 8.77 17.95 14.32
C VAL D 121 9.43 17.52 15.63
N THR D 122 10.77 17.56 15.64
CA THR D 122 11.54 17.18 16.83
C THR D 122 11.90 18.42 17.64
N SER D 123 11.98 18.26 18.96
CA SER D 123 12.32 19.36 19.86
C SER D 123 13.75 19.19 20.40
N LYS D 124 14.13 20.07 21.33
CA LYS D 124 15.48 20.05 21.91
C LYS D 124 15.83 18.67 22.47
N CYS D 125 14.86 17.98 23.06
CA CYS D 125 15.11 16.66 23.63
C CYS D 125 13.81 15.88 23.80
N GLY D 126 13.93 14.60 24.15
CA GLY D 126 12.77 13.74 24.35
C GLY D 126 13.03 12.74 25.48
N SER D 127 14.15 12.02 25.37
CA SER D 127 14.52 11.02 26.38
C SER D 127 15.84 11.42 27.05
N LEU D 128 15.77 11.73 28.34
CA LEU D 128 16.96 12.12 29.10
C LEU D 128 17.61 10.90 29.73
N GLY D 129 18.83 10.58 29.29
CA GLY D 129 19.56 9.44 29.82
C GLY D 129 19.62 8.30 28.79
N GLU E 67 -15.35 37.23 -12.00
CA GLU E 67 -15.14 36.21 -13.06
C GLU E 67 -16.49 35.59 -13.43
N ASN E 68 -16.65 35.28 -14.72
CA ASN E 68 -17.90 34.67 -15.21
C ASN E 68 -17.61 33.72 -16.37
N LEU E 69 -18.24 32.55 -16.32
CA LEU E 69 -18.07 31.55 -17.37
C LEU E 69 -19.38 30.79 -17.61
N LYS E 70 -19.58 30.34 -18.85
CA LYS E 70 -20.79 29.60 -19.22
C LYS E 70 -20.57 28.80 -20.50
N HIS E 71 -21.57 28.00 -20.87
CA HIS E 71 -21.50 27.18 -22.08
C HIS E 71 -20.25 26.29 -22.04
N GLN E 72 -20.16 25.49 -20.98
CA GLN E 72 -19.02 24.58 -20.80
C GLN E 72 -19.50 23.11 -20.80
N PRO E 73 -20.19 22.66 -21.86
CA PRO E 73 -20.70 21.24 -21.94
C PRO E 73 -19.55 20.23 -21.97
N GLY E 74 -19.84 19.01 -21.53
CA GLY E 74 -18.83 17.94 -21.50
C GLY E 74 -19.15 16.91 -20.42
N GLY E 75 -18.29 15.90 -20.33
CA GLY E 75 -18.48 14.83 -19.34
C GLY E 75 -17.15 14.46 -18.69
N GLY E 76 -17.18 14.24 -17.38
CA GLY E 76 -15.98 13.87 -16.64
C GLY E 76 -15.09 15.09 -16.40
N LYS E 77 -15.54 15.97 -15.48
CA LYS E 77 -14.78 17.17 -15.16
C LYS E 77 -14.44 17.21 -13.67
N VAL E 78 -13.14 17.28 -13.37
CA VAL E 78 -12.67 17.31 -11.98
C VAL E 78 -13.19 16.06 -11.24
N GLN E 79 -12.42 14.98 -11.33
CA GLN E 79 -12.80 13.72 -10.68
C GLN E 79 -11.58 13.05 -10.05
N ILE E 80 -11.72 12.64 -8.78
CA ILE E 80 -10.63 11.97 -8.06
C ILE E 80 -11.08 10.55 -7.67
N ILE E 81 -10.48 9.55 -8.30
CA ILE E 81 -10.81 8.15 -8.03
C ILE E 81 -9.54 7.34 -7.77
N ASN E 82 -9.60 6.46 -6.78
CA ASN E 82 -8.47 5.61 -6.42
C ASN E 82 -8.86 4.13 -6.48
N LYS E 83 -8.30 3.41 -7.44
CA LYS E 83 -8.59 1.99 -7.61
C LYS E 83 -7.35 1.15 -7.37
N LYS E 84 -7.38 0.34 -6.31
CA LYS E 84 -6.24 -0.53 -5.96
C LYS E 84 -6.72 -1.97 -5.79
N LEU E 85 -6.18 -2.86 -6.62
CA LEU E 85 -6.54 -4.28 -6.56
C LEU E 85 -5.28 -5.14 -6.48
N ASP E 86 -4.97 -5.62 -5.27
CA ASP E 86 -3.79 -6.45 -5.05
C ASP E 86 -4.18 -7.79 -4.44
N LEU E 87 -3.56 -8.86 -4.92
CA LEU E 87 -3.83 -10.21 -4.42
C LEU E 87 -2.63 -10.69 -3.59
N SER E 88 -2.87 -10.91 -2.29
CA SER E 88 -1.82 -11.37 -1.39
C SER E 88 -2.21 -12.66 -0.69
N ASN E 89 -1.22 -13.53 -0.45
CA ASN E 89 -1.45 -14.81 0.21
C ASN E 89 -0.30 -15.13 1.16
N VAL E 90 -0.63 -15.49 2.40
CA VAL E 90 0.38 -15.82 3.40
C VAL E 90 0.61 -17.33 3.42
N GLN E 91 1.81 -17.74 3.84
CA GLN E 91 2.15 -19.17 3.91
C GLN E 91 2.49 -19.56 5.35
N SER E 92 2.72 -20.86 5.56
CA SER E 92 3.02 -21.38 6.89
C SER E 92 4.54 -21.50 7.08
N LYS E 93 4.95 -21.87 8.30
CA LYS E 93 6.37 -22.01 8.61
C LYS E 93 6.88 -23.38 8.18
N CYS E 94 6.05 -24.41 8.36
CA CYS E 94 6.42 -25.77 7.97
C CYS E 94 5.91 -26.10 6.56
N GLY E 95 4.90 -25.37 6.09
CA GLY E 95 4.33 -25.60 4.77
C GLY E 95 3.45 -26.84 4.76
N SER E 96 3.58 -27.64 3.70
CA SER E 96 2.78 -28.86 3.56
C SER E 96 3.68 -30.09 3.44
N LYS E 97 3.48 -31.04 4.35
CA LYS E 97 4.27 -32.27 4.36
C LYS E 97 3.45 -33.45 4.87
N ASP E 98 3.29 -34.47 4.03
CA ASP E 98 2.53 -35.66 4.40
C ASP E 98 3.20 -36.93 3.88
N ASN E 99 2.83 -38.07 4.48
CA ASN E 99 3.39 -39.36 4.08
C ASN E 99 2.33 -40.21 3.38
N ILE E 100 2.64 -40.67 2.17
CA ILE E 100 1.72 -41.49 1.39
C ILE E 100 2.30 -42.89 1.17
N LYS E 101 1.66 -43.90 1.74
CA LYS E 101 2.11 -45.28 1.62
C LYS E 101 1.20 -46.04 0.66
N HIS E 102 1.75 -46.40 -0.52
CA HIS E 102 1.00 -47.13 -1.52
C HIS E 102 1.78 -48.34 -2.01
N VAL E 103 1.30 -49.54 -1.65
CA VAL E 103 1.95 -50.77 -2.06
C VAL E 103 0.88 -51.81 -2.46
N PRO E 104 0.50 -51.90 -3.75
CA PRO E 104 -0.53 -52.88 -4.21
C PRO E 104 0.09 -54.23 -4.56
N GLY E 105 -0.58 -55.30 -4.11
CA GLY E 105 -0.10 -56.66 -4.39
C GLY E 105 -0.27 -57.00 -5.87
N GLY E 106 -1.41 -56.59 -6.44
CA GLY E 106 -1.70 -56.85 -7.84
C GLY E 106 -1.28 -55.68 -8.71
N GLY E 107 -1.90 -54.51 -8.46
CA GLY E 107 -1.58 -53.30 -9.22
C GLY E 107 -2.75 -52.34 -9.23
N SER E 108 -2.45 -51.05 -9.04
CA SER E 108 -3.47 -50.01 -9.02
C SER E 108 -2.83 -48.62 -9.19
N VAL E 109 -3.50 -47.75 -9.93
CA VAL E 109 -2.98 -46.41 -10.19
C VAL E 109 -3.30 -45.46 -9.03
N GLN E 110 -2.39 -44.52 -8.77
CA GLN E 110 -2.57 -43.56 -7.69
C GLN E 110 -2.18 -42.16 -8.15
N ILE E 111 -2.78 -41.13 -7.53
CA ILE E 111 -2.50 -39.74 -7.88
C ILE E 111 -2.33 -38.91 -6.60
N VAL E 112 -1.36 -38.00 -6.63
CA VAL E 112 -1.09 -37.13 -5.47
C VAL E 112 -1.06 -35.67 -5.92
N TYR E 113 -2.04 -34.89 -5.46
CA TYR E 113 -2.12 -33.48 -5.81
C TYR E 113 -1.51 -32.62 -4.70
N LYS E 114 -0.76 -31.60 -5.10
CA LYS E 114 -0.10 -30.71 -4.15
C LYS E 114 -0.79 -29.33 -4.14
N PRO E 115 -0.55 -28.48 -3.14
CA PRO E 115 -1.22 -27.13 -3.05
C PRO E 115 -0.94 -26.26 -4.28
N VAL E 116 -2.01 -25.77 -4.91
CA VAL E 116 -1.88 -24.91 -6.09
C VAL E 116 -2.34 -23.48 -5.78
N ASP E 117 -1.62 -22.51 -6.32
CA ASP E 117 -1.96 -21.10 -6.12
C ASP E 117 -2.79 -20.56 -7.27
N LEU E 118 -4.11 -20.49 -7.06
CA LEU E 118 -5.03 -20.00 -8.09
C LEU E 118 -5.48 -18.58 -7.76
N SER E 119 -4.92 -17.60 -8.48
CA SER E 119 -5.27 -16.20 -8.27
C SER E 119 -6.54 -15.86 -9.03
N LYS E 120 -6.58 -16.24 -10.31
CA LYS E 120 -7.76 -15.99 -11.15
C LYS E 120 -7.68 -16.81 -12.44
N VAL E 121 -8.85 -17.17 -12.98
CA VAL E 121 -8.91 -17.96 -14.22
C VAL E 121 -10.17 -17.60 -14.99
N THR E 122 -10.01 -17.46 -16.32
CA THR E 122 -11.14 -17.12 -17.19
C THR E 122 -11.74 -18.39 -17.80
N SER E 123 -13.06 -18.37 -18.04
CA SER E 123 -13.75 -19.51 -18.62
C SER E 123 -14.13 -19.23 -20.08
N LYS E 124 -14.89 -20.15 -20.69
CA LYS E 124 -15.31 -20.02 -22.08
C LYS E 124 -15.98 -18.68 -22.36
N CYS E 125 -16.77 -18.19 -21.40
CA CYS E 125 -17.47 -16.91 -21.57
C CYS E 125 -17.90 -16.33 -20.23
N GLY E 126 -18.38 -15.09 -20.25
CA GLY E 126 -18.84 -14.41 -19.05
C GLY E 126 -20.04 -13.52 -19.34
N SER E 127 -19.89 -12.66 -20.35
CA SER E 127 -20.96 -11.74 -20.74
C SER E 127 -21.41 -12.02 -22.17
N LEU E 128 -22.66 -12.49 -22.31
CA LEU E 128 -23.21 -12.81 -23.63
C LEU E 128 -23.91 -11.59 -24.22
N GLY E 129 -23.36 -11.08 -25.32
CA GLY E 129 -23.94 -9.91 -26.00
C GLY E 129 -23.06 -8.68 -25.79
N GLU F 67 16.47 -37.11 10.98
CA GLU F 67 17.41 -35.96 11.03
C GLU F 67 17.54 -35.47 12.47
N ASN F 68 18.75 -35.05 12.85
CA ASN F 68 19.00 -34.55 14.20
C ASN F 68 20.06 -33.45 14.19
N LEU F 69 19.79 -32.37 14.93
CA LEU F 69 20.71 -31.25 15.02
C LEU F 69 20.70 -30.65 16.42
N LYS F 70 21.84 -30.09 16.82
CA LYS F 70 21.96 -29.47 18.16
C LYS F 70 23.15 -28.52 18.20
N HIS F 71 23.29 -27.82 19.33
CA HIS F 71 24.38 -26.86 19.52
C HIS F 71 24.39 -25.83 18.38
N GLN F 72 23.25 -25.14 18.22
CA GLN F 72 23.09 -24.13 17.19
C GLN F 72 22.85 -22.73 17.82
N PRO F 73 23.75 -22.26 18.70
CA PRO F 73 23.60 -20.93 19.36
C PRO F 73 23.64 -19.78 18.35
N GLY F 74 23.01 -18.66 18.71
CA GLY F 74 22.98 -17.48 17.83
C GLY F 74 21.76 -16.62 18.12
N GLY F 75 21.63 -15.52 17.37
CA GLY F 75 20.51 -14.61 17.54
C GLY F 75 19.99 -14.14 16.19
N GLY F 76 18.66 -14.08 16.05
CA GLY F 76 18.02 -13.65 14.81
C GLY F 76 18.05 -14.76 13.77
N LYS F 77 17.21 -15.78 13.99
CA LYS F 77 17.13 -16.92 13.07
C LYS F 77 15.72 -17.06 12.53
N VAL F 78 15.59 -17.01 11.20
CA VAL F 78 14.28 -17.13 10.55
C VAL F 78 13.33 -16.05 11.09
N GLN F 79 13.37 -14.87 10.47
CA GLN F 79 12.53 -13.75 10.88
C GLN F 79 11.97 -13.00 9.67
N ILE F 80 10.66 -12.76 9.69
CA ILE F 80 9.99 -12.04 8.60
C ILE F 80 9.37 -10.74 9.14
N ILE F 81 9.95 -9.60 8.74
CA ILE F 81 9.46 -8.30 9.19
C ILE F 81 9.26 -7.37 7.99
N ASN F 82 8.16 -6.61 8.02
CA ASN F 82 7.84 -5.68 6.94
C ASN F 82 7.67 -4.26 7.50
N LYS F 83 8.60 -3.38 7.16
CA LYS F 83 8.54 -2.00 7.63
C LYS F 83 8.36 -1.03 6.46
N LYS F 84 7.20 -0.36 6.44
CA LYS F 84 6.89 0.60 5.38
C LYS F 84 6.49 1.94 5.98
N LEU F 85 7.26 2.99 5.66
CA LEU F 85 6.98 4.34 6.16
C LEU F 85 6.95 5.33 5.01
N ASP F 86 5.73 5.70 4.59
CA ASP F 86 5.55 6.65 3.49
C ASP F 86 4.72 7.85 3.94
N LEU F 87 5.15 9.05 3.51
CA LEU F 87 4.44 10.28 3.85
C LEU F 87 3.72 10.81 2.62
N SER F 88 2.38 10.87 2.70
CA SER F 88 1.56 11.34 1.59
C SER F 88 0.67 12.50 2.04
N ASN F 89 0.45 13.45 1.12
CA ASN F 89 -0.39 14.60 1.40
C ASN F 89 -1.22 14.96 0.17
N VAL F 90 -2.53 15.14 0.37
CA VAL F 90 -3.43 15.49 -0.73
C VAL F 90 -3.62 17.00 -0.78
N GLN F 91 -3.94 17.51 -1.97
CA GLN F 91 -4.15 18.95 -2.17
C GLN F 91 -5.57 19.22 -2.66
N SER F 92 -5.90 20.51 -2.77
CA SER F 92 -7.24 20.92 -3.19
C SER F 92 -7.27 21.21 -4.69
N LYS F 93 -8.47 21.48 -5.22
CA LYS F 93 -8.62 21.76 -6.65
C LYS F 93 -8.30 23.23 -6.95
N CYS F 94 -8.71 24.12 -6.03
CA CYS F 94 -8.45 25.55 -6.18
C CYS F 94 -7.17 25.98 -5.47
N GLY F 95 -6.75 25.18 -4.48
CA GLY F 95 -5.53 25.47 -3.72
C GLY F 95 -5.79 26.58 -2.71
N SER F 96 -4.83 27.50 -2.60
CA SER F 96 -4.94 28.63 -1.66
C SER F 96 -4.87 29.96 -2.40
N LYS F 97 -5.91 30.78 -2.22
CA LYS F 97 -5.98 32.09 -2.87
C LYS F 97 -6.73 33.09 -1.99
N ASP F 98 -6.05 34.18 -1.61
CA ASP F 98 -6.65 35.20 -0.78
C ASP F 98 -6.23 36.60 -1.22
N ASN F 99 -7.00 37.61 -0.82
CA ASN F 99 -6.70 38.99 -1.17
C ASN F 99 -6.25 39.77 0.06
N ILE F 100 -5.08 40.40 -0.03
CA ILE F 100 -4.52 41.18 1.08
C ILE F 100 -4.41 42.65 0.68
N LYS F 101 -5.19 43.50 1.36
CA LYS F 101 -5.17 44.94 1.08
C LYS F 101 -4.43 45.68 2.19
N HIS F 102 -3.26 46.24 1.85
CA HIS F 102 -2.45 46.97 2.81
C HIS F 102 -2.03 48.31 2.24
N VAL F 103 -2.60 49.39 2.79
CA VAL F 103 -2.26 50.74 2.34
C VAL F 103 -2.13 51.68 3.57
N PRO F 104 -0.93 51.85 4.13
CA PRO F 104 -0.72 52.74 5.31
C PRO F 104 -0.46 54.19 4.90
N GLY F 105 -1.12 55.12 5.62
CA GLY F 105 -0.97 56.55 5.35
C GLY F 105 0.43 57.03 5.74
N GLY F 106 0.90 56.54 6.90
CA GLY F 106 2.22 56.91 7.41
C GLY F 106 3.27 55.90 6.98
N GLY F 107 3.10 54.65 7.42
CA GLY F 107 4.04 53.58 7.08
C GLY F 107 4.02 52.48 8.13
N SER F 108 4.03 51.23 7.66
CA SER F 108 4.03 50.07 8.54
C SER F 108 4.44 48.81 7.79
N VAL F 109 5.21 47.95 8.45
CA VAL F 109 5.69 46.71 7.83
C VAL F 109 4.62 45.61 7.88
N GLN F 110 4.59 44.77 6.84
CA GLN F 110 3.63 43.68 6.77
C GLN F 110 4.31 42.39 6.28
N ILE F 111 3.75 41.25 6.68
CA ILE F 111 4.30 39.95 6.30
C ILE F 111 3.17 39.02 5.87
N VAL F 112 3.43 38.24 4.81
CA VAL F 112 2.44 37.29 4.30
C VAL F 112 3.07 35.90 4.16
N TYR F 113 2.59 34.96 4.98
CA TYR F 113 3.10 33.59 4.95
C TYR F 113 2.20 32.71 4.10
N LYS F 114 2.81 31.83 3.30
CA LYS F 114 2.06 30.93 2.43
C LYS F 114 2.14 29.49 2.96
N PRO F 115 1.29 28.57 2.48
CA PRO F 115 1.30 27.14 2.97
C PRO F 115 2.65 26.45 2.77
N VAL F 116 3.20 25.91 3.86
CA VAL F 116 4.49 25.20 3.80
C VAL F 116 4.30 23.71 4.05
N ASP F 117 5.06 22.89 3.31
CA ASP F 117 4.98 21.45 3.46
C ASP F 117 6.09 20.94 4.38
N LEU F 118 5.73 20.67 5.64
CA LEU F 118 6.68 20.19 6.62
C LEU F 118 6.49 18.69 6.87
N SER F 119 7.39 17.88 6.30
CA SER F 119 7.33 16.43 6.46
C SER F 119 7.95 16.02 7.79
N LYS F 120 9.15 16.53 8.04
CA LYS F 120 9.87 16.23 9.29
C LYS F 120 11.06 17.18 9.47
N VAL F 121 11.39 17.46 10.74
CA VAL F 121 12.50 18.36 11.06
C VAL F 121 13.16 17.93 12.36
N THR F 122 14.49 17.96 12.38
CA THR F 122 15.26 17.58 13.57
C THR F 122 15.63 18.82 14.37
N SER F 123 15.72 18.66 15.70
CA SER F 123 16.06 19.76 16.59
C SER F 123 17.48 19.60 17.14
N LYS F 124 17.87 20.48 18.07
CA LYS F 124 19.22 20.45 18.65
C LYS F 124 19.57 19.07 19.21
N CYS F 125 18.59 18.38 19.79
CA CYS F 125 18.83 17.05 20.37
C CYS F 125 17.53 16.29 20.54
N GLY F 126 17.66 15.00 20.89
CA GLY F 126 16.49 14.14 21.09
C GLY F 126 16.75 13.14 22.22
N SER F 127 17.87 12.42 22.11
CA SER F 127 18.24 11.43 23.12
C SER F 127 19.56 11.81 23.79
N LEU F 128 19.49 12.14 25.09
CA LEU F 128 20.67 12.52 25.84
C LEU F 128 21.33 11.29 26.48
N GLY F 129 22.54 10.98 26.03
CA GLY F 129 23.28 9.83 26.56
C GLY F 129 23.33 8.70 25.53
N GLU G 67 -11.64 37.66 -15.20
CA GLU G 67 -11.43 36.64 -16.26
C GLU G 67 -12.78 36.01 -16.64
N ASN G 68 -12.95 35.70 -17.92
CA ASN G 68 -14.19 35.11 -18.41
C ASN G 68 -13.91 34.15 -19.58
N LEU G 69 -14.54 32.98 -19.53
CA LEU G 69 -14.37 31.98 -20.58
C LEU G 69 -15.68 31.22 -20.82
N LYS G 70 -15.87 30.77 -22.06
CA LYS G 70 -17.08 30.04 -22.43
C LYS G 70 -16.87 29.24 -23.71
N HIS G 71 -17.88 28.44 -24.08
CA HIS G 71 -17.79 27.63 -25.29
C HIS G 71 -16.56 26.73 -25.25
N GLN G 72 -16.46 25.93 -24.19
CA GLN G 72 -15.31 25.02 -24.01
C GLN G 72 -15.79 23.54 -24.02
N PRO G 73 -16.49 23.09 -25.07
CA PRO G 73 -16.99 21.68 -25.16
C PRO G 73 -15.84 20.67 -25.19
N GLY G 74 -16.13 19.45 -24.74
CA GLY G 74 -15.13 18.38 -24.73
C GLY G 74 -15.45 17.35 -23.66
N GLY G 75 -14.59 16.33 -23.55
CA GLY G 75 -14.77 15.26 -22.58
C GLY G 75 -13.44 14.89 -21.92
N GLY G 76 -13.47 14.67 -20.61
CA GLY G 76 -12.27 14.30 -19.87
C GLY G 76 -11.39 15.52 -19.63
N LYS G 77 -11.83 16.40 -18.71
CA LYS G 77 -11.08 17.61 -18.39
C LYS G 77 -10.73 17.63 -16.90
N VAL G 78 -9.44 17.71 -16.60
CA VAL G 78 -8.96 17.74 -15.21
C VAL G 78 -9.47 16.49 -14.48
N GLN G 79 -8.71 15.40 -14.56
CA GLN G 79 -9.09 14.15 -13.91
C GLN G 79 -7.87 13.48 -13.28
N ILE G 80 -8.01 13.06 -12.01
CA ILE G 80 -6.93 12.39 -11.30
C ILE G 80 -7.37 10.97 -10.90
N ILE G 81 -6.77 9.97 -11.55
CA ILE G 81 -7.10 8.57 -11.27
C ILE G 81 -5.83 7.77 -11.01
N ASN G 82 -5.89 6.88 -10.02
CA ASN G 82 -4.75 6.03 -9.67
C ASN G 82 -5.15 4.56 -9.71
N LYS G 83 -4.58 3.83 -10.69
CA LYS G 83 -4.87 2.41 -10.86
C LYS G 83 -3.62 1.57 -10.62
N LYS G 84 -3.66 0.76 -9.56
CA LYS G 84 -2.53 -0.11 -9.22
C LYS G 84 -3.00 -1.55 -9.05
N LEU G 85 -2.46 -2.45 -9.89
CA LEU G 85 -2.82 -3.86 -9.83
C LEU G 85 -1.56 -4.72 -9.75
N ASP G 86 -1.25 -5.20 -8.53
CA ASP G 86 -0.07 -6.03 -8.32
C ASP G 86 -0.45 -7.37 -7.69
N LEU G 87 0.16 -8.44 -8.19
CA LEU G 87 -0.10 -9.79 -7.69
C LEU G 87 1.09 -10.27 -6.86
N SER G 88 0.85 -10.49 -5.57
CA SER G 88 1.91 -10.95 -4.66
C SER G 88 1.52 -12.25 -3.96
N ASN G 89 2.50 -13.11 -3.73
CA ASN G 89 2.27 -14.39 -3.06
C ASN G 89 3.43 -14.72 -2.12
N VAL G 90 3.10 -15.07 -0.88
CA VAL G 90 4.11 -15.41 0.12
C VAL G 90 4.34 -16.92 0.14
N GLN G 91 5.54 -17.33 0.56
CA GLN G 91 5.89 -18.75 0.63
C GLN G 91 6.23 -19.14 2.06
N SER G 92 6.46 -20.45 2.27
CA SER G 92 6.76 -20.97 3.60
C SER G 92 8.27 -21.10 3.80
N LYS G 93 8.68 -21.47 5.01
CA LYS G 93 10.10 -21.60 5.33
C LYS G 93 10.62 -22.97 4.89
N CYS G 94 9.79 -24.00 5.07
CA CYS G 94 10.15 -25.36 4.67
C CYS G 94 9.64 -25.70 3.26
N GLY G 95 8.63 -24.97 2.80
CA GLY G 95 8.06 -25.19 1.47
C GLY G 95 7.17 -26.43 1.46
N SER G 96 7.30 -27.23 0.40
CA SER G 96 6.50 -28.45 0.26
C SER G 96 7.41 -29.67 0.15
N LYS G 97 7.21 -30.64 1.05
CA LYS G 97 8.01 -31.86 1.06
C LYS G 97 7.18 -33.05 1.57
N ASP G 98 7.03 -34.07 0.72
CA ASP G 98 6.26 -35.26 1.10
C ASP G 98 6.94 -36.51 0.57
N ASN G 99 6.57 -37.65 1.18
CA ASN G 99 7.13 -38.95 0.77
C ASN G 99 6.06 -39.79 0.08
N ILE G 100 6.38 -40.25 -1.13
CA ILE G 100 5.44 -41.08 -1.92
C ILE G 100 6.04 -42.46 -2.14
N LYS G 101 5.39 -43.49 -1.56
CA LYS G 101 5.85 -44.87 -1.70
C LYS G 101 4.94 -45.63 -2.66
N HIS G 102 5.49 -45.98 -3.83
CA HIS G 102 4.73 -46.70 -4.84
C HIS G 102 5.51 -47.92 -5.34
N VAL G 103 5.04 -49.11 -4.97
CA VAL G 103 5.69 -50.35 -5.38
C VAL G 103 4.61 -51.39 -5.79
N PRO G 104 4.23 -51.47 -7.07
CA PRO G 104 3.21 -52.45 -7.54
C PRO G 104 3.82 -53.81 -7.89
N GLY G 105 3.16 -54.88 -7.45
CA GLY G 105 3.62 -56.24 -7.72
C GLY G 105 3.46 -56.58 -9.20
N GLY G 106 2.32 -56.17 -9.76
CA GLY G 106 2.03 -56.43 -11.17
C GLY G 106 2.45 -55.24 -12.04
N GLY G 107 1.84 -54.09 -11.79
CA GLY G 107 2.15 -52.88 -12.54
C GLY G 107 0.98 -51.90 -12.54
N SER G 108 1.29 -50.62 -12.36
CA SER G 108 0.26 -49.57 -12.34
C SER G 108 0.90 -48.20 -12.51
N VAL G 109 0.23 -47.33 -13.25
CA VAL G 109 0.74 -45.98 -13.51
C VAL G 109 0.42 -45.04 -12.34
N GLN G 110 1.34 -44.10 -12.08
CA GLN G 110 1.16 -43.13 -11.00
C GLN G 110 1.55 -41.72 -11.46
N ILE G 111 0.94 -40.71 -10.84
CA ILE G 111 1.23 -39.32 -11.18
C ILE G 111 1.40 -38.49 -9.91
N VAL G 112 2.37 -37.58 -9.93
CA VAL G 112 2.64 -36.72 -8.78
C VAL G 112 2.67 -35.25 -9.22
N TYR G 113 1.68 -34.47 -8.76
CA TYR G 113 1.60 -33.06 -9.11
C TYR G 113 2.21 -32.21 -8.00
N LYS G 114 2.97 -31.18 -8.40
CA LYS G 114 3.62 -30.28 -7.45
C LYS G 114 2.93 -28.91 -7.44
N PRO G 115 3.18 -28.05 -6.43
CA PRO G 115 2.51 -26.71 -6.35
C PRO G 115 2.79 -25.83 -7.57
N VAL G 116 1.71 -25.35 -8.20
CA VAL G 116 1.85 -24.48 -9.38
C VAL G 116 1.39 -23.07 -9.07
N ASP G 117 2.10 -22.08 -9.61
CA ASP G 117 1.76 -20.67 -9.40
C ASP G 117 0.93 -20.14 -10.56
N LEU G 118 -0.39 -20.06 -10.34
CA LEU G 118 -1.30 -19.57 -11.37
C LEU G 118 -1.76 -18.15 -11.05
N SER G 119 -1.19 -17.17 -11.76
CA SER G 119 -1.54 -15.77 -11.55
C SER G 119 -2.82 -15.44 -12.31
N LYS G 120 -2.86 -15.80 -13.59
CA LYS G 120 -4.03 -15.56 -14.43
C LYS G 120 -3.96 -16.37 -15.72
N VAL G 121 -5.12 -16.74 -16.25
CA VAL G 121 -5.19 -17.52 -17.49
C VAL G 121 -6.45 -17.16 -18.27
N THR G 122 -6.31 -17.03 -19.59
CA THR G 122 -7.42 -16.69 -20.46
C THR G 122 -8.02 -17.95 -21.07
N SER G 123 -9.34 -17.93 -21.31
CA SER G 123 -10.03 -19.08 -21.90
C SER G 123 -10.42 -18.79 -23.36
N LYS G 124 -11.17 -19.71 -23.96
CA LYS G 124 -11.58 -19.58 -25.36
C LYS G 124 -12.27 -18.24 -25.63
N CYS G 125 -13.06 -17.74 -24.67
CA CYS G 125 -13.75 -16.47 -24.84
C CYS G 125 -14.18 -15.90 -23.50
N GLY G 126 -14.67 -14.65 -23.52
CA GLY G 126 -15.12 -13.97 -22.31
C GLY G 126 -16.33 -13.08 -22.60
N SER G 127 -16.18 -12.22 -23.61
CA SER G 127 -17.25 -11.30 -24.01
C SER G 127 -17.70 -11.58 -25.44
N LEU G 128 -18.94 -12.05 -25.57
CA LEU G 128 -19.50 -12.37 -26.89
C LEU G 128 -20.19 -11.15 -27.48
N GLY G 129 -19.65 -10.64 -28.59
CA GLY G 129 -20.22 -9.47 -29.25
C GLY G 129 -19.35 -8.23 -29.04
N GLU H 67 20.13 -36.71 7.71
CA GLU H 67 21.08 -35.56 7.77
C GLU H 67 21.20 -35.07 9.20
N ASN H 68 22.41 -34.64 9.59
CA ASN H 68 22.66 -34.15 10.94
C ASN H 68 23.72 -33.06 10.93
N LEU H 69 23.45 -31.98 11.68
CA LEU H 69 24.38 -30.85 11.76
C LEU H 69 24.37 -30.25 13.16
N LYS H 70 25.51 -29.70 13.58
CA LYS H 70 25.62 -29.08 14.90
C LYS H 70 26.82 -28.13 14.94
N HIS H 71 26.96 -27.43 16.08
CA HIS H 71 28.06 -26.48 16.26
C HIS H 71 28.06 -25.44 15.13
N GLN H 72 26.92 -24.75 14.97
CA GLN H 72 26.78 -23.73 13.93
C GLN H 72 26.54 -22.34 14.56
N PRO H 73 27.43 -21.87 15.44
CA PRO H 73 27.28 -20.53 16.11
C PRO H 73 27.32 -19.39 15.09
N GLY H 74 26.70 -18.26 15.45
CA GLY H 74 26.66 -17.10 14.57
C GLY H 74 25.44 -16.23 14.86
N GLY H 75 25.32 -15.13 14.12
CA GLY H 75 24.19 -14.21 14.28
C GLY H 75 23.67 -13.75 12.93
N GLY H 76 22.35 -13.68 12.80
CA GLY H 76 21.71 -13.25 11.56
C GLY H 76 21.74 -14.36 10.51
N LYS H 77 20.90 -15.38 10.74
CA LYS H 77 20.82 -16.52 9.81
C LYS H 77 19.40 -16.66 9.27
N VAL H 78 19.26 -16.60 7.94
CA VAL H 78 17.97 -16.72 7.29
C VAL H 78 17.02 -15.65 7.83
N GLN H 79 17.06 -14.46 7.20
CA GLN H 79 16.21 -13.35 7.63
C GLN H 79 15.66 -12.59 6.41
N ILE H 80 14.35 -12.35 6.43
CA ILE H 80 13.69 -11.63 5.34
C ILE H 80 13.07 -10.34 5.88
N ILE H 81 13.65 -9.19 5.48
CA ILE H 81 13.16 -7.89 5.93
C ILE H 81 12.96 -6.96 4.73
N ASN H 82 11.85 -6.20 4.76
CA ASN H 82 11.55 -5.27 3.68
C ASN H 82 11.37 -3.85 4.24
N LYS H 83 12.30 -2.97 3.90
CA LYS H 83 12.25 -1.58 4.37
C LYS H 83 12.06 -0.62 3.20
N LYS H 84 10.92 0.06 3.17
CA LYS H 84 10.61 1.02 2.11
C LYS H 84 10.20 2.36 2.71
N LEU H 85 10.98 3.40 2.40
CA LEU H 85 10.70 4.75 2.90
C LEU H 85 10.66 5.75 1.74
N ASP H 86 9.45 6.12 1.33
CA ASP H 86 9.27 7.07 0.22
C ASP H 86 8.45 8.27 0.67
N LEU H 87 8.88 9.46 0.24
CA LEU H 87 8.18 10.70 0.59
C LEU H 87 7.45 11.23 -0.64
N SER H 88 6.12 11.29 -0.56
CA SER H 88 5.29 11.77 -1.67
C SER H 88 4.40 12.92 -1.23
N ASN H 89 4.18 13.87 -2.14
CA ASN H 89 3.33 15.03 -1.87
C ASN H 89 2.51 15.39 -3.09
N VAL H 90 1.20 15.56 -2.90
CA VAL H 90 0.30 15.91 -3.99
C VAL H 90 0.12 17.43 -4.06
N GLN H 91 -0.20 17.94 -5.25
CA GLN H 91 -0.40 19.37 -5.45
C GLN H 91 -1.82 19.65 -5.93
N SER H 92 -2.16 20.93 -6.04
CA SER H 92 -3.50 21.35 -6.47
C SER H 92 -3.52 21.64 -7.96
N LYS H 93 -4.72 21.92 -8.49
CA LYS H 93 -4.88 22.20 -9.92
C LYS H 93 -4.55 23.67 -10.22
N CYS H 94 -4.96 24.55 -9.30
CA CYS H 94 -4.70 25.99 -9.46
C CYS H 94 -3.41 26.40 -8.74
N GLY H 95 -2.99 25.60 -7.75
CA GLY H 95 -1.78 25.91 -6.98
C GLY H 95 -2.03 27.01 -5.98
N SER H 96 -1.08 27.94 -5.86
CA SER H 96 -1.20 29.05 -4.92
C SER H 96 -1.12 30.39 -5.66
N LYS H 97 -2.15 31.21 -5.48
CA LYS H 97 -2.22 32.53 -6.14
C LYS H 97 -2.97 33.52 -5.27
N ASP H 98 -2.29 34.61 -4.89
CA ASP H 98 -2.89 35.64 -4.04
C ASP H 98 -2.46 37.03 -4.49
N ASN H 99 -3.24 38.03 -4.09
CA ASN H 99 -2.93 39.42 -4.44
C ASN H 99 -2.48 40.20 -3.21
N ILE H 100 -1.32 40.83 -3.30
CA ILE H 100 -0.76 41.61 -2.18
C ILE H 100 -0.64 43.08 -2.59
N LYS H 101 -1.41 43.93 -1.92
CA LYS H 101 -1.40 45.37 -2.19
C LYS H 101 -0.65 46.12 -1.08
N HIS H 102 0.51 46.66 -1.43
CA HIS H 102 1.33 47.39 -0.46
C HIS H 102 1.75 48.74 -1.03
N VAL H 103 1.19 49.82 -0.48
CA VAL H 103 1.52 51.17 -0.92
C VAL H 103 1.66 52.10 0.30
N PRO H 104 2.86 52.28 0.86
CA PRO H 104 3.07 53.17 2.04
C PRO H 104 3.32 54.62 1.63
N GLY H 105 2.67 55.54 2.35
CA GLY H 105 2.82 56.96 2.08
C GLY H 105 4.21 57.44 2.47
N GLY H 106 4.68 56.96 3.64
CA GLY H 106 6.00 57.33 4.14
C GLY H 106 7.06 56.31 3.71
N GLY H 107 6.88 55.07 4.15
CA GLY H 107 7.81 54.00 3.81
C GLY H 107 7.80 52.89 4.86
N SER H 108 7.82 51.64 4.39
CA SER H 108 7.80 50.48 5.28
C SER H 108 8.22 49.23 4.51
N VAL H 109 8.98 48.36 5.18
CA VAL H 109 9.46 47.12 4.56
C VAL H 109 8.39 46.02 4.61
N GLN H 110 8.37 45.19 3.58
CA GLN H 110 7.40 44.10 3.49
C GLN H 110 8.08 42.81 3.02
N ILE H 111 7.52 41.67 3.41
CA ILE H 111 8.08 40.36 3.03
C ILE H 111 6.94 39.43 2.60
N VAL H 112 7.20 38.66 1.54
CA VAL H 112 6.20 37.71 1.03
C VAL H 112 6.83 36.32 0.89
N TYR H 113 6.35 35.38 1.71
CA TYR H 113 6.87 34.01 1.68
C TYR H 113 5.95 33.13 0.84
N LYS H 114 6.57 32.26 0.03
CA LYS H 114 5.82 31.35 -0.84
C LYS H 114 5.90 29.90 -0.32
N PRO H 115 5.04 28.98 -0.79
CA PRO H 115 5.06 27.56 -0.30
C PRO H 115 6.39 26.88 -0.50
N VAL H 116 6.94 26.32 0.59
CA VAL H 116 8.23 25.63 0.53
C VAL H 116 8.05 24.12 0.78
N ASP H 117 8.80 23.30 0.04
CA ASP H 117 8.72 21.86 0.20
C ASP H 117 9.83 21.35 1.11
N LEU H 118 9.46 21.09 2.37
CA LEU H 118 10.43 20.60 3.35
C LEU H 118 10.24 19.10 3.60
N SER H 119 11.12 18.29 3.04
CA SER H 119 11.05 16.84 3.20
C SER H 119 11.68 16.43 4.52
N LYS H 120 12.89 16.94 4.78
CA LYS H 120 13.60 16.64 6.02
C LYS H 120 14.78 17.59 6.20
N VAL H 121 15.12 17.86 7.47
CA VAL H 121 16.23 18.76 7.79
C VAL H 121 16.90 18.34 9.10
N THR H 122 18.23 18.36 9.12
CA THR H 122 18.99 17.99 10.30
C THR H 122 19.36 19.23 11.11
N SER H 123 19.45 19.06 12.43
CA SER H 123 19.79 20.18 13.32
C SER H 123 21.21 20.00 13.87
N LYS H 124 21.61 20.88 14.81
CA LYS H 124 22.94 20.85 15.39
C LYS H 124 23.30 19.47 15.95
N CYS H 125 22.32 18.78 16.54
CA CYS H 125 22.56 17.45 17.10
C CYS H 125 21.25 16.68 17.27
N GLY H 126 21.38 15.41 17.63
CA GLY H 126 20.22 14.54 17.83
C GLY H 126 20.48 13.54 18.96
N SER H 127 21.59 12.82 18.86
CA SER H 127 21.96 11.83 19.86
C SER H 127 23.28 12.21 20.53
N LEU H 128 23.21 12.53 21.82
CA LEU H 128 24.39 12.91 22.58
C LEU H 128 25.04 11.69 23.22
N GLY H 129 26.26 11.38 22.77
CA GLY H 129 27.00 10.22 23.29
C GLY H 129 27.04 9.10 22.27
N GLU I 67 -7.93 38.09 -18.40
CA GLU I 67 -7.73 37.07 -19.47
C GLU I 67 -9.07 36.45 -19.84
N ASN I 68 -9.24 36.13 -21.13
CA ASN I 68 -10.48 35.54 -21.61
C ASN I 68 -10.20 34.59 -22.78
N LEU I 69 -10.84 33.41 -22.73
CA LEU I 69 -10.66 32.42 -23.78
C LEU I 69 -11.98 31.66 -24.03
N LYS I 70 -12.16 31.21 -25.27
CA LYS I 70 -13.38 30.48 -25.64
C LYS I 70 -13.16 29.68 -26.92
N HIS I 71 -14.16 28.88 -27.29
CA HIS I 71 -14.09 28.07 -28.50
C HIS I 71 -12.85 27.17 -28.47
N GLN I 72 -12.75 26.36 -27.41
CA GLN I 72 -11.61 25.46 -27.22
C GLN I 72 -12.09 23.98 -27.24
N PRO I 73 -12.78 23.54 -28.29
CA PRO I 73 -13.28 22.12 -28.37
C PRO I 73 -12.14 21.11 -28.41
N GLY I 74 -12.43 19.89 -27.97
CA GLY I 74 -11.42 18.82 -27.95
C GLY I 74 -11.74 17.78 -26.89
N GLY I 75 -10.88 16.77 -26.78
CA GLY I 75 -11.06 15.71 -25.80
C GLY I 75 -9.74 15.33 -25.16
N GLY I 76 -9.76 15.11 -23.84
CA GLY I 76 -8.56 14.74 -23.10
C GLY I 76 -7.68 15.95 -22.86
N LYS I 77 -8.12 16.83 -21.94
CA LYS I 77 -7.36 18.05 -21.61
C LYS I 77 -7.02 18.06 -20.13
N VAL I 78 -5.73 18.14 -19.83
CA VAL I 78 -5.25 18.17 -18.44
C VAL I 78 -5.76 16.92 -17.71
N GLN I 79 -4.99 15.83 -17.79
CA GLN I 79 -5.37 14.57 -17.14
C GLN I 79 -4.15 13.90 -16.52
N ILE I 80 -4.29 13.49 -15.25
CA ILE I 80 -3.21 12.81 -14.53
C ILE I 80 -3.65 11.40 -14.15
N ILE I 81 -3.05 10.40 -14.78
CA ILE I 81 -3.39 9.00 -14.51
C ILE I 81 -2.11 8.19 -14.25
N ASN I 82 -2.17 7.30 -13.26
CA ASN I 82 -1.03 6.46 -12.91
C ASN I 82 -1.43 4.98 -12.96
N LYS I 83 -0.86 4.26 -13.94
CA LYS I 83 -1.16 2.84 -14.11
C LYS I 83 0.09 2.00 -13.88
N LYS I 84 0.06 1.18 -12.82
CA LYS I 84 1.19 0.31 -12.47
C LYS I 84 0.72 -1.13 -12.30
N LEU I 85 1.25 -2.02 -13.14
CA LEU I 85 0.90 -3.43 -13.09
C LEU I 85 2.16 -4.30 -13.01
N ASP I 86 2.47 -4.77 -11.80
CA ASP I 86 3.66 -5.60 -11.58
C ASP I 86 3.26 -6.95 -10.96
N LEU I 87 3.88 -8.02 -11.46
CA LEU I 87 3.63 -9.36 -10.95
C LEU I 87 4.81 -9.85 -10.12
N SER I 88 4.57 -10.08 -8.83
CA SER I 88 5.64 -10.54 -7.93
C SER I 88 5.24 -11.84 -7.24
N ASN I 89 6.23 -12.69 -7.01
CA ASN I 89 6.00 -13.97 -6.34
C ASN I 89 7.16 -14.30 -5.40
N VAL I 90 6.83 -14.66 -4.16
CA VAL I 90 7.85 -14.99 -3.16
C VAL I 90 8.07 -16.51 -3.14
N GLN I 91 9.27 -16.92 -2.73
CA GLN I 91 9.62 -18.34 -2.66
C GLN I 91 9.96 -18.74 -1.22
N SER I 92 10.19 -20.04 -1.02
CA SER I 92 10.50 -20.57 0.31
C SER I 92 12.01 -20.69 0.50
N LYS I 93 12.42 -21.05 1.71
CA LYS I 93 13.83 -21.20 2.03
C LYS I 93 14.35 -22.56 1.59
N CYS I 94 13.52 -23.59 1.77
CA CYS I 94 13.89 -24.95 1.38
C CYS I 94 13.38 -25.28 -0.04
N GLY I 95 12.36 -24.55 -0.50
CA GLY I 95 11.80 -24.78 -1.82
C GLY I 95 10.91 -26.02 -1.83
N SER I 96 11.04 -26.81 -2.90
CA SER I 96 10.23 -28.03 -3.03
C SER I 96 11.14 -29.26 -3.15
N LYS I 97 10.94 -30.22 -2.25
CA LYS I 97 11.75 -31.45 -2.25
C LYS I 97 10.91 -32.63 -1.74
N ASP I 98 10.76 -33.65 -2.58
CA ASP I 98 9.99 -34.84 -2.21
C ASP I 98 10.67 -36.10 -2.73
N ASN I 99 10.30 -37.24 -2.14
CA ASN I 99 10.86 -38.54 -2.54
C ASN I 99 9.79 -39.38 -3.24
N ILE I 100 10.11 -39.84 -4.45
CA ILE I 100 9.18 -40.66 -5.23
C ILE I 100 9.77 -42.05 -5.46
N LYS I 101 9.12 -43.06 -4.88
CA LYS I 101 9.58 -44.44 -5.02
C LYS I 101 8.67 -45.21 -5.99
N HIS I 102 9.22 -45.56 -7.15
CA HIS I 102 8.47 -46.29 -8.17
C HIS I 102 9.25 -47.50 -8.66
N VAL I 103 8.77 -48.70 -8.29
CA VAL I 103 9.42 -49.94 -8.72
C VAL I 103 8.35 -50.97 -9.12
N PRO I 104 7.96 -51.05 -10.39
CA PRO I 104 6.94 -52.03 -10.86
C PRO I 104 7.55 -53.39 -11.21
N GLY I 105 6.89 -54.46 -10.77
CA GLY I 105 7.36 -55.82 -11.05
C GLY I 105 7.19 -56.15 -12.53
N GLY I 106 6.05 -55.75 -13.10
CA GLY I 106 5.76 -56.00 -14.50
C GLY I 106 6.18 -54.82 -15.37
N GLY I 107 5.56 -53.66 -15.12
CA GLY I 107 5.88 -52.45 -15.87
C GLY I 107 4.71 -51.48 -15.87
N SER I 108 5.02 -50.19 -15.68
CA SER I 108 3.99 -49.15 -15.67
C SER I 108 4.63 -47.77 -15.83
N VAL I 109 3.96 -46.89 -16.58
CA VAL I 109 4.47 -45.54 -16.83
C VAL I 109 4.16 -44.60 -15.66
N GLN I 110 5.06 -43.67 -15.39
CA GLN I 110 4.89 -42.71 -14.31
C GLN I 110 5.27 -41.30 -14.77
N ILE I 111 4.67 -40.29 -14.15
CA ILE I 111 4.96 -38.89 -14.49
C ILE I 111 5.12 -38.07 -13.21
N VAL I 112 6.09 -37.15 -13.24
CA VAL I 112 6.36 -36.28 -12.08
C VAL I 112 6.40 -34.82 -12.53
N TYR I 113 5.42 -34.05 -12.07
CA TYR I 113 5.33 -32.63 -12.41
C TYR I 113 5.94 -31.78 -11.30
N LYS I 114 6.70 -30.76 -11.71
CA LYS I 114 7.36 -29.86 -10.74
C LYS I 114 6.67 -28.49 -10.73
N PRO I 115 6.91 -27.64 -9.73
CA PRO I 115 6.25 -26.29 -9.65
C PRO I 115 6.52 -25.42 -10.86
N VAL I 116 5.45 -24.92 -11.49
CA VAL I 116 5.58 -24.06 -12.67
C VAL I 116 5.11 -22.64 -12.35
N ASP I 117 5.82 -21.65 -12.90
CA ASP I 117 5.48 -20.26 -12.68
C ASP I 117 4.66 -19.71 -13.85
N LEU I 118 3.34 -19.63 -13.63
CA LEU I 118 2.42 -19.15 -14.65
C LEU I 118 1.97 -17.73 -14.32
N SER I 119 2.53 -16.75 -15.04
CA SER I 119 2.18 -15.34 -14.83
C SER I 119 0.90 -15.01 -15.58
N LYS I 120 0.86 -15.38 -16.87
CA LYS I 120 -0.32 -15.13 -17.69
C LYS I 120 -0.24 -15.94 -19.00
N VAL I 121 -1.40 -16.30 -19.53
CA VAL I 121 -1.46 -17.09 -20.76
C VAL I 121 -2.74 -16.73 -21.55
N THR I 122 -2.59 -16.59 -22.86
CA THR I 122 -3.71 -16.25 -23.74
C THR I 122 -4.30 -17.51 -24.35
N SER I 123 -5.62 -17.49 -24.59
CA SER I 123 -6.31 -18.64 -25.17
C SER I 123 -6.70 -18.35 -26.63
N LYS I 124 -7.46 -19.27 -27.23
CA LYS I 124 -7.87 -19.14 -28.64
C LYS I 124 -8.55 -17.79 -28.90
N CYS I 125 -9.34 -17.31 -27.94
CA CYS I 125 -10.04 -16.02 -28.11
C CYS I 125 -10.47 -15.45 -26.77
N GLY I 126 -10.96 -14.21 -26.79
CA GLY I 126 -11.41 -13.53 -25.58
C GLY I 126 -12.62 -12.64 -25.87
N SER I 127 -12.47 -11.78 -26.87
CA SER I 127 -13.54 -10.87 -27.26
C SER I 127 -13.99 -11.15 -28.70
N LEU I 128 -15.23 -11.62 -28.83
CA LEU I 128 -15.78 -11.92 -30.15
C LEU I 128 -16.49 -10.71 -30.74
N GLY I 129 -15.94 -10.19 -31.84
CA GLY I 129 -16.51 -9.02 -32.51
C GLY I 129 -15.63 -7.80 -32.29
N GLU J 67 23.79 -36.31 4.46
CA GLU J 67 24.74 -35.16 4.52
C GLU J 67 24.86 -34.68 5.95
N ASN J 68 26.07 -34.24 6.33
CA ASN J 68 26.32 -33.76 7.68
C ASN J 68 27.38 -32.66 7.67
N LEU J 69 27.12 -31.59 8.42
CA LEU J 69 28.04 -30.46 8.51
C LEU J 69 28.03 -29.86 9.91
N LYS J 70 29.18 -29.31 10.32
CA LYS J 70 29.30 -28.68 11.64
C LYS J 70 30.49 -27.74 11.69
N HIS J 71 30.63 -27.04 12.82
CA HIS J 71 31.73 -26.09 13.00
C HIS J 71 31.73 -25.06 11.87
N GLN J 72 30.60 -24.36 11.72
CA GLN J 72 30.45 -23.33 10.67
C GLN J 72 30.21 -21.95 11.31
N PRO J 73 31.11 -21.48 12.19
CA PRO J 73 30.96 -20.14 12.85
C PRO J 73 31.00 -19.00 11.84
N GLY J 74 30.38 -17.87 12.19
CA GLY J 74 30.36 -16.71 11.32
C GLY J 74 29.13 -15.84 11.61
N GLY J 75 29.01 -14.74 10.86
CA GLY J 75 27.88 -13.82 11.02
C GLY J 75 27.36 -13.35 9.66
N GLY J 76 26.03 -13.28 9.54
CA GLY J 76 25.40 -12.85 8.30
C GLY J 76 25.42 -13.96 7.26
N LYS J 77 24.59 -14.99 7.47
CA LYS J 77 24.50 -16.12 6.55
C LYS J 77 23.09 -16.26 6.01
N VAL J 78 22.96 -16.20 4.68
CA VAL J 78 21.66 -16.33 4.02
C VAL J 78 20.71 -15.24 4.57
N GLN J 79 20.76 -14.06 3.94
CA GLN J 79 19.91 -12.95 4.36
C GLN J 79 19.36 -12.19 3.15
N ILE J 80 18.04 -11.94 3.17
CA ILE J 80 17.38 -11.22 2.08
C ILE J 80 16.77 -9.93 2.62
N ILE J 81 17.34 -8.79 2.22
CA ILE J 81 16.86 -7.48 2.68
C ILE J 81 16.66 -6.56 1.48
N ASN J 82 15.56 -5.80 1.50
CA ASN J 82 15.25 -4.86 0.42
C ASN J 82 15.07 -3.45 0.98
N LYS J 83 16.01 -2.56 0.63
CA LYS J 83 15.97 -1.17 1.11
C LYS J 83 15.78 -0.21 -0.07
N LYS J 84 14.63 0.48 -0.08
CA LYS J 84 14.32 1.42 -1.14
C LYS J 84 13.92 2.78 -0.55
N LEU J 85 14.69 3.81 -0.87
CA LEU J 85 14.41 5.16 -0.37
C LEU J 85 14.39 6.16 -1.52
N ASP J 86 13.17 6.53 -1.94
CA ASP J 86 13.00 7.48 -3.04
C ASP J 86 12.17 8.68 -2.59
N LEU J 87 12.60 9.87 -3.02
CA LEU J 87 11.90 11.11 -2.68
C LEU J 87 11.17 11.65 -3.91
N SER J 88 9.84 11.70 -3.82
CA SER J 88 9.02 12.18 -4.94
C SER J 88 8.13 13.35 -4.50
N ASN J 89 7.90 14.29 -5.41
CA ASN J 89 7.07 15.45 -5.14
C ASN J 89 6.25 15.82 -6.36
N VAL J 90 4.94 15.99 -6.17
CA VAL J 90 4.03 16.34 -7.27
C VAL J 90 3.86 17.85 -7.33
N GLN J 91 3.54 18.36 -8.52
CA GLN J 91 3.34 19.81 -8.72
C GLN J 91 1.92 20.08 -9.21
N SER J 92 1.59 21.37 -9.31
CA SER J 92 0.24 21.79 -9.73
C SER J 92 0.23 22.08 -11.23
N LYS J 93 -0.98 22.35 -11.77
CA LYS J 93 -1.13 22.64 -13.19
C LYS J 93 -0.80 24.09 -13.48
N CYS J 94 -1.21 24.99 -12.58
CA CYS J 94 -0.95 26.41 -12.73
C CYS J 94 0.34 26.84 -12.01
N GLY J 95 0.76 26.04 -11.03
CA GLY J 95 1.97 26.33 -10.25
C GLY J 95 1.72 27.45 -9.25
N SER J 96 2.67 28.36 -9.14
CA SER J 96 2.57 29.48 -8.20
C SER J 96 2.64 30.81 -8.94
N LYS J 97 1.60 31.64 -8.75
CA LYS J 97 1.54 32.95 -9.41
C LYS J 97 0.79 33.95 -8.53
N ASP J 98 1.47 35.04 -8.16
CA ASP J 98 0.87 36.06 -7.32
C ASP J 98 1.30 37.46 -7.77
N ASN J 99 0.53 38.47 -7.36
CA ASN J 99 0.83 39.85 -7.71
C ASN J 99 1.28 40.63 -6.48
N ILE J 100 2.45 41.26 -6.57
CA ILE J 100 3.01 42.03 -5.45
C ILE J 100 3.13 43.50 -5.85
N LYS J 101 2.35 44.36 -5.19
CA LYS J 101 2.38 45.79 -5.47
C LYS J 101 3.12 46.54 -4.36
N HIS J 102 4.29 47.08 -4.69
CA HIS J 102 5.10 47.81 -3.73
C HIS J 102 5.54 49.17 -4.30
N VAL J 103 4.97 50.24 -3.75
CA VAL J 103 5.30 51.59 -4.19
C VAL J 103 5.43 52.53 -2.97
N PRO J 104 6.64 52.70 -2.41
CA PRO J 104 6.85 53.59 -1.23
C PRO J 104 7.10 55.04 -1.64
N GLY J 105 6.45 55.96 -0.92
CA GLY J 105 6.61 57.39 -1.20
C GLY J 105 8.00 57.87 -0.79
N GLY J 106 8.48 57.38 0.36
CA GLY J 106 9.79 57.75 0.87
C GLY J 106 10.84 56.73 0.44
N GLY J 107 10.67 55.49 0.88
CA GLY J 107 11.60 54.42 0.54
C GLY J 107 11.58 53.31 1.59
N SER J 108 11.59 52.06 1.12
CA SER J 108 11.59 50.90 2.00
C SER J 108 12.00 49.64 1.25
N VAL J 109 12.76 48.77 1.92
CA VAL J 109 13.23 47.53 1.29
C VAL J 109 12.16 46.45 1.34
N GLN J 110 12.14 45.60 0.31
CA GLN J 110 11.17 44.51 0.23
C GLN J 110 11.85 43.22 -0.25
N ILE J 111 11.28 42.08 0.15
CA ILE J 111 11.83 40.78 -0.24
C ILE J 111 10.70 39.85 -0.67
N VAL J 112 10.96 39.06 -1.72
CA VAL J 112 9.96 38.13 -2.25
C VAL J 112 10.59 36.74 -2.38
N TYR J 113 10.11 35.80 -1.56
CA TYR J 113 10.62 34.42 -1.59
C TYR J 113 9.71 33.54 -2.43
N LYS J 114 10.33 32.67 -3.24
CA LYS J 114 9.58 31.77 -4.11
C LYS J 114 9.65 30.32 -3.58
N PRO J 115 8.80 29.40 -4.06
CA PRO J 115 8.80 27.99 -3.56
C PRO J 115 10.16 27.30 -3.77
N VAL J 116 10.69 26.74 -2.68
CA VAL J 116 11.98 26.04 -2.75
C VAL J 116 11.79 24.55 -2.48
N ASP J 117 12.55 23.72 -3.22
CA ASP J 117 12.46 22.27 -3.07
C ASP J 117 13.57 21.76 -2.15
N LEU J 118 13.21 21.50 -0.90
CA LEU J 118 14.17 21.01 0.10
C LEU J 118 13.97 19.51 0.34
N SER J 119 14.86 18.70 -0.23
CA SER J 119 14.78 17.26 -0.07
C SER J 119 15.41 16.84 1.26
N LYS J 120 16.63 17.35 1.51
CA LYS J 120 17.34 17.04 2.76
C LYS J 120 18.52 17.99 2.94
N VAL J 121 18.86 18.27 4.20
CA VAL J 121 19.97 19.17 4.53
C VAL J 121 20.63 18.74 5.84
N THR J 122 21.97 18.76 5.85
CA THR J 122 22.73 18.39 7.04
C THR J 122 23.10 19.63 7.85
N SER J 123 23.19 19.47 9.17
CA SER J 123 23.53 20.58 10.06
C SER J 123 24.95 20.40 10.61
N LYS J 124 25.34 21.28 11.54
CA LYS J 124 26.68 21.24 12.13
C LYS J 124 27.03 19.86 12.68
N CYS J 125 26.05 19.18 13.27
CA CYS J 125 26.29 17.85 13.84
C CYS J 125 24.99 17.08 14.02
N GLY J 126 25.11 15.80 14.37
CA GLY J 126 23.94 14.93 14.57
C GLY J 126 24.20 13.94 15.69
N SER J 127 25.32 13.22 15.60
CA SER J 127 25.68 12.23 16.60
C SER J 127 26.99 12.61 17.27
N LEU J 128 26.93 12.92 18.57
CA LEU J 128 28.11 13.31 19.32
C LEU J 128 28.76 12.09 19.95
N GLY J 129 29.99 11.76 19.52
CA GLY J 129 30.71 10.62 20.04
C GLY J 129 30.77 9.48 19.01
N GLU A 67 -38.99 -4.99 -32.58
CA GLU A 67 -38.36 -3.95 -33.45
C GLU A 67 -38.61 -2.57 -32.84
N ASN A 68 -37.87 -1.57 -33.33
CA ASN A 68 -38.01 -0.19 -32.84
C ASN A 68 -37.81 -0.14 -31.32
N LEU A 69 -36.60 0.20 -30.90
CA LEU A 69 -36.29 0.29 -29.47
C LEU A 69 -35.23 1.36 -29.22
N LYS A 70 -35.21 1.88 -27.99
CA LYS A 70 -34.25 2.92 -27.62
C LYS A 70 -33.04 2.31 -26.91
N HIS A 71 -33.30 1.64 -25.78
CA HIS A 71 -32.23 1.02 -24.99
C HIS A 71 -31.18 2.07 -24.62
N GLN A 72 -31.62 3.12 -23.94
CA GLN A 72 -30.73 4.21 -23.51
C GLN A 72 -30.81 4.39 -21.98
N PRO A 73 -30.19 3.51 -21.19
CA PRO A 73 -30.22 3.62 -19.70
C PRO A 73 -29.37 4.80 -19.19
N GLY A 74 -29.71 5.28 -17.99
CA GLY A 74 -28.99 6.40 -17.39
C GLY A 74 -27.82 5.91 -16.55
N GLY A 75 -28.12 5.53 -15.30
CA GLY A 75 -27.09 5.03 -14.38
C GLY A 75 -27.15 5.77 -13.04
N GLY A 76 -26.00 6.25 -12.58
CA GLY A 76 -25.92 6.97 -11.31
C GLY A 76 -25.14 8.27 -11.47
N LYS A 77 -25.59 9.31 -10.77
CA LYS A 77 -24.94 10.61 -10.82
C LYS A 77 -23.80 10.69 -9.81
N VAL A 78 -24.13 10.49 -8.53
CA VAL A 78 -23.14 10.53 -7.45
C VAL A 78 -23.30 9.30 -6.56
N GLN A 79 -22.21 8.54 -6.41
CA GLN A 79 -22.23 7.34 -5.58
C GLN A 79 -21.03 7.32 -4.63
N ILE A 80 -21.32 7.12 -3.34
CA ILE A 80 -20.27 7.08 -2.31
C ILE A 80 -20.36 5.77 -1.55
N ILE A 81 -19.35 4.92 -1.71
CA ILE A 81 -19.31 3.61 -1.03
C ILE A 81 -18.03 3.47 -0.21
N ASN A 82 -18.20 2.99 1.03
CA ASN A 82 -17.09 2.80 1.95
C ASN A 82 -16.44 1.43 1.78
N LYS A 83 -15.14 1.36 2.06
CA LYS A 83 -14.38 0.12 1.91
C LYS A 83 -14.44 -0.79 3.14
N LYS A 84 -14.71 -2.07 2.89
CA LYS A 84 -14.75 -3.06 3.97
C LYS A 84 -13.35 -3.64 4.21
N LEU A 85 -13.05 -3.91 5.49
CA LEU A 85 -11.75 -4.44 5.87
C LEU A 85 -11.90 -5.82 6.51
N ASP A 86 -11.30 -6.83 5.88
CA ASP A 86 -11.37 -8.21 6.39
C ASP A 86 -10.26 -8.45 7.42
N LEU A 87 -10.66 -8.55 8.68
CA LEU A 87 -9.71 -8.77 9.77
C LEU A 87 -9.73 -10.24 10.19
N SER A 88 -8.65 -10.96 9.87
CA SER A 88 -8.53 -12.37 10.22
C SER A 88 -7.15 -12.67 10.78
N ASN A 89 -7.07 -12.83 12.11
CA ASN A 89 -5.80 -13.13 12.78
C ASN A 89 -5.83 -14.53 13.36
N VAL A 90 -4.76 -15.29 13.10
CA VAL A 90 -4.64 -16.66 13.60
C VAL A 90 -3.27 -16.88 14.22
N GLN A 91 -3.26 -17.36 15.47
CA GLN A 91 -2.01 -17.62 16.18
C GLN A 91 -2.04 -19.02 16.79
N SER A 92 -0.97 -19.79 16.55
CA SER A 92 -0.87 -21.15 17.08
C SER A 92 0.55 -21.47 17.49
N LYS A 93 0.77 -21.58 18.80
CA LYS A 93 2.10 -21.89 19.34
C LYS A 93 2.49 -23.33 19.02
N CYS A 94 1.50 -24.23 19.09
CA CYS A 94 1.73 -25.65 18.80
C CYS A 94 1.36 -25.98 17.36
N GLY A 95 0.44 -25.20 16.77
CA GLY A 95 0.00 -25.42 15.40
C GLY A 95 -1.05 -26.53 15.32
N SER A 96 -1.25 -27.06 14.11
CA SER A 96 -2.22 -28.12 13.90
C SER A 96 -1.62 -29.23 13.05
N LYS A 97 -2.04 -30.48 13.33
CA LYS A 97 -1.54 -31.63 12.60
C LYS A 97 -2.70 -32.42 11.98
N ASP A 98 -2.46 -32.98 10.80
CA ASP A 98 -3.49 -33.76 10.09
C ASP A 98 -2.90 -35.04 9.52
N ASN A 99 -3.56 -36.17 9.80
CA ASN A 99 -3.11 -37.47 9.32
C ASN A 99 -4.19 -38.15 8.50
N ILE A 100 -3.83 -38.57 7.28
CA ILE A 100 -4.79 -39.24 6.39
C ILE A 100 -4.25 -40.63 6.02
N LYS A 101 -4.93 -41.66 6.54
CA LYS A 101 -4.52 -43.05 6.27
C LYS A 101 -5.75 -43.92 5.99
N HIS A 102 -6.03 -44.16 4.71
CA HIS A 102 -7.17 -44.97 4.31
C HIS A 102 -6.80 -45.92 3.16
N VAL A 103 -7.40 -47.11 3.17
CA VAL A 103 -7.14 -48.11 2.13
C VAL A 103 -8.47 -48.54 1.49
N PRO A 104 -8.90 -47.95 0.37
CA PRO A 104 -10.19 -48.32 -0.29
C PRO A 104 -10.02 -49.52 -1.22
N GLY A 105 -11.13 -50.22 -1.46
CA GLY A 105 -11.12 -51.40 -2.33
C GLY A 105 -11.31 -51.00 -3.80
N GLY A 106 -10.57 -49.97 -4.22
CA GLY A 106 -10.67 -49.49 -5.60
C GLY A 106 -11.87 -48.56 -5.77
N GLY A 107 -11.61 -47.37 -6.32
CA GLY A 107 -12.67 -46.39 -6.55
C GLY A 107 -12.92 -45.56 -5.30
N SER A 108 -12.16 -44.48 -5.14
CA SER A 108 -12.29 -43.59 -3.98
C SER A 108 -11.81 -42.19 -4.32
N VAL A 109 -12.37 -41.19 -3.62
CA VAL A 109 -12.00 -39.80 -3.84
C VAL A 109 -12.05 -39.02 -2.51
N GLN A 110 -10.91 -38.45 -2.14
CA GLN A 110 -10.81 -37.67 -0.90
C GLN A 110 -10.04 -36.38 -1.13
N ILE A 111 -10.53 -35.29 -0.55
CA ILE A 111 -9.88 -33.98 -0.70
C ILE A 111 -9.49 -33.44 0.69
N VAL A 112 -8.17 -33.40 0.95
CA VAL A 112 -7.67 -32.91 2.22
C VAL A 112 -6.60 -31.85 1.98
N TYR A 113 -6.94 -30.58 2.24
CA TYR A 113 -5.99 -29.47 2.03
C TYR A 113 -5.84 -28.63 3.29
N LYS A 114 -4.65 -28.03 3.43
CA LYS A 114 -4.33 -27.19 4.59
C LYS A 114 -5.08 -25.84 4.48
N PRO A 115 -5.02 -24.97 5.49
CA PRO A 115 -5.74 -23.66 5.48
C PRO A 115 -5.48 -22.86 4.21
N VAL A 116 -6.55 -22.46 3.52
CA VAL A 116 -6.43 -21.69 2.28
C VAL A 116 -6.63 -20.20 2.56
N ASP A 117 -5.84 -19.37 1.88
CA ASP A 117 -5.92 -17.92 2.04
C ASP A 117 -6.52 -17.27 0.80
N LEU A 118 -7.83 -16.99 0.86
CA LEU A 118 -8.52 -16.37 -0.27
C LEU A 118 -8.90 -14.92 0.05
N SER A 119 -8.25 -13.99 -0.64
CA SER A 119 -8.51 -12.57 -0.44
C SER A 119 -9.61 -12.07 -1.38
N LYS A 120 -9.37 -12.22 -2.68
CA LYS A 120 -10.33 -11.80 -3.69
C LYS A 120 -10.27 -12.73 -4.91
N VAL A 121 -11.43 -13.28 -5.27
CA VAL A 121 -11.53 -14.20 -6.42
C VAL A 121 -12.68 -13.75 -7.33
N THR A 122 -12.34 -13.48 -8.59
CA THR A 122 -13.33 -13.04 -9.57
C THR A 122 -14.10 -14.24 -10.14
N SER A 123 -15.36 -14.02 -10.48
CA SER A 123 -16.21 -15.06 -11.04
C SER A 123 -16.69 -14.68 -12.44
N LYS A 124 -17.60 -15.48 -13.02
CA LYS A 124 -18.13 -15.22 -14.35
C LYS A 124 -19.02 -13.97 -14.41
N CYS A 125 -19.11 -13.21 -13.31
CA CYS A 125 -19.92 -12.00 -13.27
C CYS A 125 -19.26 -10.94 -12.38
N GLY A 126 -19.23 -9.70 -12.87
CA GLY A 126 -18.63 -8.60 -12.13
C GLY A 126 -19.63 -7.94 -11.20
N SER A 127 -19.11 -7.31 -10.14
CA SER A 127 -19.95 -6.62 -9.16
C SER A 127 -20.90 -5.64 -9.84
N LEU A 128 -20.39 -4.92 -10.84
CA LEU A 128 -21.19 -3.95 -11.57
C LEU A 128 -21.74 -4.55 -12.86
N GLY A 129 -20.91 -5.35 -13.54
CA GLY A 129 -21.32 -6.00 -14.78
C GLY A 129 -21.91 -7.38 -14.51
N GLU B 67 26.75 3.51 42.84
CA GLU B 67 27.83 2.65 42.25
C GLU B 67 27.38 1.19 42.23
N ASN B 68 28.11 0.36 41.49
CA ASN B 68 27.80 -1.06 41.38
C ASN B 68 26.35 -1.25 40.92
N LEU B 69 26.18 -1.48 39.61
CA LEU B 69 24.85 -1.67 39.04
C LEU B 69 24.91 -2.61 37.84
N LYS B 70 23.78 -3.26 37.54
CA LYS B 70 23.71 -4.19 36.42
C LYS B 70 23.13 -3.51 35.19
N HIS B 71 21.89 -3.01 35.31
CA HIS B 71 21.22 -2.34 34.19
C HIS B 71 21.15 -3.28 32.98
N GLN B 72 20.57 -4.46 33.18
CA GLN B 72 20.43 -5.44 32.11
C GLN B 72 18.95 -5.81 31.90
N PRO B 73 18.16 -4.94 31.24
CA PRO B 73 16.71 -5.22 30.98
C PRO B 73 16.51 -6.32 29.94
N GLY B 74 15.35 -6.97 30.00
CA GLY B 74 15.03 -8.05 29.06
C GLY B 74 14.33 -7.49 27.83
N GLY B 75 13.01 -7.31 27.94
CA GLY B 75 12.21 -6.78 26.83
C GLY B 75 10.99 -7.66 26.57
N GLY B 76 10.79 -8.03 25.31
CA GLY B 76 9.66 -8.86 24.92
C GLY B 76 10.10 -10.02 24.04
N LYS B 77 9.48 -11.18 24.24
CA LYS B 77 9.81 -12.38 23.46
C LYS B 77 9.02 -12.41 22.16
N VAL B 78 7.68 -12.40 22.28
CA VAL B 78 6.81 -12.43 21.11
C VAL B 78 5.74 -11.33 21.24
N GLN B 79 5.67 -10.45 20.24
CA GLN B 79 4.70 -9.36 20.24
C GLN B 79 3.96 -9.29 18.91
N ILE B 80 2.63 -9.28 18.98
CA ILE B 80 1.79 -9.21 17.78
C ILE B 80 0.85 -8.01 17.89
N ILE B 81 1.07 -7.02 17.02
CA ILE B 81 0.23 -5.80 17.01
C ILE B 81 -0.38 -5.59 15.62
N ASN B 82 -1.67 -5.27 15.62
CA ASN B 82 -2.42 -5.04 14.39
C ASN B 82 -2.33 -3.58 13.95
N LYS B 83 -2.40 -3.37 12.64
CA LYS B 83 -2.29 -2.02 12.06
C LYS B 83 -3.62 -1.28 12.01
N LYS B 84 -3.61 -0.03 12.45
CA LYS B 84 -4.79 0.84 12.42
C LYS B 84 -4.88 1.55 11.07
N LEU B 85 -6.11 1.72 10.59
CA LEU B 85 -6.35 2.39 9.30
C LEU B 85 -7.17 3.65 9.49
N ASP B 86 -6.60 4.80 9.13
CA ASP B 86 -7.28 6.08 9.27
C ASP B 86 -8.14 6.35 8.03
N LEU B 87 -9.46 6.27 8.21
CA LEU B 87 -10.40 6.49 7.10
C LEU B 87 -11.00 7.89 7.21
N SER B 88 -10.61 8.77 6.29
CA SER B 88 -11.12 10.15 6.28
C SER B 88 -11.49 10.56 4.86
N ASN B 89 -12.79 10.58 4.57
CA ASN B 89 -13.27 10.97 3.25
C ASN B 89 -14.03 12.29 3.32
N VAL B 90 -13.71 13.20 2.41
CA VAL B 90 -14.36 14.51 2.37
C VAL B 90 -14.77 14.85 0.93
N GLN B 91 -16.05 15.19 0.76
CA GLN B 91 -16.57 15.54 -0.56
C GLN B 91 -17.36 16.84 -0.48
N SER B 92 -17.05 17.77 -1.40
CA SER B 92 -17.73 19.05 -1.43
C SER B 92 -17.95 19.52 -2.87
N LYS B 93 -19.21 19.50 -3.30
CA LYS B 93 -19.55 19.93 -4.66
C LYS B 93 -19.37 21.44 -4.82
N CYS B 94 -19.71 22.18 -3.77
CA CYS B 94 -19.58 23.65 -3.77
C CYS B 94 -18.28 24.09 -3.11
N GLY B 95 -17.75 23.26 -2.20
CA GLY B 95 -16.51 23.57 -1.51
C GLY B 95 -16.75 24.52 -0.34
N SER B 96 -15.68 25.15 0.14
CA SER B 96 -15.77 26.10 1.25
C SER B 96 -14.99 27.37 0.93
N LYS B 97 -15.49 28.50 1.43
CA LYS B 97 -14.83 29.79 1.21
C LYS B 97 -14.53 30.47 2.54
N ASP B 98 -13.41 31.19 2.58
CA ASP B 98 -12.98 31.89 3.79
C ASP B 98 -12.50 33.30 3.46
N ASN B 99 -13.03 34.29 4.19
CA ASN B 99 -12.66 35.69 3.97
C ASN B 99 -12.12 36.30 5.27
N ILE B 100 -10.93 36.90 5.18
CA ILE B 100 -10.30 37.52 6.34
C ILE B 100 -10.04 39.01 6.04
N LYS B 101 -10.78 39.88 6.73
CA LYS B 101 -10.64 41.33 6.54
C LYS B 101 -10.69 42.05 7.88
N HIS B 102 -9.50 42.38 8.42
CA HIS B 102 -9.41 43.08 9.70
C HIS B 102 -8.36 44.18 9.65
N VAL B 103 -8.62 45.28 10.36
CA VAL B 103 -7.68 46.41 10.41
C VAL B 103 -7.34 46.73 11.89
N PRO B 104 -6.23 46.21 12.43
CA PRO B 104 -5.84 46.48 13.84
C PRO B 104 -5.06 47.78 13.98
N GLY B 105 -5.10 48.36 15.19
CA GLY B 105 -4.40 49.62 15.46
C GLY B 105 -2.95 49.36 15.87
N GLY B 106 -2.28 48.49 15.11
CA GLY B 106 -0.88 48.15 15.39
C GLY B 106 -0.79 47.09 16.48
N GLY B 107 -0.04 46.02 16.20
CA GLY B 107 0.13 44.93 17.16
C GLY B 107 -1.02 43.95 17.09
N SER B 108 -0.91 42.97 16.19
CA SER B 108 -1.95 41.95 16.03
C SER B 108 -1.37 40.67 15.45
N VAL B 109 -2.00 39.54 15.76
CA VAL B 109 -1.55 38.23 15.28
C VAL B 109 -2.75 37.32 15.02
N GLN B 110 -2.86 36.87 13.76
CA GLN B 110 -3.95 35.98 13.36
C GLN B 110 -3.42 34.83 12.50
N ILE B 111 -3.93 33.63 12.75
CA ILE B 111 -3.51 32.45 11.98
C ILE B 111 -4.72 31.82 11.30
N VAL B 112 -4.75 31.92 9.97
CA VAL B 112 -5.86 31.37 9.18
C VAL B 112 -5.30 30.49 8.06
N TYR B 113 -5.45 29.17 8.21
CA TYR B 113 -4.95 28.23 7.19
C TYR B 113 -6.04 27.28 6.71
N LYS B 114 -5.91 26.84 5.47
CA LYS B 114 -6.87 25.92 4.86
C LYS B 114 -6.72 24.51 5.46
N PRO B 115 -7.59 23.54 5.11
CA PRO B 115 -7.51 22.15 5.68
C PRO B 115 -6.12 21.54 5.55
N VAL B 116 -5.57 21.09 6.68
CA VAL B 116 -4.24 20.47 6.69
C VAL B 116 -4.35 18.95 6.67
N ASP B 117 -3.44 18.31 5.92
CA ASP B 117 -3.43 16.86 5.81
C ASP B 117 -2.22 16.28 6.55
N LEU B 118 -2.45 15.82 7.78
CA LEU B 118 -1.38 15.24 8.59
C LEU B 118 -1.57 13.73 8.73
N SER B 119 -0.66 12.97 8.12
CA SER B 119 -0.72 11.51 8.18
C SER B 119 0.09 10.99 9.36
N LYS B 120 1.38 11.31 9.37
CA LYS B 120 2.28 10.88 10.45
C LYS B 120 3.35 11.94 10.71
N VAL B 121 3.45 12.36 11.97
CA VAL B 121 4.43 13.37 12.37
C VAL B 121 5.18 12.88 13.61
N THR B 122 6.51 12.79 13.48
CA THR B 122 7.36 12.33 14.57
C THR B 122 7.64 13.48 15.54
N SER B 123 7.80 13.13 16.82
CA SER B 123 8.07 14.11 17.88
C SER B 123 9.41 13.81 18.55
N LYS B 124 9.72 14.55 19.62
CA LYS B 124 10.98 14.37 20.36
C LYS B 124 11.05 13.02 21.10
N CYS B 125 10.06 12.14 20.90
CA CYS B 125 10.05 10.83 21.55
C CYS B 125 9.44 9.79 20.63
N GLY B 126 10.08 8.62 20.55
CA GLY B 126 9.60 7.54 19.69
C GLY B 126 8.61 6.65 20.43
N SER B 127 7.74 5.98 19.67
CA SER B 127 6.73 5.08 20.24
C SER B 127 7.37 4.07 21.18
N LEU B 128 8.52 3.54 20.77
CA LEU B 128 9.24 2.55 21.57
C LEU B 128 10.33 3.21 22.41
N GLY B 129 11.02 4.18 21.82
CA GLY B 129 12.09 4.90 22.51
C GLY B 129 11.54 6.15 23.19
N GLU C 67 -35.22 -4.38 -35.76
CA GLU C 67 -34.59 -3.34 -36.62
C GLU C 67 -34.83 -1.96 -36.01
N ASN C 68 -34.10 -0.96 -36.51
CA ASN C 68 -34.22 0.41 -36.01
C ASN C 68 -34.03 0.46 -34.50
N LEU C 69 -32.81 0.80 -34.08
CA LEU C 69 -32.50 0.89 -32.65
C LEU C 69 -31.43 1.95 -32.39
N LYS C 70 -31.41 2.47 -31.17
CA LYS C 70 -30.45 3.50 -30.79
C LYS C 70 -29.24 2.89 -30.08
N HIS C 71 -29.50 2.22 -28.95
CA HIS C 71 -28.43 1.59 -28.16
C HIS C 71 -27.36 2.63 -27.79
N GLN C 72 -27.81 3.69 -27.12
CA GLN C 72 -26.92 4.77 -26.69
C GLN C 72 -26.99 4.96 -25.15
N PRO C 73 -26.37 4.07 -24.37
CA PRO C 73 -26.38 4.18 -22.87
C PRO C 73 -25.54 5.35 -22.37
N GLY C 74 -25.87 5.83 -21.17
CA GLY C 74 -25.14 6.95 -20.57
C GLY C 74 -23.97 6.45 -19.73
N GLY C 75 -24.28 6.07 -18.48
CA GLY C 75 -23.25 5.57 -17.56
C GLY C 75 -23.31 6.31 -16.23
N GLY C 76 -22.15 6.77 -15.76
CA GLY C 76 -22.06 7.49 -14.49
C GLY C 76 -21.28 8.80 -14.65
N LYS C 77 -21.73 9.83 -13.94
CA LYS C 77 -21.07 11.14 -13.99
C LYS C 77 -19.93 11.21 -12.99
N VAL C 78 -20.26 11.01 -11.71
CA VAL C 78 -19.26 11.04 -10.64
C VAL C 78 -19.43 9.81 -9.75
N GLN C 79 -18.34 9.05 -9.60
CA GLN C 79 -18.35 7.84 -8.77
C GLN C 79 -17.16 7.82 -7.82
N ILE C 80 -17.44 7.63 -6.54
CA ILE C 80 -16.39 7.58 -5.51
C ILE C 80 -16.49 6.26 -4.74
N ILE C 81 -15.48 5.40 -4.91
CA ILE C 81 -15.45 4.10 -4.23
C ILE C 81 -14.16 3.96 -3.41
N ASN C 82 -14.33 3.48 -2.18
CA ASN C 82 -13.22 3.29 -1.25
C ASN C 82 -12.58 1.91 -1.44
N LYS C 83 -11.28 1.83 -1.16
CA LYS C 83 -10.52 0.58 -1.31
C LYS C 83 -10.57 -0.32 -0.09
N LYS C 84 -10.86 -1.60 -0.33
CA LYS C 84 -10.90 -2.60 0.74
C LYS C 84 -9.50 -3.18 0.98
N LEU C 85 -9.20 -3.45 2.26
CA LEU C 85 -7.89 -4.00 2.64
C LEU C 85 -8.05 -5.38 3.28
N ASP C 86 -7.46 -6.38 2.65
CA ASP C 86 -7.53 -7.75 3.15
C ASP C 86 -6.43 -8.00 4.17
N LEU C 87 -6.83 -8.12 5.45
CA LEU C 87 -5.87 -8.34 6.53
C LEU C 87 -5.90 -9.81 6.96
N SER C 88 -4.82 -10.53 6.63
CA SER C 88 -4.71 -11.94 6.98
C SER C 88 -3.33 -12.25 7.54
N ASN C 89 -3.25 -12.41 8.86
CA ASN C 89 -1.99 -12.71 9.53
C ASN C 89 -2.01 -14.11 10.11
N VAL C 90 -0.94 -14.88 9.84
CA VAL C 90 -0.83 -16.25 10.34
C VAL C 90 0.55 -16.48 10.96
N GLN C 91 0.56 -16.96 12.20
CA GLN C 91 1.81 -17.23 12.91
C GLN C 91 1.78 -18.63 13.52
N SER C 92 2.84 -19.40 13.28
CA SER C 92 2.94 -20.76 13.80
C SER C 92 4.36 -21.09 14.22
N LYS C 93 4.58 -21.19 15.52
CA LYS C 93 5.91 -21.51 16.07
C LYS C 93 6.29 -22.95 15.74
N CYS C 94 5.30 -23.84 15.81
CA CYS C 94 5.53 -25.27 15.51
C CYS C 94 5.15 -25.60 14.07
N GLY C 95 4.23 -24.82 13.49
CA GLY C 95 3.79 -25.03 12.12
C GLY C 95 2.73 -26.14 12.04
N SER C 96 2.53 -26.66 10.83
CA SER C 96 1.54 -27.72 10.62
C SER C 96 2.15 -28.84 9.76
N LYS C 97 1.72 -30.07 10.05
CA LYS C 97 2.21 -31.24 9.31
C LYS C 97 1.05 -32.00 8.69
N ASP C 98 1.29 -32.57 7.50
CA ASP C 98 0.26 -33.34 6.80
C ASP C 98 0.84 -34.63 6.23
N ASN C 99 0.18 -35.75 6.51
CA ASN C 99 0.62 -37.06 6.02
C ASN C 99 -0.47 -37.73 5.20
N ILE C 100 -0.12 -38.15 3.98
CA ILE C 100 -1.07 -38.81 3.09
C ILE C 100 -0.55 -40.21 2.73
N LYS C 101 -1.22 -41.24 3.24
CA LYS C 101 -0.82 -42.62 2.97
C LYS C 101 -2.05 -43.49 2.69
N HIS C 102 -2.34 -43.72 1.42
CA HIS C 102 -3.49 -44.54 1.01
C HIS C 102 -3.12 -45.48 -0.13
N VAL C 103 -3.72 -46.67 -0.13
CA VAL C 103 -3.47 -47.67 -1.17
C VAL C 103 -4.82 -48.10 -1.81
N PRO C 104 -5.24 -47.50 -2.93
CA PRO C 104 -6.52 -47.86 -3.59
C PRO C 104 -6.37 -49.07 -4.52
N GLY C 105 -7.48 -49.77 -4.76
CA GLY C 105 -7.47 -50.93 -5.63
C GLY C 105 -7.68 -50.53 -7.09
N GLY C 106 -6.93 -49.51 -7.52
CA GLY C 106 -7.02 -49.02 -8.89
C GLY C 106 -8.21 -48.10 -9.07
N GLY C 107 -7.96 -46.90 -9.62
CA GLY C 107 -9.01 -45.91 -9.84
C GLY C 107 -9.26 -45.09 -8.58
N SER C 108 -8.48 -44.00 -8.43
CA SER C 108 -8.62 -43.13 -7.27
C SER C 108 -8.12 -41.72 -7.60
N VAL C 109 -8.68 -40.73 -6.90
CA VAL C 109 -8.31 -39.34 -7.11
C VAL C 109 -8.36 -38.56 -5.79
N GLN C 110 -7.21 -37.98 -5.41
CA GLN C 110 -7.11 -37.21 -4.17
C GLN C 110 -6.33 -35.93 -4.41
N ILE C 111 -6.81 -34.83 -3.83
CA ILE C 111 -6.16 -33.53 -3.97
C ILE C 111 -5.76 -33.00 -2.60
N VAL C 112 -4.45 -32.96 -2.34
CA VAL C 112 -3.92 -32.47 -1.06
C VAL C 112 -2.87 -31.41 -1.31
N TYR C 113 -3.20 -30.15 -1.04
CA TYR C 113 -2.26 -29.04 -1.25
C TYR C 113 -2.09 -28.20 0.02
N LYS C 114 -0.90 -27.61 0.15
CA LYS C 114 -0.58 -26.77 1.30
C LYS C 114 -1.31 -25.42 1.21
N PRO C 115 -1.25 -24.55 2.22
CA PRO C 115 -1.97 -23.23 2.20
C PRO C 115 -1.70 -22.43 0.94
N VAL C 116 -2.78 -22.04 0.24
CA VAL C 116 -2.65 -21.25 -0.98
C VAL C 116 -2.85 -19.76 -0.70
N ASP C 117 -2.06 -18.93 -1.38
CA ASP C 117 -2.13 -17.48 -1.21
C ASP C 117 -2.73 -16.83 -2.47
N LEU C 118 -4.04 -16.55 -2.40
CA LEU C 118 -4.74 -15.92 -3.52
C LEU C 118 -5.10 -14.48 -3.19
N SER C 119 -4.46 -13.54 -3.89
CA SER C 119 -4.71 -12.11 -3.68
C SER C 119 -5.80 -11.63 -4.62
N LYS C 120 -5.56 -11.78 -5.93
CA LYS C 120 -6.52 -11.34 -6.94
C LYS C 120 -6.48 -12.28 -8.15
N VAL C 121 -7.64 -12.82 -8.52
CA VAL C 121 -7.74 -13.74 -9.66
C VAL C 121 -8.88 -13.28 -10.57
N THR C 122 -8.56 -13.01 -11.83
CA THR C 122 -9.56 -12.56 -12.81
C THR C 122 -10.31 -13.75 -13.37
N SER C 123 -11.58 -13.53 -13.72
CA SER C 123 -12.44 -14.58 -14.28
C SER C 123 -12.92 -14.17 -15.67
N LYS C 124 -13.83 -14.98 -16.25
CA LYS C 124 -14.37 -14.71 -17.59
C LYS C 124 -15.26 -13.46 -17.65
N CYS C 125 -15.33 -12.70 -16.54
CA CYS C 125 -16.14 -11.48 -16.49
C CYS C 125 -15.47 -10.44 -15.62
N GLY C 126 -15.44 -9.19 -16.10
CA GLY C 126 -14.83 -8.09 -15.35
C GLY C 126 -15.83 -7.43 -14.42
N SER C 127 -15.31 -6.81 -13.37
CA SER C 127 -16.14 -6.12 -12.37
C SER C 127 -17.09 -5.14 -13.06
N LEU C 128 -16.57 -4.42 -14.05
CA LEU C 128 -17.38 -3.43 -14.78
C LEU C 128 -17.94 -4.04 -16.07
N GLY C 129 -17.11 -4.83 -16.75
CA GLY C 129 -17.52 -5.48 -17.99
C GLY C 129 -18.11 -6.86 -17.73
N GLU D 67 30.54 3.76 39.66
CA GLU D 67 31.63 2.92 39.07
C GLU D 67 31.17 1.46 39.04
N ASN D 68 31.91 0.63 38.30
CA ASN D 68 31.59 -0.80 38.18
C ASN D 68 30.14 -0.98 37.71
N LEU D 69 29.97 -1.21 36.41
CA LEU D 69 28.64 -1.40 35.83
C LEU D 69 28.70 -2.33 34.63
N LYS D 70 27.57 -2.98 34.32
CA LYS D 70 27.50 -3.92 33.20
C LYS D 70 26.93 -3.22 31.96
N HIS D 71 25.69 -2.72 32.09
CA HIS D 71 25.01 -2.05 30.98
C HIS D 71 24.96 -2.97 29.77
N GLN D 72 24.37 -4.15 29.95
CA GLN D 72 24.24 -5.13 28.89
C GLN D 72 22.75 -5.50 28.66
N PRO D 73 21.96 -4.63 28.01
CA PRO D 73 20.52 -4.91 27.75
C PRO D 73 20.31 -6.00 26.70
N GLY D 74 19.15 -6.66 26.76
CA GLY D 74 18.83 -7.72 25.82
C GLY D 74 18.12 -7.16 24.58
N GLY D 75 16.81 -6.98 24.69
CA GLY D 75 16.01 -6.44 23.58
C GLY D 75 14.80 -7.32 23.31
N GLY D 76 14.59 -7.68 22.05
CA GLY D 76 13.46 -8.52 21.66
C GLY D 76 13.91 -9.67 20.77
N LYS D 77 13.28 -10.83 20.97
CA LYS D 77 13.62 -12.03 20.18
C LYS D 77 12.83 -12.04 18.88
N VAL D 78 11.49 -12.05 19.00
CA VAL D 78 10.62 -12.06 17.82
C VAL D 78 9.56 -10.96 17.97
N GLN D 79 9.48 -10.08 16.96
CA GLN D 79 8.51 -8.99 16.97
C GLN D 79 7.77 -8.91 15.64
N ILE D 80 6.44 -8.90 15.70
CA ILE D 80 5.62 -8.83 14.50
C ILE D 80 4.67 -7.62 14.61
N ILE D 81 4.89 -6.63 13.75
CA ILE D 81 4.06 -5.42 13.74
C ILE D 81 3.45 -5.19 12.36
N ASN D 82 2.15 -4.88 12.36
CA ASN D 82 1.40 -4.64 11.13
C ASN D 82 1.51 -3.18 10.70
N LYS D 83 1.44 -2.96 9.38
CA LYS D 83 1.55 -1.61 8.81
C LYS D 83 0.23 -0.86 8.73
N LYS D 84 0.24 0.39 9.21
CA LYS D 84 -0.95 1.25 9.17
C LYS D 84 -1.04 1.98 7.83
N LEU D 85 -2.27 2.14 7.34
CA LEU D 85 -2.50 2.82 6.06
C LEU D 85 -3.33 4.07 6.25
N ASP D 86 -2.74 5.22 5.90
CA ASP D 86 -3.44 6.51 6.04
C ASP D 86 -4.29 6.78 4.80
N LEU D 87 -5.61 6.70 4.98
CA LEU D 87 -6.54 6.93 3.88
C LEU D 87 -7.16 8.33 3.99
N SER D 88 -6.75 9.22 3.08
CA SER D 88 -7.27 10.59 3.06
C SER D 88 -7.63 11.01 1.65
N ASN D 89 -8.93 11.04 1.37
CA ASN D 89 -9.42 11.43 0.04
C ASN D 89 -10.18 12.75 0.11
N VAL D 90 -9.84 13.66 -0.79
CA VAL D 90 -10.49 14.98 -0.83
C VAL D 90 -10.90 15.31 -2.27
N GLN D 91 -12.18 15.66 -2.44
CA GLN D 91 -12.71 16.02 -3.76
C GLN D 91 -13.49 17.31 -3.68
N SER D 92 -13.19 18.25 -4.58
CA SER D 92 -13.85 19.54 -4.62
C SER D 92 -14.07 20.00 -6.06
N LYS D 93 -15.33 20.00 -6.48
CA LYS D 93 -15.68 20.43 -7.84
C LYS D 93 -15.49 21.94 -8.00
N CYS D 94 -15.84 22.68 -6.94
CA CYS D 94 -15.71 24.14 -6.94
C CYS D 94 -14.40 24.58 -6.27
N GLY D 95 -13.87 23.75 -5.37
CA GLY D 95 -12.63 24.05 -4.67
C GLY D 95 -12.88 25.00 -3.50
N SER D 96 -11.80 25.63 -3.03
CA SER D 96 -11.89 26.57 -1.90
C SER D 96 -11.10 27.84 -2.21
N LYS D 97 -11.61 28.97 -1.71
CA LYS D 97 -10.96 30.26 -1.93
C LYS D 97 -10.65 30.93 -0.59
N ASP D 98 -9.52 31.65 -0.55
CA ASP D 98 -9.11 32.34 0.67
C ASP D 98 -8.62 33.76 0.34
N ASN D 99 -9.14 34.74 1.08
CA ASN D 99 -8.77 36.14 0.87
C ASN D 99 -8.24 36.75 2.16
N ILE D 100 -7.05 37.34 2.09
CA ILE D 100 -6.42 37.97 3.25
C ILE D 100 -6.17 39.45 2.96
N LYS D 101 -6.91 40.32 3.65
CA LYS D 101 -6.76 41.77 3.46
C LYS D 101 -6.81 42.49 4.80
N HIS D 102 -5.63 42.82 5.34
CA HIS D 102 -5.54 43.51 6.63
C HIS D 102 -4.47 44.61 6.58
N VAL D 103 -4.74 45.70 7.30
CA VAL D 103 -3.81 46.84 7.36
C VAL D 103 -3.46 47.16 8.83
N PRO D 104 -2.36 46.62 9.37
CA PRO D 104 -1.96 46.89 10.79
C PRO D 104 -1.18 48.19 10.94
N GLY D 105 -1.23 48.76 12.15
CA GLY D 105 -0.53 50.01 12.43
C GLY D 105 0.92 49.75 12.84
N GLY D 106 1.60 48.88 12.07
CA GLY D 106 2.99 48.54 12.35
C GLY D 106 3.08 47.49 13.45
N GLY D 107 3.82 46.42 13.16
CA GLY D 107 4.00 45.32 14.12
C GLY D 107 2.83 44.33 14.04
N SER D 108 2.96 43.36 13.13
CA SER D 108 1.92 42.35 12.96
C SER D 108 2.51 41.07 12.38
N VAL D 109 1.87 39.94 12.69
CA VAL D 109 2.32 38.64 12.20
C VAL D 109 1.12 37.72 11.92
N GLN D 110 1.01 37.27 10.67
CA GLN D 110 -0.08 36.38 10.27
C GLN D 110 0.45 35.25 9.40
N ILE D 111 -0.06 34.04 9.64
CA ILE D 111 0.35 32.86 8.89
C ILE D 111 -0.86 32.24 8.19
N VAL D 112 -0.88 32.34 6.85
CA VAL D 112 -1.99 31.79 6.07
C VAL D 112 -1.42 30.92 4.94
N TYR D 113 -1.58 29.60 5.08
CA TYR D 113 -1.08 28.67 4.07
C TYR D 113 -2.17 27.72 3.59
N LYS D 114 -2.04 27.28 2.34
CA LYS D 114 -3.00 26.37 1.72
C LYS D 114 -2.85 24.95 2.31
N PRO D 115 -3.71 23.99 1.96
CA PRO D 115 -3.63 22.60 2.52
C PRO D 115 -2.25 21.98 2.39
N VAL D 116 -1.70 21.53 3.52
CA VAL D 116 -0.37 20.91 3.54
C VAL D 116 -0.49 19.38 3.51
N ASP D 117 0.42 18.75 2.76
CA ASP D 117 0.43 17.29 2.64
C ASP D 117 1.64 16.71 3.38
N LEU D 118 1.40 16.25 4.60
CA LEU D 118 2.47 15.66 5.42
C LEU D 118 2.28 14.16 5.56
N SER D 119 3.19 13.40 4.94
CA SER D 119 3.13 11.94 4.99
C SER D 119 3.94 11.41 6.17
N LYS D 120 5.23 11.73 6.18
CA LYS D 120 6.12 11.29 7.25
C LYS D 120 7.20 12.34 7.53
N VAL D 121 7.28 12.77 8.79
CA VAL D 121 8.27 13.78 9.20
C VAL D 121 9.03 13.29 10.43
N THR D 122 10.36 13.19 10.30
CA THR D 122 11.20 12.73 11.40
C THR D 122 11.48 13.87 12.38
N SER D 123 11.64 13.51 13.65
CA SER D 123 11.91 14.49 14.71
C SER D 123 13.25 14.18 15.38
N LYS D 124 13.56 14.92 16.47
CA LYS D 124 14.82 14.73 17.21
C LYS D 124 14.88 13.38 17.94
N CYS D 125 13.89 12.51 17.73
CA CYS D 125 13.88 11.19 18.37
C CYS D 125 13.26 10.15 17.44
N GLY D 126 13.91 8.99 17.36
CA GLY D 126 13.43 7.91 16.50
C GLY D 126 12.45 7.01 17.24
N SER D 127 11.56 6.36 16.47
CA SER D 127 10.56 5.45 17.03
C SER D 127 11.20 4.43 17.97
N LEU D 128 12.35 3.90 17.56
CA LEU D 128 13.07 2.91 18.36
C LEU D 128 14.15 3.57 19.21
N GLY D 129 14.85 4.54 18.61
CA GLY D 129 15.91 5.25 19.31
C GLY D 129 15.37 6.50 19.99
N GLU E 67 -31.46 -3.78 -38.94
CA GLU E 67 -30.82 -2.74 -39.80
C GLU E 67 -31.06 -1.36 -39.18
N ASN E 68 -30.32 -0.36 -39.68
CA ASN E 68 -30.44 1.01 -39.19
C ASN E 68 -30.24 1.06 -37.67
N LEU E 69 -29.02 1.39 -37.25
CA LEU E 69 -28.70 1.48 -35.83
C LEU E 69 -27.63 2.54 -35.57
N LYS E 70 -27.61 3.06 -34.34
CA LYS E 70 -26.63 4.09 -33.97
C LYS E 70 -25.43 3.46 -33.26
N HIS E 71 -25.69 2.80 -32.13
CA HIS E 71 -24.63 2.16 -31.36
C HIS E 71 -23.56 3.19 -30.98
N GLN E 72 -24.00 4.26 -30.30
CA GLN E 72 -23.10 5.33 -29.88
C GLN E 72 -23.17 5.51 -28.34
N PRO E 73 -22.55 4.63 -27.56
CA PRO E 73 -22.56 4.73 -26.06
C PRO E 73 -21.71 5.89 -25.56
N GLY E 74 -22.04 6.38 -24.36
CA GLY E 74 -21.31 7.50 -23.76
C GLY E 74 -20.15 6.98 -22.91
N GLY E 75 -20.44 6.61 -21.66
CA GLY E 75 -19.41 6.11 -20.75
C GLY E 75 -19.46 6.84 -19.42
N GLY E 76 -18.30 7.30 -18.96
CA GLY E 76 -18.21 8.02 -17.69
C GLY E 76 -17.42 9.31 -17.84
N LYS E 77 -17.87 10.36 -17.13
CA LYS E 77 -17.20 11.66 -17.18
C LYS E 77 -16.06 11.71 -16.18
N VAL E 78 -16.39 11.52 -14.90
CA VAL E 78 -15.39 11.55 -13.84
C VAL E 78 -15.55 10.32 -12.94
N GLN E 79 -14.48 9.55 -12.79
CA GLN E 79 -14.50 8.34 -11.97
C GLN E 79 -13.29 8.32 -11.02
N ILE E 80 -13.57 8.12 -9.73
CA ILE E 80 -12.52 8.07 -8.70
C ILE E 80 -12.62 6.75 -7.95
N ILE E 81 -11.62 5.89 -8.11
CA ILE E 81 -11.59 4.59 -7.44
C ILE E 81 -10.30 4.44 -6.62
N ASN E 82 -10.47 3.95 -5.40
CA ASN E 82 -9.36 3.75 -4.47
C ASN E 82 -8.72 2.38 -4.66
N LYS E 83 -7.41 2.29 -4.38
CA LYS E 83 -6.66 1.04 -4.54
C LYS E 83 -6.70 0.14 -3.32
N LYS E 84 -7.01 -1.14 -3.56
CA LYS E 84 -7.05 -2.14 -2.49
C LYS E 84 -5.66 -2.73 -2.24
N LEU E 85 -5.35 -3.00 -0.97
CA LEU E 85 -4.05 -3.55 -0.59
C LEU E 85 -4.22 -4.93 0.05
N ASP E 86 -3.63 -5.95 -0.59
CA ASP E 86 -3.71 -7.31 -0.08
C ASP E 86 -2.61 -7.57 0.94
N LEU E 87 -2.99 -7.67 2.20
CA LEU E 87 -2.04 -7.91 3.29
C LEU E 87 -2.07 -9.38 3.72
N SER E 88 -1.00 -10.10 3.38
CA SER E 88 -0.89 -11.51 3.72
C SER E 88 0.50 -11.83 4.29
N ASN E 89 0.57 -12.00 5.61
CA ASN E 89 1.84 -12.29 6.27
C ASN E 89 1.81 -13.71 6.85
N VAL E 90 2.87 -14.47 6.58
CA VAL E 90 2.98 -15.85 7.08
C VAL E 90 4.36 -16.08 7.69
N GLN E 91 4.36 -16.56 8.93
CA GLN E 91 5.61 -16.83 9.65
C GLN E 91 5.59 -18.23 10.25
N SER E 92 6.64 -19.00 10.00
CA SER E 92 6.73 -20.37 10.52
C SER E 92 8.16 -20.70 10.94
N LYS E 93 8.38 -20.81 12.25
CA LYS E 93 9.71 -21.13 12.77
C LYS E 93 10.08 -22.57 12.45
N CYS E 94 9.09 -23.47 12.52
CA CYS E 94 9.31 -24.88 12.23
C CYS E 94 8.92 -25.22 10.78
N GLY E 95 8.01 -24.42 10.21
CA GLY E 95 7.56 -24.65 8.83
C GLY E 95 6.51 -25.74 8.76
N SER E 96 6.30 -26.27 7.55
CA SER E 96 5.31 -27.33 7.34
C SER E 96 5.90 -28.44 6.48
N LYS E 97 5.48 -29.68 6.76
CA LYS E 97 5.96 -30.84 6.02
C LYS E 97 4.80 -31.60 5.40
N ASP E 98 5.03 -32.17 4.21
CA ASP E 98 4.00 -32.93 3.51
C ASP E 98 4.58 -34.22 2.94
N ASN E 99 3.91 -35.34 3.21
CA ASN E 99 4.34 -36.65 2.73
C ASN E 99 3.25 -37.32 1.91
N ILE E 100 3.60 -37.74 0.69
CA ILE E 100 2.64 -38.39 -0.21
C ILE E 100 3.15 -39.79 -0.56
N LYS E 101 2.47 -40.82 -0.06
CA LYS E 101 2.87 -42.21 -0.33
C LYS E 101 1.63 -43.07 -0.60
N HIS E 102 1.35 -43.30 -1.89
CA HIS E 102 0.20 -44.11 -2.28
C HIS E 102 0.56 -45.04 -3.44
N VAL E 103 -0.05 -46.24 -3.43
CA VAL E 103 0.20 -47.23 -4.47
C VAL E 103 -1.15 -47.66 -5.11
N PRO E 104 -1.57 -47.05 -6.22
CA PRO E 104 -2.85 -47.41 -6.89
C PRO E 104 -2.71 -48.61 -7.82
N GLY E 105 -3.82 -49.31 -8.05
CA GLY E 105 -3.83 -50.48 -8.93
C GLY E 105 -4.03 -50.07 -10.39
N GLY E 106 -3.28 -49.05 -10.82
CA GLY E 106 -3.37 -48.57 -12.19
C GLY E 106 -4.56 -47.63 -12.36
N GLY E 107 -4.30 -46.44 -12.91
CA GLY E 107 -5.35 -45.45 -13.12
C GLY E 107 -5.59 -44.62 -11.86
N SER E 108 -4.82 -43.54 -11.72
CA SER E 108 -4.94 -42.66 -10.56
C SER E 108 -4.45 -41.26 -10.89
N VAL E 109 -5.00 -40.27 -10.19
CA VAL E 109 -4.62 -38.87 -10.40
C VAL E 109 -4.66 -38.10 -9.08
N GLN E 110 -3.51 -37.53 -8.70
CA GLN E 110 -3.41 -36.76 -7.46
C GLN E 110 -2.62 -35.47 -7.69
N ILE E 111 -3.10 -34.38 -7.11
CA ILE E 111 -2.45 -33.08 -7.25
C ILE E 111 -2.04 -32.56 -5.87
N VAL E 112 -0.73 -32.52 -5.62
CA VAL E 112 -0.20 -32.03 -4.35
C VAL E 112 0.87 -30.98 -4.60
N TYR E 113 0.54 -29.72 -4.31
CA TYR E 113 1.49 -28.61 -4.53
C TYR E 113 1.66 -27.78 -3.26
N LYS E 114 2.85 -27.19 -3.13
CA LYS E 114 3.17 -26.35 -1.97
C LYS E 114 2.45 -24.99 -2.07
N PRO E 115 2.52 -24.13 -1.05
CA PRO E 115 1.80 -22.81 -1.07
C PRO E 115 2.07 -22.00 -2.34
N VAL E 116 1.00 -21.61 -3.02
CA VAL E 116 1.11 -20.82 -4.26
C VAL E 116 0.92 -19.33 -3.97
N ASP E 117 1.72 -18.51 -4.65
CA ASP E 117 1.64 -17.06 -4.48
C ASP E 117 1.05 -16.40 -5.72
N LEU E 118 -0.25 -16.10 -5.65
CA LEU E 118 -0.95 -15.48 -6.78
C LEU E 118 -1.31 -14.04 -6.45
N SER E 119 -0.66 -13.09 -7.15
CA SER E 119 -0.91 -11.68 -6.93
C SER E 119 -2.01 -11.17 -7.87
N LYS E 120 -1.76 -11.32 -9.18
CA LYS E 120 -2.73 -10.89 -10.19
C LYS E 120 -2.69 -11.81 -11.39
N VAL E 121 -3.85 -12.36 -11.76
CA VAL E 121 -3.96 -13.27 -12.90
C VAL E 121 -5.10 -12.82 -13.81
N THR E 122 -4.78 -12.54 -15.07
CA THR E 122 -5.77 -12.09 -16.04
C THR E 122 -6.54 -13.28 -16.61
N SER E 123 -7.81 -13.04 -16.97
CA SER E 123 -8.67 -14.10 -17.52
C SER E 123 -9.15 -13.69 -18.92
N LYS E 124 -10.07 -14.49 -19.49
CA LYS E 124 -10.60 -14.22 -20.83
C LYS E 124 -11.48 -12.96 -20.87
N CYS E 125 -11.56 -12.20 -19.76
CA CYS E 125 -12.36 -10.98 -19.73
C CYS E 125 -11.69 -9.93 -18.84
N GLY E 126 -11.66 -8.69 -19.33
CA GLY E 126 -11.03 -7.59 -18.58
C GLY E 126 -12.03 -6.92 -17.65
N SER E 127 -11.51 -6.31 -16.58
CA SER E 127 -12.33 -5.62 -15.59
C SER E 127 -13.29 -4.63 -16.27
N LEU E 128 -12.77 -3.91 -17.26
CA LEU E 128 -13.56 -2.92 -18.00
C LEU E 128 -14.13 -3.52 -19.28
N GLY E 129 -13.30 -4.33 -19.96
CA GLY E 129 -13.72 -4.97 -21.21
C GLY E 129 -14.31 -6.35 -20.94
N GLU F 67 34.34 4.02 36.47
CA GLU F 67 35.42 3.17 35.90
C GLU F 67 34.96 1.72 35.85
N ASN F 68 35.70 0.89 35.11
CA ASN F 68 35.38 -0.53 34.98
C ASN F 68 33.93 -0.71 34.52
N LEU F 69 33.77 -0.93 33.20
CA LEU F 69 32.44 -1.12 32.63
C LEU F 69 32.50 -2.05 31.42
N LYS F 70 31.37 -2.70 31.12
CA LYS F 70 31.29 -3.63 29.99
C LYS F 70 30.72 -2.92 28.76
N HIS F 71 29.49 -2.43 28.88
CA HIS F 71 28.82 -1.75 27.77
C HIS F 71 28.76 -2.66 26.55
N GLN F 72 28.17 -3.84 26.74
CA GLN F 72 28.03 -4.82 25.66
C GLN F 72 26.55 -5.19 25.42
N PRO F 73 25.77 -4.32 24.79
CA PRO F 73 24.32 -4.59 24.52
C PRO F 73 24.12 -5.68 23.47
N GLY F 74 22.95 -6.32 23.52
CA GLY F 74 22.63 -7.39 22.57
C GLY F 74 21.93 -6.83 21.33
N GLY F 75 20.62 -6.64 21.45
CA GLY F 75 19.82 -6.10 20.34
C GLY F 75 18.60 -6.98 20.07
N GLY F 76 18.41 -7.33 18.80
CA GLY F 76 17.27 -8.17 18.40
C GLY F 76 17.72 -9.32 17.51
N LYS F 77 17.09 -10.48 17.71
CA LYS F 77 17.43 -11.67 16.92
C LYS F 77 16.64 -11.68 15.61
N VAL F 78 15.31 -11.68 15.72
CA VAL F 78 14.42 -11.69 14.55
C VAL F 78 13.37 -10.60 14.70
N GLN F 79 13.30 -9.71 13.69
CA GLN F 79 12.33 -8.62 13.70
C GLN F 79 11.60 -8.53 12.37
N ILE F 80 10.26 -8.52 12.43
CA ILE F 80 9.43 -8.44 11.23
C ILE F 80 8.48 -7.24 11.35
N ILE F 81 8.71 -6.23 10.49
CA ILE F 81 7.89 -5.03 10.49
C ILE F 81 7.28 -4.79 9.10
N ASN F 82 5.98 -4.49 9.10
CA ASN F 82 5.24 -4.23 7.86
C ASN F 82 5.35 -2.77 7.44
N LYS F 83 5.28 -2.55 6.12
CA LYS F 83 5.39 -1.20 5.55
C LYS F 83 4.07 -0.44 5.48
N LYS F 84 4.08 0.80 5.97
CA LYS F 84 2.89 1.67 5.93
C LYS F 84 2.80 2.39 4.59
N LEU F 85 1.58 2.57 4.10
CA LEU F 85 1.35 3.24 2.82
C LEU F 85 0.51 4.51 3.03
N ASP F 86 1.10 5.66 2.68
CA ASP F 86 0.41 6.94 2.82
C ASP F 86 -0.44 7.23 1.59
N LEU F 87 -1.76 7.14 1.75
CA LEU F 87 -2.69 7.38 0.66
C LEU F 87 -3.31 8.77 0.77
N SER F 88 -2.91 9.66 -0.13
CA SER F 88 -3.41 11.04 -0.14
C SER F 88 -3.77 11.47 -1.56
N ASN F 89 -5.08 11.50 -1.84
CA ASN F 89 -5.56 11.89 -3.17
C ASN F 89 -6.32 13.21 -3.09
N VAL F 90 -5.98 14.13 -4.00
CA VAL F 90 -6.63 15.44 -4.03
C VAL F 90 -7.04 15.79 -5.45
N GLN F 91 -8.31 16.14 -5.63
CA GLN F 91 -8.84 16.49 -6.94
C GLN F 91 -9.63 17.80 -6.87
N SER F 92 -9.31 18.73 -7.77
CA SER F 92 -9.98 20.03 -7.79
C SER F 92 -10.20 20.50 -9.23
N LYS F 93 -11.46 20.49 -9.67
CA LYS F 93 -11.80 20.93 -11.02
C LYS F 93 -11.61 22.44 -11.16
N CYS F 94 -11.96 23.17 -10.10
CA CYS F 94 -11.82 24.63 -10.11
C CYS F 94 -10.52 25.07 -9.44
N GLY F 95 -9.99 24.23 -8.53
CA GLY F 95 -8.76 24.53 -7.83
C GLY F 95 -9.00 25.48 -6.66
N SER F 96 -7.92 26.10 -6.17
CA SER F 96 -8.02 27.04 -5.05
C SER F 96 -7.23 28.31 -5.35
N LYS F 97 -7.73 29.44 -4.84
CA LYS F 97 -7.08 30.73 -5.05
C LYS F 97 -6.78 31.40 -3.72
N ASP F 98 -5.65 32.12 -3.67
CA ASP F 98 -5.23 32.81 -2.45
C ASP F 98 -4.75 34.21 -2.77
N ASN F 99 -5.27 35.19 -2.03
CA ASN F 99 -4.89 36.60 -2.23
C ASN F 99 -4.36 37.20 -0.94
N ILE F 100 -3.17 37.79 -1.01
CA ILE F 100 -2.54 38.41 0.16
C ILE F 100 -2.29 39.90 -0.13
N LYS F 101 -3.02 40.77 0.56
CA LYS F 101 -2.88 42.21 0.39
C LYS F 101 -2.92 42.92 1.73
N HIS F 102 -1.74 43.25 2.26
CA HIS F 102 -1.65 43.93 3.56
C HIS F 102 -0.59 45.04 3.52
N VAL F 103 -0.86 46.13 4.25
CA VAL F 103 0.07 47.26 4.30
C VAL F 103 0.42 47.57 5.78
N PRO F 104 1.52 47.04 6.33
CA PRO F 104 1.91 47.30 7.74
C PRO F 104 2.70 48.60 7.90
N GLY F 105 2.65 49.17 9.11
CA GLY F 105 3.35 50.41 9.40
C GLY F 105 4.79 50.14 9.82
N GLY F 106 5.47 49.29 9.04
CA GLY F 106 6.86 48.94 9.32
C GLY F 106 6.96 47.88 10.41
N GLY F 107 7.69 46.81 10.12
CA GLY F 107 7.87 45.71 11.07
C GLY F 107 6.71 44.73 10.99
N SER F 108 6.83 43.76 10.08
CA SER F 108 5.78 42.74 9.91
C SER F 108 6.38 41.47 9.31
N VAL F 109 5.73 40.33 9.61
CA VAL F 109 6.19 39.03 9.12
C VAL F 109 4.99 38.12 8.84
N GLN F 110 4.88 37.68 7.58
CA GLN F 110 3.79 36.80 7.18
C GLN F 110 4.31 35.66 6.30
N ILE F 111 3.80 34.45 6.55
CA ILE F 111 4.23 33.27 5.78
C ILE F 111 3.01 32.66 5.07
N VAL F 112 2.98 32.78 3.75
CA VAL F 112 1.89 32.23 2.95
C VAL F 112 2.45 31.36 1.83
N TYR F 113 2.29 30.03 1.96
CA TYR F 113 2.79 29.10 0.95
C TYR F 113 1.70 28.17 0.46
N LYS F 114 1.84 27.73 -0.80
CA LYS F 114 0.87 26.82 -1.41
C LYS F 114 1.03 25.40 -0.83
N PRO F 115 0.16 24.44 -1.19
CA PRO F 115 0.24 23.05 -0.63
C PRO F 115 1.62 22.43 -0.76
N VAL F 116 2.16 21.97 0.37
CA VAL F 116 3.49 21.34 0.38
C VAL F 116 3.38 19.83 0.34
N ASP F 117 4.28 19.19 -0.41
CA ASP F 117 4.29 17.73 -0.53
C ASP F 117 5.49 17.15 0.21
N LEU F 118 5.26 16.68 1.43
CA LEU F 118 6.33 16.09 2.25
C LEU F 118 6.13 14.58 2.38
N SER F 119 7.05 13.83 1.76
CA SER F 119 6.98 12.37 1.80
C SER F 119 7.79 11.83 2.98
N LYS F 120 9.09 12.15 3.00
CA LYS F 120 9.98 11.71 4.08
C LYS F 120 11.04 12.76 4.35
N VAL F 121 11.13 13.18 5.62
CA VAL F 121 12.12 14.19 6.03
C VAL F 121 12.88 13.68 7.26
N THR F 122 14.20 13.59 7.13
CA THR F 122 15.04 13.12 8.23
C THR F 122 15.32 14.26 9.22
N SER F 123 15.48 13.90 10.49
CA SER F 123 15.75 14.87 11.54
C SER F 123 17.09 14.57 12.22
N LYS F 124 17.40 15.29 13.30
CA LYS F 124 18.65 15.10 14.05
C LYS F 124 18.73 13.74 14.77
N CYS F 125 17.72 12.87 14.56
CA CYS F 125 17.72 11.55 15.20
C CYS F 125 17.11 10.52 14.26
N GLY F 126 17.74 9.35 14.18
CA GLY F 126 17.27 8.27 13.31
C GLY F 126 16.28 7.37 14.05
N SER F 127 15.40 6.72 13.27
CA SER F 127 14.39 5.83 13.83
C SER F 127 15.02 4.80 14.77
N LEU F 128 16.18 4.27 14.36
CA LEU F 128 16.89 3.27 15.15
C LEU F 128 17.98 3.93 16.00
N GLY F 129 18.67 4.90 15.41
CA GLY F 129 19.74 5.62 16.11
C GLY F 129 19.20 6.86 16.80
N GLU G 67 -27.69 -3.18 -42.13
CA GLU G 67 -27.06 -2.14 -42.98
C GLU G 67 -27.28 -0.76 -42.36
N ASN G 68 -26.54 0.23 -42.86
CA ASN G 68 -26.65 1.61 -42.36
C ASN G 68 -26.46 1.65 -40.85
N LEU G 69 -25.23 1.98 -40.44
CA LEU G 69 -24.91 2.06 -39.00
C LEU G 69 -23.84 3.11 -38.76
N LYS G 70 -23.80 3.63 -37.52
CA LYS G 70 -22.83 4.66 -37.15
C LYS G 70 -21.63 4.03 -36.45
N HIS G 71 -21.88 3.36 -35.32
CA HIS G 71 -20.82 2.72 -34.55
C HIS G 71 -19.74 3.76 -34.17
N GLN G 72 -20.19 4.82 -33.48
CA GLN G 72 -19.28 5.88 -33.06
C GLN G 72 -19.34 6.07 -31.52
N PRO G 73 -18.72 5.17 -30.75
CA PRO G 73 -18.74 5.28 -29.25
C PRO G 73 -17.88 6.44 -28.75
N GLY G 74 -18.21 6.93 -27.54
CA GLY G 74 -17.47 8.04 -26.94
C GLY G 74 -16.30 7.52 -26.10
N GLY G 75 -16.61 7.15 -24.86
CA GLY G 75 -15.58 6.64 -23.94
C GLY G 75 -15.62 7.37 -22.61
N GLY G 76 -14.46 7.82 -22.15
CA GLY G 76 -14.36 8.54 -20.87
C GLY G 76 -13.57 9.84 -21.03
N LYS G 77 -14.01 10.87 -20.32
CA LYS G 77 -13.33 12.17 -20.37
C LYS G 77 -12.19 12.23 -19.37
N VAL G 78 -12.52 12.03 -18.09
CA VAL G 78 -11.52 12.05 -17.02
C VAL G 78 -11.69 10.82 -16.13
N GLN G 79 -10.61 10.05 -15.99
CA GLN G 79 -10.63 8.84 -15.16
C GLN G 79 -9.43 8.81 -14.22
N ILE G 80 -9.71 8.61 -12.93
CA ILE G 80 -8.65 8.55 -11.91
C ILE G 80 -8.76 7.23 -11.15
N ILE G 81 -7.75 6.37 -11.33
CA ILE G 81 -7.73 5.07 -10.65
C ILE G 81 -6.44 4.91 -9.84
N ASN G 82 -6.60 4.43 -8.61
CA ASN G 82 -5.48 4.22 -7.69
C ASN G 82 -4.86 2.84 -7.89
N LYS G 83 -3.55 2.76 -7.62
CA LYS G 83 -2.80 1.50 -7.77
C LYS G 83 -2.85 0.59 -6.56
N LYS G 84 -3.16 -0.69 -6.79
CA LYS G 84 -3.21 -1.69 -5.71
C LYS G 84 -1.81 -2.28 -5.48
N LEU G 85 -1.51 -2.55 -4.20
CA LEU G 85 -0.21 -3.11 -3.82
C LEU G 85 -0.39 -4.48 -3.19
N ASP G 86 0.20 -5.50 -3.83
CA ASP G 86 0.12 -6.88 -3.33
C ASP G 86 1.22 -7.13 -2.31
N LEU G 87 0.83 -7.24 -1.04
CA LEU G 87 1.78 -7.48 0.05
C LEU G 87 1.76 -8.95 0.46
N SER G 88 2.82 -9.67 0.13
CA SER G 88 2.93 -11.09 0.47
C SER G 88 4.31 -11.40 1.03
N ASN G 89 4.39 -11.58 2.36
CA ASN G 89 5.65 -11.89 3.01
C ASN G 89 5.63 -13.29 3.59
N VAL G 90 6.69 -14.06 3.32
CA VAL G 90 6.78 -15.44 3.81
C VAL G 90 8.16 -15.67 4.42
N GLN G 91 8.17 -16.17 5.67
CA GLN G 91 9.42 -16.44 6.38
C GLN G 91 9.38 -17.84 6.98
N SER G 92 10.44 -18.61 6.72
CA SER G 92 10.53 -19.99 7.24
C SER G 92 11.96 -20.31 7.65
N LYS G 93 12.18 -20.44 8.97
CA LYS G 93 13.50 -20.76 9.50
C LYS G 93 13.87 -22.21 9.16
N CYS G 94 12.87 -23.10 9.23
CA CYS G 94 13.09 -24.52 8.94
C CYS G 94 12.70 -24.84 7.49
N GLY G 95 11.80 -24.05 6.92
CA GLY G 95 11.34 -24.25 5.55
C GLY G 95 10.28 -25.35 5.47
N SER G 96 10.06 -25.87 4.26
CA SER G 96 9.07 -26.92 4.05
C SER G 96 9.65 -28.04 3.19
N LYS G 97 9.23 -29.28 3.47
CA LYS G 97 9.71 -30.45 2.73
C LYS G 97 8.54 -31.20 2.11
N ASP G 98 8.77 -31.77 0.93
CA ASP G 98 7.73 -32.52 0.22
C ASP G 98 8.31 -33.82 -0.36
N ASN G 99 7.63 -34.93 -0.08
CA ASN G 99 8.06 -36.23 -0.56
C ASN G 99 6.96 -36.91 -1.39
N ILE G 100 7.31 -37.32 -2.61
CA ILE G 100 6.35 -37.98 -3.50
C ILE G 100 6.86 -39.37 -3.86
N LYS G 101 6.18 -40.40 -3.36
CA LYS G 101 6.57 -41.79 -3.63
C LYS G 101 5.33 -42.65 -3.90
N HIS G 102 5.05 -42.87 -5.19
CA HIS G 102 3.88 -43.67 -5.58
C HIS G 102 4.24 -44.62 -6.74
N VAL G 103 3.62 -45.80 -6.73
CA VAL G 103 3.86 -46.80 -7.77
C VAL G 103 2.52 -47.22 -8.41
N PRO G 104 2.09 -46.61 -9.52
CA PRO G 104 0.81 -46.97 -10.19
C PRO G 104 0.94 -48.17 -11.12
N GLY G 105 -0.17 -48.85 -11.36
CA GLY G 105 -0.18 -50.03 -12.23
C GLY G 105 -0.38 -49.62 -13.69
N GLY G 106 0.37 -48.60 -14.12
CA GLY G 106 0.28 -48.11 -15.49
C GLY G 106 -0.91 -47.16 -15.66
N GLY G 107 -0.65 -45.98 -16.20
CA GLY G 107 -1.69 -44.98 -16.42
C GLY G 107 -1.92 -44.15 -15.16
N SER G 108 -1.15 -43.08 -15.01
CA SER G 108 -1.27 -42.20 -13.84
C SER G 108 -0.77 -40.80 -14.17
N VAL G 109 -1.31 -39.81 -13.47
CA VAL G 109 -0.93 -38.41 -13.68
C VAL G 109 -0.97 -37.64 -12.37
N GLN G 110 0.19 -37.08 -11.98
CA GLN G 110 0.30 -36.31 -10.75
C GLN G 110 1.08 -35.03 -10.98
N ILE G 111 0.61 -33.93 -10.38
CA ILE G 111 1.28 -32.63 -10.53
C ILE G 111 1.68 -32.11 -9.15
N VAL G 112 3.00 -32.08 -8.91
CA VAL G 112 3.53 -31.61 -7.63
C VAL G 112 4.60 -30.55 -7.88
N TYR G 113 4.27 -29.29 -7.60
CA TYR G 113 5.23 -28.19 -7.81
C TYR G 113 5.40 -27.35 -6.54
N LYS G 114 6.60 -26.77 -6.41
CA LYS G 114 6.93 -25.93 -5.25
C LYS G 114 6.20 -24.58 -5.35
N PRO G 115 6.29 -23.71 -4.33
CA PRO G 115 5.58 -22.39 -4.35
C PRO G 115 5.84 -21.58 -5.62
N VAL G 116 4.76 -21.18 -6.29
CA VAL G 116 4.89 -20.39 -7.52
C VAL G 116 4.71 -18.90 -7.24
N ASP G 117 5.50 -18.07 -7.92
CA ASP G 117 5.43 -16.63 -7.75
C ASP G 117 4.83 -15.97 -8.98
N LEU G 118 3.53 -15.67 -8.91
CA LEU G 118 2.83 -15.04 -10.03
C LEU G 118 2.48 -13.60 -9.70
N SER G 119 3.13 -12.66 -10.40
CA SER G 119 2.88 -11.24 -10.19
C SER G 119 1.79 -10.73 -11.12
N LYS G 120 2.03 -10.88 -12.42
CA LYS G 120 1.06 -10.44 -13.43
C LYS G 120 1.10 -11.37 -14.65
N VAL G 121 -0.07 -11.91 -15.00
CA VAL G 121 -0.18 -12.81 -16.16
C VAL G 121 -1.33 -12.35 -17.05
N THR G 122 -1.00 -12.07 -18.32
CA THR G 122 -2.00 -11.62 -19.29
C THR G 122 -2.77 -12.80 -19.85
N SER G 123 -4.04 -12.56 -20.19
CA SER G 123 -4.90 -13.61 -20.76
C SER G 123 -5.38 -13.20 -22.16
N LYS G 124 -6.30 -13.99 -22.72
CA LYS G 124 -6.84 -13.72 -24.06
C LYS G 124 -7.72 -12.45 -24.11
N CYS G 125 -7.79 -11.71 -22.99
CA CYS G 125 -8.59 -10.48 -22.96
C CYS G 125 -7.90 -9.43 -22.07
N GLY G 126 -7.87 -8.19 -22.56
CA GLY G 126 -7.25 -7.10 -21.82
C GLY G 126 -8.23 -6.43 -20.87
N SER G 127 -7.71 -5.82 -19.81
CA SER G 127 -8.53 -5.13 -18.82
C SER G 127 -9.48 -4.14 -19.49
N LEU G 128 -8.96 -3.41 -20.49
CA LEU G 128 -9.76 -2.42 -21.21
C LEU G 128 -10.33 -3.02 -22.49
N GLY G 129 -9.50 -3.82 -23.19
CA GLY G 129 -9.92 -4.46 -24.43
C GLY G 129 -10.52 -5.84 -24.16
N GLU H 67 38.14 4.29 33.30
CA GLU H 67 39.21 3.44 32.71
C GLU H 67 38.75 1.98 32.67
N ASN H 68 39.50 1.16 31.92
CA ASN H 68 39.17 -0.26 31.78
C ASN H 68 37.73 -0.45 31.32
N LEU H 69 37.57 -0.66 30.01
CA LEU H 69 36.23 -0.84 29.43
C LEU H 69 36.30 -1.77 28.22
N LYS H 70 35.17 -2.41 27.90
CA LYS H 70 35.10 -3.32 26.78
C LYS H 70 34.53 -2.63 25.55
N HIS H 71 33.30 -2.13 25.67
CA HIS H 71 32.63 -1.44 24.56
C HIS H 71 32.57 -2.36 23.33
N GLN H 72 31.97 -3.53 23.51
CA GLN H 72 31.84 -4.51 22.44
C GLN H 72 30.36 -4.87 22.20
N PRO H 73 29.58 -3.99 21.56
CA PRO H 73 28.12 -4.26 21.29
C PRO H 73 27.92 -5.34 20.23
N GLY H 74 26.76 -6.00 20.29
CA GLY H 74 26.44 -7.06 19.33
C GLY H 74 25.75 -6.50 18.10
N GLY H 75 24.43 -6.31 18.20
CA GLY H 75 23.63 -5.77 17.10
C GLY H 75 22.41 -6.63 16.83
N GLY H 76 22.22 -6.98 15.55
CA GLY H 76 21.08 -7.82 15.15
C GLY H 76 21.53 -8.96 14.26
N LYS H 77 20.91 -10.12 14.45
CA LYS H 77 21.24 -11.31 13.65
C LYS H 77 20.45 -11.32 12.34
N VAL H 78 19.13 -11.31 12.46
CA VAL H 78 18.25 -11.32 11.28
C VAL H 78 17.18 -10.22 11.43
N GLN H 79 17.12 -9.34 10.44
CA GLN H 79 16.15 -8.24 10.45
C GLN H 79 15.42 -8.15 9.12
N ILE H 80 14.09 -8.13 9.18
CA ILE H 80 13.26 -8.05 7.97
C ILE H 80 12.32 -6.85 8.09
N ILE H 81 12.55 -5.84 7.23
CA ILE H 81 11.71 -4.63 7.23
C ILE H 81 11.12 -4.39 5.85
N ASN H 82 9.82 -4.07 5.84
CA ASN H 82 9.08 -3.82 4.61
C ASN H 82 9.19 -2.36 4.19
N LYS H 83 9.12 -2.13 2.88
CA LYS H 83 9.24 -0.78 2.30
C LYS H 83 7.91 -0.02 2.24
N LYS H 84 7.93 1.22 2.73
CA LYS H 84 6.74 2.08 2.70
C LYS H 84 6.65 2.82 1.36
N LEU H 85 5.42 3.00 0.88
CA LEU H 85 5.19 3.69 -0.40
C LEU H 85 4.36 4.95 -0.19
N ASP H 86 4.94 6.09 -0.53
CA ASP H 86 4.26 7.38 -0.39
C ASP H 86 3.41 7.66 -1.62
N LEU H 87 2.09 7.57 -1.46
CA LEU H 87 1.16 7.83 -2.56
C LEU H 87 0.55 9.22 -2.44
N SER H 88 0.95 10.12 -3.33
CA SER H 88 0.44 11.48 -3.33
C SER H 88 0.09 11.92 -4.75
N ASN H 89 -1.21 11.95 -5.05
CA ASN H 89 -1.70 12.35 -6.36
C ASN H 89 -2.45 13.67 -6.28
N VAL H 90 -2.11 14.60 -7.18
CA VAL H 90 -2.77 15.92 -7.21
C VAL H 90 -3.16 16.26 -8.64
N GLN H 91 -4.44 16.61 -8.82
CA GLN H 91 -4.97 16.98 -10.13
C GLN H 91 -5.75 18.28 -10.05
N SER H 92 -5.44 19.21 -10.94
CA SER H 92 -6.10 20.52 -10.97
C SER H 92 -6.32 20.99 -12.40
N LYS H 93 -7.58 20.99 -12.83
CA LYS H 93 -7.92 21.43 -14.19
C LYS H 93 -7.73 22.94 -14.33
N CYS H 94 -8.08 23.68 -13.27
CA CYS H 94 -7.93 25.13 -13.27
C CYS H 94 -6.63 25.57 -12.59
N GLY H 95 -6.12 24.72 -11.68
CA GLY H 95 -4.87 25.02 -10.98
C GLY H 95 -5.12 25.97 -9.81
N SER H 96 -4.04 26.58 -9.32
CA SER H 96 -4.13 27.51 -8.19
C SER H 96 -3.34 28.79 -8.48
N LYS H 97 -3.85 29.91 -7.98
CA LYS H 97 -3.20 31.21 -8.18
C LYS H 97 -2.89 31.87 -6.84
N ASP H 98 -1.77 32.58 -6.78
CA ASP H 98 -1.34 33.27 -5.56
C ASP H 98 -0.86 34.67 -5.88
N ASN H 99 -1.39 35.65 -5.13
CA ASN H 99 -1.01 37.06 -5.33
C ASN H 99 -0.48 37.65 -4.03
N ILE H 100 0.71 38.25 -4.10
CA ILE H 100 1.34 38.87 -2.92
C ILE H 100 1.60 40.35 -3.20
N LYS H 101 0.86 41.21 -2.51
CA LYS H 101 1.01 42.66 -2.68
C LYS H 101 0.96 43.37 -1.33
N HIS H 102 2.14 43.69 -0.80
CA HIS H 102 2.23 44.37 0.50
C HIS H 102 3.29 45.48 0.47
N VAL H 103 3.03 46.55 1.20
CA VAL H 103 3.96 47.69 1.26
C VAL H 103 4.31 47.99 2.74
N PRO H 104 5.41 47.45 3.28
CA PRO H 104 5.79 47.70 4.70
C PRO H 104 6.58 49.01 4.86
N GLY H 105 6.52 49.57 6.08
CA GLY H 105 7.23 50.81 6.38
C GLY H 105 8.67 50.54 6.79
N GLY H 106 9.35 49.70 6.01
CA GLY H 106 10.74 49.35 6.30
C GLY H 106 10.83 48.27 7.38
N GLY H 107 11.57 47.20 7.08
CA GLY H 107 11.74 46.10 8.03
C GLY H 107 10.58 45.12 7.94
N SER H 108 10.70 44.16 7.03
CA SER H 108 9.66 43.14 6.85
C SER H 108 10.25 41.86 6.25
N VAL H 109 9.61 40.74 6.55
CA VAL H 109 10.06 39.43 6.05
C VAL H 109 8.87 38.52 5.77
N GLN H 110 8.76 38.08 4.51
CA GLN H 110 7.66 37.20 4.09
C GLN H 110 8.19 36.08 3.22
N ILE H 111 7.67 34.87 3.46
CA ILE H 111 8.10 33.69 2.68
C ILE H 111 6.88 33.09 1.98
N VAL H 112 6.86 33.20 0.64
CA VAL H 112 5.77 32.66 -0.16
C VAL H 112 6.33 31.80 -1.28
N TYR H 113 6.16 30.48 -1.16
CA TYR H 113 6.67 29.54 -2.17
C TYR H 113 5.57 28.61 -2.67
N LYS H 114 5.71 28.17 -3.92
CA LYS H 114 4.75 27.27 -4.55
C LYS H 114 4.89 25.85 -3.97
N PRO H 115 4.03 24.90 -4.33
CA PRO H 115 4.11 23.50 -3.78
C PRO H 115 5.50 22.88 -3.91
N VAL H 116 6.03 22.42 -2.79
CA VAL H 116 7.36 21.78 -2.77
C VAL H 116 7.25 20.27 -2.81
N ASP H 117 8.15 19.63 -3.56
CA ASP H 117 8.16 18.18 -3.69
C ASP H 117 9.36 17.59 -2.95
N LEU H 118 9.12 17.11 -1.73
CA LEU H 118 10.18 16.52 -0.92
C LEU H 118 10.00 15.02 -0.80
N SER H 119 10.90 14.26 -1.41
CA SER H 119 10.85 12.80 -1.37
C SER H 119 11.64 12.26 -0.20
N LYS H 120 12.94 12.58 -0.18
CA LYS H 120 13.82 12.13 0.89
C LYS H 120 14.90 13.18 1.19
N VAL H 121 14.98 13.59 2.45
CA VAL H 121 15.97 14.59 2.86
C VAL H 121 16.73 14.09 4.09
N THR H 122 18.05 14.00 3.96
CA THR H 122 18.90 13.52 5.07
C THR H 122 19.17 14.66 6.05
N SER H 123 19.33 14.29 7.33
CA SER H 123 19.60 15.26 8.39
C SER H 123 20.94 14.94 9.06
N LYS H 124 21.24 15.67 10.15
CA LYS H 124 22.50 15.48 10.89
C LYS H 124 22.57 14.11 11.61
N CYS H 125 21.57 13.25 11.40
CA CYS H 125 21.55 11.92 12.03
C CYS H 125 20.94 10.89 11.09
N GLY H 126 21.58 9.72 11.00
CA GLY H 126 21.10 8.64 10.12
C GLY H 126 20.12 7.75 10.85
N SER H 127 19.24 7.10 10.07
CA SER H 127 18.23 6.21 10.63
C SER H 127 18.86 5.17 11.56
N LEU H 128 20.01 4.64 11.15
CA LEU H 128 20.72 3.64 11.95
C LEU H 128 21.80 4.29 12.80
N GLY H 129 22.51 5.27 12.21
CA GLY H 129 23.57 5.97 12.92
C GLY H 129 23.03 7.22 13.61
N GLU I 67 -23.93 -2.59 -45.31
CA GLU I 67 -23.29 -1.55 -46.17
C GLU I 67 -23.50 -0.16 -45.54
N ASN I 68 -22.77 0.83 -46.05
CA ASN I 68 -22.88 2.19 -45.55
C ASN I 68 -22.67 2.23 -44.03
N LEU I 69 -21.45 2.57 -43.62
CA LEU I 69 -21.12 2.64 -42.19
C LEU I 69 -20.05 3.68 -41.94
N LYS I 70 -20.00 4.20 -40.71
CA LYS I 70 -19.03 5.23 -40.33
C LYS I 70 -17.83 4.59 -39.63
N HIS I 71 -18.08 3.93 -38.50
CA HIS I 71 -17.02 3.28 -37.74
C HIS I 71 -15.94 4.30 -37.36
N GLN I 72 -16.37 5.37 -36.68
CA GLN I 72 -15.46 6.44 -36.25
C GLN I 72 -15.53 6.61 -34.72
N PRO I 73 -14.90 5.73 -33.94
CA PRO I 73 -14.92 5.83 -32.44
C PRO I 73 -14.06 6.97 -31.93
N GLY I 74 -14.38 7.46 -30.73
CA GLY I 74 -13.64 8.57 -30.13
C GLY I 74 -12.47 8.05 -29.30
N GLY I 75 -12.76 7.68 -28.05
CA GLY I 75 -11.74 7.17 -27.14
C GLY I 75 -11.78 7.89 -25.80
N GLY I 76 -10.62 8.34 -25.34
CA GLY I 76 -10.52 9.05 -24.07
C GLY I 76 -9.72 10.35 -24.23
N LYS I 77 -10.15 11.38 -23.51
CA LYS I 77 -9.48 12.69 -23.56
C LYS I 77 -8.33 12.73 -22.56
N VAL I 78 -8.65 12.53 -21.28
CA VAL I 78 -7.65 12.56 -20.22
C VAL I 78 -7.82 11.32 -19.33
N GLN I 79 -6.74 10.54 -19.19
CA GLN I 79 -6.77 9.34 -18.37
C GLN I 79 -5.57 9.30 -17.43
N ILE I 80 -5.84 9.10 -16.14
CA ILE I 80 -4.79 9.03 -15.12
C ILE I 80 -4.90 7.71 -14.36
N ILE I 81 -3.89 6.85 -14.54
CA ILE I 81 -3.87 5.54 -13.87
C ILE I 81 -2.58 5.38 -13.06
N ASN I 82 -2.74 4.90 -11.83
CA ASN I 82 -1.63 4.69 -10.92
C ASN I 82 -1.01 3.30 -11.12
N LYS I 83 0.31 3.21 -10.85
CA LYS I 83 1.06 1.96 -11.01
C LYS I 83 1.01 1.04 -9.80
N LYS I 84 0.68 -0.23 -10.02
CA LYS I 84 0.64 -1.23 -8.95
C LYS I 84 2.03 -1.83 -8.71
N LEU I 85 2.32 -2.12 -7.44
CA LEU I 85 3.63 -2.67 -7.07
C LEU I 85 3.45 -4.05 -6.43
N ASP I 86 4.03 -5.07 -7.08
CA ASP I 86 3.95 -6.43 -6.58
C ASP I 86 5.05 -6.69 -5.56
N LEU I 87 4.66 -6.81 -4.28
CA LEU I 87 5.62 -7.05 -3.20
C LEU I 87 5.58 -8.52 -2.79
N SER I 88 6.64 -9.25 -3.13
CA SER I 88 6.74 -10.67 -2.78
C SER I 88 8.13 -11.00 -2.22
N ASN I 89 8.21 -11.16 -0.91
CA ASN I 89 9.47 -11.48 -0.24
C ASN I 89 9.44 -12.89 0.33
N VAL I 90 10.50 -13.66 0.06
CA VAL I 90 10.59 -15.03 0.55
C VAL I 90 11.97 -15.27 1.16
N GLN I 91 11.98 -15.76 2.40
CA GLN I 91 13.23 -16.05 3.10
C GLN I 91 13.19 -17.45 3.71
N SER I 92 14.24 -18.24 3.45
CA SER I 92 14.33 -19.60 3.96
C SER I 92 15.75 -19.94 4.37
N LYS I 93 15.98 -20.06 5.68
CA LYS I 93 17.29 -20.39 6.20
C LYS I 93 17.67 -21.84 5.87
N CYS I 94 16.67 -22.72 5.94
CA CYS I 94 16.87 -24.14 5.65
C CYS I 94 16.48 -24.47 4.20
N GLY I 95 15.58 -23.67 3.62
CA GLY I 95 15.12 -23.88 2.25
C GLY I 95 14.06 -24.97 2.18
N SER I 96 13.84 -25.49 0.98
CA SER I 96 12.84 -26.53 0.76
C SER I 96 13.41 -27.65 -0.10
N LYS I 97 12.99 -28.88 0.17
CA LYS I 97 13.46 -30.05 -0.57
C LYS I 97 12.28 -30.80 -1.19
N ASP I 98 12.50 -31.36 -2.37
CA ASP I 98 11.47 -32.12 -3.08
C ASP I 98 12.04 -33.41 -3.65
N ASN I 99 11.36 -34.53 -3.38
CA ASN I 99 11.79 -35.83 -3.87
C ASN I 99 10.68 -36.49 -4.68
N ILE I 100 11.03 -36.91 -5.91
CA ILE I 100 10.06 -37.57 -6.80
C ILE I 100 10.56 -38.96 -7.16
N LYS I 101 9.88 -39.99 -6.65
CA LYS I 101 10.26 -41.38 -6.93
C LYS I 101 9.02 -42.23 -7.21
N HIS I 102 8.73 -42.45 -8.49
CA HIS I 102 7.57 -43.25 -8.89
C HIS I 102 7.91 -44.19 -10.04
N VAL I 103 7.30 -45.37 -10.03
CA VAL I 103 7.53 -46.37 -11.08
C VAL I 103 6.18 -46.78 -11.71
N PRO I 104 5.76 -46.18 -12.82
CA PRO I 104 4.46 -46.52 -13.48
C PRO I 104 4.60 -47.72 -14.43
N GLY I 105 3.48 -48.41 -14.66
CA GLY I 105 3.47 -49.58 -15.54
C GLY I 105 3.27 -49.16 -16.99
N GLY I 106 4.02 -48.15 -17.42
CA GLY I 106 3.93 -47.66 -18.79
C GLY I 106 2.75 -46.71 -18.95
N GLY I 107 3.01 -45.52 -19.50
CA GLY I 107 1.97 -44.52 -19.71
C GLY I 107 1.73 -43.69 -18.45
N SER I 108 2.52 -42.62 -18.30
CA SER I 108 2.40 -41.75 -17.13
C SER I 108 2.92 -40.35 -17.46
N VAL I 109 2.37 -39.35 -16.77
CA VAL I 109 2.76 -37.95 -16.98
C VAL I 109 2.73 -37.19 -15.65
N GLN I 110 3.88 -36.64 -15.27
CA GLN I 110 3.99 -35.87 -14.03
C GLN I 110 4.79 -34.59 -14.26
N ILE I 111 4.32 -33.49 -13.66
CA ILE I 111 4.99 -32.19 -13.81
C ILE I 111 5.40 -31.68 -12.44
N VAL I 112 6.72 -31.65 -12.19
CA VAL I 112 7.26 -31.18 -10.92
C VAL I 112 8.34 -30.12 -11.18
N TYR I 113 8.01 -28.86 -10.89
CA TYR I 113 8.96 -27.76 -11.10
C TYR I 113 9.15 -26.92 -9.82
N LYS I 114 10.34 -26.34 -9.70
CA LYS I 114 10.68 -25.52 -8.54
C LYS I 114 9.96 -24.16 -8.64
N PRO I 115 10.05 -23.30 -7.62
CA PRO I 115 9.34 -21.97 -7.63
C PRO I 115 9.62 -21.17 -8.90
N VAL I 116 8.54 -20.76 -9.57
CA VAL I 116 8.65 -19.97 -10.80
C VAL I 116 8.48 -18.48 -10.51
N ASP I 117 9.27 -17.65 -11.19
CA ASP I 117 9.21 -16.21 -11.02
C ASP I 117 8.61 -15.54 -12.25
N LEU I 118 7.31 -15.24 -12.18
CA LEU I 118 6.61 -14.60 -13.29
C LEU I 118 6.27 -13.16 -12.96
N SER I 119 6.92 -12.22 -13.66
CA SER I 119 6.68 -10.80 -13.44
C SER I 119 5.58 -10.29 -14.38
N LYS I 120 5.82 -10.44 -15.68
CA LYS I 120 4.86 -10.00 -16.68
C LYS I 120 4.88 -10.92 -17.90
N VAL I 121 3.72 -11.45 -18.26
CA VAL I 121 3.60 -12.36 -19.41
C VAL I 121 2.46 -11.89 -20.31
N THR I 122 2.77 -11.61 -21.57
CA THR I 122 1.78 -11.15 -22.53
C THR I 122 1.01 -12.34 -23.11
N SER I 123 -0.26 -12.10 -23.44
CA SER I 123 -1.13 -13.13 -24.00
C SER I 123 -1.62 -12.72 -25.41
N LYS I 124 -2.54 -13.51 -25.98
CA LYS I 124 -3.08 -13.23 -27.31
C LYS I 124 -3.95 -11.96 -27.34
N CYS I 125 -4.02 -11.21 -26.24
CA CYS I 125 -4.81 -9.98 -26.20
C CYS I 125 -4.12 -8.94 -25.31
N GLY I 126 -4.08 -7.69 -25.79
CA GLY I 126 -3.45 -6.61 -25.05
C GLY I 126 -4.44 -5.93 -24.11
N SER I 127 -3.90 -5.33 -23.04
CA SER I 127 -4.72 -4.64 -22.05
C SER I 127 -5.67 -3.64 -22.72
N LEU I 128 -5.15 -2.92 -23.71
CA LEU I 128 -5.95 -1.93 -24.43
C LEU I 128 -6.52 -2.52 -25.72
N GLY I 129 -5.70 -3.32 -26.40
CA GLY I 129 -6.13 -3.95 -27.65
C GLY I 129 -6.74 -5.33 -27.38
N GLU J 67 41.94 4.55 30.12
CA GLU J 67 43.02 3.71 29.54
C GLU J 67 42.56 2.26 29.48
N ASN J 68 43.30 1.43 28.74
CA ASN J 68 42.98 0.01 28.59
C ASN J 68 41.54 -0.17 28.12
N LEU J 69 41.37 -0.37 26.81
CA LEU J 69 40.04 -0.56 26.23
C LEU J 69 40.12 -1.48 25.01
N LYS J 70 38.98 -2.12 24.70
CA LYS J 70 38.90 -3.03 23.56
C LYS J 70 38.33 -2.33 22.34
N HIS J 71 37.10 -1.82 22.46
CA HIS J 71 36.44 -1.14 21.36
C HIS J 71 36.38 -2.04 20.13
N GLN J 72 35.79 -3.23 20.30
CA GLN J 72 35.66 -4.19 19.21
C GLN J 72 34.17 -4.55 18.98
N PRO J 73 33.40 -3.67 18.33
CA PRO J 73 31.94 -3.94 18.07
C PRO J 73 31.74 -5.02 17.01
N GLY J 74 30.58 -5.67 17.05
CA GLY J 74 30.25 -6.73 16.09
C GLY J 74 29.56 -6.15 14.86
N GLY J 75 28.25 -5.96 14.97
CA GLY J 75 27.46 -5.41 13.86
C GLY J 75 26.23 -6.29 13.58
N GLY J 76 26.03 -6.63 12.31
CA GLY J 76 24.90 -7.45 11.90
C GLY J 76 25.36 -8.60 11.01
N LYS J 77 24.72 -9.76 11.18
CA LYS J 77 25.05 -10.94 10.39
C LYS J 77 24.27 -10.95 9.08
N VAL J 78 22.95 -10.94 9.19
CA VAL J 78 22.07 -10.94 8.02
C VAL J 78 21.00 -9.85 8.16
N GLN J 79 20.95 -8.95 7.17
CA GLN J 79 19.98 -7.86 7.18
C GLN J 79 19.24 -7.76 5.85
N ILE J 80 17.92 -7.74 5.91
CA ILE J 80 17.08 -7.65 4.71
C ILE J 80 16.15 -6.45 4.82
N ILE J 81 16.37 -5.45 3.97
CA ILE J 81 15.55 -4.23 3.98
C ILE J 81 14.95 -3.99 2.60
N ASN J 82 13.66 -3.67 2.59
CA ASN J 82 12.91 -3.41 1.36
C ASN J 82 13.04 -1.95 0.94
N LYS J 83 12.98 -1.70 -0.38
CA LYS J 83 13.10 -0.35 -0.94
C LYS J 83 11.77 0.41 -1.01
N LYS J 84 11.78 1.65 -0.50
CA LYS J 84 10.59 2.50 -0.53
C LYS J 84 10.51 3.26 -1.87
N LEU J 85 9.27 3.43 -2.36
CA LEU J 85 9.05 4.12 -3.63
C LEU J 85 8.22 5.38 -3.42
N ASP J 86 8.81 6.53 -3.75
CA ASP J 86 8.12 7.81 -3.60
C ASP J 86 7.27 8.10 -4.84
N LEU J 87 5.95 8.02 -4.67
CA LEU J 87 5.02 8.28 -5.76
C LEU J 87 4.41 9.66 -5.64
N SER J 88 4.81 10.57 -6.54
CA SER J 88 4.31 11.93 -6.53
C SER J 88 3.96 12.38 -7.95
N ASN J 89 2.65 12.42 -8.24
CA ASN J 89 2.18 12.82 -9.56
C ASN J 89 1.42 14.15 -9.47
N VAL J 90 1.76 15.07 -10.37
CA VAL J 90 1.12 16.39 -10.39
C VAL J 90 0.71 16.75 -11.83
N GLN J 91 -0.57 17.10 -12.00
CA GLN J 91 -1.10 17.46 -13.32
C GLN J 91 -1.87 18.78 -13.23
N SER J 92 -1.54 19.71 -14.12
CA SER J 92 -2.21 21.01 -14.14
C SER J 92 -2.42 21.49 -15.56
N LYS J 93 -3.69 21.49 -16.01
CA LYS J 93 -4.03 21.94 -17.35
C LYS J 93 -3.84 23.45 -17.49
N CYS J 94 -4.18 24.19 -16.42
CA CYS J 94 -4.04 25.64 -16.42
C CYS J 94 -2.74 26.07 -15.74
N GLY J 95 -2.22 25.22 -14.83
CA GLY J 95 -0.99 25.51 -14.13
C GLY J 95 -1.23 26.45 -12.96
N SER J 96 -0.15 27.07 -12.46
CA SER J 96 -0.24 27.99 -11.32
C SER J 96 0.54 29.26 -11.61
N LYS J 97 0.04 30.39 -11.10
CA LYS J 97 0.69 31.69 -11.30
C LYS J 97 1.00 32.34 -9.95
N ASP J 98 2.13 33.06 -9.89
CA ASP J 98 2.54 33.73 -8.67
C ASP J 98 3.02 35.15 -8.97
N ASN J 99 2.50 36.12 -8.23
CA ASN J 99 2.88 37.52 -8.42
C ASN J 99 3.41 38.12 -7.11
N ILE J 100 4.60 38.71 -7.18
CA ILE J 100 5.23 39.32 -6.00
C ILE J 100 5.49 40.80 -6.28
N LYS J 101 4.75 41.67 -5.57
CA LYS J 101 4.90 43.11 -5.75
C LYS J 101 4.85 43.81 -4.39
N HIS J 102 6.03 44.14 -3.85
CA HIS J 102 6.12 44.81 -2.56
C HIS J 102 7.18 45.90 -2.58
N VAL J 103 6.91 46.99 -1.85
CA VAL J 103 7.85 48.12 -1.78
C VAL J 103 8.19 48.42 -0.30
N PRO J 104 9.28 47.88 0.24
CA PRO J 104 9.68 48.12 1.67
C PRO J 104 10.46 49.43 1.84
N GLY J 105 10.41 49.98 3.05
CA GLY J 105 11.11 51.22 3.36
C GLY J 105 12.55 50.95 3.76
N GLY J 106 13.23 50.09 2.99
CA GLY J 106 14.63 49.75 3.27
C GLY J 106 14.71 48.68 4.36
N GLY J 107 15.45 47.60 4.05
CA GLY J 107 15.62 46.50 5.00
C GLY J 107 14.45 45.52 4.90
N SER J 108 14.58 44.55 3.99
CA SER J 108 13.54 43.54 3.80
C SER J 108 14.13 42.27 3.20
N VAL J 109 13.49 41.14 3.49
CA VAL J 109 13.94 39.85 2.98
C VAL J 109 12.75 38.93 2.69
N GLN J 110 12.63 38.50 1.44
CA GLN J 110 11.54 37.63 1.02
C GLN J 110 12.07 36.50 0.14
N ILE J 111 11.56 35.29 0.37
CA ILE J 111 11.96 34.11 -0.41
C ILE J 111 10.76 33.51 -1.12
N VAL J 112 10.75 33.63 -2.45
CA VAL J 112 9.65 33.10 -3.26
C VAL J 112 10.21 32.23 -4.39
N TYR J 113 10.05 30.91 -4.27
CA TYR J 113 10.55 29.99 -5.29
C TYR J 113 9.45 29.05 -5.78
N LYS J 114 9.59 28.63 -7.04
CA LYS J 114 8.63 27.73 -7.67
C LYS J 114 8.77 26.30 -7.10
N PRO J 115 7.91 25.35 -7.47
CA PRO J 115 7.99 23.95 -6.93
C PRO J 115 9.38 23.35 -7.06
N VAL J 116 9.91 22.86 -5.93
CA VAL J 116 11.23 22.23 -5.91
C VAL J 116 11.12 20.72 -5.96
N ASP J 117 12.03 20.08 -6.71
CA ASP J 117 12.04 18.63 -6.85
C ASP J 117 13.24 18.04 -6.11
N LEU J 118 12.99 17.56 -4.90
CA LEU J 118 14.04 16.96 -4.08
C LEU J 118 13.85 15.45 -3.97
N SER J 119 14.77 14.70 -4.59
CA SER J 119 14.71 13.24 -4.55
C SER J 119 15.51 12.69 -3.37
N LYS J 120 16.80 13.01 -3.35
CA LYS J 120 17.68 12.56 -2.27
C LYS J 120 18.76 13.60 -1.98
N VAL J 121 18.84 14.01 -0.72
CA VAL J 121 19.82 15.01 -0.30
C VAL J 121 20.58 14.50 0.93
N THR J 122 21.91 14.41 0.80
CA THR J 122 22.75 13.93 1.90
C THR J 122 23.03 15.05 2.89
N SER J 123 23.18 14.68 4.17
CA SER J 123 23.45 15.65 5.23
C SER J 123 24.79 15.33 5.92
N LYS J 124 25.09 16.05 7.00
CA LYS J 124 26.35 15.84 7.74
C LYS J 124 26.41 14.48 8.45
N CYS J 125 25.42 13.61 8.24
CA CYS J 125 25.40 12.29 8.87
C CYS J 125 24.79 11.26 7.92
N GLY J 126 25.42 10.10 7.82
CA GLY J 126 24.95 9.03 6.95
C GLY J 126 23.95 8.12 7.67
N SER J 127 23.07 7.48 6.89
CA SER J 127 22.07 6.59 7.44
C SER J 127 22.69 5.55 8.36
N LEU J 128 23.85 5.02 7.95
CA LEU J 128 24.56 4.02 8.75
C LEU J 128 25.64 4.66 9.61
N GLY J 129 26.34 5.64 9.02
CA GLY J 129 27.41 6.35 9.73
C GLY J 129 26.87 7.59 10.43
N GLU A 67 -20.90 34.23 -3.75
CA GLU A 67 -21.05 32.85 -4.27
C GLU A 67 -22.26 32.78 -5.21
N ASN A 68 -22.00 32.77 -6.51
CA ASN A 68 -23.06 32.72 -7.51
C ASN A 68 -23.15 31.32 -8.12
N LEU A 69 -24.10 30.52 -7.63
CA LEU A 69 -24.29 29.16 -8.13
C LEU A 69 -25.72 28.98 -8.64
N LYS A 70 -25.86 28.76 -9.95
CA LYS A 70 -27.20 28.56 -10.55
C LYS A 70 -27.08 28.16 -12.02
N HIS A 71 -28.15 27.54 -12.53
CA HIS A 71 -28.18 27.09 -13.93
C HIS A 71 -27.03 26.13 -14.23
N GLN A 72 -26.68 25.31 -13.23
CA GLN A 72 -25.60 24.33 -13.38
C GLN A 72 -26.15 22.90 -13.46
N PRO A 73 -26.38 22.35 -14.66
CA PRO A 73 -26.92 20.97 -14.82
C PRO A 73 -25.82 19.91 -14.80
N GLY A 74 -26.04 18.84 -14.03
CA GLY A 74 -25.06 17.76 -13.93
C GLY A 74 -25.39 16.84 -12.75
N GLY A 75 -24.37 16.11 -12.30
CA GLY A 75 -24.54 15.18 -11.17
C GLY A 75 -24.94 15.93 -9.90
N GLY A 76 -24.66 15.33 -8.76
CA GLY A 76 -24.99 15.94 -7.47
C GLY A 76 -23.82 16.74 -6.92
N LYS A 77 -23.90 17.09 -5.63
CA LYS A 77 -22.85 17.85 -4.97
C LYS A 77 -21.65 16.96 -4.67
N VAL A 78 -20.63 17.54 -4.03
CA VAL A 78 -19.42 16.79 -3.68
C VAL A 78 -19.77 15.48 -2.97
N GLN A 79 -18.86 14.50 -3.07
CA GLN A 79 -19.07 13.19 -2.45
C GLN A 79 -17.79 12.66 -1.82
N ILE A 80 -17.85 12.34 -0.53
CA ILE A 80 -16.71 11.80 0.19
C ILE A 80 -17.05 10.41 0.74
N ILE A 81 -16.24 9.42 0.34
CA ILE A 81 -16.46 8.03 0.76
C ILE A 81 -15.12 7.34 0.99
N ASN A 82 -15.13 6.33 1.88
CA ASN A 82 -13.93 5.57 2.20
C ASN A 82 -14.19 4.07 2.05
N LYS A 83 -13.59 3.46 1.03
CA LYS A 83 -13.77 2.04 0.77
C LYS A 83 -12.80 1.21 1.61
N LYS A 84 -13.31 0.61 2.68
CA LYS A 84 -12.50 -0.21 3.58
C LYS A 84 -13.10 -1.60 3.71
N LEU A 85 -12.54 -2.56 2.98
CA LEU A 85 -13.02 -3.95 3.01
C LEU A 85 -11.88 -4.90 3.35
N ASP A 86 -12.00 -5.57 4.50
CA ASP A 86 -10.98 -6.52 4.94
C ASP A 86 -11.47 -7.96 4.74
N LEU A 87 -10.77 -8.69 3.87
CA LEU A 87 -11.12 -10.08 3.59
C LEU A 87 -10.70 -10.99 4.74
N SER A 88 -11.42 -12.10 4.91
CA SER A 88 -11.16 -13.05 6.00
C SER A 88 -10.10 -14.08 5.63
N ASN A 89 -8.96 -14.00 6.34
CA ASN A 89 -7.84 -14.92 6.09
C ASN A 89 -7.70 -15.95 7.21
N VAL A 90 -7.69 -17.22 6.81
CA VAL A 90 -7.56 -18.34 7.74
C VAL A 90 -6.09 -18.74 7.88
N GLN A 91 -5.75 -19.36 9.01
CA GLN A 91 -4.38 -19.78 9.26
C GLN A 91 -4.35 -21.08 10.07
N SER A 92 -3.59 -22.05 9.59
CA SER A 92 -3.46 -23.34 10.28
C SER A 92 -2.10 -23.45 10.94
N LYS A 93 -2.09 -23.40 12.27
CA LYS A 93 -0.84 -23.48 13.04
C LYS A 93 -0.39 -24.92 13.18
N CYS A 94 -1.34 -25.84 13.38
CA CYS A 94 -1.03 -27.26 13.53
C CYS A 94 -1.23 -28.02 12.21
N GLY A 95 -2.12 -27.50 11.34
CA GLY A 95 -2.39 -28.14 10.06
C GLY A 95 -3.17 -29.44 10.24
N SER A 96 -3.08 -30.31 9.24
CA SER A 96 -3.79 -31.60 9.28
C SER A 96 -2.78 -32.75 9.24
N LYS A 97 -2.90 -33.65 10.22
CA LYS A 97 -2.00 -34.81 10.30
C LYS A 97 -2.79 -36.07 10.64
N ASP A 98 -2.80 -37.02 9.70
CA ASP A 98 -3.52 -38.27 9.88
C ASP A 98 -2.73 -39.44 9.29
N ASN A 99 -3.06 -40.66 9.73
CA ASN A 99 -2.38 -41.86 9.24
C ASN A 99 -3.40 -42.87 8.73
N ILE A 100 -3.22 -43.29 7.48
CA ILE A 100 -4.12 -44.27 6.86
C ILE A 100 -3.34 -45.53 6.45
N LYS A 101 -3.68 -46.65 7.10
CA LYS A 101 -3.04 -47.93 6.82
C LYS A 101 -4.11 -48.98 6.53
N HIS A 102 -3.98 -49.67 5.40
CA HIS A 102 -4.95 -50.70 5.02
C HIS A 102 -4.24 -51.94 4.48
N VAL A 103 -4.79 -53.11 4.79
CA VAL A 103 -4.22 -54.37 4.30
C VAL A 103 -5.36 -55.33 3.86
N PRO A 104 -5.76 -55.31 2.59
CA PRO A 104 -6.84 -56.21 2.09
C PRO A 104 -6.31 -57.56 1.63
N GLY A 105 -7.01 -58.62 2.04
CA GLY A 105 -6.62 -59.98 1.68
C GLY A 105 -7.53 -60.53 0.58
N GLY A 106 -8.83 -60.29 0.74
CA GLY A 106 -9.81 -60.74 -0.24
C GLY A 106 -10.02 -59.71 -1.33
N GLY A 107 -11.09 -58.92 -1.22
CA GLY A 107 -11.40 -57.89 -2.20
C GLY A 107 -12.29 -56.81 -1.60
N SER A 108 -11.75 -55.60 -1.46
CA SER A 108 -12.49 -54.47 -0.91
C SER A 108 -12.14 -53.18 -1.65
N VAL A 109 -12.83 -52.09 -1.28
CA VAL A 109 -12.58 -50.79 -1.90
C VAL A 109 -12.35 -49.73 -0.82
N GLN A 110 -11.35 -48.86 -1.03
CA GLN A 110 -11.05 -47.82 -0.05
C GLN A 110 -10.78 -46.48 -0.74
N ILE A 111 -11.35 -45.41 -0.18
CA ILE A 111 -11.19 -44.06 -0.74
C ILE A 111 -10.91 -43.06 0.39
N VAL A 112 -9.83 -42.29 0.23
CA VAL A 112 -9.47 -41.27 1.23
C VAL A 112 -9.23 -39.92 0.55
N TYR A 113 -9.95 -38.90 1.04
CA TYR A 113 -9.83 -37.55 0.49
C TYR A 113 -9.29 -36.60 1.56
N LYS A 114 -8.47 -35.64 1.13
CA LYS A 114 -7.87 -34.68 2.06
C LYS A 114 -8.75 -33.41 2.18
N PRO A 115 -8.58 -32.59 3.22
CA PRO A 115 -9.41 -31.36 3.41
C PRO A 115 -9.12 -30.27 2.38
N VAL A 116 -10.00 -29.26 2.34
CA VAL A 116 -9.84 -28.14 1.40
C VAL A 116 -10.23 -26.83 2.09
N ASP A 117 -9.42 -25.80 1.87
CA ASP A 117 -9.67 -24.48 2.47
C ASP A 117 -10.17 -23.50 1.42
N LEU A 118 -11.37 -22.96 1.65
CA LEU A 118 -11.96 -22.00 0.71
C LEU A 118 -12.04 -20.61 1.34
N SER A 119 -11.32 -19.65 0.74
CA SER A 119 -11.31 -18.27 1.22
C SER A 119 -12.48 -17.51 0.63
N LYS A 120 -12.71 -17.70 -0.67
CA LYS A 120 -13.80 -17.03 -1.37
C LYS A 120 -13.99 -17.63 -2.76
N VAL A 121 -15.21 -18.06 -3.05
CA VAL A 121 -15.53 -18.67 -4.36
C VAL A 121 -16.74 -17.96 -4.97
N THR A 122 -16.59 -17.54 -6.23
CA THR A 122 -17.67 -16.86 -6.94
C THR A 122 -17.93 -17.52 -8.28
N SER A 123 -19.06 -18.23 -8.38
CA SER A 123 -19.44 -18.91 -9.62
C SER A 123 -20.65 -18.25 -10.26
N LYS A 124 -20.43 -17.57 -11.39
CA LYS A 124 -21.50 -16.88 -12.10
C LYS A 124 -22.43 -17.89 -12.77
N CYS A 125 -21.84 -18.80 -13.54
CA CYS A 125 -22.62 -19.84 -14.23
C CYS A 125 -21.74 -21.04 -14.57
N GLY A 126 -22.29 -22.24 -14.33
CA GLY A 126 -21.56 -23.47 -14.60
C GLY A 126 -22.53 -24.63 -14.86
N SER A 127 -22.19 -25.45 -15.85
CA SER A 127 -23.03 -26.60 -16.21
C SER A 127 -22.27 -27.55 -17.13
N LEU A 128 -21.64 -28.57 -16.54
CA LEU A 128 -20.88 -29.55 -17.31
C LEU A 128 -21.81 -30.54 -17.98
N GLY A 129 -21.31 -31.19 -19.03
CA GLY A 129 -22.10 -32.17 -19.78
C GLY A 129 -21.51 -32.42 -21.16
N GLU B 67 6.94 -35.76 15.73
CA GLU B 67 7.27 -34.36 16.12
C GLU B 67 8.01 -34.35 17.45
N ASN B 68 9.33 -34.17 17.38
CA ASN B 68 10.16 -34.14 18.59
C ASN B 68 10.58 -32.71 18.91
N LEU B 69 9.88 -32.09 19.86
CA LEU B 69 10.17 -30.71 20.28
C LEU B 69 10.46 -30.66 21.77
N LYS B 70 11.70 -30.33 22.14
CA LYS B 70 12.08 -30.23 23.55
C LYS B 70 13.49 -29.67 23.70
N HIS B 71 13.78 -29.13 24.89
CA HIS B 71 15.09 -28.55 25.18
C HIS B 71 15.41 -27.42 24.19
N GLN B 72 14.38 -26.68 23.78
CA GLN B 72 14.56 -25.56 22.85
C GLN B 72 14.39 -24.20 23.57
N PRO B 73 15.46 -23.57 24.03
CA PRO B 73 15.37 -22.26 24.73
C PRO B 73 15.38 -21.08 23.76
N GLY B 74 14.46 -20.13 23.99
CA GLY B 74 14.36 -18.95 23.13
C GLY B 74 13.05 -18.21 23.37
N GLY B 75 12.64 -17.41 22.38
CA GLY B 75 11.40 -16.64 22.48
C GLY B 75 10.20 -17.56 22.61
N GLY B 76 9.02 -17.05 22.22
CA GLY B 76 7.80 -17.84 22.30
C GLY B 76 7.51 -18.54 20.98
N LYS B 77 6.28 -19.03 20.84
CA LYS B 77 5.87 -19.73 19.61
C LYS B 77 5.62 -18.73 18.49
N VAL B 78 5.20 -19.24 17.33
CA VAL B 78 4.92 -18.38 16.16
C VAL B 78 4.02 -17.21 16.54
N GLN B 79 4.12 -16.12 15.77
CA GLN B 79 3.32 -14.92 16.03
C GLN B 79 2.81 -14.31 14.73
N ILE B 80 1.49 -14.14 14.64
CA ILE B 80 0.86 -13.54 13.46
C ILE B 80 0.11 -12.26 13.87
N ILE B 81 0.49 -11.14 13.25
CA ILE B 81 -0.13 -9.84 13.55
C ILE B 81 -0.26 -9.01 12.27
N ASN B 82 -1.25 -8.12 12.25
CA ASN B 82 -1.49 -7.25 11.10
C ASN B 82 -1.57 -5.80 11.55
N LYS B 83 -0.56 -5.02 11.18
CA LYS B 83 -0.51 -3.60 11.55
C LYS B 83 -1.30 -2.76 10.55
N LYS B 84 -2.50 -2.34 10.97
CA LYS B 84 -3.37 -1.53 10.13
C LYS B 84 -3.76 -0.23 10.86
N LEU B 85 -3.08 0.86 10.50
CA LEU B 85 -3.35 2.16 11.13
C LEU B 85 -3.64 3.20 10.06
N ASP B 86 -4.86 3.74 10.08
CA ASP B 86 -5.28 4.75 9.12
C ASP B 86 -5.33 6.13 9.78
N LEU B 87 -4.47 7.03 9.31
CA LEU B 87 -4.41 8.39 9.85
C LEU B 87 -5.60 9.21 9.35
N SER B 88 -6.00 10.20 10.16
CA SER B 88 -7.15 11.06 9.85
C SER B 88 -6.77 12.24 8.96
N ASN B 89 -7.31 12.24 7.74
CA ASN B 89 -7.03 13.30 6.77
C ASN B 89 -8.23 14.22 6.57
N VAL B 90 -7.99 15.51 6.77
CA VAL B 90 -9.03 16.54 6.62
C VAL B 90 -9.02 17.09 5.21
N GLN B 91 -10.17 17.63 4.76
CA GLN B 91 -10.28 18.20 3.42
C GLN B 91 -11.24 19.38 3.42
N SER B 92 -10.77 20.50 2.84
CA SER B 92 -11.59 21.71 2.77
C SER B 92 -12.08 21.92 1.34
N LYS B 93 -13.37 21.73 1.13
CA LYS B 93 -13.97 21.89 -0.20
C LYS B 93 -14.23 23.35 -0.52
N CYS B 94 -14.66 24.11 0.49
CA CYS B 94 -14.94 25.54 0.32
C CYS B 94 -13.77 26.41 0.79
N GLY B 95 -12.97 25.87 1.73
CA GLY B 95 -11.82 26.60 2.26
C GLY B 95 -12.27 27.76 3.14
N SER B 96 -11.38 28.75 3.30
CA SER B 96 -11.67 29.92 4.12
C SER B 96 -11.64 31.19 3.26
N LYS B 97 -12.72 31.96 3.33
CA LYS B 97 -12.83 33.20 2.56
C LYS B 97 -13.43 34.32 3.43
N ASP B 98 -12.62 35.35 3.68
CA ASP B 98 -13.05 36.48 4.50
C ASP B 98 -12.50 37.79 3.93
N ASN B 99 -13.14 38.90 4.32
CA ASN B 99 -12.71 40.23 3.86
C ASN B 99 -12.47 41.15 5.04
N ILE B 100 -11.27 41.73 5.10
CA ILE B 100 -10.89 42.64 6.18
C ILE B 100 -10.54 44.02 5.62
N LYS B 101 -11.37 45.01 5.97
CA LYS B 101 -11.16 46.39 5.53
C LYS B 101 -11.15 47.31 6.73
N HIS B 102 -10.10 48.14 6.84
CA HIS B 102 -9.99 49.07 7.97
C HIS B 102 -9.51 50.44 7.49
N VAL B 103 -10.04 51.49 8.12
CA VAL B 103 -9.63 52.86 7.76
C VAL B 103 -9.47 53.71 9.04
N PRO B 104 -8.27 53.77 9.63
CA PRO B 104 -8.03 54.58 10.86
C PRO B 104 -7.69 56.03 10.56
N GLY B 105 -8.31 56.95 11.29
CA GLY B 105 -8.07 58.38 11.11
C GLY B 105 -7.19 58.92 12.22
N GLY B 106 -7.49 58.50 13.46
CA GLY B 106 -6.72 58.93 14.62
C GLY B 106 -5.54 58.01 14.87
N GLY B 107 -5.70 57.08 15.82
CA GLY B 107 -4.65 56.13 16.15
C GLY B 107 -5.22 54.89 16.83
N SER B 108 -5.13 53.74 16.14
CA SER B 108 -5.64 52.48 16.67
C SER B 108 -4.71 51.33 16.30
N VAL B 109 -5.02 50.13 16.80
CA VAL B 109 -4.22 48.94 16.51
C VAL B 109 -5.12 47.81 16.01
N GLN B 110 -4.68 47.10 14.97
CA GLN B 110 -5.47 46.00 14.40
C GLN B 110 -4.59 44.79 14.10
N ILE B 111 -5.09 43.60 14.46
CA ILE B 111 -4.35 42.36 14.24
C ILE B 111 -5.30 41.29 13.69
N VAL B 112 -4.90 40.67 12.57
CA VAL B 112 -5.71 39.61 11.95
C VAL B 112 -4.84 38.38 11.67
N TYR B 113 -5.29 37.23 12.20
CA TYR B 113 -4.58 35.97 12.01
C TYR B 113 -5.43 34.99 11.21
N LYS B 114 -4.79 34.19 10.37
CA LYS B 114 -5.50 33.21 9.54
C LYS B 114 -5.58 31.84 10.25
N PRO B 115 -6.47 30.95 9.83
CA PRO B 115 -6.63 29.60 10.49
C PRO B 115 -5.44 28.67 10.24
N VAL B 116 -5.39 27.58 11.00
CA VAL B 116 -4.31 26.60 10.87
C VAL B 116 -4.88 25.18 11.00
N ASP B 117 -4.43 24.28 10.12
CA ASP B 117 -4.89 22.90 10.14
C ASP B 117 -3.80 21.97 10.68
N LEU B 118 -4.12 21.26 11.77
CA LEU B 118 -3.16 20.35 12.39
C LEU B 118 -3.62 18.89 12.22
N SER B 119 -2.81 18.11 11.50
CA SER B 119 -3.12 16.70 11.27
C SER B 119 -2.60 15.86 12.43
N LYS B 120 -1.37 16.15 12.86
CA LYS B 120 -0.75 15.44 13.97
C LYS B 120 0.52 16.15 14.42
N VAL B 121 0.58 16.45 15.72
CA VAL B 121 1.75 17.15 16.28
C VAL B 121 2.27 16.37 17.49
N THR B 122 3.58 16.11 17.49
CA THR B 122 4.23 15.37 18.58
C THR B 122 5.43 16.14 19.11
N SER B 123 5.29 16.70 20.31
CA SER B 123 6.37 17.47 20.93
C SER B 123 6.91 16.72 22.16
N LYS B 124 8.13 16.21 22.02
CA LYS B 124 8.78 15.47 23.11
C LYS B 124 9.18 16.42 24.23
N CYS B 125 9.91 17.48 23.87
CA CYS B 125 10.36 18.47 24.85
C CYS B 125 10.65 19.80 24.16
N GLY B 126 10.19 20.89 24.79
CA GLY B 126 10.41 22.23 24.25
C GLY B 126 10.40 23.27 25.36
N SER B 127 11.32 24.23 25.27
CA SER B 127 11.41 25.30 26.27
C SER B 127 12.31 26.44 25.77
N LEU B 128 11.68 27.45 25.17
CA LEU B 128 12.42 28.60 24.65
C LEU B 128 12.83 29.54 25.77
N GLY B 129 13.86 30.35 25.51
CA GLY B 129 14.37 31.29 26.50
C GLY B 129 15.77 31.76 26.15
N GLU C 67 -17.05 34.68 -6.95
CA GLU C 67 -17.21 33.29 -7.48
C GLU C 67 -18.42 33.24 -8.40
N ASN C 68 -18.16 33.22 -9.71
CA ASN C 68 -19.24 33.17 -10.70
C ASN C 68 -19.33 31.78 -11.32
N LEU C 69 -20.27 30.98 -10.84
CA LEU C 69 -20.47 29.61 -11.33
C LEU C 69 -21.90 29.44 -11.83
N LYS C 70 -22.04 29.22 -13.14
CA LYS C 70 -23.38 29.03 -13.74
C LYS C 70 -23.27 28.63 -15.21
N HIS C 71 -24.34 28.01 -15.71
CA HIS C 71 -24.39 27.56 -17.11
C HIS C 71 -23.23 26.60 -17.41
N GLN C 72 -22.88 25.77 -16.41
CA GLN C 72 -21.80 24.80 -16.58
C GLN C 72 -22.36 23.37 -16.65
N PRO C 73 -22.60 22.82 -17.85
CA PRO C 73 -23.14 21.44 -18.00
C PRO C 73 -22.05 20.38 -17.99
N GLY C 74 -22.27 19.31 -17.22
CA GLY C 74 -21.30 18.22 -17.13
C GLY C 74 -21.61 17.31 -15.95
N GLY C 75 -20.60 16.56 -15.50
CA GLY C 75 -20.76 15.64 -14.38
C GLY C 75 -21.16 16.39 -13.12
N GLY C 76 -20.87 15.79 -11.96
CA GLY C 76 -21.20 16.39 -10.67
C GLY C 76 -20.03 17.20 -10.12
N LYS C 77 -20.10 17.54 -8.84
CA LYS C 77 -19.04 18.31 -8.18
C LYS C 77 -17.84 17.41 -7.89
N VAL C 78 -16.82 17.98 -7.24
CA VAL C 78 -15.60 17.24 -6.91
C VAL C 78 -15.95 15.92 -6.19
N GLN C 79 -15.05 14.94 -6.30
CA GLN C 79 -15.26 13.63 -5.68
C GLN C 79 -13.98 13.10 -5.06
N ILE C 80 -14.04 12.78 -3.76
CA ILE C 80 -12.89 12.23 -3.04
C ILE C 80 -13.24 10.84 -2.49
N ILE C 81 -12.44 9.84 -2.91
CA ILE C 81 -12.65 8.46 -2.48
C ILE C 81 -11.31 7.76 -2.25
N ASN C 82 -11.33 6.76 -1.37
CA ASN C 82 -10.12 5.99 -1.06
C ASN C 82 -10.39 4.49 -1.21
N LYS C 83 -9.79 3.89 -2.23
CA LYS C 83 -9.97 2.46 -2.49
C LYS C 83 -9.00 1.63 -1.66
N LYS C 84 -9.52 1.03 -0.58
CA LYS C 84 -8.70 0.21 0.31
C LYS C 84 -9.31 -1.19 0.45
N LEU C 85 -8.74 -2.14 -0.29
CA LEU C 85 -9.23 -3.52 -0.25
C LEU C 85 -8.08 -4.48 0.08
N ASP C 86 -8.20 -5.16 1.23
CA ASP C 86 -7.19 -6.11 1.66
C ASP C 86 -7.68 -7.54 1.47
N LEU C 87 -6.99 -8.28 0.60
CA LEU C 87 -7.35 -9.67 0.31
C LEU C 87 -6.92 -10.57 1.46
N SER C 88 -7.64 -11.68 1.63
CA SER C 88 -7.38 -12.64 2.72
C SER C 88 -6.32 -13.66 2.34
N ASN C 89 -5.19 -13.60 3.04
CA ASN C 89 -4.06 -14.51 2.80
C ASN C 89 -3.91 -15.55 3.90
N VAL C 90 -3.92 -16.82 3.50
CA VAL C 90 -3.78 -17.94 4.44
C VAL C 90 -2.32 -18.33 4.57
N GLN C 91 -1.97 -18.95 5.71
CA GLN C 91 -0.60 -19.39 5.95
C GLN C 91 -0.58 -20.68 6.76
N SER C 92 0.18 -21.66 6.28
CA SER C 92 0.31 -22.95 6.95
C SER C 92 1.68 -23.06 7.62
N LYS C 93 1.68 -23.01 8.95
CA LYS C 93 2.93 -23.10 9.71
C LYS C 93 3.38 -24.54 9.86
N CYS C 94 2.43 -25.46 10.05
CA CYS C 94 2.74 -26.88 10.19
C CYS C 94 2.53 -27.64 8.88
N GLY C 95 1.65 -27.11 8.02
CA GLY C 95 1.37 -27.74 6.73
C GLY C 95 0.59 -29.05 6.91
N SER C 96 0.66 -29.92 5.91
CA SER C 96 -0.04 -31.20 5.95
C SER C 96 0.97 -32.36 5.92
N LYS C 97 0.84 -33.26 6.89
CA LYS C 97 1.74 -34.42 6.97
C LYS C 97 0.96 -35.69 7.31
N ASP C 98 0.93 -36.62 6.36
CA ASP C 98 0.21 -37.89 6.55
C ASP C 98 1.00 -39.05 5.96
N ASN C 99 0.67 -40.26 6.39
CA ASN C 99 1.34 -41.47 5.91
C ASN C 99 0.32 -42.47 5.39
N ILE C 100 0.50 -42.90 4.14
CA ILE C 100 -0.41 -43.87 3.52
C ILE C 100 0.36 -45.14 3.11
N LYS C 101 0.02 -46.25 3.76
CA LYS C 101 0.65 -47.54 3.47
C LYS C 101 -0.41 -48.58 3.20
N HIS C 102 -0.28 -49.27 2.06
CA HIS C 102 -1.25 -50.30 1.68
C HIS C 102 -0.56 -51.54 1.13
N VAL C 103 -1.12 -52.71 1.45
CA VAL C 103 -0.55 -53.98 0.96
C VAL C 103 -1.69 -54.92 0.52
N PRO C 104 -2.10 -54.90 -0.75
CA PRO C 104 -3.18 -55.80 -1.25
C PRO C 104 -2.65 -57.15 -1.71
N GLY C 105 -3.36 -58.21 -1.29
CA GLY C 105 -2.97 -59.57 -1.66
C GLY C 105 -3.88 -60.11 -2.76
N GLY C 106 -5.19 -59.87 -2.59
CA GLY C 106 -6.18 -60.33 -3.56
C GLY C 106 -6.38 -59.29 -4.66
N GLY C 107 -7.45 -58.50 -4.53
CA GLY C 107 -7.76 -57.46 -5.51
C GLY C 107 -8.65 -56.38 -4.91
N SER C 108 -8.10 -55.17 -4.78
CA SER C 108 -8.84 -54.04 -4.23
C SER C 108 -8.49 -52.75 -4.95
N VAL C 109 -9.17 -51.66 -4.59
CA VAL C 109 -8.93 -50.37 -5.21
C VAL C 109 -8.69 -49.31 -4.13
N GLN C 110 -7.69 -48.45 -4.34
CA GLN C 110 -7.37 -47.40 -3.37
C GLN C 110 -7.12 -46.06 -4.06
N ILE C 111 -7.67 -44.99 -3.48
CA ILE C 111 -7.51 -43.64 -4.04
C ILE C 111 -7.23 -42.64 -2.92
N VAL C 112 -6.15 -41.87 -3.08
CA VAL C 112 -5.77 -40.86 -2.08
C VAL C 112 -5.54 -39.50 -2.76
N TYR C 113 -6.24 -38.49 -2.27
CA TYR C 113 -6.13 -37.13 -2.81
C TYR C 113 -5.58 -36.19 -1.75
N LYS C 114 -4.76 -35.22 -2.18
CA LYS C 114 -4.16 -34.26 -1.25
C LYS C 114 -5.04 -33.00 -1.14
N PRO C 115 -4.85 -32.18 -0.09
CA PRO C 115 -5.68 -30.94 0.11
C PRO C 115 -5.40 -29.85 -0.92
N VAL C 116 -6.28 -28.85 -0.97
CA VAL C 116 -6.12 -27.73 -1.90
C VAL C 116 -6.50 -26.42 -1.21
N ASP C 117 -5.68 -25.38 -1.43
CA ASP C 117 -5.92 -24.07 -0.82
C ASP C 117 -6.42 -23.08 -1.88
N LEU C 118 -7.63 -22.54 -1.64
CA LEU C 118 -8.22 -21.57 -2.57
C LEU C 118 -8.30 -20.19 -1.95
N SER C 119 -7.57 -19.23 -2.55
CA SER C 119 -7.57 -17.85 -2.06
C SER C 119 -8.74 -17.09 -2.65
N LYS C 120 -8.97 -17.27 -3.95
CA LYS C 120 -10.07 -16.60 -4.64
C LYS C 120 -10.26 -17.20 -6.03
N VAL C 121 -11.48 -17.63 -6.32
CA VAL C 121 -11.80 -18.24 -7.62
C VAL C 121 -13.02 -17.53 -8.23
N THR C 122 -12.88 -17.11 -9.49
CA THR C 122 -13.95 -16.42 -10.20
C THR C 122 -14.22 -17.08 -11.55
N SER C 123 -15.36 -17.78 -11.63
CA SER C 123 -15.74 -18.47 -12.87
C SER C 123 -16.95 -17.80 -13.50
N LYS C 124 -16.72 -17.12 -14.63
CA LYS C 124 -17.81 -16.43 -15.34
C LYS C 124 -18.74 -17.44 -16.01
N CYS C 125 -18.16 -18.35 -16.79
CA CYS C 125 -18.94 -19.38 -17.48
C CYS C 125 -18.07 -20.58 -17.81
N GLY C 126 -18.61 -21.78 -17.57
CA GLY C 126 -17.90 -23.02 -17.84
C GLY C 126 -18.86 -24.17 -18.10
N SER C 127 -18.53 -24.99 -19.09
CA SER C 127 -19.37 -26.14 -19.45
C SER C 127 -18.62 -27.09 -20.38
N LEU C 128 -17.99 -28.11 -19.79
CA LEU C 128 -17.23 -29.10 -20.56
C LEU C 128 -18.17 -30.08 -21.23
N GLY C 129 -17.68 -30.73 -22.29
CA GLY C 129 -18.47 -31.71 -23.03
C GLY C 129 -17.89 -31.97 -24.42
N GLU D 67 10.66 -35.38 12.38
CA GLU D 67 10.98 -33.98 12.76
C GLU D 67 11.72 -33.98 14.10
N ASN D 68 13.05 -33.79 14.04
CA ASN D 68 13.88 -33.77 15.24
C ASN D 68 14.30 -32.34 15.57
N LEU D 69 13.59 -31.73 16.52
CA LEU D 69 13.88 -30.35 16.94
C LEU D 69 14.16 -30.30 18.44
N LYS D 70 15.40 -29.98 18.80
CA LYS D 70 15.78 -29.89 20.21
C LYS D 70 17.20 -29.32 20.38
N HIS D 71 17.47 -28.79 21.57
CA HIS D 71 18.78 -28.20 21.87
C HIS D 71 19.11 -27.08 20.89
N GLN D 72 18.08 -26.32 20.48
CA GLN D 72 18.26 -25.21 19.55
C GLN D 72 18.09 -23.86 20.27
N PRO D 73 19.17 -23.22 20.73
CA PRO D 73 19.07 -21.91 21.44
C PRO D 73 19.08 -20.73 20.47
N GLY D 74 18.17 -19.78 20.70
CA GLY D 74 18.07 -18.60 19.84
C GLY D 74 16.76 -17.86 20.08
N GLY D 75 16.36 -17.06 19.10
CA GLY D 75 15.12 -16.29 19.19
C GLY D 75 13.91 -17.21 19.32
N GLY D 76 12.75 -16.69 18.93
CA GLY D 76 11.51 -17.48 18.99
C GLY D 76 11.23 -18.18 17.67
N LYS D 77 9.99 -18.66 17.51
CA LYS D 77 9.59 -19.36 16.30
C LYS D 77 9.35 -18.35 15.17
N VAL D 78 8.93 -18.86 14.00
CA VAL D 78 8.66 -18.01 12.84
C VAL D 78 7.76 -16.83 13.22
N GLN D 79 7.86 -15.73 12.46
CA GLN D 79 7.05 -14.54 12.72
C GLN D 79 6.56 -13.91 11.42
N ILE D 80 5.23 -13.74 11.33
CA ILE D 80 4.62 -13.14 10.14
C ILE D 80 3.86 -11.87 10.55
N ILE D 81 4.24 -10.75 9.94
CA ILE D 81 3.62 -9.45 10.24
C ILE D 81 3.50 -8.61 8.96
N ASN D 82 2.51 -7.73 8.94
CA ASN D 82 2.27 -6.85 7.80
C ASN D 82 2.20 -5.40 8.25
N LYS D 83 3.20 -4.61 7.88
CA LYS D 83 3.25 -3.20 8.25
C LYS D 83 2.46 -2.35 7.26
N LYS D 84 1.27 -1.94 7.68
CA LYS D 84 0.40 -1.12 6.83
C LYS D 84 0.02 0.16 7.56
N LEU D 85 0.69 1.27 7.22
CA LEU D 85 0.42 2.56 7.84
C LEU D 85 0.13 3.61 6.78
N ASP D 86 -1.09 4.15 6.80
CA ASP D 86 -1.51 5.16 5.83
C ASP D 86 -1.56 6.53 6.49
N LEU D 87 -0.70 7.44 6.03
CA LEU D 87 -0.63 8.79 6.58
C LEU D 87 -1.82 9.62 6.08
N SER D 88 -2.21 10.61 6.89
CA SER D 88 -3.36 11.46 6.56
C SER D 88 -2.98 12.64 5.68
N ASN D 89 -3.51 12.65 4.46
CA ASN D 89 -3.23 13.72 3.50
C ASN D 89 -4.42 14.64 3.30
N VAL D 90 -4.19 15.94 3.51
CA VAL D 90 -5.23 16.96 3.35
C VAL D 90 -5.21 17.53 1.93
N GLN D 91 -6.35 18.06 1.50
CA GLN D 91 -6.46 18.63 0.16
C GLN D 91 -7.42 19.82 0.16
N SER D 92 -6.96 20.93 -0.42
CA SER D 92 -7.77 22.15 -0.50
C SER D 92 -8.25 22.36 -1.92
N LYS D 93 -9.56 22.17 -2.14
CA LYS D 93 -10.14 22.33 -3.47
C LYS D 93 -10.40 23.80 -3.78
N CYS D 94 -10.84 24.56 -2.77
CA CYS D 94 -11.11 25.99 -2.94
C CYS D 94 -9.94 26.85 -2.46
N GLY D 95 -9.15 26.31 -1.51
CA GLY D 95 -8.00 27.04 -0.98
C GLY D 95 -8.44 28.20 -0.10
N SER D 96 -7.56 29.18 0.07
CA SER D 96 -7.85 30.36 0.89
C SER D 96 -7.81 31.62 0.03
N LYS D 97 -8.90 32.39 0.11
CA LYS D 97 -9.00 33.64 -0.66
C LYS D 97 -9.60 34.75 0.20
N ASP D 98 -8.79 35.78 0.46
CA ASP D 98 -9.22 36.91 1.28
C ASP D 98 -8.68 38.22 0.72
N ASN D 99 -9.31 39.33 1.11
CA ASN D 99 -8.88 40.65 0.65
C ASN D 99 -8.64 41.57 1.84
N ILE D 100 -7.44 42.16 1.90
CA ILE D 100 -7.07 43.07 2.99
C ILE D 100 -6.72 44.45 2.43
N LYS D 101 -7.54 45.44 2.78
CA LYS D 101 -7.33 46.81 2.35
C LYS D 101 -7.33 47.74 3.55
N HIS D 102 -6.28 48.56 3.67
CA HIS D 102 -6.16 49.49 4.79
C HIS D 102 -5.68 50.86 4.33
N VAL D 103 -6.21 51.92 4.95
CA VAL D 103 -5.81 53.28 4.60
C VAL D 103 -5.65 54.12 5.89
N PRO D 104 -4.45 54.18 6.48
CA PRO D 104 -4.21 54.98 7.72
C PRO D 104 -3.87 56.44 7.40
N GLY D 105 -4.50 57.36 8.15
CA GLY D 105 -4.25 58.79 7.97
C GLY D 105 -3.38 59.32 9.09
N GLY D 106 -3.68 58.90 10.33
CA GLY D 106 -2.90 59.34 11.49
C GLY D 106 -1.72 58.40 11.75
N GLY D 107 -1.90 57.47 12.68
CA GLY D 107 -0.85 56.52 13.02
C GLY D 107 -1.42 55.28 13.69
N SER D 108 -1.33 54.14 13.00
CA SER D 108 -1.84 52.88 13.53
C SER D 108 -0.91 51.71 13.15
N VAL D 109 -1.23 50.52 13.65
CA VAL D 109 -0.43 49.33 13.36
C VAL D 109 -1.33 48.21 12.85
N GLN D 110 -0.88 47.50 11.81
CA GLN D 110 -1.66 46.40 11.23
C GLN D 110 -0.79 45.19 10.94
N ILE D 111 -1.30 44.01 11.29
CA ILE D 111 -0.56 42.76 11.07
C ILE D 111 -1.50 41.68 10.51
N VAL D 112 -1.10 41.07 9.40
CA VAL D 112 -1.91 40.02 8.76
C VAL D 112 -1.05 38.78 8.48
N TYR D 113 -1.49 37.63 9.00
CA TYR D 113 -0.78 36.37 8.82
C TYR D 113 -1.64 35.40 8.02
N LYS D 114 -0.98 34.59 7.17
CA LYS D 114 -1.70 33.62 6.34
C LYS D 114 -1.78 32.25 7.04
N PRO D 115 -2.67 31.36 6.62
CA PRO D 115 -2.83 30.01 7.27
C PRO D 115 -1.64 29.08 7.02
N VAL D 116 -1.60 27.98 7.79
CA VAL D 116 -0.52 27.00 7.66
C VAL D 116 -1.09 25.59 7.78
N ASP D 117 -0.64 24.69 6.90
CA ASP D 117 -1.10 23.30 6.91
C ASP D 117 -0.01 22.38 7.45
N LEU D 118 -0.34 21.67 8.54
CA LEU D 118 0.62 20.75 9.16
C LEU D 118 0.16 19.29 8.98
N SER D 119 0.98 18.52 8.26
CA SER D 119 0.67 17.10 8.02
C SER D 119 1.18 16.25 9.19
N LYS D 120 2.40 16.55 9.63
CA LYS D 120 3.02 15.82 10.73
C LYS D 120 4.29 16.54 11.19
N VAL D 121 4.35 16.84 12.49
CA VAL D 121 5.51 17.53 13.06
C VAL D 121 6.03 16.75 14.26
N THR D 122 7.35 16.49 14.27
CA THR D 122 7.98 15.75 15.35
C THR D 122 9.19 16.51 15.89
N SER D 123 9.04 17.07 17.10
CA SER D 123 10.11 17.83 17.73
C SER D 123 10.66 17.09 18.94
N LYS D 124 11.88 16.57 18.81
CA LYS D 124 12.52 15.83 19.90
C LYS D 124 12.92 16.78 21.03
N CYS D 125 13.65 17.83 20.68
CA CYS D 125 14.10 18.82 21.66
C CYS D 125 14.39 20.16 20.98
N GLY D 126 13.94 21.24 21.61
CA GLY D 126 14.15 22.58 21.07
C GLY D 126 14.14 23.63 22.19
N SER D 127 15.06 24.59 22.10
CA SER D 127 15.15 25.64 23.11
C SER D 127 16.05 26.78 22.61
N LEU D 128 15.43 27.80 22.01
CA LEU D 128 16.17 28.94 21.49
C LEU D 128 16.58 29.89 22.62
N GLY D 129 17.61 30.70 22.37
CA GLY D 129 18.10 31.63 23.37
C GLY D 129 19.51 32.11 23.01
N GLU E 67 -13.20 35.12 -10.16
CA GLU E 67 -13.37 33.73 -10.68
C GLU E 67 -14.58 33.69 -11.60
N ASN E 68 -14.33 33.67 -12.92
CA ASN E 68 -15.40 33.62 -13.91
C ASN E 68 -15.49 32.23 -14.53
N LEU E 69 -16.44 31.44 -14.03
CA LEU E 69 -16.64 30.07 -14.53
C LEU E 69 -18.08 29.89 -15.02
N LYS E 70 -18.23 29.69 -16.34
CA LYS E 70 -19.57 29.50 -16.92
C LYS E 70 -19.47 29.09 -18.40
N HIS E 71 -20.55 28.48 -18.90
CA HIS E 71 -20.60 28.04 -20.30
C HIS E 71 -19.45 27.07 -20.60
N GLN E 72 -19.10 26.24 -19.61
CA GLN E 72 -18.01 25.27 -19.77
C GLN E 72 -18.58 23.84 -19.85
N PRO E 73 -18.83 23.28 -21.05
CA PRO E 73 -19.37 21.91 -21.19
C PRO E 73 -18.28 20.85 -21.20
N GLY E 74 -18.50 19.77 -20.43
CA GLY E 74 -17.52 18.69 -20.33
C GLY E 74 -17.85 17.77 -19.16
N GLY E 75 -16.83 17.03 -18.71
CA GLY E 75 -16.99 16.10 -17.59
C GLY E 75 -17.38 16.86 -16.31
N GLY E 76 -17.09 16.24 -15.17
CA GLY E 76 -17.41 16.85 -13.88
C GLY E 76 -16.24 17.65 -13.34
N LYS E 77 -16.31 18.00 -12.05
CA LYS E 77 -15.24 18.75 -11.40
C LYS E 77 -14.04 17.85 -11.11
N VAL E 78 -13.01 18.43 -10.47
CA VAL E 78 -11.79 17.68 -10.14
C VAL E 78 -12.15 16.36 -9.43
N GLN E 79 -11.25 15.38 -9.53
CA GLN E 79 -11.47 14.08 -8.91
C GLN E 79 -10.17 13.53 -8.29
N ILE E 80 -10.24 13.21 -7.00
CA ILE E 80 -9.09 12.66 -6.28
C ILE E 80 -9.43 11.27 -5.74
N ILE E 81 -8.64 10.28 -6.15
CA ILE E 81 -8.86 8.89 -5.72
C ILE E 81 -7.51 8.18 -5.51
N ASN E 82 -7.52 7.18 -4.63
CA ASN E 82 -6.31 6.42 -4.32
C ASN E 82 -6.60 4.92 -4.47
N LYS E 83 -6.00 4.31 -5.49
CA LYS E 83 -6.18 2.89 -5.75
C LYS E 83 -5.21 2.06 -4.92
N LYS E 84 -5.73 1.46 -3.84
CA LYS E 84 -4.92 0.63 -2.96
C LYS E 84 -5.53 -0.76 -2.82
N LEU E 85 -4.96 -1.73 -3.56
CA LEU E 85 -5.45 -3.11 -3.52
C LEU E 85 -4.31 -4.06 -3.19
N ASP E 86 -4.43 -4.74 -2.05
CA ASP E 86 -3.41 -5.69 -1.62
C ASP E 86 -3.90 -7.13 -1.82
N LEU E 87 -3.22 -7.86 -2.69
CA LEU E 87 -3.58 -9.25 -2.98
C LEU E 87 -3.14 -10.16 -1.83
N SER E 88 -3.88 -11.27 -1.67
CA SER E 88 -3.61 -12.22 -0.58
C SER E 88 -2.55 -13.25 -0.96
N ASN E 89 -1.41 -13.20 -0.25
CA ASN E 89 -0.30 -14.11 -0.51
C ASN E 89 -0.13 -15.14 0.59
N VAL E 90 -0.15 -16.42 0.19
CA VAL E 90 -0.01 -17.54 1.13
C VAL E 90 1.45 -17.94 1.25
N GLN E 91 1.79 -18.56 2.38
CA GLN E 91 3.17 -19.00 2.62
C GLN E 91 3.18 -20.28 3.44
N SER E 92 3.95 -21.27 2.95
CA SER E 92 4.07 -22.56 3.63
C SER E 92 5.43 -22.67 4.29
N LYS E 93 5.46 -22.63 5.62
CA LYS E 93 6.70 -22.72 6.37
C LYS E 93 7.16 -24.16 6.51
N CYS E 94 6.19 -25.07 6.71
CA CYS E 94 6.50 -26.49 6.85
C CYS E 94 6.28 -27.26 5.54
N GLY E 95 5.40 -26.73 4.68
CA GLY E 95 5.12 -27.36 3.40
C GLY E 95 4.33 -28.66 3.58
N SER E 96 4.40 -29.53 2.58
CA SER E 96 3.70 -30.81 2.62
C SER E 96 4.70 -31.96 2.58
N LYS E 97 4.58 -32.87 3.55
CA LYS E 97 5.47 -34.04 3.63
C LYS E 97 4.68 -35.30 3.96
N ASP E 98 4.65 -36.24 3.02
CA ASP E 98 3.93 -37.49 3.21
C ASP E 98 4.71 -38.66 2.61
N ASN E 99 4.38 -39.87 3.05
CA ASN E 99 5.05 -41.08 2.56
C ASN E 99 4.02 -42.08 2.05
N ILE E 100 4.19 -42.51 0.80
CA ILE E 100 3.29 -43.48 0.18
C ILE E 100 4.05 -44.74 -0.24
N LYS E 101 3.71 -45.85 0.41
CA LYS E 101 4.34 -47.14 0.12
C LYS E 101 3.27 -48.18 -0.15
N HIS E 102 3.39 -48.88 -1.29
CA HIS E 102 2.42 -49.90 -1.67
C HIS E 102 3.10 -51.14 -2.22
N VAL E 103 2.55 -52.31 -1.91
CA VAL E 103 3.11 -53.57 -2.40
C VAL E 103 1.96 -54.52 -2.83
N PRO E 104 1.55 -54.50 -4.10
CA PRO E 104 0.47 -55.39 -4.60
C PRO E 104 0.99 -56.75 -5.05
N GLY E 105 0.29 -57.81 -4.64
CA GLY E 105 0.67 -59.17 -5.00
C GLY E 105 -0.26 -59.71 -6.10
N GLY E 106 -1.56 -59.46 -5.93
CA GLY E 106 -2.55 -59.92 -6.90
C GLY E 106 -2.76 -58.87 -7.99
N GLY E 107 -3.82 -58.08 -7.86
CA GLY E 107 -4.13 -57.04 -8.84
C GLY E 107 -5.02 -55.96 -8.23
N SER E 108 -4.46 -54.76 -8.11
CA SER E 108 -5.21 -53.63 -7.54
C SER E 108 -4.85 -52.33 -8.27
N VAL E 109 -5.52 -51.25 -7.91
CA VAL E 109 -5.28 -49.94 -8.53
C VAL E 109 -5.04 -48.89 -7.45
N GLN E 110 -4.04 -48.03 -7.66
CA GLN E 110 -3.72 -46.98 -6.68
C GLN E 110 -3.45 -45.64 -7.38
N ILE E 111 -4.01 -44.57 -6.80
CA ILE E 111 -3.85 -43.22 -7.35
C ILE E 111 -3.55 -42.22 -6.24
N VAL E 112 -2.47 -41.45 -6.40
CA VAL E 112 -2.10 -40.44 -5.41
C VAL E 112 -1.86 -39.09 -6.08
N TYR E 113 -2.56 -38.07 -5.59
CA TYR E 113 -2.45 -36.71 -6.13
C TYR E 113 -1.89 -35.78 -5.07
N LYS E 114 -1.07 -34.82 -5.50
CA LYS E 114 -0.46 -33.86 -4.58
C LYS E 114 -1.33 -32.59 -4.45
N PRO E 115 -1.14 -31.76 -3.41
CA PRO E 115 -1.97 -30.53 -3.21
C PRO E 115 -1.68 -29.44 -4.23
N VAL E 116 -2.56 -28.44 -4.27
CA VAL E 116 -2.41 -27.31 -5.21
C VAL E 116 -2.78 -26.01 -4.51
N ASP E 117 -1.96 -24.97 -4.73
CA ASP E 117 -2.20 -23.66 -4.13
C ASP E 117 -2.71 -22.67 -5.17
N LEU E 118 -3.90 -22.12 -4.94
CA LEU E 118 -4.50 -21.16 -5.87
C LEU E 118 -4.56 -19.77 -5.24
N SER E 119 -3.85 -18.82 -5.85
CA SER E 119 -3.83 -17.45 -5.35
C SER E 119 -5.00 -16.67 -5.94
N LYS E 120 -5.24 -16.85 -7.23
CA LYS E 120 -6.34 -16.17 -7.92
C LYS E 120 -6.53 -16.77 -9.32
N VAL E 121 -7.77 -17.20 -9.60
CA VAL E 121 -8.10 -17.80 -10.90
C VAL E 121 -9.31 -17.09 -11.50
N THR E 122 -9.17 -16.67 -12.76
CA THR E 122 -10.25 -15.98 -13.47
C THR E 122 -10.52 -16.63 -14.81
N SER E 123 -11.65 -17.34 -14.89
CA SER E 123 -12.05 -18.03 -16.13
C SER E 123 -13.26 -17.35 -16.75
N LYS E 124 -13.04 -16.67 -17.88
CA LYS E 124 -14.11 -15.98 -18.60
C LYS E 124 -15.05 -16.98 -19.26
N CYS E 125 -14.48 -17.90 -20.03
CA CYS E 125 -15.27 -18.92 -20.73
C CYS E 125 -14.40 -20.12 -21.06
N GLY E 126 -14.94 -21.32 -20.82
CA GLY E 126 -14.23 -22.56 -21.10
C GLY E 126 -15.20 -23.71 -21.36
N SER E 127 -14.88 -24.53 -22.35
CA SER E 127 -15.73 -25.68 -22.70
C SER E 127 -14.98 -26.63 -23.63
N LEU E 128 -14.35 -27.65 -23.05
CA LEU E 128 -13.59 -28.63 -23.83
C LEU E 128 -14.54 -29.63 -24.50
N GLY E 129 -14.06 -30.27 -25.56
CA GLY E 129 -14.86 -31.25 -26.29
C GLY E 129 -14.27 -31.49 -27.68
N GLU F 67 14.38 -35.01 9.02
CA GLU F 67 14.71 -33.60 9.40
C GLU F 67 15.44 -33.61 10.74
N ASN F 68 16.76 -33.42 10.69
CA ASN F 68 17.59 -33.40 11.89
C ASN F 68 18.02 -31.97 12.23
N LEU F 69 17.31 -31.35 13.18
CA LEU F 69 17.60 -29.99 13.60
C LEU F 69 17.87 -29.94 15.10
N LYS F 70 19.11 -29.61 15.47
CA LYS F 70 19.49 -29.53 16.89
C LYS F 70 20.89 -28.96 17.06
N HIS F 71 21.17 -28.44 18.25
CA HIS F 71 22.48 -27.86 18.55
C HIS F 71 22.82 -26.73 17.58
N GLN F 72 21.78 -25.97 17.17
CA GLN F 72 21.97 -24.86 16.24
C GLN F 72 21.80 -23.51 16.97
N PRO F 73 22.87 -22.88 17.45
CA PRO F 73 22.78 -21.57 18.15
C PRO F 73 22.79 -20.38 17.19
N GLY F 74 21.88 -19.43 17.42
CA GLY F 74 21.78 -18.25 16.56
C GLY F 74 20.47 -17.50 16.79
N GLY F 75 20.08 -16.70 15.81
CA GLY F 75 18.84 -15.93 15.90
C GLY F 75 17.63 -16.85 16.02
N GLY F 76 16.46 -16.34 15.63
CA GLY F 76 15.22 -17.11 15.68
C GLY F 76 14.95 -17.81 14.37
N LYS F 77 13.71 -18.29 14.21
CA LYS F 77 13.31 -18.99 12.98
C LYS F 77 13.08 -17.98 11.85
N VAL F 78 12.66 -18.48 10.69
CA VAL F 78 12.41 -17.62 9.52
C VAL F 78 11.50 -16.44 9.90
N GLN F 79 11.60 -15.35 9.14
CA GLN F 79 10.80 -14.16 9.41
C GLN F 79 10.31 -13.53 8.11
N ILE F 80 8.98 -13.35 8.02
CA ILE F 80 8.36 -12.74 6.83
C ILE F 80 7.61 -11.48 7.25
N ILE F 81 8.00 -10.36 6.63
CA ILE F 81 7.39 -9.06 6.93
C ILE F 81 7.27 -8.22 5.66
N ASN F 82 6.27 -7.33 5.64
CA ASN F 82 6.04 -6.44 4.50
C ASN F 82 5.96 -4.99 4.96
N LYS F 83 6.98 -4.21 4.58
CA LYS F 83 7.03 -2.80 4.97
C LYS F 83 6.24 -1.95 3.97
N LYS F 84 5.04 -1.53 4.39
CA LYS F 84 4.17 -0.71 3.55
C LYS F 84 3.78 0.57 4.27
N LEU F 85 4.47 1.67 3.94
CA LEU F 85 4.20 2.97 4.56
C LEU F 85 3.91 4.02 3.50
N ASP F 86 2.68 4.55 3.52
CA ASP F 86 2.28 5.58 2.56
C ASP F 86 2.23 6.94 3.23
N LEU F 87 3.09 7.85 2.76
CA LEU F 87 3.16 9.21 3.31
C LEU F 87 1.97 10.03 2.82
N SER F 88 1.58 11.02 3.62
CA SER F 88 0.43 11.88 3.30
C SER F 88 0.82 13.06 2.42
N ASN F 89 0.29 13.08 1.20
CA ASN F 89 0.57 14.14 0.23
C ASN F 89 -0.61 15.07 0.03
N VAL F 90 -0.37 16.36 0.25
CA VAL F 90 -1.41 17.39 0.09
C VAL F 90 -1.40 17.95 -1.32
N GLN F 91 -2.53 18.48 -1.76
CA GLN F 91 -2.65 19.07 -3.09
C GLN F 91 -3.61 20.26 -3.09
N SER F 92 -3.14 21.37 -3.66
CA SER F 92 -3.94 22.59 -3.74
C SER F 92 -4.42 22.80 -5.17
N LYS F 93 -5.73 22.61 -5.39
CA LYS F 93 -6.31 22.78 -6.72
C LYS F 93 -6.57 24.25 -7.03
N CYS F 94 -7.00 25.00 -6.01
CA CYS F 94 -7.28 26.43 -6.19
C CYS F 94 -6.10 27.30 -5.69
N GLY F 95 -5.33 26.76 -4.76
CA GLY F 95 -4.16 27.47 -4.22
C GLY F 95 -4.62 28.63 -3.33
N SER F 96 -3.73 29.62 -3.15
CA SER F 96 -4.02 30.78 -2.34
C SER F 96 -3.99 32.06 -3.18
N LYS F 97 -5.07 32.83 -3.11
CA LYS F 97 -5.17 34.08 -3.88
C LYS F 97 -5.76 35.19 -3.01
N ASP F 98 -4.95 36.21 -2.74
CA ASP F 98 -5.39 37.35 -1.93
C ASP F 98 -4.84 38.65 -2.48
N ASN F 99 -5.47 39.76 -2.09
CA ASN F 99 -5.04 41.09 -2.54
C ASN F 99 -4.81 42.01 -1.35
N ILE F 100 -3.60 42.58 -1.28
CA ILE F 100 -3.24 43.49 -0.19
C ILE F 100 -2.88 44.87 -0.75
N LYS F 101 -3.71 45.86 -0.39
CA LYS F 101 -3.49 47.24 -0.83
C LYS F 101 -3.49 48.17 0.38
N HIS F 102 -2.44 48.99 0.50
CA HIS F 102 -2.32 49.91 1.63
C HIS F 102 -1.84 51.28 1.17
N VAL F 103 -2.37 52.33 1.79
CA VAL F 103 -1.97 53.70 1.45
C VAL F 103 -1.82 54.54 2.74
N PRO F 104 -0.62 54.60 3.34
CA PRO F 104 -0.38 55.40 4.58
C PRO F 104 -0.03 56.85 4.28
N GLY F 105 -0.66 57.77 5.02
CA GLY F 105 -0.42 59.19 4.86
C GLY F 105 0.46 59.72 5.98
N GLY F 106 0.15 59.30 7.20
CA GLY F 106 0.91 59.73 8.38
C GLY F 106 2.09 58.79 8.62
N GLY F 107 1.91 57.86 9.57
CA GLY F 107 2.96 56.90 9.90
C GLY F 107 2.39 55.66 10.57
N SER F 108 2.48 54.52 9.88
CA SER F 108 1.96 53.26 10.39
C SER F 108 2.89 52.10 10.02
N VAL F 109 2.57 50.91 10.51
CA VAL F 109 3.38 49.72 10.22
C VAL F 109 2.48 48.59 9.70
N GLN F 110 2.93 47.89 8.66
CA GLN F 110 2.13 46.79 8.08
C GLN F 110 3.01 45.59 7.79
N ILE F 111 2.51 44.40 8.13
CA ILE F 111 3.25 43.16 7.91
C ILE F 111 2.30 42.08 7.34
N VAL F 112 2.71 41.48 6.22
CA VAL F 112 1.91 40.42 5.59
C VAL F 112 2.76 39.19 5.31
N TYR F 113 2.32 38.04 5.83
CA TYR F 113 3.03 36.78 5.64
C TYR F 113 2.18 35.80 4.83
N LYS F 114 2.83 35.00 3.98
CA LYS F 114 2.12 34.04 3.14
C LYS F 114 2.04 32.66 3.85
N PRO F 115 1.14 31.77 3.42
CA PRO F 115 0.98 30.43 4.07
C PRO F 115 2.16 29.49 3.81
N VAL F 116 2.20 28.39 4.58
CA VAL F 116 3.28 27.41 4.44
C VAL F 116 2.71 25.99 4.56
N ASP F 117 3.16 25.10 3.69
CA ASP F 117 2.70 23.71 3.69
C ASP F 117 3.78 22.79 4.23
N LEU F 118 3.45 22.06 5.31
CA LEU F 118 4.40 21.14 5.94
C LEU F 118 3.96 19.70 5.75
N SER F 119 4.77 18.91 5.03
CA SER F 119 4.45 17.50 4.79
C SER F 119 4.96 16.65 5.95
N LYS F 120 6.18 16.95 6.40
CA LYS F 120 6.79 16.22 7.51
C LYS F 120 8.06 16.92 7.97
N VAL F 121 8.12 17.23 9.26
CA VAL F 121 9.29 17.92 9.85
C VAL F 121 9.80 17.13 11.05
N THR F 122 11.12 16.86 11.06
CA THR F 122 11.74 16.12 12.15
C THR F 122 12.94 16.88 12.69
N SER F 123 12.80 17.44 13.89
CA SER F 123 13.87 18.20 14.54
C SER F 123 14.41 17.45 15.75
N LYS F 124 15.63 16.93 15.62
CA LYS F 124 16.26 16.18 16.71
C LYS F 124 16.66 17.13 17.83
N CYS F 125 17.40 18.18 17.49
CA CYS F 125 17.84 19.17 18.48
C CYS F 125 18.14 20.51 17.81
N GLY F 126 17.68 21.59 18.44
CA GLY F 126 17.90 22.94 17.91
C GLY F 126 17.88 23.97 19.03
N SER F 127 18.80 24.93 18.95
CA SER F 127 18.90 25.99 19.95
C SER F 127 19.80 27.12 19.47
N LEU F 128 19.18 28.14 18.87
CA LEU F 128 19.92 29.30 18.35
C LEU F 128 20.33 30.23 19.49
N GLY F 129 21.36 31.04 19.23
CA GLY F 129 21.86 31.98 20.24
C GLY F 129 23.27 32.44 19.89
N GLU G 67 -9.36 35.56 -13.37
CA GLU G 67 -9.52 34.19 -13.89
C GLU G 67 -10.75 34.14 -14.81
N ASN G 68 -10.50 34.12 -16.12
CA ASN G 68 -11.57 34.08 -17.10
C ASN G 68 -11.67 32.68 -17.73
N LEU G 69 -12.62 31.89 -17.24
CA LEU G 69 -12.83 30.53 -17.73
C LEU G 69 -14.27 30.36 -18.22
N LYS G 70 -14.43 30.15 -19.53
CA LYS G 70 -15.75 29.97 -20.11
C LYS G 70 -15.67 29.57 -21.59
N HIS G 71 -16.75 28.95 -22.08
CA HIS G 71 -16.81 28.51 -23.48
C HIS G 71 -15.66 27.54 -23.79
N GLN G 72 -15.30 26.71 -22.81
CA GLN G 72 -14.23 25.73 -22.97
C GLN G 72 -14.80 24.30 -23.05
N PRO G 73 -15.05 23.76 -24.25
CA PRO G 73 -15.60 22.39 -24.40
C PRO G 73 -14.51 21.31 -24.39
N GLY G 74 -14.74 20.24 -23.63
CA GLY G 74 -13.77 19.16 -23.54
C GLY G 74 -14.08 18.24 -22.37
N GLY G 75 -13.06 17.50 -21.92
CA GLY G 75 -13.22 16.56 -20.80
C GLY G 75 -13.61 17.32 -19.53
N GLY G 76 -13.31 16.71 -18.38
CA GLY G 76 -13.63 17.32 -17.09
C GLY G 76 -12.44 18.11 -16.55
N LYS G 77 -12.51 18.45 -15.26
CA LYS G 77 -11.44 19.21 -14.61
C LYS G 77 -10.25 18.31 -14.33
N VAL G 78 -9.20 18.87 -13.70
CA VAL G 78 -7.99 18.12 -13.37
C VAL G 78 -8.34 16.81 -12.66
N GLN G 79 -7.45 15.81 -12.77
CA GLN G 79 -7.67 14.51 -12.14
C GLN G 79 -6.38 13.97 -11.54
N ILE G 80 -6.44 13.65 -10.24
CA ILE G 80 -5.28 13.09 -9.53
C ILE G 80 -5.63 11.70 -8.99
N ILE G 81 -4.84 10.71 -9.40
CA ILE G 81 -5.06 9.33 -8.98
C ILE G 81 -3.71 8.61 -8.77
N ASN G 82 -3.72 7.62 -7.89
CA ASN G 82 -2.52 6.84 -7.59
C ASN G 82 -2.81 5.35 -7.74
N LYS G 83 -2.22 4.74 -8.76
CA LYS G 83 -2.40 3.31 -9.02
C LYS G 83 -1.42 2.49 -8.19
N LYS G 84 -1.94 1.88 -7.12
CA LYS G 84 -1.13 1.05 -6.24
C LYS G 84 -1.74 -0.34 -6.09
N LEU G 85 -1.19 -1.31 -6.84
CA LEU G 85 -1.68 -2.68 -6.80
C LEU G 85 -0.54 -3.64 -6.48
N ASP G 86 -0.66 -4.33 -5.34
CA ASP G 86 0.36 -5.28 -4.90
C ASP G 86 -0.13 -6.71 -5.10
N LEU G 87 0.54 -7.45 -5.98
CA LEU G 87 0.18 -8.83 -6.27
C LEU G 87 0.62 -9.75 -5.12
N SER G 88 -0.11 -10.85 -4.96
CA SER G 88 0.17 -11.80 -3.88
C SER G 88 1.22 -12.83 -4.27
N ASN G 89 2.36 -12.78 -3.56
CA ASN G 89 3.48 -13.70 -3.83
C ASN G 89 3.63 -14.74 -2.73
N VAL G 90 3.61 -16.01 -3.13
CA VAL G 90 3.75 -17.14 -2.19
C VAL G 90 5.21 -17.54 -2.07
N GLN G 91 5.55 -18.16 -0.94
CA GLN G 91 6.93 -18.60 -0.70
C GLN G 91 6.94 -19.89 0.11
N SER G 92 7.70 -20.88 -0.38
CA SER G 92 7.81 -22.17 0.29
C SER G 92 9.19 -22.29 0.94
N LYS G 93 9.21 -22.25 2.28
CA LYS G 93 10.47 -22.33 3.03
C LYS G 93 10.92 -23.79 3.17
N CYS G 94 9.95 -24.69 3.37
CA CYS G 94 10.26 -26.12 3.50
C CYS G 94 10.03 -26.88 2.19
N GLY G 95 9.15 -26.34 1.35
CA GLY G 95 8.85 -26.97 0.06
C GLY G 95 8.07 -28.26 0.24
N SER G 96 8.13 -29.14 -0.76
CA SER G 96 7.43 -30.42 -0.73
C SER G 96 8.42 -31.58 -0.78
N LYS G 97 8.31 -32.49 0.21
CA LYS G 97 9.19 -33.64 0.28
C LYS G 97 8.40 -34.91 0.62
N ASP G 98 8.37 -35.84 -0.33
CA ASP G 98 7.65 -37.11 -0.14
C ASP G 98 8.42 -38.27 -0.74
N ASN G 99 8.09 -39.48 -0.30
CA ASN G 99 8.75 -40.69 -0.79
C ASN G 99 7.72 -41.69 -1.31
N ILE G 100 7.88 -42.12 -2.56
CA ILE G 100 6.97 -43.08 -3.17
C ILE G 100 7.72 -44.34 -3.59
N LYS G 101 7.39 -45.46 -2.93
CA LYS G 101 8.01 -46.74 -3.24
C LYS G 101 6.94 -47.78 -3.51
N HIS G 102 7.06 -48.48 -4.64
CA HIS G 102 6.08 -49.50 -5.02
C HIS G 102 6.76 -50.74 -5.58
N VAL G 103 6.20 -51.91 -5.27
CA VAL G 103 6.76 -53.18 -5.75
C VAL G 103 5.61 -54.12 -6.19
N PRO G 104 5.19 -54.09 -7.46
CA PRO G 104 4.10 -54.98 -7.96
C PRO G 104 4.63 -56.34 -8.41
N GLY G 105 3.92 -57.40 -7.99
CA GLY G 105 4.29 -58.77 -8.36
C GLY G 105 3.37 -59.30 -9.44
N GLY G 106 2.07 -59.05 -9.28
CA GLY G 106 1.07 -59.50 -10.24
C GLY G 106 0.86 -58.45 -11.34
N GLY G 107 -0.21 -57.66 -11.20
CA GLY G 107 -0.52 -56.62 -12.18
C GLY G 107 -1.40 -55.54 -11.56
N SER G 108 -0.84 -54.33 -11.44
CA SER G 108 -1.57 -53.19 -10.88
C SER G 108 -1.21 -51.91 -11.61
N VAL G 109 -1.89 -50.81 -11.23
CA VAL G 109 -1.64 -49.51 -11.85
C VAL G 109 -1.40 -48.46 -10.77
N GLN G 110 -0.40 -47.60 -10.98
CA GLN G 110 -0.06 -46.56 -10.01
C GLN G 110 0.19 -45.22 -10.70
N ILE G 111 -0.35 -44.15 -10.13
CA ILE G 111 -0.19 -42.80 -10.68
C ILE G 111 0.11 -41.80 -9.56
N VAL G 112 1.19 -41.04 -9.73
CA VAL G 112 1.59 -40.03 -8.73
C VAL G 112 1.82 -38.68 -9.41
N TYR G 113 1.12 -37.65 -8.92
CA TYR G 113 1.23 -36.29 -9.46
C TYR G 113 1.80 -35.36 -8.39
N LYS G 114 2.62 -34.40 -8.82
CA LYS G 114 3.24 -33.45 -7.90
C LYS G 114 2.37 -32.18 -7.78
N PRO G 115 2.56 -31.36 -6.73
CA PRO G 115 1.74 -30.12 -6.52
C PRO G 115 2.02 -29.03 -7.55
N VAL G 116 1.15 -28.02 -7.59
CA VAL G 116 1.30 -26.90 -8.52
C VAL G 116 0.94 -25.59 -7.82
N ASP G 117 1.75 -24.55 -8.05
CA ASP G 117 1.52 -23.25 -7.44
C ASP G 117 1.01 -22.26 -8.48
N LEU G 118 -0.18 -21.70 -8.24
CA LEU G 118 -0.78 -20.74 -9.17
C LEU G 118 -0.83 -19.35 -8.54
N SER G 119 -0.12 -18.40 -9.14
CA SER G 119 -0.09 -17.02 -8.65
C SER G 119 -1.27 -16.24 -9.23
N LYS G 120 -1.52 -16.43 -10.53
CA LYS G 120 -2.61 -15.74 -11.21
C LYS G 120 -2.82 -16.34 -12.60
N VAL G 121 -4.06 -16.76 -12.88
CA VAL G 121 -4.38 -17.36 -14.18
C VAL G 121 -5.60 -16.65 -14.78
N THR G 122 -5.46 -16.23 -16.04
CA THR G 122 -6.54 -15.53 -16.74
C THR G 122 -6.82 -16.19 -18.08
N SER G 123 -7.96 -16.88 -18.16
CA SER G 123 -8.36 -17.57 -19.39
C SER G 123 -9.58 -16.89 -20.02
N LYS G 124 -9.36 -16.21 -21.15
CA LYS G 124 -10.43 -15.51 -21.85
C LYS G 124 -11.37 -16.52 -22.51
N CYS G 125 -10.81 -17.44 -23.29
CA CYS G 125 -11.60 -18.45 -23.98
C CYS G 125 -10.74 -19.66 -24.32
N GLY G 126 -11.28 -20.85 -24.08
CA GLY G 126 -10.58 -22.10 -24.36
C GLY G 126 -11.55 -23.24 -24.61
N SER G 127 -11.23 -24.07 -25.61
CA SER G 127 -12.08 -25.21 -25.96
C SER G 127 -11.34 -26.16 -26.90
N LEU G 128 -10.71 -27.18 -26.32
CA LEU G 128 -9.97 -28.18 -27.09
C LEU G 128 -10.92 -29.16 -27.76
N GLY G 129 -10.44 -29.81 -28.83
CA GLY G 129 -11.24 -30.78 -29.56
C GLY G 129 -10.66 -31.03 -30.95
N GLU H 67 18.11 -34.62 5.66
CA GLU H 67 18.43 -33.23 6.05
C GLU H 67 19.17 -33.24 7.39
N ASN H 68 20.49 -33.05 7.35
CA ASN H 68 21.31 -33.04 8.55
C ASN H 68 21.73 -31.61 8.89
N LEU H 69 21.02 -30.99 9.85
CA LEU H 69 21.31 -29.62 10.27
C LEU H 69 21.58 -29.59 11.77
N LYS H 70 22.82 -29.26 12.15
CA LYS H 70 23.19 -29.19 13.56
C LYS H 70 24.60 -28.62 13.74
N HIS H 71 24.87 -28.10 14.93
CA HIS H 71 26.18 -27.52 15.25
C HIS H 71 26.52 -26.38 14.28
N GLN H 72 25.49 -25.63 13.87
CA GLN H 72 25.68 -24.51 12.94
C GLN H 72 25.51 -23.16 13.67
N PRO H 73 26.58 -22.53 14.16
CA PRO H 73 26.48 -21.22 14.86
C PRO H 73 26.50 -20.04 13.91
N GLY H 74 25.59 -19.09 14.14
CA GLY H 74 25.50 -17.90 13.29
C GLY H 74 24.18 -17.16 13.51
N GLY H 75 23.79 -16.35 12.53
CA GLY H 75 22.56 -15.57 12.62
C GLY H 75 21.34 -16.49 12.73
N GLY H 76 20.18 -15.99 12.34
CA GLY H 76 18.94 -16.76 12.39
C GLY H 76 18.67 -17.45 11.06
N LYS H 77 17.44 -17.93 10.90
CA LYS H 77 17.04 -18.62 9.67
C LYS H 77 16.82 -17.60 8.54
N VAL H 78 16.40 -18.10 7.37
CA VAL H 78 16.15 -17.24 6.21
C VAL H 78 15.24 -16.07 6.60
N GLN H 79 15.35 -14.97 5.84
CA GLN H 79 14.54 -13.78 6.11
C GLN H 79 14.05 -13.14 4.81
N ILE H 80 12.73 -12.97 4.71
CA ILE H 80 12.12 -12.35 3.52
C ILE H 80 11.37 -11.08 3.93
N ILE H 81 11.76 -9.96 3.33
CA ILE H 81 11.15 -8.67 3.63
C ILE H 81 11.03 -7.82 2.36
N ASN H 82 10.04 -6.93 2.34
CA ASN H 82 9.81 -6.05 1.19
C ASN H 82 9.74 -4.59 1.66
N LYS H 83 10.75 -3.81 1.30
CA LYS H 83 10.80 -2.40 1.68
C LYS H 83 10.02 -1.54 0.69
N LYS H 84 8.81 -1.13 1.11
CA LYS H 84 7.95 -0.31 0.26
C LYS H 84 7.56 0.97 1.00
N LEU H 85 8.25 2.07 0.66
CA LEU H 85 7.98 3.37 1.29
C LEU H 85 7.70 4.43 0.23
N ASP H 86 6.47 4.96 0.25
CA ASP H 86 6.07 5.98 -0.71
C ASP H 86 6.02 7.36 -0.04
N LEU H 87 6.89 8.26 -0.50
CA LEU H 87 6.96 9.61 0.05
C LEU H 87 5.77 10.44 -0.45
N SER H 88 5.37 11.43 0.36
CA SER H 88 4.24 12.29 0.03
C SER H 88 4.63 13.47 -0.84
N ASN H 89 4.10 13.50 -2.06
CA ASN H 89 4.39 14.56 -3.02
C ASN H 89 3.20 15.50 -3.23
N VAL H 90 3.44 16.79 -3.00
CA VAL H 90 2.41 17.81 -3.16
C VAL H 90 2.43 18.39 -4.57
N GLN H 91 1.29 18.91 -5.01
CA GLN H 91 1.18 19.50 -6.35
C GLN H 91 0.23 20.69 -6.34
N SER H 92 0.69 21.81 -6.90
CA SER H 92 -0.12 23.02 -6.98
C SER H 92 -0.59 23.25 -8.41
N LYS H 93 -1.89 23.06 -8.63
CA LYS H 93 -2.47 23.22 -9.97
C LYS H 93 -2.72 24.71 -10.27
N CYS H 94 -3.16 25.45 -9.26
CA CYS H 94 -3.44 26.88 -9.42
C CYS H 94 -2.26 27.73 -8.93
N GLY H 95 -1.48 27.19 -7.99
CA GLY H 95 -0.33 27.91 -7.44
C GLY H 95 -0.78 29.07 -6.56
N SER H 96 0.11 30.04 -6.37
CA SER H 96 -0.19 31.22 -5.55
C SER H 96 -0.15 32.49 -6.40
N LYS H 97 -1.23 33.27 -6.33
CA LYS H 97 -1.32 34.52 -7.09
C LYS H 97 -1.93 35.62 -6.22
N ASP H 98 -1.11 36.65 -5.94
CA ASP H 98 -1.56 37.78 -5.13
C ASP H 98 -1.00 39.09 -5.68
N ASN H 99 -1.63 40.20 -5.28
CA ASN H 99 -1.20 41.52 -5.73
C ASN H 99 -0.96 42.44 -4.53
N ILE H 100 0.24 43.01 -4.46
CA ILE H 100 0.60 43.92 -3.36
C ILE H 100 0.96 45.30 -3.91
N LYS H 101 0.14 46.29 -3.56
CA LYS H 101 0.35 47.66 -3.98
C LYS H 101 0.35 48.59 -2.78
N HIS H 102 1.40 49.41 -2.65
CA HIS H 102 1.51 50.32 -1.52
C HIS H 102 2.00 51.70 -1.97
N VAL H 103 1.47 52.75 -1.34
CA VAL H 103 1.87 54.12 -1.68
C VAL H 103 2.03 54.95 -0.39
N PRO H 104 3.22 55.01 0.21
CA PRO H 104 3.45 55.81 1.45
C PRO H 104 3.80 57.26 1.16
N GLY H 105 3.17 58.17 1.91
CA GLY H 105 3.41 59.60 1.75
C GLY H 105 4.29 60.12 2.87
N GLY H 106 3.97 59.70 4.10
CA GLY H 106 4.73 60.12 5.27
C GLY H 106 5.91 59.18 5.52
N GLY H 107 5.73 58.25 6.46
CA GLY H 107 6.78 57.29 6.80
C GLY H 107 6.20 56.04 7.46
N SER H 108 6.29 54.92 6.75
CA SER H 108 5.78 53.65 7.26
C SER H 108 6.70 52.50 6.90
N VAL H 109 6.38 51.29 7.38
CA VAL H 109 7.18 50.11 7.09
C VAL H 109 6.29 48.99 6.57
N GLN H 110 6.74 48.29 5.52
CA GLN H 110 5.95 47.20 4.94
C GLN H 110 6.83 45.98 4.64
N ILE H 111 6.32 44.79 4.98
CA ILE H 111 7.06 43.54 4.75
C ILE H 111 6.11 42.48 4.19
N VAL H 112 6.53 41.88 3.06
CA VAL H 112 5.72 40.83 2.43
C VAL H 112 6.58 39.59 2.14
N TYR H 113 6.13 38.44 2.65
CA TYR H 113 6.85 37.17 2.47
C TYR H 113 5.99 36.21 1.66
N LYS H 114 6.64 35.41 0.81
CA LYS H 114 5.94 34.45 -0.04
C LYS H 114 5.86 33.07 0.66
N PRO H 115 4.96 32.17 0.23
CA PRO H 115 4.79 30.83 0.87
C PRO H 115 5.97 29.90 0.62
N VAL H 116 6.02 28.80 1.38
CA VAL H 116 7.09 27.81 1.25
C VAL H 116 6.52 26.40 1.37
N ASP H 117 6.97 25.50 0.48
CA ASP H 117 6.51 24.12 0.48
C ASP H 117 7.58 23.18 1.02
N LEU H 118 7.25 22.47 2.10
CA LEU H 118 8.20 21.54 2.72
C LEU H 118 7.75 20.10 2.53
N SER H 119 8.56 19.32 1.81
CA SER H 119 8.25 17.91 1.57
C SER H 119 8.75 17.05 2.73
N LYS H 120 9.98 17.34 3.18
CA LYS H 120 10.58 16.61 4.28
C LYS H 120 11.85 17.32 4.75
N VAL H 121 11.91 17.61 6.06
CA VAL H 121 13.05 18.30 6.64
C VAL H 121 13.57 17.51 7.85
N THR H 122 14.89 17.24 7.85
CA THR H 122 15.51 16.49 8.94
C THR H 122 16.71 17.25 9.49
N SER H 123 16.55 17.80 10.70
CA SER H 123 17.63 18.56 11.35
C SER H 123 18.16 17.80 12.56
N LYS H 124 19.39 17.29 12.43
CA LYS H 124 20.02 16.54 13.51
C LYS H 124 20.41 17.47 14.66
N CYS H 125 21.14 18.54 14.31
CA CYS H 125 21.59 19.51 15.30
C CYS H 125 21.89 20.85 14.63
N GLY H 126 21.44 21.93 15.26
CA GLY H 126 21.66 23.28 14.74
C GLY H 126 21.63 24.31 15.87
N SER H 127 22.55 25.27 15.79
CA SER H 127 22.65 26.33 16.80
C SER H 127 23.55 27.46 16.32
N LEU H 128 22.93 28.48 15.72
CA LEU H 128 23.68 29.64 15.21
C LEU H 128 24.09 30.56 16.35
N GLY H 129 25.12 31.37 16.11
CA GLY H 129 25.62 32.31 17.12
C GLY H 129 27.02 32.78 16.78
N GLU I 67 -5.51 36.02 -16.58
CA GLU I 67 -5.69 34.64 -17.11
C GLU I 67 -6.91 34.59 -18.02
N ASN I 68 -6.66 34.58 -19.34
CA ASN I 68 -7.75 34.54 -20.31
C ASN I 68 -7.85 33.14 -20.93
N LEU I 69 -8.80 32.35 -20.44
CA LEU I 69 -9.02 30.99 -20.94
C LEU I 69 -10.45 30.83 -21.42
N LYS I 70 -10.62 30.62 -22.73
CA LYS I 70 -11.95 30.44 -23.30
C LYS I 70 -11.87 30.04 -24.78
N HIS I 71 -12.96 29.44 -25.27
CA HIS I 71 -13.02 28.99 -26.68
C HIS I 71 -11.88 28.02 -26.99
N GLN I 72 -11.53 27.19 -26.00
CA GLN I 72 -10.45 26.21 -26.17
C GLN I 72 -11.03 24.78 -26.25
N PRO I 73 -11.27 24.24 -27.44
CA PRO I 73 -11.84 22.86 -27.60
C PRO I 73 -10.74 21.80 -27.60
N GLY I 74 -10.97 20.72 -26.83
CA GLY I 74 -10.00 19.63 -26.75
C GLY I 74 -10.31 18.71 -25.58
N GLY I 75 -9.30 17.96 -25.13
CA GLY I 75 -9.45 17.04 -24.01
C GLY I 75 -9.83 17.78 -22.75
N GLY I 76 -9.53 17.17 -21.59
CA GLY I 76 -9.85 17.78 -20.30
C GLY I 76 -8.66 18.57 -19.77
N LYS I 77 -8.72 18.91 -18.48
CA LYS I 77 -7.65 19.67 -17.84
C LYS I 77 -6.44 18.76 -17.56
N VAL I 78 -5.40 19.33 -16.94
CA VAL I 78 -4.19 18.57 -16.62
C VAL I 78 -4.54 17.25 -15.90
N GLN I 79 -3.65 16.26 -16.01
CA GLN I 79 -3.87 14.96 -15.39
C GLN I 79 -2.59 14.41 -14.78
N ILE I 80 -2.64 14.08 -13.49
CA ILE I 80 -1.48 13.52 -12.78
C ILE I 80 -1.83 12.14 -12.24
N ILE I 81 -1.04 11.14 -12.66
CA ILE I 81 -1.26 9.76 -12.24
C ILE I 81 0.08 9.04 -12.04
N ASN I 82 0.07 8.04 -11.16
CA ASN I 82 1.27 7.26 -10.86
C ASN I 82 0.98 5.78 -11.00
N LYS I 83 1.57 5.16 -12.04
CA LYS I 83 1.38 3.73 -12.30
C LYS I 83 2.35 2.91 -11.48
N LYS I 84 1.84 2.31 -10.40
CA LYS I 84 2.65 1.47 -9.51
C LYS I 84 2.04 0.08 -9.37
N LEU I 85 2.60 -0.88 -10.12
CA LEU I 85 2.09 -2.26 -10.09
C LEU I 85 3.23 -3.22 -9.76
N ASP I 86 3.11 -3.91 -8.62
CA ASP I 86 4.13 -4.87 -8.20
C ASP I 86 3.63 -6.29 -8.39
N LEU I 87 4.30 -7.03 -9.28
CA LEU I 87 3.94 -8.42 -9.57
C LEU I 87 4.38 -9.33 -8.42
N SER I 88 3.65 -10.44 -8.26
CA SER I 88 3.93 -11.39 -7.19
C SER I 88 4.99 -12.41 -7.58
N ASN I 89 6.12 -12.37 -6.88
CA ASN I 89 7.23 -13.29 -7.15
C ASN I 89 7.39 -14.34 -6.05
N VAL I 90 7.36 -15.61 -6.46
CA VAL I 90 7.51 -16.73 -5.53
C VAL I 90 8.97 -17.14 -5.41
N GLN I 91 9.32 -17.75 -4.27
CA GLN I 91 10.69 -18.21 -4.03
C GLN I 91 10.69 -19.50 -3.24
N SER I 92 11.44 -20.49 -3.72
CA SER I 92 11.57 -21.77 -3.05
C SER I 92 12.93 -21.91 -2.40
N LYS I 93 12.96 -21.86 -1.06
CA LYS I 93 14.23 -21.96 -0.33
C LYS I 93 14.67 -23.41 -0.20
N CYS I 94 13.70 -24.31 0.02
CA CYS I 94 14.01 -25.74 0.15
C CYS I 94 13.77 -26.49 -1.16
N GLY I 95 12.89 -25.96 -2.01
CA GLY I 95 12.58 -26.58 -3.29
C GLY I 95 11.79 -27.88 -3.11
N SER I 96 11.85 -28.75 -4.12
CA SER I 96 11.15 -30.03 -4.07
C SER I 96 12.14 -31.19 -4.13
N LYS I 97 12.03 -32.09 -3.15
CA LYS I 97 12.91 -33.26 -3.09
C LYS I 97 12.12 -34.52 -2.74
N ASP I 98 12.08 -35.46 -3.69
CA ASP I 98 11.35 -36.71 -3.50
C ASP I 98 12.13 -37.88 -4.10
N ASN I 99 11.79 -39.09 -3.66
CA ASN I 99 12.44 -40.30 -4.16
C ASN I 99 11.41 -41.30 -4.66
N ILE I 100 11.57 -41.73 -5.92
CA ILE I 100 10.65 -42.69 -6.53
C ILE I 100 11.40 -43.95 -6.96
N LYS I 101 11.06 -45.06 -6.30
CA LYS I 101 11.69 -46.36 -6.61
C LYS I 101 10.60 -47.39 -6.88
N HIS I 102 10.72 -48.08 -8.01
CA HIS I 102 9.74 -49.10 -8.39
C HIS I 102 10.41 -50.34 -8.94
N VAL I 103 9.85 -51.51 -8.63
CA VAL I 103 10.40 -52.77 -9.12
C VAL I 103 9.26 -53.72 -9.55
N PRO I 104 8.83 -53.69 -10.83
CA PRO I 104 7.73 -54.58 -11.31
C PRO I 104 8.24 -55.94 -11.77
N GLY I 105 7.54 -56.99 -11.36
CA GLY I 105 7.90 -58.36 -11.73
C GLY I 105 6.98 -58.89 -12.81
N GLY I 106 5.68 -58.63 -12.64
CA GLY I 106 4.67 -59.08 -13.60
C GLY I 106 4.46 -58.03 -14.69
N GLY I 107 3.40 -57.23 -14.55
CA GLY I 107 3.09 -56.19 -15.52
C GLY I 107 2.22 -55.10 -14.91
N SER I 108 2.78 -53.91 -14.79
CA SER I 108 2.05 -52.77 -14.21
C SER I 108 2.41 -51.48 -14.94
N VAL I 109 1.74 -50.39 -14.57
CA VAL I 109 1.99 -49.08 -15.19
C VAL I 109 2.24 -48.04 -14.10
N GLN I 110 3.24 -47.18 -14.33
CA GLN I 110 3.59 -46.14 -13.34
C GLN I 110 3.84 -44.80 -14.04
N ILE I 111 3.30 -43.73 -13.46
CA ILE I 111 3.46 -42.39 -14.02
C ILE I 111 3.77 -41.38 -12.90
N VAL I 112 4.85 -40.62 -13.07
CA VAL I 112 5.25 -39.62 -12.07
C VAL I 112 5.48 -38.25 -12.74
N TYR I 113 4.78 -37.24 -12.25
CA TYR I 113 4.90 -35.88 -12.78
C TYR I 113 5.48 -34.94 -11.73
N LYS I 114 6.30 -33.98 -12.17
CA LYS I 114 6.92 -33.03 -11.24
C LYS I 114 6.05 -31.76 -11.11
N PRO I 115 6.26 -30.95 -10.06
CA PRO I 115 5.44 -29.70 -9.85
C PRO I 115 5.73 -28.61 -10.87
N VAL I 116 4.86 -27.60 -10.91
CA VAL I 116 5.00 -26.48 -11.84
C VAL I 116 4.64 -25.17 -11.14
N ASP I 117 5.46 -24.15 -11.37
CA ASP I 117 5.24 -22.83 -10.76
C ASP I 117 4.73 -21.84 -11.80
N LEU I 118 3.53 -21.28 -11.55
CA LEU I 118 2.93 -20.32 -12.47
C LEU I 118 2.88 -18.93 -11.84
N SER I 119 3.60 -17.98 -12.46
CA SER I 119 3.63 -16.60 -11.96
C SER I 119 2.45 -15.81 -12.53
N LYS I 120 2.20 -16.00 -13.83
CA LYS I 120 1.10 -15.31 -14.50
C LYS I 120 0.90 -15.90 -15.89
N VAL I 121 -0.35 -16.33 -16.17
CA VAL I 121 -0.68 -16.93 -17.47
C VAL I 121 -1.89 -16.21 -18.06
N THR I 122 -1.76 -15.79 -19.32
CA THR I 122 -2.85 -15.09 -20.01
C THR I 122 -3.13 -15.74 -21.36
N SER I 123 -4.27 -16.44 -21.44
CA SER I 123 -4.68 -17.12 -22.67
C SER I 123 -5.90 -16.43 -23.29
N LYS I 124 -5.67 -15.75 -24.42
CA LYS I 124 -6.75 -15.06 -25.12
C LYS I 124 -7.70 -16.06 -25.77
N CYS I 125 -7.14 -16.97 -26.56
CA CYS I 125 -7.94 -17.99 -27.24
C CYS I 125 -7.08 -19.20 -27.58
N GLY I 126 -7.63 -20.39 -27.34
CA GLY I 126 -6.92 -21.64 -27.63
C GLY I 126 -7.90 -22.78 -27.88
N SER I 127 -7.59 -23.61 -28.88
CA SER I 127 -8.44 -24.74 -29.23
C SER I 127 -7.71 -25.69 -30.17
N LEU I 128 -7.09 -26.72 -29.59
CA LEU I 128 -6.34 -27.71 -30.37
C LEU I 128 -7.30 -28.69 -31.05
N GLY I 129 -6.83 -29.33 -32.11
CA GLY I 129 -7.63 -30.31 -32.85
C GLY I 129 -7.07 -30.55 -34.23
N GLU J 67 21.84 -34.25 2.30
CA GLU J 67 22.17 -32.84 2.70
C GLU J 67 22.89 -32.86 4.04
N ASN J 68 24.22 -32.67 4.00
CA ASN J 68 25.03 -32.66 5.21
C ASN J 68 25.46 -31.24 5.56
N LEU J 69 24.75 -30.64 6.51
CA LEU J 69 25.04 -29.27 6.94
C LEU J 69 25.30 -29.23 8.45
N LYS J 70 26.54 -28.90 8.83
CA LYS J 70 26.90 -28.83 10.24
C LYS J 70 28.31 -28.27 10.43
N HIS J 71 28.57 -27.76 11.62
CA HIS J 71 29.89 -27.18 11.95
C HIS J 71 30.23 -26.05 10.98
N GLN J 72 29.21 -25.29 10.57
CA GLN J 72 29.40 -24.16 9.65
C GLN J 72 29.22 -22.82 10.38
N PRO J 73 30.30 -22.19 10.87
CA PRO J 73 30.20 -20.88 11.59
C PRO J 73 30.22 -19.69 10.63
N GLY J 74 29.30 -18.75 10.85
CA GLY J 74 29.22 -17.56 10.01
C GLY J 74 27.91 -16.81 10.24
N GLY J 75 27.52 -15.99 9.26
CA GLY J 75 26.28 -15.22 9.35
C GLY J 75 25.08 -16.14 9.45
N GLY J 76 23.91 -15.63 9.06
CA GLY J 76 22.67 -16.41 9.10
C GLY J 76 22.40 -17.09 7.77
N LYS J 77 21.17 -17.57 7.60
CA LYS J 77 20.78 -18.25 6.36
C LYS J 77 20.56 -17.23 5.24
N VAL J 78 20.15 -17.72 4.06
CA VAL J 78 19.91 -16.86 2.91
C VAL J 78 18.99 -15.69 3.29
N GLN J 79 19.11 -14.59 2.54
CA GLN J 79 18.30 -13.40 2.81
C GLN J 79 17.81 -12.76 1.51
N ILE J 80 16.49 -12.57 1.40
CA ILE J 80 15.88 -11.96 0.22
C ILE J 80 15.13 -10.70 0.63
N ILE J 81 15.54 -9.57 0.03
CA ILE J 81 14.92 -8.27 0.33
C ILE J 81 14.81 -7.42 -0.93
N ASN J 82 13.81 -6.53 -0.95
CA ASN J 82 13.59 -5.65 -2.10
C ASN J 82 13.51 -4.19 -1.62
N LYS J 83 14.53 -3.41 -1.98
CA LYS J 83 14.59 -2.00 -1.60
C LYS J 83 13.81 -1.14 -2.59
N LYS J 84 12.60 -0.73 -2.18
CA LYS J 84 11.75 0.11 -3.02
C LYS J 84 11.35 1.38 -2.29
N LEU J 85 12.05 2.48 -2.61
CA LEU J 85 11.77 3.77 -1.98
C LEU J 85 11.49 4.83 -3.03
N ASP J 86 10.27 5.37 -3.03
CA ASP J 86 9.86 6.40 -3.97
C ASP J 86 9.82 7.77 -3.31
N LEU J 87 10.69 8.67 -3.75
CA LEU J 87 10.75 10.02 -3.20
C LEU J 87 9.58 10.85 -3.71
N SER J 88 9.18 11.84 -2.90
CA SER J 88 8.04 12.70 -3.22
C SER J 88 8.45 13.88 -4.10
N ASN J 89 7.91 13.92 -5.32
CA ASN J 89 8.21 14.98 -6.27
C ASN J 89 7.03 15.92 -6.48
N VAL J 90 7.27 17.21 -6.25
CA VAL J 90 6.23 18.24 -6.41
C VAL J 90 6.27 18.82 -7.81
N GLN J 91 5.12 19.35 -8.26
CA GLN J 91 5.02 19.93 -9.59
C GLN J 91 4.07 21.13 -9.58
N SER J 92 4.53 22.25 -10.14
CA SER J 92 3.72 23.46 -10.21
C SER J 92 3.25 23.69 -11.64
N LYS J 93 1.96 23.51 -11.88
CA LYS J 93 1.39 23.68 -13.21
C LYS J 93 1.12 25.16 -13.51
N CYS J 94 0.69 25.90 -12.49
CA CYS J 94 0.42 27.33 -12.66
C CYS J 94 1.58 28.18 -12.15
N GLY J 95 2.37 27.64 -11.22
CA GLY J 95 3.51 28.36 -10.66
C GLY J 95 3.06 29.51 -9.77
N SER J 96 3.96 30.49 -9.58
CA SER J 96 3.65 31.65 -8.76
C SER J 96 3.71 32.93 -9.60
N LYS J 97 2.62 33.70 -9.54
CA LYS J 97 2.53 34.96 -10.29
C LYS J 97 1.93 36.07 -9.42
N ASP J 98 2.74 37.08 -9.14
CA ASP J 98 2.30 38.22 -8.31
C ASP J 98 2.86 39.53 -8.86
N ASN J 99 2.23 40.63 -8.46
CA ASN J 99 2.66 41.96 -8.90
C ASN J 99 2.89 42.87 -7.70
N ILE J 100 4.09 43.45 -7.62
CA ILE J 100 4.46 44.34 -6.52
C ILE J 100 4.82 45.72 -7.06
N LYS J 101 4.00 46.71 -6.71
CA LYS J 101 4.21 48.10 -7.14
C LYS J 101 4.21 49.01 -5.92
N HIS J 102 5.26 49.83 -5.78
CA HIS J 102 5.37 50.75 -4.65
C HIS J 102 5.86 52.12 -5.10
N VAL J 103 5.32 53.17 -4.47
CA VAL J 103 5.73 54.54 -4.81
C VAL J 103 5.88 55.37 -3.51
N PRO J 104 7.07 55.43 -2.90
CA PRO J 104 7.30 56.21 -1.66
C PRO J 104 7.65 57.67 -1.95
N GLY J 105 7.02 58.58 -1.20
CA GLY J 105 7.26 60.01 -1.36
C GLY J 105 8.13 60.53 -0.23
N GLY J 106 7.82 60.10 0.99
CA GLY J 106 8.57 60.51 2.17
C GLY J 106 9.75 59.58 2.43
N GLY J 107 9.56 58.64 3.37
CA GLY J 107 10.60 57.68 3.70
C GLY J 107 10.02 56.43 4.35
N SER J 108 10.11 55.31 3.65
CA SER J 108 9.60 54.04 4.16
C SER J 108 10.53 52.88 3.78
N VAL J 109 10.20 51.68 4.26
CA VAL J 109 11.01 50.49 3.97
C VAL J 109 10.10 49.37 3.45
N GLN J 110 10.56 48.67 2.40
CA GLN J 110 9.77 47.59 1.80
C GLN J 110 10.65 46.37 1.51
N ILE J 111 10.14 45.19 1.84
CA ILE J 111 10.88 43.94 1.61
C ILE J 111 9.95 42.87 1.05
N VAL J 112 10.34 42.27 -0.08
CA VAL J 112 9.55 41.22 -0.73
C VAL J 112 10.41 39.99 -1.01
N TYR J 113 9.95 38.84 -0.51
CA TYR J 113 10.66 37.57 -0.69
C TYR J 113 9.81 36.61 -1.51
N LYS J 114 10.47 35.81 -2.36
CA LYS J 114 9.77 34.86 -3.21
C LYS J 114 9.68 33.48 -2.53
N PRO J 115 8.78 32.59 -2.96
CA PRO J 115 8.61 31.23 -2.32
C PRO J 115 9.79 30.31 -2.57
N VAL J 116 9.83 29.21 -1.82
CA VAL J 116 10.91 28.22 -1.95
C VAL J 116 10.33 26.80 -1.84
N ASP J 117 10.79 25.92 -2.72
CA ASP J 117 10.32 24.53 -2.73
C ASP J 117 11.40 23.60 -2.18
N LEU J 118 11.06 22.87 -1.11
CA LEU J 118 12.01 21.94 -0.49
C LEU J 118 11.55 20.50 -0.68
N SER J 119 12.36 19.72 -1.41
CA SER J 119 12.05 18.31 -1.65
C SER J 119 12.55 17.45 -0.50
N LYS J 120 13.76 17.74 -0.04
CA LYS J 120 14.37 17.00 1.07
C LYS J 120 15.64 17.70 1.55
N VAL J 121 15.69 18.00 2.85
CA VAL J 121 16.85 18.67 3.44
C VAL J 121 17.36 17.88 4.64
N THR J 122 18.66 17.61 4.65
CA THR J 122 19.29 16.86 5.74
C THR J 122 20.48 17.62 6.30
N SER J 123 20.32 18.16 7.51
CA SER J 123 21.39 18.92 8.16
C SER J 123 21.93 18.16 9.37
N LYS J 124 23.15 17.65 9.26
CA LYS J 124 23.77 16.89 10.33
C LYS J 124 24.17 17.82 11.48
N CYS J 125 24.91 18.89 11.14
CA CYS J 125 25.35 19.86 12.13
C CYS J 125 25.65 21.20 11.48
N GLY J 126 25.19 22.28 12.11
CA GLY J 126 25.41 23.63 11.59
C GLY J 126 25.39 24.65 12.72
N SER J 127 26.31 25.62 12.65
CA SER J 127 26.40 26.66 13.66
C SER J 127 27.31 27.80 13.18
N LEU J 128 26.70 28.83 12.59
CA LEU J 128 27.44 29.98 12.09
C LEU J 128 27.85 30.90 13.23
N GLY J 129 28.88 31.71 13.00
CA GLY J 129 29.37 32.65 14.01
C GLY J 129 30.79 33.11 13.68
#